data_5MSJ
#
_entry.id   5MSJ
#
_cell.length_a   87.790
_cell.length_b   119.800
_cell.length_c   196.670
_cell.angle_alpha   94.21
_cell.angle_beta   98.52
_cell.angle_gamma   87.98
#
_symmetry.space_group_name_H-M   'P 1'
#
_entity_poly.entity_id   1
_entity_poly.type   'polypeptide(L)'
_entity_poly.pdbx_seq_one_letter_code
;MATLRVHPEAQAKVDVFREDLCSKTENLLGSYFPKKISELDAFLKEPALNEANLSNLKAPLDIPVPDPVKEKEKEERKKQ
QEKEEKEEKKKGDEDDKGPPCGPVNCNEKIVVLLQRLKPEIKDVTEQLNLVTTWLQLQIPRIEDGNNFGVAVQEKVFELM
TNLHTKLEGFHTQISKYFSERGDAVAKAAKQPHVGDYRQLVHELDEAEYQEIRLMVMEIRNAYAVLYDIILKNFEKLKKP
RGETKGMIY
;
_entity_poly.pdbx_strand_id   A,B,C,D,E,F,G,H,I,J,K,L,M,N,O,P,Q,R,S,T,U,V,W,X,Y,Z,a,b
#
# COMPACT_ATOMS: atom_id res chain seq x y z
N LEU A 4 -64.40 -40.71 1.16
CA LEU A 4 -65.33 -41.87 1.12
C LEU A 4 -64.80 -43.06 1.92
N ARG A 5 -65.68 -43.64 2.74
CA ARG A 5 -65.44 -44.95 3.37
C ARG A 5 -66.53 -45.98 2.99
N VAL A 6 -67.32 -45.65 1.96
CA VAL A 6 -68.35 -46.55 1.41
C VAL A 6 -69.41 -46.87 2.48
N HIS A 7 -69.61 -48.14 2.83
CA HIS A 7 -70.61 -48.57 3.81
C HIS A 7 -70.32 -50.06 4.10
N PRO A 8 -70.31 -50.48 5.39
CA PRO A 8 -70.07 -51.89 5.74
C PRO A 8 -70.87 -52.95 4.95
N GLU A 9 -72.12 -52.64 4.61
CA GLU A 9 -72.97 -53.52 3.79
C GLU A 9 -72.74 -53.38 2.28
N ALA A 10 -72.31 -52.20 1.85
CA ALA A 10 -72.00 -51.94 0.43
C ALA A 10 -70.79 -52.74 -0.07
N GLN A 11 -69.72 -52.77 0.72
CA GLN A 11 -68.54 -53.59 0.40
C GLN A 11 -68.87 -55.10 0.38
N ALA A 12 -69.87 -55.50 1.16
CA ALA A 12 -70.39 -56.87 1.13
C ALA A 12 -70.98 -57.26 -0.23
N LYS A 13 -71.66 -56.32 -0.88
CA LYS A 13 -72.22 -56.56 -2.23
C LYS A 13 -71.11 -56.82 -3.25
N VAL A 14 -70.06 -56.02 -3.19
CA VAL A 14 -68.98 -56.05 -4.19
C VAL A 14 -67.99 -57.21 -3.93
N ASP A 15 -67.60 -57.43 -2.68
CA ASP A 15 -66.63 -58.49 -2.36
C ASP A 15 -67.22 -59.90 -2.50
N VAL A 16 -68.53 -60.03 -2.31
CA VAL A 16 -69.25 -61.29 -2.61
C VAL A 16 -69.27 -61.55 -4.11
N PHE A 17 -69.50 -60.51 -4.91
CA PHE A 17 -69.36 -60.59 -6.37
C PHE A 17 -67.92 -60.93 -6.78
N ARG A 18 -66.95 -60.31 -6.09
CA ARG A 18 -65.53 -60.56 -6.35
C ARG A 18 -65.14 -62.01 -6.06
N GLU A 19 -65.60 -62.54 -4.92
CA GLU A 19 -65.35 -63.93 -4.53
C GLU A 19 -66.12 -64.94 -5.39
N ASP A 20 -67.36 -64.60 -5.76
CA ASP A 20 -68.14 -65.42 -6.71
C ASP A 20 -67.47 -65.49 -8.08
N LEU A 21 -66.88 -64.37 -8.52
CA LEU A 21 -66.14 -64.32 -9.78
C LEU A 21 -64.80 -65.07 -9.69
N CYS A 22 -64.14 -64.95 -8.54
CA CYS A 22 -62.90 -65.70 -8.27
C CYS A 22 -63.15 -67.21 -8.15
N SER A 23 -64.24 -67.57 -7.47
CA SER A 23 -64.67 -68.97 -7.33
C SER A 23 -65.11 -69.54 -8.68
N LYS A 24 -65.84 -68.75 -9.46
CA LYS A 24 -66.23 -69.15 -10.83
C LYS A 24 -64.99 -69.36 -11.70
N THR A 25 -64.19 -68.31 -11.89
CA THR A 25 -63.02 -68.36 -12.77
C THR A 25 -62.04 -69.50 -12.46
N GLU A 26 -61.78 -69.75 -11.17
CA GLU A 26 -60.85 -70.81 -10.76
C GLU A 26 -61.43 -72.20 -11.03
N ASN A 27 -62.67 -72.42 -10.61
CA ASN A 27 -63.41 -73.66 -10.91
C ASN A 27 -63.63 -73.83 -12.42
N LEU A 28 -63.94 -72.72 -13.10
CA LEU A 28 -64.13 -72.69 -14.55
C LEU A 28 -62.86 -73.12 -15.26
N LEU A 29 -61.74 -72.47 -14.94
CA LEU A 29 -60.45 -72.75 -15.58
C LEU A 29 -60.01 -74.21 -15.41
N GLY A 30 -60.19 -74.75 -14.20
CA GLY A 30 -59.76 -76.11 -13.88
C GLY A 30 -60.57 -77.23 -14.53
N SER A 31 -61.90 -77.11 -14.50
CA SER A 31 -62.81 -78.17 -14.95
C SER A 31 -63.54 -77.91 -16.28
N TYR A 32 -63.96 -76.66 -16.53
CA TYR A 32 -64.79 -76.32 -17.69
C TYR A 32 -64.02 -76.28 -19.01
N PHE A 33 -62.82 -75.69 -19.00
CA PHE A 33 -62.02 -75.52 -20.21
C PHE A 33 -61.51 -76.85 -20.80
N PRO A 34 -60.91 -77.74 -19.98
CA PRO A 34 -60.51 -79.07 -20.48
C PRO A 34 -61.65 -79.92 -21.06
N LYS A 35 -62.82 -79.85 -20.42
CA LYS A 35 -64.02 -80.51 -20.92
C LYS A 35 -64.42 -79.96 -22.29
N LYS A 36 -64.45 -78.64 -22.42
CA LYS A 36 -64.80 -77.97 -23.67
C LYS A 36 -63.83 -78.23 -24.82
N ILE A 37 -62.53 -78.31 -24.51
CA ILE A 37 -61.51 -78.57 -25.53
C ILE A 37 -61.63 -80.01 -26.05
N SER A 38 -61.87 -80.96 -25.15
CA SER A 38 -62.08 -82.37 -25.53
C SER A 38 -63.40 -82.59 -26.28
N GLU A 39 -64.47 -81.94 -25.81
CA GLU A 39 -65.78 -82.01 -26.46
C GLU A 39 -65.76 -81.46 -27.89
N LEU A 40 -65.10 -80.32 -28.08
CA LEU A 40 -64.97 -79.70 -29.39
C LEU A 40 -63.98 -80.42 -30.32
N ASP A 41 -62.97 -81.07 -29.75
CA ASP A 41 -62.07 -81.94 -30.52
C ASP A 41 -62.83 -83.18 -31.00
N ALA A 42 -63.67 -83.74 -30.13
CA ALA A 42 -64.56 -84.85 -30.49
C ALA A 42 -65.59 -84.45 -31.57
N PHE A 43 -66.09 -83.22 -31.48
CA PHE A 43 -67.07 -82.68 -32.45
C PHE A 43 -66.46 -82.47 -33.84
N LEU A 44 -65.20 -82.04 -33.91
CA LEU A 44 -64.45 -82.01 -35.18
C LEU A 44 -64.28 -83.40 -35.78
N LYS A 45 -63.97 -84.38 -34.93
CA LYS A 45 -63.78 -85.77 -35.36
C LYS A 45 -65.05 -86.47 -35.86
N GLU A 46 -66.23 -86.01 -35.42
CA GLU A 46 -67.51 -86.59 -35.83
C GLU A 46 -67.77 -86.45 -37.33
N PRO A 47 -68.57 -87.36 -37.93
CA PRO A 47 -68.80 -87.30 -39.38
C PRO A 47 -69.73 -86.17 -39.84
N ALA A 48 -70.44 -85.52 -38.91
CA ALA A 48 -71.26 -84.35 -39.22
C ALA A 48 -70.43 -83.14 -39.69
N LEU A 49 -69.18 -83.04 -39.22
CA LEU A 49 -68.23 -82.02 -39.67
C LEU A 49 -67.03 -82.62 -40.44
N ASN A 50 -67.24 -83.75 -41.11
CA ASN A 50 -66.23 -84.40 -41.96
C ASN A 50 -66.92 -85.02 -43.19
N GLU A 51 -67.64 -84.18 -43.94
CA GLU A 51 -68.28 -84.62 -45.18
C GLU A 51 -67.22 -84.85 -46.25
N ALA A 52 -67.09 -86.11 -46.67
CA ALA A 52 -66.14 -86.50 -47.71
C ALA A 52 -66.44 -85.78 -49.03
N ASN A 53 -67.73 -85.67 -49.36
CA ASN A 53 -68.20 -84.91 -50.52
C ASN A 53 -69.23 -83.86 -50.07
N LEU A 54 -69.01 -82.61 -50.49
CA LEU A 54 -69.90 -81.50 -50.15
C LEU A 54 -71.17 -81.45 -51.00
N SER A 55 -71.15 -82.08 -52.17
CA SER A 55 -72.36 -82.22 -53.00
C SER A 55 -73.38 -83.20 -52.41
N ASN A 56 -72.97 -83.98 -51.40
CA ASN A 56 -73.92 -84.78 -50.60
C ASN A 56 -74.82 -83.89 -49.72
N LEU A 57 -74.31 -82.73 -49.30
CA LEU A 57 -75.11 -81.74 -48.56
C LEU A 57 -76.14 -80.99 -49.41
N LYS A 58 -76.01 -81.02 -50.73
CA LYS A 58 -76.88 -80.28 -51.66
C LYS A 58 -78.36 -80.37 -51.29
N ALA A 59 -78.99 -79.22 -51.06
CA ALA A 59 -80.41 -79.14 -50.71
C ALA A 59 -81.25 -79.21 -51.99
N PRO A 60 -82.43 -79.87 -51.93
CA PRO A 60 -83.33 -79.83 -53.08
C PRO A 60 -83.89 -78.42 -53.36
N LEU A 61 -83.42 -77.81 -54.45
CA LEU A 61 -83.85 -76.48 -54.88
C LEU A 61 -84.88 -76.62 -56.00
N ASP A 62 -86.15 -76.77 -55.61
CA ASP A 62 -87.24 -77.05 -56.54
C ASP A 62 -87.80 -75.74 -57.11
N ILE A 63 -87.39 -75.40 -58.33
CA ILE A 63 -87.90 -74.24 -59.07
C ILE A 63 -88.22 -74.69 -60.51
N PRO A 64 -89.40 -74.32 -61.06
CA PRO A 64 -89.70 -74.74 -62.43
C PRO A 64 -88.87 -73.98 -63.47
N VAL A 65 -88.01 -74.69 -64.19
CA VAL A 65 -87.17 -74.10 -65.24
C VAL A 65 -87.97 -73.91 -66.54
N PRO A 66 -88.00 -72.68 -67.10
CA PRO A 66 -88.75 -72.44 -68.33
C PRO A 66 -88.00 -72.81 -69.61
N ASP A 67 -88.67 -72.66 -70.74
CA ASP A 67 -88.15 -73.03 -72.08
C ASP A 67 -88.75 -72.09 -73.15
N PRO A 68 -88.29 -72.16 -74.42
CA PRO A 68 -88.66 -71.09 -75.36
C PRO A 68 -90.13 -71.05 -75.86
N VAL A 69 -90.89 -72.13 -75.67
CA VAL A 69 -92.30 -72.17 -76.11
C VAL A 69 -93.19 -71.25 -75.28
N PRO A 100 -94.94 -68.33 -60.14
CA PRO A 100 -95.25 -69.12 -58.95
C PRO A 100 -94.17 -70.15 -58.63
N CYS A 101 -94.12 -70.59 -57.37
CA CYS A 101 -93.15 -71.59 -56.91
C CYS A 101 -93.70 -72.46 -55.78
N GLY A 102 -93.17 -73.67 -55.67
CA GLY A 102 -93.40 -74.54 -54.52
C GLY A 102 -92.56 -74.07 -53.34
N PRO A 103 -92.79 -74.65 -52.14
CA PRO A 103 -92.11 -74.19 -50.94
C PRO A 103 -90.64 -74.61 -50.89
N VAL A 104 -89.73 -73.63 -51.01
CA VAL A 104 -88.29 -73.88 -50.96
C VAL A 104 -87.84 -73.87 -49.50
N ASN A 105 -87.44 -75.03 -48.99
CA ASN A 105 -87.01 -75.17 -47.61
C ASN A 105 -85.57 -74.70 -47.43
N CYS A 106 -85.23 -74.42 -46.17
CA CYS A 106 -83.84 -74.15 -45.78
C CYS A 106 -83.04 -75.46 -45.77
N ASN A 107 -81.72 -75.35 -45.79
CA ASN A 107 -80.83 -76.52 -45.81
C ASN A 107 -80.93 -77.26 -44.47
N GLU A 108 -81.42 -78.50 -44.51
CA GLU A 108 -81.59 -79.32 -43.30
C GLU A 108 -80.26 -79.70 -42.65
N LYS A 109 -79.32 -80.18 -43.47
CA LYS A 109 -78.02 -80.65 -42.98
C LYS A 109 -77.13 -79.57 -42.38
N ILE A 110 -77.35 -78.31 -42.76
CA ILE A 110 -76.68 -77.16 -42.14
C ILE A 110 -77.40 -76.73 -40.86
N VAL A 111 -78.73 -76.66 -40.90
CA VAL A 111 -79.52 -76.20 -39.74
C VAL A 111 -79.30 -77.08 -38.50
N VAL A 112 -79.23 -78.40 -38.69
CA VAL A 112 -78.90 -79.32 -37.58
C VAL A 112 -77.52 -79.07 -36.97
N LEU A 113 -76.55 -78.71 -37.81
CA LEU A 113 -75.21 -78.30 -37.34
C LEU A 113 -75.24 -76.95 -36.63
N LEU A 114 -76.02 -76.01 -37.14
CA LEU A 114 -76.17 -74.69 -36.51
C LEU A 114 -76.78 -74.76 -35.11
N GLN A 115 -77.77 -75.63 -34.91
CA GLN A 115 -78.37 -75.83 -33.59
C GLN A 115 -77.38 -76.41 -32.55
N ARG A 116 -76.36 -77.13 -33.03
CA ARG A 116 -75.26 -77.60 -32.16
C ARG A 116 -74.20 -76.51 -31.91
N LEU A 117 -73.94 -75.67 -32.90
CA LEU A 117 -72.97 -74.57 -32.79
C LEU A 117 -73.46 -73.39 -31.95
N LYS A 118 -74.74 -73.07 -32.04
CA LYS A 118 -75.33 -71.91 -31.34
C LYS A 118 -75.13 -71.86 -29.82
N PRO A 119 -75.29 -73.01 -29.12
CA PRO A 119 -74.95 -73.03 -27.69
C PRO A 119 -73.43 -73.01 -27.39
N GLU A 120 -72.60 -73.47 -28.34
CA GLU A 120 -71.14 -73.39 -28.20
C GLU A 120 -70.62 -71.95 -28.31
N ILE A 121 -71.20 -71.16 -29.21
CA ILE A 121 -70.88 -69.73 -29.35
C ILE A 121 -71.34 -68.97 -28.09
N LYS A 122 -72.53 -69.29 -27.61
CA LYS A 122 -73.07 -68.75 -26.35
C LYS A 122 -72.11 -68.92 -25.17
N ASP A 123 -71.58 -70.14 -25.01
CA ASP A 123 -70.74 -70.47 -23.86
C ASP A 123 -69.41 -69.72 -23.85
N VAL A 124 -68.65 -69.85 -24.94
CA VAL A 124 -67.32 -69.23 -25.04
C VAL A 124 -67.35 -67.70 -24.88
N THR A 125 -68.35 -67.03 -25.43
CA THR A 125 -68.48 -65.58 -25.30
C THR A 125 -68.82 -65.16 -23.87
N GLU A 126 -69.61 -65.97 -23.17
CA GLU A 126 -69.92 -65.73 -21.76
C GLU A 126 -68.73 -66.00 -20.83
N GLN A 127 -67.98 -67.07 -21.10
CA GLN A 127 -66.80 -67.42 -20.29
C GLN A 127 -65.58 -66.55 -20.59
N LEU A 128 -65.42 -66.13 -21.84
CA LEU A 128 -64.40 -65.13 -22.21
C LEU A 128 -64.68 -63.80 -21.50
N ASN A 129 -65.93 -63.37 -21.54
CA ASN A 129 -66.37 -62.13 -20.87
C ASN A 129 -66.24 -62.21 -19.34
N LEU A 130 -66.45 -63.41 -18.79
CA LEU A 130 -66.26 -63.66 -17.35
C LEU A 130 -64.78 -63.56 -16.98
N VAL A 131 -63.92 -64.23 -17.74
CA VAL A 131 -62.47 -64.25 -17.48
C VAL A 131 -61.83 -62.89 -17.72
N THR A 132 -62.28 -62.18 -18.75
CA THR A 132 -61.80 -60.82 -19.02
C THR A 132 -62.13 -59.87 -17.86
N THR A 133 -63.32 -60.02 -17.28
CA THR A 133 -63.72 -59.24 -16.11
C THR A 133 -62.89 -59.58 -14.87
N TRP A 134 -62.59 -60.86 -14.68
CA TRP A 134 -61.73 -61.31 -13.58
C TRP A 134 -60.36 -60.64 -13.64
N LEU A 135 -59.76 -60.63 -14.83
CA LEU A 135 -58.43 -60.05 -15.02
C LEU A 135 -58.39 -58.53 -14.78
N GLN A 136 -59.46 -57.82 -15.16
CA GLN A 136 -59.54 -56.37 -14.92
C GLN A 136 -59.60 -56.02 -13.43
N LEU A 137 -60.28 -56.85 -12.64
CA LEU A 137 -60.36 -56.67 -11.19
C LEU A 137 -59.08 -57.11 -10.45
N GLN A 138 -58.24 -57.89 -11.13
CA GLN A 138 -56.89 -58.23 -10.64
C GLN A 138 -55.83 -57.14 -10.87
N ILE A 139 -56.15 -56.10 -11.65
CA ILE A 139 -55.25 -54.98 -11.91
C ILE A 139 -55.10 -54.16 -10.62
N PRO A 140 -53.86 -54.06 -10.09
CA PRO A 140 -53.67 -53.37 -8.82
C PRO A 140 -53.72 -51.86 -8.95
N ARG A 141 -53.81 -51.17 -7.81
CA ARG A 141 -53.70 -49.71 -7.74
C ARG A 141 -52.46 -49.21 -8.46
N ILE A 142 -52.60 -48.09 -9.19
CA ILE A 142 -51.59 -47.64 -10.14
C ILE A 142 -50.44 -46.94 -9.40
N GLU A 143 -49.26 -47.54 -9.51
CA GLU A 143 -48.01 -46.96 -9.02
C GLU A 143 -47.07 -46.79 -10.21
N ASP A 144 -46.09 -45.90 -10.11
CA ASP A 144 -45.10 -45.73 -11.18
C ASP A 144 -44.07 -46.87 -11.18
N GLY A 145 -43.74 -47.38 -9.98
CA GLY A 145 -42.83 -48.51 -9.82
C GLY A 145 -43.53 -49.81 -9.49
N ASN A 146 -42.75 -50.89 -9.51
CA ASN A 146 -43.21 -52.29 -9.53
C ASN A 146 -44.40 -52.52 -10.46
N ASN A 147 -44.16 -52.29 -11.75
CA ASN A 147 -45.19 -52.37 -12.80
C ASN A 147 -44.94 -53.47 -13.84
N PHE A 148 -44.03 -54.40 -13.57
CA PHE A 148 -43.84 -55.54 -14.47
C PHE A 148 -45.01 -56.50 -14.37
N GLY A 149 -45.41 -56.83 -13.14
CA GLY A 149 -46.59 -57.67 -12.89
C GLY A 149 -47.85 -57.15 -13.56
N VAL A 150 -47.98 -55.83 -13.63
CA VAL A 150 -49.06 -55.18 -14.37
C VAL A 150 -48.90 -55.45 -15.86
N ALA A 151 -47.68 -55.24 -16.38
CA ALA A 151 -47.36 -55.46 -17.80
C ALA A 151 -47.62 -56.90 -18.29
N VAL A 152 -47.55 -57.88 -17.38
CA VAL A 152 -47.92 -59.26 -17.71
C VAL A 152 -49.41 -59.34 -17.97
N GLN A 153 -50.21 -58.76 -17.07
CA GLN A 153 -51.67 -58.72 -17.21
C GLN A 153 -52.12 -58.03 -18.49
N GLU A 154 -51.41 -56.96 -18.87
CA GLU A 154 -51.75 -56.19 -20.08
C GLU A 154 -51.50 -57.00 -21.36
N LYS A 155 -50.45 -57.82 -21.36
CA LYS A 155 -50.14 -58.71 -22.48
C LYS A 155 -51.16 -59.85 -22.60
N VAL A 156 -51.60 -60.38 -21.46
CA VAL A 156 -52.65 -61.41 -21.42
C VAL A 156 -54.01 -60.81 -21.82
N PHE A 157 -54.26 -59.57 -21.39
CA PHE A 157 -55.49 -58.85 -21.78
C PHE A 157 -55.51 -58.53 -23.29
N GLU A 158 -54.33 -58.26 -23.86
CA GLU A 158 -54.18 -58.03 -25.31
C GLU A 158 -54.69 -59.22 -26.14
N LEU A 159 -54.46 -60.43 -25.65
CA LEU A 159 -54.96 -61.66 -26.28
C LEU A 159 -56.49 -61.80 -26.13
N MET A 160 -57.00 -61.54 -24.92
CA MET A 160 -58.45 -61.61 -24.66
C MET A 160 -59.26 -60.60 -25.49
N THR A 161 -58.66 -59.43 -25.75
CA THR A 161 -59.25 -58.44 -26.66
C THR A 161 -59.32 -58.97 -28.09
N ASN A 162 -58.25 -59.64 -28.54
CA ASN A 162 -58.18 -60.23 -29.88
C ASN A 162 -59.14 -61.40 -30.09
N LEU A 163 -59.44 -62.15 -29.02
CA LEU A 163 -60.48 -63.19 -29.07
C LEU A 163 -61.87 -62.56 -29.15
N HIS A 164 -62.10 -61.53 -28.34
CA HIS A 164 -63.37 -60.77 -28.37
C HIS A 164 -63.66 -60.16 -29.76
N THR A 165 -62.60 -59.81 -30.48
CA THR A 165 -62.70 -59.33 -31.87
C THR A 165 -63.21 -60.42 -32.83
N LYS A 166 -62.70 -61.66 -32.67
CA LYS A 166 -63.11 -62.78 -33.52
C LYS A 166 -64.54 -63.26 -33.22
N LEU A 167 -64.81 -63.59 -31.96
CA LEU A 167 -66.05 -64.27 -31.58
C LEU A 167 -67.30 -63.37 -31.58
N GLU A 168 -67.11 -62.05 -31.59
CA GLU A 168 -68.21 -61.10 -31.81
C GLU A 168 -68.75 -61.20 -33.24
N GLY A 169 -67.86 -61.46 -34.20
CA GLY A 169 -68.24 -61.63 -35.59
C GLY A 169 -69.05 -62.88 -35.92
N PHE A 170 -68.87 -63.96 -35.15
CA PHE A 170 -69.56 -65.23 -35.40
C PHE A 170 -71.08 -65.19 -35.16
N HIS A 171 -71.53 -64.32 -34.27
CA HIS A 171 -72.94 -64.30 -33.86
C HIS A 171 -73.87 -63.84 -34.99
N THR A 172 -73.49 -62.75 -35.65
CA THR A 172 -74.26 -62.18 -36.77
C THR A 172 -73.98 -62.84 -38.13
N GLN A 173 -73.01 -63.76 -38.19
CA GLN A 173 -72.72 -64.54 -39.40
C GLN A 173 -73.86 -65.50 -39.75
N ILE A 174 -74.44 -66.14 -38.73
CA ILE A 174 -75.54 -67.10 -38.93
C ILE A 174 -76.80 -66.39 -39.44
N SER A 175 -77.09 -65.21 -38.90
CA SER A 175 -78.18 -64.36 -39.41
C SER A 175 -77.93 -63.90 -40.85
N LYS A 176 -76.68 -63.57 -41.17
CA LYS A 176 -76.27 -63.16 -42.52
C LYS A 176 -76.34 -64.29 -43.55
N TYR A 177 -76.16 -65.54 -43.11
CA TYR A 177 -76.27 -66.71 -43.99
C TYR A 177 -77.69 -66.87 -44.52
N PHE A 178 -78.66 -66.95 -43.61
CA PHE A 178 -80.08 -67.07 -43.97
C PHE A 178 -80.61 -65.84 -44.70
N SER A 179 -80.06 -64.67 -44.37
CA SER A 179 -80.39 -63.42 -45.07
C SER A 179 -79.93 -63.47 -46.52
N GLU A 180 -78.67 -63.86 -46.75
CA GLU A 180 -78.10 -63.94 -48.10
C GLU A 180 -78.64 -65.12 -48.93
N ARG A 181 -78.90 -66.25 -48.28
CA ARG A 181 -79.51 -67.42 -48.95
C ARG A 181 -80.96 -67.13 -49.34
N GLY A 182 -81.71 -66.53 -48.42
CA GLY A 182 -83.09 -66.09 -48.68
C GLY A 182 -83.20 -65.12 -49.85
N ASP A 183 -82.26 -64.19 -49.94
CA ASP A 183 -82.17 -63.28 -51.08
C ASP A 183 -81.86 -64.01 -52.38
N ALA A 184 -80.95 -64.98 -52.33
CA ALA A 184 -80.58 -65.78 -53.50
C ALA A 184 -81.72 -66.69 -53.97
N VAL A 185 -82.39 -67.36 -53.02
CA VAL A 185 -83.51 -68.26 -53.33
C VAL A 185 -84.71 -67.48 -53.89
N ALA A 186 -85.09 -66.41 -53.22
CA ALA A 186 -86.20 -65.54 -53.66
C ALA A 186 -86.00 -64.99 -55.07
N LYS A 187 -84.76 -64.62 -55.37
CA LYS A 187 -84.41 -63.97 -56.63
C LYS A 187 -84.15 -65.02 -57.74
N ALA A 188 -83.66 -66.21 -57.35
CA ALA A 188 -83.54 -67.34 -58.29
C ALA A 188 -84.91 -67.78 -58.80
N ALA A 189 -85.91 -67.75 -57.92
CA ALA A 189 -87.31 -67.99 -58.30
C ALA A 189 -87.84 -66.89 -59.22
N LYS A 190 -87.49 -65.64 -58.93
CA LYS A 190 -87.96 -64.48 -59.71
C LYS A 190 -87.41 -64.46 -61.13
N GLN A 191 -86.11 -64.72 -61.28
CA GLN A 191 -85.47 -64.93 -62.59
C GLN A 191 -84.95 -66.36 -62.68
N PRO A 192 -85.80 -67.32 -63.14
CA PRO A 192 -85.36 -68.71 -63.25
C PRO A 192 -84.50 -69.03 -64.48
N HIS A 193 -84.47 -68.14 -65.47
CA HIS A 193 -83.62 -68.31 -66.66
C HIS A 193 -82.11 -68.20 -66.39
N VAL A 194 -81.73 -67.57 -65.27
CA VAL A 194 -80.33 -67.43 -64.90
C VAL A 194 -79.89 -68.61 -64.04
N GLY A 195 -78.97 -69.42 -64.57
CA GLY A 195 -78.47 -70.62 -63.88
C GLY A 195 -77.49 -70.35 -62.75
N ASP A 196 -76.82 -69.20 -62.77
CA ASP A 196 -75.84 -68.82 -61.74
C ASP A 196 -76.42 -68.71 -60.33
N TYR A 197 -77.66 -68.26 -60.23
CA TYR A 197 -78.31 -68.08 -58.91
C TYR A 197 -78.69 -69.40 -58.24
N ARG A 198 -78.90 -70.45 -59.03
CA ARG A 198 -79.16 -71.77 -58.48
C ARG A 198 -77.87 -72.34 -57.92
N GLN A 199 -76.79 -72.19 -58.70
CA GLN A 199 -75.42 -72.53 -58.26
C GLN A 199 -74.99 -71.69 -57.04
N LEU A 200 -75.37 -70.41 -57.01
CA LEU A 200 -75.07 -69.52 -55.89
C LEU A 200 -75.63 -70.04 -54.56
N VAL A 201 -76.89 -70.45 -54.57
CA VAL A 201 -77.55 -71.00 -53.37
C VAL A 201 -76.84 -72.26 -52.86
N HIS A 202 -76.38 -73.10 -53.80
CA HIS A 202 -75.61 -74.30 -53.44
C HIS A 202 -74.22 -73.94 -52.91
N GLU A 203 -73.61 -72.91 -53.49
CA GLU A 203 -72.29 -72.43 -53.04
C GLU A 203 -72.31 -71.74 -51.67
N LEU A 204 -73.42 -71.07 -51.35
CA LEU A 204 -73.62 -70.51 -50.00
C LEU A 204 -73.72 -71.60 -48.93
N ASP A 205 -74.34 -72.73 -49.29
CA ASP A 205 -74.40 -73.91 -48.41
C ASP A 205 -73.02 -74.57 -48.25
N GLU A 206 -72.27 -74.67 -49.34
CA GLU A 206 -70.89 -75.17 -49.30
C GLU A 206 -69.95 -74.24 -48.53
N ALA A 207 -70.14 -72.94 -48.68
CA ALA A 207 -69.36 -71.94 -47.96
C ALA A 207 -69.70 -71.90 -46.46
N GLU A 208 -71.00 -72.01 -46.15
CA GLU A 208 -71.48 -72.01 -44.76
C GLU A 208 -71.00 -73.23 -43.97
N TYR A 209 -70.95 -74.38 -44.63
CA TYR A 209 -70.44 -75.62 -44.01
C TYR A 209 -68.96 -75.48 -43.63
N GLN A 210 -68.15 -74.97 -44.56
CA GLN A 210 -66.72 -74.72 -44.30
C GLN A 210 -66.51 -73.63 -43.26
N GLU A 211 -67.41 -72.64 -43.21
CA GLU A 211 -67.36 -71.57 -42.21
C GLU A 211 -67.65 -72.11 -40.80
N ILE A 212 -68.70 -72.93 -40.68
CA ILE A 212 -69.06 -73.57 -39.40
C ILE A 212 -67.90 -74.40 -38.86
N ARG A 213 -67.24 -75.15 -39.75
CA ARG A 213 -66.09 -75.97 -39.35
C ARG A 213 -64.91 -75.12 -38.85
N LEU A 214 -64.72 -73.94 -39.44
CA LEU A 214 -63.75 -72.94 -38.94
C LEU A 214 -64.12 -72.40 -37.56
N MET A 215 -65.41 -72.12 -37.34
CA MET A 215 -65.89 -71.61 -36.05
C MET A 215 -65.68 -72.58 -34.89
N VAL A 216 -65.88 -73.88 -35.14
CA VAL A 216 -65.68 -74.90 -34.09
C VAL A 216 -64.19 -75.03 -33.78
N MET A 217 -63.33 -74.95 -34.80
CA MET A 217 -61.88 -74.90 -34.61
C MET A 217 -61.47 -73.66 -33.82
N GLU A 218 -61.92 -72.49 -34.26
CA GLU A 218 -61.64 -71.21 -33.58
C GLU A 218 -62.05 -71.21 -32.11
N ILE A 219 -63.23 -71.77 -31.82
CA ILE A 219 -63.76 -71.83 -30.45
C ILE A 219 -63.00 -72.86 -29.60
N ARG A 220 -62.62 -73.99 -30.19
CA ARG A 220 -61.73 -74.96 -29.54
C ARG A 220 -60.37 -74.34 -29.22
N ASN A 221 -59.81 -73.64 -30.21
CA ASN A 221 -58.52 -72.97 -30.06
C ASN A 221 -58.58 -71.78 -29.09
N ALA A 222 -59.74 -71.12 -29.02
CA ALA A 222 -59.97 -70.04 -28.05
C ALA A 222 -59.92 -70.54 -26.60
N TYR A 223 -60.55 -71.69 -26.35
CA TYR A 223 -60.45 -72.36 -25.05
C TYR A 223 -59.04 -72.87 -24.77
N ALA A 224 -58.40 -73.43 -25.80
CA ALA A 224 -57.04 -74.00 -25.68
C ALA A 224 -55.98 -72.94 -25.37
N VAL A 225 -56.04 -71.81 -26.09
CA VAL A 225 -55.07 -70.72 -25.94
C VAL A 225 -55.25 -69.95 -24.62
N LEU A 226 -56.50 -69.68 -24.24
CA LEU A 226 -56.81 -69.05 -22.95
C LEU A 226 -56.34 -69.89 -21.76
N TYR A 227 -56.60 -71.19 -21.81
CA TYR A 227 -56.18 -72.12 -20.76
C TYR A 227 -54.66 -72.11 -20.57
N ASP A 228 -53.93 -72.13 -21.69
CA ASP A 228 -52.47 -72.18 -21.67
C ASP A 228 -51.85 -70.93 -21.07
N ILE A 229 -52.22 -69.76 -21.60
CA ILE A 229 -51.62 -68.50 -21.18
C ILE A 229 -51.95 -68.10 -19.73
N ILE A 230 -53.16 -68.40 -19.28
CA ILE A 230 -53.58 -68.11 -17.90
C ILE A 230 -52.88 -69.05 -16.91
N LEU A 231 -52.84 -70.35 -17.22
CA LEU A 231 -52.20 -71.33 -16.33
C LEU A 231 -50.69 -71.11 -16.21
N LYS A 232 -50.03 -70.75 -17.31
CA LYS A 232 -48.60 -70.43 -17.31
C LYS A 232 -48.30 -69.19 -16.47
N ASN A 233 -49.09 -68.13 -16.65
CA ASN A 233 -48.84 -66.83 -16.02
C ASN A 233 -49.68 -66.55 -14.75
N PHE A 234 -50.33 -67.57 -14.19
CA PHE A 234 -51.29 -67.36 -13.07
C PHE A 234 -50.68 -66.70 -11.82
N GLU A 235 -49.40 -66.98 -11.57
CA GLU A 235 -48.68 -66.36 -10.45
C GLU A 235 -48.70 -64.83 -10.54
N LYS A 236 -48.29 -64.31 -11.69
CA LYS A 236 -48.24 -62.85 -11.92
C LYS A 236 -49.59 -62.20 -12.18
N LEU A 237 -50.56 -62.97 -12.69
CA LEU A 237 -51.91 -62.43 -12.96
C LEU A 237 -52.67 -62.13 -11.67
N LYS A 238 -52.75 -63.11 -10.77
CA LYS A 238 -53.49 -62.95 -9.52
C LYS A 238 -52.78 -62.04 -8.53
N LYS A 239 -51.48 -62.28 -8.34
CA LYS A 239 -50.65 -61.49 -7.43
C LYS A 239 -49.47 -60.86 -8.19
N PRO A 240 -49.71 -59.67 -8.79
CA PRO A 240 -48.69 -59.04 -9.64
C PRO A 240 -47.51 -58.44 -8.88
N ARG A 241 -47.78 -57.83 -7.74
CA ARG A 241 -46.73 -57.21 -6.92
C ARG A 241 -45.94 -58.28 -6.15
N GLY A 242 -46.61 -59.35 -5.72
CA GLY A 242 -45.95 -60.57 -5.23
C GLY A 242 -46.26 -60.99 -3.80
N GLU A 243 -46.46 -60.03 -2.91
CA GLU A 243 -46.67 -60.26 -1.47
C GLU A 243 -45.52 -61.04 -0.82
N ARG B 5 -55.00 -73.76 -9.60
CA ARG B 5 -55.42 -75.08 -9.06
C ARG B 5 -56.19 -75.90 -10.10
N VAL B 6 -55.68 -77.09 -10.41
CA VAL B 6 -56.26 -77.97 -11.44
C VAL B 6 -56.27 -79.43 -10.98
N HIS B 7 -57.30 -80.17 -11.39
CA HIS B 7 -57.42 -81.59 -11.05
C HIS B 7 -56.53 -82.40 -12.00
N PRO B 8 -55.72 -83.35 -11.47
CA PRO B 8 -54.81 -84.19 -12.28
C PRO B 8 -55.41 -84.87 -13.51
N GLU B 9 -56.65 -85.35 -13.41
CA GLU B 9 -57.31 -86.08 -14.50
C GLU B 9 -57.75 -85.13 -15.62
N ALA B 10 -58.29 -83.96 -15.25
CA ALA B 10 -58.64 -82.91 -16.21
C ALA B 10 -57.42 -82.28 -16.87
N GLN B 11 -56.32 -82.15 -16.11
CA GLN B 11 -55.03 -81.71 -16.67
C GLN B 11 -54.50 -82.66 -17.73
N ALA B 12 -54.71 -83.96 -17.52
CA ALA B 12 -54.23 -85.01 -18.44
C ALA B 12 -54.87 -84.93 -19.84
N LYS B 13 -56.16 -84.62 -19.92
CA LYS B 13 -56.86 -84.54 -21.21
C LYS B 13 -56.49 -83.28 -22.03
N VAL B 14 -56.03 -82.23 -21.35
CA VAL B 14 -55.45 -81.06 -22.02
C VAL B 14 -54.06 -81.39 -22.55
N ASP B 15 -53.30 -82.20 -21.78
CA ASP B 15 -52.00 -82.70 -22.23
C ASP B 15 -52.11 -83.63 -23.45
N VAL B 16 -53.23 -84.34 -23.58
CA VAL B 16 -53.52 -85.15 -24.78
C VAL B 16 -53.73 -84.25 -26.01
N PHE B 17 -54.41 -83.12 -25.83
CA PHE B 17 -54.62 -82.15 -26.93
C PHE B 17 -53.29 -81.60 -27.45
N ARG B 18 -52.43 -81.14 -26.55
CA ARG B 18 -51.11 -80.60 -26.90
C ARG B 18 -50.20 -81.65 -27.56
N GLU B 19 -50.27 -82.90 -27.09
CA GLU B 19 -49.43 -83.98 -27.62
C GLU B 19 -49.82 -84.38 -29.04
N ASP B 20 -51.13 -84.56 -29.29
CA ASP B 20 -51.64 -84.83 -30.64
C ASP B 20 -51.49 -83.63 -31.58
N LEU B 21 -51.61 -82.42 -31.04
CA LEU B 21 -51.38 -81.18 -31.81
C LEU B 21 -49.91 -81.05 -32.23
N CYS B 22 -48.99 -81.41 -31.33
CA CYS B 22 -47.56 -81.46 -31.64
C CYS B 22 -47.22 -82.62 -32.58
N SER B 23 -47.84 -83.78 -32.33
CA SER B 23 -47.68 -84.96 -33.20
C SER B 23 -48.24 -84.74 -34.60
N LYS B 24 -49.32 -83.96 -34.71
CA LYS B 24 -49.85 -83.53 -36.01
C LYS B 24 -48.84 -82.61 -36.69
N THR B 25 -48.55 -81.47 -36.07
CA THR B 25 -47.68 -80.42 -36.66
C THR B 25 -46.34 -80.92 -37.23
N GLU B 26 -45.71 -81.89 -36.56
CA GLU B 26 -44.45 -82.48 -37.05
C GLU B 26 -44.67 -83.33 -38.30
N ASN B 27 -45.55 -84.32 -38.18
CA ASN B 27 -45.95 -85.19 -39.30
C ASN B 27 -46.61 -84.41 -40.44
N LEU B 28 -47.39 -83.40 -40.09
CA LEU B 28 -48.09 -82.54 -41.04
C LEU B 28 -47.08 -81.69 -41.84
N LEU B 29 -46.27 -80.92 -41.12
CA LEU B 29 -45.23 -80.09 -41.77
C LEU B 29 -44.22 -80.93 -42.55
N GLY B 30 -43.85 -82.09 -42.00
CA GLY B 30 -42.87 -82.99 -42.62
C GLY B 30 -43.25 -83.52 -44.00
N SER B 31 -44.48 -84.04 -44.12
CA SER B 31 -44.96 -84.65 -45.37
C SER B 31 -45.96 -83.79 -46.14
N TYR B 32 -47.01 -83.33 -45.44
CA TYR B 32 -48.16 -82.65 -46.05
C TYR B 32 -47.81 -81.36 -46.80
N PHE B 33 -46.87 -80.59 -46.27
CA PHE B 33 -46.49 -79.29 -46.87
C PHE B 33 -45.67 -79.43 -48.17
N PRO B 34 -44.56 -80.21 -48.15
CA PRO B 34 -43.87 -80.54 -49.40
C PRO B 34 -44.75 -81.17 -50.50
N LYS B 35 -45.63 -82.09 -50.10
CA LYS B 35 -46.55 -82.77 -51.02
C LYS B 35 -47.52 -81.77 -51.67
N LYS B 36 -48.09 -80.88 -50.86
CA LYS B 36 -48.99 -79.83 -51.34
C LYS B 36 -48.32 -78.84 -52.30
N ILE B 37 -47.06 -78.49 -52.04
CA ILE B 37 -46.30 -77.59 -52.91
C ILE B 37 -46.06 -78.26 -54.27
N SER B 38 -45.73 -79.54 -54.25
CA SER B 38 -45.54 -80.34 -55.48
C SER B 38 -46.83 -80.48 -56.29
N GLU B 39 -47.96 -80.68 -55.61
CA GLU B 39 -49.27 -80.82 -56.26
C GLU B 39 -49.77 -79.51 -56.88
N LEU B 40 -49.62 -78.40 -56.15
CA LEU B 40 -50.06 -77.09 -56.64
C LEU B 40 -49.13 -76.49 -57.70
N ASP B 41 -47.86 -76.89 -57.70
CA ASP B 41 -46.94 -76.54 -58.79
C ASP B 41 -47.35 -77.29 -60.07
N ALA B 42 -47.71 -78.56 -59.91
CA ALA B 42 -48.22 -79.38 -61.02
C ALA B 42 -49.56 -78.86 -61.55
N PHE B 43 -50.46 -78.48 -60.64
CA PHE B 43 -51.79 -77.96 -61.00
C PHE B 43 -51.72 -76.65 -61.79
N LEU B 44 -50.75 -75.80 -61.47
CA LEU B 44 -50.48 -74.58 -62.26
C LEU B 44 -49.92 -74.89 -63.65
N LYS B 45 -49.08 -75.93 -63.74
CA LYS B 45 -48.50 -76.38 -65.01
C LYS B 45 -49.47 -77.08 -65.98
N GLU B 46 -50.61 -77.54 -65.46
CA GLU B 46 -51.63 -78.23 -66.30
C GLU B 46 -52.27 -77.29 -67.33
N PRO B 47 -52.86 -77.84 -68.42
CA PRO B 47 -53.46 -76.99 -69.46
C PRO B 47 -54.80 -76.33 -69.07
N ALA B 48 -55.42 -76.79 -67.99
CA ALA B 48 -56.65 -76.17 -67.47
C ALA B 48 -56.40 -74.74 -66.96
N LEU B 49 -55.30 -74.54 -66.22
CA LEU B 49 -54.87 -73.22 -65.75
C LEU B 49 -53.77 -72.58 -66.62
N ASN B 50 -53.67 -73.00 -67.88
CA ASN B 50 -52.78 -72.38 -68.86
C ASN B 50 -53.53 -72.29 -70.20
N GLU B 51 -54.63 -71.55 -70.20
CA GLU B 51 -55.41 -71.29 -71.42
C GLU B 51 -54.63 -70.35 -72.34
N ALA B 52 -54.16 -70.90 -73.46
CA ALA B 52 -53.41 -70.13 -74.46
C ALA B 52 -54.22 -68.97 -75.04
N ASN B 53 -55.53 -69.17 -75.17
CA ASN B 53 -56.46 -68.15 -75.67
C ASN B 53 -57.59 -67.92 -74.66
N LEU B 54 -57.75 -66.67 -74.23
CA LEU B 54 -58.86 -66.28 -73.36
C LEU B 54 -60.21 -66.25 -74.09
N SER B 55 -60.18 -66.12 -75.43
CA SER B 55 -61.39 -66.20 -76.26
C SER B 55 -62.04 -67.59 -76.24
N ASN B 56 -61.24 -68.64 -76.07
CA ASN B 56 -61.75 -70.02 -75.95
C ASN B 56 -62.59 -70.26 -74.68
N LEU B 57 -62.34 -69.48 -73.62
CA LEU B 57 -63.10 -69.61 -72.37
C LEU B 57 -64.57 -69.18 -72.45
N LYS B 58 -64.85 -68.11 -73.21
CA LYS B 58 -66.16 -67.44 -73.18
C LYS B 58 -67.33 -68.38 -73.50
N ALA B 59 -68.19 -68.60 -72.50
CA ALA B 59 -69.30 -69.56 -72.61
C ALA B 59 -70.45 -69.00 -73.45
N PRO B 60 -71.38 -69.88 -73.90
CA PRO B 60 -72.54 -69.39 -74.65
C PRO B 60 -73.50 -68.52 -73.81
N LEU B 61 -73.77 -67.30 -74.29
CA LEU B 61 -74.71 -66.37 -73.66
C LEU B 61 -75.92 -66.20 -74.58
N ASP B 62 -76.95 -67.01 -74.34
CA ASP B 62 -78.13 -67.08 -75.21
C ASP B 62 -79.25 -66.15 -74.70
N ILE B 63 -79.33 -64.96 -75.31
CA ILE B 63 -80.38 -63.97 -75.04
C ILE B 63 -80.87 -63.41 -76.38
N PRO B 64 -82.20 -63.31 -76.59
CA PRO B 64 -82.67 -62.81 -77.90
C PRO B 64 -82.46 -61.29 -78.08
N VAL B 65 -81.53 -60.93 -78.98
CA VAL B 65 -81.26 -59.52 -79.30
C VAL B 65 -82.35 -58.92 -80.19
N CYS B 101 -87.38 -66.22 -72.91
CA CYS B 101 -85.94 -66.20 -72.77
C CYS B 101 -85.42 -67.58 -72.39
N GLY B 102 -84.46 -68.10 -73.16
CA GLY B 102 -83.86 -69.41 -72.90
C GLY B 102 -82.88 -69.40 -71.74
N PRO B 103 -82.63 -70.57 -71.11
CA PRO B 103 -81.79 -70.62 -69.91
C PRO B 103 -80.29 -70.44 -70.19
N VAL B 104 -79.69 -69.44 -69.56
CA VAL B 104 -78.24 -69.18 -69.65
C VAL B 104 -77.53 -69.93 -68.52
N ASN B 105 -76.74 -70.94 -68.88
CA ASN B 105 -75.99 -71.73 -67.90
C ASN B 105 -74.78 -70.98 -67.37
N CYS B 106 -74.23 -71.48 -66.26
CA CYS B 106 -72.96 -70.99 -65.71
C CYS B 106 -71.80 -71.47 -66.59
N ASN B 107 -70.67 -70.76 -66.52
CA ASN B 107 -69.50 -71.08 -67.35
C ASN B 107 -68.88 -72.41 -66.90
N GLU B 108 -69.02 -73.43 -67.76
CA GLU B 108 -68.57 -74.81 -67.46
C GLU B 108 -67.11 -74.90 -67.02
N LYS B 109 -66.24 -74.29 -67.82
CA LYS B 109 -64.78 -74.38 -67.61
C LYS B 109 -64.28 -73.70 -66.33
N ILE B 110 -65.06 -72.76 -65.79
CA ILE B 110 -64.75 -72.13 -64.49
C ILE B 110 -65.28 -72.98 -63.32
N VAL B 111 -66.43 -73.64 -63.50
CA VAL B 111 -67.02 -74.47 -62.43
C VAL B 111 -66.18 -75.74 -62.18
N VAL B 112 -65.62 -76.33 -63.24
CA VAL B 112 -64.71 -77.48 -63.09
C VAL B 112 -63.41 -77.12 -62.34
N LEU B 113 -62.89 -75.91 -62.57
CA LEU B 113 -61.73 -75.40 -61.84
C LEU B 113 -62.04 -75.07 -60.38
N LEU B 114 -63.20 -74.45 -60.15
CA LEU B 114 -63.68 -74.17 -58.79
C LEU B 114 -63.92 -75.43 -57.94
N GLN B 115 -64.28 -76.54 -58.60
CA GLN B 115 -64.45 -77.84 -57.94
C GLN B 115 -63.11 -78.41 -57.43
N ARG B 116 -62.02 -78.07 -58.11
CA ARG B 116 -60.66 -78.43 -57.69
C ARG B 116 -60.07 -77.43 -56.70
N LEU B 117 -60.44 -76.15 -56.81
CA LEU B 117 -59.93 -75.09 -55.94
C LEU B 117 -60.52 -75.11 -54.52
N LYS B 118 -61.83 -75.32 -54.42
CA LYS B 118 -62.53 -75.29 -53.11
C LYS B 118 -61.96 -76.22 -52.02
N PRO B 119 -61.62 -77.48 -52.37
CA PRO B 119 -60.93 -78.33 -51.38
C PRO B 119 -59.51 -77.88 -51.01
N GLU B 120 -58.82 -77.18 -51.92
CA GLU B 120 -57.50 -76.60 -51.63
C GLU B 120 -57.55 -75.40 -50.66
N ILE B 121 -58.61 -74.59 -50.77
CA ILE B 121 -58.83 -73.45 -49.87
C ILE B 121 -59.17 -73.95 -48.45
N LYS B 122 -60.02 -74.96 -48.37
CA LYS B 122 -60.34 -75.65 -47.10
C LYS B 122 -59.09 -76.11 -46.34
N ASP B 123 -58.19 -76.78 -47.05
CA ASP B 123 -57.02 -77.41 -46.43
C ASP B 123 -56.00 -76.40 -45.91
N VAL B 124 -55.60 -75.47 -46.76
CA VAL B 124 -54.63 -74.43 -46.37
C VAL B 124 -55.08 -73.59 -45.17
N THR B 125 -56.36 -73.24 -45.13
CA THR B 125 -56.93 -72.46 -44.02
C THR B 125 -57.04 -73.31 -42.75
N GLU B 126 -57.29 -74.61 -42.91
CA GLU B 126 -57.27 -75.56 -41.79
C GLU B 126 -55.86 -75.71 -41.22
N GLN B 127 -54.87 -75.98 -42.08
CA GLN B 127 -53.48 -76.20 -41.65
C GLN B 127 -52.81 -74.92 -41.14
N LEU B 128 -53.20 -73.76 -41.68
CA LEU B 128 -52.73 -72.47 -41.16
C LEU B 128 -53.25 -72.26 -39.74
N ASN B 129 -54.56 -72.45 -39.56
CA ASN B 129 -55.21 -72.38 -38.24
C ASN B 129 -54.61 -73.41 -37.27
N LEU B 130 -54.27 -74.59 -37.77
CA LEU B 130 -53.62 -75.65 -36.98
C LEU B 130 -52.25 -75.18 -36.47
N VAL B 131 -51.40 -74.74 -37.40
CA VAL B 131 -50.02 -74.33 -37.07
C VAL B 131 -49.99 -73.06 -36.23
N THR B 132 -50.87 -72.11 -36.54
CA THR B 132 -51.03 -70.89 -35.73
C THR B 132 -51.30 -71.23 -34.27
N THR B 133 -52.20 -72.18 -34.03
CA THR B 133 -52.53 -72.63 -32.68
C THR B 133 -51.36 -73.31 -31.98
N TRP B 134 -50.61 -74.12 -32.71
CA TRP B 134 -49.41 -74.78 -32.16
C TRP B 134 -48.39 -73.76 -31.67
N LEU B 135 -48.16 -72.70 -32.45
CA LEU B 135 -47.20 -71.65 -32.10
C LEU B 135 -47.64 -70.84 -30.88
N GLN B 136 -48.94 -70.62 -30.72
CA GLN B 136 -49.47 -69.91 -29.54
C GLN B 136 -49.23 -70.68 -28.23
N LEU B 137 -49.37 -72.01 -28.29
CA LEU B 137 -49.11 -72.87 -27.13
C LEU B 137 -47.61 -73.03 -26.81
N GLN B 138 -46.75 -72.83 -27.81
CA GLN B 138 -45.29 -72.81 -27.59
C GLN B 138 -44.76 -71.54 -26.93
N ILE B 139 -45.58 -70.49 -26.83
CA ILE B 139 -45.19 -69.25 -26.13
C ILE B 139 -45.02 -69.55 -24.64
N PRO B 140 -43.81 -69.31 -24.09
CA PRO B 140 -43.53 -69.64 -22.69
C PRO B 140 -44.13 -68.61 -21.73
N ARG B 141 -43.84 -68.76 -20.43
CA ARG B 141 -44.28 -67.79 -19.42
C ARG B 141 -43.72 -66.40 -19.72
N ILE B 142 -44.58 -65.38 -19.58
CA ILE B 142 -44.19 -64.00 -19.84
C ILE B 142 -43.27 -63.54 -18.71
N GLU B 143 -41.96 -63.52 -19.00
CA GLU B 143 -40.94 -63.14 -18.04
C GLU B 143 -40.15 -61.92 -18.54
N ASP B 144 -39.40 -61.31 -17.63
CA ASP B 144 -38.66 -60.09 -17.91
C ASP B 144 -37.40 -60.40 -18.71
N GLY B 145 -36.61 -61.35 -18.20
CA GLY B 145 -35.35 -61.76 -18.82
C GLY B 145 -35.46 -62.94 -19.76
N ASN B 146 -34.61 -62.97 -20.78
CA ASN B 146 -34.50 -64.04 -21.78
C ASN B 146 -35.74 -64.10 -22.68
N ASN B 147 -35.93 -63.04 -23.46
CA ASN B 147 -37.12 -62.87 -24.31
C ASN B 147 -36.84 -62.83 -25.82
N PHE B 148 -35.63 -63.16 -26.26
CA PHE B 148 -35.35 -63.23 -27.70
C PHE B 148 -36.03 -64.44 -28.35
N GLY B 149 -36.00 -65.59 -27.66
CA GLY B 149 -36.74 -66.77 -28.10
C GLY B 149 -38.22 -66.50 -28.28
N VAL B 150 -38.78 -65.64 -27.42
CA VAL B 150 -40.17 -65.20 -27.56
C VAL B 150 -40.31 -64.26 -28.77
N ALA B 151 -39.36 -63.33 -28.92
CA ALA B 151 -39.35 -62.39 -30.05
C ALA B 151 -39.28 -63.06 -31.43
N VAL B 152 -38.64 -64.23 -31.50
CA VAL B 152 -38.61 -65.05 -32.72
C VAL B 152 -40.00 -65.61 -33.01
N GLN B 153 -40.68 -66.12 -31.98
CA GLN B 153 -42.05 -66.63 -32.11
C GLN B 153 -43.02 -65.56 -32.58
N GLU B 154 -42.88 -64.36 -32.02
CA GLU B 154 -43.73 -63.21 -32.37
C GLU B 154 -43.56 -62.72 -33.81
N LYS B 155 -42.36 -62.88 -34.37
CA LYS B 155 -42.09 -62.53 -35.77
C LYS B 155 -42.61 -63.59 -36.73
N VAL B 156 -42.51 -64.86 -36.34
CA VAL B 156 -43.08 -65.96 -37.12
C VAL B 156 -44.60 -65.94 -37.04
N PHE B 157 -45.14 -65.62 -35.86
CA PHE B 157 -46.58 -65.46 -35.66
C PHE B 157 -47.17 -64.28 -36.44
N GLU B 158 -46.38 -63.22 -36.62
CA GLU B 158 -46.76 -62.05 -37.41
C GLU B 158 -47.03 -62.40 -38.88
N LEU B 159 -46.21 -63.29 -39.44
CA LEU B 159 -46.40 -63.79 -40.81
C LEU B 159 -47.69 -64.59 -40.97
N MET B 160 -48.00 -65.43 -39.98
CA MET B 160 -49.18 -66.31 -40.03
C MET B 160 -50.50 -65.55 -40.05
N THR B 161 -50.55 -64.41 -39.35
CA THR B 161 -51.71 -63.52 -39.39
C THR B 161 -51.84 -62.81 -40.74
N ASN B 162 -50.71 -62.47 -41.38
CA ASN B 162 -50.70 -61.85 -42.71
C ASN B 162 -51.18 -62.81 -43.80
N LEU B 163 -50.84 -64.10 -43.67
CA LEU B 163 -51.38 -65.13 -44.55
C LEU B 163 -52.88 -65.31 -44.29
N HIS B 164 -53.26 -65.40 -43.01
CA HIS B 164 -54.67 -65.49 -42.61
C HIS B 164 -55.52 -64.37 -43.22
N THR B 165 -54.99 -63.14 -43.20
CA THR B 165 -55.62 -61.98 -43.83
C THR B 165 -55.84 -62.16 -45.33
N LYS B 166 -54.85 -62.73 -46.02
CA LYS B 166 -54.97 -63.04 -47.45
C LYS B 166 -55.97 -64.17 -47.73
N LEU B 167 -55.93 -65.22 -46.90
CA LEU B 167 -56.81 -66.38 -47.06
C LEU B 167 -58.22 -66.19 -46.46
N GLU B 168 -58.49 -65.04 -45.82
CA GLU B 168 -59.86 -64.66 -45.43
C GLU B 168 -60.77 -64.49 -46.65
N GLY B 169 -60.28 -63.73 -47.62
CA GLY B 169 -61.07 -63.36 -48.80
C GLY B 169 -61.49 -64.48 -49.74
N PHE B 170 -60.75 -65.59 -49.75
CA PHE B 170 -61.00 -66.68 -50.71
C PHE B 170 -62.28 -67.47 -50.41
N HIS B 171 -62.71 -67.49 -49.15
CA HIS B 171 -63.98 -68.12 -48.76
C HIS B 171 -65.15 -67.46 -49.47
N THR B 172 -65.27 -66.15 -49.29
CA THR B 172 -66.37 -65.35 -49.84
C THR B 172 -66.27 -65.07 -51.35
N GLN B 173 -65.06 -65.14 -51.90
CA GLN B 173 -64.81 -64.82 -53.33
C GLN B 173 -65.67 -65.60 -54.32
N ILE B 174 -65.92 -66.88 -54.02
CA ILE B 174 -66.64 -67.77 -54.94
C ILE B 174 -68.13 -67.42 -54.96
N SER B 175 -68.70 -67.16 -53.78
CA SER B 175 -70.09 -66.70 -53.65
C SER B 175 -70.33 -65.33 -54.28
N LYS B 176 -69.33 -64.45 -54.20
CA LYS B 176 -69.37 -63.13 -54.84
C LYS B 176 -69.43 -63.24 -56.37
N TYR B 177 -68.63 -64.15 -56.93
CA TYR B 177 -68.56 -64.35 -58.38
C TYR B 177 -69.91 -64.72 -59.01
N PHE B 178 -70.57 -65.73 -58.43
CA PHE B 178 -71.89 -66.16 -58.92
C PHE B 178 -72.97 -65.10 -58.70
N SER B 179 -72.84 -64.32 -57.63
CA SER B 179 -73.73 -63.18 -57.37
C SER B 179 -73.51 -62.07 -58.39
N GLU B 180 -72.25 -61.73 -58.66
CA GLU B 180 -71.90 -60.70 -59.65
C GLU B 180 -72.21 -61.13 -61.08
N ARG B 181 -71.92 -62.38 -61.42
CA ARG B 181 -72.18 -62.91 -62.77
C ARG B 181 -73.67 -63.01 -63.05
N GLY B 182 -74.42 -63.56 -62.10
CA GLY B 182 -75.87 -63.64 -62.19
C GLY B 182 -76.51 -62.28 -62.42
N ASP B 183 -76.08 -61.29 -61.64
CA ASP B 183 -76.57 -59.90 -61.78
C ASP B 183 -76.35 -59.34 -63.19
N ALA B 184 -75.19 -59.64 -63.78
CA ALA B 184 -74.87 -59.25 -65.15
C ALA B 184 -75.73 -60.00 -66.18
N VAL B 185 -75.93 -61.30 -65.95
CA VAL B 185 -76.77 -62.14 -66.83
C VAL B 185 -78.24 -61.68 -66.77
N ALA B 186 -78.72 -61.41 -65.56
CA ALA B 186 -80.09 -60.91 -65.37
C ALA B 186 -80.28 -59.54 -66.00
N LYS B 187 -79.34 -58.63 -65.75
CA LYS B 187 -79.35 -57.29 -66.36
C LYS B 187 -79.30 -57.34 -67.90
N ALA B 188 -78.51 -58.27 -68.44
CA ALA B 188 -78.43 -58.48 -69.88
C ALA B 188 -79.75 -59.01 -70.47
N ALA B 189 -80.41 -59.91 -69.74
CA ALA B 189 -81.72 -60.44 -70.15
C ALA B 189 -82.84 -59.42 -69.96
N LYS B 190 -82.80 -58.66 -68.87
CA LYS B 190 -83.77 -57.61 -68.56
C LYS B 190 -83.74 -56.48 -69.60
N GLN B 191 -82.52 -56.11 -70.02
CA GLN B 191 -82.32 -55.05 -71.02
C GLN B 191 -81.37 -55.56 -72.12
N PRO B 192 -81.91 -56.26 -73.14
CA PRO B 192 -81.08 -56.80 -74.24
C PRO B 192 -80.40 -55.75 -75.13
N HIS B 193 -80.98 -54.54 -75.21
CA HIS B 193 -80.40 -53.44 -75.99
C HIS B 193 -79.04 -52.92 -75.49
N VAL B 194 -78.72 -53.17 -74.22
CA VAL B 194 -77.43 -52.76 -73.65
C VAL B 194 -76.38 -53.85 -73.93
N GLY B 195 -75.44 -53.54 -74.82
CA GLY B 195 -74.36 -54.46 -75.18
C GLY B 195 -73.27 -54.63 -74.14
N ASP B 196 -73.17 -53.67 -73.20
CA ASP B 196 -72.18 -53.72 -72.11
C ASP B 196 -72.42 -54.86 -71.13
N TYR B 197 -73.68 -55.15 -70.82
CA TYR B 197 -74.03 -56.25 -69.91
C TYR B 197 -73.68 -57.63 -70.48
N ARG B 198 -73.72 -57.76 -71.81
CA ARG B 198 -73.28 -58.98 -72.48
C ARG B 198 -71.76 -59.14 -72.36
N GLN B 199 -71.05 -58.03 -72.56
CA GLN B 199 -69.59 -57.98 -72.39
C GLN B 199 -69.19 -58.17 -70.93
N LEU B 200 -69.96 -57.61 -70.00
CA LEU B 200 -69.73 -57.74 -68.56
C LEU B 200 -69.67 -59.20 -68.08
N VAL B 201 -70.52 -60.05 -68.64
CA VAL B 201 -70.57 -61.47 -68.27
C VAL B 201 -69.32 -62.22 -68.74
N HIS B 202 -68.87 -61.95 -69.97
CA HIS B 202 -67.64 -62.55 -70.50
C HIS B 202 -66.39 -62.03 -69.77
N GLU B 203 -66.42 -60.77 -69.35
CA GLU B 203 -65.31 -60.14 -68.62
C GLU B 203 -65.17 -60.66 -67.18
N LEU B 204 -66.30 -60.94 -66.53
CA LEU B 204 -66.29 -61.60 -65.21
C LEU B 204 -65.70 -63.00 -65.28
N ASP B 205 -65.99 -63.73 -66.36
CA ASP B 205 -65.39 -65.06 -66.60
C ASP B 205 -63.88 -65.00 -66.81
N GLU B 206 -63.41 -64.00 -67.56
CA GLU B 206 -61.97 -63.79 -67.74
C GLU B 206 -61.29 -63.34 -66.44
N ALA B 207 -61.94 -62.44 -65.71
CA ALA B 207 -61.43 -61.97 -64.41
C ALA B 207 -61.44 -63.07 -63.34
N GLU B 208 -62.47 -63.92 -63.36
CA GLU B 208 -62.60 -65.05 -62.43
C GLU B 208 -61.54 -66.12 -62.68
N TYR B 209 -61.27 -66.41 -63.95
CA TYR B 209 -60.23 -67.37 -64.33
C TYR B 209 -58.84 -66.97 -63.82
N GLN B 210 -58.51 -65.68 -63.98
CA GLN B 210 -57.24 -65.14 -63.51
C GLN B 210 -57.19 -65.12 -61.97
N GLU B 211 -58.33 -64.86 -61.33
CA GLU B 211 -58.44 -64.88 -59.87
C GLU B 211 -58.24 -66.28 -59.28
N ILE B 212 -58.69 -67.32 -60.01
CA ILE B 212 -58.39 -68.70 -59.65
C ILE B 212 -56.89 -68.96 -59.80
N ARG B 213 -56.30 -68.47 -60.90
CA ARG B 213 -54.86 -68.59 -61.17
C ARG B 213 -54.01 -68.01 -60.04
N LEU B 214 -54.37 -66.82 -59.57
CA LEU B 214 -53.66 -66.16 -58.45
C LEU B 214 -53.89 -66.88 -57.12
N MET B 215 -55.12 -67.35 -56.89
CA MET B 215 -55.46 -68.08 -55.66
C MET B 215 -54.71 -69.40 -55.51
N VAL B 216 -54.49 -70.11 -56.62
CA VAL B 216 -53.69 -71.35 -56.61
C VAL B 216 -52.22 -71.02 -56.28
N MET B 217 -51.69 -69.98 -56.92
CA MET B 217 -50.33 -69.50 -56.64
C MET B 217 -50.17 -69.06 -55.17
N GLU B 218 -51.14 -68.29 -54.68
CA GLU B 218 -51.12 -67.81 -53.28
C GLU B 218 -51.10 -68.94 -52.27
N ILE B 219 -51.88 -69.99 -52.51
CA ILE B 219 -51.96 -71.15 -51.62
C ILE B 219 -50.69 -72.00 -51.70
N ARG B 220 -50.10 -72.11 -52.90
CA ARG B 220 -48.79 -72.75 -53.08
C ARG B 220 -47.71 -71.99 -52.32
N ASN B 221 -47.69 -70.67 -52.49
CA ASN B 221 -46.69 -69.81 -51.84
C ASN B 221 -46.94 -69.67 -50.32
N ALA B 222 -48.19 -69.83 -49.89
CA ALA B 222 -48.53 -69.83 -48.45
C ALA B 222 -47.88 -71.01 -47.72
N TYR B 223 -48.03 -72.21 -48.29
CA TYR B 223 -47.35 -73.41 -47.77
C TYR B 223 -45.83 -73.26 -47.82
N ALA B 224 -45.31 -72.78 -48.96
CA ALA B 224 -43.88 -72.67 -49.20
C ALA B 224 -43.17 -71.77 -48.18
N VAL B 225 -43.74 -70.60 -47.94
CA VAL B 225 -43.17 -69.61 -47.02
C VAL B 225 -43.30 -70.06 -45.55
N LEU B 226 -44.43 -70.68 -45.20
CA LEU B 226 -44.64 -71.27 -43.86
C LEU B 226 -43.63 -72.38 -43.56
N TYR B 227 -43.49 -73.32 -44.50
CA TYR B 227 -42.51 -74.40 -44.39
C TYR B 227 -41.09 -73.84 -44.21
N ASP B 228 -40.75 -72.85 -45.04
CA ASP B 228 -39.43 -72.23 -45.05
C ASP B 228 -39.07 -71.61 -43.70
N ILE B 229 -39.95 -70.76 -43.18
CA ILE B 229 -39.67 -70.00 -41.96
C ILE B 229 -39.70 -70.86 -40.68
N ILE B 230 -40.62 -71.83 -40.61
CA ILE B 230 -40.72 -72.73 -39.45
C ILE B 230 -39.53 -73.70 -39.41
N LEU B 231 -39.19 -74.28 -40.56
CA LEU B 231 -38.03 -75.17 -40.65
C LEU B 231 -36.72 -74.50 -40.25
N LYS B 232 -36.53 -73.25 -40.68
CA LYS B 232 -35.34 -72.47 -40.33
C LYS B 232 -35.30 -72.13 -38.85
N ASN B 233 -36.41 -71.62 -38.31
CA ASN B 233 -36.49 -71.16 -36.92
C ASN B 233 -36.99 -72.22 -35.91
N PHE B 234 -37.02 -73.50 -36.29
CA PHE B 234 -37.64 -74.54 -35.45
C PHE B 234 -37.03 -74.69 -34.05
N GLU B 235 -35.73 -74.44 -33.94
CA GLU B 235 -35.04 -74.51 -32.64
C GLU B 235 -35.59 -73.49 -31.64
N LYS B 236 -35.71 -72.24 -32.08
CA LYS B 236 -36.23 -71.16 -31.21
C LYS B 236 -37.75 -71.21 -31.02
N LEU B 237 -38.49 -71.70 -32.02
CA LEU B 237 -39.95 -71.78 -31.93
C LEU B 237 -40.40 -72.82 -30.90
N LYS B 238 -39.83 -74.02 -30.96
CA LYS B 238 -40.17 -75.12 -30.07
C LYS B 238 -39.67 -74.87 -28.65
N LYS B 239 -38.39 -74.51 -28.53
CA LYS B 239 -37.74 -74.23 -27.25
C LYS B 239 -37.05 -72.86 -27.29
N PRO B 240 -37.78 -71.79 -26.92
CA PRO B 240 -37.24 -70.43 -26.98
C PRO B 240 -36.22 -70.10 -25.89
N ARG B 241 -36.46 -70.55 -24.66
CA ARG B 241 -35.56 -70.32 -23.55
C ARG B 241 -34.36 -71.28 -23.59
N GLY B 242 -34.64 -72.55 -23.88
CA GLY B 242 -33.60 -73.59 -23.95
C GLY B 242 -34.13 -74.88 -23.35
N GLU B 243 -33.41 -75.39 -22.33
CA GLU B 243 -33.86 -76.53 -21.51
C GLU B 243 -34.03 -77.81 -22.32
N ARG C 5 -38.13 -82.38 -38.27
CA ARG C 5 -37.34 -83.16 -39.26
C ARG C 5 -38.17 -83.50 -40.50
N VAL C 6 -37.49 -83.60 -41.64
CA VAL C 6 -38.12 -83.99 -42.91
C VAL C 6 -37.38 -85.17 -43.53
N HIS C 7 -38.13 -86.15 -44.03
CA HIS C 7 -37.58 -87.31 -44.73
C HIS C 7 -37.18 -86.90 -46.16
N PRO C 8 -36.33 -87.68 -46.85
CA PRO C 8 -35.57 -87.13 -47.98
C PRO C 8 -36.39 -86.69 -49.20
N GLU C 9 -37.45 -87.42 -49.53
CA GLU C 9 -38.34 -87.05 -50.65
C GLU C 9 -39.08 -85.72 -50.41
N ALA C 10 -39.44 -85.46 -49.15
CA ALA C 10 -40.05 -84.17 -48.76
C ALA C 10 -39.07 -83.01 -48.95
N GLN C 11 -37.83 -83.20 -48.50
CA GLN C 11 -36.77 -82.20 -48.67
C GLN C 11 -36.39 -82.01 -50.15
N ALA C 12 -36.55 -83.05 -50.96
CA ALA C 12 -36.32 -82.96 -52.40
C ALA C 12 -37.34 -82.07 -53.11
N LYS C 13 -38.62 -82.27 -52.82
CA LYS C 13 -39.70 -81.52 -53.46
C LYS C 13 -39.63 -80.01 -53.20
N VAL C 14 -39.36 -79.63 -51.95
CA VAL C 14 -39.21 -78.21 -51.58
C VAL C 14 -37.94 -77.56 -52.16
N ASP C 15 -36.83 -78.31 -52.18
CA ASP C 15 -35.54 -77.78 -52.69
C ASP C 15 -35.54 -77.70 -54.22
N VAL C 16 -36.23 -78.65 -54.88
CA VAL C 16 -36.50 -78.56 -56.34
C VAL C 16 -37.36 -77.32 -56.64
N PHE C 17 -38.35 -77.05 -55.78
CA PHE C 17 -39.18 -75.85 -55.91
C PHE C 17 -38.37 -74.56 -55.69
N ARG C 18 -37.45 -74.57 -54.73
CA ARG C 18 -36.56 -73.42 -54.50
C ARG C 18 -35.62 -73.16 -55.67
N GLU C 19 -35.00 -74.23 -56.20
CA GLU C 19 -34.10 -74.11 -57.36
C GLU C 19 -34.85 -73.83 -58.66
N ASP C 20 -36.09 -74.31 -58.78
CA ASP C 20 -36.97 -73.93 -59.90
C ASP C 20 -37.37 -72.45 -59.81
N LEU C 21 -37.71 -72.01 -58.60
CA LEU C 21 -38.04 -70.61 -58.33
C LEU C 21 -36.82 -69.69 -58.48
N CYS C 22 -35.64 -70.18 -58.10
CA CYS C 22 -34.39 -69.44 -58.29
C CYS C 22 -34.04 -69.36 -59.78
N SER C 23 -34.06 -70.50 -60.46
CA SER C 23 -33.81 -70.59 -61.91
C SER C 23 -34.73 -69.68 -62.73
N LYS C 24 -35.99 -69.58 -62.33
CA LYS C 24 -36.93 -68.65 -62.96
C LYS C 24 -36.54 -67.21 -62.67
N THR C 25 -36.48 -66.84 -61.38
CA THR C 25 -36.17 -65.47 -60.95
C THR C 25 -34.87 -64.89 -61.55
N GLU C 26 -33.85 -65.73 -61.71
CA GLU C 26 -32.58 -65.31 -62.31
C GLU C 26 -32.76 -65.02 -63.81
N ASN C 27 -33.43 -65.92 -64.50
CA ASN C 27 -33.74 -65.79 -65.94
C ASN C 27 -34.75 -64.67 -66.20
N LEU C 28 -35.86 -64.72 -65.47
CA LEU C 28 -36.89 -63.67 -65.43
C LEU C 28 -36.29 -62.27 -65.30
N LEU C 29 -35.36 -62.13 -64.35
CA LEU C 29 -34.63 -60.87 -64.14
C LEU C 29 -33.79 -60.47 -65.36
N GLY C 30 -33.01 -61.42 -65.88
CA GLY C 30 -32.07 -61.14 -66.96
C GLY C 30 -32.66 -60.81 -68.32
N SER C 31 -33.70 -61.56 -68.73
CA SER C 31 -34.29 -61.44 -70.07
C SER C 31 -35.67 -60.76 -70.09
N TYR C 32 -36.61 -61.35 -69.36
CA TYR C 32 -38.05 -61.00 -69.41
C TYR C 32 -38.33 -59.53 -69.06
N PHE C 33 -37.66 -59.02 -68.03
CA PHE C 33 -37.89 -57.65 -67.54
C PHE C 33 -37.42 -56.56 -68.51
N PRO C 34 -36.17 -56.62 -69.02
CA PRO C 34 -35.75 -55.72 -70.11
C PRO C 34 -36.64 -55.76 -71.35
N LYS C 35 -37.01 -56.97 -71.76
CA LYS C 35 -37.89 -57.18 -72.93
C LYS C 35 -39.27 -56.56 -72.71
N LYS C 36 -39.84 -56.77 -71.52
CA LYS C 36 -41.15 -56.21 -71.17
C LYS C 36 -41.15 -54.68 -71.08
N ILE C 37 -40.08 -54.12 -70.53
CA ILE C 37 -39.92 -52.66 -70.43
C ILE C 37 -39.85 -52.04 -71.83
N SER C 38 -39.10 -52.68 -72.74
CA SER C 38 -39.00 -52.24 -74.13
C SER C 38 -40.33 -52.36 -74.89
N GLU C 39 -41.04 -53.46 -74.66
CA GLU C 39 -42.35 -53.69 -75.30
C GLU C 39 -43.40 -52.65 -74.90
N LEU C 40 -43.52 -52.43 -73.60
CA LEU C 40 -44.49 -51.47 -73.06
C LEU C 40 -44.14 -50.01 -73.37
N ASP C 41 -42.85 -49.72 -73.50
CA ASP C 41 -42.39 -48.37 -73.93
C ASP C 41 -42.83 -48.12 -75.38
N ALA C 42 -42.62 -49.10 -76.25
CA ALA C 42 -43.06 -49.04 -77.64
C ALA C 42 -44.59 -49.01 -77.78
N PHE C 43 -45.29 -49.77 -76.93
CA PHE C 43 -46.76 -49.81 -76.92
C PHE C 43 -47.36 -48.45 -76.56
N LEU C 44 -46.73 -47.72 -75.64
CA LEU C 44 -47.13 -46.33 -75.32
C LEU C 44 -46.92 -45.38 -76.51
N LYS C 45 -45.83 -45.59 -77.25
CA LYS C 45 -45.51 -44.79 -78.43
C LYS C 45 -46.42 -45.02 -79.66
N GLU C 46 -47.17 -46.13 -79.67
CA GLU C 46 -48.09 -46.42 -80.78
C GLU C 46 -49.24 -45.42 -80.89
N PRO C 47 -49.84 -45.27 -82.09
CA PRO C 47 -50.93 -44.28 -82.23
C PRO C 47 -52.27 -44.69 -81.60
N ALA C 48 -52.40 -45.95 -81.18
CA ALA C 48 -53.59 -46.41 -80.44
C ALA C 48 -53.72 -45.73 -79.07
N LEU C 49 -52.60 -45.60 -78.36
CA LEU C 49 -52.55 -44.92 -77.05
C LEU C 49 -52.07 -43.45 -77.12
N ASN C 50 -51.94 -42.91 -78.33
CA ASN C 50 -51.62 -41.48 -78.53
C ASN C 50 -52.70 -40.84 -79.41
N GLU C 51 -53.94 -40.92 -78.94
CA GLU C 51 -55.06 -40.26 -79.62
C GLU C 51 -54.91 -38.76 -79.46
N ALA C 52 -54.63 -38.08 -80.58
CA ALA C 52 -54.39 -36.63 -80.61
C ALA C 52 -55.51 -35.85 -79.94
N ASN C 53 -56.74 -36.18 -80.33
CA ASN C 53 -57.95 -35.67 -79.67
C ASN C 53 -58.75 -36.85 -79.12
N LEU C 54 -59.40 -36.64 -77.97
CA LEU C 54 -60.15 -37.70 -77.29
C LEU C 54 -61.59 -37.86 -77.82
N SER C 55 -62.06 -36.91 -78.63
CA SER C 55 -63.41 -36.95 -79.20
C SER C 55 -63.62 -38.07 -80.22
N ASN C 56 -62.55 -38.52 -80.88
CA ASN C 56 -62.63 -39.62 -81.86
C ASN C 56 -62.96 -40.99 -81.25
N LEU C 57 -62.69 -41.17 -79.95
CA LEU C 57 -63.10 -42.38 -79.20
C LEU C 57 -64.62 -42.49 -79.04
N LYS C 58 -65.30 -41.35 -78.98
CA LYS C 58 -66.77 -41.27 -78.82
C LYS C 58 -67.52 -42.33 -79.64
N ALA C 59 -68.01 -43.37 -78.95
CA ALA C 59 -68.74 -44.46 -79.59
C ALA C 59 -70.14 -44.00 -80.04
N PRO C 60 -70.69 -44.64 -81.08
CA PRO C 60 -72.08 -44.32 -81.47
C PRO C 60 -73.11 -44.72 -80.40
N LEU C 61 -73.90 -43.74 -79.96
CA LEU C 61 -74.93 -43.95 -78.94
C LEU C 61 -76.32 -43.82 -79.56
N ASP C 62 -76.85 -44.95 -80.05
CA ASP C 62 -78.12 -44.97 -80.78
C ASP C 62 -79.32 -45.07 -79.82
N ILE C 63 -79.89 -43.91 -79.48
CA ILE C 63 -81.11 -43.83 -78.66
C ILE C 63 -82.05 -42.80 -79.30
N PRO C 64 -83.36 -43.15 -79.46
CA PRO C 64 -84.27 -42.16 -80.05
C PRO C 64 -84.63 -41.03 -79.08
N VAL C 65 -84.20 -39.81 -79.39
CA VAL C 65 -84.56 -38.61 -78.61
C VAL C 65 -85.96 -38.12 -79.02
N PRO C 66 -86.91 -38.02 -78.05
CA PRO C 66 -88.22 -37.45 -78.34
C PRO C 66 -88.30 -35.94 -78.08
N CYS C 101 -85.68 -48.54 -77.63
CA CYS C 101 -84.35 -48.16 -78.08
C CYS C 101 -83.65 -49.31 -78.80
N GLY C 102 -82.90 -48.98 -79.85
CA GLY C 102 -82.15 -49.97 -80.62
C GLY C 102 -80.93 -50.47 -79.86
N PRO C 103 -80.36 -51.62 -80.27
CA PRO C 103 -79.23 -52.21 -79.56
C PRO C 103 -77.91 -51.45 -79.77
N VAL C 104 -77.35 -50.94 -78.66
CA VAL C 104 -76.08 -50.20 -78.68
C VAL C 104 -74.96 -51.09 -78.14
N ASN C 105 -74.05 -51.50 -79.02
CA ASN C 105 -72.86 -52.26 -78.63
C ASN C 105 -71.86 -51.36 -77.88
N CYS C 106 -70.90 -52.01 -77.23
CA CYS C 106 -69.86 -51.32 -76.45
C CYS C 106 -68.83 -50.61 -77.34
N ASN C 107 -68.00 -49.79 -76.73
CA ASN C 107 -66.97 -49.01 -77.44
C ASN C 107 -65.90 -49.95 -78.01
N GLU C 108 -65.78 -50.00 -79.33
CA GLU C 108 -64.81 -50.86 -80.01
C GLU C 108 -63.36 -50.43 -79.78
N LYS C 109 -63.11 -49.13 -79.85
CA LYS C 109 -61.74 -48.58 -79.69
C LYS C 109 -61.14 -48.78 -78.30
N ILE C 110 -61.98 -48.90 -77.27
CA ILE C 110 -61.55 -49.25 -75.91
C ILE C 110 -61.38 -50.76 -75.76
N VAL C 111 -62.35 -51.53 -76.26
CA VAL C 111 -62.32 -53.00 -76.14
C VAL C 111 -61.06 -53.62 -76.77
N VAL C 112 -60.66 -53.14 -77.94
CA VAL C 112 -59.41 -53.60 -78.58
C VAL C 112 -58.15 -53.33 -77.75
N LEU C 113 -58.12 -52.20 -77.04
CA LEU C 113 -57.04 -51.88 -76.11
C LEU C 113 -57.06 -52.76 -74.86
N LEU C 114 -58.26 -53.08 -74.37
CA LEU C 114 -58.43 -54.00 -73.23
C LEU C 114 -57.98 -55.43 -73.54
N GLN C 115 -58.11 -55.86 -74.80
CA GLN C 115 -57.59 -57.16 -75.24
C GLN C 115 -56.05 -57.24 -75.21
N ARG C 116 -55.39 -56.10 -75.42
CA ARG C 116 -53.93 -55.99 -75.30
C ARG C 116 -53.46 -55.76 -73.85
N LEU C 117 -54.29 -55.09 -73.06
CA LEU C 117 -53.95 -54.80 -71.66
C LEU C 117 -54.12 -55.99 -70.71
N LYS C 118 -55.20 -56.75 -70.89
CA LYS C 118 -55.52 -57.90 -70.01
C LYS C 118 -54.40 -58.95 -69.86
N PRO C 119 -53.73 -59.32 -70.97
CA PRO C 119 -52.54 -60.19 -70.83
C PRO C 119 -51.33 -59.50 -70.17
N GLU C 120 -51.18 -58.19 -70.35
CA GLU C 120 -50.10 -57.43 -69.71
C GLU C 120 -50.30 -57.19 -68.21
N ILE C 121 -51.55 -57.19 -67.75
CA ILE C 121 -51.87 -57.19 -66.31
C ILE C 121 -51.59 -58.57 -65.73
N LYS C 122 -52.02 -59.62 -66.44
CA LYS C 122 -51.84 -61.02 -66.02
C LYS C 122 -50.39 -61.33 -65.61
N ASP C 123 -49.43 -61.00 -66.47
CA ASP C 123 -48.02 -61.36 -66.22
C ASP C 123 -47.38 -60.65 -65.02
N VAL C 124 -47.54 -59.32 -64.92
CA VAL C 124 -46.98 -58.59 -63.75
C VAL C 124 -47.47 -59.09 -62.40
N THR C 125 -48.76 -59.43 -62.31
CA THR C 125 -49.31 -59.95 -61.07
C THR C 125 -48.73 -61.31 -60.72
N GLU C 126 -48.42 -62.12 -61.74
CA GLU C 126 -47.73 -63.41 -61.55
C GLU C 126 -46.25 -63.22 -61.24
N GLN C 127 -45.56 -62.42 -62.05
CA GLN C 127 -44.10 -62.25 -61.94
C GLN C 127 -43.68 -61.47 -60.69
N LEU C 128 -44.47 -60.50 -60.27
CA LEU C 128 -44.26 -59.82 -58.98
C LEU C 128 -44.44 -60.82 -57.84
N ASN C 129 -45.56 -61.56 -57.88
CA ASN C 129 -45.86 -62.59 -56.88
C ASN C 129 -44.79 -63.71 -56.85
N LEU C 130 -44.21 -64.02 -58.01
CA LEU C 130 -43.09 -64.95 -58.11
C LEU C 130 -41.84 -64.40 -57.43
N VAL C 131 -41.47 -63.17 -57.77
CA VAL C 131 -40.29 -62.50 -57.21
C VAL C 131 -40.44 -62.21 -55.71
N THR C 132 -41.64 -61.83 -55.29
CA THR C 132 -41.94 -61.61 -53.87
C THR C 132 -41.72 -62.90 -53.07
N THR C 133 -42.24 -64.01 -53.59
CA THR C 133 -42.06 -65.32 -52.96
C THR C 133 -40.59 -65.73 -52.87
N TRP C 134 -39.83 -65.46 -53.94
CA TRP C 134 -38.39 -65.74 -53.95
C TRP C 134 -37.65 -64.98 -52.83
N LEU C 135 -37.99 -63.70 -52.67
CA LEU C 135 -37.39 -62.87 -51.61
C LEU C 135 -37.74 -63.38 -50.21
N GLN C 136 -38.96 -63.87 -50.02
CA GLN C 136 -39.37 -64.44 -48.73
C GLN C 136 -38.57 -65.70 -48.35
N LEU C 137 -38.27 -66.53 -49.34
CA LEU C 137 -37.47 -67.74 -49.12
C LEU C 137 -35.98 -67.45 -48.91
N GLN C 138 -35.51 -66.30 -49.39
CA GLN C 138 -34.14 -65.84 -49.12
C GLN C 138 -33.91 -65.25 -47.72
N ILE C 139 -34.99 -65.02 -46.95
CA ILE C 139 -34.87 -64.54 -45.57
C ILE C 139 -34.25 -65.64 -44.70
N PRO C 140 -33.10 -65.35 -44.07
CA PRO C 140 -32.42 -66.38 -43.27
C PRO C 140 -33.08 -66.60 -41.91
N ARG C 141 -32.47 -67.46 -41.10
CA ARG C 141 -32.92 -67.69 -39.73
C ARG C 141 -32.89 -66.39 -38.93
N ILE C 142 -33.90 -66.20 -38.09
CA ILE C 142 -34.03 -64.97 -37.31
C ILE C 142 -33.06 -65.05 -36.12
N GLU C 143 -31.98 -64.27 -36.22
CA GLU C 143 -30.94 -64.22 -35.19
C GLU C 143 -30.82 -62.80 -34.61
N ASP C 144 -30.10 -62.70 -33.49
CA ASP C 144 -30.00 -61.46 -32.70
C ASP C 144 -29.32 -60.32 -33.47
N GLY C 145 -29.60 -59.08 -33.05
CA GLY C 145 -28.87 -57.90 -33.52
C GLY C 145 -29.40 -57.24 -34.76
N ASN C 146 -28.72 -56.18 -35.20
CA ASN C 146 -29.11 -55.37 -36.35
C ASN C 146 -28.65 -56.05 -37.65
N ASN C 147 -29.36 -57.10 -38.05
CA ASN C 147 -29.01 -57.86 -39.26
C ASN C 147 -29.29 -56.95 -40.45
N PHE C 148 -28.28 -56.24 -40.93
CA PHE C 148 -28.49 -55.25 -41.99
C PHE C 148 -28.86 -55.88 -43.34
N GLY C 149 -28.37 -57.09 -43.60
CA GLY C 149 -28.80 -57.87 -44.76
C GLY C 149 -30.29 -58.14 -44.77
N VAL C 150 -30.85 -58.44 -43.59
CA VAL C 150 -32.30 -58.62 -43.43
C VAL C 150 -33.02 -57.27 -43.57
N ALA C 151 -32.44 -56.21 -43.01
CA ALA C 151 -32.99 -54.85 -43.12
C ALA C 151 -33.09 -54.36 -44.56
N VAL C 152 -32.14 -54.78 -45.42
CA VAL C 152 -32.19 -54.48 -46.85
C VAL C 152 -33.29 -55.30 -47.54
N GLN C 153 -33.39 -56.59 -47.19
CA GLN C 153 -34.44 -57.47 -47.73
C GLN C 153 -35.85 -56.94 -47.43
N GLU C 154 -36.09 -56.57 -46.18
CA GLU C 154 -37.38 -56.03 -45.75
C GLU C 154 -37.72 -54.70 -46.43
N LYS C 155 -36.70 -53.88 -46.69
CA LYS C 155 -36.87 -52.60 -47.41
C LYS C 155 -37.27 -52.82 -48.87
N VAL C 156 -36.63 -53.78 -49.52
CA VAL C 156 -36.96 -54.18 -50.90
C VAL C 156 -38.31 -54.91 -50.94
N PHE C 157 -38.59 -55.75 -49.94
CA PHE C 157 -39.88 -56.43 -49.78
C PHE C 157 -41.05 -55.46 -49.56
N GLU C 158 -40.78 -54.37 -48.83
CA GLU C 158 -41.77 -53.32 -48.58
C GLU C 158 -42.28 -52.67 -49.88
N LEU C 159 -41.36 -52.44 -50.82
CA LEU C 159 -41.70 -51.95 -52.16
C LEU C 159 -42.59 -52.93 -52.91
N MET C 160 -42.26 -54.21 -52.84
CA MET C 160 -43.03 -55.27 -53.52
C MET C 160 -44.47 -55.37 -53.02
N THR C 161 -44.69 -55.04 -51.75
CA THR C 161 -46.03 -54.91 -51.19
C THR C 161 -46.75 -53.66 -51.75
N ASN C 162 -46.03 -52.55 -51.87
CA ASN C 162 -46.58 -51.30 -52.40
C ASN C 162 -46.99 -51.39 -53.87
N LEU C 163 -46.23 -52.15 -54.67
CA LEU C 163 -46.61 -52.46 -56.06
C LEU C 163 -47.84 -53.37 -56.09
N HIS C 164 -47.83 -54.40 -55.25
CA HIS C 164 -48.96 -55.33 -55.11
C HIS C 164 -50.28 -54.64 -54.75
N THR C 165 -50.20 -53.52 -54.02
CA THR C 165 -51.37 -52.67 -53.73
C THR C 165 -51.92 -52.02 -55.00
N LYS C 166 -51.02 -51.41 -55.79
CA LYS C 166 -51.41 -50.72 -57.03
C LYS C 166 -51.94 -51.66 -58.11
N LEU C 167 -51.24 -52.77 -58.34
CA LEU C 167 -51.58 -53.71 -59.41
C LEU C 167 -52.83 -54.57 -59.17
N GLU C 168 -53.21 -54.77 -57.90
CA GLU C 168 -54.43 -55.55 -57.57
C GLU C 168 -55.73 -54.88 -58.02
N GLY C 169 -55.75 -53.55 -58.03
CA GLY C 169 -56.94 -52.81 -58.43
C GLY C 169 -57.35 -52.93 -59.89
N PHE C 170 -56.42 -53.26 -60.77
CA PHE C 170 -56.64 -53.15 -62.23
C PHE C 170 -57.61 -54.16 -62.84
N HIS C 171 -57.64 -55.39 -62.32
CA HIS C 171 -58.55 -56.42 -62.86
C HIS C 171 -60.03 -56.12 -62.56
N THR C 172 -60.31 -55.66 -61.36
CA THR C 172 -61.65 -55.22 -60.97
C THR C 172 -62.06 -53.93 -61.72
N GLN C 173 -61.09 -53.05 -61.98
CA GLN C 173 -61.33 -51.80 -62.73
C GLN C 173 -61.74 -52.00 -64.20
N ILE C 174 -61.39 -53.14 -64.78
CA ILE C 174 -61.86 -53.50 -66.13
C ILE C 174 -63.34 -53.95 -66.08
N SER C 175 -63.66 -54.82 -65.12
CA SER C 175 -65.04 -55.26 -64.90
C SER C 175 -65.95 -54.13 -64.41
N LYS C 176 -65.39 -53.20 -63.64
CA LYS C 176 -66.10 -52.00 -63.17
C LYS C 176 -66.54 -51.11 -64.33
N TYR C 177 -65.66 -50.91 -65.30
CA TYR C 177 -65.93 -50.06 -66.47
C TYR C 177 -67.20 -50.46 -67.23
N PHE C 178 -67.29 -51.74 -67.56
CA PHE C 178 -68.45 -52.28 -68.30
C PHE C 178 -69.74 -52.26 -67.46
N SER C 179 -69.61 -52.50 -66.16
CA SER C 179 -70.75 -52.42 -65.23
C SER C 179 -71.25 -50.98 -65.09
N GLU C 180 -70.33 -50.04 -64.94
CA GLU C 180 -70.68 -48.61 -64.84
C GLU C 180 -71.22 -48.04 -66.16
N ARG C 181 -70.62 -48.42 -67.29
CA ARG C 181 -71.09 -47.99 -68.61
C ARG C 181 -72.44 -48.60 -68.95
N GLY C 182 -72.64 -49.86 -68.60
CA GLY C 182 -73.91 -50.55 -68.79
C GLY C 182 -75.07 -49.92 -68.03
N ASP C 183 -74.78 -49.44 -66.82
CA ASP C 183 -75.76 -48.68 -66.02
C ASP C 183 -76.07 -47.31 -66.64
N ALA C 184 -75.04 -46.65 -67.19
CA ALA C 184 -75.21 -45.34 -67.84
C ALA C 184 -75.98 -45.42 -69.16
N VAL C 185 -75.67 -46.43 -69.97
CA VAL C 185 -76.37 -46.67 -71.24
C VAL C 185 -77.83 -47.05 -70.99
N ALA C 186 -78.07 -47.88 -69.97
CA ALA C 186 -79.43 -48.25 -69.56
C ALA C 186 -80.23 -47.05 -69.04
N LYS C 187 -79.60 -46.23 -68.21
CA LYS C 187 -80.21 -44.98 -67.70
C LYS C 187 -80.52 -43.97 -68.82
N ALA C 188 -79.63 -43.88 -69.80
CA ALA C 188 -79.85 -43.03 -70.98
C ALA C 188 -81.03 -43.52 -71.82
N ALA C 189 -81.13 -44.84 -71.99
CA ALA C 189 -82.25 -45.46 -72.73
C ALA C 189 -83.56 -45.40 -71.96
N LYS C 190 -83.49 -45.58 -70.63
CA LYS C 190 -84.67 -45.50 -69.76
C LYS C 190 -85.29 -44.10 -69.79
N GLN C 191 -84.45 -43.08 -69.73
CA GLN C 191 -84.87 -41.67 -69.77
C GLN C 191 -84.06 -40.90 -70.82
N PRO C 192 -84.54 -40.89 -72.09
CA PRO C 192 -83.84 -40.16 -73.15
C PRO C 192 -83.86 -38.64 -73.05
N HIS C 193 -84.86 -38.09 -72.34
CA HIS C 193 -84.98 -36.63 -72.14
C HIS C 193 -83.82 -35.99 -71.35
N VAL C 194 -83.12 -36.78 -70.53
CA VAL C 194 -81.96 -36.31 -69.78
C VAL C 194 -80.71 -36.38 -70.66
N GLY C 195 -80.16 -35.22 -71.00
CA GLY C 195 -78.97 -35.13 -71.85
C GLY C 195 -77.67 -35.54 -71.18
N ASP C 196 -77.62 -35.50 -69.85
CA ASP C 196 -76.40 -35.81 -69.10
C ASP C 196 -76.00 -37.29 -69.18
N TYR C 197 -76.99 -38.19 -69.16
CA TYR C 197 -76.74 -39.63 -69.27
C TYR C 197 -76.06 -40.03 -70.59
N ARG C 198 -76.30 -39.27 -71.65
CA ARG C 198 -75.60 -39.47 -72.93
C ARG C 198 -74.14 -39.03 -72.80
N GLN C 199 -73.91 -37.88 -72.20
CA GLN C 199 -72.55 -37.36 -71.96
C GLN C 199 -71.77 -38.24 -70.97
N LEU C 200 -72.47 -38.78 -69.98
CA LEU C 200 -71.89 -39.72 -69.01
C LEU C 200 -71.22 -40.93 -69.69
N VAL C 201 -71.92 -41.51 -70.66
CA VAL C 201 -71.40 -42.68 -71.40
C VAL C 201 -70.16 -42.32 -72.22
N HIS C 202 -70.14 -41.11 -72.79
CA HIS C 202 -68.97 -40.63 -73.53
C HIS C 202 -67.80 -40.27 -72.62
N GLU C 203 -68.11 -39.72 -71.43
CA GLU C 203 -67.07 -39.33 -70.47
C GLU C 203 -66.42 -40.51 -69.74
N LEU C 204 -67.20 -41.58 -69.48
CA LEU C 204 -66.66 -42.83 -68.95
C LEU C 204 -65.68 -43.49 -69.93
N ASP C 205 -65.96 -43.35 -71.23
CA ASP C 205 -65.06 -43.85 -72.29
C ASP C 205 -63.75 -43.05 -72.37
N GLU C 206 -63.86 -41.72 -72.27
CA GLU C 206 -62.67 -40.85 -72.23
C GLU C 206 -61.82 -41.08 -70.98
N ALA C 207 -62.48 -41.32 -69.84
CA ALA C 207 -61.79 -41.61 -68.59
C ALA C 207 -61.12 -43.00 -68.61
N GLU C 208 -61.81 -43.98 -69.17
CA GLU C 208 -61.29 -45.35 -69.28
C GLU C 208 -60.07 -45.43 -70.21
N TYR C 209 -60.09 -44.65 -71.29
CA TYR C 209 -58.93 -44.52 -72.18
C TYR C 209 -57.70 -44.00 -71.43
N GLN C 210 -57.89 -42.96 -70.61
CA GLN C 210 -56.83 -42.39 -69.79
C GLN C 210 -56.36 -43.37 -68.71
N GLU C 211 -57.30 -44.11 -68.13
CA GLU C 211 -57.00 -45.10 -67.10
C GLU C 211 -56.15 -46.24 -67.68
N ILE C 212 -56.51 -46.72 -68.87
CA ILE C 212 -55.75 -47.77 -69.58
C ILE C 212 -54.30 -47.33 -69.85
N ARG C 213 -54.11 -46.07 -70.27
CA ARG C 213 -52.76 -45.55 -70.51
C ARG C 213 -51.95 -45.41 -69.22
N LEU C 214 -52.61 -45.06 -68.11
CA LEU C 214 -51.97 -45.06 -66.79
C LEU C 214 -51.61 -46.47 -66.32
N MET C 215 -52.50 -47.44 -66.56
CA MET C 215 -52.22 -48.85 -66.24
C MET C 215 -50.99 -49.39 -66.96
N VAL C 216 -50.82 -49.04 -68.24
CA VAL C 216 -49.64 -49.45 -69.01
C VAL C 216 -48.37 -48.77 -68.47
N MET C 217 -48.46 -47.47 -68.20
CA MET C 217 -47.35 -46.72 -67.60
C MET C 217 -46.95 -47.28 -66.23
N GLU C 218 -47.94 -47.55 -65.39
CA GLU C 218 -47.70 -48.16 -64.07
C GLU C 218 -47.07 -49.55 -64.17
N ILE C 219 -47.56 -50.36 -65.13
CA ILE C 219 -47.04 -51.70 -65.38
C ILE C 219 -45.61 -51.66 -65.97
N ARG C 220 -45.32 -50.66 -66.79
CA ARG C 220 -43.94 -50.41 -67.27
C ARG C 220 -43.03 -50.01 -66.10
N ASN C 221 -43.49 -49.05 -65.32
CA ASN C 221 -42.72 -48.53 -64.17
C ASN C 221 -42.63 -49.51 -63.00
N ALA C 222 -43.57 -50.46 -62.92
CA ALA C 222 -43.50 -51.55 -61.93
C ALA C 222 -42.34 -52.50 -62.24
N TYR C 223 -42.18 -52.86 -63.50
CA TYR C 223 -41.03 -53.65 -63.96
C TYR C 223 -39.72 -52.90 -63.74
N ALA C 224 -39.66 -51.67 -64.24
CA ALA C 224 -38.43 -50.85 -64.22
C ALA C 224 -37.87 -50.60 -62.83
N VAL C 225 -38.76 -50.32 -61.88
CA VAL C 225 -38.37 -50.08 -60.48
C VAL C 225 -37.91 -51.38 -59.80
N LEU C 226 -38.65 -52.47 -60.01
CA LEU C 226 -38.25 -53.81 -59.53
C LEU C 226 -36.91 -54.24 -60.10
N TYR C 227 -36.78 -54.12 -61.42
CA TYR C 227 -35.56 -54.51 -62.12
C TYR C 227 -34.34 -53.74 -61.62
N ASP C 228 -34.53 -52.45 -61.34
CA ASP C 228 -33.47 -51.59 -60.83
C ASP C 228 -33.10 -51.95 -59.39
N ILE C 229 -34.10 -52.01 -58.52
CA ILE C 229 -33.86 -52.16 -57.08
C ILE C 229 -33.32 -53.54 -56.67
N ILE C 230 -33.68 -54.58 -57.42
CA ILE C 230 -33.16 -55.93 -57.19
C ILE C 230 -31.70 -56.05 -57.61
N LEU C 231 -31.37 -55.57 -58.81
CA LEU C 231 -29.97 -55.59 -59.30
C LEU C 231 -29.01 -54.80 -58.43
N LYS C 232 -29.46 -53.63 -57.98
CA LYS C 232 -28.68 -52.79 -57.07
C LYS C 232 -28.36 -53.48 -55.74
N ASN C 233 -29.34 -54.17 -55.17
CA ASN C 233 -29.20 -54.83 -53.87
C ASN C 233 -29.04 -56.36 -53.95
N PHE C 234 -28.72 -56.89 -55.14
CA PHE C 234 -28.75 -58.35 -55.37
C PHE C 234 -27.80 -59.14 -54.45
N GLU C 235 -26.65 -58.57 -54.14
CA GLU C 235 -25.70 -59.20 -53.21
C GLU C 235 -26.37 -59.51 -51.87
N LYS C 236 -26.92 -58.48 -51.24
CA LYS C 236 -27.57 -58.61 -49.93
C LYS C 236 -28.90 -59.36 -49.95
N LEU C 237 -29.62 -59.33 -51.07
CA LEU C 237 -30.89 -60.07 -51.20
C LEU C 237 -30.68 -61.58 -51.26
N LYS C 238 -29.69 -62.01 -52.02
CA LYS C 238 -29.34 -63.43 -52.15
C LYS C 238 -28.68 -63.94 -50.88
N LYS C 239 -27.59 -63.27 -50.49
CA LYS C 239 -26.79 -63.63 -49.31
C LYS C 239 -26.68 -62.44 -48.35
N PRO C 240 -27.65 -62.28 -47.43
CA PRO C 240 -27.66 -61.13 -46.51
C PRO C 240 -26.58 -61.18 -45.44
N ARG C 241 -26.35 -62.35 -44.87
CA ARG C 241 -25.36 -62.52 -43.79
C ARG C 241 -23.93 -62.57 -44.35
N GLY C 242 -23.76 -63.29 -45.45
CA GLY C 242 -22.44 -63.54 -46.04
C GLY C 242 -22.07 -65.00 -45.90
N GLU C 243 -21.31 -65.50 -46.87
CA GLU C 243 -20.91 -66.92 -46.92
C GLU C 243 -19.50 -67.07 -47.51
N HIS D 7 -25.64 -61.18 -66.21
CA HIS D 7 -25.58 -60.13 -65.14
C HIS D 7 -24.96 -58.79 -65.59
N PRO D 8 -23.77 -58.79 -66.22
CA PRO D 8 -23.21 -57.51 -66.66
C PRO D 8 -23.94 -56.87 -67.86
N GLU D 9 -24.52 -57.69 -68.73
CA GLU D 9 -25.40 -57.20 -69.82
C GLU D 9 -26.66 -56.56 -69.25
N ALA D 10 -27.21 -57.16 -68.19
CA ALA D 10 -28.36 -56.60 -67.47
C ALA D 10 -28.15 -55.15 -67.02
N GLN D 11 -26.89 -54.79 -66.70
CA GLN D 11 -26.51 -53.42 -66.35
C GLN D 11 -26.56 -52.45 -67.55
N ALA D 12 -26.22 -52.94 -68.74
CA ALA D 12 -26.33 -52.15 -69.98
C ALA D 12 -27.79 -51.84 -70.35
N LYS D 13 -28.67 -52.83 -70.22
CA LYS D 13 -30.08 -52.70 -70.60
C LYS D 13 -30.83 -51.78 -69.62
N VAL D 14 -30.55 -51.93 -68.32
CA VAL D 14 -31.16 -51.08 -67.28
C VAL D 14 -30.63 -49.64 -67.29
N ASP D 15 -29.33 -49.47 -67.56
CA ASP D 15 -28.72 -48.13 -67.59
C ASP D 15 -29.16 -47.34 -68.82
N VAL D 16 -29.28 -48.01 -69.98
CA VAL D 16 -29.81 -47.38 -71.19
C VAL D 16 -31.24 -46.85 -70.98
N PHE D 17 -32.07 -47.60 -70.25
CA PHE D 17 -33.41 -47.14 -69.87
C PHE D 17 -33.37 -45.94 -68.91
N ARG D 18 -32.45 -45.98 -67.95
CA ARG D 18 -32.24 -44.86 -67.01
C ARG D 18 -31.74 -43.61 -67.73
N GLU D 19 -30.76 -43.79 -68.63
CA GLU D 19 -30.25 -42.70 -69.46
C GLU D 19 -31.29 -42.15 -70.45
N ASP D 20 -32.18 -43.03 -70.93
CA ASP D 20 -33.32 -42.60 -71.76
C ASP D 20 -34.29 -41.78 -70.91
N LEU D 21 -34.63 -42.29 -69.73
CA LEU D 21 -35.55 -41.60 -68.81
C LEU D 21 -34.95 -40.31 -68.23
N CYS D 22 -33.62 -40.24 -68.13
CA CYS D 22 -32.92 -39.02 -67.72
C CYS D 22 -33.00 -37.96 -68.82
N SER D 23 -32.71 -38.36 -70.07
CA SER D 23 -32.78 -37.47 -71.23
C SER D 23 -34.18 -36.92 -71.48
N LYS D 24 -35.22 -37.72 -71.23
CA LYS D 24 -36.61 -37.25 -71.27
C LYS D 24 -36.87 -36.25 -70.16
N THR D 25 -36.63 -36.69 -68.91
CA THR D 25 -36.99 -35.91 -67.72
C THR D 25 -36.24 -34.58 -67.61
N GLU D 26 -34.93 -34.58 -67.83
CA GLU D 26 -34.11 -33.36 -67.72
C GLU D 26 -34.48 -32.29 -68.76
N ASN D 27 -34.69 -32.73 -70.00
CA ASN D 27 -35.19 -31.86 -71.07
C ASN D 27 -36.61 -31.36 -70.77
N LEU D 28 -37.47 -32.28 -70.37
CA LEU D 28 -38.86 -32.00 -70.01
C LEU D 28 -38.97 -31.03 -68.82
N LEU D 29 -38.21 -31.27 -67.76
CA LEU D 29 -38.28 -30.46 -66.54
C LEU D 29 -37.85 -29.00 -66.78
N GLY D 30 -36.85 -28.81 -67.64
CA GLY D 30 -36.37 -27.48 -68.00
C GLY D 30 -37.29 -26.69 -68.92
N SER D 31 -37.85 -27.35 -69.93
CA SER D 31 -38.67 -26.69 -70.95
C SER D 31 -40.18 -26.73 -70.69
N TYR D 32 -40.67 -27.91 -70.28
CA TYR D 32 -42.13 -28.18 -70.20
C TYR D 32 -42.80 -27.54 -68.98
N PHE D 33 -42.11 -27.56 -67.84
CA PHE D 33 -42.70 -27.10 -66.57
C PHE D 33 -42.88 -25.57 -66.50
N PRO D 34 -41.84 -24.79 -66.88
CA PRO D 34 -42.04 -23.35 -67.06
C PRO D 34 -43.11 -22.96 -68.09
N LYS D 35 -43.21 -23.73 -69.17
CA LYS D 35 -44.22 -23.52 -70.21
C LYS D 35 -45.63 -23.73 -69.65
N LYS D 36 -45.84 -24.85 -68.96
CA LYS D 36 -47.15 -25.20 -68.39
C LYS D 36 -47.64 -24.25 -67.30
N ILE D 37 -46.72 -23.71 -66.49
CA ILE D 37 -47.09 -22.79 -65.41
C ILE D 37 -47.56 -21.44 -65.97
N SER D 38 -46.88 -20.95 -67.01
CA SER D 38 -47.30 -19.72 -67.70
C SER D 38 -48.61 -19.91 -68.47
N GLU D 39 -48.81 -21.08 -69.06
CA GLU D 39 -50.04 -21.40 -69.80
C GLU D 39 -51.28 -21.46 -68.89
N LEU D 40 -51.16 -22.16 -67.76
CA LEU D 40 -52.27 -22.27 -66.80
C LEU D 40 -52.52 -20.99 -66.01
N ASP D 41 -51.46 -20.24 -65.71
CA ASP D 41 -51.60 -18.94 -65.03
C ASP D 41 -52.32 -17.91 -65.93
N ALA D 42 -52.06 -17.99 -67.24
CA ALA D 42 -52.79 -17.18 -68.22
C ALA D 42 -54.26 -17.62 -68.38
N PHE D 43 -54.48 -18.94 -68.37
CA PHE D 43 -55.82 -19.54 -68.49
C PHE D 43 -56.78 -19.10 -67.37
N LEU D 44 -56.25 -18.91 -66.17
CA LEU D 44 -57.04 -18.39 -65.04
C LEU D 44 -57.48 -16.94 -65.25
N LYS D 45 -56.60 -16.12 -65.82
CA LYS D 45 -56.88 -14.70 -66.08
C LYS D 45 -57.85 -14.43 -67.24
N GLU D 46 -58.19 -15.44 -68.03
CA GLU D 46 -59.14 -15.29 -69.13
C GLU D 46 -60.56 -14.97 -68.63
N PRO D 47 -61.39 -14.32 -69.47
CA PRO D 47 -62.79 -14.07 -69.06
C PRO D 47 -63.68 -15.32 -69.03
N ALA D 48 -63.22 -16.45 -69.60
CA ALA D 48 -63.94 -17.72 -69.50
C ALA D 48 -64.03 -18.24 -68.07
N LEU D 49 -62.91 -18.18 -67.34
CA LEU D 49 -62.85 -18.62 -65.94
C LEU D 49 -63.13 -17.52 -64.90
N ASN D 50 -63.34 -16.29 -65.35
CA ASN D 50 -63.71 -15.16 -64.47
C ASN D 50 -64.99 -14.49 -64.96
N GLU D 51 -66.08 -14.71 -64.22
CA GLU D 51 -67.36 -14.02 -64.49
C GLU D 51 -67.77 -13.16 -63.30
N ALA D 52 -68.37 -12.01 -63.59
CA ALA D 52 -68.82 -11.06 -62.57
C ALA D 52 -69.96 -11.64 -61.72
N ASN D 53 -70.88 -12.35 -62.37
CA ASN D 53 -71.99 -13.02 -61.70
C ASN D 53 -72.08 -14.48 -62.15
N LEU D 54 -72.25 -15.38 -61.19
CA LEU D 54 -72.35 -16.82 -61.46
C LEU D 54 -73.68 -17.22 -62.13
N SER D 55 -74.69 -16.35 -62.06
CA SER D 55 -76.00 -16.56 -62.69
C SER D 55 -75.97 -16.69 -64.22
N ASN D 56 -74.94 -16.16 -64.89
CA ASN D 56 -74.82 -16.25 -66.35
C ASN D 56 -74.52 -17.67 -66.86
N LEU D 57 -73.94 -18.52 -66.00
CA LEU D 57 -73.77 -19.95 -66.31
C LEU D 57 -75.10 -20.69 -66.44
N LYS D 58 -76.04 -20.37 -65.54
CA LYS D 58 -77.38 -21.00 -65.46
C LYS D 58 -77.92 -21.48 -66.82
N ALA D 59 -77.87 -22.79 -67.03
CA ALA D 59 -78.31 -23.40 -68.30
C ALA D 59 -79.84 -23.41 -68.38
N PRO D 60 -80.41 -23.32 -69.60
CA PRO D 60 -81.87 -23.43 -69.73
C PRO D 60 -82.41 -24.81 -69.32
N LEU D 61 -83.15 -24.85 -68.20
CA LEU D 61 -83.75 -26.07 -67.68
C LEU D 61 -85.25 -26.07 -68.02
N ASP D 62 -85.59 -26.71 -69.13
CA ASP D 62 -86.97 -26.70 -69.67
C ASP D 62 -87.76 -27.94 -69.23
N ILE D 63 -88.54 -27.78 -68.16
CA ILE D 63 -89.44 -28.83 -67.65
C ILE D 63 -90.84 -28.21 -67.51
N PRO D 64 -91.90 -28.91 -67.96
CA PRO D 64 -93.25 -28.34 -67.80
C PRO D 64 -93.74 -28.39 -66.35
N VAL D 65 -93.73 -27.23 -65.68
CA VAL D 65 -94.26 -27.11 -64.32
C VAL D 65 -95.80 -27.16 -64.33
N PRO D 66 -96.42 -28.11 -63.60
CA PRO D 66 -97.88 -28.18 -63.54
C PRO D 66 -98.48 -27.23 -62.51
N CYS D 101 -92.17 -34.74 -71.27
CA CYS D 101 -91.21 -33.66 -71.04
C CYS D 101 -90.15 -33.62 -72.13
N GLY D 102 -89.73 -32.41 -72.50
CA GLY D 102 -88.75 -32.20 -73.57
C GLY D 102 -87.31 -32.50 -73.15
N PRO D 103 -86.37 -32.45 -74.12
CA PRO D 103 -84.97 -32.78 -73.86
C PRO D 103 -84.20 -31.66 -73.13
N VAL D 104 -83.55 -32.01 -72.02
CA VAL D 104 -82.72 -31.08 -71.24
C VAL D 104 -81.25 -31.30 -71.61
N ASN D 105 -80.60 -30.27 -72.13
CA ASN D 105 -79.19 -30.34 -72.51
C ASN D 105 -78.27 -30.08 -71.32
N CYS D 106 -77.02 -30.47 -71.46
CA CYS D 106 -75.97 -30.19 -70.47
C CYS D 106 -75.60 -28.71 -70.52
N ASN D 107 -74.94 -28.23 -69.48
CA ASN D 107 -74.47 -26.85 -69.41
C ASN D 107 -73.31 -26.69 -70.39
N GLU D 108 -73.56 -25.95 -71.48
CA GLU D 108 -72.56 -25.75 -72.54
C GLU D 108 -71.32 -24.99 -72.06
N LYS D 109 -71.50 -24.01 -71.18
CA LYS D 109 -70.39 -23.21 -70.64
C LYS D 109 -69.44 -24.01 -69.74
N ILE D 110 -69.93 -25.07 -69.11
CA ILE D 110 -69.10 -26.00 -68.33
C ILE D 110 -68.40 -27.01 -69.25
N VAL D 111 -69.14 -27.56 -70.22
CA VAL D 111 -68.61 -28.60 -71.12
C VAL D 111 -67.39 -28.11 -71.89
N VAL D 112 -67.46 -26.90 -72.45
CA VAL D 112 -66.31 -26.30 -73.15
C VAL D 112 -65.07 -26.11 -72.26
N LEU D 113 -65.29 -25.82 -70.97
CA LEU D 113 -64.19 -25.75 -70.00
C LEU D 113 -63.63 -27.14 -69.66
N LEU D 114 -64.51 -28.14 -69.60
CA LEU D 114 -64.09 -29.54 -69.40
C LEU D 114 -63.27 -30.09 -70.59
N GLN D 115 -63.57 -29.61 -71.80
CA GLN D 115 -62.78 -29.95 -72.99
C GLN D 115 -61.34 -29.39 -72.92
N ARG D 116 -61.17 -28.24 -72.27
CA ARG D 116 -59.85 -27.65 -72.03
C ARG D 116 -59.15 -28.20 -70.78
N LEU D 117 -59.92 -28.63 -69.78
CA LEU D 117 -59.36 -29.18 -68.53
C LEU D 117 -58.86 -30.62 -68.67
N LYS D 118 -59.61 -31.46 -69.37
CA LYS D 118 -59.27 -32.90 -69.54
C LYS D 118 -57.86 -33.20 -70.10
N PRO D 119 -57.42 -32.48 -71.15
CA PRO D 119 -56.04 -32.65 -71.61
C PRO D 119 -54.97 -32.16 -70.61
N GLU D 120 -55.32 -31.19 -69.77
CA GLU D 120 -54.41 -30.69 -68.74
C GLU D 120 -54.24 -31.67 -67.57
N ILE D 121 -55.31 -32.38 -67.20
CA ILE D 121 -55.25 -33.44 -66.17
C ILE D 121 -54.47 -34.65 -66.69
N LYS D 122 -54.72 -35.02 -67.94
CA LYS D 122 -53.97 -36.10 -68.62
C LYS D 122 -52.45 -35.86 -68.57
N ASP D 123 -52.02 -34.66 -68.93
CA ASP D 123 -50.58 -34.33 -69.00
C ASP D 123 -49.91 -34.36 -67.63
N VAL D 124 -50.42 -33.57 -66.69
CA VAL D 124 -49.83 -33.46 -65.35
C VAL D 124 -49.73 -34.80 -64.61
N THR D 125 -50.73 -35.67 -64.77
CA THR D 125 -50.70 -37.01 -64.17
C THR D 125 -49.65 -37.89 -64.82
N GLU D 126 -49.45 -37.74 -66.14
CA GLU D 126 -48.39 -38.48 -66.85
C GLU D 126 -46.98 -37.99 -66.49
N GLN D 127 -46.78 -36.68 -66.43
CA GLN D 127 -45.45 -36.11 -66.11
C GLN D 127 -45.08 -36.32 -64.64
N LEU D 128 -46.06 -36.23 -63.74
CA LEU D 128 -45.83 -36.56 -62.32
C LEU D 128 -45.46 -38.02 -62.14
N ASN D 129 -46.23 -38.90 -62.78
CA ASN D 129 -45.94 -40.35 -62.80
C ASN D 129 -44.57 -40.67 -63.39
N LEU D 130 -44.17 -39.91 -64.42
CA LEU D 130 -42.84 -40.03 -65.03
C LEU D 130 -41.73 -39.59 -64.08
N VAL D 131 -41.92 -38.42 -63.45
CA VAL D 131 -40.93 -37.86 -62.52
C VAL D 131 -40.78 -38.71 -61.24
N THR D 132 -41.90 -39.28 -60.77
CA THR D 132 -41.89 -40.23 -59.66
C THR D 132 -40.93 -41.39 -59.94
N THR D 133 -41.07 -41.99 -61.12
CA THR D 133 -40.23 -43.11 -61.54
C THR D 133 -38.76 -42.71 -61.74
N TRP D 134 -38.51 -41.48 -62.22
CA TRP D 134 -37.14 -40.95 -62.34
C TRP D 134 -36.45 -40.88 -60.98
N LEU D 135 -37.17 -40.43 -59.96
CA LEU D 135 -36.64 -40.37 -58.60
C LEU D 135 -36.42 -41.75 -57.97
N GLN D 136 -37.28 -42.72 -58.30
CA GLN D 136 -37.13 -44.09 -57.80
C GLN D 136 -35.89 -44.81 -58.35
N LEU D 137 -35.57 -44.58 -59.62
CA LEU D 137 -34.37 -45.15 -60.24
C LEU D 137 -33.07 -44.45 -59.81
N GLN D 138 -33.18 -43.22 -59.32
CA GLN D 138 -32.02 -42.49 -58.75
C GLN D 138 -31.65 -42.95 -57.33
N ILE D 139 -32.53 -43.67 -56.64
CA ILE D 139 -32.25 -44.19 -55.30
C ILE D 139 -31.07 -45.17 -55.39
N PRO D 140 -29.99 -44.91 -54.61
CA PRO D 140 -28.80 -45.76 -54.68
C PRO D 140 -28.97 -47.10 -53.95
N ARG D 141 -27.89 -47.88 -53.89
CA ARG D 141 -27.88 -49.16 -53.18
C ARG D 141 -28.06 -48.91 -51.69
N ILE D 142 -28.88 -49.72 -51.03
CA ILE D 142 -29.23 -49.51 -49.61
C ILE D 142 -28.03 -49.90 -48.76
N GLU D 143 -27.43 -48.92 -48.09
CA GLU D 143 -26.24 -49.14 -47.26
C GLU D 143 -26.43 -48.67 -45.82
N ASP D 144 -25.62 -49.24 -44.93
CA ASP D 144 -25.75 -49.09 -43.47
C ASP D 144 -25.70 -47.64 -43.01
N GLY D 145 -26.41 -47.32 -41.93
CA GLY D 145 -26.38 -45.98 -41.33
C GLY D 145 -27.27 -44.97 -42.01
N ASN D 146 -27.35 -43.78 -41.41
CA ASN D 146 -28.23 -42.71 -41.86
C ASN D 146 -27.52 -41.82 -42.90
N ASN D 147 -27.43 -42.32 -44.13
CA ASN D 147 -26.88 -41.53 -45.25
C ASN D 147 -27.89 -40.46 -45.71
N PHE D 148 -27.45 -39.21 -45.71
CA PHE D 148 -28.35 -38.06 -45.89
C PHE D 148 -28.89 -37.90 -47.31
N GLY D 149 -28.06 -38.17 -48.32
CA GLY D 149 -28.46 -38.09 -49.72
C GLY D 149 -29.72 -38.90 -50.06
N VAL D 150 -29.90 -40.04 -49.40
CA VAL D 150 -31.10 -40.86 -49.55
C VAL D 150 -32.30 -40.18 -48.87
N ALA D 151 -32.09 -39.62 -47.68
CA ALA D 151 -33.14 -38.90 -46.93
C ALA D 151 -33.72 -37.70 -47.68
N VAL D 152 -32.90 -37.05 -48.51
CA VAL D 152 -33.36 -35.97 -49.39
C VAL D 152 -34.33 -36.52 -50.44
N GLN D 153 -33.97 -37.66 -51.04
CA GLN D 153 -34.82 -38.30 -52.06
C GLN D 153 -36.17 -38.73 -51.49
N GLU D 154 -36.17 -39.25 -50.27
CA GLU D 154 -37.41 -39.68 -49.60
C GLU D 154 -38.30 -38.50 -49.19
N LYS D 155 -37.69 -37.39 -48.80
CA LYS D 155 -38.41 -36.14 -48.50
C LYS D 155 -39.12 -35.59 -49.76
N VAL D 156 -38.42 -35.61 -50.89
CA VAL D 156 -38.99 -35.19 -52.19
C VAL D 156 -40.02 -36.22 -52.70
N PHE D 157 -39.76 -37.50 -52.46
CA PHE D 157 -40.69 -38.57 -52.84
C PHE D 157 -42.02 -38.52 -52.06
N GLU D 158 -41.96 -38.12 -50.79
CA GLU D 158 -43.17 -37.92 -49.97
C GLU D 158 -44.10 -36.84 -50.55
N LEU D 159 -43.52 -35.77 -51.09
CA LEU D 159 -44.28 -34.72 -51.77
C LEU D 159 -44.96 -35.22 -53.04
N MET D 160 -44.24 -35.99 -53.84
CA MET D 160 -44.78 -36.59 -55.07
C MET D 160 -45.96 -37.54 -54.80
N THR D 161 -45.88 -38.27 -53.69
CA THR D 161 -46.99 -39.12 -53.23
C THR D 161 -48.20 -38.29 -52.77
N ASN D 162 -47.93 -37.16 -52.11
CA ASN D 162 -48.99 -36.23 -51.66
C ASN D 162 -49.70 -35.54 -52.83
N LEU D 163 -48.94 -35.17 -53.87
CA LEU D 163 -49.52 -34.63 -55.11
C LEU D 163 -50.32 -35.70 -55.86
N HIS D 164 -49.81 -36.94 -55.86
CA HIS D 164 -50.51 -38.09 -56.47
C HIS D 164 -51.90 -38.33 -55.86
N THR D 165 -52.05 -38.04 -54.57
CA THR D 165 -53.34 -38.16 -53.88
C THR D 165 -54.36 -37.14 -54.37
N LYS D 166 -53.94 -35.89 -54.52
CA LYS D 166 -54.81 -34.81 -55.01
C LYS D 166 -55.21 -35.00 -56.47
N LEU D 167 -54.24 -35.29 -57.33
CA LEU D 167 -54.48 -35.36 -58.77
C LEU D 167 -55.22 -36.62 -59.27
N GLU D 168 -55.24 -37.69 -58.47
CA GLU D 168 -56.05 -38.88 -58.81
C GLU D 168 -57.55 -38.63 -58.66
N GLY D 169 -57.93 -37.88 -57.63
CA GLY D 169 -59.33 -37.49 -57.38
C GLY D 169 -59.96 -36.63 -58.46
N PHE D 170 -59.15 -35.90 -59.21
CA PHE D 170 -59.63 -35.05 -60.31
C PHE D 170 -60.23 -35.83 -61.48
N HIS D 171 -59.73 -37.04 -61.73
CA HIS D 171 -60.08 -37.77 -62.95
C HIS D 171 -61.52 -38.30 -62.92
N THR D 172 -61.89 -38.94 -61.82
CA THR D 172 -63.21 -39.54 -61.65
C THR D 172 -64.33 -38.56 -61.26
N GLN D 173 -63.98 -37.33 -60.87
CA GLN D 173 -64.99 -36.34 -60.46
C GLN D 173 -65.79 -35.77 -61.66
N ILE D 174 -65.17 -35.76 -62.84
CA ILE D 174 -65.86 -35.31 -64.07
C ILE D 174 -66.98 -36.28 -64.44
N SER D 175 -66.71 -37.59 -64.36
CA SER D 175 -67.73 -38.62 -64.53
C SER D 175 -68.79 -38.58 -63.42
N LYS D 176 -68.35 -38.25 -62.20
CA LYS D 176 -69.25 -38.06 -61.05
C LYS D 176 -70.18 -36.85 -61.21
N TYR D 177 -69.68 -35.78 -61.82
CA TYR D 177 -70.48 -34.55 -62.07
C TYR D 177 -71.66 -34.82 -62.98
N PHE D 178 -71.41 -35.41 -64.14
CA PHE D 178 -72.46 -35.74 -65.11
C PHE D 178 -73.44 -36.80 -64.58
N SER D 179 -72.93 -37.72 -63.75
CA SER D 179 -73.78 -38.72 -63.09
C SER D 179 -74.74 -38.08 -62.10
N GLU D 180 -74.22 -37.20 -61.23
CA GLU D 180 -75.04 -36.50 -60.24
C GLU D 180 -76.02 -35.50 -60.85
N ARG D 181 -75.59 -34.81 -61.92
CA ARG D 181 -76.46 -33.89 -62.65
C ARG D 181 -77.54 -34.64 -63.43
N GLY D 182 -77.16 -35.78 -64.02
CA GLY D 182 -78.11 -36.66 -64.70
C GLY D 182 -79.16 -37.23 -63.78
N ASP D 183 -78.77 -37.56 -62.55
CA ASP D 183 -79.72 -37.98 -61.51
C ASP D 183 -80.63 -36.83 -61.08
N ALA D 184 -80.07 -35.63 -60.97
CA ALA D 184 -80.84 -34.44 -60.58
C ALA D 184 -81.86 -34.00 -61.63
N VAL D 185 -81.44 -33.97 -62.90
CA VAL D 185 -82.33 -33.58 -64.02
C VAL D 185 -83.45 -34.62 -64.20
N ALA D 186 -83.10 -35.89 -64.09
CA ALA D 186 -84.09 -36.99 -64.15
C ALA D 186 -85.11 -36.88 -63.02
N LYS D 187 -84.61 -36.73 -61.79
CA LYS D 187 -85.46 -36.58 -60.60
C LYS D 187 -86.34 -35.32 -60.63
N ALA D 188 -85.81 -34.22 -61.19
CA ALA D 188 -86.56 -32.98 -61.35
C ALA D 188 -87.74 -33.15 -62.31
N ALA D 189 -87.48 -33.81 -63.45
CA ALA D 189 -88.53 -34.13 -64.43
C ALA D 189 -89.51 -35.19 -63.91
N LYS D 190 -89.00 -36.17 -63.16
CA LYS D 190 -89.82 -37.23 -62.53
C LYS D 190 -90.89 -36.64 -61.61
N GLN D 191 -90.50 -35.67 -60.79
CA GLN D 191 -91.38 -34.96 -59.86
C GLN D 191 -91.19 -33.45 -60.03
N PRO D 192 -91.88 -32.84 -61.02
CA PRO D 192 -91.76 -31.39 -61.27
C PRO D 192 -92.31 -30.47 -60.17
N HIS D 193 -93.24 -30.99 -59.35
CA HIS D 193 -93.82 -30.24 -58.24
C HIS D 193 -92.85 -29.82 -57.12
N VAL D 194 -91.65 -30.41 -57.07
CA VAL D 194 -90.64 -30.03 -56.08
C VAL D 194 -89.66 -29.03 -56.72
N GLY D 195 -89.52 -27.86 -56.10
CA GLY D 195 -88.65 -26.79 -56.60
C GLY D 195 -87.17 -26.98 -56.32
N ASP D 196 -86.85 -27.72 -55.26
CA ASP D 196 -85.46 -27.97 -54.85
C ASP D 196 -84.61 -28.68 -55.89
N TYR D 197 -85.23 -29.58 -56.67
CA TYR D 197 -84.53 -30.33 -57.72
C TYR D 197 -84.17 -29.42 -58.88
N ARG D 198 -85.06 -28.46 -59.16
CA ARG D 198 -84.81 -27.39 -60.13
C ARG D 198 -83.61 -26.55 -59.70
N GLN D 199 -83.57 -26.22 -58.41
CA GLN D 199 -82.46 -25.45 -57.83
C GLN D 199 -81.16 -26.26 -57.73
N LEU D 200 -81.28 -27.57 -57.48
CA LEU D 200 -80.13 -28.48 -57.36
C LEU D 200 -79.28 -28.50 -58.62
N VAL D 201 -79.93 -28.65 -59.78
CA VAL D 201 -79.24 -28.74 -61.08
C VAL D 201 -78.43 -27.46 -61.36
N HIS D 202 -78.98 -26.30 -61.02
CA HIS D 202 -78.26 -25.04 -61.16
C HIS D 202 -77.09 -24.95 -60.18
N GLU D 203 -77.28 -25.45 -58.96
CA GLU D 203 -76.23 -25.46 -57.94
C GLU D 203 -75.05 -26.39 -58.25
N LEU D 204 -75.32 -27.55 -58.86
CA LEU D 204 -74.26 -28.45 -59.31
C LEU D 204 -73.39 -27.80 -60.38
N ASP D 205 -74.02 -27.05 -61.29
CA ASP D 205 -73.31 -26.30 -62.33
C ASP D 205 -72.42 -25.20 -61.74
N GLU D 206 -73.01 -24.39 -60.86
CA GLU D 206 -72.29 -23.28 -60.21
C GLU D 206 -71.17 -23.77 -59.28
N ALA D 207 -71.34 -24.95 -58.69
CA ALA D 207 -70.30 -25.60 -57.90
C ALA D 207 -69.21 -26.22 -58.79
N GLU D 208 -69.60 -26.80 -59.92
CA GLU D 208 -68.66 -27.40 -60.88
C GLU D 208 -67.74 -26.35 -61.51
N TYR D 209 -68.27 -25.16 -61.79
CA TYR D 209 -67.49 -24.01 -62.23
C TYR D 209 -66.39 -23.65 -61.22
N GLN D 210 -66.74 -23.71 -59.93
CA GLN D 210 -65.76 -23.50 -58.85
C GLN D 210 -64.73 -24.64 -58.74
N GLU D 211 -65.19 -25.87 -58.95
CA GLU D 211 -64.31 -27.05 -58.90
C GLU D 211 -63.31 -27.07 -60.06
N ILE D 212 -63.77 -26.71 -61.26
CA ILE D 212 -62.90 -26.60 -62.44
C ILE D 212 -61.87 -25.48 -62.26
N ARG D 213 -62.27 -24.38 -61.62
CA ARG D 213 -61.36 -23.27 -61.35
C ARG D 213 -60.25 -23.64 -60.35
N LEU D 214 -60.58 -24.47 -59.35
CA LEU D 214 -59.58 -24.97 -58.41
C LEU D 214 -58.63 -25.99 -59.05
N MET D 215 -59.17 -26.89 -59.86
CA MET D 215 -58.37 -27.92 -60.55
C MET D 215 -57.30 -27.33 -61.48
N VAL D 216 -57.58 -26.19 -62.10
CA VAL D 216 -56.58 -25.46 -62.90
C VAL D 216 -55.50 -24.87 -61.99
N MET D 217 -55.92 -24.25 -60.87
CA MET D 217 -54.98 -23.70 -59.89
C MET D 217 -54.10 -24.79 -59.27
N GLU D 218 -54.72 -25.91 -58.89
CA GLU D 218 -54.00 -27.04 -58.27
C GLU D 218 -52.95 -27.65 -59.21
N ILE D 219 -53.30 -27.80 -60.49
CA ILE D 219 -52.39 -28.34 -61.49
C ILE D 219 -51.27 -27.35 -61.83
N ARG D 220 -51.59 -26.05 -61.83
CA ARG D 220 -50.56 -24.99 -61.94
C ARG D 220 -49.60 -25.04 -60.76
N ASN D 221 -50.14 -25.19 -59.55
CA ASN D 221 -49.33 -25.27 -58.33
C ASN D 221 -48.55 -26.58 -58.22
N ALA D 222 -49.08 -27.66 -58.80
CA ALA D 222 -48.38 -28.96 -58.83
C ALA D 222 -47.10 -28.90 -59.66
N TYR D 223 -47.15 -28.23 -60.82
CA TYR D 223 -45.96 -28.00 -61.65
C TYR D 223 -44.95 -27.08 -60.95
N ALA D 224 -45.46 -26.00 -60.38
CA ALA D 224 -44.62 -24.98 -59.72
C ALA D 224 -43.87 -25.53 -58.51
N VAL D 225 -44.56 -26.34 -57.71
CA VAL D 225 -43.97 -26.95 -56.51
C VAL D 225 -42.94 -28.02 -56.87
N LEU D 226 -43.25 -28.88 -57.85
CA LEU D 226 -42.29 -29.90 -58.34
C LEU D 226 -41.04 -29.28 -58.97
N TYR D 227 -41.23 -28.26 -59.80
CA TYR D 227 -40.12 -27.53 -60.41
C TYR D 227 -39.21 -26.91 -59.35
N ASP D 228 -39.82 -26.30 -58.34
CA ASP D 228 -39.07 -25.61 -57.29
C ASP D 228 -38.23 -26.58 -56.46
N ILE D 229 -38.87 -27.65 -55.96
CA ILE D 229 -38.20 -28.59 -55.07
C ILE D 229 -37.13 -29.46 -55.77
N ILE D 230 -37.37 -29.84 -57.03
CA ILE D 230 -36.38 -30.62 -57.80
C ILE D 230 -35.19 -29.75 -58.20
N LEU D 231 -35.45 -28.53 -58.68
CA LEU D 231 -34.40 -27.58 -59.09
C LEU D 231 -33.44 -27.25 -57.95
N LYS D 232 -34.00 -26.98 -56.77
CA LYS D 232 -33.21 -26.68 -55.58
C LYS D 232 -32.37 -27.89 -55.14
N ASN D 233 -33.02 -29.05 -55.03
CA ASN D 233 -32.38 -30.27 -54.51
C ASN D 233 -31.70 -31.17 -55.57
N PHE D 234 -31.51 -30.66 -56.79
CA PHE D 234 -31.04 -31.49 -57.92
C PHE D 234 -29.66 -32.11 -57.70
N GLU D 235 -28.79 -31.41 -56.98
CA GLU D 235 -27.46 -31.94 -56.62
C GLU D 235 -27.55 -33.26 -55.85
N LYS D 236 -28.38 -33.27 -54.80
CA LYS D 236 -28.54 -34.46 -53.95
C LYS D 236 -29.44 -35.55 -54.56
N LEU D 237 -30.44 -35.15 -55.36
CA LEU D 237 -31.37 -36.11 -55.98
C LEU D 237 -30.70 -36.98 -57.03
N LYS D 238 -29.94 -36.36 -57.93
CA LYS D 238 -29.22 -37.07 -58.99
C LYS D 238 -28.03 -37.86 -58.42
N LYS D 239 -27.18 -37.17 -57.65
CA LYS D 239 -25.97 -37.75 -57.07
C LYS D 239 -26.00 -37.60 -55.54
N PRO D 240 -26.60 -38.58 -54.83
CA PRO D 240 -26.71 -38.50 -53.36
C PRO D 240 -25.42 -38.76 -52.61
N ARG D 241 -24.63 -39.75 -53.05
CA ARG D 241 -23.37 -40.10 -52.41
C ARG D 241 -22.24 -39.15 -52.85
N GLY D 242 -22.22 -38.80 -54.14
CA GLY D 242 -21.29 -37.81 -54.70
C GLY D 242 -20.08 -38.36 -55.43
N GLU D 243 -20.24 -39.53 -56.08
CA GLU D 243 -19.24 -40.08 -56.99
C GLU D 243 -19.93 -40.61 -58.25
N THR E 3 -25.39 -31.04 -62.39
CA THR E 3 -26.54 -30.13 -62.05
C THR E 3 -27.40 -29.87 -63.29
N LEU E 4 -28.69 -29.60 -63.06
CA LEU E 4 -29.65 -29.37 -64.15
C LEU E 4 -29.39 -28.04 -64.85
N ARG E 5 -29.58 -28.05 -66.17
CA ARG E 5 -29.55 -26.84 -66.99
C ARG E 5 -30.95 -26.54 -67.53
N VAL E 6 -31.39 -25.32 -67.33
CA VAL E 6 -32.70 -24.84 -67.79
C VAL E 6 -32.46 -23.61 -68.67
N HIS E 7 -33.31 -23.43 -69.69
CA HIS E 7 -33.16 -22.32 -70.64
C HIS E 7 -33.34 -20.97 -69.92
N PRO E 8 -32.53 -19.95 -70.30
CA PRO E 8 -32.60 -18.66 -69.60
C PRO E 8 -33.93 -17.91 -69.75
N GLU E 9 -34.62 -18.11 -70.87
CA GLU E 9 -35.96 -17.56 -71.09
C GLU E 9 -37.05 -18.38 -70.39
N ALA E 10 -36.87 -19.70 -70.34
CA ALA E 10 -37.75 -20.58 -69.57
C ALA E 10 -37.59 -20.34 -68.06
N GLN E 11 -36.35 -20.17 -67.61
CA GLN E 11 -36.05 -19.82 -66.21
C GLN E 11 -36.60 -18.43 -65.84
N ALA E 12 -36.56 -17.49 -66.79
CA ALA E 12 -37.15 -16.16 -66.61
C ALA E 12 -38.68 -16.20 -66.48
N LYS E 13 -39.31 -17.19 -67.13
CA LYS E 13 -40.76 -17.40 -67.03
C LYS E 13 -41.20 -17.80 -65.61
N VAL E 14 -40.40 -18.63 -64.94
CA VAL E 14 -40.74 -19.15 -63.61
C VAL E 14 -40.50 -18.09 -62.52
N ASP E 15 -39.38 -17.37 -62.61
CA ASP E 15 -39.07 -16.28 -61.66
C ASP E 15 -40.13 -15.17 -61.65
N VAL E 16 -40.74 -14.92 -62.81
CA VAL E 16 -41.86 -13.97 -62.90
C VAL E 16 -43.09 -14.48 -62.14
N PHE E 17 -43.38 -15.78 -62.23
CA PHE E 17 -44.47 -16.41 -61.46
C PHE E 17 -44.22 -16.35 -59.94
N ARG E 18 -42.97 -16.55 -59.52
CA ARG E 18 -42.56 -16.37 -58.11
C ARG E 18 -42.80 -14.93 -57.67
N GLU E 19 -42.36 -13.98 -58.49
CA GLU E 19 -42.58 -12.55 -58.23
C GLU E 19 -44.06 -12.15 -58.26
N ASP E 20 -44.84 -12.79 -59.14
CA ASP E 20 -46.31 -12.60 -59.18
C ASP E 20 -46.97 -13.07 -57.88
N LEU E 21 -46.51 -14.21 -57.36
CA LEU E 21 -47.10 -14.80 -56.15
C LEU E 21 -46.69 -14.03 -54.89
N CYS E 22 -45.43 -13.61 -54.81
CA CYS E 22 -44.94 -12.79 -53.70
C CYS E 22 -45.55 -11.38 -53.70
N SER E 23 -45.70 -10.80 -54.89
CA SER E 23 -46.35 -9.50 -55.05
C SER E 23 -47.85 -9.57 -54.74
N LYS E 24 -48.50 -10.65 -55.14
CA LYS E 24 -49.89 -10.91 -54.75
C LYS E 24 -49.99 -11.10 -53.25
N THR E 25 -49.32 -12.12 -52.72
CA THR E 25 -49.34 -12.44 -51.28
C THR E 25 -49.09 -11.23 -50.37
N GLU E 26 -48.15 -10.37 -50.77
CA GLU E 26 -47.81 -9.17 -49.97
C GLU E 26 -48.97 -8.16 -49.89
N ASN E 27 -49.55 -7.83 -51.04
CA ASN E 27 -50.73 -6.96 -51.12
C ASN E 27 -51.97 -7.66 -50.57
N LEU E 28 -52.13 -8.93 -50.94
CA LEU E 28 -53.23 -9.79 -50.48
C LEU E 28 -53.30 -9.91 -48.96
N LEU E 29 -52.17 -10.25 -48.33
CA LEU E 29 -52.11 -10.44 -46.87
C LEU E 29 -52.42 -9.15 -46.10
N GLY E 30 -51.85 -8.03 -46.56
CA GLY E 30 -52.04 -6.74 -45.89
C GLY E 30 -53.40 -6.11 -46.08
N SER E 31 -53.91 -6.11 -47.30
CA SER E 31 -55.14 -5.40 -47.66
C SER E 31 -56.40 -6.27 -47.59
N TYR E 32 -56.34 -7.46 -48.19
CA TYR E 32 -57.52 -8.31 -48.39
C TYR E 32 -58.02 -8.97 -47.11
N PHE E 33 -57.10 -9.55 -46.34
CA PHE E 33 -57.45 -10.34 -45.14
C PHE E 33 -58.11 -9.52 -44.03
N PRO E 34 -57.50 -8.38 -43.60
CA PRO E 34 -58.19 -7.55 -42.60
C PRO E 34 -59.50 -6.92 -43.07
N LYS E 35 -59.60 -6.62 -44.37
CA LYS E 35 -60.85 -6.15 -44.99
C LYS E 35 -61.92 -7.24 -44.93
N LYS E 36 -61.56 -8.46 -45.34
CA LYS E 36 -62.47 -9.60 -45.31
C LYS E 36 -62.95 -9.95 -43.89
N ILE E 37 -62.05 -9.85 -42.90
CA ILE E 37 -62.41 -10.16 -41.51
C ILE E 37 -63.45 -9.16 -40.97
N SER E 38 -63.24 -7.87 -41.25
CA SER E 38 -64.19 -6.82 -40.85
C SER E 38 -65.51 -6.88 -41.63
N GLU E 39 -65.45 -7.30 -42.90
CA GLU E 39 -66.64 -7.50 -43.72
C GLU E 39 -67.49 -8.68 -43.24
N LEU E 40 -66.83 -9.79 -42.89
CA LEU E 40 -67.52 -10.97 -42.37
C LEU E 40 -68.07 -10.74 -40.95
N ASP E 41 -67.31 -10.06 -40.10
CA ASP E 41 -67.77 -9.72 -38.74
C ASP E 41 -69.05 -8.87 -38.79
N ALA E 42 -69.12 -7.95 -39.76
CA ALA E 42 -70.32 -7.16 -40.02
C ALA E 42 -71.49 -8.04 -40.49
N PHE E 43 -71.21 -8.95 -41.43
CA PHE E 43 -72.21 -9.88 -41.97
C PHE E 43 -72.86 -10.75 -40.87
N LEU E 44 -72.06 -11.21 -39.92
CA LEU E 44 -72.58 -11.92 -38.72
C LEU E 44 -73.50 -11.05 -37.86
N LYS E 45 -73.11 -9.78 -37.69
CA LYS E 45 -73.90 -8.82 -36.90
C LYS E 45 -75.22 -8.38 -37.55
N GLU E 46 -75.33 -8.53 -38.87
CA GLU E 46 -76.57 -8.19 -39.59
C GLU E 46 -77.75 -9.06 -39.13
N PRO E 47 -78.99 -8.53 -39.24
CA PRO E 47 -80.14 -9.27 -38.70
C PRO E 47 -80.60 -10.48 -39.52
N ALA E 48 -80.07 -10.64 -40.74
CA ALA E 48 -80.33 -11.83 -41.55
C ALA E 48 -79.81 -13.11 -40.87
N LEU E 49 -78.58 -13.02 -40.33
CA LEU E 49 -77.93 -14.17 -39.67
C LEU E 49 -78.24 -14.31 -38.16
N ASN E 50 -78.93 -13.33 -37.57
CA ASN E 50 -79.37 -13.40 -36.17
C ASN E 50 -80.91 -13.45 -36.09
N GLU E 51 -81.44 -14.63 -35.77
CA GLU E 51 -82.88 -14.81 -35.57
C GLU E 51 -83.13 -15.48 -34.22
N ALA E 52 -83.75 -14.74 -33.29
CA ALA E 52 -84.17 -15.30 -32.02
C ALA E 52 -85.29 -16.30 -32.26
N ASN E 53 -86.35 -15.83 -32.92
CA ASN E 53 -87.43 -16.70 -33.41
C ASN E 53 -87.04 -17.47 -34.68
N LEU E 54 -86.93 -18.79 -34.57
CA LEU E 54 -86.66 -19.67 -35.73
C LEU E 54 -87.95 -20.13 -36.43
N SER E 55 -89.11 -19.79 -35.88
CA SER E 55 -90.41 -20.07 -36.50
C SER E 55 -90.70 -19.24 -37.75
N ASN E 56 -90.05 -18.08 -37.88
CA ASN E 56 -90.22 -17.21 -39.07
C ASN E 56 -89.62 -17.83 -40.34
N LEU E 57 -88.55 -18.61 -40.20
CA LEU E 57 -87.92 -19.34 -41.31
C LEU E 57 -88.87 -20.27 -42.09
N LYS E 58 -89.85 -20.84 -41.39
CA LYS E 58 -90.85 -21.77 -41.97
C LYS E 58 -91.20 -21.45 -43.42
N ALA E 59 -90.71 -22.27 -44.35
CA ALA E 59 -91.08 -22.17 -45.75
C ALA E 59 -92.50 -22.72 -45.89
N PRO E 60 -93.46 -21.88 -46.36
CA PRO E 60 -94.85 -22.36 -46.47
C PRO E 60 -94.99 -23.61 -47.36
N LEU E 61 -95.10 -24.76 -46.71
CA LEU E 61 -95.14 -26.06 -47.39
C LEU E 61 -96.58 -26.45 -47.74
N ASP E 62 -96.90 -26.44 -49.04
CA ASP E 62 -98.25 -26.71 -49.54
C ASP E 62 -98.37 -28.11 -50.11
N ILE E 63 -98.97 -29.02 -49.32
CA ILE E 63 -99.30 -30.38 -49.74
C ILE E 63 -100.71 -30.70 -49.23
N PRO E 64 -101.58 -31.30 -50.08
CA PRO E 64 -102.93 -31.61 -49.60
C PRO E 64 -102.96 -32.78 -48.59
N VAL E 65 -103.22 -32.46 -47.32
CA VAL E 65 -103.29 -33.47 -46.25
C VAL E 65 -104.55 -34.33 -46.35
N PRO E 100 -101.39 -36.11 -57.06
CA PRO E 100 -101.48 -34.76 -57.61
C PRO E 100 -101.25 -33.68 -56.53
N CYS E 101 -100.20 -32.88 -56.70
CA CYS E 101 -99.85 -31.83 -55.74
C CYS E 101 -99.29 -30.59 -56.45
N GLY E 102 -99.53 -29.42 -55.86
CA GLY E 102 -99.05 -28.14 -56.39
C GLY E 102 -97.56 -27.92 -56.16
N PRO E 103 -97.02 -26.82 -56.70
CA PRO E 103 -95.58 -26.56 -56.65
C PRO E 103 -95.07 -26.17 -55.26
N VAL E 104 -93.99 -26.81 -54.81
CA VAL E 104 -93.34 -26.51 -53.54
C VAL E 104 -92.01 -25.81 -53.84
N ASN E 105 -91.86 -24.58 -53.35
CA ASN E 105 -90.65 -23.78 -53.58
C ASN E 105 -89.57 -24.07 -52.55
N CYS E 106 -88.37 -23.57 -52.84
CA CYS E 106 -87.25 -23.59 -51.89
C CYS E 106 -87.50 -22.54 -50.81
N ASN E 107 -86.81 -22.67 -49.68
CA ASN E 107 -86.88 -21.66 -48.62
C ASN E 107 -86.17 -20.39 -49.10
N GLU E 108 -86.95 -19.38 -49.45
CA GLU E 108 -86.42 -18.10 -49.98
C GLU E 108 -85.39 -17.43 -49.06
N LYS E 109 -85.63 -17.51 -47.74
CA LYS E 109 -84.74 -16.91 -46.75
C LYS E 109 -83.35 -17.56 -46.69
N ILE E 110 -83.29 -18.86 -46.96
CA ILE E 110 -82.01 -19.59 -47.04
C ILE E 110 -81.30 -19.31 -48.38
N VAL E 111 -82.06 -19.27 -49.48
CA VAL E 111 -81.46 -19.10 -50.82
C VAL E 111 -80.75 -17.75 -50.97
N VAL E 112 -81.36 -16.67 -50.46
CA VAL E 112 -80.72 -15.33 -50.46
C VAL E 112 -79.40 -15.28 -49.67
N LEU E 113 -79.33 -16.03 -48.57
CA LEU E 113 -78.10 -16.16 -47.79
C LEU E 113 -77.02 -16.98 -48.53
N LEU E 114 -77.44 -18.01 -49.24
CA LEU E 114 -76.53 -18.82 -50.07
C LEU E 114 -75.92 -18.03 -51.23
N GLN E 115 -76.68 -17.08 -51.79
CA GLN E 115 -76.15 -16.17 -52.82
C GLN E 115 -75.03 -15.27 -52.31
N ARG E 116 -75.11 -14.87 -51.04
CA ARG E 116 -74.04 -14.12 -50.37
C ARG E 116 -72.90 -15.02 -49.90
N LEU E 117 -73.23 -16.24 -49.49
CA LEU E 117 -72.26 -17.20 -48.97
C LEU E 117 -71.30 -17.78 -50.04
N LYS E 118 -71.85 -18.14 -51.18
CA LYS E 118 -71.08 -18.79 -52.27
C LYS E 118 -69.83 -18.01 -52.77
N PRO E 119 -69.95 -16.69 -53.01
CA PRO E 119 -68.75 -15.92 -53.38
C PRO E 119 -67.70 -15.78 -52.27
N GLU E 120 -68.11 -15.90 -51.00
CA GLU E 120 -67.16 -15.88 -49.87
C GLU E 120 -66.33 -17.17 -49.79
N ILE E 121 -66.98 -18.32 -50.02
CA ILE E 121 -66.29 -19.62 -50.05
C ILE E 121 -65.32 -19.69 -51.23
N LYS E 122 -65.74 -19.14 -52.37
CA LYS E 122 -64.88 -19.02 -53.57
C LYS E 122 -63.55 -18.35 -53.26
N ASP E 123 -63.61 -17.17 -52.63
CA ASP E 123 -62.42 -16.34 -52.40
C ASP E 123 -61.45 -16.96 -51.38
N VAL E 124 -61.98 -17.34 -50.21
CA VAL E 124 -61.15 -17.92 -49.14
C VAL E 124 -60.43 -19.22 -49.53
N THR E 125 -61.10 -20.06 -50.33
CA THR E 125 -60.48 -21.30 -50.84
C THR E 125 -59.40 -21.01 -51.89
N GLU E 126 -59.60 -19.98 -52.70
CA GLU E 126 -58.60 -19.51 -53.66
C GLU E 126 -57.39 -18.86 -52.97
N GLN E 127 -57.66 -17.95 -52.04
CA GLN E 127 -56.58 -17.23 -51.33
C GLN E 127 -55.81 -18.12 -50.36
N LEU E 128 -56.46 -19.14 -49.80
CA LEU E 128 -55.76 -20.19 -49.02
C LEU E 128 -54.81 -20.97 -49.93
N ASN E 129 -55.30 -21.40 -51.09
CA ASN E 129 -54.50 -22.14 -52.06
C ASN E 129 -53.34 -21.32 -52.67
N LEU E 130 -53.53 -20.00 -52.76
CA LEU E 130 -52.47 -19.07 -53.15
C LEU E 130 -51.35 -19.05 -52.12
N VAL E 131 -51.72 -18.88 -50.86
CA VAL E 131 -50.76 -18.77 -49.75
C VAL E 131 -50.10 -20.11 -49.41
N THR E 132 -50.85 -21.21 -49.50
CA THR E 132 -50.31 -22.56 -49.32
C THR E 132 -49.14 -22.81 -50.28
N THR E 133 -49.32 -22.42 -51.55
CA THR E 133 -48.27 -22.53 -52.57
C THR E 133 -47.08 -21.61 -52.32
N TRP E 134 -47.34 -20.41 -51.80
CA TRP E 134 -46.28 -19.46 -51.44
C TRP E 134 -45.32 -20.02 -50.37
N LEU E 135 -45.84 -20.80 -49.42
CA LEU E 135 -45.00 -21.52 -48.45
C LEU E 135 -44.12 -22.57 -49.11
N GLN E 136 -44.69 -23.35 -50.03
CA GLN E 136 -43.97 -24.45 -50.69
C GLN E 136 -42.80 -23.96 -51.56
N LEU E 137 -42.97 -22.79 -52.18
CA LEU E 137 -41.87 -22.15 -52.92
C LEU E 137 -40.81 -21.53 -52.00
N GLN E 138 -41.23 -21.07 -50.82
CA GLN E 138 -40.31 -20.56 -49.80
C GLN E 138 -39.48 -21.63 -49.06
N ILE E 139 -39.85 -22.89 -49.18
CA ILE E 139 -39.07 -24.00 -48.59
C ILE E 139 -37.70 -24.06 -49.28
N PRO E 140 -36.60 -23.90 -48.51
CA PRO E 140 -35.26 -23.89 -49.09
C PRO E 140 -34.77 -25.30 -49.47
N ARG E 141 -33.52 -25.40 -49.91
CA ARG E 141 -32.91 -26.69 -50.22
C ARG E 141 -32.84 -27.56 -48.96
N ILE E 142 -33.12 -28.85 -49.13
CA ILE E 142 -33.15 -29.80 -48.01
C ILE E 142 -31.72 -30.10 -47.60
N GLU E 143 -31.29 -29.50 -46.48
CA GLU E 143 -29.91 -29.58 -46.00
C GLU E 143 -29.84 -30.18 -44.59
N ASP E 144 -28.61 -30.51 -44.19
CA ASP E 144 -28.36 -31.15 -42.90
C ASP E 144 -28.49 -30.14 -41.75
N GLY E 145 -27.77 -29.02 -41.86
CA GLY E 145 -27.70 -28.01 -40.80
C GLY E 145 -28.61 -26.79 -41.00
N ASN E 146 -28.97 -26.18 -39.87
CA ASN E 146 -29.78 -24.94 -39.81
C ASN E 146 -31.21 -25.18 -40.33
N ASN E 147 -31.87 -26.17 -39.73
CA ASN E 147 -33.19 -26.63 -40.18
C ASN E 147 -34.37 -26.10 -39.34
N PHE E 148 -34.13 -25.20 -38.40
CA PHE E 148 -35.23 -24.64 -37.60
C PHE E 148 -36.13 -23.72 -38.43
N GLY E 149 -35.54 -22.91 -39.30
CA GLY E 149 -36.29 -22.11 -40.26
C GLY E 149 -37.23 -22.93 -41.13
N VAL E 150 -36.83 -24.14 -41.47
CA VAL E 150 -37.67 -25.09 -42.21
C VAL E 150 -38.78 -25.66 -41.31
N ALA E 151 -38.46 -25.97 -40.07
CA ALA E 151 -39.44 -26.47 -39.09
C ALA E 151 -40.55 -25.47 -38.76
N VAL E 152 -40.25 -24.17 -38.85
CA VAL E 152 -41.26 -23.11 -38.70
C VAL E 152 -42.23 -23.13 -39.87
N GLN E 153 -41.70 -23.25 -41.09
CA GLN E 153 -42.52 -23.33 -42.31
C GLN E 153 -43.43 -24.56 -42.29
N GLU E 154 -42.88 -25.70 -41.89
CA GLU E 154 -43.65 -26.95 -41.80
C GLU E 154 -44.75 -26.92 -40.74
N LYS E 155 -44.53 -26.17 -39.66
CA LYS E 155 -45.55 -25.99 -38.61
C LYS E 155 -46.69 -25.07 -39.09
N VAL E 156 -46.35 -24.02 -39.82
CA VAL E 156 -47.33 -23.09 -40.41
C VAL E 156 -48.09 -23.76 -41.56
N PHE E 157 -47.36 -24.50 -42.40
CA PHE E 157 -47.95 -25.30 -43.48
C PHE E 157 -48.92 -26.36 -42.94
N GLU E 158 -48.64 -26.90 -41.75
CA GLU E 158 -49.50 -27.88 -41.08
C GLU E 158 -50.91 -27.34 -40.79
N LEU E 159 -50.98 -26.08 -40.38
CA LEU E 159 -52.25 -25.38 -40.15
C LEU E 159 -53.03 -25.16 -41.46
N MET E 160 -52.32 -24.72 -42.50
CA MET E 160 -52.91 -24.49 -43.82
C MET E 160 -53.52 -25.73 -44.47
N THR E 161 -53.07 -26.92 -44.06
CA THR E 161 -53.70 -28.18 -44.43
C THR E 161 -54.99 -28.43 -43.63
N ASN E 162 -54.94 -28.16 -42.32
CA ASN E 162 -56.10 -28.34 -41.43
C ASN E 162 -57.27 -27.42 -41.78
N LEU E 163 -56.97 -26.20 -42.24
CA LEU E 163 -58.00 -25.29 -42.77
C LEU E 163 -58.56 -25.82 -44.09
N HIS E 164 -57.67 -26.25 -44.99
CA HIS E 164 -58.07 -26.84 -46.27
C HIS E 164 -59.00 -28.05 -46.12
N THR E 165 -58.82 -28.82 -45.04
CA THR E 165 -59.74 -29.92 -44.70
C THR E 165 -61.14 -29.41 -44.36
N LYS E 166 -61.22 -28.36 -43.56
CA LYS E 166 -62.50 -27.76 -43.15
C LYS E 166 -63.19 -27.01 -44.29
N LEU E 167 -62.42 -26.24 -45.06
CA LEU E 167 -62.98 -25.45 -46.18
C LEU E 167 -63.33 -26.27 -47.43
N GLU E 168 -62.89 -27.53 -47.52
CA GLU E 168 -63.30 -28.44 -48.60
C GLU E 168 -64.78 -28.80 -48.50
N GLY E 169 -65.22 -29.19 -47.30
CA GLY E 169 -66.60 -29.62 -47.05
C GLY E 169 -67.70 -28.61 -47.31
N PHE E 170 -67.37 -27.31 -47.25
CA PHE E 170 -68.35 -26.23 -47.49
C PHE E 170 -68.80 -26.15 -48.95
N HIS E 171 -67.95 -26.59 -49.87
CA HIS E 171 -68.23 -26.56 -51.30
C HIS E 171 -69.44 -27.44 -51.65
N THR E 172 -69.38 -28.71 -51.26
CA THR E 172 -70.43 -29.69 -51.54
C THR E 172 -71.62 -29.63 -50.57
N GLN E 173 -71.46 -28.93 -49.44
CA GLN E 173 -72.55 -28.70 -48.47
C GLN E 173 -73.85 -28.23 -49.11
N ILE E 174 -73.74 -27.27 -50.03
CA ILE E 174 -74.90 -26.66 -50.68
C ILE E 174 -75.60 -27.64 -51.61
N SER E 175 -74.83 -28.45 -52.33
CA SER E 175 -75.37 -29.52 -53.18
C SER E 175 -76.14 -30.57 -52.37
N LYS E 176 -75.62 -30.93 -51.19
CA LYS E 176 -76.27 -31.88 -50.29
C LYS E 176 -77.61 -31.37 -49.75
N TYR E 177 -77.65 -30.09 -49.38
CA TYR E 177 -78.85 -29.46 -48.80
C TYR E 177 -80.08 -29.55 -49.71
N PHE E 178 -79.95 -29.03 -50.93
CA PHE E 178 -81.04 -29.06 -51.91
C PHE E 178 -81.41 -30.47 -52.34
N SER E 179 -80.41 -31.36 -52.40
CA SER E 179 -80.64 -32.77 -52.68
C SER E 179 -81.42 -33.46 -51.55
N GLU E 180 -81.04 -33.17 -50.30
CA GLU E 180 -81.73 -33.76 -49.13
C GLU E 180 -83.09 -33.12 -48.84
N ARG E 181 -83.21 -31.80 -49.04
CA ARG E 181 -84.50 -31.10 -48.90
C ARG E 181 -85.48 -31.52 -49.98
N GLY E 182 -84.98 -31.74 -51.20
CA GLY E 182 -85.79 -32.26 -52.28
C GLY E 182 -86.36 -33.63 -51.97
N ASP E 183 -85.49 -34.55 -51.56
CA ASP E 183 -85.90 -35.91 -51.16
C ASP E 183 -86.93 -35.91 -50.03
N ALA E 184 -86.79 -34.96 -49.10
CA ALA E 184 -87.76 -34.80 -48.00
C ALA E 184 -89.12 -34.29 -48.49
N VAL E 185 -89.10 -33.28 -49.37
CA VAL E 185 -90.33 -32.72 -49.96
C VAL E 185 -91.03 -33.74 -50.86
N ALA E 186 -90.25 -34.48 -51.64
CA ALA E 186 -90.78 -35.53 -52.52
C ALA E 186 -91.45 -36.65 -51.73
N LYS E 187 -90.80 -37.10 -50.65
CA LYS E 187 -91.38 -38.09 -49.73
C LYS E 187 -92.67 -37.59 -49.08
N ALA E 188 -92.70 -36.32 -48.70
CA ALA E 188 -93.88 -35.69 -48.09
C ALA E 188 -95.06 -35.63 -49.07
N ALA E 189 -94.77 -35.31 -50.33
CA ALA E 189 -95.78 -35.28 -51.39
C ALA E 189 -96.22 -36.69 -51.79
N LYS E 190 -95.25 -37.61 -51.87
CA LYS E 190 -95.53 -39.03 -52.16
C LYS E 190 -96.41 -39.66 -51.09
N GLN E 191 -96.11 -39.37 -49.82
CA GLN E 191 -96.84 -39.92 -48.67
C GLN E 191 -97.29 -38.77 -47.74
N PRO E 192 -98.45 -38.16 -48.03
CA PRO E 192 -98.96 -37.05 -47.20
C PRO E 192 -99.37 -37.44 -45.77
N HIS E 193 -99.84 -38.66 -45.59
CA HIS E 193 -100.29 -39.16 -44.27
C HIS E 193 -99.24 -39.13 -43.15
N VAL E 194 -97.96 -39.22 -43.52
CA VAL E 194 -96.87 -39.16 -42.54
C VAL E 194 -96.53 -37.69 -42.23
N GLY E 195 -96.80 -37.27 -40.99
CA GLY E 195 -96.52 -35.90 -40.54
C GLY E 195 -95.06 -35.59 -40.25
N ASP E 196 -94.22 -36.62 -40.13
CA ASP E 196 -92.79 -36.46 -39.85
C ASP E 196 -92.00 -35.91 -41.05
N TYR E 197 -92.39 -36.29 -42.26
CA TYR E 197 -91.76 -35.75 -43.48
C TYR E 197 -92.00 -34.25 -43.65
N ARG E 198 -93.14 -33.75 -43.16
CA ARG E 198 -93.42 -32.30 -43.14
C ARG E 198 -92.47 -31.59 -42.18
N GLN E 199 -92.32 -32.17 -40.98
CA GLN E 199 -91.39 -31.66 -39.97
C GLN E 199 -89.94 -31.74 -40.44
N LEU E 200 -89.58 -32.83 -41.12
CA LEU E 200 -88.23 -33.03 -41.68
C LEU E 200 -87.78 -31.86 -42.55
N VAL E 201 -88.66 -31.38 -43.42
CA VAL E 201 -88.34 -30.29 -44.35
C VAL E 201 -88.07 -28.97 -43.60
N HIS E 202 -88.86 -28.68 -42.58
CA HIS E 202 -88.64 -27.51 -41.73
C HIS E 202 -87.36 -27.63 -40.89
N GLU E 203 -87.05 -28.86 -40.46
CA GLU E 203 -85.85 -29.14 -39.66
C GLU E 203 -84.54 -29.06 -40.46
N LEU E 204 -84.58 -29.42 -41.74
CA LEU E 204 -83.43 -29.21 -42.63
C LEU E 204 -83.15 -27.73 -42.87
N ASP E 205 -84.21 -26.92 -42.94
CA ASP E 205 -84.08 -25.47 -43.08
C ASP E 205 -83.47 -24.83 -41.84
N GLU E 206 -83.94 -25.22 -40.65
CA GLU E 206 -83.37 -24.76 -39.38
C GLU E 206 -81.92 -25.20 -39.22
N ALA E 207 -81.61 -26.43 -39.65
CA ALA E 207 -80.24 -26.93 -39.63
C ALA E 207 -79.34 -26.20 -40.63
N GLU E 208 -79.86 -25.95 -41.83
CA GLU E 208 -79.11 -25.25 -42.88
C GLU E 208 -78.81 -23.79 -42.53
N TYR E 209 -79.77 -23.14 -41.86
CA TYR E 209 -79.58 -21.77 -41.36
C TYR E 209 -78.46 -21.71 -40.32
N GLN E 210 -78.48 -22.66 -39.39
CA GLN E 210 -77.45 -22.76 -38.34
C GLN E 210 -76.11 -23.27 -38.90
N GLU E 211 -76.16 -24.02 -40.01
CA GLU E 211 -74.95 -24.44 -40.74
C GLU E 211 -74.29 -23.25 -41.43
N ILE E 212 -75.07 -22.51 -42.22
CA ILE E 212 -74.57 -21.31 -42.94
C ILE E 212 -73.97 -20.31 -41.96
N ARG E 213 -74.69 -20.05 -40.87
CA ARG E 213 -74.20 -19.25 -39.73
C ARG E 213 -72.77 -19.64 -39.32
N LEU E 214 -72.55 -20.94 -39.11
CA LEU E 214 -71.26 -21.48 -38.67
C LEU E 214 -70.17 -21.32 -39.74
N MET E 215 -70.53 -21.58 -41.00
CA MET E 215 -69.57 -21.51 -42.11
C MET E 215 -69.04 -20.10 -42.39
N VAL E 216 -69.81 -19.07 -42.05
CA VAL E 216 -69.32 -17.69 -42.14
C VAL E 216 -68.37 -17.42 -40.96
N MET E 217 -68.70 -17.95 -39.77
CA MET E 217 -67.80 -17.87 -38.60
C MET E 217 -66.44 -18.52 -38.87
N GLU E 218 -66.45 -19.71 -39.48
CA GLU E 218 -65.20 -20.43 -39.80
C GLU E 218 -64.32 -19.71 -40.81
N ILE E 219 -64.93 -19.10 -41.82
CA ILE E 219 -64.20 -18.37 -42.88
C ILE E 219 -63.58 -17.07 -42.32
N ARG E 220 -64.30 -16.39 -41.43
CA ARG E 220 -63.74 -15.25 -40.67
C ARG E 220 -62.55 -15.69 -39.83
N ASN E 221 -62.71 -16.81 -39.13
CA ASN E 221 -61.65 -17.37 -38.28
C ASN E 221 -60.47 -17.90 -39.10
N ALA E 222 -60.75 -18.41 -40.30
CA ALA E 222 -59.70 -18.87 -41.22
C ALA E 222 -58.82 -17.71 -41.69
N TYR E 223 -59.43 -16.59 -42.06
CA TYR E 223 -58.71 -15.35 -42.41
C TYR E 223 -57.95 -14.79 -41.21
N ALA E 224 -58.60 -14.79 -40.04
CA ALA E 224 -58.02 -14.25 -38.81
C ALA E 224 -56.79 -15.01 -38.34
N VAL E 225 -56.90 -16.34 -38.31
CA VAL E 225 -55.83 -17.22 -37.84
C VAL E 225 -54.64 -17.27 -38.81
N LEU E 226 -54.91 -17.26 -40.12
CA LEU E 226 -53.85 -17.18 -41.14
C LEU E 226 -53.08 -15.87 -41.06
N TYR E 227 -53.80 -14.76 -40.99
CA TYR E 227 -53.20 -13.44 -40.83
C TYR E 227 -52.31 -13.37 -39.58
N ASP E 228 -52.78 -13.97 -38.49
CA ASP E 228 -52.03 -13.99 -37.23
C ASP E 228 -50.71 -14.77 -37.34
N ILE E 229 -50.80 -16.02 -37.76
CA ILE E 229 -49.64 -16.91 -37.80
C ILE E 229 -48.62 -16.55 -38.89
N ILE E 230 -49.08 -16.02 -40.01
CA ILE E 230 -48.19 -15.56 -41.09
C ILE E 230 -47.46 -14.28 -40.70
N LEU E 231 -48.19 -13.31 -40.14
CA LEU E 231 -47.59 -12.05 -39.68
C LEU E 231 -46.59 -12.26 -38.56
N LYS E 232 -46.93 -13.11 -37.59
CA LYS E 232 -46.06 -13.39 -36.45
C LYS E 232 -44.74 -14.06 -36.87
N ASN E 233 -44.83 -15.06 -37.75
CA ASN E 233 -43.66 -15.84 -38.18
C ASN E 233 -43.03 -15.39 -39.50
N PHE E 234 -43.43 -14.24 -40.04
CA PHE E 234 -43.04 -13.82 -41.41
C PHE E 234 -41.54 -13.83 -41.66
N GLU E 235 -40.75 -13.47 -40.65
CA GLU E 235 -39.29 -13.48 -40.76
C GLU E 235 -38.73 -14.88 -41.08
N LYS E 236 -39.19 -15.88 -40.32
CA LYS E 236 -38.74 -17.27 -40.51
C LYS E 236 -39.37 -17.97 -41.72
N LEU E 237 -40.57 -17.56 -42.13
CA LEU E 237 -41.24 -18.13 -43.31
C LEU E 237 -40.54 -17.71 -44.60
N LYS E 238 -40.28 -16.41 -44.73
CA LYS E 238 -39.68 -15.84 -45.94
C LYS E 238 -38.20 -16.23 -46.07
N LYS E 239 -37.44 -15.97 -45.00
CA LYS E 239 -35.99 -16.23 -44.96
C LYS E 239 -35.66 -17.17 -43.80
N PRO E 240 -35.77 -18.51 -44.03
CA PRO E 240 -35.61 -19.48 -42.95
C PRO E 240 -34.16 -19.72 -42.52
N ARG E 241 -33.26 -19.92 -43.48
CA ARG E 241 -31.85 -20.16 -43.19
C ARG E 241 -31.15 -18.90 -42.69
N GLY E 242 -31.42 -17.80 -43.38
CA GLY E 242 -30.84 -16.50 -43.05
C GLY E 242 -30.96 -15.54 -44.22
N GLU E 243 -30.04 -14.58 -44.30
CA GLU E 243 -30.06 -13.56 -45.35
C GLU E 243 -28.82 -13.70 -46.25
N THR E 244 -29.04 -13.66 -47.56
CA THR E 244 -27.99 -13.84 -48.56
C THR E 244 -28.17 -12.83 -49.70
N PRO F 8 -50.09 -0.56 -41.41
CA PRO F 8 -51.02 0.42 -41.96
C PRO F 8 -52.34 0.50 -41.18
N GLU F 9 -53.39 1.07 -41.80
CA GLU F 9 -54.73 1.09 -41.21
C GLU F 9 -55.44 -0.27 -41.23
N ALA F 10 -54.96 -1.19 -42.06
CA ALA F 10 -55.44 -2.58 -42.07
C ALA F 10 -55.00 -3.35 -40.81
N GLN F 11 -53.84 -2.97 -40.24
CA GLN F 11 -53.39 -3.51 -38.95
C GLN F 11 -54.35 -3.16 -37.81
N ALA F 12 -54.97 -1.98 -37.88
CA ALA F 12 -56.00 -1.57 -36.92
C ALA F 12 -57.20 -2.50 -36.98
N LYS F 13 -57.75 -2.70 -38.17
CA LYS F 13 -58.94 -3.55 -38.40
C LYS F 13 -58.89 -4.91 -37.68
N VAL F 14 -57.71 -5.53 -37.70
CA VAL F 14 -57.49 -6.82 -37.03
C VAL F 14 -57.37 -6.64 -35.51
N ASP F 15 -56.68 -5.59 -35.08
CA ASP F 15 -56.52 -5.28 -33.65
C ASP F 15 -57.82 -4.82 -32.96
N VAL F 16 -58.79 -4.31 -33.72
CA VAL F 16 -60.14 -4.03 -33.15
C VAL F 16 -60.87 -5.36 -32.98
N PHE F 17 -60.76 -6.22 -33.99
CA PHE F 17 -61.33 -7.59 -33.95
C PHE F 17 -60.74 -8.47 -32.83
N ARG F 18 -59.43 -8.41 -32.64
CA ARG F 18 -58.76 -9.21 -31.59
C ARG F 18 -59.16 -8.76 -30.20
N GLU F 19 -59.13 -7.45 -29.95
CA GLU F 19 -59.52 -6.88 -28.66
C GLU F 19 -61.05 -6.91 -28.44
N ASP F 20 -61.83 -7.00 -29.51
CA ASP F 20 -63.26 -7.32 -29.41
C ASP F 20 -63.44 -8.78 -28.97
N LEU F 21 -62.68 -9.68 -29.60
CA LEU F 21 -62.71 -11.11 -29.25
C LEU F 21 -62.19 -11.37 -27.83
N CYS F 22 -61.13 -10.65 -27.43
CA CYS F 22 -60.62 -10.72 -26.06
C CYS F 22 -61.60 -10.14 -25.04
N SER F 23 -62.29 -9.06 -25.43
CA SER F 23 -63.36 -8.47 -24.60
C SER F 23 -64.58 -9.38 -24.52
N LYS F 24 -64.91 -10.05 -25.63
CA LYS F 24 -65.99 -11.03 -25.65
C LYS F 24 -65.69 -12.23 -24.75
N THR F 25 -64.51 -12.82 -24.93
CA THR F 25 -64.12 -14.04 -24.19
C THR F 25 -64.09 -13.87 -22.66
N GLU F 26 -63.67 -12.70 -22.18
CA GLU F 26 -63.67 -12.41 -20.73
C GLU F 26 -65.09 -12.24 -20.18
N ASN F 27 -65.93 -11.50 -20.91
CA ASN F 27 -67.36 -11.36 -20.58
C ASN F 27 -68.11 -12.68 -20.72
N LEU F 28 -67.79 -13.42 -21.79
CA LEU F 28 -68.30 -14.76 -22.05
C LEU F 28 -67.97 -15.72 -20.90
N LEU F 29 -66.69 -15.91 -20.64
CA LEU F 29 -66.22 -16.86 -19.63
C LEU F 29 -66.62 -16.44 -18.21
N GLY F 30 -66.55 -15.13 -17.93
CA GLY F 30 -66.89 -14.59 -16.61
C GLY F 30 -68.34 -14.73 -16.16
N SER F 31 -69.27 -14.76 -17.11
CA SER F 31 -70.72 -14.80 -16.81
C SER F 31 -71.50 -15.93 -17.52
N TYR F 32 -71.33 -16.03 -18.84
CA TYR F 32 -72.13 -16.94 -19.69
C TYR F 32 -72.02 -18.43 -19.31
N PHE F 33 -70.80 -18.89 -19.06
CA PHE F 33 -70.52 -20.31 -18.78
C PHE F 33 -71.08 -20.79 -17.43
N PRO F 34 -70.84 -20.03 -16.34
CA PRO F 34 -71.55 -20.30 -15.08
C PRO F 34 -73.08 -20.32 -15.19
N LYS F 35 -73.63 -19.38 -15.95
CA LYS F 35 -75.08 -19.29 -16.19
C LYS F 35 -75.62 -20.51 -16.94
N LYS F 36 -74.90 -20.90 -18.00
CA LYS F 36 -75.31 -22.04 -18.82
C LYS F 36 -75.23 -23.38 -18.08
N ILE F 37 -74.22 -23.56 -17.22
CA ILE F 37 -74.10 -24.77 -16.39
C ILE F 37 -75.28 -24.89 -15.43
N SER F 38 -75.63 -23.79 -14.78
CA SER F 38 -76.78 -23.74 -13.88
C SER F 38 -78.10 -23.91 -14.64
N GLU F 39 -78.23 -23.26 -15.80
CA GLU F 39 -79.43 -23.39 -16.66
C GLU F 39 -79.68 -24.82 -17.12
N LEU F 40 -78.62 -25.50 -17.57
CA LEU F 40 -78.72 -26.86 -18.06
C LEU F 40 -78.96 -27.86 -16.93
N ASP F 41 -78.19 -27.78 -15.85
CA ASP F 41 -78.40 -28.64 -14.68
C ASP F 41 -79.84 -28.56 -14.15
N ALA F 42 -80.45 -27.38 -14.27
CA ALA F 42 -81.88 -27.19 -13.97
C ALA F 42 -82.79 -27.91 -14.97
N PHE F 43 -82.44 -27.85 -16.26
CA PHE F 43 -83.14 -28.61 -17.33
C PHE F 43 -83.29 -30.09 -16.93
N LEU F 44 -82.19 -30.71 -16.50
CA LEU F 44 -82.20 -32.13 -16.10
C LEU F 44 -83.11 -32.38 -14.90
N LYS F 45 -83.11 -31.45 -13.95
CA LYS F 45 -83.96 -31.54 -12.74
C LYS F 45 -85.47 -31.41 -13.00
N GLU F 46 -85.86 -30.82 -14.12
CA GLU F 46 -87.29 -30.68 -14.47
C GLU F 46 -87.95 -32.02 -14.80
N PRO F 47 -89.30 -32.11 -14.65
CA PRO F 47 -89.97 -33.38 -14.92
C PRO F 47 -90.19 -33.73 -16.40
N ALA F 48 -89.85 -32.82 -17.31
CA ALA F 48 -89.92 -33.08 -18.76
C ALA F 48 -88.90 -34.15 -19.17
N LEU F 49 -87.65 -33.96 -18.74
CA LEU F 49 -86.58 -34.94 -18.98
C LEU F 49 -86.47 -36.05 -17.91
N ASN F 50 -87.26 -35.95 -16.85
CA ASN F 50 -87.36 -37.00 -15.84
C ASN F 50 -88.74 -37.69 -15.89
N GLU F 51 -89.00 -38.37 -17.00
CA GLU F 51 -90.21 -39.20 -17.12
C GLU F 51 -90.03 -40.45 -16.25
N ALA F 52 -90.95 -40.65 -15.31
CA ALA F 52 -90.90 -41.78 -14.38
C ALA F 52 -90.99 -43.13 -15.08
N ASN F 53 -91.87 -43.21 -16.09
CA ASN F 53 -92.01 -44.39 -16.93
C ASN F 53 -91.95 -43.98 -18.41
N LEU F 54 -91.20 -44.74 -19.21
CA LEU F 54 -90.98 -44.43 -20.63
C LEU F 54 -92.20 -44.68 -21.52
N SER F 55 -93.15 -45.49 -21.05
CA SER F 55 -94.36 -45.82 -21.81
C SER F 55 -95.32 -44.64 -22.02
N ASN F 56 -95.24 -43.61 -21.16
CA ASN F 56 -96.13 -42.45 -21.27
C ASN F 56 -95.79 -41.49 -22.43
N LEU F 57 -94.57 -41.57 -22.94
CA LEU F 57 -94.16 -40.81 -24.14
C LEU F 57 -94.69 -41.42 -25.44
N LYS F 58 -95.10 -42.69 -25.40
CA LYS F 58 -95.65 -43.42 -26.56
C LYS F 58 -96.73 -42.63 -27.31
N ALA F 59 -96.42 -42.24 -28.55
CA ALA F 59 -97.33 -41.43 -29.36
C ALA F 59 -98.50 -42.25 -29.90
N PRO F 60 -99.68 -41.63 -30.11
CA PRO F 60 -100.78 -42.35 -30.76
C PRO F 60 -100.50 -42.68 -32.24
N LEU F 61 -100.24 -43.96 -32.51
CA LEU F 61 -99.96 -44.44 -33.87
C LEU F 61 -101.25 -45.03 -34.47
N ASP F 62 -101.95 -44.20 -35.24
CA ASP F 62 -103.25 -44.58 -35.83
C ASP F 62 -103.05 -45.13 -37.24
N ILE F 63 -103.09 -46.47 -37.36
CA ILE F 63 -103.05 -47.18 -38.64
C ILE F 63 -104.08 -48.32 -38.59
N PRO F 64 -104.88 -48.52 -39.66
CA PRO F 64 -105.85 -49.62 -39.61
C PRO F 64 -105.17 -51.00 -39.78
N VAL F 65 -105.17 -51.79 -38.70
CA VAL F 65 -104.57 -53.13 -38.70
C VAL F 65 -105.43 -54.15 -39.47
N PRO F 99 -101.81 -48.74 -49.18
CA PRO F 99 -103.06 -48.83 -48.41
C PRO F 99 -103.54 -47.47 -47.89
N PRO F 100 -104.87 -47.25 -47.82
CA PRO F 100 -105.41 -45.99 -47.31
C PRO F 100 -105.27 -45.85 -45.79
N CYS F 101 -104.92 -44.65 -45.32
CA CYS F 101 -104.66 -44.39 -43.90
C CYS F 101 -104.80 -42.91 -43.54
N GLY F 102 -105.21 -42.65 -42.31
CA GLY F 102 -105.34 -41.28 -41.79
C GLY F 102 -104.00 -40.66 -41.42
N PRO F 103 -104.02 -39.39 -40.99
CA PRO F 103 -102.77 -38.66 -40.69
C PRO F 103 -102.13 -39.07 -39.36
N VAL F 104 -100.89 -39.56 -39.42
CA VAL F 104 -100.11 -39.90 -38.22
C VAL F 104 -99.32 -38.66 -37.81
N ASN F 105 -99.70 -38.06 -36.68
CA ASN F 105 -99.00 -36.90 -36.13
C ASN F 105 -97.63 -37.29 -35.62
N CYS F 106 -96.71 -36.33 -35.66
CA CYS F 106 -95.40 -36.49 -35.03
C CYS F 106 -95.55 -36.49 -33.50
N ASN F 107 -94.56 -37.05 -32.82
CA ASN F 107 -94.59 -37.12 -31.34
C ASN F 107 -94.45 -35.71 -30.75
N GLU F 108 -95.49 -35.26 -30.05
CA GLU F 108 -95.54 -33.90 -29.50
C GLU F 108 -94.58 -33.70 -28.34
N LYS F 109 -94.47 -34.70 -27.47
CA LYS F 109 -93.64 -34.62 -26.26
C LYS F 109 -92.12 -34.61 -26.55
N ILE F 110 -91.71 -35.18 -27.68
CA ILE F 110 -90.31 -35.10 -28.14
C ILE F 110 -90.05 -33.76 -28.85
N VAL F 111 -90.99 -33.31 -29.66
CA VAL F 111 -90.84 -32.05 -30.41
C VAL F 111 -90.68 -30.83 -29.49
N VAL F 112 -91.50 -30.75 -28.44
CA VAL F 112 -91.36 -29.66 -27.45
C VAL F 112 -89.99 -29.64 -26.76
N LEU F 113 -89.42 -30.81 -26.51
CA LEU F 113 -88.04 -30.92 -25.99
C LEU F 113 -86.99 -30.50 -27.04
N LEU F 114 -87.24 -30.86 -28.30
CA LEU F 114 -86.37 -30.42 -29.41
C LEU F 114 -86.40 -28.90 -29.65
N GLN F 115 -87.55 -28.26 -29.37
CA GLN F 115 -87.65 -26.79 -29.42
C GLN F 115 -86.77 -26.13 -28.35
N ARG F 116 -86.65 -26.78 -27.19
CA ARG F 116 -85.77 -26.31 -26.13
C ARG F 116 -84.30 -26.70 -26.33
N LEU F 117 -84.05 -27.85 -26.95
CA LEU F 117 -82.68 -28.34 -27.17
C LEU F 117 -81.92 -27.54 -28.23
N LYS F 118 -82.55 -27.32 -29.39
CA LYS F 118 -81.92 -26.65 -30.55
C LYS F 118 -81.22 -25.31 -30.27
N PRO F 119 -81.86 -24.39 -29.49
CA PRO F 119 -81.15 -23.16 -29.13
C PRO F 119 -79.96 -23.33 -28.19
N GLU F 120 -79.95 -24.41 -27.39
CA GLU F 120 -78.79 -24.72 -26.52
C GLU F 120 -77.63 -25.34 -27.30
N ILE F 121 -77.93 -26.10 -28.36
CA ILE F 121 -76.91 -26.63 -29.27
C ILE F 121 -76.22 -25.48 -30.00
N LYS F 122 -77.04 -24.60 -30.59
CA LYS F 122 -76.57 -23.38 -31.27
C LYS F 122 -75.52 -22.63 -30.47
N ASP F 123 -75.85 -22.33 -29.22
CA ASP F 123 -75.01 -21.50 -28.35
C ASP F 123 -73.64 -22.12 -28.09
N VAL F 124 -73.61 -23.42 -27.78
CA VAL F 124 -72.34 -24.07 -27.40
C VAL F 124 -71.38 -24.11 -28.59
N THR F 125 -71.88 -24.52 -29.75
CA THR F 125 -71.07 -24.60 -30.96
C THR F 125 -70.50 -23.24 -31.37
N GLU F 126 -71.26 -22.16 -31.16
CA GLU F 126 -70.78 -20.80 -31.45
C GLU F 126 -69.75 -20.29 -30.44
N GLN F 127 -70.01 -20.51 -29.14
CA GLN F 127 -69.07 -20.10 -28.08
C GLN F 127 -67.80 -20.97 -28.06
N LEU F 128 -67.95 -22.26 -28.37
CA LEU F 128 -66.80 -23.16 -28.54
C LEU F 128 -65.89 -22.68 -29.67
N ASN F 129 -66.51 -22.32 -30.80
CA ASN F 129 -65.78 -21.80 -31.96
C ASN F 129 -65.13 -20.44 -31.68
N LEU F 130 -65.80 -19.62 -30.86
CA LEU F 130 -65.27 -18.32 -30.41
C LEU F 130 -64.02 -18.50 -29.53
N VAL F 131 -64.11 -19.42 -28.57
CA VAL F 131 -63.02 -19.70 -27.62
C VAL F 131 -61.84 -20.40 -28.30
N THR F 132 -62.14 -21.36 -29.19
CA THR F 132 -61.10 -22.05 -29.97
C THR F 132 -60.24 -21.06 -30.76
N THR F 133 -60.92 -20.13 -31.45
CA THR F 133 -60.24 -19.10 -32.24
C THR F 133 -59.45 -18.11 -31.38
N TRP F 134 -59.98 -17.75 -30.21
CA TRP F 134 -59.25 -16.91 -29.25
C TRP F 134 -57.91 -17.52 -28.86
N LEU F 135 -57.92 -18.82 -28.60
CA LEU F 135 -56.70 -19.56 -28.24
C LEU F 135 -55.68 -19.62 -29.38
N GLN F 136 -56.15 -19.74 -30.62
CA GLN F 136 -55.27 -19.76 -31.80
C GLN F 136 -54.54 -18.43 -32.01
N LEU F 137 -55.21 -17.32 -31.74
CA LEU F 137 -54.60 -15.99 -31.83
C LEU F 137 -53.66 -15.70 -30.64
N GLN F 138 -53.88 -16.38 -29.51
CA GLN F 138 -52.95 -16.34 -28.37
C GLN F 138 -51.62 -17.08 -28.60
N ILE F 139 -51.55 -17.93 -29.62
CA ILE F 139 -50.32 -18.67 -29.95
C ILE F 139 -49.23 -17.67 -30.37
N PRO F 140 -48.10 -17.62 -29.64
CA PRO F 140 -47.03 -16.68 -29.97
C PRO F 140 -46.22 -17.11 -31.19
N ARG F 141 -45.14 -16.39 -31.49
CA ARG F 141 -44.24 -16.76 -32.58
C ARG F 141 -43.63 -18.13 -32.32
N ILE F 142 -43.49 -18.91 -33.39
CA ILE F 142 -42.88 -20.23 -33.30
C ILE F 142 -41.37 -20.04 -33.12
N GLU F 143 -40.91 -20.17 -31.89
CA GLU F 143 -39.50 -19.97 -31.54
C GLU F 143 -38.82 -21.29 -31.17
N ASP F 144 -37.49 -21.27 -31.23
CA ASP F 144 -36.64 -22.46 -31.09
C ASP F 144 -36.83 -23.17 -29.74
N GLY F 145 -36.52 -24.46 -29.70
CA GLY F 145 -36.53 -25.26 -28.48
C GLY F 145 -37.87 -25.94 -28.25
N ASN F 146 -38.31 -25.96 -27.00
CA ASN F 146 -39.64 -26.48 -26.63
C ASN F 146 -40.19 -25.66 -25.47
N ASN F 147 -40.67 -24.45 -25.79
CA ASN F 147 -41.28 -23.56 -24.78
C ASN F 147 -42.58 -24.17 -24.27
N PHE F 148 -42.66 -24.34 -22.95
CA PHE F 148 -43.78 -25.03 -22.32
C PHE F 148 -45.09 -24.24 -22.40
N GLY F 149 -45.00 -22.90 -22.35
CA GLY F 149 -46.15 -22.02 -22.54
C GLY F 149 -46.95 -22.34 -23.80
N VAL F 150 -46.25 -22.69 -24.88
CA VAL F 150 -46.89 -23.12 -26.11
C VAL F 150 -47.50 -24.52 -25.95
N ALA F 151 -46.78 -25.42 -25.27
CA ALA F 151 -47.26 -26.78 -24.99
C ALA F 151 -48.52 -26.85 -24.12
N VAL F 152 -48.74 -25.86 -23.26
CA VAL F 152 -49.98 -25.76 -22.48
C VAL F 152 -51.15 -25.40 -23.40
N GLN F 153 -50.93 -24.44 -24.31
CA GLN F 153 -51.95 -24.04 -25.29
C GLN F 153 -52.35 -25.19 -26.21
N GLU F 154 -51.35 -25.95 -26.68
CA GLU F 154 -51.57 -27.11 -27.55
C GLU F 154 -52.35 -28.23 -26.86
N LYS F 155 -52.13 -28.41 -25.55
CA LYS F 155 -52.87 -29.39 -24.76
C LYS F 155 -54.34 -28.98 -24.55
N VAL F 156 -54.55 -27.70 -24.21
CA VAL F 156 -55.91 -27.16 -24.03
C VAL F 156 -56.67 -27.10 -25.36
N PHE F 157 -55.97 -26.75 -26.43
CA PHE F 157 -56.53 -26.76 -27.80
C PHE F 157 -56.95 -28.16 -28.24
N GLU F 158 -56.21 -29.18 -27.80
CA GLU F 158 -56.54 -30.59 -28.10
C GLU F 158 -57.90 -31.01 -27.55
N LEU F 159 -58.24 -30.53 -26.35
CA LEU F 159 -59.54 -30.78 -25.73
C LEU F 159 -60.69 -30.12 -26.52
N MET F 160 -60.48 -28.88 -26.95
CA MET F 160 -61.48 -28.13 -27.72
C MET F 160 -61.79 -28.77 -29.07
N THR F 161 -60.80 -29.45 -29.66
CA THR F 161 -61.01 -30.25 -30.87
C THR F 161 -61.86 -31.50 -30.58
N ASN F 162 -61.59 -32.15 -29.44
CA ASN F 162 -62.34 -33.35 -29.02
C ASN F 162 -63.80 -33.05 -28.67
N LEU F 163 -64.06 -31.88 -28.09
CA LEU F 163 -65.43 -31.42 -27.85
C LEU F 163 -66.14 -31.10 -29.17
N HIS F 164 -65.44 -30.41 -30.06
CA HIS F 164 -65.96 -30.12 -31.41
C HIS F 164 -66.35 -31.38 -32.19
N THR F 165 -65.52 -32.42 -32.09
CA THR F 165 -65.81 -33.73 -32.68
C THR F 165 -67.09 -34.35 -32.10
N LYS F 166 -67.33 -34.10 -30.82
CA LYS F 166 -68.53 -34.57 -30.11
C LYS F 166 -69.80 -33.81 -30.52
N LEU F 167 -69.71 -32.47 -30.58
CA LEU F 167 -70.89 -31.61 -30.77
C LEU F 167 -71.43 -31.52 -32.20
N GLU F 168 -70.59 -31.70 -33.21
CA GLU F 168 -71.01 -31.62 -34.61
C GLU F 168 -72.03 -32.71 -35.00
N GLY F 169 -71.92 -33.88 -34.36
CA GLY F 169 -72.89 -34.96 -34.53
C GLY F 169 -74.30 -34.66 -34.01
N PHE F 170 -74.40 -33.81 -33.00
CA PHE F 170 -75.70 -33.44 -32.40
C PHE F 170 -76.60 -32.65 -33.35
N HIS F 171 -76.00 -31.88 -34.26
CA HIS F 171 -76.75 -30.99 -35.13
C HIS F 171 -77.58 -31.78 -36.15
N THR F 172 -76.92 -32.70 -36.85
CA THR F 172 -77.54 -33.49 -37.92
C THR F 172 -78.40 -34.66 -37.44
N GLN F 173 -78.31 -35.04 -36.17
CA GLN F 173 -79.08 -36.19 -35.64
C GLN F 173 -80.58 -35.88 -35.49
N ILE F 174 -80.93 -34.60 -35.33
CA ILE F 174 -82.34 -34.20 -35.25
C ILE F 174 -83.02 -34.44 -36.60
N SER F 175 -82.33 -34.07 -37.69
CA SER F 175 -82.78 -34.40 -39.05
C SER F 175 -82.84 -35.92 -39.29
N LYS F 176 -81.85 -36.64 -38.76
CA LYS F 176 -81.80 -38.11 -38.80
C LYS F 176 -83.01 -38.75 -38.10
N TYR F 177 -83.43 -38.17 -36.97
CA TYR F 177 -84.56 -38.70 -36.19
C TYR F 177 -85.89 -38.68 -36.96
N PHE F 178 -86.25 -37.50 -37.47
CA PHE F 178 -87.49 -37.33 -38.24
C PHE F 178 -87.45 -38.10 -39.56
N SER F 179 -86.28 -38.19 -40.17
CA SER F 179 -86.08 -38.99 -41.39
C SER F 179 -86.28 -40.48 -41.11
N GLU F 180 -85.67 -40.98 -40.03
CA GLU F 180 -85.80 -42.40 -39.64
C GLU F 180 -87.19 -42.75 -39.11
N ARG F 181 -87.83 -41.84 -38.38
CA ARG F 181 -89.21 -42.04 -37.92
C ARG F 181 -90.20 -41.97 -39.09
N GLY F 182 -89.99 -41.01 -40.00
CA GLY F 182 -90.81 -40.87 -41.21
C GLY F 182 -90.78 -42.08 -42.12
N ASP F 183 -89.61 -42.71 -42.24
CA ASP F 183 -89.47 -43.98 -42.98
C ASP F 183 -90.15 -45.14 -42.24
N ALA F 184 -90.00 -45.17 -40.91
CA ALA F 184 -90.61 -46.21 -40.07
C ALA F 184 -92.13 -46.13 -40.03
N VAL F 185 -92.67 -44.91 -39.94
CA VAL F 185 -94.12 -44.69 -39.99
C VAL F 185 -94.66 -45.05 -41.38
N ALA F 186 -93.92 -44.69 -42.43
CA ALA F 186 -94.28 -45.02 -43.81
C ALA F 186 -94.32 -46.53 -44.07
N LYS F 187 -93.28 -47.23 -43.61
CA LYS F 187 -93.21 -48.71 -43.70
C LYS F 187 -94.33 -49.41 -42.94
N ALA F 188 -94.73 -48.86 -41.80
CA ALA F 188 -95.85 -49.39 -41.01
C ALA F 188 -97.19 -49.22 -41.73
N ALA F 189 -97.41 -48.04 -42.31
CA ALA F 189 -98.62 -47.76 -43.09
C ALA F 189 -98.66 -48.50 -44.42
N LYS F 190 -97.50 -48.62 -45.07
CA LYS F 190 -97.35 -49.39 -46.32
C LYS F 190 -97.68 -50.87 -46.12
N GLN F 191 -97.19 -51.44 -45.01
CA GLN F 191 -97.38 -52.85 -44.68
C GLN F 191 -97.86 -52.98 -43.21
N PRO F 192 -99.17 -52.81 -42.96
CA PRO F 192 -99.71 -52.85 -41.59
C PRO F 192 -99.66 -54.21 -40.88
N HIS F 193 -99.56 -55.30 -41.65
CA HIS F 193 -99.45 -56.65 -41.08
C HIS F 193 -98.17 -56.90 -40.26
N VAL F 194 -97.12 -56.11 -40.50
CA VAL F 194 -95.85 -56.23 -39.77
C VAL F 194 -95.94 -55.47 -38.45
N GLY F 195 -95.89 -56.21 -37.34
CA GLY F 195 -95.96 -55.62 -36.00
C GLY F 195 -94.70 -54.89 -35.54
N ASP F 196 -93.54 -55.27 -36.10
CA ASP F 196 -92.26 -54.65 -35.74
C ASP F 196 -92.13 -53.19 -36.16
N TYR F 197 -92.67 -52.84 -37.33
CA TYR F 197 -92.65 -51.44 -37.80
C TYR F 197 -93.49 -50.50 -36.92
N ARG F 198 -94.52 -51.06 -36.28
CA ARG F 198 -95.33 -50.31 -35.31
C ARG F 198 -94.53 -50.10 -34.02
N GLN F 199 -93.86 -51.17 -33.58
CA GLN F 199 -92.97 -51.13 -32.41
C GLN F 199 -91.73 -50.27 -32.65
N LEU F 200 -91.19 -50.32 -33.88
CA LEU F 200 -90.03 -49.52 -34.29
C LEU F 200 -90.22 -48.03 -34.05
N VAL F 201 -91.41 -47.52 -34.37
CA VAL F 201 -91.75 -46.10 -34.21
C VAL F 201 -91.71 -45.68 -32.73
N HIS F 202 -92.22 -46.55 -31.84
CA HIS F 202 -92.21 -46.27 -30.39
C HIS F 202 -90.81 -46.40 -29.79
N GLU F 203 -89.98 -47.26 -30.36
CA GLU F 203 -88.58 -47.43 -29.92
C GLU F 203 -87.67 -46.27 -30.35
N LEU F 204 -87.92 -45.69 -31.51
CA LEU F 204 -87.22 -44.46 -31.92
C LEU F 204 -87.57 -43.29 -31.00
N ASP F 205 -88.83 -43.22 -30.56
CA ASP F 205 -89.30 -42.19 -29.63
C ASP F 205 -88.63 -42.30 -28.26
N GLU F 206 -88.51 -43.52 -27.75
CA GLU F 206 -87.77 -43.78 -26.50
C GLU F 206 -86.27 -43.53 -26.67
N ALA F 207 -85.72 -43.97 -27.80
CA ALA F 207 -84.30 -43.78 -28.10
C ALA F 207 -83.92 -42.32 -28.28
N GLU F 208 -84.81 -41.54 -28.92
CA GLU F 208 -84.59 -40.10 -29.13
C GLU F 208 -84.68 -39.32 -27.82
N TYR F 209 -85.68 -39.66 -27.01
CA TYR F 209 -85.84 -39.07 -25.66
C TYR F 209 -84.58 -39.25 -24.80
N GLN F 210 -84.04 -40.46 -24.80
CA GLN F 210 -82.82 -40.77 -24.05
C GLN F 210 -81.59 -40.09 -24.64
N GLU F 211 -81.58 -39.92 -25.97
CA GLU F 211 -80.51 -39.20 -26.67
C GLU F 211 -80.51 -37.70 -26.37
N ILE F 212 -81.71 -37.11 -26.24
CA ILE F 212 -81.85 -35.70 -25.82
C ILE F 212 -81.37 -35.49 -24.39
N ARG F 213 -81.62 -36.46 -23.51
CA ARG F 213 -81.13 -36.41 -22.13
C ARG F 213 -79.60 -36.40 -22.07
N LEU F 214 -78.94 -37.17 -22.93
CA LEU F 214 -77.47 -37.21 -23.00
C LEU F 214 -76.89 -35.97 -23.69
N MET F 215 -77.52 -35.50 -24.77
CA MET F 215 -77.06 -34.29 -25.48
C MET F 215 -77.06 -33.05 -24.59
N VAL F 216 -78.04 -32.96 -23.70
CA VAL F 216 -78.09 -31.89 -22.69
C VAL F 216 -76.96 -32.08 -21.66
N MET F 217 -76.77 -33.32 -21.20
CA MET F 217 -75.67 -33.65 -20.27
C MET F 217 -74.29 -33.32 -20.86
N GLU F 218 -74.07 -33.72 -22.12
CA GLU F 218 -72.81 -33.46 -22.82
C GLU F 218 -72.54 -31.97 -22.98
N ILE F 219 -73.59 -31.22 -23.32
CA ILE F 219 -73.53 -29.76 -23.48
C ILE F 219 -73.22 -29.05 -22.14
N ARG F 220 -73.81 -29.54 -21.06
CA ARG F 220 -73.50 -29.07 -19.70
C ARG F 220 -72.04 -29.34 -19.35
N ASN F 221 -71.61 -30.58 -19.59
CA ASN F 221 -70.24 -31.02 -19.28
C ASN F 221 -69.20 -30.35 -20.20
N ALA F 222 -69.62 -29.96 -21.40
CA ALA F 222 -68.74 -29.21 -22.33
C ALA F 222 -68.40 -27.82 -21.79
N TYR F 223 -69.41 -27.12 -21.28
CA TYR F 223 -69.19 -25.82 -20.62
C TYR F 223 -68.38 -25.93 -19.33
N ALA F 224 -68.70 -26.94 -18.51
CA ALA F 224 -68.04 -27.17 -17.23
C ALA F 224 -66.55 -27.48 -17.38
N VAL F 225 -66.24 -28.39 -18.30
CA VAL F 225 -64.85 -28.78 -18.57
C VAL F 225 -64.04 -27.63 -19.18
N LEU F 226 -64.65 -26.88 -20.10
CA LEU F 226 -64.00 -25.71 -20.72
C LEU F 226 -63.71 -24.61 -19.70
N TYR F 227 -64.71 -24.28 -18.87
CA TYR F 227 -64.52 -23.29 -17.81
C TYR F 227 -63.39 -23.69 -16.87
N ASP F 228 -63.33 -24.97 -16.51
CA ASP F 228 -62.32 -25.48 -15.60
C ASP F 228 -60.91 -25.35 -16.16
N ILE F 229 -60.70 -25.94 -17.34
CA ILE F 229 -59.37 -26.01 -17.94
C ILE F 229 -58.80 -24.66 -18.38
N ILE F 230 -59.67 -23.76 -18.84
CA ILE F 230 -59.25 -22.42 -19.27
C ILE F 230 -58.90 -21.55 -18.05
N LEU F 231 -59.74 -21.59 -17.03
CA LEU F 231 -59.52 -20.80 -15.80
C LEU F 231 -58.30 -21.27 -15.01
N LYS F 232 -58.09 -22.58 -14.94
CA LYS F 232 -56.91 -23.16 -14.28
C LYS F 232 -55.61 -22.77 -14.99
N ASN F 233 -55.59 -22.86 -16.32
CA ASN F 233 -54.41 -22.57 -17.12
C ASN F 233 -54.35 -21.14 -17.69
N PHE F 234 -55.22 -20.24 -17.22
CA PHE F 234 -55.37 -18.91 -17.84
C PHE F 234 -54.07 -18.09 -17.93
N GLU F 235 -53.21 -18.23 -16.91
CA GLU F 235 -51.91 -17.55 -16.91
C GLU F 235 -51.05 -17.95 -18.10
N LYS F 236 -50.93 -19.25 -18.34
CA LYS F 236 -50.10 -19.78 -19.42
C LYS F 236 -50.75 -19.62 -20.80
N LEU F 237 -52.08 -19.64 -20.86
CA LEU F 237 -52.80 -19.49 -22.13
C LEU F 237 -52.72 -18.08 -22.71
N LYS F 238 -52.91 -17.08 -21.86
CA LYS F 238 -52.90 -15.67 -22.25
C LYS F 238 -51.48 -15.19 -22.58
N LYS F 239 -50.56 -15.42 -21.65
CA LYS F 239 -49.17 -14.99 -21.77
C LYS F 239 -48.21 -16.16 -21.52
N PRO F 240 -47.97 -16.98 -22.57
CA PRO F 240 -47.13 -18.18 -22.42
C PRO F 240 -45.63 -17.91 -22.20
N ARG F 241 -45.13 -16.85 -22.84
CA ARG F 241 -43.72 -16.49 -22.75
C ARG F 241 -43.49 -15.55 -21.56
N VAL G 6 -63.12 -12.05 -14.00
CA VAL G 6 -63.95 -13.05 -13.23
C VAL G 6 -64.89 -12.31 -12.28
N HIS G 7 -66.08 -12.87 -12.06
CA HIS G 7 -67.13 -12.24 -11.24
C HIS G 7 -67.30 -12.95 -9.89
N PRO G 8 -67.90 -12.27 -8.88
CA PRO G 8 -68.03 -12.88 -7.55
C PRO G 8 -69.11 -13.97 -7.45
N GLU G 9 -70.34 -13.63 -7.82
CA GLU G 9 -71.46 -14.59 -7.76
C GLU G 9 -71.43 -15.64 -8.87
N ALA G 10 -70.70 -15.38 -9.95
CA ALA G 10 -70.51 -16.34 -11.03
C ALA G 10 -69.71 -17.56 -10.55
N GLN G 11 -68.62 -17.29 -9.84
CA GLN G 11 -67.83 -18.34 -9.15
C GLN G 11 -68.71 -19.24 -8.28
N ALA G 12 -69.66 -18.63 -7.56
CA ALA G 12 -70.60 -19.38 -6.71
C ALA G 12 -71.49 -20.35 -7.50
N LYS G 13 -71.92 -19.94 -8.70
CA LYS G 13 -72.74 -20.80 -9.57
C LYS G 13 -71.99 -22.03 -10.08
N VAL G 14 -70.68 -21.89 -10.31
CA VAL G 14 -69.85 -22.99 -10.84
C VAL G 14 -69.41 -23.95 -9.73
N ASP G 15 -68.95 -23.40 -8.60
CA ASP G 15 -68.47 -24.25 -7.49
C ASP G 15 -69.57 -25.06 -6.79
N VAL G 16 -70.81 -24.57 -6.85
CA VAL G 16 -71.98 -25.34 -6.40
C VAL G 16 -72.22 -26.56 -7.30
N PHE G 17 -71.98 -26.41 -8.60
CA PHE G 17 -72.04 -27.56 -9.54
C PHE G 17 -70.93 -28.59 -9.26
N ARG G 18 -69.72 -28.11 -8.93
CA ARG G 18 -68.61 -29.00 -8.53
C ARG G 18 -68.93 -29.70 -7.20
N GLU G 19 -69.50 -28.95 -6.26
CA GLU G 19 -69.98 -29.51 -4.99
C GLU G 19 -71.09 -30.55 -5.22
N ASP G 20 -72.01 -30.24 -6.14
CA ASP G 20 -73.10 -31.14 -6.50
C ASP G 20 -72.59 -32.42 -7.17
N LEU G 21 -71.58 -32.28 -8.04
CA LEU G 21 -70.98 -33.43 -8.72
C LEU G 21 -70.06 -34.24 -7.80
N CYS G 22 -69.39 -33.58 -6.86
CA CYS G 22 -68.57 -34.25 -5.84
C CYS G 22 -69.43 -35.00 -4.83
N SER G 23 -70.54 -34.36 -4.40
CA SER G 23 -71.50 -34.98 -3.48
C SER G 23 -72.27 -36.13 -4.13
N LYS G 24 -72.57 -36.00 -5.42
CA LYS G 24 -73.20 -37.09 -6.19
C LYS G 24 -72.28 -38.30 -6.27
N THR G 25 -71.07 -38.10 -6.80
CA THR G 25 -70.11 -39.18 -7.08
C THR G 25 -69.75 -40.04 -5.85
N GLU G 26 -69.43 -39.39 -4.74
CA GLU G 26 -69.04 -40.11 -3.51
C GLU G 26 -70.20 -40.88 -2.88
N ASN G 27 -71.41 -40.31 -2.93
CA ASN G 27 -72.63 -41.01 -2.51
C ASN G 27 -73.01 -42.12 -3.49
N LEU G 28 -72.92 -41.80 -4.78
CA LEU G 28 -73.16 -42.74 -5.89
C LEU G 28 -72.24 -43.95 -5.80
N LEU G 29 -70.94 -43.70 -5.81
CA LEU G 29 -69.91 -44.76 -5.71
C LEU G 29 -70.04 -45.59 -4.44
N GLY G 30 -70.41 -44.95 -3.34
CA GLY G 30 -70.56 -45.63 -2.05
C GLY G 30 -71.70 -46.63 -1.97
N SER G 31 -72.85 -46.29 -2.55
CA SER G 31 -74.07 -47.11 -2.42
C SER G 31 -74.71 -47.60 -3.73
N TYR G 32 -74.74 -46.76 -4.76
CA TYR G 32 -75.44 -47.06 -6.02
C TYR G 32 -74.78 -48.20 -6.81
N PHE G 33 -73.46 -48.13 -6.95
CA PHE G 33 -72.68 -49.11 -7.74
C PHE G 33 -72.70 -50.52 -7.14
N PRO G 34 -72.40 -50.67 -5.83
CA PRO G 34 -72.62 -51.95 -5.13
C PRO G 34 -74.01 -52.56 -5.31
N LYS G 35 -75.05 -51.72 -5.27
CA LYS G 35 -76.43 -52.16 -5.44
C LYS G 35 -76.66 -52.68 -6.85
N LYS G 36 -76.29 -51.86 -7.84
CA LYS G 36 -76.45 -52.20 -9.26
C LYS G 36 -75.78 -53.53 -9.67
N ILE G 37 -74.63 -53.84 -9.09
CA ILE G 37 -73.91 -55.09 -9.39
C ILE G 37 -74.66 -56.31 -8.87
N SER G 38 -75.20 -56.22 -7.67
CA SER G 38 -75.99 -57.31 -7.07
C SER G 38 -77.33 -57.51 -7.79
N GLU G 39 -77.98 -56.40 -8.18
CA GLU G 39 -79.24 -56.45 -8.91
C GLU G 39 -79.11 -57.03 -10.32
N LEU G 40 -78.09 -56.58 -11.05
CA LEU G 40 -77.82 -57.06 -12.41
C LEU G 40 -77.29 -58.49 -12.46
N ASP G 41 -76.55 -58.91 -11.43
CA ASP G 41 -76.13 -60.32 -11.30
C ASP G 41 -77.36 -61.19 -11.02
N ALA G 42 -78.24 -60.72 -10.13
CA ALA G 42 -79.52 -61.39 -9.86
C ALA G 42 -80.42 -61.50 -11.11
N PHE G 43 -80.40 -60.47 -11.95
CA PHE G 43 -81.07 -60.47 -13.27
C PHE G 43 -80.56 -61.65 -14.11
N LEU G 44 -79.24 -61.77 -14.24
CA LEU G 44 -78.62 -62.83 -15.04
C LEU G 44 -78.97 -64.25 -14.57
N LYS G 45 -79.19 -64.41 -13.27
CA LYS G 45 -79.56 -65.70 -12.69
C LYS G 45 -81.07 -66.01 -12.70
N GLU G 46 -81.90 -65.02 -13.00
CA GLU G 46 -83.35 -65.25 -13.18
C GLU G 46 -83.62 -66.14 -14.40
N PRO G 47 -84.74 -66.89 -14.39
CA PRO G 47 -85.00 -67.84 -15.48
C PRO G 47 -85.43 -67.21 -16.82
N ALA G 48 -85.70 -65.90 -16.85
CA ALA G 48 -85.97 -65.19 -18.10
C ALA G 48 -84.76 -65.15 -19.03
N LEU G 49 -83.59 -64.84 -18.46
CA LEU G 49 -82.32 -64.82 -19.21
C LEU G 49 -81.51 -66.13 -19.14
N ASN G 50 -82.12 -67.20 -18.62
CA ASN G 50 -81.52 -68.54 -18.63
C ASN G 50 -82.52 -69.53 -19.21
N GLU G 51 -82.86 -69.33 -20.48
CA GLU G 51 -83.74 -70.25 -21.21
C GLU G 51 -83.01 -71.57 -21.46
N ALA G 52 -83.56 -72.65 -20.91
CA ALA G 52 -82.95 -73.99 -20.99
C ALA G 52 -82.84 -74.50 -22.43
N ASN G 53 -83.83 -74.19 -23.26
CA ASN G 53 -83.86 -74.58 -24.66
C ASN G 53 -84.17 -73.38 -25.54
N LEU G 54 -83.39 -73.21 -26.62
CA LEU G 54 -83.51 -72.05 -27.52
C LEU G 54 -84.72 -72.08 -28.46
N SER G 55 -85.46 -73.20 -28.51
CA SER G 55 -86.68 -73.28 -29.31
C SER G 55 -87.88 -72.58 -28.65
N ASN G 56 -87.89 -72.47 -27.32
CA ASN G 56 -89.03 -71.91 -26.58
C ASN G 56 -89.24 -70.41 -26.80
N LEU G 57 -88.16 -69.66 -27.05
CA LEU G 57 -88.25 -68.23 -27.37
C LEU G 57 -88.89 -67.91 -28.73
N LYS G 58 -88.96 -68.91 -29.63
CA LYS G 58 -89.55 -68.75 -30.97
C LYS G 58 -90.98 -68.22 -30.92
N ALA G 59 -91.21 -67.09 -31.60
CA ALA G 59 -92.54 -66.48 -31.69
C ALA G 59 -93.37 -67.15 -32.78
N PRO G 60 -94.72 -67.11 -32.65
CA PRO G 60 -95.57 -67.63 -33.73
C PRO G 60 -95.53 -66.77 -34.99
N LEU G 61 -95.08 -67.35 -36.10
CA LEU G 61 -94.98 -66.66 -37.39
C LEU G 61 -96.09 -67.15 -38.32
N ASP G 62 -97.21 -66.42 -38.29
CA ASP G 62 -98.43 -66.82 -39.03
C ASP G 62 -98.49 -66.15 -40.41
N ILE G 63 -98.02 -66.88 -41.42
CA ILE G 63 -98.11 -66.49 -42.83
C ILE G 63 -98.66 -67.69 -43.61
N PRO G 64 -99.60 -67.46 -44.57
CA PRO G 64 -100.08 -68.61 -45.35
C PRO G 64 -99.06 -69.06 -46.40
N VAL G 65 -98.68 -70.34 -46.36
CA VAL G 65 -97.71 -70.93 -47.31
C VAL G 65 -98.46 -71.57 -48.51
N PRO G 66 -98.43 -70.92 -49.70
CA PRO G 66 -99.14 -71.47 -50.86
C PRO G 66 -98.23 -72.27 -51.78
N CYS G 101 -102.28 -60.88 -45.90
CA CYS G 101 -101.64 -61.64 -44.83
C CYS G 101 -102.05 -61.12 -43.45
N GLY G 102 -102.17 -62.04 -42.50
CA GLY G 102 -102.57 -61.71 -41.13
C GLY G 102 -101.47 -61.02 -40.34
N PRO G 103 -101.80 -60.53 -39.12
CA PRO G 103 -100.87 -59.73 -38.33
C PRO G 103 -99.75 -60.57 -37.69
N VAL G 104 -98.51 -60.12 -37.84
CA VAL G 104 -97.34 -60.77 -37.24
C VAL G 104 -96.84 -59.89 -36.10
N ASN G 105 -97.01 -60.37 -34.86
CA ASN G 105 -96.60 -59.62 -33.67
C ASN G 105 -95.09 -59.71 -33.46
N CYS G 106 -94.58 -58.82 -32.61
CA CYS G 106 -93.20 -58.87 -32.15
C CYS G 106 -93.03 -60.03 -31.17
N ASN G 107 -91.79 -60.46 -30.95
CA ASN G 107 -91.51 -61.56 -30.02
C ASN G 107 -91.74 -61.07 -28.58
N GLU G 108 -92.85 -61.52 -27.99
CA GLU G 108 -93.27 -61.08 -26.65
C GLU G 108 -92.25 -61.36 -25.55
N LYS G 109 -91.57 -62.49 -25.64
CA LYS G 109 -90.53 -62.85 -24.67
C LYS G 109 -89.27 -61.96 -24.73
N ILE G 110 -88.97 -61.43 -25.91
CA ILE G 110 -87.88 -60.45 -26.08
C ILE G 110 -88.34 -59.04 -25.68
N VAL G 111 -89.56 -58.66 -26.03
CA VAL G 111 -90.08 -57.32 -25.74
C VAL G 111 -90.16 -57.05 -24.23
N VAL G 112 -90.67 -58.01 -23.45
CA VAL G 112 -90.67 -57.89 -21.97
C VAL G 112 -89.26 -57.76 -21.36
N LEU G 113 -88.28 -58.43 -21.98
CA LEU G 113 -86.87 -58.28 -21.57
C LEU G 113 -86.29 -56.92 -21.92
N LEU G 114 -86.64 -56.40 -23.10
CA LEU G 114 -86.22 -55.05 -23.52
C LEU G 114 -86.80 -53.93 -22.66
N GLN G 115 -87.99 -54.13 -22.09
CA GLN G 115 -88.57 -53.18 -21.11
C GLN G 115 -87.74 -53.07 -19.83
N ARG G 116 -87.09 -54.17 -19.44
CA ARG G 116 -86.20 -54.20 -18.28
C ARG G 116 -84.78 -53.73 -18.61
N LEU G 117 -84.31 -53.99 -19.83
CA LEU G 117 -82.95 -53.61 -20.25
C LEU G 117 -82.80 -52.11 -20.52
N LYS G 118 -83.82 -51.49 -21.13
CA LYS G 118 -83.76 -50.06 -21.51
C LYS G 118 -83.46 -49.08 -20.36
N PRO G 119 -84.14 -49.24 -19.20
CA PRO G 119 -83.77 -48.40 -18.05
C PRO G 119 -82.37 -48.69 -17.49
N GLU G 120 -81.93 -49.95 -17.55
CA GLU G 120 -80.58 -50.34 -17.11
C GLU G 120 -79.47 -49.73 -17.98
N ILE G 121 -79.74 -49.58 -19.28
CA ILE G 121 -78.83 -48.87 -20.19
C ILE G 121 -78.79 -47.38 -19.85
N LYS G 122 -79.97 -46.78 -19.68
CA LYS G 122 -80.10 -45.36 -19.30
C LYS G 122 -79.30 -45.00 -18.04
N ASP G 123 -79.37 -45.85 -17.02
CA ASP G 123 -78.74 -45.57 -15.73
C ASP G 123 -77.21 -45.59 -15.83
N VAL G 124 -76.65 -46.66 -16.39
CA VAL G 124 -75.19 -46.80 -16.51
C VAL G 124 -74.56 -45.76 -17.43
N THR G 125 -75.24 -45.41 -18.52
CA THR G 125 -74.74 -44.39 -19.45
C THR G 125 -74.72 -42.99 -18.83
N GLU G 126 -75.67 -42.70 -17.93
CA GLU G 126 -75.68 -41.43 -17.19
C GLU G 126 -74.61 -41.38 -16.11
N GLN G 127 -74.53 -42.43 -15.29
CA GLN G 127 -73.58 -42.46 -14.17
C GLN G 127 -72.13 -42.56 -14.65
N LEU G 128 -71.91 -43.24 -15.77
CA LEU G 128 -70.61 -43.22 -16.46
C LEU G 128 -70.25 -41.81 -16.90
N ASN G 129 -71.20 -41.13 -17.55
CA ASN G 129 -70.99 -39.75 -18.04
C ASN G 129 -70.79 -38.74 -16.90
N LEU G 130 -71.43 -39.00 -15.76
CA LEU G 130 -71.23 -38.20 -14.54
C LEU G 130 -69.84 -38.41 -13.96
N VAL G 131 -69.45 -39.67 -13.78
CA VAL G 131 -68.13 -40.05 -13.24
C VAL G 131 -66.99 -39.57 -14.12
N THR G 132 -67.16 -39.63 -15.45
CA THR G 132 -66.18 -39.12 -16.41
C THR G 132 -65.97 -37.61 -16.23
N THR G 133 -67.07 -36.86 -16.07
CA THR G 133 -67.00 -35.42 -15.88
C THR G 133 -66.35 -35.03 -14.56
N TRP G 134 -66.64 -35.78 -13.49
CA TRP G 134 -65.99 -35.58 -12.19
C TRP G 134 -64.46 -35.70 -12.31
N LEU G 135 -64.00 -36.72 -13.02
CA LEU G 135 -62.57 -36.96 -13.22
C LEU G 135 -61.88 -35.84 -14.01
N GLN G 136 -62.57 -35.28 -15.01
CA GLN G 136 -62.03 -34.17 -15.80
C GLN G 136 -61.86 -32.88 -15.00
N LEU G 137 -62.78 -32.62 -14.07
CA LEU G 137 -62.69 -31.46 -13.19
C LEU G 137 -61.63 -31.62 -12.09
N GLN G 138 -61.27 -32.86 -11.77
CA GLN G 138 -60.16 -33.15 -10.84
C GLN G 138 -58.76 -33.02 -11.45
N ILE G 139 -58.67 -32.89 -12.79
CA ILE G 139 -57.38 -32.67 -13.47
C ILE G 139 -56.86 -31.29 -13.08
N PRO G 140 -55.66 -31.23 -12.45
CA PRO G 140 -55.12 -29.94 -12.00
C PRO G 140 -54.55 -29.12 -13.15
N ARG G 141 -53.93 -27.99 -12.83
CA ARG G 141 -53.27 -27.16 -13.84
C ARG G 141 -52.14 -27.93 -14.51
N ILE G 142 -51.98 -27.73 -15.82
CA ILE G 142 -50.95 -28.39 -16.60
C ILE G 142 -49.60 -27.71 -16.31
N GLU G 143 -48.78 -28.37 -15.49
CA GLU G 143 -47.45 -27.88 -15.13
C GLU G 143 -46.35 -28.58 -15.92
N ASP G 144 -45.16 -27.97 -15.91
CA ASP G 144 -44.02 -28.40 -16.74
C ASP G 144 -43.53 -29.80 -16.35
N GLY G 145 -42.92 -30.50 -17.30
CA GLY G 145 -42.41 -31.86 -17.06
C GLY G 145 -43.52 -32.90 -16.99
N ASN G 146 -43.35 -33.88 -16.11
CA ASN G 146 -44.36 -34.93 -15.90
C ASN G 146 -44.59 -35.14 -14.40
N ASN G 147 -45.83 -34.88 -13.96
CA ASN G 147 -46.30 -35.27 -12.62
C ASN G 147 -47.08 -36.58 -12.75
N PHE G 148 -46.79 -37.53 -11.87
CA PHE G 148 -47.35 -38.88 -11.98
C PHE G 148 -48.85 -38.95 -11.65
N GLY G 149 -49.29 -38.16 -10.67
CA GLY G 149 -50.71 -38.10 -10.29
C GLY G 149 -51.66 -37.78 -11.44
N VAL G 150 -51.18 -36.97 -12.40
CA VAL G 150 -51.94 -36.66 -13.62
C VAL G 150 -52.00 -37.89 -14.54
N ALA G 151 -50.88 -38.62 -14.65
CA ALA G 151 -50.81 -39.85 -15.45
C ALA G 151 -51.73 -40.97 -14.94
N VAL G 152 -51.98 -40.98 -13.62
CA VAL G 152 -52.95 -41.91 -13.01
C VAL G 152 -54.37 -41.57 -13.48
N GLN G 153 -54.72 -40.28 -13.46
CA GLN G 153 -56.03 -39.81 -13.92
C GLN G 153 -56.28 -40.13 -15.40
N GLU G 154 -55.28 -39.88 -16.23
CA GLU G 154 -55.37 -40.13 -17.68
C GLU G 154 -55.47 -41.63 -18.03
N LYS G 155 -54.91 -42.50 -17.18
CA LYS G 155 -55.04 -43.96 -17.34
C LYS G 155 -56.45 -44.44 -16.95
N VAL G 156 -56.98 -43.93 -15.86
CA VAL G 156 -58.34 -44.24 -15.40
C VAL G 156 -59.39 -43.62 -16.35
N PHE G 157 -59.11 -42.42 -16.84
CA PHE G 157 -59.94 -41.75 -17.84
C PHE G 157 -59.98 -42.51 -19.17
N GLU G 158 -58.84 -43.09 -19.57
CA GLU G 158 -58.73 -43.90 -20.79
C GLU G 158 -59.69 -45.08 -20.78
N LEU G 159 -59.85 -45.73 -19.63
CA LEU G 159 -60.82 -46.82 -19.47
C LEU G 159 -62.27 -46.36 -19.59
N MET G 160 -62.58 -45.18 -19.04
CA MET G 160 -63.94 -44.61 -19.09
C MET G 160 -64.39 -44.30 -20.51
N THR G 161 -63.47 -43.79 -21.32
CA THR G 161 -63.72 -43.56 -22.75
C THR G 161 -63.84 -44.88 -23.54
N ASN G 162 -63.06 -45.89 -23.14
CA ASN G 162 -63.20 -47.24 -23.72
C ASN G 162 -64.54 -47.89 -23.38
N LEU G 163 -65.05 -47.68 -22.16
CA LEU G 163 -66.38 -48.17 -21.77
C LEU G 163 -67.48 -47.40 -22.48
N HIS G 164 -67.30 -46.09 -22.65
CA HIS G 164 -68.25 -45.24 -23.40
C HIS G 164 -68.46 -45.73 -24.85
N THR G 165 -67.41 -46.26 -25.47
CA THR G 165 -67.49 -46.87 -26.80
C THR G 165 -68.38 -48.11 -26.82
N LYS G 166 -68.24 -48.97 -25.80
CA LYS G 166 -69.06 -50.19 -25.69
C LYS G 166 -70.54 -49.88 -25.43
N LEU G 167 -70.81 -49.00 -24.48
CA LEU G 167 -72.19 -48.72 -24.05
C LEU G 167 -73.00 -47.81 -24.99
N GLU G 168 -72.33 -47.12 -25.92
CA GLU G 168 -73.05 -46.36 -26.97
C GLU G 168 -73.67 -47.26 -28.04
N GLY G 169 -72.99 -48.37 -28.36
CA GLY G 169 -73.51 -49.35 -29.32
C GLY G 169 -74.79 -50.05 -28.92
N PHE G 170 -75.04 -50.17 -27.61
CA PHE G 170 -76.25 -50.83 -27.10
C PHE G 170 -77.55 -50.08 -27.37
N HIS G 171 -77.48 -48.75 -27.46
CA HIS G 171 -78.68 -47.92 -27.51
C HIS G 171 -79.42 -48.04 -28.86
N THR G 172 -78.66 -47.87 -29.95
CA THR G 172 -79.19 -47.93 -31.31
C THR G 172 -79.40 -49.35 -31.84
N GLN G 173 -78.82 -50.36 -31.19
CA GLN G 173 -78.96 -51.77 -31.62
C GLN G 173 -80.36 -52.34 -31.41
N ILE G 174 -81.11 -51.79 -30.45
CA ILE G 174 -82.51 -52.18 -30.24
C ILE G 174 -83.38 -51.71 -31.41
N SER G 175 -83.17 -50.46 -31.85
CA SER G 175 -83.86 -49.92 -33.03
C SER G 175 -83.51 -50.65 -34.32
N LYS G 176 -82.25 -51.10 -34.44
CA LYS G 176 -81.81 -51.90 -35.59
C LYS G 176 -82.45 -53.30 -35.58
N TYR G 177 -82.63 -53.88 -34.40
CA TYR G 177 -83.25 -55.21 -34.26
C TYR G 177 -84.68 -55.23 -34.82
N PHE G 178 -85.50 -54.28 -34.39
CA PHE G 178 -86.87 -54.14 -34.89
C PHE G 178 -86.92 -53.76 -36.37
N SER G 179 -85.99 -52.92 -36.80
CA SER G 179 -85.87 -52.54 -38.21
C SER G 179 -85.50 -53.75 -39.08
N GLU G 180 -84.55 -54.57 -38.60
CA GLU G 180 -84.15 -55.79 -39.31
C GLU G 180 -85.20 -56.90 -39.26
N ARG G 181 -85.88 -57.04 -38.11
CA ARG G 181 -86.95 -58.03 -37.96
C ARG G 181 -88.18 -57.65 -38.80
N GLY G 182 -88.52 -56.36 -38.80
CA GLY G 182 -89.57 -55.83 -39.65
C GLY G 182 -89.33 -56.09 -41.14
N ASP G 183 -88.09 -55.90 -41.57
CA ASP G 183 -87.67 -56.23 -42.94
C ASP G 183 -87.74 -57.73 -43.22
N ALA G 184 -87.28 -58.53 -42.26
CA ALA G 184 -87.30 -60.00 -42.40
C ALA G 184 -88.71 -60.58 -42.46
N VAL G 185 -89.59 -60.08 -41.58
CA VAL G 185 -91.00 -60.49 -41.57
C VAL G 185 -91.72 -60.02 -42.84
N ALA G 186 -91.42 -58.79 -43.29
CA ALA G 186 -91.98 -58.25 -44.52
C ALA G 186 -91.55 -59.05 -45.76
N LYS G 187 -90.27 -59.43 -45.81
CA LYS G 187 -89.75 -60.29 -46.88
C LYS G 187 -90.36 -61.70 -46.87
N ALA G 188 -90.60 -62.24 -45.67
CA ALA G 188 -91.28 -63.52 -45.51
C ALA G 188 -92.73 -63.46 -45.99
N ALA G 189 -93.40 -62.36 -45.66
CA ALA G 189 -94.78 -62.13 -46.09
C ALA G 189 -94.91 -61.87 -47.59
N LYS G 190 -93.96 -61.10 -48.14
CA LYS G 190 -93.98 -60.76 -49.57
C LYS G 190 -93.67 -61.98 -50.46
N GLN G 191 -92.68 -62.77 -50.05
CA GLN G 191 -92.37 -64.06 -50.69
C GLN G 191 -92.57 -65.21 -49.68
N PRO G 192 -93.75 -65.85 -49.68
CA PRO G 192 -93.99 -66.98 -48.76
C PRO G 192 -93.37 -68.31 -49.22
N HIS G 193 -92.94 -68.42 -50.47
CA HIS G 193 -92.27 -69.63 -50.96
C HIS G 193 -90.84 -69.83 -50.45
N VAL G 194 -90.24 -68.78 -49.87
CA VAL G 194 -88.87 -68.83 -49.38
C VAL G 194 -88.83 -69.19 -47.89
N GLY G 195 -88.31 -70.37 -47.58
CA GLY G 195 -88.21 -70.86 -46.21
C GLY G 195 -87.14 -70.23 -45.35
N ASP G 196 -86.13 -69.62 -45.97
CA ASP G 196 -85.03 -68.97 -45.24
C ASP G 196 -85.45 -67.71 -44.48
N TYR G 197 -86.37 -66.93 -45.07
CA TYR G 197 -86.89 -65.73 -44.40
C TYR G 197 -87.69 -66.06 -43.14
N ARG G 198 -88.35 -67.22 -43.13
CA ARG G 198 -89.02 -67.71 -41.92
C ARG G 198 -88.02 -68.06 -40.84
N GLN G 199 -86.96 -68.78 -41.23
CA GLN G 199 -85.88 -69.14 -40.32
C GLN G 199 -85.16 -67.89 -39.80
N LEU G 200 -84.81 -66.98 -40.72
CA LEU G 200 -84.17 -65.69 -40.39
C LEU G 200 -84.84 -64.96 -39.23
N VAL G 201 -86.17 -64.85 -39.26
CA VAL G 201 -86.94 -64.18 -38.21
C VAL G 201 -86.77 -64.87 -36.84
N HIS G 202 -86.68 -66.20 -36.84
CA HIS G 202 -86.41 -66.97 -35.62
C HIS G 202 -84.93 -66.91 -35.21
N GLU G 203 -84.03 -66.75 -36.19
CA GLU G 203 -82.60 -66.55 -35.93
C GLU G 203 -82.29 -65.18 -35.36
N LEU G 204 -82.98 -64.14 -35.83
CA LEU G 204 -82.84 -62.79 -35.28
C LEU G 204 -83.29 -62.72 -33.81
N ASP G 205 -84.36 -63.45 -33.48
CA ASP G 205 -84.85 -63.54 -32.10
C ASP G 205 -83.90 -64.31 -31.19
N GLU G 206 -83.28 -65.38 -31.71
CA GLU G 206 -82.24 -66.12 -30.99
C GLU G 206 -80.98 -65.28 -30.78
N ALA G 207 -80.61 -64.52 -31.80
CA ALA G 207 -79.45 -63.63 -31.72
C ALA G 207 -79.67 -62.45 -30.76
N GLU G 208 -80.85 -61.84 -30.82
CA GLU G 208 -81.20 -60.72 -29.94
C GLU G 208 -81.37 -61.14 -28.48
N TYR G 209 -81.83 -62.37 -28.25
CA TYR G 209 -81.88 -62.94 -26.89
C TYR G 209 -80.47 -63.08 -26.31
N GLN G 210 -79.56 -63.65 -27.10
CA GLN G 210 -78.18 -63.85 -26.70
C GLN G 210 -77.37 -62.54 -26.67
N GLU G 211 -77.84 -61.53 -27.39
CA GLU G 211 -77.26 -60.18 -27.34
C GLU G 211 -77.71 -59.44 -26.07
N ILE G 212 -79.01 -59.49 -25.77
CA ILE G 212 -79.56 -58.96 -24.51
C ILE G 212 -78.89 -59.65 -23.30
N ARG G 213 -78.58 -60.94 -23.45
CA ARG G 213 -77.83 -61.70 -22.46
C ARG G 213 -76.45 -61.06 -22.18
N LEU G 214 -75.72 -60.72 -23.24
CA LEU G 214 -74.41 -60.06 -23.12
C LEU G 214 -74.51 -58.63 -22.60
N MET G 215 -75.51 -57.87 -23.05
CA MET G 215 -75.67 -56.47 -22.65
C MET G 215 -75.90 -56.28 -21.14
N VAL G 216 -76.58 -57.24 -20.49
CA VAL G 216 -76.74 -57.21 -19.04
C VAL G 216 -75.41 -57.54 -18.34
N MET G 217 -74.67 -58.50 -18.88
CA MET G 217 -73.33 -58.84 -18.38
C MET G 217 -72.36 -57.66 -18.53
N GLU G 218 -72.36 -57.03 -19.70
CA GLU G 218 -71.48 -55.89 -19.98
C GLU G 218 -71.72 -54.68 -19.07
N ILE G 219 -72.98 -54.38 -18.79
CA ILE G 219 -73.36 -53.28 -17.90
C ILE G 219 -73.02 -53.60 -16.43
N ARG G 220 -73.19 -54.87 -16.03
CA ARG G 220 -72.72 -55.35 -14.73
C ARG G 220 -71.21 -55.19 -14.61
N ASN G 221 -70.49 -55.68 -15.62
CA ASN G 221 -69.03 -55.61 -15.64
C ASN G 221 -68.50 -54.17 -15.75
N ALA G 222 -69.27 -53.28 -16.39
CA ALA G 222 -68.94 -51.86 -16.46
C ALA G 222 -68.96 -51.20 -15.08
N TYR G 223 -69.99 -51.51 -14.28
CA TYR G 223 -70.07 -51.03 -12.89
C TYR G 223 -68.96 -51.60 -12.01
N ALA G 224 -68.75 -52.92 -12.11
CA ALA G 224 -67.78 -53.63 -11.27
C ALA G 224 -66.35 -53.15 -11.48
N VAL G 225 -65.97 -52.97 -12.74
CA VAL G 225 -64.63 -52.48 -13.10
C VAL G 225 -64.45 -50.99 -12.72
N LEU G 226 -65.48 -50.18 -12.92
CA LEU G 226 -65.44 -48.75 -12.53
C LEU G 226 -65.31 -48.56 -11.02
N TYR G 227 -66.05 -49.35 -10.24
CA TYR G 227 -65.96 -49.30 -8.77
C TYR G 227 -64.56 -49.71 -8.32
N ASP G 228 -64.05 -50.81 -8.88
CA ASP G 228 -62.71 -51.31 -8.57
C ASP G 228 -61.62 -50.28 -8.83
N ILE G 229 -61.56 -49.79 -10.06
CA ILE G 229 -60.47 -48.90 -10.49
C ILE G 229 -60.47 -47.54 -9.76
N ILE G 230 -61.65 -46.98 -9.50
CA ILE G 230 -61.75 -45.68 -8.81
C ILE G 230 -61.44 -45.83 -7.31
N LEU G 231 -62.00 -46.86 -6.67
CA LEU G 231 -61.76 -47.11 -5.25
C LEU G 231 -60.28 -47.37 -4.94
N LYS G 232 -59.62 -48.10 -5.84
CA LYS G 232 -58.18 -48.39 -5.69
C LYS G 232 -57.30 -47.15 -5.86
N ASN G 233 -57.61 -46.31 -6.86
CA ASN G 233 -56.80 -45.14 -7.19
C ASN G 233 -57.32 -43.81 -6.63
N PHE G 234 -58.30 -43.84 -5.71
CA PHE G 234 -58.99 -42.62 -5.27
C PHE G 234 -58.07 -41.56 -4.64
N GLU G 235 -57.02 -42.01 -3.96
CA GLU G 235 -56.01 -41.11 -3.39
C GLU G 235 -55.37 -40.21 -4.45
N LYS G 236 -54.97 -40.81 -5.56
CA LYS G 236 -54.35 -40.07 -6.67
C LYS G 236 -55.35 -39.34 -7.58
N LEU G 237 -56.55 -39.89 -7.72
CA LEU G 237 -57.59 -39.28 -8.58
C LEU G 237 -58.11 -37.97 -8.01
N LYS G 238 -58.46 -37.97 -6.72
CA LYS G 238 -59.00 -36.79 -6.04
C LYS G 238 -57.92 -35.72 -5.86
N LYS G 239 -56.80 -36.12 -5.28
CA LYS G 239 -55.67 -35.22 -5.01
C LYS G 239 -54.40 -35.74 -5.68
N PRO G 240 -54.16 -35.33 -6.95
CA PRO G 240 -53.03 -35.84 -7.74
C PRO G 240 -51.67 -35.25 -7.36
N ARG G 241 -51.64 -33.99 -6.92
CA ARG G 241 -50.42 -33.34 -6.47
C ARG G 241 -50.14 -33.57 -4.97
N GLY G 242 -50.79 -34.57 -4.37
CA GLY G 242 -50.74 -34.77 -2.92
C GLY G 242 -51.58 -33.73 -2.20
N GLU G 243 -51.35 -33.61 -0.88
CA GLU G 243 -51.99 -32.58 -0.07
C GLU G 243 -51.18 -31.29 -0.14
N THR G 244 -51.81 -30.22 -0.61
CA THR G 244 -51.15 -28.91 -0.77
C THR G 244 -50.91 -28.24 0.58
N LEU H 4 4.22 38.79 56.75
CA LEU H 4 3.92 37.38 56.30
C LEU H 4 3.11 36.59 57.36
N ARG H 5 3.78 35.71 58.11
CA ARG H 5 3.12 34.76 59.04
C ARG H 5 2.00 33.94 58.33
N VAL H 6 0.82 33.82 58.94
CA VAL H 6 -0.27 32.92 58.50
C VAL H 6 0.19 31.44 58.44
N HIS H 7 1.24 31.08 59.18
CA HIS H 7 1.97 29.82 58.96
C HIS H 7 1.23 28.50 59.30
N PRO H 8 0.37 28.48 60.35
CA PRO H 8 -0.20 27.19 60.77
C PRO H 8 -1.01 26.45 59.70
N GLU H 9 -1.96 27.15 59.09
CA GLU H 9 -2.86 26.56 58.09
C GLU H 9 -2.37 26.75 56.65
N ALA H 10 -1.80 27.92 56.35
CA ALA H 10 -1.31 28.24 55.00
C ALA H 10 -0.14 27.37 54.58
N GLN H 11 0.90 27.34 55.43
CA GLN H 11 2.12 26.57 55.14
C GLN H 11 1.85 25.06 55.19
N ALA H 12 0.83 24.64 55.95
CA ALA H 12 0.36 23.26 55.93
C ALA H 12 -0.21 22.90 54.56
N LYS H 13 -1.19 23.67 54.09
CA LYS H 13 -1.80 23.49 52.76
C LYS H 13 -0.79 23.44 51.62
N VAL H 14 0.22 24.31 51.69
CA VAL H 14 1.27 24.39 50.66
C VAL H 14 2.24 23.21 50.76
N ASP H 15 2.59 22.80 51.98
CA ASP H 15 3.44 21.61 52.19
C ASP H 15 2.73 20.29 51.84
N VAL H 16 1.40 20.24 51.99
CA VAL H 16 0.61 19.11 51.48
C VAL H 16 0.70 19.05 49.96
N PHE H 17 0.63 20.21 49.30
CA PHE H 17 0.77 20.30 47.84
C PHE H 17 2.19 20.00 47.36
N ARG H 18 3.20 20.45 48.09
CA ARG H 18 4.60 20.18 47.74
C ARG H 18 4.94 18.70 47.94
N GLU H 19 4.45 18.10 49.02
CA GLU H 19 4.59 16.66 49.23
C GLU H 19 3.76 15.84 48.24
N ASP H 20 2.61 16.38 47.82
CA ASP H 20 1.85 15.80 46.70
C ASP H 20 2.69 15.83 45.42
N LEU H 21 3.25 17.00 45.10
CA LEU H 21 4.01 17.19 43.86
C LEU H 21 5.37 16.47 43.87
N CYS H 22 6.03 16.44 45.04
CA CYS H 22 7.30 15.71 45.20
C CYS H 22 7.10 14.19 45.15
N SER H 23 5.98 13.71 45.69
CA SER H 23 5.59 12.30 45.56
C SER H 23 5.14 12.00 44.13
N LYS H 24 4.23 12.83 43.60
CA LYS H 24 3.77 12.69 42.21
C LYS H 24 4.81 13.07 41.13
N THR H 25 6.01 13.50 41.52
CA THR H 25 7.14 13.61 40.60
C THR H 25 8.07 12.41 40.74
N GLU H 26 8.62 12.19 41.94
CA GLU H 26 9.67 11.17 42.14
C GLU H 26 9.17 9.74 41.93
N ASN H 27 8.02 9.40 42.53
CA ASN H 27 7.39 8.08 42.33
C ASN H 27 6.87 7.93 40.90
N LEU H 28 6.26 9.01 40.39
CA LEU H 28 5.74 9.05 39.02
C LEU H 28 6.86 8.89 37.98
N LEU H 29 7.83 9.80 38.00
CA LEU H 29 8.97 9.79 37.07
C LEU H 29 9.68 8.44 37.01
N GLY H 30 9.85 7.81 38.16
CA GLY H 30 10.48 6.49 38.27
C GLY H 30 9.68 5.37 37.62
N SER H 31 8.39 5.28 37.96
CA SER H 31 7.54 4.16 37.51
C SER H 31 6.83 4.41 36.17
N TYR H 32 6.37 5.64 35.95
CA TYR H 32 5.43 5.96 34.85
C TYR H 32 6.12 6.11 33.49
N PHE H 33 7.26 6.80 33.48
CA PHE H 33 7.94 7.17 32.22
C PHE H 33 8.49 5.94 31.45
N PRO H 34 9.28 5.07 32.12
CA PRO H 34 9.68 3.79 31.50
C PRO H 34 8.53 2.94 30.95
N LYS H 35 7.41 2.91 31.67
CA LYS H 35 6.21 2.19 31.24
C LYS H 35 5.66 2.81 29.97
N LYS H 36 5.48 4.13 29.98
CA LYS H 36 4.98 4.88 28.81
C LYS H 36 5.89 4.78 27.59
N ILE H 37 7.21 4.79 27.80
CA ILE H 37 8.18 4.66 26.70
C ILE H 37 8.08 3.27 26.06
N SER H 38 7.97 2.22 26.88
CA SER H 38 7.82 0.85 26.39
C SER H 38 6.45 0.60 25.74
N GLU H 39 5.41 1.21 26.30
CA GLU H 39 4.04 1.10 25.75
C GLU H 39 3.94 1.72 24.35
N LEU H 40 4.45 2.93 24.18
CA LEU H 40 4.38 3.64 22.91
C LEU H 40 5.33 3.05 21.85
N ASP H 41 6.49 2.55 22.28
CA ASP H 41 7.41 1.86 21.36
C ASP H 41 6.83 0.52 20.87
N ALA H 42 6.06 -0.14 21.74
CA ALA H 42 5.26 -1.32 21.36
C ALA H 42 4.12 -0.93 20.42
N PHE H 43 3.43 0.16 20.74
CA PHE H 43 2.33 0.71 19.91
C PHE H 43 2.81 1.12 18.50
N LEU H 44 4.05 1.59 18.39
CA LEU H 44 4.66 1.89 17.09
C LEU H 44 4.94 0.63 16.26
N LYS H 45 5.31 -0.46 16.93
CA LYS H 45 5.54 -1.75 16.27
C LYS H 45 4.26 -2.52 15.92
N GLU H 46 3.15 -2.22 16.59
CA GLU H 46 1.85 -2.80 16.24
C GLU H 46 1.49 -2.37 14.80
N PRO H 47 1.07 -3.31 13.94
CA PRO H 47 0.94 -2.96 12.53
C PRO H 47 -0.36 -2.20 12.14
N ALA H 48 -1.12 -1.71 13.13
CA ALA H 48 -2.10 -0.65 12.89
C ALA H 48 -1.42 0.66 12.51
N LEU H 49 -0.28 0.95 13.14
CA LEU H 49 0.57 2.12 12.79
C LEU H 49 1.72 1.80 11.82
N ASN H 50 1.79 0.57 11.32
CA ASN H 50 2.71 0.19 10.25
C ASN H 50 1.91 -0.35 9.06
N GLU H 51 1.03 0.50 8.51
CA GLU H 51 0.27 0.15 7.29
C GLU H 51 1.23 -0.07 6.14
N ALA H 52 1.17 -1.27 5.55
CA ALA H 52 2.03 -1.63 4.43
C ALA H 52 1.71 -0.79 3.20
N ASN H 53 0.42 -0.70 2.86
CA ASN H 53 -0.06 0.12 1.75
C ASN H 53 -0.97 1.23 2.27
N LEU H 54 -0.70 2.46 1.84
CA LEU H 54 -1.49 3.64 2.22
C LEU H 54 -2.90 3.61 1.65
N SER H 55 -3.05 3.03 0.46
CA SER H 55 -4.35 2.84 -0.19
C SER H 55 -5.32 1.89 0.53
N ASN H 56 -4.81 1.09 1.47
CA ASN H 56 -5.66 0.24 2.32
C ASN H 56 -6.61 1.07 3.22
N LEU H 57 -6.14 2.24 3.65
CA LEU H 57 -6.98 3.19 4.42
C LEU H 57 -8.13 3.80 3.62
N LYS H 58 -7.95 3.93 2.30
CA LYS H 58 -8.92 4.58 1.40
C LYS H 58 -10.38 4.26 1.76
N ALA H 59 -11.06 5.21 2.41
CA ALA H 59 -12.43 5.03 2.88
C ALA H 59 -13.42 5.07 1.71
N PRO H 60 -14.57 4.38 1.84
CA PRO H 60 -15.58 4.47 0.78
C PRO H 60 -16.17 5.87 0.64
N LEU H 61 -15.98 6.48 -0.53
CA LEU H 61 -16.47 7.83 -0.84
C LEU H 61 -17.45 7.74 -2.01
N ASP H 62 -18.71 7.44 -1.70
CA ASP H 62 -19.75 7.21 -2.70
C ASP H 62 -20.52 8.50 -3.00
N ILE H 63 -20.17 9.16 -4.11
CA ILE H 63 -20.85 10.36 -4.59
C ILE H 63 -21.35 10.07 -6.01
N PRO H 64 -22.63 10.39 -6.33
CA PRO H 64 -23.11 10.16 -7.70
C PRO H 64 -22.50 11.14 -8.72
N VAL H 65 -21.65 10.63 -9.60
CA VAL H 65 -21.01 11.43 -10.65
C VAL H 65 -22.01 11.71 -11.80
N PRO H 66 -22.19 13.00 -12.17
CA PRO H 66 -22.93 13.31 -13.40
C PRO H 66 -22.02 13.37 -14.63
N ASP H 67 -22.64 13.41 -15.82
CA ASP H 67 -21.91 13.48 -17.09
C ASP H 67 -22.74 14.12 -18.20
N PRO H 100 -29.00 16.48 -3.20
CA PRO H 100 -29.06 15.31 -2.33
C PRO H 100 -27.82 14.43 -2.47
N CYS H 101 -27.54 13.63 -1.45
CA CYS H 101 -26.41 12.69 -1.45
C CYS H 101 -26.56 11.60 -0.40
N GLY H 102 -25.91 10.46 -0.63
CA GLY H 102 -25.87 9.36 0.33
C GLY H 102 -24.95 9.66 1.51
N PRO H 103 -24.98 8.80 2.53
CA PRO H 103 -24.23 9.06 3.77
C PRO H 103 -22.71 8.90 3.62
N VAL H 104 -21.98 10.01 3.74
CA VAL H 104 -20.52 10.00 3.73
C VAL H 104 -20.03 9.96 5.18
N ASN H 105 -19.36 8.87 5.54
CA ASN H 105 -18.87 8.67 6.91
C ASN H 105 -17.36 8.93 6.98
N CYS H 106 -16.88 9.14 8.19
CA CYS H 106 -15.46 9.32 8.46
C CYS H 106 -14.69 8.00 8.29
N ASN H 107 -13.38 8.10 8.12
CA ASN H 107 -12.52 6.93 7.94
C ASN H 107 -12.49 6.11 9.24
N GLU H 108 -12.84 4.83 9.13
CA GLU H 108 -12.93 3.94 10.30
C GLU H 108 -11.55 3.64 10.88
N LYS H 109 -10.62 3.27 10.02
CA LYS H 109 -9.25 2.93 10.40
C LYS H 109 -8.48 4.09 11.06
N ILE H 110 -8.82 5.33 10.71
CA ILE H 110 -8.24 6.51 11.35
C ILE H 110 -8.90 6.78 12.70
N VAL H 111 -10.24 6.69 12.77
CA VAL H 111 -10.98 6.98 14.00
C VAL H 111 -10.58 6.02 15.15
N VAL H 112 -10.41 4.74 14.85
CA VAL H 112 -9.92 3.77 15.86
C VAL H 112 -8.51 4.07 16.38
N LEU H 113 -7.66 4.64 15.51
CA LEU H 113 -6.35 5.16 15.94
C LEU H 113 -6.46 6.45 16.77
N LEU H 114 -7.38 7.34 16.37
CA LEU H 114 -7.64 8.58 17.11
C LEU H 114 -8.20 8.34 18.52
N GLN H 115 -9.03 7.31 18.68
CA GLN H 115 -9.51 6.90 20.01
C GLN H 115 -8.37 6.40 20.92
N ARG H 116 -7.35 5.80 20.31
CA ARG H 116 -6.13 5.39 21.03
C ARG H 116 -5.18 6.56 21.32
N LEU H 117 -5.06 7.50 20.38
CA LEU H 117 -4.11 8.61 20.49
C LEU H 117 -4.50 9.65 21.56
N LYS H 118 -5.76 10.06 21.56
CA LYS H 118 -6.27 11.10 22.49
C LYS H 118 -5.96 10.88 23.98
N PRO H 119 -6.22 9.66 24.52
CA PRO H 119 -5.85 9.41 25.93
C PRO H 119 -4.35 9.42 26.22
N GLU H 120 -3.50 9.22 25.22
CA GLU H 120 -2.06 9.38 25.38
C GLU H 120 -1.63 10.85 25.38
N ILE H 121 -2.29 11.70 24.58
CA ILE H 121 -1.98 13.13 24.52
C ILE H 121 -2.27 13.83 25.86
N LYS H 122 -3.42 13.54 26.45
CA LYS H 122 -3.82 14.15 27.74
C LYS H 122 -2.91 13.75 28.91
N ASP H 123 -2.45 12.50 28.91
CA ASP H 123 -1.53 12.02 29.95
C ASP H 123 -0.18 12.71 29.91
N VAL H 124 0.32 13.01 28.71
CA VAL H 124 1.64 13.63 28.56
C VAL H 124 1.60 15.11 28.95
N THR H 125 0.60 15.82 28.45
CA THR H 125 0.40 17.24 28.78
C THR H 125 0.09 17.45 30.26
N GLU H 126 -0.53 16.47 30.90
CA GLU H 126 -0.70 16.47 32.36
C GLU H 126 0.65 16.32 33.08
N GLN H 127 1.40 15.27 32.71
CA GLN H 127 2.68 14.98 33.38
C GLN H 127 3.79 15.99 33.05
N LEU H 128 3.75 16.57 31.86
CA LEU H 128 4.66 17.67 31.50
C LEU H 128 4.37 18.90 32.36
N ASN H 129 3.09 19.25 32.45
CA ASN H 129 2.63 20.38 33.29
C ASN H 129 2.93 20.16 34.78
N LEU H 130 2.85 18.91 35.23
CA LEU H 130 3.23 18.53 36.59
C LEU H 130 4.72 18.74 36.83
N VAL H 131 5.55 18.19 35.94
CA VAL H 131 7.01 18.23 36.07
C VAL H 131 7.57 19.65 35.91
N THR H 132 6.94 20.46 35.06
CA THR H 132 7.29 21.87 34.91
C THR H 132 7.07 22.62 36.23
N THR H 133 5.88 22.47 36.80
CA THR H 133 5.53 23.09 38.08
C THR H 133 6.42 22.65 39.23
N TRP H 134 6.85 21.39 39.21
CA TRP H 134 7.79 20.86 40.20
C TRP H 134 9.13 21.60 40.16
N LEU H 135 9.66 21.82 38.97
CA LEU H 135 10.96 22.49 38.80
C LEU H 135 10.90 23.99 39.09
N GLN H 136 9.78 24.64 38.81
CA GLN H 136 9.59 26.06 39.18
C GLN H 136 9.59 26.27 40.69
N LEU H 137 8.99 25.33 41.43
CA LEU H 137 9.01 25.35 42.90
C LEU H 137 10.40 25.01 43.47
N GLN H 138 11.19 24.24 42.73
CA GLN H 138 12.58 23.95 43.09
C GLN H 138 13.58 25.10 42.88
N ILE H 139 13.16 26.18 42.20
CA ILE H 139 14.02 27.36 42.02
C ILE H 139 14.18 28.04 43.38
N PRO H 140 15.44 28.18 43.87
CA PRO H 140 15.67 28.80 45.16
C PRO H 140 15.58 30.32 45.12
N ARG H 141 15.87 30.95 46.25
CA ARG H 141 15.90 32.42 46.36
C ARG H 141 16.91 33.01 45.38
N ILE H 142 16.56 34.15 44.79
CA ILE H 142 17.39 34.81 43.80
C ILE H 142 18.54 35.52 44.52
N GLU H 143 19.74 34.96 44.41
CA GLU H 143 20.93 35.49 45.09
C GLU H 143 21.89 36.18 44.12
N ASP H 144 22.72 37.06 44.67
CA ASP H 144 23.65 37.92 43.91
C ASP H 144 24.63 37.11 43.04
N GLY H 145 24.99 37.67 41.89
CA GLY H 145 25.99 37.06 41.00
C GLY H 145 25.48 35.85 40.24
N ASN H 146 26.38 35.23 39.48
CA ASN H 146 26.05 34.03 38.70
C ASN H 146 26.11 32.78 39.59
N ASN H 147 24.94 32.39 40.11
CA ASN H 147 24.80 31.12 40.85
C ASN H 147 24.50 30.01 39.83
N PHE H 148 25.38 29.01 39.75
CA PHE H 148 25.31 28.00 38.69
C PHE H 148 24.20 26.97 38.87
N GLY H 149 23.92 26.58 40.11
CA GLY H 149 22.86 25.62 40.42
C GLY H 149 21.52 25.96 39.77
N VAL H 150 21.19 27.25 39.72
CA VAL H 150 19.98 27.72 39.04
C VAL H 150 20.14 27.63 37.52
N ALA H 151 21.32 28.01 37.00
CA ALA H 151 21.62 27.94 35.56
C ALA H 151 21.41 26.56 34.94
N VAL H 152 21.56 25.50 35.74
CA VAL H 152 21.22 24.13 35.33
C VAL H 152 19.69 23.99 35.20
N GLN H 153 18.96 24.49 36.19
CA GLN H 153 17.49 24.42 36.19
C GLN H 153 16.84 25.20 35.04
N GLU H 154 17.44 26.34 34.68
CA GLU H 154 16.94 27.17 33.57
C GLU H 154 17.13 26.49 32.20
N LYS H 155 18.25 25.76 32.06
CA LYS H 155 18.53 24.96 30.86
C LYS H 155 17.55 23.79 30.70
N VAL H 156 17.29 23.09 31.79
CA VAL H 156 16.33 21.97 31.81
C VAL H 156 14.89 22.48 31.61
N PHE H 157 14.57 23.63 32.20
CA PHE H 157 13.27 24.29 31.99
C PHE H 157 13.05 24.74 30.55
N GLU H 158 14.12 25.19 29.89
CA GLU H 158 14.07 25.62 28.48
C GLU H 158 13.60 24.51 27.54
N LEU H 159 14.01 23.27 27.82
CA LEU H 159 13.55 22.10 27.07
C LEU H 159 12.06 21.81 27.29
N MET H 160 11.58 21.97 28.52
CA MET H 160 10.18 21.72 28.86
C MET H 160 9.21 22.67 28.14
N THR H 161 9.64 23.92 27.96
CA THR H 161 8.88 24.90 27.18
C THR H 161 8.87 24.58 25.67
N ASN H 162 9.97 24.02 25.17
CA ASN H 162 10.06 23.57 23.77
C ASN H 162 9.13 22.38 23.48
N LEU H 163 9.06 21.44 24.42
CA LEU H 163 8.12 20.33 24.34
C LEU H 163 6.68 20.84 24.44
N HIS H 164 6.44 21.81 25.33
CA HIS H 164 5.13 22.44 25.50
C HIS H 164 4.60 23.09 24.20
N THR H 165 5.50 23.62 23.38
CA THR H 165 5.12 24.25 22.11
C THR H 165 4.52 23.25 21.12
N LYS H 166 5.19 22.12 20.93
CA LYS H 166 4.72 21.09 19.98
C LYS H 166 3.44 20.37 20.42
N LEU H 167 3.31 20.08 21.72
CA LEU H 167 2.10 19.42 22.26
C LEU H 167 0.86 20.34 22.29
N GLU H 168 1.06 21.66 22.22
CA GLU H 168 -0.05 22.61 22.05
C GLU H 168 -0.74 22.44 20.70
N GLY H 169 0.06 22.23 19.65
CA GLY H 169 -0.46 21.96 18.31
C GLY H 169 -1.18 20.61 18.16
N PHE H 170 -0.74 19.62 18.95
CA PHE H 170 -1.34 18.26 18.92
C PHE H 170 -2.81 18.23 19.33
N HIS H 171 -3.19 19.06 20.31
CA HIS H 171 -4.58 19.16 20.78
C HIS H 171 -5.56 19.48 19.65
N THR H 172 -5.31 20.59 18.97
CA THR H 172 -6.21 21.11 17.93
C THR H 172 -6.15 20.36 16.59
N GLN H 173 -5.07 19.60 16.35
CA GLN H 173 -4.89 18.85 15.10
C GLN H 173 -6.07 17.94 14.74
N ILE H 174 -6.61 17.23 15.74
CA ILE H 174 -7.71 16.29 15.51
C ILE H 174 -8.98 17.02 15.06
N SER H 175 -9.25 18.18 15.67
CA SER H 175 -10.36 19.04 15.25
C SER H 175 -10.18 19.58 13.82
N LYS H 176 -8.96 19.99 13.49
CA LYS H 176 -8.62 20.53 12.16
C LYS H 176 -8.73 19.49 11.03
N TYR H 177 -8.46 18.23 11.35
CA TYR H 177 -8.60 17.13 10.38
C TYR H 177 -10.04 16.93 9.96
N PHE H 178 -10.93 16.77 10.94
CA PHE H 178 -12.37 16.60 10.67
C PHE H 178 -13.02 17.88 10.11
N SER H 179 -12.46 19.04 10.43
CA SER H 179 -12.90 20.31 9.84
C SER H 179 -12.52 20.42 8.37
N GLU H 180 -11.26 20.10 8.04
CA GLU H 180 -10.77 20.13 6.65
C GLU H 180 -11.36 19.03 5.77
N ARG H 181 -11.51 17.83 6.34
CA ARG H 181 -12.12 16.70 5.62
C ARG H 181 -13.61 16.92 5.38
N GLY H 182 -14.30 17.50 6.36
CA GLY H 182 -15.70 17.90 6.21
C GLY H 182 -15.92 18.92 5.11
N ASP H 183 -15.01 19.89 5.02
CA ASP H 183 -15.01 20.86 3.91
C ASP H 183 -14.66 20.21 2.57
N ALA H 184 -13.71 19.28 2.59
CA ALA H 184 -13.29 18.54 1.40
C ALA H 184 -14.39 17.62 0.86
N VAL H 185 -15.06 16.90 1.77
CA VAL H 185 -16.18 16.02 1.42
C VAL H 185 -17.38 16.83 0.90
N ALA H 186 -17.70 17.93 1.58
CA ALA H 186 -18.80 18.83 1.17
C ALA H 186 -18.57 19.44 -0.21
N LYS H 187 -17.33 19.91 -0.45
CA LYS H 187 -16.94 20.42 -1.77
C LYS H 187 -17.00 19.35 -2.87
N ALA H 188 -16.67 18.11 -2.52
CA ALA H 188 -16.75 16.98 -3.46
C ALA H 188 -18.19 16.64 -3.85
N ALA H 189 -19.10 16.66 -2.87
CA ALA H 189 -20.53 16.45 -3.13
C ALA H 189 -21.18 17.63 -3.86
N LYS H 190 -20.78 18.85 -3.50
CA LYS H 190 -21.29 20.08 -4.13
C LYS H 190 -20.85 20.19 -5.60
N GLN H 191 -19.61 19.81 -5.87
CA GLN H 191 -19.01 19.86 -7.20
C GLN H 191 -18.51 18.46 -7.59
N PRO H 192 -19.43 17.55 -7.99
CA PRO H 192 -19.03 16.17 -8.26
C PRO H 192 -18.23 15.94 -9.55
N HIS H 193 -18.35 16.84 -10.52
CA HIS H 193 -17.52 16.80 -11.74
C HIS H 193 -16.02 17.07 -11.49
N VAL H 194 -15.69 17.74 -10.38
CA VAL H 194 -14.30 18.02 -10.03
C VAL H 194 -13.70 16.77 -9.36
N GLY H 195 -12.82 16.09 -10.08
CA GLY H 195 -12.14 14.89 -9.57
C GLY H 195 -11.08 15.13 -8.51
N ASP H 196 -10.60 16.37 -8.40
CA ASP H 196 -9.57 16.74 -7.41
C ASP H 196 -10.07 16.65 -5.97
N TYR H 197 -11.30 17.11 -5.73
CA TYR H 197 -11.90 17.06 -4.38
C TYR H 197 -12.08 15.63 -3.87
N ARG H 198 -12.31 14.69 -4.78
CA ARG H 198 -12.36 13.26 -4.43
C ARG H 198 -10.99 12.77 -3.97
N GLN H 199 -9.94 13.17 -4.68
CA GLN H 199 -8.55 12.87 -4.31
C GLN H 199 -8.15 13.57 -3.01
N LEU H 200 -8.58 14.82 -2.84
CA LEU H 200 -8.29 15.63 -1.65
C LEU H 200 -8.70 14.94 -0.34
N VAL H 201 -9.85 14.27 -0.33
CA VAL H 201 -10.33 13.55 0.85
C VAL H 201 -9.42 12.36 1.18
N HIS H 202 -8.94 11.66 0.14
CA HIS H 202 -8.05 10.51 0.32
C HIS H 202 -6.64 10.91 0.77
N GLU H 203 -6.15 12.04 0.26
CA GLU H 203 -4.84 12.57 0.68
C GLU H 203 -4.87 13.11 2.12
N LEU H 204 -6.00 13.72 2.50
CA LEU H 204 -6.23 14.13 3.90
C LEU H 204 -6.22 12.94 4.88
N ASP H 205 -6.74 11.80 4.42
CA ASP H 205 -6.68 10.55 5.21
C ASP H 205 -5.25 10.00 5.32
N GLU H 206 -4.51 10.03 4.22
CA GLU H 206 -3.11 9.61 4.21
C GLU H 206 -2.20 10.55 5.01
N ALA H 207 -2.44 11.85 4.88
CA ALA H 207 -1.70 12.87 5.64
C ALA H 207 -1.99 12.77 7.14
N GLU H 208 -3.24 12.50 7.50
CA GLU H 208 -3.65 12.33 8.91
C GLU H 208 -3.04 11.08 9.54
N TYR H 209 -2.97 9.99 8.76
CA TYR H 209 -2.34 8.75 9.22
C TYR H 209 -0.86 8.96 9.59
N GLN H 210 -0.13 9.65 8.72
CA GLN H 210 1.28 10.00 8.98
C GLN H 210 1.42 10.98 10.15
N GLU H 211 0.45 11.86 10.34
CA GLU H 211 0.44 12.79 11.48
C GLU H 211 0.26 12.06 12.81
N ILE H 212 -0.67 11.10 12.84
CA ILE H 212 -0.89 10.25 14.04
C ILE H 212 0.36 9.41 14.31
N ARG H 213 0.92 8.81 13.26
CA ARG H 213 2.18 8.06 13.32
C ARG H 213 3.31 8.88 13.97
N LEU H 214 3.45 10.13 13.56
CA LEU H 214 4.50 11.03 14.07
C LEU H 214 4.26 11.53 15.50
N MET H 215 3.00 11.75 15.87
CA MET H 215 2.66 12.16 17.25
C MET H 215 3.06 11.11 18.28
N VAL H 216 2.88 9.83 17.95
CA VAL H 216 3.23 8.74 18.84
C VAL H 216 4.76 8.67 19.04
N MET H 217 5.52 8.97 17.98
CA MET H 217 6.98 9.10 18.08
C MET H 217 7.34 10.29 18.96
N GLU H 218 6.83 11.47 18.59
CA GLU H 218 7.07 12.72 19.32
C GLU H 218 6.77 12.61 20.81
N ILE H 219 5.65 11.97 21.14
CA ILE H 219 5.22 11.76 22.53
C ILE H 219 6.14 10.77 23.28
N ARG H 220 6.51 9.68 22.62
CA ARG H 220 7.49 8.73 23.17
C ARG H 220 8.83 9.43 23.41
N ASN H 221 9.23 10.28 22.47
CA ASN H 221 10.47 11.06 22.59
C ASN H 221 10.38 12.12 23.69
N ALA H 222 9.20 12.71 23.87
CA ALA H 222 8.96 13.66 24.98
C ALA H 222 9.16 13.02 26.35
N TYR H 223 8.69 11.77 26.51
CA TYR H 223 8.92 11.01 27.75
C TYR H 223 10.38 10.58 27.91
N ALA H 224 10.96 10.03 26.85
CA ALA H 224 12.33 9.49 26.88
C ALA H 224 13.38 10.57 27.17
N VAL H 225 13.23 11.72 26.53
CA VAL H 225 14.17 12.83 26.69
C VAL H 225 14.04 13.50 28.07
N LEU H 226 12.81 13.67 28.55
CA LEU H 226 12.58 14.21 29.90
C LEU H 226 13.12 13.30 31.00
N TYR H 227 12.90 11.99 30.86
CA TYR H 227 13.46 11.01 31.80
C TYR H 227 14.99 11.09 31.82
N ASP H 228 15.59 11.24 30.64
CA ASP H 228 17.04 11.31 30.50
C ASP H 228 17.64 12.56 31.15
N ILE H 229 17.10 13.72 30.80
CA ILE H 229 17.66 15.00 31.27
C ILE H 229 17.44 15.26 32.77
N ILE H 230 16.30 14.82 33.31
CA ILE H 230 15.99 14.99 34.74
C ILE H 230 16.83 14.02 35.58
N LEU H 231 16.91 12.76 35.16
CA LEU H 231 17.76 11.76 35.83
C LEU H 231 19.22 12.20 35.89
N LYS H 232 19.77 12.57 34.73
CA LYS H 232 21.17 12.99 34.62
C LYS H 232 21.52 14.22 35.46
N ASN H 233 20.57 15.14 35.60
CA ASN H 233 20.78 16.40 36.31
C ASN H 233 20.06 16.49 37.68
N PHE H 234 19.53 15.37 38.19
CA PHE H 234 18.65 15.38 39.37
C PHE H 234 19.26 16.03 40.62
N GLU H 235 20.57 15.85 40.82
CA GLU H 235 21.26 16.44 41.97
C GLU H 235 21.16 17.96 41.98
N LYS H 236 21.42 18.58 40.83
CA LYS H 236 21.32 20.04 40.68
C LYS H 236 19.89 20.57 40.62
N LEU H 237 18.94 19.77 40.11
CA LEU H 237 17.54 20.19 40.01
C LEU H 237 16.86 20.20 41.38
N LYS H 238 17.10 19.16 42.16
CA LYS H 238 16.55 19.04 43.51
C LYS H 238 17.24 20.03 44.45
N LYS H 239 18.56 19.92 44.55
CA LYS H 239 19.37 20.77 45.43
C LYS H 239 20.44 21.52 44.61
N PRO H 240 20.08 22.69 44.04
CA PRO H 240 21.02 23.46 43.21
C PRO H 240 22.19 24.05 43.99
N ARG H 241 21.92 24.53 45.20
CA ARG H 241 22.97 25.02 46.11
C ARG H 241 23.69 23.84 46.75
N GLY H 242 22.97 22.74 46.98
CA GLY H 242 23.55 21.50 47.47
C GLY H 242 23.52 21.38 48.98
N GLU H 243 23.44 20.15 49.48
CA GLU H 243 23.48 19.82 50.91
C GLU H 243 22.27 20.36 51.68
N VAL I 6 15.78 5.19 42.88
CA VAL I 6 15.12 4.73 41.62
C VAL I 6 15.06 3.20 41.60
N HIS I 7 13.95 2.67 41.09
CA HIS I 7 13.71 1.21 41.04
C HIS I 7 14.39 0.61 39.80
N PRO I 8 14.84 -0.66 39.87
CA PRO I 8 15.66 -1.25 38.80
C PRO I 8 14.89 -1.68 37.55
N GLU I 9 13.64 -2.13 37.70
CA GLU I 9 12.76 -2.47 36.57
C GLU I 9 12.57 -1.30 35.59
N ALA I 10 12.53 -0.09 36.13
CA ALA I 10 12.48 1.15 35.35
C ALA I 10 13.75 1.38 34.54
N GLN I 11 14.90 1.28 35.22
CA GLN I 11 16.21 1.51 34.62
C GLN I 11 16.56 0.48 33.52
N ALA I 12 16.06 -0.75 33.67
CA ALA I 12 16.25 -1.80 32.67
C ALA I 12 15.50 -1.51 31.37
N LYS I 13 14.22 -1.16 31.50
CA LYS I 13 13.35 -0.92 30.32
C LYS I 13 13.70 0.33 29.52
N VAL I 14 14.26 1.35 30.18
CA VAL I 14 14.73 2.57 29.49
C VAL I 14 16.08 2.31 28.79
N ASP I 15 16.96 1.54 29.43
CA ASP I 15 18.23 1.12 28.81
C ASP I 15 18.02 0.16 27.62
N VAL I 16 16.93 -0.61 27.65
CA VAL I 16 16.51 -1.43 26.50
C VAL I 16 16.14 -0.54 25.30
N PHE I 17 15.47 0.58 25.57
CA PHE I 17 15.10 1.55 24.53
C PHE I 17 16.31 2.24 23.90
N ARG I 18 17.28 2.66 24.73
CA ARG I 18 18.51 3.30 24.22
C ARG I 18 19.40 2.34 23.42
N GLU I 19 19.36 1.05 23.76
CA GLU I 19 20.08 0.01 23.00
C GLU I 19 19.50 -0.11 21.59
N ASP I 20 18.16 -0.21 21.50
CA ASP I 20 17.46 -0.16 20.20
C ASP I 20 17.72 1.15 19.46
N LEU I 21 17.74 2.26 20.19
CA LEU I 21 17.98 3.59 19.62
C LEU I 21 19.40 3.73 19.05
N CYS I 22 20.39 3.22 19.79
CA CYS I 22 21.78 3.21 19.31
C CYS I 22 22.02 2.15 18.22
N SER I 23 21.38 1.00 18.34
CA SER I 23 21.50 -0.07 17.34
C SER I 23 20.81 0.29 16.02
N LYS I 24 19.65 0.95 16.08
CA LYS I 24 18.98 1.46 14.88
C LYS I 24 19.82 2.53 14.21
N THR I 25 20.22 3.56 14.96
CA THR I 25 20.99 4.68 14.42
C THR I 25 22.31 4.24 13.76
N GLU I 26 23.06 3.37 14.43
CA GLU I 26 24.34 2.86 13.89
C GLU I 26 24.16 1.99 12.64
N ASN I 27 23.19 1.08 12.69
CA ASN I 27 22.88 0.20 11.56
C ASN I 27 22.24 0.96 10.40
N LEU I 28 21.36 1.91 10.72
CA LEU I 28 20.64 2.70 9.71
C LEU I 28 21.58 3.69 9.03
N LEU I 29 22.36 4.44 9.82
CA LEU I 29 23.33 5.40 9.27
C LEU I 29 24.37 4.71 8.35
N GLY I 30 24.76 3.48 8.70
CA GLY I 30 25.70 2.70 7.88
C GLY I 30 25.14 2.18 6.58
N SER I 31 23.94 1.57 6.63
CA SER I 31 23.33 0.90 5.47
C SER I 31 22.22 1.72 4.80
N TYR I 32 21.23 2.15 5.59
CA TYR I 32 20.01 2.79 5.10
C TYR I 32 20.28 4.13 4.40
N PHE I 33 21.12 4.96 5.01
CA PHE I 33 21.41 6.31 4.50
C PHE I 33 22.13 6.33 3.14
N PRO I 34 23.27 5.61 3.01
CA PRO I 34 23.91 5.54 1.69
C PRO I 34 23.09 4.82 0.59
N LYS I 35 22.21 3.90 0.98
CA LYS I 35 21.29 3.24 0.06
C LYS I 35 20.30 4.24 -0.53
N LYS I 36 19.71 5.08 0.33
CA LYS I 36 18.72 6.08 -0.10
C LYS I 36 19.32 7.18 -1.01
N ILE I 37 20.58 7.55 -0.79
CA ILE I 37 21.26 8.55 -1.63
C ILE I 37 21.39 8.02 -3.05
N SER I 38 21.85 6.77 -3.18
CA SER I 38 21.95 6.09 -4.46
C SER I 38 20.58 5.92 -5.14
N GLU I 39 19.56 5.59 -4.34
CA GLU I 39 18.19 5.42 -4.85
C GLU I 39 17.55 6.70 -5.37
N LEU I 40 17.71 7.79 -4.62
CA LEU I 40 17.08 9.07 -4.97
C LEU I 40 17.68 9.75 -6.21
N ASP I 41 18.98 9.56 -6.44
CA ASP I 41 19.63 10.03 -7.68
C ASP I 41 19.20 9.22 -8.90
N ALA I 42 18.98 7.92 -8.73
CA ALA I 42 18.43 7.06 -9.78
C ALA I 42 17.01 7.52 -10.15
N PHE I 43 16.22 7.87 -9.15
CA PHE I 43 14.86 8.41 -9.33
C PHE I 43 14.88 9.76 -10.05
N LEU I 44 15.85 10.61 -9.71
CA LEU I 44 16.04 11.91 -10.39
C LEU I 44 16.46 11.77 -11.86
N LYS I 45 17.39 10.85 -12.12
CA LYS I 45 17.89 10.62 -13.48
C LYS I 45 16.90 9.91 -14.42
N GLU I 46 15.86 9.28 -13.87
CA GLU I 46 14.82 8.64 -14.68
C GLU I 46 14.01 9.65 -15.51
N PRO I 47 13.36 9.20 -16.60
CA PRO I 47 12.64 10.12 -17.48
C PRO I 47 11.29 10.64 -16.93
N ALA I 48 10.79 10.05 -15.83
CA ALA I 48 9.57 10.53 -15.19
C ALA I 48 9.74 11.92 -14.60
N LEU I 49 10.86 12.13 -13.89
CA LEU I 49 11.22 13.45 -13.34
C LEU I 49 12.01 14.34 -14.31
N ASN I 50 12.48 13.77 -15.43
CA ASN I 50 13.14 14.53 -16.51
C ASN I 50 12.26 14.61 -17.77
N GLU I 51 11.13 15.32 -17.67
CA GLU I 51 10.29 15.60 -18.83
C GLU I 51 10.97 16.67 -19.69
N ALA I 52 11.25 16.33 -20.94
CA ALA I 52 11.94 17.24 -21.88
C ALA I 52 11.10 18.48 -22.23
N ASN I 53 9.77 18.33 -22.22
CA ASN I 53 8.84 19.43 -22.49
C ASN I 53 7.78 19.49 -21.40
N LEU I 54 7.53 20.69 -20.88
CA LEU I 54 6.52 20.91 -19.83
C LEU I 54 5.08 20.70 -20.31
N SER I 55 4.84 20.88 -21.62
CA SER I 55 3.52 20.68 -22.22
C SER I 55 3.04 19.21 -22.23
N ASN I 56 3.97 18.25 -22.07
CA ASN I 56 3.63 16.83 -21.94
C ASN I 56 2.68 16.55 -20.76
N LEU I 57 2.91 17.24 -19.64
CA LEU I 57 2.04 17.16 -18.47
C LEU I 57 0.70 17.85 -18.73
N GLY I 102 -18.96 17.38 -18.00
CA GLY I 102 -18.12 16.19 -18.00
C GLY I 102 -17.15 16.18 -16.82
N PRO I 103 -16.78 14.97 -16.34
CA PRO I 103 -15.90 14.87 -15.16
C PRO I 103 -14.44 15.22 -15.47
N VAL I 104 -13.87 16.18 -14.72
CA VAL I 104 -12.48 16.60 -14.86
C VAL I 104 -11.62 15.72 -13.94
N ASN I 105 -10.57 15.12 -14.50
CA ASN I 105 -9.70 14.18 -13.79
C ASN I 105 -8.40 14.83 -13.32
N CYS I 106 -7.74 14.15 -12.39
CA CYS I 106 -6.42 14.56 -11.90
C CYS I 106 -5.34 14.31 -12.95
N ASN I 107 -4.25 15.07 -12.88
CA ASN I 107 -3.13 14.92 -13.81
C ASN I 107 -2.40 13.61 -13.50
N GLU I 108 -2.60 12.61 -14.35
CA GLU I 108 -2.13 11.24 -14.09
C GLU I 108 -0.60 11.11 -14.03
N LYS I 109 0.11 11.91 -14.82
CA LYS I 109 1.57 11.97 -14.77
C LYS I 109 2.12 12.51 -13.44
N ILE I 110 1.35 13.38 -12.78
CA ILE I 110 1.69 13.87 -11.44
C ILE I 110 1.30 12.84 -10.37
N VAL I 111 0.17 12.17 -10.55
CA VAL I 111 -0.33 11.17 -9.58
C VAL I 111 0.65 9.99 -9.41
N VAL I 112 1.26 9.53 -10.49
CA VAL I 112 2.25 8.43 -10.41
C VAL I 112 3.51 8.86 -9.65
N LEU I 113 3.90 10.13 -9.79
CA LEU I 113 5.05 10.69 -9.06
C LEU I 113 4.75 10.92 -7.57
N LEU I 114 3.54 11.39 -7.27
CA LEU I 114 3.11 11.62 -5.88
C LEU I 114 2.98 10.33 -5.07
N GLN I 115 2.51 9.25 -5.70
CA GLN I 115 2.48 7.92 -5.06
C GLN I 115 3.88 7.37 -4.77
N ARG I 116 4.86 7.79 -5.56
CA ARG I 116 6.26 7.42 -5.35
C ARG I 116 6.98 8.34 -4.36
N LEU I 117 6.57 9.62 -4.31
CA LEU I 117 7.16 10.60 -3.39
C LEU I 117 6.71 10.43 -1.93
N LYS I 118 5.43 10.15 -1.72
CA LYS I 118 4.86 10.05 -0.36
C LYS I 118 5.55 9.05 0.60
N PRO I 119 5.92 7.85 0.12
CA PRO I 119 6.72 6.95 0.97
C PRO I 119 8.14 7.45 1.26
N GLU I 120 8.72 8.24 0.36
CA GLU I 120 10.03 8.87 0.60
C GLU I 120 9.96 9.99 1.65
N ILE I 121 8.87 10.76 1.66
CA ILE I 121 8.66 11.81 2.67
C ILE I 121 8.44 11.20 4.06
N LYS I 122 7.69 10.10 4.12
CA LYS I 122 7.51 9.32 5.34
C LYS I 122 8.85 8.94 5.98
N ASP I 123 9.78 8.45 5.16
CA ASP I 123 11.06 7.93 5.64
C ASP I 123 11.95 9.02 6.26
N VAL I 124 12.29 10.04 5.49
CA VAL I 124 13.12 11.16 5.99
C VAL I 124 12.65 11.72 7.34
N THR I 125 11.34 11.89 7.50
CA THR I 125 10.77 12.45 8.72
C THR I 125 10.82 11.47 9.90
N GLU I 126 10.78 10.16 9.60
CA GLU I 126 11.00 9.14 10.62
C GLU I 126 12.47 9.04 11.02
N GLN I 127 13.35 8.89 10.04
CA GLN I 127 14.79 8.68 10.30
C GLN I 127 15.48 9.93 10.88
N LEU I 128 14.98 11.12 10.53
CA LEU I 128 15.45 12.38 11.13
C LEU I 128 14.98 12.49 12.58
N ASN I 129 13.70 12.23 12.82
CA ASN I 129 13.13 12.17 14.18
C ASN I 129 13.82 11.09 15.03
N LEU I 130 14.20 9.98 14.39
CA LEU I 130 15.00 8.92 15.05
C LEU I 130 16.36 9.48 15.45
N VAL I 131 17.06 10.09 14.51
CA VAL I 131 18.42 10.61 14.71
C VAL I 131 18.47 11.80 15.68
N THR I 132 17.47 12.69 15.61
CA THR I 132 17.35 13.82 16.54
C THR I 132 17.23 13.35 17.99
N THR I 133 16.39 12.35 18.22
CA THR I 133 16.17 11.80 19.56
C THR I 133 17.40 11.07 20.12
N TRP I 134 18.19 10.44 19.23
CA TRP I 134 19.47 9.83 19.63
C TRP I 134 20.45 10.87 20.16
N LEU I 135 20.54 12.00 19.46
CA LEU I 135 21.45 13.09 19.84
C LEU I 135 21.07 13.70 21.19
N GLN I 136 19.76 13.90 21.43
CA GLN I 136 19.27 14.45 22.70
C GLN I 136 19.60 13.57 23.91
N LEU I 137 19.54 12.25 23.73
CA LEU I 137 19.91 11.31 24.80
C LEU I 137 21.43 11.21 25.01
N GLN I 138 22.21 11.52 23.97
CA GLN I 138 23.68 11.58 24.08
C GLN I 138 24.24 12.85 24.72
N ILE I 139 23.39 13.87 24.95
CA ILE I 139 23.79 15.08 25.68
C ILE I 139 24.04 14.67 27.14
N PRO I 140 25.26 14.90 27.65
CA PRO I 140 25.57 14.47 29.00
C PRO I 140 25.05 15.44 30.07
N ARG I 141 25.32 15.12 31.34
CA ARG I 141 24.98 15.98 32.48
C ARG I 141 25.54 17.39 32.30
N ILE I 142 24.73 18.39 32.65
CA ILE I 142 25.10 19.79 32.49
C ILE I 142 26.10 20.19 33.58
N GLU I 143 27.35 20.41 33.19
CA GLU I 143 28.44 20.75 34.11
C GLU I 143 28.93 22.20 33.89
N ASP I 144 29.72 22.69 34.85
CA ASP I 144 30.21 24.08 34.86
C ASP I 144 31.17 24.36 33.70
N GLY I 145 31.23 25.62 33.27
CA GLY I 145 32.12 26.05 32.19
C GLY I 145 31.59 25.71 30.81
N ASN I 146 32.28 26.19 29.78
CA ASN I 146 31.89 25.96 28.38
C ASN I 146 32.60 24.71 27.83
N ASN I 147 31.84 23.62 27.73
CA ASN I 147 32.35 22.36 27.18
C ASN I 147 32.20 22.35 25.67
N PHE I 148 33.29 22.07 24.96
CA PHE I 148 33.25 22.09 23.49
C PHE I 148 32.53 20.87 22.92
N GLY I 149 32.79 19.68 23.48
CA GLY I 149 32.11 18.46 23.07
C GLY I 149 30.59 18.56 23.08
N VAL I 150 30.06 19.32 24.04
CA VAL I 150 28.62 19.61 24.13
C VAL I 150 28.23 20.68 23.09
N ALA I 151 29.11 21.67 22.88
CA ALA I 151 28.93 22.68 21.83
C ALA I 151 28.94 22.11 20.41
N VAL I 152 29.62 20.97 20.21
CA VAL I 152 29.55 20.23 18.94
C VAL I 152 28.14 19.67 18.75
N GLN I 153 27.61 19.03 19.79
CA GLN I 153 26.27 18.42 19.75
C GLN I 153 25.19 19.45 19.44
N GLU I 154 25.27 20.61 20.09
CA GLU I 154 24.31 21.70 19.87
C GLU I 154 24.39 22.28 18.45
N LYS I 155 25.60 22.33 17.88
CA LYS I 155 25.82 22.76 16.50
C LYS I 155 25.25 21.77 15.48
N VAL I 156 25.43 20.48 15.75
CA VAL I 156 24.86 19.41 14.90
C VAL I 156 23.34 19.33 15.09
N PHE I 157 22.88 19.52 16.31
CA PHE I 157 21.44 19.59 16.63
C PHE I 157 20.75 20.78 15.94
N GLU I 158 21.46 21.91 15.86
CA GLU I 158 20.96 23.10 15.15
C GLU I 158 20.62 22.82 13.69
N LEU I 159 21.43 22.00 13.02
CA LEU I 159 21.16 21.59 11.64
C LEU I 159 19.97 20.64 11.52
N MET I 160 19.83 19.72 12.46
CA MET I 160 18.71 18.76 12.48
C MET I 160 17.35 19.46 12.61
N THR I 161 17.30 20.52 13.41
CA THR I 161 16.07 21.33 13.56
C THR I 161 15.75 22.15 12.31
N ASN I 162 16.79 22.58 11.58
CA ASN I 162 16.62 23.28 10.30
C ASN I 162 16.08 22.38 9.19
N LEU I 163 16.52 21.12 9.16
CA LEU I 163 15.97 20.13 8.23
C LEU I 163 14.51 19.81 8.58
N HIS I 164 14.27 19.58 9.87
CA HIS I 164 12.90 19.35 10.38
C HIS I 164 11.92 20.43 9.93
N THR I 165 12.37 21.69 9.94
CA THR I 165 11.58 22.83 9.46
C THR I 165 11.20 22.73 7.98
N LYS I 166 12.16 22.36 7.14
CA LYS I 166 11.93 22.23 5.69
C LYS I 166 11.01 21.05 5.34
N LEU I 167 11.21 19.91 6.02
CA LEU I 167 10.43 18.70 5.75
C LEU I 167 9.04 18.66 6.43
N GLU I 168 8.70 19.68 7.22
CA GLU I 168 7.34 19.82 7.78
C GLU I 168 6.28 20.12 6.71
N GLY I 169 6.58 21.09 5.85
CA GLY I 169 5.62 21.55 4.83
C GLY I 169 5.37 20.63 3.64
N PHE I 170 6.09 19.51 3.54
CA PHE I 170 5.95 18.56 2.43
C PHE I 170 4.65 17.74 2.50
N HIS I 171 4.07 17.61 3.70
CA HIS I 171 2.79 16.90 3.89
C HIS I 171 1.62 17.81 3.55
N THR I 172 1.73 19.08 3.94
CA THR I 172 0.75 20.11 3.59
C THR I 172 0.76 20.40 2.08
N GLN I 173 1.96 20.39 1.49
CA GLN I 173 2.17 20.57 0.05
C GLN I 173 1.28 19.66 -0.81
N ILE I 174 1.46 18.34 -0.68
CA ILE I 174 0.68 17.36 -1.46
C ILE I 174 -0.84 17.47 -1.30
N SER I 175 -1.31 17.82 -0.10
CA SER I 175 -2.74 18.04 0.15
C SER I 175 -3.22 19.40 -0.38
N LYS I 176 -2.38 20.42 -0.30
CA LYS I 176 -2.69 21.77 -0.79
C LYS I 176 -2.85 21.80 -2.32
N TYR I 177 -2.02 21.04 -3.03
CA TYR I 177 -2.06 20.96 -4.49
C TYR I 177 -3.46 20.63 -5.02
N PHE I 178 -4.03 19.53 -4.50
CA PHE I 178 -5.37 19.10 -4.90
C PHE I 178 -6.46 20.07 -4.42
N SER I 179 -6.23 20.72 -3.26
CA SER I 179 -7.14 21.74 -2.73
C SER I 179 -7.16 22.99 -3.62
N GLU I 180 -5.98 23.48 -4.01
CA GLU I 180 -5.88 24.65 -4.91
C GLU I 180 -6.31 24.33 -6.34
N ARG I 181 -5.96 23.15 -6.83
CA ARG I 181 -6.35 22.72 -8.18
C ARG I 181 -7.86 22.44 -8.27
N GLY I 182 -8.42 21.84 -7.22
CA GLY I 182 -9.86 21.62 -7.13
C GLY I 182 -10.67 22.89 -7.18
N ASP I 183 -10.17 23.94 -6.50
CA ASP I 183 -10.76 25.28 -6.58
C ASP I 183 -10.59 25.89 -7.97
N ALA I 184 -9.42 25.69 -8.56
CA ALA I 184 -9.12 26.18 -9.92
C ALA I 184 -9.96 25.50 -11.01
N VAL I 185 -10.17 24.20 -10.88
CA VAL I 185 -11.03 23.45 -11.80
C VAL I 185 -12.50 23.83 -11.60
N ALA I 186 -12.93 23.97 -10.34
CA ALA I 186 -14.30 24.38 -10.01
C ALA I 186 -14.61 25.79 -10.53
N LYS I 187 -13.69 26.72 -10.29
CA LYS I 187 -13.81 28.10 -10.81
C LYS I 187 -13.82 28.17 -12.34
N ALA I 188 -13.04 27.29 -12.98
CA ALA I 188 -13.00 27.19 -14.44
C ALA I 188 -14.34 26.69 -15.02
N ALA I 189 -14.92 25.69 -14.35
CA ALA I 189 -16.24 25.17 -14.75
C ALA I 189 -17.36 26.16 -14.40
N LYS I 190 -17.26 26.79 -13.24
CA LYS I 190 -18.24 27.80 -12.80
C LYS I 190 -18.23 29.04 -13.70
N GLN I 191 -17.04 29.45 -14.15
CA GLN I 191 -16.86 30.62 -15.01
C GLN I 191 -16.04 30.21 -16.26
N PRO I 192 -16.69 29.56 -17.24
CA PRO I 192 -15.97 29.08 -18.45
C PRO I 192 -15.46 30.19 -19.37
N HIS I 193 -16.16 31.32 -19.42
CA HIS I 193 -15.72 32.50 -20.20
C HIS I 193 -14.37 33.09 -19.79
N VAL I 194 -13.94 32.85 -18.55
CA VAL I 194 -12.64 33.30 -18.06
C VAL I 194 -11.57 32.25 -18.41
N GLY I 195 -10.66 32.60 -19.32
CA GLY I 195 -9.58 31.71 -19.75
C GLY I 195 -8.37 31.63 -18.82
N ASP I 196 -8.31 32.53 -17.83
CA ASP I 196 -7.25 32.51 -16.81
C ASP I 196 -7.34 31.29 -15.89
N TYR I 197 -8.57 30.92 -15.52
CA TYR I 197 -8.81 29.73 -14.71
C TYR I 197 -8.41 28.43 -15.44
N ARG I 198 -8.51 28.43 -16.77
CA ARG I 198 -8.04 27.31 -17.59
C ARG I 198 -6.52 27.22 -17.58
N GLN I 199 -5.86 28.38 -17.70
CA GLN I 199 -4.40 28.47 -17.60
C GLN I 199 -3.91 28.13 -16.19
N LEU I 200 -4.66 28.59 -15.18
CA LEU I 200 -4.34 28.36 -13.76
C LEU I 200 -4.18 26.87 -13.42
N VAL I 201 -5.05 26.02 -13.96
CA VAL I 201 -5.00 24.57 -13.70
C VAL I 201 -3.77 23.94 -14.34
N HIS I 202 -3.41 24.38 -15.55
CA HIS I 202 -2.20 23.90 -16.22
C HIS I 202 -0.91 24.42 -15.56
N GLU I 203 -0.95 25.65 -15.04
CA GLU I 203 0.18 26.24 -14.30
C GLU I 203 0.42 25.57 -12.95
N LEU I 204 -0.66 25.25 -12.24
CA LEU I 204 -0.59 24.48 -10.99
C LEU I 204 0.06 23.11 -11.19
N ASP I 205 -0.24 22.45 -12.31
CA ASP I 205 0.40 21.18 -12.69
C ASP I 205 1.89 21.33 -12.96
N GLU I 206 2.26 22.38 -13.70
CA GLU I 206 3.67 22.69 -13.98
C GLU I 206 4.44 23.05 -12.71
N ALA I 207 3.81 23.83 -11.83
CA ALA I 207 4.38 24.18 -10.54
C ALA I 207 4.52 22.95 -9.63
N GLU I 208 3.52 22.07 -9.66
CA GLU I 208 3.54 20.83 -8.88
C GLU I 208 4.66 19.88 -9.31
N TYR I 209 4.82 19.72 -10.62
CA TYR I 209 5.88 18.90 -11.18
C TYR I 209 7.27 19.35 -10.72
N GLN I 210 7.50 20.66 -10.72
CA GLN I 210 8.76 21.24 -10.23
C GLN I 210 8.91 21.13 -8.71
N GLU I 211 7.80 21.28 -7.98
CA GLU I 211 7.82 21.16 -6.51
C GLU I 211 8.19 19.74 -6.07
N ILE I 212 7.67 18.73 -6.79
CA ILE I 212 8.04 17.32 -6.55
C ILE I 212 9.53 17.11 -6.84
N ARG I 213 10.00 17.68 -7.95
CA ARG I 213 11.39 17.52 -8.36
C ARG I 213 12.37 18.11 -7.34
N LEU I 214 12.05 19.27 -6.78
CA LEU I 214 12.86 19.87 -5.70
C LEU I 214 12.76 19.06 -4.41
N MET I 215 11.54 18.62 -4.06
CA MET I 215 11.31 17.83 -2.84
C MET I 215 12.08 16.49 -2.83
N VAL I 216 12.33 15.92 -4.00
CA VAL I 216 13.20 14.73 -4.12
C VAL I 216 14.67 15.11 -3.85
N MET I 217 15.12 16.21 -4.45
CA MET I 217 16.49 16.71 -4.23
C MET I 217 16.72 17.08 -2.77
N GLU I 218 15.78 17.83 -2.19
CA GLU I 218 15.85 18.25 -0.78
C GLU I 218 15.89 17.06 0.18
N ILE I 219 15.14 16.00 -0.16
CA ILE I 219 15.16 14.72 0.58
C ILE I 219 16.53 14.04 0.46
N ARG I 220 17.08 13.98 -0.76
CA ARG I 220 18.43 13.42 -0.98
C ARG I 220 19.49 14.25 -0.24
N ASN I 221 19.39 15.57 -0.33
CA ASN I 221 20.32 16.48 0.35
C ASN I 221 20.24 16.39 1.87
N ALA I 222 19.02 16.18 2.39
CA ALA I 222 18.80 16.00 3.83
C ALA I 222 19.52 14.75 4.36
N TYR I 223 19.39 13.64 3.65
CA TYR I 223 20.11 12.40 3.98
C TYR I 223 21.63 12.57 3.90
N ALA I 224 22.09 13.19 2.81
CA ALA I 224 23.52 13.33 2.51
C ALA I 224 24.25 14.21 3.52
N VAL I 225 23.62 15.32 3.89
CA VAL I 225 24.17 16.25 4.86
C VAL I 225 24.24 15.64 6.26
N LEU I 226 23.13 15.03 6.70
CA LEU I 226 23.07 14.31 7.99
C LEU I 226 24.13 13.22 8.10
N TYR I 227 24.31 12.46 7.03
CA TYR I 227 25.34 11.43 6.95
C TYR I 227 26.72 12.05 7.14
N ASP I 228 27.01 13.08 6.35
CA ASP I 228 28.31 13.75 6.37
C ASP I 228 28.66 14.32 7.75
N ILE I 229 27.75 15.11 8.31
CA ILE I 229 27.99 15.84 9.57
C ILE I 229 28.10 14.93 10.80
N ILE I 230 27.31 13.85 10.83
CA ILE I 230 27.37 12.87 11.93
C ILE I 230 28.63 12.00 11.82
N LEU I 231 28.98 11.60 10.60
CA LEU I 231 30.15 10.74 10.35
C LEU I 231 31.46 11.45 10.69
N LYS I 232 31.55 12.73 10.31
CA LYS I 232 32.72 13.56 10.63
C LYS I 232 32.85 13.80 12.14
N ASN I 233 31.73 14.13 12.80
CA ASN I 233 31.73 14.51 14.21
C ASN I 233 31.34 13.39 15.19
N PHE I 234 31.37 12.13 14.76
CA PHE I 234 30.83 11.01 15.56
C PHE I 234 31.52 10.81 16.92
N GLU I 235 32.82 11.10 16.99
CA GLU I 235 33.57 10.98 18.26
C GLU I 235 32.99 11.89 19.34
N LYS I 236 32.86 13.17 19.03
CA LYS I 236 32.32 14.16 19.97
C LYS I 236 30.81 14.02 20.22
N LEU I 237 30.06 13.49 19.26
CA LEU I 237 28.62 13.26 19.43
C LEU I 237 28.34 12.09 20.36
N LYS I 238 29.03 10.97 20.13
CA LYS I 238 28.86 9.75 20.94
C LYS I 238 29.44 9.96 22.34
N LYS I 239 30.73 10.27 22.39
CA LYS I 239 31.45 10.49 23.66
C LYS I 239 31.98 11.93 23.73
N PRO I 240 31.14 12.87 24.22
CA PRO I 240 31.51 14.29 24.22
C PRO I 240 32.60 14.67 25.22
N ARG I 241 32.75 13.86 26.29
CA ARG I 241 33.77 14.09 27.31
C ARG I 241 34.97 13.12 27.17
N GLY I 242 35.04 12.41 26.05
CA GLY I 242 36.20 11.59 25.69
C GLY I 242 36.41 10.36 26.58
N GLU I 243 37.49 10.39 27.35
CA GLU I 243 37.84 9.28 28.26
C GLU I 243 36.96 9.27 29.51
N THR I 244 36.62 10.46 30.01
CA THR I 244 35.75 10.61 31.19
C THR I 244 34.31 10.16 30.90
N LEU J 4 31.41 3.02 15.28
CA LEU J 4 30.94 3.58 13.96
C LEU J 4 31.27 2.60 12.82
N ARG J 5 30.60 1.46 12.83
CA ARG J 5 30.79 0.43 11.78
C ARG J 5 30.05 0.84 10.50
N VAL J 6 30.82 1.35 9.54
CA VAL J 6 30.33 1.66 8.21
C VAL J 6 30.98 0.66 7.26
N HIS J 7 30.16 -0.16 6.60
CA HIS J 7 30.67 -1.16 5.66
C HIS J 7 31.31 -0.46 4.45
N PRO J 8 32.48 -0.96 4.00
CA PRO J 8 33.29 -0.26 2.98
C PRO J 8 32.59 -0.05 1.62
N GLU J 9 31.63 -0.92 1.28
CA GLU J 9 30.78 -0.74 0.10
C GLU J 9 29.83 0.45 0.25
N ALA J 10 29.30 0.64 1.46
CA ALA J 10 28.44 1.80 1.77
C ALA J 10 29.22 3.13 1.79
N GLN J 11 30.44 3.09 2.32
CA GLN J 11 31.35 4.24 2.29
C GLN J 11 31.82 4.57 0.86
N ALA J 12 31.93 3.54 0.01
CA ALA J 12 32.21 3.73 -1.41
C ALA J 12 31.03 4.36 -2.14
N LYS J 13 29.83 3.79 -1.94
CA LYS J 13 28.59 4.29 -2.57
C LYS J 13 28.32 5.78 -2.30
N VAL J 14 28.45 6.19 -1.05
CA VAL J 14 28.20 7.58 -0.65
C VAL J 14 29.26 8.56 -1.16
N ASP J 15 30.50 8.10 -1.31
CA ASP J 15 31.60 8.93 -1.84
C ASP J 15 31.47 9.15 -3.37
N VAL J 16 30.81 8.22 -4.06
CA VAL J 16 30.50 8.39 -5.50
C VAL J 16 29.66 9.64 -5.70
N PHE J 17 28.68 9.84 -4.82
CA PHE J 17 27.81 11.02 -4.85
C PHE J 17 28.56 12.34 -4.62
N ARG J 18 29.51 12.36 -3.69
CA ARG J 18 30.33 13.56 -3.44
C ARG J 18 31.20 13.92 -4.65
N GLU J 19 31.82 12.91 -5.27
CA GLU J 19 32.66 13.12 -6.44
C GLU J 19 31.86 13.52 -7.69
N ASP J 20 30.62 13.03 -7.79
CA ASP J 20 29.68 13.51 -8.83
C ASP J 20 29.26 14.96 -8.58
N LEU J 21 28.99 15.29 -7.31
CA LEU J 21 28.61 16.65 -6.93
C LEU J 21 29.79 17.62 -7.06
N CYS J 22 30.97 17.17 -6.66
CA CYS J 22 32.22 17.93 -6.84
C CYS J 22 32.51 18.20 -8.31
N SER J 23 32.29 17.19 -9.16
CA SER J 23 32.46 17.34 -10.60
C SER J 23 31.44 18.31 -11.18
N LYS J 24 30.16 18.12 -10.86
CA LYS J 24 29.08 19.01 -11.32
C LYS J 24 29.35 20.45 -10.94
N THR J 25 29.60 20.70 -9.66
CA THR J 25 29.83 22.06 -9.15
C THR J 25 31.02 22.74 -9.80
N GLU J 26 32.14 22.02 -9.91
CA GLU J 26 33.33 22.53 -10.62
C GLU J 26 33.10 22.70 -12.11
N ASN J 27 32.30 21.81 -12.71
CA ASN J 27 31.98 21.88 -14.15
C ASN J 27 31.02 23.04 -14.46
N LEU J 28 29.95 23.18 -13.68
CA LEU J 28 28.95 24.22 -13.94
C LEU J 28 29.41 25.64 -13.61
N LEU J 29 30.32 25.80 -12.65
CA LEU J 29 30.71 27.14 -12.19
C LEU J 29 31.52 27.88 -13.26
N GLY J 30 32.46 27.16 -13.89
CA GLY J 30 33.27 27.72 -14.97
C GLY J 30 32.62 27.78 -16.34
N SER J 31 31.53 27.03 -16.55
CA SER J 31 30.84 26.95 -17.84
C SER J 31 29.40 27.48 -17.78
N TYR J 32 28.57 26.86 -16.95
CA TYR J 32 27.13 27.13 -16.89
C TYR J 32 26.78 28.54 -16.42
N PHE J 33 27.45 29.01 -15.37
CA PHE J 33 27.16 30.31 -14.74
C PHE J 33 27.51 31.50 -15.64
N PRO J 34 28.72 31.54 -16.23
CA PRO J 34 29.02 32.54 -17.27
C PRO J 34 28.05 32.54 -18.47
N LYS J 35 27.58 31.36 -18.86
CA LYS J 35 26.62 31.23 -19.97
C LYS J 35 25.27 31.87 -19.62
N LYS J 36 24.74 31.53 -18.46
CA LYS J 36 23.43 32.06 -18.03
C LYS J 36 23.44 33.57 -17.78
N ILE J 37 24.55 34.11 -17.29
CA ILE J 37 24.71 35.56 -17.14
C ILE J 37 24.69 36.24 -18.50
N SER J 38 25.36 35.63 -19.49
CA SER J 38 25.37 36.13 -20.86
C SER J 38 24.00 36.01 -21.53
N GLU J 39 23.32 34.88 -21.30
CA GLU J 39 21.97 34.64 -21.85
C GLU J 39 20.92 35.59 -21.26
N LEU J 40 20.93 35.73 -19.92
CA LEU J 40 19.97 36.58 -19.22
C LEU J 40 20.18 38.08 -19.45
N ASP J 41 21.42 38.49 -19.68
CA ASP J 41 21.71 39.88 -20.06
C ASP J 41 21.23 40.16 -21.49
N ALA J 42 21.42 39.19 -22.38
CA ALA J 42 20.88 39.25 -23.74
C ALA J 42 19.35 39.21 -23.76
N PHE J 43 18.76 38.45 -22.83
CA PHE J 43 17.29 38.39 -22.64
C PHE J 43 16.73 39.78 -22.30
N LEU J 44 17.34 40.45 -21.33
CA LEU J 44 16.89 41.77 -20.86
C LEU J 44 16.89 42.84 -21.94
N LYS J 45 17.82 42.75 -22.88
CA LYS J 45 17.92 43.71 -23.99
C LYS J 45 16.98 43.43 -25.18
N GLU J 46 16.20 42.34 -25.14
CA GLU J 46 15.23 42.03 -26.19
C GLU J 46 14.06 43.02 -26.17
N PRO J 47 13.38 43.21 -27.33
CA PRO J 47 12.21 44.10 -27.35
C PRO J 47 10.96 43.53 -26.63
N ALA J 48 10.97 42.24 -26.31
CA ALA J 48 9.90 41.61 -25.53
C ALA J 48 9.84 42.16 -24.10
N LEU J 49 11.00 42.18 -23.42
CA LEU J 49 11.12 42.77 -22.08
C LEU J 49 11.41 44.29 -22.09
N ASN J 50 11.60 44.87 -23.27
CA ASN J 50 11.73 46.33 -23.42
C ASN J 50 10.52 46.90 -24.14
N GLU J 51 9.33 46.64 -23.60
CA GLU J 51 8.11 47.36 -24.01
C GLU J 51 8.21 48.74 -23.39
N ALA J 52 8.51 49.74 -24.23
CA ALA J 52 8.85 51.08 -23.76
C ALA J 52 7.70 51.82 -23.08
N ASN J 53 6.45 51.48 -23.44
CA ASN J 53 5.27 51.91 -22.70
C ASN J 53 4.50 50.70 -22.18
N LEU J 54 3.98 50.82 -20.97
CA LEU J 54 3.22 49.73 -20.34
C LEU J 54 1.78 49.63 -20.87
N SER J 55 1.31 50.69 -21.54
CA SER J 55 0.04 50.66 -22.28
C SER J 55 0.09 49.75 -23.52
N ASN J 56 1.29 49.41 -24.00
CA ASN J 56 1.48 48.47 -25.12
C ASN J 56 0.98 47.06 -24.82
N LEU J 57 1.04 46.65 -23.55
CA LEU J 57 0.60 45.31 -23.12
C LEU J 57 -0.90 45.15 -22.85
N LYS J 58 -1.68 46.22 -22.99
CA LYS J 58 -3.12 46.19 -22.69
C LYS J 58 -3.86 45.19 -23.60
N ALA J 59 -4.40 44.14 -23.00
CA ALA J 59 -5.00 43.02 -23.73
C ALA J 59 -6.47 43.32 -24.12
N PRO J 60 -7.07 42.48 -24.99
CA PRO J 60 -8.50 42.61 -25.26
C PRO J 60 -9.36 42.13 -24.09
N LEU J 61 -10.26 42.99 -23.62
CA LEU J 61 -11.19 42.67 -22.53
C LEU J 61 -12.61 43.05 -22.95
N ASP J 62 -13.29 42.11 -23.60
CA ASP J 62 -14.62 42.35 -24.15
C ASP J 62 -15.72 41.84 -23.20
N ILE J 63 -16.34 42.78 -22.48
CA ILE J 63 -17.47 42.52 -21.60
C ILE J 63 -18.62 43.44 -22.05
N PRO J 64 -19.86 42.90 -22.21
CA PRO J 64 -20.98 43.78 -22.55
C PRO J 64 -21.39 44.73 -21.41
N VAL J 65 -21.15 46.03 -21.60
CA VAL J 65 -21.51 47.06 -20.60
C VAL J 65 -23.03 47.35 -20.62
N PRO J 66 -23.70 47.27 -19.44
CA PRO J 66 -25.11 47.67 -19.33
C PRO J 66 -25.26 49.14 -18.94
N VAL J 104 -13.07 36.08 -22.68
CA VAL J 104 -11.85 36.71 -22.18
C VAL J 104 -10.77 35.65 -21.98
N ASN J 105 -9.67 35.76 -22.73
CA ASN J 105 -8.51 34.88 -22.61
C ASN J 105 -7.35 35.61 -21.93
N CYS J 106 -6.26 34.89 -21.67
CA CYS J 106 -5.07 35.45 -21.03
C CYS J 106 -4.36 36.47 -21.93
N ASN J 107 -3.49 37.27 -21.32
CA ASN J 107 -2.65 38.22 -22.05
C ASN J 107 -1.63 37.44 -22.86
N GLU J 108 -1.74 37.50 -24.19
CA GLU J 108 -0.86 36.76 -25.11
C GLU J 108 0.61 37.11 -24.90
N LYS J 109 0.90 38.41 -24.82
CA LYS J 109 2.26 38.91 -24.66
C LYS J 109 2.92 38.50 -23.33
N ILE J 110 2.14 38.40 -22.25
CA ILE J 110 2.64 37.96 -20.95
C ILE J 110 2.88 36.44 -20.92
N VAL J 111 1.97 35.69 -21.53
CA VAL J 111 2.06 34.22 -21.55
C VAL J 111 3.32 33.71 -22.27
N VAL J 112 3.72 34.37 -23.36
CA VAL J 112 4.94 33.98 -24.09
C VAL J 112 6.23 34.25 -23.29
N LEU J 113 6.22 35.30 -22.47
CA LEU J 113 7.34 35.58 -21.56
C LEU J 113 7.39 34.56 -20.43
N LEU J 114 6.23 34.22 -19.87
CA LEU J 114 6.11 33.19 -18.83
C LEU J 114 6.64 31.83 -19.28
N GLN J 115 6.40 31.47 -20.54
CA GLN J 115 6.95 30.22 -21.10
C GLN J 115 8.48 30.21 -21.19
N ARG J 116 9.10 31.39 -21.30
CA ARG J 116 10.57 31.53 -21.25
C ARG J 116 11.12 31.77 -19.84
N LEU J 117 10.32 32.34 -18.94
CA LEU J 117 10.74 32.58 -17.55
C LEU J 117 10.75 31.30 -16.69
N LYS J 118 9.74 30.46 -16.86
CA LYS J 118 9.58 29.22 -16.06
C LYS J 118 10.75 28.23 -16.13
N PRO J 119 11.30 27.98 -17.35
CA PRO J 119 12.53 27.17 -17.41
C PRO J 119 13.77 27.84 -16.79
N GLU J 120 13.82 29.17 -16.79
CA GLU J 120 14.91 29.91 -16.13
C GLU J 120 14.81 29.88 -14.60
N ILE J 121 13.59 29.91 -14.06
CA ILE J 121 13.36 29.78 -12.62
C ILE J 121 13.75 28.37 -12.13
N LYS J 122 13.39 27.37 -12.93
CA LYS J 122 13.78 25.96 -12.68
C LYS J 122 15.28 25.80 -12.44
N ASP J 123 16.09 26.43 -13.29
CA ASP J 123 17.53 26.24 -13.27
C ASP J 123 18.16 26.75 -11.98
N VAL J 124 18.06 28.07 -11.73
CA VAL J 124 18.59 28.67 -10.48
C VAL J 124 18.25 27.91 -9.21
N THR J 125 17.00 27.47 -9.08
CA THR J 125 16.54 26.75 -7.89
C THR J 125 17.23 25.38 -7.75
N GLU J 126 17.47 24.72 -8.88
CA GLU J 126 18.23 23.46 -8.91
C GLU J 126 19.73 23.68 -8.70
N GLN J 127 20.31 24.62 -9.43
CA GLN J 127 21.75 24.87 -9.37
C GLN J 127 22.18 25.46 -8.02
N LEU J 128 21.35 26.34 -7.44
CA LEU J 128 21.60 26.89 -6.10
C LEU J 128 21.47 25.81 -5.03
N ASN J 129 20.48 24.94 -5.17
CA ASN J 129 20.33 23.77 -4.28
C ASN J 129 21.54 22.83 -4.38
N LEU J 130 22.05 22.65 -5.59
CA LEU J 130 23.25 21.84 -5.85
C LEU J 130 24.51 22.46 -5.24
N VAL J 131 24.66 23.78 -5.42
CA VAL J 131 25.79 24.54 -4.87
C VAL J 131 25.71 24.67 -3.34
N THR J 132 24.50 24.88 -2.81
CA THR J 132 24.27 24.93 -1.36
C THR J 132 24.68 23.62 -0.69
N THR J 133 24.27 22.50 -1.27
CA THR J 133 24.61 21.18 -0.74
C THR J 133 26.11 20.87 -0.82
N TRP J 134 26.75 21.32 -1.90
CA TRP J 134 28.21 21.18 -2.06
C TRP J 134 29.01 21.86 -0.95
N LEU J 135 28.58 23.06 -0.57
CA LEU J 135 29.22 23.83 0.51
C LEU J 135 29.02 23.17 1.88
N GLN J 136 27.82 22.67 2.14
CA GLN J 136 27.52 21.98 3.41
C GLN J 136 28.39 20.73 3.62
N LEU J 137 28.66 20.00 2.54
CA LEU J 137 29.53 18.83 2.61
C LEU J 137 31.01 19.18 2.84
N GLN J 138 31.43 20.37 2.39
CA GLN J 138 32.79 20.88 2.62
C GLN J 138 33.06 21.39 4.05
N ILE J 139 32.03 21.56 4.87
CA ILE J 139 32.20 21.97 6.26
C ILE J 139 32.91 20.83 7.02
N PRO J 140 34.14 21.09 7.53
CA PRO J 140 34.93 20.03 8.15
C PRO J 140 34.44 19.67 9.56
N ARG J 141 35.18 18.79 10.23
CA ARG J 141 34.85 18.40 11.61
C ARG J 141 34.83 19.63 12.51
N ILE J 142 33.85 19.69 13.41
CA ILE J 142 33.68 20.83 14.30
C ILE J 142 34.77 20.74 15.38
N GLU J 143 35.88 21.44 15.16
CA GLU J 143 37.04 21.42 16.06
C GLU J 143 37.11 22.68 16.92
N ASP J 144 37.75 22.56 18.08
CA ASP J 144 37.75 23.58 19.14
C ASP J 144 38.17 24.97 18.64
N GLY J 145 37.58 26.02 19.22
CA GLY J 145 37.90 27.40 18.84
C GLY J 145 37.40 27.78 17.45
N ASN J 146 37.23 29.08 17.23
CA ASN J 146 36.85 29.59 15.90
C ASN J 146 38.03 29.47 14.90
N ASN J 147 37.82 28.66 13.85
CA ASN J 147 38.79 28.51 12.75
C ASN J 147 38.25 29.30 11.57
N PHE J 148 39.10 30.16 11.00
CA PHE J 148 38.66 31.18 10.03
C PHE J 148 38.11 30.61 8.72
N GLY J 149 38.64 29.47 8.28
CA GLY J 149 38.13 28.78 7.09
C GLY J 149 36.66 28.40 7.20
N VAL J 150 36.24 27.95 8.38
CA VAL J 150 34.84 27.60 8.63
C VAL J 150 33.95 28.85 8.69
N ALA J 151 34.49 29.95 9.24
CA ALA J 151 33.78 31.23 9.29
C ALA J 151 33.51 31.83 7.90
N VAL J 152 34.44 31.62 6.97
CA VAL J 152 34.26 32.05 5.57
C VAL J 152 33.12 31.28 4.91
N GLN J 153 33.09 29.96 5.13
CA GLN J 153 32.02 29.09 4.61
C GLN J 153 30.64 29.54 5.09
N GLU J 154 30.54 29.87 6.39
CA GLU J 154 29.29 30.37 6.97
C GLU J 154 28.84 31.71 6.38
N LYS J 155 29.81 32.58 6.08
CA LYS J 155 29.53 33.88 5.46
C LYS J 155 28.99 33.73 4.03
N VAL J 156 29.58 32.82 3.26
CA VAL J 156 29.12 32.52 1.90
C VAL J 156 27.81 31.72 1.92
N PHE J 157 27.69 30.78 2.85
CA PHE J 157 26.47 30.01 3.07
C PHE J 157 25.28 30.89 3.46
N GLU J 158 25.54 31.93 4.25
CA GLU J 158 24.53 32.92 4.64
C GLU J 158 23.84 33.53 3.42
N LEU J 159 24.63 33.89 2.40
CA LEU J 159 24.09 34.46 1.16
C LEU J 159 23.24 33.47 0.38
N MET J 160 23.70 32.22 0.29
CA MET J 160 22.96 31.15 -0.40
C MET J 160 21.56 30.91 0.17
N THR J 161 21.43 30.96 1.50
CA THR J 161 20.13 30.87 2.16
C THR J 161 19.28 32.12 1.92
N ASN J 162 19.91 33.29 1.91
CA ASN J 162 19.23 34.56 1.63
C ASN J 162 18.73 34.66 0.19
N LEU J 163 19.51 34.13 -0.77
CA LEU J 163 19.06 34.05 -2.16
C LEU J 163 17.87 33.09 -2.30
N HIS J 164 17.96 31.93 -1.66
CA HIS J 164 16.88 30.92 -1.66
C HIS J 164 15.53 31.49 -1.20
N THR J 165 15.55 32.33 -0.16
CA THR J 165 14.36 33.04 0.32
C THR J 165 13.70 33.88 -0.79
N LYS J 166 14.53 34.52 -1.60
CA LYS J 166 14.07 35.35 -2.71
C LYS J 166 13.41 34.53 -3.82
N LEU J 167 14.03 33.41 -4.20
CA LEU J 167 13.59 32.61 -5.37
C LEU J 167 12.47 31.61 -5.13
N GLU J 168 12.06 31.38 -3.87
CA GLU J 168 10.89 30.52 -3.58
C GLU J 168 9.58 31.23 -3.92
N GLY J 169 9.49 32.52 -3.57
CA GLY J 169 8.33 33.34 -3.93
C GLY J 169 8.18 33.65 -5.41
N PHE J 170 9.26 33.51 -6.17
CA PHE J 170 9.26 33.73 -7.63
C PHE J 170 8.33 32.78 -8.39
N HIS J 171 8.35 31.49 -8.03
CA HIS J 171 7.56 30.49 -8.74
C HIS J 171 6.07 30.51 -8.36
N THR J 172 5.79 30.64 -7.06
CA THR J 172 4.42 30.64 -6.56
C THR J 172 3.59 31.86 -6.97
N GLN J 173 4.26 32.98 -7.31
CA GLN J 173 3.56 34.19 -7.77
C GLN J 173 2.97 34.07 -9.18
N ILE J 174 3.51 33.17 -10.00
CA ILE J 174 2.98 32.91 -11.35
C ILE J 174 1.55 32.36 -11.30
N SER J 175 1.30 31.40 -10.39
CA SER J 175 -0.05 30.89 -10.14
C SER J 175 -0.95 31.96 -9.49
N LYS J 176 -0.37 32.73 -8.57
CA LYS J 176 -1.07 33.85 -7.91
C LYS J 176 -1.52 34.92 -8.91
N TYR J 177 -0.73 35.15 -9.96
CA TYR J 177 -1.08 36.11 -11.02
C TYR J 177 -2.35 35.70 -11.77
N PHE J 178 -2.37 34.46 -12.26
CA PHE J 178 -3.55 33.91 -12.94
C PHE J 178 -4.75 33.75 -12.01
N SER J 179 -4.49 33.46 -10.74
CA SER J 179 -5.54 33.39 -9.72
C SER J 179 -6.15 34.76 -9.46
N GLU J 180 -5.31 35.78 -9.28
CA GLU J 180 -5.77 37.17 -9.09
C GLU J 180 -6.47 37.73 -10.34
N ARG J 181 -5.89 37.48 -11.51
CA ARG J 181 -6.45 37.96 -12.78
C ARG J 181 -7.77 37.26 -13.11
N GLY J 182 -7.84 35.97 -12.84
CA GLY J 182 -9.08 35.20 -12.99
C GLY J 182 -10.21 35.73 -12.12
N ASP J 183 -9.88 36.11 -10.89
CA ASP J 183 -10.85 36.75 -9.98
C ASP J 183 -11.24 38.15 -10.46
N ALA J 184 -10.25 38.92 -10.92
CA ALA J 184 -10.48 40.28 -11.43
C ALA J 184 -11.35 40.31 -12.68
N VAL J 185 -11.11 39.36 -13.60
CA VAL J 185 -11.93 39.19 -14.81
C VAL J 185 -13.35 38.72 -14.45
N ALA J 186 -13.45 37.80 -13.50
CA ALA J 186 -14.74 37.28 -13.04
C ALA J 186 -15.59 38.36 -12.36
N LYS J 187 -14.96 39.15 -11.49
CA LYS J 187 -15.63 40.32 -10.87
C LYS J 187 -16.05 41.38 -11.88
N ALA J 188 -15.23 41.58 -12.92
CA ALA J 188 -15.55 42.51 -14.00
C ALA J 188 -16.74 42.05 -14.86
N ALA J 189 -16.79 40.75 -15.16
CA ALA J 189 -17.91 40.16 -15.89
C ALA J 189 -19.18 40.08 -15.04
N LYS J 190 -19.03 39.79 -13.75
CA LYS J 190 -20.16 39.73 -12.81
C LYS J 190 -20.83 41.09 -12.62
N GLN J 191 -20.02 42.13 -12.48
CA GLN J 191 -20.49 43.49 -12.23
C GLN J 191 -19.85 44.47 -13.24
N PRO J 192 -20.36 44.48 -14.50
CA PRO J 192 -19.75 45.30 -15.55
C PRO J 192 -19.97 46.82 -15.44
N HIS J 193 -20.93 47.24 -14.62
CA HIS J 193 -21.14 48.66 -14.31
C HIS J 193 -19.96 49.32 -13.57
N VAL J 194 -19.17 48.53 -12.84
CA VAL J 194 -17.99 49.04 -12.13
C VAL J 194 -16.81 49.12 -13.11
N GLY J 195 -16.38 50.34 -13.40
CA GLY J 195 -15.25 50.57 -14.31
C GLY J 195 -13.88 50.22 -13.74
N ASP J 196 -13.77 50.16 -12.42
CA ASP J 196 -12.53 49.81 -11.74
C ASP J 196 -12.08 48.38 -11.99
N TYR J 197 -13.03 47.44 -12.04
CA TYR J 197 -12.71 46.02 -12.26
C TYR J 197 -12.09 45.73 -13.63
N ARG J 198 -12.40 46.54 -14.64
CA ARG J 198 -11.73 46.45 -15.95
C ARG J 198 -10.28 46.95 -15.87
N GLN J 199 -10.08 48.07 -15.18
CA GLN J 199 -8.75 48.64 -14.99
C GLN J 199 -7.85 47.76 -14.12
N LEU J 200 -8.46 47.07 -13.15
CA LEU J 200 -7.75 46.11 -12.30
C LEU J 200 -7.08 44.99 -13.11
N VAL J 201 -7.79 44.47 -14.11
CA VAL J 201 -7.26 43.41 -14.98
C VAL J 201 -6.08 43.92 -15.82
N HIS J 202 -6.18 45.16 -16.31
CA HIS J 202 -5.11 45.79 -17.08
C HIS J 202 -3.90 46.15 -16.22
N GLU J 203 -4.15 46.62 -15.00
CA GLU J 203 -3.06 46.94 -14.06
C GLU J 203 -2.33 45.69 -13.54
N LEU J 204 -3.06 44.59 -13.39
CA LEU J 204 -2.43 43.28 -13.08
C LEU J 204 -1.49 42.80 -14.19
N ASP J 205 -1.85 43.09 -15.45
CA ASP J 205 -0.99 42.77 -16.61
C ASP J 205 0.29 43.61 -16.62
N GLU J 206 0.13 44.91 -16.37
CA GLU J 206 1.28 45.82 -16.28
C GLU J 206 2.14 45.50 -15.06
N ALA J 207 1.49 45.19 -13.94
CA ALA J 207 2.18 44.81 -12.71
C ALA J 207 2.91 43.47 -12.82
N GLU J 208 2.36 42.53 -13.58
CA GLU J 208 3.00 41.22 -13.80
C GLU J 208 4.27 41.38 -14.62
N TYR J 209 4.14 42.04 -15.77
CA TYR J 209 5.28 42.37 -16.65
C TYR J 209 6.48 42.98 -15.91
N GLN J 210 6.19 43.88 -14.97
CA GLN J 210 7.21 44.51 -14.13
C GLN J 210 7.88 43.49 -13.19
N GLU J 211 7.06 42.61 -12.61
CA GLU J 211 7.54 41.51 -11.77
C GLU J 211 8.35 40.49 -12.58
N ILE J 212 7.88 40.20 -13.80
CA ILE J 212 8.60 39.32 -14.73
C ILE J 212 9.97 39.90 -15.07
N ARG J 213 10.02 41.20 -15.31
CA ARG J 213 11.25 41.89 -15.67
C ARG J 213 12.28 41.88 -14.54
N LEU J 214 11.82 42.12 -13.31
CA LEU J 214 12.69 42.06 -12.13
C LEU J 214 13.16 40.64 -11.81
N MET J 215 12.26 39.65 -11.97
CA MET J 215 12.61 38.24 -11.74
C MET J 215 13.74 37.75 -12.66
N VAL J 216 13.80 38.26 -13.89
CA VAL J 216 14.92 37.96 -14.80
C VAL J 216 16.21 38.63 -14.30
N MET J 217 16.12 39.89 -13.88
CA MET J 217 17.28 40.61 -13.33
C MET J 217 17.80 39.95 -12.05
N GLU J 218 16.89 39.60 -11.14
CA GLU J 218 17.23 38.94 -9.87
C GLU J 218 17.88 37.56 -10.09
N ILE J 219 17.37 36.82 -11.07
CA ILE J 219 17.93 35.51 -11.46
C ILE J 219 19.34 35.66 -12.07
N ARG J 220 19.54 36.68 -12.90
CA ARG J 220 20.87 37.00 -13.45
C ARG J 220 21.83 37.41 -12.32
N ASN J 221 21.36 38.26 -11.42
CA ASN J 221 22.16 38.72 -10.28
C ASN J 221 22.46 37.60 -9.28
N ALA J 222 21.56 36.62 -9.18
CA ALA J 222 21.79 35.44 -8.34
C ALA J 222 22.98 34.61 -8.84
N TYR J 223 23.05 34.37 -10.15
CA TYR J 223 24.20 33.69 -10.77
C TYR J 223 25.48 34.51 -10.62
N ALA J 224 25.39 35.80 -11.00
CA ALA J 224 26.54 36.70 -11.02
C ALA J 224 27.23 36.85 -9.67
N VAL J 225 26.44 37.00 -8.61
CA VAL J 225 26.95 37.20 -7.26
C VAL J 225 27.49 35.89 -6.67
N LEU J 226 26.83 34.76 -6.94
CA LEU J 226 27.34 33.43 -6.53
C LEU J 226 28.65 33.10 -7.22
N TYR J 227 28.72 33.31 -8.54
CA TYR J 227 29.95 33.11 -9.31
C TYR J 227 31.10 33.94 -8.73
N ASP J 228 30.82 35.21 -8.43
CA ASP J 228 31.81 36.14 -7.91
C ASP J 228 32.33 35.74 -6.52
N ILE J 229 31.41 35.52 -5.58
CA ILE J 229 31.77 35.24 -4.19
C ILE J 229 32.43 33.86 -4.00
N ILE J 230 31.99 32.85 -4.75
CA ILE J 230 32.59 31.51 -4.68
C ILE J 230 33.99 31.51 -5.29
N LEU J 231 34.14 32.14 -6.46
CA LEU J 231 35.41 32.20 -7.19
C LEU J 231 36.53 32.88 -6.39
N LYS J 232 36.21 34.01 -5.77
CA LYS J 232 37.16 34.74 -4.93
C LYS J 232 37.58 33.92 -3.72
N ASN J 233 36.60 33.34 -3.02
CA ASN J 233 36.82 32.61 -1.77
C ASN J 233 37.03 31.10 -1.95
N PHE J 234 37.27 30.62 -3.17
CA PHE J 234 37.30 29.18 -3.46
C PHE J 234 38.36 28.39 -2.67
N GLU J 235 39.47 29.04 -2.33
CA GLU J 235 40.52 28.39 -1.53
C GLU J 235 40.03 27.98 -0.15
N LYS J 236 39.45 28.92 0.59
CA LYS J 236 38.91 28.65 1.93
C LYS J 236 37.66 27.77 1.93
N LEU J 237 36.84 27.86 0.87
CA LEU J 237 35.63 27.04 0.76
C LEU J 237 35.95 25.57 0.55
N LYS J 238 36.85 25.30 -0.39
CA LYS J 238 37.27 23.93 -0.73
C LYS J 238 38.12 23.32 0.38
N LYS J 239 39.19 24.02 0.74
CA LYS J 239 40.14 23.58 1.79
C LYS J 239 40.22 24.63 2.90
N PRO J 240 39.34 24.52 3.91
CA PRO J 240 39.28 25.54 4.97
C PRO J 240 40.46 25.53 5.95
N ARG J 241 41.04 24.35 6.22
CA ARG J 241 42.15 24.23 7.17
C ARG J 241 43.52 23.97 6.51
N GLY J 242 43.63 24.26 5.22
CA GLY J 242 44.90 24.08 4.49
C GLY J 242 45.20 22.63 4.21
N LEU K 4 38.66 25.09 -9.84
CA LEU K 4 38.10 26.43 -10.22
C LEU K 4 38.51 26.82 -11.64
N ARG K 5 38.30 25.91 -12.58
CA ARG K 5 38.77 26.11 -13.96
C ARG K 5 37.83 27.09 -14.65
N VAL K 6 38.39 27.96 -15.49
CA VAL K 6 37.58 28.86 -16.33
C VAL K 6 38.19 28.89 -17.73
N HIS K 7 37.34 28.71 -18.75
CA HIS K 7 37.74 28.78 -20.15
C HIS K 7 38.07 30.25 -20.44
N PRO K 8 39.14 30.54 -21.23
CA PRO K 8 39.50 31.94 -21.50
C PRO K 8 38.37 32.80 -22.10
N GLU K 9 37.45 32.16 -22.82
CA GLU K 9 36.18 32.77 -23.21
C GLU K 9 35.31 33.09 -21.99
N ALA K 10 35.03 32.05 -21.19
CA ALA K 10 34.11 32.12 -20.03
C ALA K 10 34.46 33.21 -19.02
N GLN K 11 35.75 33.41 -18.76
CA GLN K 11 36.21 34.49 -17.88
C GLN K 11 35.98 35.86 -18.53
N ALA K 12 36.22 35.94 -19.84
CA ALA K 12 35.96 37.16 -20.60
C ALA K 12 34.47 37.54 -20.64
N LYS K 13 33.59 36.53 -20.69
CA LYS K 13 32.13 36.75 -20.71
C LYS K 13 31.65 37.47 -19.44
N VAL K 14 32.20 37.07 -18.29
CA VAL K 14 31.90 37.70 -17.00
C VAL K 14 32.61 39.05 -16.87
N ASP K 15 33.81 39.17 -17.44
CA ASP K 15 34.53 40.44 -17.51
C ASP K 15 33.83 41.49 -18.41
N VAL K 16 33.11 41.03 -19.43
CA VAL K 16 32.28 41.92 -20.26
C VAL K 16 31.08 42.44 -19.43
N PHE K 17 30.48 41.55 -18.64
CA PHE K 17 29.33 41.90 -17.80
C PHE K 17 29.65 42.93 -16.72
N ARG K 18 30.78 42.77 -16.02
CA ARG K 18 31.20 43.71 -14.98
C ARG K 18 31.66 45.06 -15.56
N GLU K 19 32.32 45.01 -16.72
CA GLU K 19 32.69 46.22 -17.46
C GLU K 19 31.44 46.98 -17.96
N ASP K 20 30.41 46.25 -18.36
CA ASP K 20 29.09 46.85 -18.67
C ASP K 20 28.42 47.43 -17.43
N LEU K 21 28.47 46.70 -16.32
CA LEU K 21 27.86 47.14 -15.06
C LEU K 21 28.61 48.31 -14.41
N CYS K 22 29.94 48.32 -14.55
CA CYS K 22 30.77 49.45 -14.11
C CYS K 22 30.56 50.68 -14.97
N SER K 23 30.50 50.48 -16.29
CA SER K 23 30.27 51.58 -17.24
C SER K 23 28.86 52.17 -17.13
N LYS K 24 27.86 51.31 -16.88
CA LYS K 24 26.49 51.78 -16.62
C LYS K 24 26.40 52.56 -15.30
N THR K 25 26.96 51.99 -14.23
CA THR K 25 26.87 52.59 -12.89
C THR K 25 27.55 53.96 -12.78
N GLU K 26 28.71 54.13 -13.42
CA GLU K 26 29.40 55.43 -13.43
C GLU K 26 28.64 56.48 -14.28
N ASN K 27 28.07 56.04 -15.40
CA ASN K 27 27.20 56.89 -16.23
C ASN K 27 25.86 57.17 -15.56
N LEU K 28 25.38 56.22 -14.75
CA LEU K 28 24.13 56.35 -14.01
C LEU K 28 24.20 57.45 -12.94
N LEU K 29 25.22 57.36 -12.10
CA LEU K 29 25.44 58.36 -11.04
C LEU K 29 25.92 59.70 -11.59
N GLY K 30 26.64 59.65 -12.71
CA GLY K 30 27.14 60.86 -13.37
C GLY K 30 26.06 61.74 -13.96
N SER K 31 25.09 61.14 -14.67
CA SER K 31 24.04 61.90 -15.37
C SER K 31 22.58 61.44 -15.20
N TYR K 32 22.32 60.17 -14.89
CA TYR K 32 20.94 59.67 -14.76
C TYR K 32 20.30 60.10 -13.43
N PHE K 33 21.01 59.86 -12.33
CA PHE K 33 20.54 60.22 -10.98
C PHE K 33 20.31 61.72 -10.74
N PRO K 34 21.28 62.59 -11.11
CA PRO K 34 21.07 64.03 -10.91
C PRO K 34 19.98 64.61 -11.81
N LYS K 35 19.87 64.08 -13.03
CA LYS K 35 18.76 64.39 -13.95
C LYS K 35 17.41 64.04 -13.32
N LYS K 36 17.29 62.80 -12.84
CA LYS K 36 16.03 62.30 -12.27
C LYS K 36 15.52 63.09 -11.06
N ILE K 37 16.43 63.66 -10.27
CA ILE K 37 16.03 64.44 -9.09
C ILE K 37 15.39 65.77 -9.49
N SER K 38 15.99 66.48 -10.44
CA SER K 38 15.43 67.76 -10.93
C SER K 38 14.09 67.58 -11.67
N GLU K 39 13.96 66.49 -12.43
CA GLU K 39 12.72 66.16 -13.14
C GLU K 39 11.58 65.80 -12.19
N LEU K 40 11.88 65.02 -11.16
CA LEU K 40 10.90 64.69 -10.12
C LEU K 40 10.61 65.87 -9.17
N ASP K 41 11.59 66.75 -8.95
CA ASP K 41 11.38 67.96 -8.14
C ASP K 41 10.46 68.93 -8.90
N ALA K 42 10.68 69.05 -10.20
CA ALA K 42 9.79 69.82 -11.09
C ALA K 42 8.38 69.22 -11.14
N PHE K 43 8.30 67.89 -11.17
CA PHE K 43 7.01 67.14 -11.12
C PHE K 43 6.13 67.61 -9.96
N LEU K 44 6.72 67.69 -8.76
CA LEU K 44 5.99 68.12 -7.55
C LEU K 44 5.46 69.55 -7.65
N LYS K 45 6.23 70.44 -8.27
CA LYS K 45 5.84 71.85 -8.40
C LYS K 45 4.77 72.14 -9.47
N GLU K 46 4.46 71.15 -10.33
CA GLU K 46 3.37 71.30 -11.32
C GLU K 46 2.00 71.33 -10.64
N PRO K 47 0.98 71.92 -11.31
CA PRO K 47 -0.35 72.01 -10.69
C PRO K 47 -1.14 70.70 -10.59
N ALA K 48 -0.67 69.63 -11.25
CA ALA K 48 -1.30 68.31 -11.14
C ALA K 48 -1.19 67.73 -9.73
N LEU K 49 0.04 67.69 -9.20
CA LEU K 49 0.30 67.26 -7.82
C LEU K 49 0.13 68.37 -6.77
N ASN K 50 -0.16 69.59 -7.21
CA ASN K 50 -0.52 70.69 -6.31
C ASN K 50 -1.96 71.13 -6.57
N GLU K 51 -2.89 70.20 -6.37
CA GLU K 51 -4.32 70.53 -6.35
C GLU K 51 -4.60 71.31 -5.07
N ALA K 52 -5.05 72.55 -5.23
CA ALA K 52 -5.40 73.41 -4.09
C ALA K 52 -6.60 72.89 -3.28
N ASN K 53 -7.47 72.12 -3.94
CA ASN K 53 -8.65 71.53 -3.31
C ASN K 53 -8.78 70.04 -3.65
N LEU K 54 -9.25 69.27 -2.67
CA LEU K 54 -9.47 67.83 -2.81
C LEU K 54 -10.77 67.55 -3.57
N SER K 55 -11.81 68.34 -3.28
CA SER K 55 -13.11 68.24 -3.97
C SER K 55 -13.12 68.62 -5.45
N ASN K 56 -12.08 69.29 -5.94
CA ASN K 56 -11.88 69.52 -7.39
C ASN K 56 -11.48 68.20 -8.07
N LEU K 57 -10.78 67.35 -7.32
CA LEU K 57 -10.36 66.02 -7.76
C LEU K 57 -11.50 64.97 -7.72
N LYS K 58 -12.62 65.29 -7.06
CA LYS K 58 -13.72 64.34 -6.85
C LYS K 58 -14.33 63.87 -8.17
N ALA K 59 -14.58 62.57 -8.28
CA ALA K 59 -15.08 61.97 -9.53
C ALA K 59 -16.61 61.88 -9.52
N PRO K 60 -17.24 61.84 -10.72
CA PRO K 60 -18.69 61.58 -10.76
C PRO K 60 -19.05 60.15 -10.36
N LEU K 61 -19.96 60.02 -9.39
CA LEU K 61 -20.44 58.72 -8.89
C LEU K 61 -21.96 58.67 -9.02
N ASP K 62 -22.43 58.24 -10.19
CA ASP K 62 -23.86 58.22 -10.51
C ASP K 62 -24.48 56.84 -10.20
N ILE K 63 -25.13 56.75 -9.05
CA ILE K 63 -25.86 55.55 -8.63
C ILE K 63 -27.30 55.98 -8.32
N PRO K 64 -28.32 55.23 -8.80
CA PRO K 64 -29.69 55.60 -8.50
C PRO K 64 -30.09 55.39 -7.03
N VAL K 65 -30.30 56.49 -6.31
CA VAL K 65 -30.78 56.47 -4.92
C VAL K 65 -32.19 55.82 -4.87
N PRO K 66 -32.43 54.89 -3.90
CA PRO K 66 -33.65 54.10 -3.99
C PRO K 66 -34.90 54.83 -3.50
N ASP K 67 -36.06 54.25 -3.75
CA ASP K 67 -37.35 54.79 -3.34
C ASP K 67 -37.66 54.37 -1.89
N PRO K 68 -37.79 55.34 -0.95
CA PRO K 68 -38.19 54.96 0.41
C PRO K 68 -39.66 54.57 0.51
N CYS K 101 -27.94 49.96 -12.67
CA CYS K 101 -26.99 51.05 -12.43
C CYS K 101 -26.19 51.35 -13.70
N GLY K 102 -25.95 52.64 -13.95
CA GLY K 102 -25.14 53.08 -15.09
C GLY K 102 -23.65 52.84 -14.84
N PRO K 103 -22.82 53.04 -15.89
CA PRO K 103 -21.39 52.74 -15.79
C PRO K 103 -20.62 53.75 -14.93
N VAL K 104 -20.01 53.27 -13.84
CA VAL K 104 -19.20 54.10 -12.95
C VAL K 104 -17.73 54.01 -13.40
N ASN K 105 -17.21 55.13 -13.92
CA ASN K 105 -15.84 55.17 -14.44
C ASN K 105 -14.83 55.36 -13.32
N CYS K 106 -13.55 55.11 -13.64
CA CYS K 106 -12.44 55.43 -12.74
C CYS K 106 -12.21 56.93 -12.75
N ASN K 107 -11.57 57.43 -11.69
CA ASN K 107 -11.24 58.86 -11.59
C ASN K 107 -10.19 59.20 -12.67
N GLU K 108 -10.60 60.04 -13.61
CA GLU K 108 -9.76 60.41 -14.77
C GLU K 108 -8.46 61.08 -14.36
N LYS K 109 -8.53 61.95 -13.36
CA LYS K 109 -7.35 62.66 -12.84
C LYS K 109 -6.36 61.73 -12.14
N ILE K 110 -6.84 60.73 -11.41
CA ILE K 110 -5.98 59.72 -10.78
C ILE K 110 -5.32 58.81 -11.83
N VAL K 111 -6.09 58.40 -12.84
CA VAL K 111 -5.58 57.53 -13.91
C VAL K 111 -4.40 58.18 -14.66
N VAL K 112 -4.57 59.45 -15.06
CA VAL K 112 -3.50 60.19 -15.77
C VAL K 112 -2.25 60.43 -14.91
N LEU K 113 -2.42 60.59 -13.60
CA LEU K 113 -1.29 60.68 -12.67
C LEU K 113 -0.58 59.33 -12.51
N LEU K 114 -1.35 58.24 -12.43
CA LEU K 114 -0.79 56.89 -12.37
C LEU K 114 -0.04 56.49 -13.65
N GLN K 115 -0.49 56.98 -14.81
CA GLN K 115 0.23 56.80 -16.08
C GLN K 115 1.63 57.43 -16.06
N ARG K 116 1.77 58.55 -15.34
CA ARG K 116 3.07 59.21 -15.14
C ARG K 116 3.94 58.54 -14.07
N LEU K 117 3.31 57.99 -13.03
CA LEU K 117 4.02 57.38 -11.90
C LEU K 117 4.63 56.01 -12.24
N LYS K 118 3.87 55.16 -12.92
CA LYS K 118 4.28 53.78 -13.23
C LYS K 118 5.64 53.62 -13.95
N PRO K 119 5.93 54.46 -14.95
CA PRO K 119 7.29 54.42 -15.54
C PRO K 119 8.40 54.90 -14.60
N GLU K 120 8.10 55.79 -13.67
CA GLU K 120 9.08 56.25 -12.67
C GLU K 120 9.42 55.15 -11.66
N ILE K 121 8.42 54.35 -11.28
CA ILE K 121 8.63 53.20 -10.39
C ILE K 121 9.46 52.10 -11.07
N LYS K 122 9.23 51.91 -12.37
CA LYS K 122 10.04 50.97 -13.16
C LYS K 122 11.51 51.39 -13.21
N ASP K 123 11.77 52.68 -13.39
CA ASP K 123 13.13 53.21 -13.47
C ASP K 123 13.90 53.02 -12.16
N VAL K 124 13.37 53.58 -11.08
CA VAL K 124 14.03 53.53 -9.76
C VAL K 124 14.33 52.11 -9.26
N THR K 125 13.43 51.16 -9.49
CA THR K 125 13.62 49.76 -9.06
C THR K 125 14.71 49.05 -9.87
N GLU K 126 14.75 49.31 -11.17
CA GLU K 126 15.83 48.81 -12.02
C GLU K 126 17.19 49.37 -11.62
N GLN K 127 17.24 50.70 -11.44
CA GLN K 127 18.49 51.38 -11.11
C GLN K 127 18.97 51.07 -9.69
N LEU K 128 18.04 50.78 -8.78
CA LEU K 128 18.40 50.29 -7.43
C LEU K 128 19.00 48.88 -7.52
N ASN K 129 18.32 48.00 -8.26
CA ASN K 129 18.77 46.61 -8.47
C ASN K 129 20.11 46.55 -9.21
N LEU K 130 20.32 47.46 -10.15
CA LEU K 130 21.58 47.58 -10.89
C LEU K 130 22.71 48.04 -9.97
N VAL K 131 22.44 49.06 -9.15
CA VAL K 131 23.41 49.60 -8.20
C VAL K 131 23.71 48.62 -7.06
N THR K 132 22.70 47.89 -6.59
CA THR K 132 22.87 46.87 -5.54
C THR K 132 23.78 45.72 -5.98
N THR K 133 23.60 45.27 -7.22
CA THR K 133 24.42 44.19 -7.78
C THR K 133 25.88 44.60 -7.94
N TRP K 134 26.11 45.84 -8.38
CA TRP K 134 27.46 46.40 -8.51
C TRP K 134 28.24 46.35 -7.20
N LEU K 135 27.55 46.66 -6.10
CA LEU K 135 28.18 46.69 -4.78
C LEU K 135 28.58 45.30 -4.29
N GLN K 136 27.75 44.29 -4.58
CA GLN K 136 28.05 42.89 -4.22
C GLN K 136 29.25 42.32 -4.99
N LEU K 137 29.40 42.72 -6.26
CA LEU K 137 30.59 42.37 -7.06
C LEU K 137 31.84 43.09 -6.55
N GLN K 138 31.66 44.31 -6.04
CA GLN K 138 32.76 45.10 -5.46
C GLN K 138 33.24 44.64 -4.08
N ILE K 139 32.48 43.75 -3.41
CA ILE K 139 32.94 43.15 -2.15
C ILE K 139 34.15 42.24 -2.45
N PRO K 140 35.28 42.46 -1.76
CA PRO K 140 36.49 41.70 -2.04
C PRO K 140 36.50 40.32 -1.37
N ARG K 141 37.62 39.62 -1.49
CA ARG K 141 37.85 38.33 -0.84
C ARG K 141 37.67 38.44 0.68
N ILE K 142 37.01 37.45 1.27
CA ILE K 142 36.76 37.44 2.72
C ILE K 142 38.05 37.08 3.46
N GLU K 143 38.75 38.12 3.93
CA GLU K 143 40.03 37.98 4.64
C GLU K 143 39.89 38.39 6.10
N ASP K 144 40.90 38.01 6.89
CA ASP K 144 40.91 38.27 8.34
C ASP K 144 41.08 39.76 8.63
N GLY K 145 42.07 40.38 8.00
CA GLY K 145 42.44 41.77 8.25
C GLY K 145 42.21 42.72 7.09
N ASN K 146 42.16 44.01 7.43
CA ASN K 146 41.94 45.13 6.51
C ASN K 146 40.51 45.11 5.95
N ASN K 147 39.55 45.08 6.88
CA ASN K 147 38.13 44.95 6.55
C ASN K 147 37.28 46.13 7.07
N PHE K 148 37.86 47.33 7.11
CA PHE K 148 37.06 48.54 7.35
C PHE K 148 36.32 48.94 6.08
N GLY K 149 37.01 48.94 4.95
CA GLY K 149 36.40 49.16 3.64
C GLY K 149 35.24 48.20 3.34
N VAL K 150 35.34 46.98 3.85
CA VAL K 150 34.26 46.00 3.76
C VAL K 150 33.09 46.43 4.66
N ALA K 151 33.41 46.90 5.87
CA ALA K 151 32.40 47.44 6.79
C ALA K 151 31.70 48.71 6.27
N VAL K 152 32.41 49.49 5.46
CA VAL K 152 31.81 50.63 4.75
C VAL K 152 30.83 50.14 3.69
N GLN K 153 31.23 49.14 2.91
CA GLN K 153 30.36 48.54 1.88
C GLN K 153 29.07 47.94 2.45
N GLU K 154 29.18 47.28 3.61
CA GLU K 154 28.02 46.70 4.29
C GLU K 154 27.06 47.77 4.85
N LYS K 155 27.60 48.91 5.28
CA LYS K 155 26.78 50.02 5.77
C LYS K 155 25.97 50.71 4.65
N VAL K 156 26.57 50.85 3.47
CA VAL K 156 25.87 51.36 2.29
C VAL K 156 24.87 50.31 1.77
N PHE K 157 25.19 49.03 1.96
CA PHE K 157 24.27 47.94 1.62
C PHE K 157 23.03 47.90 2.50
N GLU K 158 23.19 48.25 3.78
CA GLU K 158 22.06 48.38 4.72
C GLU K 158 21.00 49.35 4.20
N LEU K 159 21.46 50.51 3.75
CA LEU K 159 20.59 51.54 3.16
C LEU K 159 19.81 51.04 1.94
N MET K 160 20.48 50.30 1.06
CA MET K 160 19.86 49.79 -0.18
C MET K 160 18.77 48.76 0.09
N THR K 161 18.99 47.88 1.06
CA THR K 161 17.95 46.92 1.49
C THR K 161 16.77 47.65 2.17
N ASN K 162 17.06 48.74 2.88
CA ASN K 162 16.02 49.60 3.47
C ASN K 162 15.18 50.32 2.40
N LEU K 163 15.84 50.81 1.35
CA LEU K 163 15.14 51.42 0.21
C LEU K 163 14.35 50.39 -0.61
N HIS K 164 14.92 49.19 -0.79
CA HIS K 164 14.23 48.10 -1.49
C HIS K 164 12.90 47.73 -0.85
N THR K 165 12.84 47.74 0.48
CA THR K 165 11.62 47.45 1.24
C THR K 165 10.49 48.42 0.92
N LYS K 166 10.81 49.72 0.80
CA LYS K 166 9.83 50.75 0.47
C LYS K 166 9.26 50.62 -0.94
N LEU K 167 10.12 50.35 -1.91
CA LEU K 167 9.72 50.34 -3.32
C LEU K 167 8.95 49.08 -3.74
N GLU K 168 9.10 47.99 -2.98
CA GLU K 168 8.25 46.80 -3.16
C GLU K 168 6.80 47.06 -2.73
N GLY K 169 6.63 47.85 -1.67
CA GLY K 169 5.31 48.28 -1.22
C GLY K 169 4.59 49.21 -2.18
N PHE K 170 5.35 50.03 -2.93
CA PHE K 170 4.79 50.96 -3.91
C PHE K 170 4.16 50.26 -5.11
N HIS K 171 4.76 49.16 -5.55
CA HIS K 171 4.34 48.47 -6.76
C HIS K 171 2.96 47.82 -6.63
N THR K 172 2.76 47.07 -5.55
CA THR K 172 1.51 46.33 -5.33
C THR K 172 0.32 47.20 -4.89
N GLN K 173 0.58 48.42 -4.41
CA GLN K 173 -0.48 49.28 -3.88
C GLN K 173 -1.36 49.92 -4.97
N ILE K 174 -0.80 50.14 -6.16
CA ILE K 174 -1.57 50.70 -7.30
C ILE K 174 -2.62 49.71 -7.85
N SER K 175 -2.32 48.42 -7.79
CA SER K 175 -3.28 47.35 -8.12
C SER K 175 -4.31 47.17 -7.01
N LYS K 176 -3.83 47.29 -5.76
CA LYS K 176 -4.70 47.28 -4.57
C LYS K 176 -5.71 48.44 -4.54
N TYR K 177 -5.32 49.59 -5.11
CA TYR K 177 -6.21 50.77 -5.19
C TYR K 177 -7.46 50.50 -6.01
N PHE K 178 -7.28 50.04 -7.25
CA PHE K 178 -8.41 49.69 -8.13
C PHE K 178 -9.20 48.49 -7.60
N SER K 179 -8.53 47.59 -6.90
CA SER K 179 -9.18 46.44 -6.25
C SER K 179 -10.09 46.88 -5.08
N GLU K 180 -9.59 47.79 -4.24
CA GLU K 180 -10.38 48.35 -3.13
C GLU K 180 -11.51 49.26 -3.61
N ARG K 181 -11.22 50.10 -4.60
CA ARG K 181 -12.21 51.03 -5.15
C ARG K 181 -13.32 50.31 -5.92
N GLY K 182 -12.95 49.24 -6.63
CA GLY K 182 -13.91 48.37 -7.30
C GLY K 182 -14.89 47.70 -6.35
N ASP K 183 -14.40 47.28 -5.18
CA ASP K 183 -15.25 46.72 -4.12
C ASP K 183 -16.18 47.78 -3.53
N ALA K 184 -15.65 48.98 -3.30
CA ALA K 184 -16.42 50.10 -2.73
C ALA K 184 -17.53 50.58 -3.66
N VAL K 185 -17.23 50.70 -4.94
CA VAL K 185 -18.21 51.08 -5.97
C VAL K 185 -19.26 49.98 -6.13
N ALA K 186 -18.82 48.72 -6.13
CA ALA K 186 -19.71 47.57 -6.20
C ALA K 186 -20.65 47.51 -5.00
N LYS K 187 -20.10 47.72 -3.81
CA LYS K 187 -20.88 47.80 -2.56
C LYS K 187 -21.89 48.96 -2.58
N ALA K 188 -21.46 50.12 -3.08
CA ALA K 188 -22.33 51.30 -3.18
C ALA K 188 -23.50 51.10 -4.14
N ALA K 189 -23.23 50.44 -5.27
CA ALA K 189 -24.27 50.07 -6.23
C ALA K 189 -25.18 48.97 -5.69
N LYS K 190 -24.59 47.98 -5.01
CA LYS K 190 -25.34 46.87 -4.40
C LYS K 190 -26.22 47.34 -3.23
N GLN K 191 -25.72 48.33 -2.47
CA GLN K 191 -26.42 48.88 -1.31
C GLN K 191 -26.51 50.42 -1.46
N PRO K 192 -27.44 50.91 -2.32
CA PRO K 192 -27.52 52.36 -2.57
C PRO K 192 -28.10 53.20 -1.41
N HIS K 193 -28.80 52.55 -0.48
CA HIS K 193 -29.29 53.22 0.74
C HIS K 193 -28.19 53.61 1.75
N VAL K 194 -26.99 53.03 1.61
CA VAL K 194 -25.87 53.34 2.50
C VAL K 194 -25.04 54.48 1.92
N GLY K 195 -25.06 55.63 2.60
CA GLY K 195 -24.29 56.81 2.18
C GLY K 195 -22.79 56.70 2.42
N ASP K 196 -22.39 55.85 3.36
CA ASP K 196 -20.98 55.65 3.71
C ASP K 196 -20.14 55.03 2.58
N TYR K 197 -20.74 54.11 1.83
CA TYR K 197 -20.05 53.52 0.66
C TYR K 197 -19.81 54.55 -0.45
N ARG K 198 -20.69 55.54 -0.56
CA ARG K 198 -20.50 56.64 -1.52
C ARG K 198 -19.36 57.56 -1.08
N GLN K 199 -19.27 57.81 0.23
CA GLN K 199 -18.16 58.57 0.82
C GLN K 199 -16.84 57.81 0.73
N LEU K 200 -16.90 56.49 0.93
CA LEU K 200 -15.72 55.60 0.87
C LEU K 200 -14.97 55.71 -0.47
N VAL K 201 -15.71 55.74 -1.57
CA VAL K 201 -15.12 55.84 -2.91
C VAL K 201 -14.42 57.19 -3.11
N HIS K 202 -14.98 58.26 -2.53
CA HIS K 202 -14.36 59.59 -2.58
C HIS K 202 -13.12 59.71 -1.68
N GLU K 203 -13.13 59.04 -0.53
CA GLU K 203 -11.96 59.02 0.37
C GLU K 203 -10.81 58.17 -0.15
N LEU K 204 -11.13 57.07 -0.85
CA LEU K 204 -10.12 56.28 -1.58
C LEU K 204 -9.41 57.09 -2.67
N ASP K 205 -10.15 57.98 -3.33
CA ASP K 205 -9.58 58.90 -4.34
C ASP K 205 -8.65 59.95 -3.71
N GLU K 206 -9.07 60.52 -2.59
CA GLU K 206 -8.24 61.48 -1.85
C GLU K 206 -6.99 60.81 -1.27
N ALA K 207 -7.15 59.61 -0.71
CA ALA K 207 -6.03 58.85 -0.15
C ALA K 207 -5.02 58.41 -1.22
N GLU K 208 -5.52 58.06 -2.41
CA GLU K 208 -4.67 57.67 -3.53
C GLU K 208 -3.89 58.86 -4.12
N TYR K 209 -4.50 60.05 -4.10
CA TYR K 209 -3.81 61.28 -4.48
C TYR K 209 -2.68 61.62 -3.51
N GLN K 210 -2.93 61.44 -2.22
CA GLN K 210 -1.91 61.60 -1.18
C GLN K 210 -0.78 60.59 -1.33
N GLU K 211 -1.14 59.36 -1.69
CA GLU K 211 -0.17 58.27 -1.84
C GLU K 211 0.73 58.45 -3.07
N ILE K 212 0.15 58.87 -4.19
CA ILE K 212 0.90 59.19 -5.41
C ILE K 212 1.90 60.33 -5.16
N ARG K 213 1.48 61.34 -4.39
CA ARG K 213 2.36 62.47 -4.06
C ARG K 213 3.55 62.04 -3.19
N LEU K 214 3.29 61.23 -2.17
CA LEU K 214 4.35 60.69 -1.30
C LEU K 214 5.31 59.78 -2.06
N MET K 215 4.78 58.93 -2.94
CA MET K 215 5.61 58.03 -3.76
C MET K 215 6.53 58.77 -4.73
N VAL K 216 6.13 59.94 -5.21
CA VAL K 216 7.00 60.80 -6.04
C VAL K 216 8.12 61.41 -5.18
N MET K 217 7.79 61.82 -3.95
CA MET K 217 8.79 62.32 -3.01
C MET K 217 9.76 61.22 -2.58
N GLU K 218 9.22 60.06 -2.21
CA GLU K 218 10.02 58.89 -1.80
C GLU K 218 11.01 58.43 -2.87
N ILE K 219 10.58 58.43 -4.13
CA ILE K 219 11.44 58.08 -5.26
C ILE K 219 12.51 59.15 -5.52
N ARG K 220 12.13 60.42 -5.38
CA ARG K 220 13.10 61.53 -5.46
C ARG K 220 14.13 61.44 -4.34
N ASN K 221 13.68 61.14 -3.12
CA ASN K 221 14.56 61.00 -1.96
C ASN K 221 15.49 59.79 -2.10
N ALA K 222 14.96 58.69 -2.66
CA ALA K 222 15.75 57.48 -2.90
C ALA K 222 16.94 57.73 -3.83
N TYR K 223 16.71 58.49 -4.92
CA TYR K 223 17.77 58.89 -5.83
C TYR K 223 18.80 59.80 -5.12
N ALA K 224 18.29 60.80 -4.40
CA ALA K 224 19.15 61.78 -3.72
C ALA K 224 20.02 61.15 -2.63
N VAL K 225 19.43 60.27 -1.84
CA VAL K 225 20.13 59.58 -0.74
C VAL K 225 21.18 58.60 -1.26
N LEU K 226 20.87 57.87 -2.33
CA LEU K 226 21.85 56.95 -2.97
C LEU K 226 23.01 57.69 -3.63
N TYR K 227 22.70 58.75 -4.37
CA TYR K 227 23.72 59.60 -5.00
C TYR K 227 24.67 60.18 -3.95
N ASP K 228 24.11 60.68 -2.84
CA ASP K 228 24.90 61.27 -1.76
C ASP K 228 25.82 60.25 -1.09
N ILE K 229 25.27 59.07 -0.74
CA ILE K 229 26.03 58.04 -0.02
C ILE K 229 27.14 57.41 -0.86
N ILE K 230 26.86 57.11 -2.12
CA ILE K 230 27.86 56.52 -3.01
C ILE K 230 28.96 57.54 -3.38
N LEU K 231 28.58 58.79 -3.66
CA LEU K 231 29.54 59.82 -4.05
C LEU K 231 30.52 60.18 -2.92
N LYS K 232 30.03 60.25 -1.68
CA LYS K 232 30.88 60.50 -0.52
C LYS K 232 31.85 59.34 -0.24
N ASN K 233 31.31 58.12 -0.24
CA ASN K 233 32.07 56.91 0.13
C ASN K 233 32.75 56.18 -1.05
N PHE K 234 32.74 56.76 -2.25
CA PHE K 234 33.14 56.05 -3.49
C PHE K 234 34.52 55.37 -3.45
N GLU K 235 35.47 55.98 -2.73
CA GLU K 235 36.82 55.42 -2.61
C GLU K 235 36.84 54.06 -1.92
N LYS K 236 36.12 53.94 -0.81
CA LYS K 236 36.06 52.69 -0.04
C LYS K 236 35.09 51.64 -0.60
N LEU K 237 34.15 52.06 -1.46
CA LEU K 237 33.23 51.14 -2.12
C LEU K 237 33.88 50.47 -3.33
N LYS K 238 34.56 51.27 -4.16
CA LYS K 238 35.24 50.79 -5.37
C LYS K 238 36.50 50.00 -5.02
N LYS K 239 37.40 50.63 -4.26
CA LYS K 239 38.66 50.03 -3.85
C LYS K 239 38.72 49.93 -2.31
N PRO K 240 38.14 48.86 -1.74
CA PRO K 240 38.01 48.76 -0.28
C PRO K 240 39.32 48.48 0.47
N ARG K 241 40.33 47.94 -0.21
CA ARG K 241 41.64 47.70 0.39
C ARG K 241 42.78 48.50 -0.26
N GLY K 242 42.43 49.58 -0.95
CA GLY K 242 43.42 50.46 -1.58
C GLY K 242 44.04 49.85 -2.82
N ARG L 5 33.92 59.50 -11.14
CA ARG L 5 33.82 60.39 -12.34
C ARG L 5 32.47 61.10 -12.36
N VAL L 6 32.50 62.42 -12.20
CA VAL L 6 31.28 63.25 -12.26
C VAL L 6 31.52 64.55 -13.03
N HIS L 7 30.43 65.13 -13.52
CA HIS L 7 30.47 66.30 -14.39
C HIS L 7 30.00 67.51 -13.57
N PRO L 8 30.65 68.70 -13.73
CA PRO L 8 30.26 69.89 -12.96
C PRO L 8 28.79 70.30 -13.10
N GLU L 9 28.26 70.25 -14.33
CA GLU L 9 26.83 70.51 -14.61
C GLU L 9 25.86 69.62 -13.81
N ALA L 10 26.24 68.37 -13.58
CA ALA L 10 25.40 67.40 -12.87
C ALA L 10 25.49 67.58 -11.35
N GLN L 11 26.70 67.75 -10.84
CA GLN L 11 26.94 68.04 -9.41
C GLN L 11 26.32 69.37 -8.99
N ALA L 12 26.37 70.37 -9.87
CA ALA L 12 25.73 71.67 -9.64
C ALA L 12 24.19 71.56 -9.52
N LYS L 13 23.61 70.65 -10.31
CA LYS L 13 22.17 70.39 -10.28
C LYS L 13 21.70 69.74 -8.96
N VAL L 14 22.54 68.88 -8.37
CA VAL L 14 22.25 68.25 -7.08
C VAL L 14 22.45 69.25 -5.93
N ASP L 15 23.47 70.12 -6.05
CA ASP L 15 23.69 71.19 -5.07
C ASP L 15 22.57 72.26 -5.06
N VAL L 16 21.79 72.34 -6.14
CA VAL L 16 20.57 73.17 -6.15
C VAL L 16 19.51 72.55 -5.22
N PHE L 17 19.36 71.22 -5.26
CA PHE L 17 18.43 70.50 -4.39
C PHE L 17 18.85 70.59 -2.92
N ARG L 18 20.14 70.43 -2.63
CA ARG L 18 20.67 70.61 -1.26
C ARG L 18 20.46 72.03 -0.72
N GLU L 19 20.60 73.03 -1.61
CA GLU L 19 20.39 74.43 -1.24
C GLU L 19 18.92 74.70 -0.88
N ASP L 20 18.00 74.18 -1.69
CA ASP L 20 16.56 74.30 -1.42
C ASP L 20 16.13 73.49 -0.18
N LEU L 21 16.70 72.30 0.00
CA LEU L 21 16.35 71.44 1.14
C LEU L 21 16.88 72.00 2.48
N CYS L 22 18.02 72.68 2.44
CA CYS L 22 18.53 73.43 3.59
C CYS L 22 17.69 74.69 3.85
N SER L 23 17.33 75.40 2.76
CA SER L 23 16.54 76.63 2.85
C SER L 23 15.10 76.38 3.32
N LYS L 24 14.49 75.29 2.84
CA LYS L 24 13.17 74.86 3.33
C LYS L 24 13.20 74.48 4.81
N THR L 25 14.25 73.77 5.21
CA THR L 25 14.42 73.32 6.60
C THR L 25 14.69 74.48 7.58
N GLU L 26 15.45 75.49 7.14
CA GLU L 26 15.71 76.69 7.96
C GLU L 26 14.45 77.54 8.16
N ASN L 27 13.64 77.66 7.11
CA ASN L 27 12.28 78.25 7.20
C ASN L 27 11.37 77.40 8.11
N LEU L 28 11.49 76.08 7.94
CA LEU L 28 10.71 75.08 8.72
C LEU L 28 10.90 75.23 10.24
N LEU L 29 12.14 75.36 10.67
CA LEU L 29 12.48 75.63 12.08
C LEU L 29 12.11 77.06 12.47
N GLY L 30 12.44 78.01 11.60
CA GLY L 30 12.19 79.44 11.85
C GLY L 30 10.74 79.92 11.76
N SER L 31 9.83 79.10 11.26
CA SER L 31 8.42 79.50 11.09
C SER L 31 7.42 78.35 11.25
N TYR L 32 7.43 77.41 10.32
CA TYR L 32 6.32 76.45 10.12
C TYR L 32 5.89 75.68 11.37
N PHE L 33 6.87 75.15 12.11
CA PHE L 33 6.63 74.31 13.29
C PHE L 33 5.99 75.06 14.47
N PRO L 34 6.53 76.24 14.86
CA PRO L 34 5.84 77.10 15.82
C PRO L 34 4.40 77.49 15.42
N LYS L 35 4.19 77.75 14.13
CA LYS L 35 2.87 78.12 13.61
C LYS L 35 1.89 76.95 13.68
N LYS L 36 2.35 75.75 13.32
CA LYS L 36 1.52 74.54 13.38
C LYS L 36 1.18 74.11 14.81
N ILE L 37 2.13 74.26 15.74
CA ILE L 37 1.91 73.93 17.16
C ILE L 37 0.89 74.89 17.78
N SER L 38 1.02 76.18 17.47
CA SER L 38 0.07 77.20 17.95
C SER L 38 -1.34 77.03 17.37
N GLU L 39 -1.42 76.70 16.09
CA GLU L 39 -2.71 76.50 15.40
C GLU L 39 -3.46 75.25 15.89
N LEU L 40 -2.74 74.15 16.07
CA LEU L 40 -3.35 72.88 16.53
C LEU L 40 -3.73 72.90 18.02
N ASP L 41 -3.00 73.65 18.83
CA ASP L 41 -3.37 73.85 20.25
C ASP L 41 -4.68 74.65 20.34
N ALA L 42 -4.82 75.65 19.48
CA ALA L 42 -6.08 76.40 19.33
C ALA L 42 -7.21 75.52 18.80
N PHE L 43 -6.89 74.68 17.82
CA PHE L 43 -7.85 73.71 17.26
C PHE L 43 -8.30 72.68 18.31
N LEU L 44 -7.41 72.32 19.23
CA LEU L 44 -7.76 71.44 20.37
C LEU L 44 -8.70 72.13 21.37
N LYS L 45 -8.49 73.42 21.63
CA LYS L 45 -9.32 74.19 22.57
C LYS L 45 -10.71 74.59 22.03
N GLU L 46 -10.92 74.50 20.72
CA GLU L 46 -12.22 74.82 20.12
C GLU L 46 -13.33 73.86 20.55
N PRO L 47 -14.60 74.30 20.51
CA PRO L 47 -15.69 73.47 21.04
C PRO L 47 -16.13 72.30 20.14
N ALA L 48 -15.66 72.27 18.88
CA ALA L 48 -15.92 71.14 17.98
C ALA L 48 -15.26 69.86 18.47
N LEU L 49 -13.99 69.98 18.89
CA LEU L 49 -13.23 68.85 19.43
C LEU L 49 -13.52 68.55 20.92
N ASN L 50 -14.11 69.51 21.64
CA ASN L 50 -14.53 69.32 23.04
C ASN L 50 -16.06 69.38 23.18
N GLU L 51 -16.74 68.38 22.62
CA GLU L 51 -18.19 68.22 22.83
C GLU L 51 -18.40 67.70 24.25
N ALA L 52 -19.21 68.41 25.02
CA ALA L 52 -19.47 68.07 26.42
C ALA L 52 -20.27 66.76 26.57
N ASN L 53 -21.16 66.49 25.62
CA ASN L 53 -22.03 65.31 25.65
C ASN L 53 -21.85 64.46 24.40
N LEU L 54 -21.81 63.15 24.58
CA LEU L 54 -21.61 62.19 23.49
C LEU L 54 -22.87 61.96 22.66
N SER L 55 -24.04 62.02 23.31
CA SER L 55 -25.33 61.86 22.64
C SER L 55 -25.69 63.01 21.67
N ASN L 56 -25.07 64.18 21.85
CA ASN L 56 -25.17 65.29 20.89
C ASN L 56 -24.58 64.95 19.52
N LEU L 57 -23.56 64.09 19.50
CA LEU L 57 -22.89 63.68 18.27
C LEU L 57 -23.74 62.72 17.44
N LYS L 58 -24.30 61.69 18.10
CA LYS L 58 -25.02 60.58 17.44
C LYS L 58 -26.01 61.05 16.37
N ALA L 59 -25.78 60.62 15.13
CA ALA L 59 -26.56 61.08 13.97
C ALA L 59 -27.97 60.45 13.94
N PRO L 60 -28.90 61.04 13.16
CA PRO L 60 -30.20 60.39 12.96
C PRO L 60 -30.09 59.18 12.03
N LEU L 61 -30.12 57.98 12.62
CA LEU L 61 -30.12 56.73 11.86
C LEU L 61 -31.58 56.32 11.61
N ASP L 62 -31.95 56.20 10.34
CA ASP L 62 -33.30 55.78 9.94
C ASP L 62 -33.41 54.26 10.05
N ILE L 63 -34.29 53.79 10.94
CA ILE L 63 -34.41 52.36 11.25
C ILE L 63 -35.88 51.92 11.10
N PRO L 64 -36.26 51.44 9.89
CA PRO L 64 -37.59 50.87 9.72
C PRO L 64 -37.72 49.49 10.39
N VAL L 65 -38.32 49.49 11.58
CA VAL L 65 -38.49 48.26 12.38
C VAL L 65 -39.59 47.37 11.76
N PRO L 66 -39.37 46.03 11.72
CA PRO L 66 -40.40 45.14 11.17
C PRO L 66 -41.33 44.57 12.25
N ASP L 67 -42.54 44.17 11.85
CA ASP L 67 -43.49 43.51 12.75
C ASP L 67 -43.48 41.99 12.52
N PRO L 68 -43.44 41.19 13.61
CA PRO L 68 -43.56 39.72 13.45
C PRO L 68 -44.93 39.28 12.92
N PRO L 99 -36.15 44.21 3.14
CA PRO L 99 -35.83 45.32 4.05
C PRO L 99 -35.89 46.68 3.32
N PRO L 100 -37.10 47.30 3.27
CA PRO L 100 -37.25 48.61 2.64
C PRO L 100 -36.82 49.74 3.56
N CYS L 101 -35.90 50.60 3.09
CA CYS L 101 -35.33 51.67 3.91
C CYS L 101 -34.84 52.85 3.07
N GLY L 102 -34.94 54.06 3.64
CA GLY L 102 -34.49 55.28 2.98
C GLY L 102 -32.98 55.46 3.04
N PRO L 103 -32.45 56.54 2.42
CA PRO L 103 -31.00 56.76 2.37
C PRO L 103 -30.40 57.24 3.69
N VAL L 104 -29.49 56.44 4.26
CA VAL L 104 -28.74 56.82 5.46
C VAL L 104 -27.54 57.66 5.04
N ASN L 105 -27.29 58.74 5.77
CA ASN L 105 -26.15 59.62 5.51
C ASN L 105 -25.12 59.51 6.63
N CYS L 106 -23.88 59.86 6.31
CA CYS L 106 -22.78 59.89 7.29
C CYS L 106 -22.96 61.05 8.27
N ASN L 107 -22.36 60.91 9.45
CA ASN L 107 -22.45 61.92 10.50
C ASN L 107 -21.77 63.22 10.07
N GLU L 108 -22.59 64.26 9.85
CA GLU L 108 -22.10 65.57 9.37
C GLU L 108 -21.13 66.25 10.32
N LYS L 109 -21.33 66.09 11.63
CA LYS L 109 -20.42 66.65 12.64
C LYS L 109 -19.05 65.97 12.65
N ILE L 110 -18.99 64.70 12.24
CA ILE L 110 -17.71 64.00 12.02
C ILE L 110 -17.04 64.50 10.74
N VAL L 111 -17.82 64.64 9.66
CA VAL L 111 -17.27 64.99 8.35
C VAL L 111 -16.64 66.39 8.33
N VAL L 112 -17.28 67.37 8.99
CA VAL L 112 -16.70 68.72 9.11
C VAL L 112 -15.36 68.74 9.87
N LEU L 113 -15.18 67.80 10.81
CA LEU L 113 -13.90 67.63 11.51
C LEU L 113 -12.83 66.95 10.64
N LEU L 114 -13.24 65.97 9.83
CA LEU L 114 -12.30 65.27 8.93
C LEU L 114 -11.75 66.17 7.81
N GLN L 115 -12.56 67.10 7.32
CA GLN L 115 -12.12 68.05 6.29
C GLN L 115 -11.07 69.04 6.81
N ARG L 116 -11.04 69.26 8.14
CA ARG L 116 -9.97 70.03 8.79
C ARG L 116 -8.75 69.17 9.11
N LEU L 117 -8.97 67.89 9.43
CA LEU L 117 -7.89 66.97 9.81
C LEU L 117 -7.01 66.55 8.64
N LYS L 118 -7.64 66.12 7.54
CA LYS L 118 -6.93 65.63 6.35
C LYS L 118 -5.83 66.55 5.80
N PRO L 119 -6.09 67.86 5.65
CA PRO L 119 -5.00 68.77 5.25
C PRO L 119 -3.88 68.95 6.29
N GLU L 120 -4.20 68.79 7.59
CA GLU L 120 -3.19 68.81 8.65
C GLU L 120 -2.34 67.54 8.69
N ILE L 121 -2.93 66.39 8.33
CA ILE L 121 -2.18 65.12 8.19
C ILE L 121 -1.20 65.22 7.01
N LYS L 122 -1.69 65.74 5.89
CA LYS L 122 -0.90 65.97 4.67
C LYS L 122 0.37 66.79 4.95
N ASP L 123 0.21 67.89 5.69
CA ASP L 123 1.31 68.79 6.00
C ASP L 123 2.44 68.13 6.80
N VAL L 124 2.08 67.24 7.72
CA VAL L 124 3.07 66.64 8.64
C VAL L 124 3.93 65.60 7.91
N THR L 125 3.27 64.68 7.20
CA THR L 125 3.96 63.61 6.47
C THR L 125 4.93 64.15 5.40
N GLU L 126 4.58 65.28 4.79
CA GLU L 126 5.47 65.97 3.86
C GLU L 126 6.67 66.60 4.57
N GLN L 127 6.42 67.38 5.61
CA GLN L 127 7.49 68.02 6.39
C GLN L 127 8.34 67.01 7.18
N LEU L 128 7.77 65.86 7.52
CA LEU L 128 8.52 64.75 8.12
C LEU L 128 9.48 64.12 7.10
N ASN L 129 8.97 63.86 5.90
CA ASN L 129 9.79 63.32 4.78
C ASN L 129 10.90 64.30 4.37
N LEU L 130 10.59 65.59 4.38
CA LEU L 130 11.56 66.64 4.03
C LEU L 130 12.72 66.67 5.03
N VAL L 131 12.38 66.68 6.32
CA VAL L 131 13.37 66.74 7.41
C VAL L 131 14.18 65.43 7.53
N THR L 132 13.52 64.29 7.34
CA THR L 132 14.20 62.98 7.33
C THR L 132 15.26 62.91 6.23
N THR L 133 14.92 63.43 5.05
CA THR L 133 15.85 63.47 3.92
C THR L 133 17.02 64.43 4.17
N TRP L 134 16.74 65.58 4.76
CA TRP L 134 17.78 66.55 5.14
C TRP L 134 18.83 65.94 6.06
N LEU L 135 18.36 65.16 7.03
CA LEU L 135 19.25 64.47 7.98
C LEU L 135 20.12 63.42 7.30
N GLN L 136 19.57 62.69 6.32
CA GLN L 136 20.35 61.71 5.55
C GLN L 136 21.42 62.33 4.66
N LEU L 137 21.13 63.51 4.09
CA LEU L 137 22.11 64.25 3.30
C LEU L 137 23.22 64.89 4.16
N GLN L 138 22.95 65.08 5.45
CA GLN L 138 23.95 65.58 6.41
C GLN L 138 24.84 64.48 7.04
N ILE L 139 24.55 63.20 6.77
CA ILE L 139 25.40 62.11 7.25
C ILE L 139 26.70 62.14 6.44
N PRO L 140 27.86 62.31 7.12
CA PRO L 140 29.13 62.44 6.41
C PRO L 140 29.68 61.10 5.90
N ARG L 141 30.88 61.14 5.33
CA ARG L 141 31.59 59.95 4.87
C ARG L 141 31.84 58.99 6.03
N ILE L 142 31.75 57.69 5.77
CA ILE L 142 31.92 56.66 6.81
C ILE L 142 33.40 56.53 7.13
N GLU L 143 33.84 57.21 8.18
CA GLU L 143 35.22 57.19 8.65
C GLU L 143 35.41 56.23 9.81
N ASP L 144 36.66 55.86 10.07
CA ASP L 144 37.01 54.84 11.08
C ASP L 144 36.76 55.34 12.51
N GLY L 145 36.50 54.41 13.43
CA GLY L 145 36.35 54.73 14.85
C GLY L 145 34.95 55.18 15.20
N ASN L 146 34.74 55.52 16.47
CA ASN L 146 33.44 55.96 16.97
C ASN L 146 33.22 57.44 16.61
N ASN L 147 32.70 57.69 15.41
CA ASN L 147 32.39 59.05 14.95
C ASN L 147 31.19 59.52 15.75
N PHE L 148 31.39 60.49 16.64
CA PHE L 148 30.32 60.87 17.56
C PHE L 148 29.19 61.69 16.92
N GLY L 149 29.55 62.65 16.07
CA GLY L 149 28.57 63.45 15.34
C GLY L 149 27.58 62.60 14.54
N VAL L 150 28.08 61.48 14.01
CA VAL L 150 27.24 60.52 13.28
C VAL L 150 26.29 59.79 14.24
N ALA L 151 26.79 59.40 15.40
CA ALA L 151 25.97 58.73 16.44
C ALA L 151 24.82 59.62 16.95
N VAL L 152 25.02 60.93 16.98
CA VAL L 152 23.97 61.89 17.31
C VAL L 152 22.91 61.92 16.21
N GLN L 153 23.36 61.97 14.95
CA GLN L 153 22.45 61.94 13.80
C GLN L 153 21.59 60.68 13.76
N GLU L 154 22.19 59.52 14.06
CA GLU L 154 21.47 58.25 14.08
C GLU L 154 20.41 58.15 15.19
N LYS L 155 20.68 58.77 16.34
CA LYS L 155 19.73 58.82 17.46
C LYS L 155 18.54 59.74 17.15
N VAL L 156 18.81 60.87 16.48
CA VAL L 156 17.75 61.77 16.00
C VAL L 156 16.99 61.14 14.81
N PHE L 157 17.72 60.43 13.95
CA PHE L 157 17.10 59.68 12.85
C PHE L 157 16.19 58.55 13.33
N GLU L 158 16.58 57.90 14.44
CA GLU L 158 15.77 56.85 15.08
C GLU L 158 14.39 57.33 15.49
N LEU L 159 14.32 58.53 16.06
CA LEU L 159 13.06 59.18 16.42
C LEU L 159 12.16 59.45 15.22
N MET L 160 12.76 59.96 14.14
CA MET L 160 12.01 60.25 12.90
C MET L 160 11.46 59.00 12.21
N THR L 161 12.16 57.87 12.37
CA THR L 161 11.66 56.58 11.91
C THR L 161 10.45 56.14 12.75
N ASN L 162 10.49 56.39 14.05
CA ASN L 162 9.38 56.07 14.96
C ASN L 162 8.13 56.91 14.69
N LEU L 163 8.32 58.21 14.42
CA LEU L 163 7.20 59.10 14.08
C LEU L 163 6.56 58.70 12.75
N HIS L 164 7.37 58.40 11.74
CA HIS L 164 6.87 57.96 10.43
C HIS L 164 6.02 56.69 10.52
N THR L 165 6.48 55.72 11.30
CA THR L 165 5.73 54.48 11.57
C THR L 165 4.42 54.76 12.31
N LYS L 166 4.47 55.72 13.24
CA LYS L 166 3.31 56.15 14.02
C LYS L 166 2.26 56.90 13.18
N LEU L 167 2.70 57.71 12.23
CA LEU L 167 1.80 58.54 11.42
C LEU L 167 1.14 57.83 10.23
N GLU L 168 1.78 56.80 9.68
CA GLU L 168 1.29 56.16 8.43
C GLU L 168 -0.05 55.40 8.57
N GLY L 169 -0.45 55.06 9.79
CA GLY L 169 -1.77 54.49 10.04
C GLY L 169 -2.95 55.44 9.81
N PHE L 170 -2.68 56.75 9.86
CA PHE L 170 -3.73 57.79 9.80
C PHE L 170 -4.45 57.85 8.44
N HIS L 171 -3.77 57.46 7.37
CA HIS L 171 -4.35 57.49 6.01
C HIS L 171 -5.37 56.37 5.85
N THR L 172 -4.98 55.18 6.30
CA THR L 172 -5.85 54.02 6.28
C THR L 172 -7.02 54.13 7.27
N GLN L 173 -6.78 54.76 8.43
CA GLN L 173 -7.81 54.89 9.49
C GLN L 173 -9.06 55.69 9.09
N ILE L 174 -8.90 56.69 8.23
CA ILE L 174 -10.05 57.46 7.70
C ILE L 174 -10.83 56.65 6.65
N SER L 175 -10.12 55.96 5.76
CA SER L 175 -10.76 55.05 4.78
C SER L 175 -11.37 53.82 5.45
N LYS L 176 -10.75 53.35 6.53
CA LYS L 176 -11.25 52.22 7.33
C LYS L 176 -12.52 52.59 8.12
N TYR L 177 -12.66 53.85 8.51
CA TYR L 177 -13.83 54.33 9.25
C TYR L 177 -15.13 54.22 8.45
N PHE L 178 -15.12 54.82 7.25
CA PHE L 178 -16.29 54.77 6.36
C PHE L 178 -16.58 53.36 5.83
N SER L 179 -15.53 52.56 5.67
CA SER L 179 -15.66 51.15 5.28
C SER L 179 -16.31 50.32 6.38
N GLU L 180 -15.87 50.51 7.63
CA GLU L 180 -16.47 49.82 8.78
C GLU L 180 -17.89 50.30 9.10
N ARG L 181 -18.12 51.61 8.99
CA ARG L 181 -19.44 52.20 9.26
C ARG L 181 -20.47 51.80 8.21
N GLY L 182 -20.06 51.80 6.94
CA GLY L 182 -20.89 51.31 5.84
C GLY L 182 -21.30 49.86 5.97
N ASP L 183 -20.41 49.02 6.48
CA ASP L 183 -20.71 47.62 6.80
C ASP L 183 -21.71 47.52 7.96
N ALA L 184 -21.54 48.37 8.97
CA ALA L 184 -22.45 48.40 10.13
C ALA L 184 -23.85 48.90 9.77
N VAL L 185 -23.93 49.95 8.95
CA VAL L 185 -25.21 50.49 8.47
C VAL L 185 -25.91 49.48 7.54
N ALA L 186 -25.14 48.85 6.66
CA ALA L 186 -25.68 47.83 5.75
C ALA L 186 -26.21 46.62 6.52
N LYS L 187 -25.42 46.13 7.48
CA LYS L 187 -25.85 45.03 8.36
C LYS L 187 -27.08 45.41 9.20
N ALA L 188 -27.14 46.67 9.66
CA ALA L 188 -28.30 47.17 10.41
C ALA L 188 -29.57 47.21 9.56
N ALA L 189 -29.42 47.65 8.30
CA ALA L 189 -30.54 47.66 7.35
C ALA L 189 -30.93 46.26 6.90
N LYS L 190 -29.93 45.40 6.68
CA LYS L 190 -30.16 44.00 6.30
C LYS L 190 -30.80 43.18 7.43
N GLN L 191 -30.39 43.48 8.67
CA GLN L 191 -30.89 42.80 9.88
C GLN L 191 -31.46 43.86 10.84
N PRO L 192 -32.69 44.35 10.59
CA PRO L 192 -33.25 45.41 11.44
C PRO L 192 -33.62 44.96 12.87
N HIS L 193 -33.97 43.69 13.03
CA HIS L 193 -34.29 43.11 14.34
C HIS L 193 -33.12 43.07 15.34
N VAL L 194 -31.88 43.03 14.84
CA VAL L 194 -30.70 42.97 15.71
C VAL L 194 -30.37 44.38 16.23
N GLY L 195 -30.50 44.55 17.55
CA GLY L 195 -30.27 45.85 18.19
C GLY L 195 -28.82 46.28 18.37
N ASP L 196 -27.88 45.34 18.25
CA ASP L 196 -26.46 45.63 18.40
C ASP L 196 -25.87 46.41 17.23
N TYR L 197 -26.33 46.10 16.01
CA TYR L 197 -25.90 46.82 14.81
C TYR L 197 -26.32 48.30 14.81
N ARG L 198 -27.39 48.63 15.54
CA ARG L 198 -27.80 50.04 15.72
C ARG L 198 -26.76 50.80 16.53
N GLN L 199 -26.44 50.29 17.71
CA GLN L 199 -25.44 50.88 18.59
C GLN L 199 -24.01 50.80 18.04
N LEU L 200 -23.73 49.77 17.23
CA LEU L 200 -22.44 49.64 16.53
C LEU L 200 -22.13 50.88 15.66
N VAL L 201 -23.16 51.41 15.00
CA VAL L 201 -23.01 52.63 14.19
C VAL L 201 -22.75 53.86 15.07
N HIS L 202 -23.45 53.94 16.21
CA HIS L 202 -23.26 55.04 17.16
C HIS L 202 -21.93 54.96 17.91
N GLU L 203 -21.45 53.75 18.18
CA GLU L 203 -20.13 53.54 18.82
C GLU L 203 -18.97 53.83 17.88
N LEU L 204 -19.13 53.47 16.60
CA LEU L 204 -18.15 53.84 15.55
C LEU L 204 -18.02 55.36 15.37
N ASP L 205 -19.12 56.09 15.57
CA ASP L 205 -19.09 57.56 15.60
C ASP L 205 -18.38 58.10 16.84
N GLU L 206 -18.63 57.49 18.00
CA GLU L 206 -17.96 57.85 19.25
C GLU L 206 -16.47 57.52 19.23
N ALA L 207 -16.12 56.36 18.71
CA ALA L 207 -14.71 55.92 18.61
C ALA L 207 -13.89 56.77 17.64
N GLU L 208 -14.50 57.12 16.50
CA GLU L 208 -13.84 57.96 15.49
C GLU L 208 -13.65 59.41 15.97
N TYR L 209 -14.61 59.92 16.74
CA TYR L 209 -14.48 61.23 17.39
C TYR L 209 -13.29 61.30 18.34
N GLN L 210 -13.09 60.23 19.12
CA GLN L 210 -11.93 60.09 19.99
C GLN L 210 -10.63 59.96 19.18
N GLU L 211 -10.71 59.22 18.08
CA GLU L 211 -9.56 59.01 17.19
C GLU L 211 -9.10 60.30 16.51
N ILE L 212 -10.05 61.16 16.11
CA ILE L 212 -9.73 62.48 15.56
C ILE L 212 -9.04 63.35 16.61
N ARG L 213 -9.55 63.30 17.85
CA ARG L 213 -8.99 64.07 18.95
C ARG L 213 -7.54 63.65 19.27
N LEU L 214 -7.25 62.35 19.22
CA LEU L 214 -5.88 61.85 19.40
C LEU L 214 -4.98 62.27 18.24
N MET L 215 -5.43 61.99 17.02
CA MET L 215 -4.65 62.31 15.81
C MET L 215 -4.21 63.78 15.72
N VAL L 216 -5.02 64.70 16.26
CA VAL L 216 -4.63 66.11 16.36
C VAL L 216 -3.55 66.32 17.42
N MET L 217 -3.70 65.68 18.59
CA MET L 217 -2.68 65.73 19.65
C MET L 217 -1.37 65.11 19.19
N GLU L 218 -1.46 63.91 18.62
CA GLU L 218 -0.30 63.15 18.16
C GLU L 218 0.50 63.89 17.09
N ILE L 219 -0.23 64.56 16.19
CA ILE L 219 0.37 65.43 15.17
C ILE L 219 1.03 66.65 15.79
N ARG L 220 0.36 67.30 16.75
CA ARG L 220 0.94 68.43 17.48
C ARG L 220 2.18 68.01 18.27
N ASN L 221 2.13 66.82 18.86
CA ASN L 221 3.27 66.25 19.60
C ASN L 221 4.43 65.88 18.66
N ALA L 222 4.10 65.38 17.47
CA ALA L 222 5.11 65.06 16.44
C ALA L 222 5.92 66.30 16.04
N TYR L 223 5.24 67.42 15.83
CA TYR L 223 5.89 68.70 15.53
C TYR L 223 6.74 69.19 16.70
N ALA L 224 6.14 69.21 17.89
CA ALA L 224 6.79 69.72 19.11
C ALA L 224 8.08 68.99 19.45
N VAL L 225 8.07 67.66 19.28
CA VAL L 225 9.23 66.82 19.55
C VAL L 225 10.35 67.06 18.53
N LEU L 226 10.00 67.06 17.24
CA LEU L 226 10.98 67.29 16.17
C LEU L 226 11.60 68.70 16.22
N TYR L 227 10.78 69.69 16.55
CA TYR L 227 11.30 71.05 16.76
C TYR L 227 12.32 71.06 17.90
N ASP L 228 11.97 70.42 19.00
CA ASP L 228 12.81 70.40 20.21
C ASP L 228 14.15 69.70 20.00
N ILE L 229 14.10 68.49 19.46
CA ILE L 229 15.29 67.65 19.31
C ILE L 229 16.27 68.19 18.25
N ILE L 230 15.74 68.76 17.16
CA ILE L 230 16.58 69.35 16.11
C ILE L 230 17.20 70.66 16.59
N LEU L 231 16.39 71.52 17.21
CA LEU L 231 16.88 72.79 17.78
C LEU L 231 17.94 72.57 18.87
N LYS L 232 17.77 71.53 19.69
CA LYS L 232 18.74 71.18 20.73
C LYS L 232 20.05 70.66 20.15
N ASN L 233 19.95 69.71 19.22
CA ASN L 233 21.12 69.02 18.66
C ASN L 233 21.64 69.60 17.33
N PHE L 234 21.21 70.81 16.95
CA PHE L 234 21.45 71.34 15.59
C PHE L 234 22.91 71.39 15.16
N GLU L 235 23.81 71.67 16.10
CA GLU L 235 25.25 71.76 15.80
C GLU L 235 25.81 70.43 15.32
N LYS L 236 25.57 69.37 16.07
CA LYS L 236 26.03 68.02 15.71
C LYS L 236 25.32 67.45 14.47
N LEU L 237 24.07 67.84 14.23
CA LEU L 237 23.31 67.37 13.06
C LEU L 237 23.82 68.02 11.77
N LYS L 238 23.98 69.34 11.79
CA LYS L 238 24.45 70.09 10.62
C LYS L 238 25.93 69.81 10.34
N LYS L 239 26.77 70.04 11.34
CA LYS L 239 28.21 69.86 11.23
C LYS L 239 28.69 68.81 12.26
N PRO L 240 28.67 67.52 11.88
CA PRO L 240 29.00 66.45 12.83
C PRO L 240 30.48 66.33 13.19
N ARG L 241 31.38 66.72 12.28
CA ARG L 241 32.83 66.65 12.53
C ARG L 241 33.48 68.02 12.76
N GLY L 242 32.69 69.03 13.14
CA GLY L 242 33.21 70.35 13.51
C GLY L 242 33.34 71.39 12.41
N GLU L 243 33.41 70.95 11.15
CA GLU L 243 33.60 71.83 10.00
C GLU L 243 32.67 71.43 8.85
N HIS M 7 14.99 82.02 15.25
CA HIS M 7 14.17 83.24 14.97
C HIS M 7 13.46 83.70 16.27
N PRO M 8 13.36 85.03 16.50
CA PRO M 8 12.83 85.55 17.78
C PRO M 8 11.38 85.20 18.12
N GLU M 9 10.45 85.45 17.20
CA GLU M 9 9.01 85.22 17.46
C GLU M 9 8.67 83.74 17.53
N ALA M 10 9.20 82.95 16.60
CA ALA M 10 9.04 81.48 16.59
C ALA M 10 9.44 80.83 17.92
N GLN M 11 10.61 81.23 18.44
CA GLN M 11 11.13 80.77 19.74
C GLN M 11 10.16 81.02 20.89
N ALA M 12 9.48 82.17 20.87
CA ALA M 12 8.53 82.56 21.92
C ALA M 12 7.25 81.70 21.95
N LYS M 13 6.71 81.39 20.76
CA LYS M 13 5.48 80.59 20.66
C LYS M 13 5.64 79.14 21.16
N VAL M 14 6.85 78.60 21.05
CA VAL M 14 7.15 77.25 21.54
C VAL M 14 7.38 77.25 23.06
N ASP M 15 8.02 78.29 23.58
CA ASP M 15 8.21 78.46 25.04
C ASP M 15 6.89 78.71 25.79
N VAL M 16 5.90 79.29 25.12
CA VAL M 16 4.54 79.41 25.65
C VAL M 16 3.91 78.01 25.79
N PHE M 17 4.11 77.16 24.78
CA PHE M 17 3.65 75.76 24.82
C PHE M 17 4.40 74.91 25.86
N ARG M 18 5.69 75.16 26.05
CA ARG M 18 6.51 74.45 27.05
C ARG M 18 6.05 74.76 28.48
N GLU M 19 5.80 76.04 28.76
CA GLU M 19 5.29 76.46 30.07
C GLU M 19 3.87 75.95 30.34
N ASP M 20 3.05 75.86 29.30
CA ASP M 20 1.73 75.23 29.39
C ASP M 20 1.85 73.76 29.75
N LEU M 21 2.71 73.03 29.04
CA LEU M 21 2.85 71.57 29.23
C LEU M 21 3.45 71.22 30.60
N CYS M 22 4.36 72.05 31.11
CA CYS M 22 4.89 71.89 32.47
C CYS M 22 3.84 72.24 33.54
N SER M 23 3.03 73.28 33.28
CA SER M 23 1.94 73.67 34.17
C SER M 23 0.78 72.67 34.15
N LYS M 24 0.46 72.14 32.97
CA LYS M 24 -0.57 71.09 32.82
C LYS M 24 -0.16 69.80 33.54
N THR M 25 1.11 69.41 33.41
CA THR M 25 1.61 68.16 33.98
C THR M 25 1.74 68.20 35.50
N GLU M 26 2.40 69.23 36.04
CA GLU M 26 2.66 69.32 37.49
C GLU M 26 1.38 69.48 38.31
N ASN M 27 0.41 70.23 37.78
CA ASN M 27 -0.90 70.39 38.42
C ASN M 27 -1.75 69.12 38.26
N LEU M 28 -1.56 68.41 37.15
CA LEU M 28 -2.17 67.09 36.92
C LEU M 28 -1.66 66.02 37.89
N LEU M 29 -0.34 65.98 38.10
CA LEU M 29 0.27 65.04 39.05
C LEU M 29 -0.14 65.32 40.49
N GLY M 30 -0.34 66.60 40.82
CA GLY M 30 -0.82 67.01 42.14
C GLY M 30 -2.31 66.78 42.37
N SER M 31 -3.13 67.20 41.40
CA SER M 31 -4.60 67.22 41.56
C SER M 31 -5.33 66.05 40.93
N TYR M 32 -4.95 65.67 39.71
CA TYR M 32 -5.75 64.77 38.86
C TYR M 32 -5.53 63.28 39.18
N PHE M 33 -4.26 62.89 39.30
CA PHE M 33 -3.88 61.46 39.42
C PHE M 33 -4.31 60.84 40.77
N PRO M 34 -4.07 61.53 41.90
CA PRO M 34 -4.69 61.13 43.17
C PRO M 34 -6.22 61.00 43.15
N LYS M 35 -6.89 61.91 42.43
CA LYS M 35 -8.35 61.90 42.32
C LYS M 35 -8.84 60.72 41.48
N LYS M 36 -8.22 60.51 40.33
CA LYS M 36 -8.57 59.40 39.43
C LYS M 36 -8.37 58.02 40.05
N ILE M 37 -7.34 57.87 40.89
CA ILE M 37 -7.11 56.61 41.62
C ILE M 37 -8.21 56.36 42.65
N SER M 38 -8.59 57.39 43.40
CA SER M 38 -9.67 57.30 44.39
C SER M 38 -11.04 57.02 43.75
N GLU M 39 -11.31 57.67 42.62
CA GLU M 39 -12.58 57.49 41.89
C GLU M 39 -12.69 56.11 41.23
N LEU M 40 -11.61 55.67 40.58
CA LEU M 40 -11.58 54.34 39.92
C LEU M 40 -11.56 53.18 40.92
N ASP M 41 -10.92 53.37 42.07
CA ASP M 41 -10.95 52.37 43.15
C ASP M 41 -12.32 52.33 43.83
N ALA M 42 -12.98 53.49 43.92
CA ALA M 42 -14.37 53.57 44.38
C ALA M 42 -15.34 52.91 43.38
N PHE M 43 -15.06 53.09 42.08
CA PHE M 43 -15.80 52.43 40.99
C PHE M 43 -15.87 50.91 41.22
N LEU M 44 -14.71 50.30 41.41
CA LEU M 44 -14.59 48.84 41.59
C LEU M 44 -15.35 48.25 42.78
N LYS M 45 -15.52 49.04 43.84
CA LYS M 45 -16.24 48.60 45.05
C LYS M 45 -17.77 48.72 44.97
N GLU M 46 -18.29 49.42 43.96
CA GLU M 46 -19.75 49.56 43.78
C GLU M 46 -20.40 48.25 43.33
N PRO M 47 -21.73 48.09 43.55
CA PRO M 47 -22.40 46.84 43.17
C PRO M 47 -22.66 46.65 41.66
N ALA M 48 -22.41 47.68 40.85
CA ALA M 48 -22.50 47.56 39.39
C ALA M 48 -21.42 46.63 38.83
N LEU M 49 -20.17 46.87 39.24
CA LEU M 49 -19.04 46.02 38.83
C LEU M 49 -18.79 44.80 39.74
N ASN M 50 -19.52 44.70 40.86
CA ASN M 50 -19.47 43.54 41.74
C ASN M 50 -20.79 42.77 41.72
N GLU M 51 -21.16 42.23 40.56
CA GLU M 51 -22.33 41.37 40.44
C GLU M 51 -22.02 40.00 41.07
N ALA M 52 -22.81 39.63 42.08
CA ALA M 52 -22.62 38.37 42.80
C ALA M 52 -22.88 37.14 41.93
N ASN M 53 -23.85 37.25 41.02
CA ASN M 53 -24.21 36.17 40.11
C ASN M 53 -24.27 36.69 38.68
N LEU M 54 -23.70 35.94 37.74
CA LEU M 54 -23.65 36.34 36.32
C LEU M 54 -24.92 35.95 35.55
N SER M 55 -25.78 35.11 36.15
CA SER M 55 -27.13 34.85 35.61
C SER M 55 -28.05 36.07 35.75
N ASN M 56 -27.73 36.96 36.71
CA ASN M 56 -28.43 38.25 36.83
C ASN M 56 -28.12 39.19 35.66
N LEU M 57 -26.87 39.14 35.18
CA LEU M 57 -26.44 39.88 33.98
C LEU M 57 -27.11 39.41 32.66
N LYS M 58 -27.56 38.16 32.63
CA LYS M 58 -28.19 37.55 31.44
C LYS M 58 -29.31 38.42 30.84
N ALA M 59 -29.22 38.67 29.52
CA ALA M 59 -30.17 39.54 28.82
C ALA M 59 -31.36 38.76 28.26
N PRO M 60 -32.50 39.43 27.98
CA PRO M 60 -33.59 38.77 27.25
C PRO M 60 -33.26 38.55 25.76
N LEU M 61 -33.18 37.28 25.35
CA LEU M 61 -32.90 36.90 23.97
C LEU M 61 -34.10 36.10 23.44
N ASP M 62 -35.04 36.82 22.82
CA ASP M 62 -36.31 36.23 22.35
C ASP M 62 -36.25 35.93 20.85
N ILE M 63 -36.00 34.66 20.51
CA ILE M 63 -36.01 34.17 19.12
C ILE M 63 -37.04 33.04 19.04
N PRO M 64 -37.91 33.04 18.01
CA PRO M 64 -38.85 31.91 17.86
C PRO M 64 -38.14 30.62 17.40
N VAL M 65 -38.14 29.60 18.26
CA VAL M 65 -37.50 28.31 17.96
C VAL M 65 -38.28 27.51 16.91
N PRO M 100 -38.03 35.94 10.21
CA PRO M 100 -39.14 36.08 11.11
C PRO M 100 -38.69 36.11 12.57
N CYS M 101 -38.44 37.32 13.08
CA CYS M 101 -37.94 37.52 14.45
C CYS M 101 -38.19 38.94 14.95
N GLY M 102 -38.61 39.06 16.21
CA GLY M 102 -38.84 40.36 16.85
C GLY M 102 -37.55 41.05 17.24
N PRO M 103 -37.63 42.32 17.67
CA PRO M 103 -36.43 43.13 17.93
C PRO M 103 -35.66 42.73 19.19
N VAL M 104 -34.45 42.19 18.99
CA VAL M 104 -33.56 41.82 20.09
C VAL M 104 -32.75 43.05 20.50
N ASN M 105 -32.88 43.44 21.77
CA ASN M 105 -32.14 44.59 22.33
C ASN M 105 -30.79 44.15 22.89
N CYS M 106 -29.90 45.13 23.06
CA CYS M 106 -28.61 44.91 23.70
C CYS M 106 -28.80 44.76 25.21
N ASN M 107 -27.75 44.29 25.89
CA ASN M 107 -27.78 44.12 27.34
C ASN M 107 -27.83 45.49 28.02
N GLU M 108 -28.96 45.78 28.69
CA GLU M 108 -29.14 47.05 29.41
C GLU M 108 -28.12 47.26 30.54
N LYS M 109 -27.76 46.18 31.24
CA LYS M 109 -26.78 46.25 32.33
C LYS M 109 -25.34 46.50 31.87
N ILE M 110 -25.01 46.12 30.64
CA ILE M 110 -23.67 46.35 30.07
C ILE M 110 -23.57 47.73 29.41
N VAL M 111 -24.65 48.20 28.76
CA VAL M 111 -24.64 49.50 28.07
C VAL M 111 -24.43 50.66 29.06
N VAL M 112 -25.07 50.61 30.22
CA VAL M 112 -24.86 51.61 31.29
C VAL M 112 -23.42 51.60 31.84
N LEU M 113 -22.80 50.42 31.91
CA LEU M 113 -21.40 50.29 32.36
C LEU M 113 -20.41 50.89 31.37
N LEU M 114 -20.63 50.69 30.07
CA LEU M 114 -19.77 51.24 29.02
C LEU M 114 -19.80 52.77 28.96
N GLN M 115 -20.97 53.36 29.19
CA GLN M 115 -21.11 54.82 29.21
C GLN M 115 -20.33 55.50 30.35
N ARG M 116 -20.05 54.75 31.41
CA ARG M 116 -19.12 55.18 32.47
C ARG M 116 -17.65 54.92 32.08
N LEU M 117 -17.39 53.80 31.44
CA LEU M 117 -16.03 53.40 31.05
C LEU M 117 -15.42 54.28 29.95
N LYS M 118 -16.21 54.63 28.93
CA LYS M 118 -15.70 55.37 27.76
C LYS M 118 -15.05 56.74 28.07
N PRO M 119 -15.68 57.56 28.94
CA PRO M 119 -14.98 58.78 29.37
C PRO M 119 -13.72 58.54 30.24
N GLU M 120 -13.70 57.43 30.99
CA GLU M 120 -12.50 57.04 31.76
C GLU M 120 -11.34 56.55 30.88
N ILE M 121 -11.66 55.92 29.75
CA ILE M 121 -10.64 55.54 28.75
C ILE M 121 -10.07 56.79 28.07
N LYS M 122 -10.96 57.70 27.67
CA LYS M 122 -10.58 58.97 27.03
C LYS M 122 -9.57 59.79 27.85
N ASP M 123 -9.79 59.86 29.16
CA ASP M 123 -8.93 60.64 30.05
C ASP M 123 -7.52 60.05 30.11
N VAL M 124 -7.41 58.81 30.57
CA VAL M 124 -6.11 58.15 30.76
C VAL M 124 -5.23 58.13 29.49
N THR M 125 -5.83 57.98 28.32
CA THR M 125 -5.08 57.97 27.05
C THR M 125 -4.48 59.34 26.72
N GLU M 126 -5.30 60.39 26.86
CA GLU M 126 -4.86 61.76 26.58
C GLU M 126 -3.92 62.31 27.65
N GLN M 127 -4.16 61.94 28.91
CA GLN M 127 -3.29 62.35 30.02
C GLN M 127 -1.94 61.62 29.96
N LEU M 128 -1.96 60.35 29.54
CA LEU M 128 -0.72 59.59 29.26
C LEU M 128 0.04 60.20 28.08
N ASN M 129 -0.68 60.45 26.98
CA ASN M 129 -0.12 61.10 25.79
C ASN M 129 0.50 62.47 26.11
N LEU M 130 -0.15 63.21 27.00
CA LEU M 130 0.37 64.50 27.50
C LEU M 130 1.67 64.33 28.28
N VAL M 131 1.69 63.37 29.21
CA VAL M 131 2.86 63.11 30.06
C VAL M 131 4.04 62.54 29.24
N THR M 132 3.74 61.72 28.24
CA THR M 132 4.76 61.18 27.33
C THR M 132 5.49 62.31 26.59
N THR M 133 4.72 63.27 26.07
CA THR M 133 5.27 64.41 25.34
C THR M 133 6.07 65.37 26.24
N TRP M 134 5.71 65.47 27.51
CA TRP M 134 6.47 66.24 28.49
C TRP M 134 7.86 65.65 28.72
N LEU M 135 7.94 64.32 28.83
CA LEU M 135 9.21 63.63 29.05
C LEU M 135 10.17 63.74 27.86
N GLN M 136 9.63 63.68 26.64
CA GLN M 136 10.43 63.85 25.42
C GLN M 136 11.00 65.27 25.27
N LEU M 137 10.26 66.29 25.72
CA LEU M 137 10.76 67.67 25.70
C LEU M 137 11.79 67.93 26.82
N GLN M 138 11.81 67.09 27.84
CA GLN M 138 12.83 67.16 28.91
C GLN M 138 14.14 66.42 28.60
N ILE M 139 14.20 65.69 27.48
CA ILE M 139 15.44 65.03 27.06
C ILE M 139 16.39 66.13 26.58
N PRO M 140 17.58 66.25 27.20
CA PRO M 140 18.50 67.33 26.86
C PRO M 140 19.26 67.06 25.56
N ARG M 141 20.22 67.93 25.25
CA ARG M 141 21.13 67.74 24.12
C ARG M 141 21.94 66.46 24.31
N ILE M 142 22.17 65.73 23.22
CA ILE M 142 22.92 64.48 23.26
C ILE M 142 24.40 64.82 23.33
N GLU M 143 25.08 64.26 24.33
CA GLU M 143 26.52 64.50 24.54
C GLU M 143 27.26 63.18 24.76
N ASP M 144 28.58 63.24 24.63
CA ASP M 144 29.46 62.05 24.64
C ASP M 144 29.32 61.22 25.94
N GLY M 145 29.65 59.93 25.86
CA GLY M 145 29.65 59.06 27.04
C GLY M 145 28.25 58.67 27.48
N ASN M 146 28.19 57.72 28.42
CA ASN M 146 26.90 57.24 28.94
C ASN M 146 26.43 58.13 30.10
N ASN M 147 25.89 59.30 29.74
CA ASN M 147 25.23 60.20 30.71
C ASN M 147 24.06 59.51 31.40
N PHE M 148 24.06 59.49 32.73
CA PHE M 148 23.09 58.71 33.50
C PHE M 148 21.71 59.34 33.57
N GLY M 149 21.65 60.67 33.71
CA GLY M 149 20.37 61.39 33.75
C GLY M 149 19.41 61.05 32.61
N VAL M 150 19.97 60.87 31.41
CA VAL M 150 19.18 60.48 30.23
C VAL M 150 18.77 59.01 30.32
N ALA M 151 19.64 58.16 30.88
CA ALA M 151 19.32 56.74 31.12
C ALA M 151 18.12 56.52 32.05
N VAL M 152 17.90 57.46 32.99
CA VAL M 152 16.71 57.43 33.85
C VAL M 152 15.47 57.80 33.04
N GLN M 153 15.59 58.81 32.17
CA GLN M 153 14.51 59.25 31.30
C GLN M 153 14.08 58.16 30.32
N GLU M 154 15.05 57.52 29.68
CA GLU M 154 14.79 56.40 28.77
C GLU M 154 14.13 55.20 29.47
N LYS M 155 14.52 54.97 30.73
CA LYS M 155 13.95 53.89 31.55
C LYS M 155 12.49 54.15 31.93
N VAL M 156 12.19 55.40 32.31
CA VAL M 156 10.81 55.82 32.61
C VAL M 156 9.97 55.88 31.33
N PHE M 157 10.57 56.34 30.23
CA PHE M 157 9.92 56.36 28.91
C PHE M 157 9.57 54.95 28.39
N GLU M 158 10.35 53.94 28.80
CA GLU M 158 10.07 52.55 28.47
C GLU M 158 8.74 52.04 29.06
N LEU M 159 8.39 52.50 30.26
CA LEU M 159 7.10 52.17 30.87
C LEU M 159 5.93 52.86 30.14
N MET M 160 6.14 54.12 29.76
CA MET M 160 5.07 54.90 29.11
C MET M 160 4.66 54.34 27.75
N THR M 161 5.61 53.81 26.99
CA THR M 161 5.30 53.16 25.71
C THR M 161 4.67 51.77 25.90
N ASN M 162 4.96 51.11 27.02
CA ASN M 162 4.35 49.82 27.37
C ASN M 162 2.88 49.99 27.79
N LEU M 163 2.58 51.03 28.56
CA LEU M 163 1.19 51.37 28.90
C LEU M 163 0.40 51.81 27.66
N HIS M 164 1.06 52.51 26.75
CA HIS M 164 0.48 52.89 25.45
C HIS M 164 -0.06 51.67 24.69
N THR M 165 0.67 50.55 24.75
CA THR M 165 0.26 49.31 24.11
C THR M 165 -1.04 48.73 24.72
N LYS M 166 -1.15 48.78 26.04
CA LYS M 166 -2.32 48.27 26.75
C LYS M 166 -3.61 49.08 26.49
N LEU M 167 -3.49 50.40 26.43
CA LEU M 167 -4.66 51.30 26.33
C LEU M 167 -5.24 51.40 24.91
N GLU M 168 -4.41 51.30 23.88
CA GLU M 168 -4.87 51.36 22.48
C GLU M 168 -5.84 50.23 22.10
N GLY M 169 -5.66 49.07 22.72
CA GLY M 169 -6.57 47.94 22.53
C GLY M 169 -7.98 48.12 23.07
N PHE M 170 -8.15 48.99 24.06
CA PHE M 170 -9.45 49.14 24.76
C PHE M 170 -10.54 49.79 23.91
N HIS M 171 -10.26 50.98 23.39
CA HIS M 171 -11.29 51.77 22.66
C HIS M 171 -11.79 51.08 21.37
N THR M 172 -10.91 50.34 20.70
CA THR M 172 -11.29 49.56 19.53
C THR M 172 -12.07 48.29 19.91
N GLN M 173 -11.73 47.70 21.07
CA GLN M 173 -12.36 46.46 21.56
C GLN M 173 -13.85 46.60 21.91
N ILE M 174 -14.28 47.77 22.38
CA ILE M 174 -15.71 47.97 22.71
C ILE M 174 -16.57 48.12 21.44
N SER M 175 -15.98 48.63 20.35
CA SER M 175 -16.61 48.61 19.04
C SER M 175 -16.69 47.20 18.47
N LYS M 176 -15.65 46.39 18.73
CA LYS M 176 -15.63 44.96 18.38
C LYS M 176 -16.70 44.16 19.12
N TYR M 177 -16.96 44.51 20.38
CA TYR M 177 -17.97 43.81 21.21
C TYR M 177 -19.36 43.80 20.57
N PHE M 178 -19.84 44.98 20.17
CA PHE M 178 -21.13 45.11 19.49
C PHE M 178 -21.12 44.45 18.10
N SER M 179 -19.98 44.49 17.42
CA SER M 179 -19.81 43.84 16.13
C SER M 179 -19.87 42.31 16.25
N GLU M 180 -19.17 41.76 17.25
CA GLU M 180 -19.20 40.30 17.50
C GLU M 180 -20.52 39.82 18.08
N ARG M 181 -21.15 40.64 18.94
CA ARG M 181 -22.47 40.30 19.50
C ARG M 181 -23.56 40.39 18.44
N GLY M 182 -23.51 41.42 17.61
CA GLY M 182 -24.44 41.59 16.48
C GLY M 182 -24.41 40.43 15.50
N ASP M 183 -23.21 39.92 15.22
CA ASP M 183 -23.04 38.71 14.41
C ASP M 183 -23.57 37.47 15.12
N ALA M 184 -23.32 37.37 16.43
CA ALA M 184 -23.82 36.27 17.26
C ALA M 184 -25.35 36.22 17.35
N VAL M 185 -25.97 37.40 17.47
CA VAL M 185 -27.43 37.51 17.48
C VAL M 185 -28.03 37.23 16.10
N ALA M 186 -27.40 37.77 15.05
CA ALA M 186 -27.84 37.57 13.67
C ALA M 186 -27.74 36.11 13.22
N LYS M 187 -26.63 35.44 13.59
CA LYS M 187 -26.46 34.00 13.35
C LYS M 187 -27.49 33.17 14.13
N ALA M 188 -27.80 33.59 15.36
CA ALA M 188 -28.83 32.93 16.17
C ALA M 188 -30.24 33.10 15.57
N ALA M 189 -30.51 34.27 14.99
CA ALA M 189 -31.78 34.55 14.32
C ALA M 189 -31.91 33.77 13.00
N LYS M 190 -30.84 33.77 12.20
CA LYS M 190 -30.78 33.04 10.93
C LYS M 190 -30.94 31.52 11.13
N GLN M 191 -30.31 30.99 12.19
CA GLN M 191 -30.34 29.57 12.51
C GLN M 191 -30.77 29.39 13.98
N PRO M 192 -32.10 29.38 14.24
CA PRO M 192 -32.61 29.21 15.61
C PRO M 192 -32.38 27.81 16.21
N HIS M 193 -32.29 26.79 15.35
CA HIS M 193 -32.01 25.41 15.76
C HIS M 193 -30.65 25.21 16.48
N VAL M 194 -29.69 26.08 16.22
CA VAL M 194 -28.37 25.98 16.88
C VAL M 194 -28.44 26.65 18.25
N GLY M 195 -28.40 25.84 19.30
CA GLY M 195 -28.41 26.33 20.68
C GLY M 195 -27.13 27.04 21.11
N ASP M 196 -26.01 26.71 20.45
CA ASP M 196 -24.72 27.32 20.76
C ASP M 196 -24.67 28.83 20.47
N TYR M 197 -25.30 29.27 19.38
CA TYR M 197 -25.36 30.69 19.05
C TYR M 197 -26.13 31.51 20.10
N ARG M 198 -27.08 30.89 20.80
CA ARG M 198 -27.79 31.55 21.90
C ARG M 198 -26.91 31.69 23.15
N GLN M 199 -26.14 30.66 23.47
CA GLN M 199 -25.14 30.74 24.54
C GLN M 199 -23.98 31.67 24.19
N LEU M 200 -23.63 31.72 22.89
CA LEU M 200 -22.59 32.65 22.41
C LEU M 200 -22.89 34.11 22.73
N VAL M 201 -24.16 34.49 22.65
CA VAL M 201 -24.59 35.85 22.99
C VAL M 201 -24.48 36.10 24.51
N HIS M 202 -24.84 35.10 25.31
CA HIS M 202 -24.75 35.20 26.78
C HIS M 202 -23.30 35.18 27.27
N GLU M 203 -22.44 34.39 26.62
CA GLU M 203 -21.01 34.35 26.98
C GLU M 203 -20.25 35.61 26.57
N LEU M 204 -20.61 36.19 25.42
CA LEU M 204 -20.07 37.50 25.01
C LEU M 204 -20.43 38.62 26.00
N ASP M 205 -21.60 38.53 26.63
CA ASP M 205 -22.00 39.43 27.72
C ASP M 205 -21.19 39.19 29.00
N GLU M 206 -21.00 37.92 29.37
CA GLU M 206 -20.19 37.56 30.54
C GLU M 206 -18.71 37.89 30.36
N ALA M 207 -18.20 37.69 29.15
CA ALA M 207 -16.81 38.04 28.81
C ALA M 207 -16.59 39.55 28.83
N GLU M 208 -17.52 40.31 28.24
CA GLU M 208 -17.44 41.77 28.19
C GLU M 208 -17.56 42.40 29.58
N TYR M 209 -18.38 41.81 30.45
CA TYR M 209 -18.49 42.24 31.85
C TYR M 209 -17.16 42.09 32.58
N GLN M 210 -16.48 40.97 32.38
CA GLN M 210 -15.14 40.73 32.95
C GLN M 210 -14.08 41.63 32.33
N GLU M 211 -14.22 41.93 31.03
CA GLU M 211 -13.31 42.82 30.31
C GLU M 211 -13.37 44.26 30.84
N ILE M 212 -14.59 44.74 31.09
CA ILE M 212 -14.82 46.10 31.66
C ILE M 212 -14.17 46.22 33.04
N ARG M 213 -14.33 45.19 33.87
CA ARG M 213 -13.75 45.18 35.21
C ARG M 213 -12.22 45.20 35.17
N LEU M 214 -11.62 44.44 34.25
CA LEU M 214 -10.17 44.49 34.04
C LEU M 214 -9.70 45.84 33.50
N MET M 215 -10.45 46.39 32.56
CA MET M 215 -10.13 47.71 31.98
C MET M 215 -10.15 48.83 33.02
N VAL M 216 -11.08 48.77 33.97
CA VAL M 216 -11.11 49.74 35.09
C VAL M 216 -9.87 49.56 35.97
N MET M 217 -9.51 48.30 36.28
CA MET M 217 -8.31 48.01 37.07
C MET M 217 -7.04 48.46 36.36
N GLU M 218 -6.89 48.08 35.10
CA GLU M 218 -5.71 48.41 34.30
C GLU M 218 -5.50 49.93 34.12
N ILE M 219 -6.59 50.67 33.98
CA ILE M 219 -6.55 52.14 33.92
C ILE M 219 -6.15 52.74 35.28
N ARG M 220 -6.71 52.20 36.36
CA ARG M 220 -6.36 52.60 37.73
C ARG M 220 -4.89 52.29 38.02
N ASN M 221 -4.44 51.10 37.63
CA ASN M 221 -3.04 50.69 37.80
C ASN M 221 -2.09 51.52 36.93
N ALA M 222 -2.54 51.92 35.75
CA ALA M 222 -1.77 52.80 34.87
C ALA M 222 -1.52 54.18 35.49
N TYR M 223 -2.55 54.77 36.08
CA TYR M 223 -2.40 56.02 36.85
C TYR M 223 -1.44 55.86 38.02
N ALA M 224 -1.55 54.73 38.74
CA ALA M 224 -0.77 54.49 39.95
C ALA M 224 0.72 54.29 39.69
N VAL M 225 1.05 53.32 38.84
CA VAL M 225 2.47 53.00 38.54
C VAL M 225 3.20 54.16 37.84
N LEU M 226 2.47 54.93 37.03
CA LEU M 226 3.03 56.08 36.32
C LEU M 226 3.28 57.24 37.30
N TYR M 227 2.29 57.53 38.14
CA TYR M 227 2.44 58.52 39.24
C TYR M 227 3.65 58.20 40.12
N ASP M 228 3.79 56.91 40.46
CA ASP M 228 4.82 56.45 41.37
C ASP M 228 6.23 56.73 40.86
N ILE M 229 6.54 56.27 39.66
CA ILE M 229 7.90 56.40 39.10
C ILE M 229 8.30 57.83 38.76
N ILE M 230 7.35 58.65 38.30
CA ILE M 230 7.61 60.08 38.05
C ILE M 230 7.88 60.81 39.37
N LEU M 231 7.03 60.58 40.37
CA LEU M 231 7.19 61.19 41.69
C LEU M 231 8.52 60.78 42.35
N LYS M 232 8.88 59.50 42.23
CA LYS M 232 10.15 58.99 42.76
C LYS M 232 11.37 59.56 42.03
N ASN M 233 11.33 59.54 40.69
CA ASN M 233 12.47 59.95 39.87
C ASN M 233 12.39 61.40 39.33
N PHE M 234 11.56 62.25 39.93
CA PHE M 234 11.29 63.60 39.39
C PHE M 234 12.54 64.48 39.25
N GLU M 235 13.50 64.31 40.17
CA GLU M 235 14.77 65.05 40.12
C GLU M 235 15.50 64.84 38.80
N LYS M 236 15.77 63.58 38.46
CA LYS M 236 16.49 63.23 37.24
C LYS M 236 15.69 63.45 35.94
N LEU M 237 14.36 63.33 36.02
CA LEU M 237 13.50 63.55 34.85
C LEU M 237 13.42 65.02 34.45
N LYS M 238 13.15 65.87 35.44
CA LYS M 238 13.07 67.32 35.23
C LYS M 238 14.45 67.88 34.88
N LYS M 239 15.42 67.63 35.76
CA LYS M 239 16.79 68.11 35.59
C LYS M 239 17.77 66.92 35.54
N PRO M 240 18.08 66.43 34.32
CA PRO M 240 18.96 65.27 34.17
C PRO M 240 20.46 65.57 34.38
N ARG M 241 20.90 66.80 34.13
CA ARG M 241 22.28 67.21 34.35
C ARG M 241 22.35 68.38 35.32
N THR N 3 7.99 72.89 38.17
CA THR N 3 8.16 72.24 39.51
C THR N 3 6.89 71.50 39.94
N LEU N 4 7.09 70.32 40.52
CA LEU N 4 6.00 69.53 41.13
C LEU N 4 6.08 69.65 42.64
N ARG N 5 4.91 69.68 43.29
CA ARG N 5 4.82 69.62 44.75
C ARG N 5 3.48 69.00 45.16
N VAL N 6 3.53 68.01 46.05
CA VAL N 6 2.34 67.26 46.46
C VAL N 6 1.72 67.92 47.69
N HIS N 7 0.39 67.87 47.76
CA HIS N 7 -0.38 68.50 48.84
C HIS N 7 -0.73 67.42 49.88
N PRO N 8 -0.98 67.82 51.15
CA PRO N 8 -1.29 66.82 52.19
C PRO N 8 -2.57 66.01 51.94
N GLU N 9 -3.58 66.64 51.33
CA GLU N 9 -4.82 65.95 50.94
C GLU N 9 -4.52 64.96 49.82
N ALA N 10 -3.92 65.46 48.74
CA ALA N 10 -3.59 64.65 47.56
C ALA N 10 -2.61 63.51 47.85
N GLN N 11 -1.62 63.76 48.70
CA GLN N 11 -0.66 62.74 49.13
C GLN N 11 -1.34 61.63 49.92
N ALA N 12 -2.17 62.04 50.89
CA ALA N 12 -2.91 61.10 51.74
C ALA N 12 -3.80 60.15 50.94
N LYS N 13 -4.53 60.70 49.96
CA LYS N 13 -5.44 59.92 49.11
C LYS N 13 -4.72 58.78 48.36
N VAL N 14 -3.48 59.02 47.94
CA VAL N 14 -2.66 58.01 47.26
C VAL N 14 -2.03 57.03 48.25
N ASP N 15 -1.59 57.53 49.40
CA ASP N 15 -1.07 56.67 50.49
C ASP N 15 -2.14 55.73 51.08
N VAL N 16 -3.42 56.08 50.96
CA VAL N 16 -4.51 55.17 51.33
C VAL N 16 -4.53 53.96 50.37
N PHE N 17 -4.33 54.22 49.08
CA PHE N 17 -4.28 53.15 48.07
C PHE N 17 -3.10 52.20 48.26
N ARG N 18 -1.91 52.74 48.55
CA ARG N 18 -0.73 51.91 48.82
C ARG N 18 -0.89 51.09 50.10
N GLU N 19 -1.57 51.66 51.10
CA GLU N 19 -1.91 50.94 52.33
C GLU N 19 -2.91 49.82 52.06
N ASP N 20 -3.97 50.14 51.30
CA ASP N 20 -4.97 49.15 50.90
C ASP N 20 -4.37 48.04 50.05
N LEU N 21 -3.53 48.42 49.08
CA LEU N 21 -2.86 47.47 48.19
C LEU N 21 -1.85 46.59 48.93
N CYS N 22 -1.09 47.18 49.85
CA CYS N 22 -0.14 46.43 50.69
C CYS N 22 -0.84 45.52 51.68
N SER N 23 -1.92 46.01 52.29
CA SER N 23 -2.73 45.21 53.23
C SER N 23 -3.45 44.06 52.54
N LYS N 24 -4.01 44.32 51.35
CA LYS N 24 -4.64 43.27 50.53
C LYS N 24 -3.63 42.19 50.13
N THR N 25 -2.48 42.61 49.61
CA THR N 25 -1.47 41.68 49.09
C THR N 25 -0.92 40.77 50.18
N GLU N 26 -0.42 41.36 51.26
CA GLU N 26 0.15 40.58 52.38
C GLU N 26 -0.88 39.69 53.08
N ASN N 27 -2.14 40.13 53.11
CA ASN N 27 -3.24 39.29 53.62
C ASN N 27 -3.55 38.13 52.66
N LEU N 28 -3.72 38.45 51.38
CA LEU N 28 -4.08 37.45 50.37
C LEU N 28 -2.92 36.50 50.02
N LEU N 29 -1.68 36.93 50.24
CA LEU N 29 -0.49 36.08 50.04
C LEU N 29 -0.50 34.92 51.04
N GLY N 30 -0.83 35.22 52.30
CA GLY N 30 -0.93 34.22 53.35
C GLY N 30 -2.24 33.45 53.38
N SER N 31 -3.36 34.14 53.17
CA SER N 31 -4.69 33.54 53.31
C SER N 31 -5.23 32.93 52.01
N TYR N 32 -5.34 33.76 50.98
CA TYR N 32 -6.10 33.42 49.76
C TYR N 32 -5.44 32.35 48.89
N PHE N 33 -4.11 32.43 48.75
CA PHE N 33 -3.36 31.57 47.81
C PHE N 33 -3.35 30.08 48.20
N PRO N 34 -3.03 29.76 49.48
CA PRO N 34 -3.20 28.38 49.96
C PRO N 34 -4.63 27.83 49.85
N LYS N 35 -5.62 28.68 50.11
CA LYS N 35 -7.03 28.29 50.03
C LYS N 35 -7.42 27.88 48.61
N LYS N 36 -7.01 28.68 47.62
CA LYS N 36 -7.27 28.37 46.21
C LYS N 36 -6.57 27.11 45.73
N ILE N 37 -5.30 26.93 46.12
CA ILE N 37 -4.52 25.75 45.71
C ILE N 37 -5.18 24.46 46.25
N SER N 38 -5.59 24.48 47.51
CA SER N 38 -6.26 23.33 48.13
C SER N 38 -7.63 23.05 47.52
N GLU N 39 -8.36 24.11 47.17
CA GLU N 39 -9.67 23.99 46.53
C GLU N 39 -9.56 23.44 45.11
N LEU N 40 -8.64 24.02 44.33
CA LEU N 40 -8.42 23.59 42.94
C LEU N 40 -7.81 22.18 42.84
N ASP N 41 -6.95 21.82 43.79
CA ASP N 41 -6.40 20.45 43.87
C ASP N 41 -7.50 19.44 44.19
N ALA N 42 -8.41 19.82 45.11
CA ALA N 42 -9.61 19.02 45.41
C ALA N 42 -10.58 18.96 44.23
N PHE N 43 -10.72 20.08 43.52
CA PHE N 43 -11.57 20.17 42.32
C PHE N 43 -11.08 19.27 41.17
N LEU N 44 -9.76 19.12 41.03
CA LEU N 44 -9.19 18.18 40.06
C LEU N 44 -9.44 16.71 40.41
N LYS N 45 -9.54 16.40 41.70
CA LYS N 45 -9.84 15.03 42.16
C LYS N 45 -11.33 14.64 42.10
N GLU N 46 -12.22 15.61 41.88
CA GLU N 46 -13.67 15.32 41.74
C GLU N 46 -13.97 14.53 40.47
N PRO N 47 -15.07 13.74 40.46
CA PRO N 47 -15.39 12.92 39.29
C PRO N 47 -15.90 13.70 38.05
N ALA N 48 -16.23 14.98 38.20
CA ALA N 48 -16.61 15.84 37.07
C ALA N 48 -15.45 16.07 36.10
N LEU N 49 -14.25 16.30 36.64
CA LEU N 49 -13.02 16.46 35.84
C LEU N 49 -12.20 15.16 35.69
N ASN N 50 -12.74 14.03 36.15
CA ASN N 50 -12.15 12.71 35.96
C ASN N 50 -13.19 11.77 35.34
N GLU N 51 -13.57 12.05 34.10
CA GLU N 51 -14.44 11.15 33.34
C GLU N 51 -13.65 9.91 32.92
N ALA N 52 -14.12 8.74 33.37
CA ALA N 52 -13.46 7.47 33.07
C ALA N 52 -13.50 7.12 31.58
N ASN N 53 -14.51 7.61 30.87
CA ASN N 53 -14.63 7.42 29.43
C ASN N 53 -15.33 8.60 28.78
N LEU N 54 -14.86 9.01 27.60
CA LEU N 54 -15.46 10.11 26.84
C LEU N 54 -16.68 9.68 26.00
N SER N 55 -16.99 8.37 25.98
CA SER N 55 -18.28 7.88 25.49
C SER N 55 -19.44 8.31 26.39
N ASN N 56 -19.17 8.48 27.69
CA ASN N 56 -20.14 9.06 28.63
C ASN N 56 -20.38 10.54 28.34
N LEU N 57 -19.30 11.26 28.03
CA LEU N 57 -19.33 12.70 27.75
C LEU N 57 -20.17 13.13 26.52
N LYS N 58 -20.32 12.23 25.54
CA LYS N 58 -21.07 12.53 24.30
C LYS N 58 -22.41 13.23 24.54
N ALA N 59 -22.56 14.42 23.95
CA ALA N 59 -23.84 15.13 23.95
C ALA N 59 -24.72 14.56 22.83
N PRO N 60 -26.05 14.61 22.99
CA PRO N 60 -26.92 14.21 21.88
C PRO N 60 -26.88 15.18 20.69
N LEU N 61 -26.82 14.62 19.49
CA LEU N 61 -26.80 15.40 18.25
C LEU N 61 -27.77 14.79 17.24
N ASP N 62 -29.04 15.21 17.32
CA ASP N 62 -30.09 14.70 16.44
C ASP N 62 -30.31 15.63 15.25
N ILE N 63 -29.80 15.22 14.09
CA ILE N 63 -30.05 15.88 12.81
C ILE N 63 -30.68 14.81 11.90
N PRO N 64 -31.83 15.10 11.26
CA PRO N 64 -32.42 14.09 10.38
C PRO N 64 -31.57 13.86 9.12
N VAL N 65 -31.05 12.64 8.96
CA VAL N 65 -30.29 12.25 7.76
C VAL N 65 -31.26 11.95 6.59
N PRO N 66 -31.40 12.90 5.63
CA PRO N 66 -32.41 12.73 4.59
C PRO N 66 -31.88 12.01 3.36
N PRO N 100 -35.92 21.04 7.76
CA PRO N 100 -36.48 20.78 9.07
C PRO N 100 -35.48 20.08 9.99
N CYS N 101 -35.25 20.67 11.18
CA CYS N 101 -34.28 20.14 12.15
C CYS N 101 -34.67 20.54 13.57
N GLY N 102 -34.61 19.57 14.49
CA GLY N 102 -34.83 19.84 15.91
C GLY N 102 -33.66 20.62 16.50
N PRO N 103 -33.88 21.32 17.63
CA PRO N 103 -32.84 22.19 18.16
C PRO N 103 -31.70 21.41 18.82
N VAL N 104 -30.48 21.85 18.57
CA VAL N 104 -29.28 21.19 19.08
C VAL N 104 -28.76 21.99 20.28
N ASN N 105 -29.03 21.47 21.48
CA ASN N 105 -28.57 22.10 22.72
C ASN N 105 -27.07 21.90 22.90
N CYS N 106 -26.47 22.74 23.73
CA CYS N 106 -25.05 22.64 24.08
C CYS N 106 -24.84 21.44 25.01
N ASN N 107 -23.59 21.01 25.10
CA ASN N 107 -23.23 19.90 25.99
C ASN N 107 -23.51 20.31 27.44
N GLU N 108 -24.32 19.51 28.14
CA GLU N 108 -24.75 19.82 29.50
C GLU N 108 -23.58 19.78 30.47
N LYS N 109 -22.80 18.72 30.38
CA LYS N 109 -21.63 18.52 31.25
C LYS N 109 -20.58 19.62 31.11
N ILE N 110 -20.30 20.05 29.88
CA ILE N 110 -19.33 21.14 29.65
C ILE N 110 -19.83 22.47 30.24
N VAL N 111 -21.11 22.77 30.07
CA VAL N 111 -21.67 24.05 30.54
C VAL N 111 -21.61 24.20 32.07
N VAL N 112 -21.87 23.11 32.82
CA VAL N 112 -21.75 23.17 34.29
C VAL N 112 -20.29 23.32 34.73
N LEU N 113 -19.35 22.76 33.95
CA LEU N 113 -17.91 22.97 34.19
C LEU N 113 -17.48 24.41 33.90
N LEU N 114 -18.02 25.00 32.83
CA LEU N 114 -17.73 26.41 32.50
C LEU N 114 -18.23 27.36 33.59
N GLN N 115 -19.41 27.06 34.15
CA GLN N 115 -19.98 27.86 35.24
C GLN N 115 -19.12 27.91 36.51
N ARG N 116 -18.33 26.86 36.75
CA ARG N 116 -17.40 26.82 37.88
C ARG N 116 -15.98 27.30 37.52
N LEU N 117 -15.59 27.18 36.26
CA LEU N 117 -14.29 27.66 35.78
C LEU N 117 -14.22 29.17 35.65
N LYS N 118 -15.28 29.78 35.09
CA LYS N 118 -15.34 31.23 34.86
C LYS N 118 -15.06 32.12 36.10
N PRO N 119 -15.67 31.80 37.26
CA PRO N 119 -15.29 32.52 38.49
C PRO N 119 -13.86 32.25 38.97
N GLU N 120 -13.34 31.04 38.74
CA GLU N 120 -11.94 30.71 39.07
C GLU N 120 -10.93 31.43 38.16
N ILE N 121 -11.30 31.65 36.89
CA ILE N 121 -10.50 32.46 35.97
C ILE N 121 -10.48 33.93 36.39
N LYS N 122 -11.66 34.47 36.71
CA LYS N 122 -11.82 35.84 37.21
C LYS N 122 -10.89 36.12 38.40
N ASP N 123 -10.92 35.21 39.38
CA ASP N 123 -10.15 35.39 40.62
C ASP N 123 -8.65 35.48 40.34
N VAL N 124 -8.11 34.51 39.61
CA VAL N 124 -6.66 34.46 39.36
C VAL N 124 -6.10 35.65 38.58
N THR N 125 -6.88 36.19 37.63
CA THR N 125 -6.45 37.35 36.84
C THR N 125 -6.44 38.64 37.67
N GLU N 126 -7.43 38.78 38.56
CA GLU N 126 -7.50 39.94 39.47
C GLU N 126 -6.40 39.92 40.53
N GLN N 127 -6.16 38.76 41.13
CA GLN N 127 -5.12 38.62 42.16
C GLN N 127 -3.72 38.76 41.56
N LEU N 128 -3.53 38.27 40.33
CA LEU N 128 -2.29 38.48 39.58
C LEU N 128 -2.07 39.97 39.29
N ASN N 129 -3.12 40.61 38.77
CA ASN N 129 -3.08 42.04 38.43
C ASN N 129 -2.86 42.91 39.68
N LEU N 130 -3.44 42.50 40.79
CA LEU N 130 -3.21 43.12 42.09
C LEU N 130 -1.76 42.99 42.54
N VAL N 131 -1.22 41.77 42.47
CA VAL N 131 0.16 41.47 42.89
C VAL N 131 1.19 42.11 41.96
N THR N 132 0.94 42.07 40.66
CA THR N 132 1.81 42.72 39.66
C THR N 132 1.96 44.22 39.93
N THR N 133 0.84 44.88 40.22
CA THR N 133 0.82 46.32 40.52
C THR N 133 1.52 46.63 41.84
N TRP N 134 1.37 45.76 42.84
CA TRP N 134 2.08 45.91 44.13
C TRP N 134 3.60 45.93 43.94
N LEU N 135 4.10 44.97 43.16
CA LEU N 135 5.55 44.86 42.91
C LEU N 135 6.12 46.04 42.15
N GLN N 136 5.33 46.64 41.24
CA GLN N 136 5.76 47.85 40.53
C GLN N 136 5.91 49.07 41.46
N LEU N 137 5.04 49.19 42.46
CA LEU N 137 5.15 50.27 43.44
C LEU N 137 6.31 50.09 44.42
N GLN N 138 6.80 48.86 44.58
CA GLN N 138 8.00 48.56 45.39
C GLN N 138 9.33 48.78 44.65
N ILE N 139 9.30 49.08 43.36
CA ILE N 139 10.51 49.41 42.60
C ILE N 139 11.00 50.78 43.06
N PRO N 140 12.21 50.85 43.65
CA PRO N 140 12.68 52.13 44.19
C PRO N 140 13.18 53.06 43.09
N ARG N 141 13.67 54.24 43.50
CA ARG N 141 14.25 55.24 42.60
C ARG N 141 15.39 54.63 41.77
N ILE N 142 15.47 55.01 40.51
CA ILE N 142 16.49 54.47 39.60
C ILE N 142 17.85 55.09 39.95
N GLU N 143 18.78 54.24 40.37
CA GLU N 143 20.13 54.66 40.77
C GLU N 143 21.21 54.12 39.82
N ASP N 144 22.36 54.77 39.85
CA ASP N 144 23.54 54.39 39.07
C ASP N 144 24.06 53.01 39.49
N GLY N 145 24.70 52.29 38.56
CA GLY N 145 25.42 51.06 38.88
C GLY N 145 24.66 49.77 38.58
N ASN N 146 24.74 48.82 39.51
CA ASN N 146 24.19 47.47 39.32
C ASN N 146 23.58 46.94 40.64
N ASN N 147 22.68 47.74 41.21
CA ASN N 147 22.00 47.39 42.48
C ASN N 147 21.11 46.15 42.32
N PHE N 148 21.39 45.12 43.11
CA PHE N 148 20.82 43.79 42.89
C PHE N 148 19.37 43.66 43.34
N GLY N 149 19.01 44.31 44.45
CA GLY N 149 17.63 44.32 44.95
C GLY N 149 16.59 44.61 43.88
N VAL N 150 16.91 45.52 42.97
CA VAL N 150 16.06 45.83 41.81
C VAL N 150 16.07 44.65 40.83
N ALA N 151 17.24 44.10 40.55
CA ALA N 151 17.37 42.94 39.65
C ALA N 151 16.60 41.70 40.10
N VAL N 152 16.36 41.57 41.41
CA VAL N 152 15.49 40.52 41.96
C VAL N 152 14.04 40.79 41.56
N GLN N 153 13.59 42.02 41.75
CA GLN N 153 12.20 42.43 41.43
C GLN N 153 11.85 42.20 39.97
N GLU N 154 12.79 42.52 39.07
CA GLU N 154 12.58 42.41 37.62
C GLU N 154 12.53 40.96 37.14
N LYS N 155 13.23 40.06 37.84
CA LYS N 155 13.16 38.61 37.57
C LYS N 155 11.81 38.04 37.98
N VAL N 156 11.31 38.47 39.13
CA VAL N 156 9.98 38.06 39.62
C VAL N 156 8.88 38.69 38.75
N PHE N 157 9.06 39.95 38.37
CA PHE N 157 8.13 40.66 37.47
C PHE N 157 8.13 40.06 36.05
N GLU N 158 9.25 39.48 35.62
CA GLU N 158 9.32 38.74 34.35
C GLU N 158 8.39 37.52 34.34
N LEU N 159 8.34 36.79 35.46
CA LEU N 159 7.44 35.65 35.60
C LEU N 159 5.97 36.06 35.62
N MET N 160 5.66 37.17 36.27
CA MET N 160 4.28 37.69 36.35
C MET N 160 3.73 38.12 34.99
N THR N 161 4.57 38.69 34.14
CA THR N 161 4.19 38.99 32.75
C THR N 161 4.04 37.73 31.90
N ASN N 162 4.87 36.72 32.17
CA ASN N 162 4.75 35.40 31.50
C ASN N 162 3.46 34.67 31.90
N LEU N 163 3.12 34.71 33.18
CA LEU N 163 1.85 34.11 33.65
C LEU N 163 0.63 34.86 33.10
N HIS N 164 0.70 36.20 33.09
CA HIS N 164 -0.35 37.05 32.51
C HIS N 164 -0.66 36.68 31.04
N THR N 165 0.38 36.36 30.27
CA THR N 165 0.23 35.95 28.87
C THR N 165 -0.56 34.66 28.71
N LYS N 166 -0.31 33.69 29.60
CA LYS N 166 -1.10 32.44 29.63
C LYS N 166 -2.57 32.68 29.95
N LEU N 167 -2.84 33.46 30.99
CA LEU N 167 -4.21 33.67 31.48
C LEU N 167 -5.07 34.64 30.65
N GLU N 168 -4.45 35.39 29.74
CA GLU N 168 -5.21 36.26 28.80
C GLU N 168 -5.95 35.45 27.73
N GLY N 169 -5.34 34.37 27.26
CA GLY N 169 -5.98 33.48 26.28
C GLY N 169 -7.15 32.63 26.80
N PHE N 170 -7.31 32.56 28.11
CA PHE N 170 -8.36 31.74 28.75
C PHE N 170 -9.79 32.29 28.56
N HIS N 171 -9.92 33.61 28.42
CA HIS N 171 -11.25 34.25 28.37
C HIS N 171 -11.86 34.10 26.99
N THR N 172 -11.07 34.46 25.97
CA THR N 172 -11.45 34.30 24.57
C THR N 172 -11.63 32.84 24.16
N GLN N 173 -10.94 31.93 24.87
CA GLN N 173 -11.11 30.47 24.70
C GLN N 173 -12.55 30.02 24.94
N ILE N 174 -13.15 30.44 26.06
CA ILE N 174 -14.53 30.06 26.41
C ILE N 174 -15.55 30.65 25.43
N SER N 175 -15.37 31.91 25.04
CA SER N 175 -16.21 32.56 24.03
C SER N 175 -16.06 31.93 22.64
N LYS N 176 -14.84 31.50 22.30
CA LYS N 176 -14.53 30.86 21.02
C LYS N 176 -15.17 29.48 20.88
N TYR N 177 -15.13 28.68 21.95
CA TYR N 177 -15.67 27.31 21.94
C TYR N 177 -17.08 27.22 21.38
N PHE N 178 -17.98 28.04 21.92
CA PHE N 178 -19.37 28.10 21.44
C PHE N 178 -19.47 28.62 20.00
N SER N 179 -18.61 29.58 19.66
CA SER N 179 -18.55 30.11 18.29
C SER N 179 -18.08 29.05 17.27
N GLU N 180 -17.11 28.23 17.65
CA GLU N 180 -16.65 27.10 16.81
C GLU N 180 -17.67 25.96 16.76
N ARG N 181 -18.26 25.64 17.91
CA ARG N 181 -19.27 24.57 17.99
C ARG N 181 -20.57 24.93 17.27
N GLY N 182 -20.96 26.21 17.37
CA GLY N 182 -22.12 26.72 16.62
C GLY N 182 -21.98 26.60 15.12
N ASP N 183 -20.78 26.87 14.61
CA ASP N 183 -20.47 26.69 13.19
C ASP N 183 -20.43 25.21 12.77
N ALA N 184 -19.89 24.35 13.65
CA ALA N 184 -19.83 22.91 13.39
C ALA N 184 -21.22 22.26 13.37
N VAL N 185 -22.06 22.65 14.34
CA VAL N 185 -23.45 22.18 14.40
C VAL N 185 -24.26 22.69 13.20
N ALA N 186 -24.06 23.96 12.85
CA ALA N 186 -24.76 24.57 11.71
C ALA N 186 -24.39 23.92 10.39
N LYS N 187 -23.10 23.71 10.17
CA LYS N 187 -22.59 22.99 8.97
C LYS N 187 -23.10 21.56 8.89
N ALA N 188 -23.21 20.90 10.04
CA ALA N 188 -23.77 19.54 10.11
C ALA N 188 -25.24 19.51 9.73
N ALA N 189 -26.01 20.48 10.23
CA ALA N 189 -27.43 20.63 9.87
C ALA N 189 -27.60 21.06 8.41
N LYS N 190 -26.72 21.94 7.93
CA LYS N 190 -26.72 22.41 6.54
C LYS N 190 -26.31 21.30 5.56
N GLN N 191 -25.40 20.44 5.98
CA GLN N 191 -24.88 19.33 5.16
C GLN N 191 -24.99 18.01 5.94
N PRO N 192 -26.22 17.45 6.06
CA PRO N 192 -26.42 16.23 6.88
C PRO N 192 -25.69 14.99 6.37
N HIS N 193 -25.54 14.86 5.06
CA HIS N 193 -24.80 13.76 4.44
C HIS N 193 -23.30 13.69 4.83
N VAL N 194 -22.72 14.83 5.19
CA VAL N 194 -21.31 14.89 5.61
C VAL N 194 -21.22 14.43 7.07
N GLY N 195 -20.62 13.26 7.27
CA GLY N 195 -20.46 12.66 8.60
C GLY N 195 -19.28 13.20 9.41
N ASP N 196 -18.36 13.90 8.76
CA ASP N 196 -17.23 14.53 9.45
C ASP N 196 -17.66 15.71 10.33
N TYR N 197 -18.67 16.46 9.87
CA TYR N 197 -19.24 17.55 10.67
C TYR N 197 -19.96 17.05 11.93
N ARG N 198 -20.47 15.82 11.89
CA ARG N 198 -21.03 15.16 13.09
C ARG N 198 -19.92 14.82 14.08
N GLN N 199 -18.84 14.23 13.58
CA GLN N 199 -17.65 13.90 14.39
C GLN N 199 -16.98 15.17 14.93
N LEU N 200 -16.97 16.23 14.13
CA LEU N 200 -16.39 17.52 14.52
C LEU N 200 -16.97 18.07 15.83
N VAL N 201 -18.28 17.98 15.99
CA VAL N 201 -18.97 18.50 17.18
C VAL N 201 -18.63 17.68 18.44
N HIS N 202 -18.50 16.36 18.29
CA HIS N 202 -18.10 15.48 19.41
C HIS N 202 -16.63 15.65 19.79
N GLU N 203 -15.78 15.89 18.79
CA GLU N 203 -14.35 16.16 19.02
C GLU N 203 -14.09 17.52 19.65
N LEU N 204 -14.88 18.52 19.26
CA LEU N 204 -14.86 19.84 19.92
C LEU N 204 -15.24 19.75 21.41
N ASP N 205 -16.18 18.87 21.74
CA ASP N 205 -16.56 18.62 23.14
C ASP N 205 -15.45 17.92 23.93
N GLU N 206 -14.82 16.92 23.32
CA GLU N 206 -13.69 16.21 23.95
C GLU N 206 -12.46 17.11 24.12
N ALA N 207 -12.18 17.93 23.10
CA ALA N 207 -11.08 18.89 23.14
C ALA N 207 -11.30 19.97 24.21
N GLU N 208 -12.56 20.39 24.38
CA GLU N 208 -12.92 21.39 25.40
C GLU N 208 -12.76 20.84 26.82
N TYR N 209 -13.17 19.59 27.02
CA TYR N 209 -13.05 18.91 28.32
C TYR N 209 -11.59 18.86 28.79
N GLN N 210 -10.68 18.53 27.88
CA GLN N 210 -9.25 18.48 28.19
C GLN N 210 -8.63 19.87 28.36
N GLU N 211 -9.11 20.85 27.58
CA GLU N 211 -8.65 22.25 27.70
C GLU N 211 -9.05 22.85 29.05
N ILE N 212 -10.23 22.50 29.55
CA ILE N 212 -10.67 22.90 30.89
C ILE N 212 -9.82 22.22 31.96
N ARG N 213 -9.53 20.94 31.77
CA ARG N 213 -8.68 20.19 32.72
C ARG N 213 -7.28 20.79 32.85
N LEU N 214 -6.72 21.27 31.73
CA LEU N 214 -5.44 21.99 31.73
C LEU N 214 -5.57 23.40 32.32
N MET N 215 -6.64 24.11 31.97
CA MET N 215 -6.89 25.47 32.50
C MET N 215 -7.03 25.51 34.04
N VAL N 216 -7.58 24.46 34.64
CA VAL N 216 -7.67 24.37 36.11
C VAL N 216 -6.28 24.11 36.70
N MET N 217 -5.51 23.23 36.05
CA MET N 217 -4.13 22.97 36.45
C MET N 217 -3.26 24.21 36.33
N GLU N 218 -3.37 24.91 35.20
CA GLU N 218 -2.59 26.14 34.94
C GLU N 218 -2.88 27.27 35.94
N ILE N 219 -4.13 27.39 36.39
CA ILE N 219 -4.53 28.37 37.40
C ILE N 219 -4.04 27.97 38.81
N ARG N 220 -4.11 26.68 39.12
CA ARG N 220 -3.56 26.14 40.37
C ARG N 220 -2.04 26.32 40.43
N ASN N 221 -1.37 26.04 39.31
CA ASN N 221 0.08 26.22 39.19
C ASN N 221 0.49 27.70 39.20
N ALA N 222 -0.33 28.56 38.61
CA ALA N 222 -0.10 30.00 38.62
C ALA N 222 -0.06 30.59 40.04
N TYR N 223 -0.98 30.14 40.89
CA TYR N 223 -0.97 30.51 42.32
C TYR N 223 0.25 29.94 43.05
N ALA N 224 0.54 28.66 42.80
CA ALA N 224 1.60 27.94 43.51
C ALA N 224 2.98 28.53 43.25
N VAL N 225 3.31 28.78 41.99
CA VAL N 225 4.59 29.38 41.61
C VAL N 225 4.71 30.85 42.06
N LEU N 226 3.59 31.58 42.09
CA LEU N 226 3.58 32.97 42.61
C LEU N 226 3.80 33.02 44.12
N TYR N 227 3.11 32.13 44.84
CA TYR N 227 3.30 32.01 46.29
C TYR N 227 4.75 31.72 46.62
N ASP N 228 5.32 30.71 45.94
CA ASP N 228 6.68 30.24 46.23
C ASP N 228 7.77 31.25 45.87
N ILE N 229 7.64 31.89 44.71
CA ILE N 229 8.64 32.86 44.24
C ILE N 229 8.64 34.15 45.07
N ILE N 230 7.47 34.59 45.52
CA ILE N 230 7.35 35.80 46.35
C ILE N 230 7.78 35.51 47.80
N LEU N 231 7.31 34.39 48.36
CA LEU N 231 7.64 34.01 49.75
C LEU N 231 9.15 33.83 49.97
N LYS N 232 9.82 33.23 49.00
CA LYS N 232 11.28 33.05 49.05
C LYS N 232 12.02 34.39 48.95
N ASN N 233 11.65 35.21 47.97
CA ASN N 233 12.33 36.48 47.70
C ASN N 233 11.77 37.72 48.45
N PHE N 234 10.78 37.53 49.33
CA PHE N 234 10.01 38.65 49.92
C PHE N 234 10.85 39.79 50.51
N GLU N 235 12.01 39.47 51.07
CA GLU N 235 12.90 40.48 51.66
C GLU N 235 13.40 41.48 50.62
N LYS N 236 13.97 40.96 49.53
CA LYS N 236 14.46 41.79 48.43
C LYS N 236 13.34 42.49 47.65
N LEU N 237 12.16 41.88 47.57
CA LEU N 237 11.02 42.47 46.86
C LEU N 237 10.43 43.66 47.62
N LYS N 238 10.19 43.47 48.92
CA LYS N 238 9.64 44.52 49.77
C LYS N 238 10.65 45.65 50.00
N LYS N 239 11.81 45.28 50.55
CA LYS N 239 12.89 46.22 50.85
C LYS N 239 14.15 45.87 50.04
N PRO N 240 14.27 46.43 48.82
CA PRO N 240 15.38 46.06 47.93
C PRO N 240 16.75 46.59 48.36
N ARG N 241 16.80 47.82 48.86
CA ARG N 241 18.05 48.44 49.30
C ARG N 241 18.33 48.32 50.81
N GLY N 242 17.55 47.50 51.51
CA GLY N 242 17.84 47.13 52.90
C GLY N 242 17.51 48.16 53.96
N GLU N 243 16.44 48.92 53.75
CA GLU N 243 15.97 49.91 54.74
C GLU N 243 14.56 50.40 54.41
N PRO O 8 52.35 84.66 14.05
CA PRO O 8 52.49 85.27 12.72
C PRO O 8 53.83 84.91 12.02
N GLU O 9 54.93 85.57 12.41
CA GLU O 9 56.28 85.26 11.87
C GLU O 9 57.07 84.34 12.79
N ALA O 10 56.71 84.30 14.07
CA ALA O 10 57.20 83.28 15.00
C ALA O 10 56.66 81.89 14.65
N GLN O 11 55.40 81.84 14.23
CA GLN O 11 54.78 80.58 13.78
C GLN O 11 55.39 80.09 12.45
N ALA O 12 55.79 81.02 11.59
CA ALA O 12 56.53 80.70 10.37
C ALA O 12 57.93 80.16 10.67
N LYS O 13 58.57 80.67 11.73
CA LYS O 13 59.87 80.15 12.19
C LYS O 13 59.81 78.70 12.69
N VAL O 14 58.66 78.28 13.25
CA VAL O 14 58.44 76.87 13.62
C VAL O 14 58.25 76.00 12.37
N ASP O 15 57.58 76.55 11.36
CA ASP O 15 57.42 75.87 10.06
C ASP O 15 58.73 75.69 9.31
N VAL O 16 59.70 76.57 9.55
CA VAL O 16 61.07 76.43 9.01
C VAL O 16 61.80 75.23 9.65
N PHE O 17 61.55 74.96 10.93
CA PHE O 17 62.07 73.75 11.58
C PHE O 17 61.43 72.47 11.02
N ARG O 18 60.11 72.50 10.83
CA ARG O 18 59.37 71.43 10.13
C ARG O 18 59.86 71.22 8.70
N GLU O 19 60.13 72.33 8.01
CA GLU O 19 60.64 72.33 6.62
C GLU O 19 61.98 71.61 6.52
N ASP O 20 62.87 71.86 7.47
CA ASP O 20 64.17 71.18 7.54
C ASP O 20 64.05 69.70 7.91
N LEU O 21 63.22 69.40 8.91
CA LEU O 21 63.13 68.03 9.46
C LEU O 21 62.53 67.02 8.47
N CYS O 22 61.52 67.43 7.70
CA CYS O 22 60.96 66.59 6.63
C CYS O 22 61.93 66.45 5.44
N SER O 23 62.67 67.52 5.14
CA SER O 23 63.68 67.50 4.09
C SER O 23 64.89 66.64 4.45
N LYS O 24 65.32 66.71 5.72
CA LYS O 24 66.39 65.84 6.23
C LYS O 24 65.94 64.38 6.25
N THR O 25 64.79 64.10 6.85
CA THR O 25 64.28 62.72 7.02
C THR O 25 64.08 61.98 5.69
N GLU O 26 63.56 62.66 4.67
CA GLU O 26 63.39 62.05 3.34
C GLU O 26 64.74 61.78 2.66
N ASN O 27 65.62 62.78 2.67
CA ASN O 27 66.96 62.67 2.08
C ASN O 27 67.82 61.62 2.80
N LEU O 28 67.79 61.62 4.13
CA LEU O 28 68.55 60.67 4.96
C LEU O 28 68.02 59.24 4.81
N LEU O 29 66.71 59.06 4.91
CA LEU O 29 66.11 57.72 4.79
C LEU O 29 66.27 57.14 3.38
N GLY O 30 66.32 58.01 2.37
CA GLY O 30 66.56 57.60 0.98
C GLY O 30 68.01 57.32 0.62
N SER O 31 68.95 58.09 1.18
CA SER O 31 70.39 57.99 0.85
C SER O 31 71.27 57.46 2.00
N TYR O 32 71.14 58.08 3.18
CA TYR O 32 72.01 57.80 4.34
C TYR O 32 71.85 56.38 4.91
N PHE O 33 70.60 55.93 5.07
CA PHE O 33 70.30 54.63 5.69
C PHE O 33 70.79 53.41 4.87
N PRO O 34 70.56 53.41 3.55
CA PRO O 34 71.18 52.38 2.69
C PRO O 34 72.73 52.38 2.68
N LYS O 35 73.33 53.55 2.85
CA LYS O 35 74.80 53.69 2.86
C LYS O 35 75.39 53.03 4.11
N LYS O 36 74.82 53.36 5.27
CA LYS O 36 75.26 52.80 6.55
C LYS O 36 75.11 51.28 6.63
N ILE O 37 74.07 50.73 6.02
CA ILE O 37 73.85 49.28 6.01
C ILE O 37 74.97 48.57 5.24
N SER O 38 75.35 49.13 4.08
CA SER O 38 76.45 48.59 3.28
C SER O 38 77.81 48.78 3.96
N GLU O 39 78.03 49.96 4.54
CA GLU O 39 79.28 50.28 5.24
C GLU O 39 79.53 49.35 6.43
N LEU O 40 78.50 49.09 7.21
CA LEU O 40 78.58 48.17 8.36
C LEU O 40 78.61 46.70 7.92
N ASP O 41 77.98 46.37 6.78
CA ASP O 41 78.13 45.04 6.17
C ASP O 41 79.57 44.78 5.73
N ALA O 42 80.19 45.80 5.12
CA ALA O 42 81.61 45.74 4.74
C ALA O 42 82.51 45.66 5.97
N PHE O 43 82.19 46.42 7.00
CA PHE O 43 82.96 46.46 8.25
C PHE O 43 82.97 45.11 8.99
N LEU O 44 81.83 44.43 9.00
CA LEU O 44 81.73 43.07 9.57
C LEU O 44 82.59 42.05 8.81
N LYS O 45 82.64 42.18 7.48
CA LYS O 45 83.42 41.26 6.63
C LYS O 45 84.95 41.45 6.70
N GLU O 46 85.42 42.60 7.21
CA GLU O 46 86.85 42.87 7.30
C GLU O 46 87.59 41.92 8.26
N PRO O 47 88.92 41.76 8.10
CA PRO O 47 89.67 40.87 9.00
C PRO O 47 89.86 41.42 10.42
N ALA O 48 89.61 42.72 10.64
CA ALA O 48 89.68 43.33 11.97
C ALA O 48 88.67 42.73 12.95
N LEU O 49 87.42 42.58 12.50
CA LEU O 49 86.33 42.01 13.31
C LEU O 49 86.10 40.50 13.10
N ASN O 50 86.87 39.86 12.21
CA ASN O 50 86.85 38.41 12.05
C ASN O 50 88.19 37.82 12.46
N GLU O 51 88.58 38.05 13.72
CA GLU O 51 89.78 37.43 14.28
C GLU O 51 89.51 35.95 14.47
N ALA O 52 90.32 35.13 13.79
CA ALA O 52 90.11 33.69 13.74
C ALA O 52 90.44 33.03 15.07
N ASN O 53 91.63 33.32 15.58
CA ASN O 53 92.07 32.86 16.91
C ASN O 53 91.92 34.01 17.92
N LEU O 54 91.42 33.68 19.10
CA LEU O 54 91.19 34.66 20.17
C LEU O 54 92.49 35.16 20.81
N SER O 55 93.54 34.33 20.77
CA SER O 55 94.85 34.69 21.36
C SER O 55 95.65 35.75 20.59
N ASN O 56 95.23 36.09 19.37
CA ASN O 56 95.81 37.22 18.62
C ASN O 56 95.56 38.56 19.33
N LEU O 57 94.37 38.72 19.89
CA LEU O 57 94.00 39.91 20.67
C LEU O 57 94.78 40.06 21.98
N LYS O 58 95.17 38.92 22.57
CA LYS O 58 95.83 38.85 23.88
C LYS O 58 97.00 39.85 24.03
N ALA O 59 96.74 40.94 24.76
CA ALA O 59 97.71 42.03 24.91
C ALA O 59 98.84 41.67 25.88
N PRO O 60 99.98 42.40 25.82
CA PRO O 60 101.06 42.13 26.77
C PRO O 60 100.76 42.67 28.18
N LEU O 61 100.56 41.76 29.14
CA LEU O 61 100.32 42.09 30.54
C LEU O 61 101.63 41.88 31.32
N ASP O 62 102.40 42.96 31.48
CA ASP O 62 103.73 42.90 32.09
C ASP O 62 103.68 43.25 33.58
N ILE O 63 103.61 42.22 34.42
CA ILE O 63 103.70 42.35 35.88
C ILE O 63 104.69 41.28 36.40
N PRO O 64 105.63 41.65 37.31
CA PRO O 64 106.54 40.63 37.84
C PRO O 64 105.85 39.60 38.75
N VAL O 65 106.10 38.32 38.50
CA VAL O 65 105.49 37.22 39.27
C VAL O 65 106.50 36.66 40.30
N PRO O 66 106.20 36.79 41.61
CA PRO O 66 107.07 36.22 42.64
C PRO O 66 106.71 34.79 43.01
N PRO O 100 106.04 48.47 43.81
CA PRO O 100 106.24 49.06 42.50
C PRO O 100 105.94 48.10 41.36
N CYS O 101 105.61 48.65 40.19
CA CYS O 101 105.32 47.84 39.00
C CYS O 101 105.48 48.65 37.71
N GLY O 102 105.86 47.97 36.62
CA GLY O 102 106.02 48.61 35.32
C GLY O 102 104.71 48.91 34.64
N PRO O 103 104.74 49.74 33.57
CA PRO O 103 103.51 50.21 32.92
C PRO O 103 102.85 49.16 32.04
N VAL O 104 101.56 48.91 32.26
CA VAL O 104 100.74 48.01 31.43
C VAL O 104 99.78 48.86 30.60
N ASN O 105 100.04 48.96 29.30
CA ASN O 105 99.18 49.71 28.38
C ASN O 105 97.88 48.96 28.13
N CYS O 106 96.87 49.70 27.66
CA CYS O 106 95.60 49.12 27.22
C CYS O 106 95.78 48.36 25.90
N ASN O 107 94.80 47.52 25.57
CA ASN O 107 94.89 46.66 24.38
C ASN O 107 94.90 47.51 23.11
N GLU O 108 95.90 47.27 22.26
CA GLU O 108 96.09 48.03 21.03
C GLU O 108 95.06 47.64 19.97
N LYS O 109 94.84 46.34 19.82
CA LYS O 109 93.89 45.81 18.83
C LYS O 109 92.41 46.15 19.12
N ILE O 110 92.07 46.41 20.39
CA ILE O 110 90.71 46.82 20.77
C ILE O 110 90.50 48.33 20.61
N VAL O 111 91.48 49.13 21.03
CA VAL O 111 91.36 50.60 20.99
C VAL O 111 91.13 51.12 19.57
N VAL O 112 91.80 50.53 18.57
CA VAL O 112 91.56 50.88 17.16
C VAL O 112 90.14 50.55 16.68
N LEU O 113 89.56 49.46 17.19
CA LEU O 113 88.17 49.10 16.90
C LEU O 113 87.18 50.06 17.56
N LEU O 114 87.48 50.50 18.79
CA LEU O 114 86.68 51.51 19.48
C LEU O 114 86.73 52.88 18.79
N GLN O 115 87.85 53.21 18.15
CA GLN O 115 87.95 54.43 17.34
C GLN O 115 87.05 54.40 16.10
N ARG O 116 86.85 53.22 15.52
CA ARG O 116 85.93 53.03 14.39
C ARG O 116 84.46 52.87 14.83
N LEU O 117 84.23 52.36 16.03
CA LEU O 117 82.89 52.13 16.57
C LEU O 117 82.20 53.40 17.07
N LYS O 118 82.94 54.22 17.83
CA LYS O 118 82.39 55.44 18.44
C LYS O 118 81.67 56.41 17.49
N PRO O 119 82.24 56.72 16.31
CA PRO O 119 81.50 57.55 15.35
C PRO O 119 80.21 56.89 14.81
N GLU O 120 80.20 55.56 14.70
CA GLU O 120 79.00 54.83 14.26
C GLU O 120 77.87 54.81 15.31
N ILE O 121 78.23 54.83 16.60
CA ILE O 121 77.24 54.91 17.68
C ILE O 121 76.62 56.31 17.72
N LYS O 122 77.44 57.34 17.50
CA LYS O 122 76.96 58.73 17.41
C LYS O 122 75.91 58.91 16.31
N ASP O 123 76.22 58.42 15.10
CA ASP O 123 75.36 58.61 13.93
C ASP O 123 73.99 57.98 14.13
N VAL O 124 73.97 56.70 14.48
CA VAL O 124 72.71 55.97 14.69
C VAL O 124 71.83 56.55 15.80
N THR O 125 72.43 57.06 16.87
CA THR O 125 71.68 57.70 17.97
C THR O 125 71.07 59.03 17.54
N GLU O 126 71.82 59.82 16.77
CA GLU O 126 71.35 61.11 16.26
C GLU O 126 70.26 60.96 15.20
N GLN O 127 70.43 60.01 14.28
CA GLN O 127 69.44 59.78 13.21
C GLN O 127 68.13 59.19 13.75
N LEU O 128 68.24 58.24 14.67
CA LEU O 128 67.06 57.63 15.31
C LEU O 128 66.28 58.66 16.13
N ASN O 129 67.01 59.51 16.88
CA ASN O 129 66.40 60.59 17.66
C ASN O 129 65.74 61.65 16.76
N LEU O 130 66.31 61.89 15.58
CA LEU O 130 65.72 62.79 14.58
C LEU O 130 64.42 62.21 14.00
N VAL O 131 64.47 60.92 13.61
CA VAL O 131 63.32 60.24 12.99
C VAL O 131 62.15 60.07 13.99
N THR O 132 62.47 59.80 15.26
CA THR O 132 61.44 59.73 16.31
C THR O 132 60.72 61.07 16.49
N THR O 133 61.49 62.15 16.47
CA THR O 133 60.95 63.51 16.55
C THR O 133 60.11 63.87 15.33
N TRP O 134 60.54 63.44 14.14
CA TRP O 134 59.75 63.62 12.92
C TRP O 134 58.38 62.96 13.03
N LEU O 135 58.35 61.72 13.51
CA LEU O 135 57.08 60.99 13.66
C LEU O 135 56.17 61.61 14.72
N GLN O 136 56.75 62.13 15.80
CA GLN O 136 55.97 62.86 16.82
C GLN O 136 55.23 64.07 16.24
N LEU O 137 55.86 64.77 15.30
CA LEU O 137 55.26 65.92 14.63
C LEU O 137 54.22 65.53 13.57
N GLN O 138 54.31 64.31 13.03
CA GLN O 138 53.30 63.78 12.11
C GLN O 138 52.03 63.24 12.79
N ILE O 139 52.04 63.08 14.12
CA ILE O 139 50.85 62.64 14.86
C ILE O 139 49.78 63.73 14.77
N PRO O 140 48.62 63.42 14.15
CA PRO O 140 47.60 64.45 13.92
C PRO O 140 46.82 64.81 15.19
N ARG O 141 45.88 65.74 15.04
CA ARG O 141 45.01 66.18 16.15
C ARG O 141 44.25 64.99 16.72
N ILE O 142 44.21 64.90 18.05
CA ILE O 142 43.56 63.77 18.72
C ILE O 142 42.04 63.92 18.59
N GLU O 143 41.47 63.11 17.70
CA GLU O 143 40.04 63.07 17.45
C GLU O 143 39.54 61.65 17.66
N ASP O 144 38.23 61.46 17.60
CA ASP O 144 37.61 60.14 17.74
C ASP O 144 37.43 59.48 16.36
N GLY O 145 36.94 60.25 15.39
CA GLY O 145 36.76 59.77 14.01
C GLY O 145 38.06 59.60 13.25
N ASN O 146 38.08 58.59 12.36
CA ASN O 146 39.27 58.14 11.62
C ASN O 146 40.55 58.04 12.49
N ASN O 147 40.63 56.98 13.28
CA ASN O 147 41.68 56.82 14.30
C ASN O 147 42.66 55.65 14.09
N PHE O 148 42.49 54.86 13.04
CA PHE O 148 43.40 53.74 12.79
C PHE O 148 44.80 54.20 12.37
N GLY O 149 44.85 55.23 11.51
CA GLY O 149 46.11 55.81 11.06
C GLY O 149 47.07 56.21 12.16
N VAL O 150 46.53 56.64 13.30
CA VAL O 150 47.32 56.99 14.49
C VAL O 150 47.94 55.73 15.13
N ALA O 151 47.18 54.63 15.17
CA ALA O 151 47.68 53.34 15.68
C ALA O 151 48.84 52.77 14.85
N VAL O 152 48.88 53.08 13.56
CA VAL O 152 49.99 52.70 12.68
C VAL O 152 51.25 53.48 13.06
N GLN O 153 51.09 54.76 13.39
CA GLN O 153 52.20 55.60 13.89
C GLN O 153 52.70 55.10 15.25
N GLU O 154 51.76 54.86 16.16
CA GLU O 154 52.09 54.40 17.51
C GLU O 154 52.73 53.00 17.55
N LYS O 155 52.37 52.14 16.60
CA LYS O 155 53.00 50.83 16.45
C LYS O 155 54.46 50.96 15.97
N VAL O 156 54.68 51.87 15.02
CA VAL O 156 56.05 52.20 14.55
C VAL O 156 56.84 52.92 15.65
N PHE O 157 56.15 53.75 16.45
CA PHE O 157 56.74 54.41 17.62
C PHE O 157 57.29 53.38 18.61
N GLU O 158 56.48 52.38 18.95
CA GLU O 158 56.86 51.30 19.87
C GLU O 158 58.24 50.71 19.54
N LEU O 159 58.52 50.48 18.26
CA LEU O 159 59.81 49.98 17.80
C LEU O 159 60.95 50.98 18.05
N MET O 160 60.71 52.26 17.75
CA MET O 160 61.73 53.31 17.89
C MET O 160 62.16 53.50 19.35
N THR O 161 61.21 53.32 20.27
CA THR O 161 61.50 53.31 21.71
C THR O 161 62.31 52.07 22.10
N ASN O 162 61.94 50.91 21.54
CA ASN O 162 62.63 49.64 21.81
C ASN O 162 64.08 49.62 21.30
N LEU O 163 64.32 50.27 20.15
CA LEU O 163 65.69 50.45 19.64
C LEU O 163 66.46 51.45 20.49
N HIS O 164 65.81 52.57 20.84
CA HIS O 164 66.42 53.60 21.70
C HIS O 164 66.88 53.03 23.05
N THR O 165 66.03 52.20 23.66
CA THR O 165 66.37 51.49 24.91
C THR O 165 67.65 50.67 24.76
N LYS O 166 67.75 49.96 23.65
CA LYS O 166 68.90 49.10 23.35
C LYS O 166 70.19 49.88 23.08
N LEU O 167 70.10 50.92 22.25
CA LEU O 167 71.27 51.71 21.86
C LEU O 167 71.82 52.63 22.97
N GLU O 168 71.00 52.94 23.98
CA GLU O 168 71.43 53.78 25.10
C GLU O 168 72.52 53.09 25.95
N GLY O 169 72.42 51.77 26.08
CA GLY O 169 73.41 50.97 26.81
C GLY O 169 74.79 50.88 26.17
N PHE O 170 74.88 51.09 24.86
CA PHE O 170 76.16 51.01 24.12
C PHE O 170 77.13 52.13 24.50
N HIS O 171 76.60 53.34 24.69
CA HIS O 171 77.44 54.53 24.91
C HIS O 171 78.24 54.48 26.21
N THR O 172 77.59 54.02 27.29
CA THR O 172 78.20 53.97 28.61
C THR O 172 79.14 52.79 28.84
N GLN O 173 78.98 51.70 28.08
CA GLN O 173 79.74 50.46 28.35
C GLN O 173 81.21 50.51 27.91
N ILE O 174 81.57 51.45 27.01
CA ILE O 174 82.97 51.66 26.63
C ILE O 174 83.75 52.21 27.84
N SER O 175 83.15 53.17 28.55
CA SER O 175 83.70 53.67 29.82
C SER O 175 83.72 52.58 30.91
N LYS O 176 82.67 51.76 30.93
CA LYS O 176 82.60 50.59 31.83
C LYS O 176 83.70 49.55 31.58
N TYR O 177 84.08 49.38 30.31
CA TYR O 177 85.16 48.44 29.94
C TYR O 177 86.52 48.87 30.49
N PHE O 178 86.89 50.13 30.22
CA PHE O 178 88.17 50.68 30.71
C PHE O 178 88.21 50.78 32.23
N SER O 179 87.07 51.08 32.85
CA SER O 179 86.95 51.09 34.30
C SER O 179 87.13 49.69 34.89
N GLU O 180 86.45 48.69 34.31
CA GLU O 180 86.55 47.30 34.77
C GLU O 180 87.92 46.66 34.46
N ARG O 181 88.52 47.04 33.33
CA ARG O 181 89.87 46.57 32.99
C ARG O 181 90.94 47.24 33.85
N GLY O 182 90.76 48.54 34.11
CA GLY O 182 91.65 49.29 35.01
C GLY O 182 91.65 48.76 36.43
N ASP O 183 90.48 48.38 36.93
CA ASP O 183 90.35 47.71 38.23
C ASP O 183 90.97 46.31 38.21
N ALA O 184 90.80 45.60 37.09
CA ALA O 184 91.38 44.26 36.91
C ALA O 184 92.92 44.27 36.81
N VAL O 185 93.46 45.24 36.07
CA VAL O 185 94.92 45.42 35.96
C VAL O 185 95.52 45.87 37.29
N ALA O 186 94.85 46.80 37.96
CA ALA O 186 95.26 47.26 39.29
C ALA O 186 95.27 46.12 40.31
N LYS O 187 94.21 45.30 40.30
CA LYS O 187 94.11 44.13 41.19
C LYS O 187 95.17 43.05 40.89
N ALA O 188 95.50 42.87 39.61
CA ALA O 188 96.54 41.92 39.21
C ALA O 188 97.94 42.35 39.66
N ALA O 189 98.21 43.65 39.57
CA ALA O 189 99.50 44.22 40.01
C ALA O 189 99.65 44.26 41.52
N LYS O 190 98.55 44.58 42.22
CA LYS O 190 98.55 44.68 43.69
C LYS O 190 98.71 43.30 44.34
N GLN O 191 98.07 42.29 43.75
CA GLN O 191 98.26 40.88 44.12
C GLN O 191 98.75 40.08 42.91
N PRO O 192 100.08 40.04 42.68
CA PRO O 192 100.62 39.25 41.55
C PRO O 192 100.53 37.72 41.74
N HIS O 193 100.51 37.27 43.00
CA HIS O 193 100.33 35.85 43.32
C HIS O 193 99.01 35.22 42.81
N VAL O 194 97.95 36.03 42.68
CA VAL O 194 96.66 35.55 42.19
C VAL O 194 96.68 35.50 40.66
N GLY O 195 96.64 34.28 40.11
CA GLY O 195 96.63 34.07 38.66
C GLY O 195 95.30 34.35 37.97
N ASP O 196 94.22 34.41 38.74
CA ASP O 196 92.89 34.69 38.19
C ASP O 196 92.72 36.12 37.68
N TYR O 197 93.30 37.08 38.40
CA TYR O 197 93.26 38.49 37.98
C TYR O 197 93.99 38.75 36.65
N ARG O 198 95.01 37.95 36.36
CA ARG O 198 95.67 37.99 35.04
C ARG O 198 94.71 37.51 33.96
N GLN O 199 94.13 36.33 34.17
CA GLN O 199 93.14 35.75 33.24
C GLN O 199 91.92 36.66 33.05
N LEU O 200 91.50 37.34 34.13
CA LEU O 200 90.41 38.34 34.06
C LEU O 200 90.70 39.42 33.01
N VAL O 201 91.89 40.00 33.07
CA VAL O 201 92.29 41.08 32.14
C VAL O 201 92.33 40.58 30.68
N HIS O 202 92.83 39.36 30.47
CA HIS O 202 92.80 38.72 29.16
C HIS O 202 91.35 38.40 28.72
N GLU O 203 90.51 38.00 29.68
CA GLU O 203 89.10 37.68 29.42
C GLU O 203 88.22 38.88 29.06
N LEU O 204 88.45 40.02 29.73
CA LEU O 204 87.69 41.25 29.43
C LEU O 204 87.96 41.76 28.01
N ASP O 205 89.16 41.51 27.50
CA ASP O 205 89.51 41.83 26.10
C ASP O 205 88.76 40.95 25.10
N GLU O 206 88.64 39.65 25.40
CA GLU O 206 87.85 38.73 24.57
C GLU O 206 86.35 39.04 24.62
N ALA O 207 85.86 39.41 25.80
CA ALA O 207 84.45 39.79 25.99
C ALA O 207 84.11 41.10 25.28
N GLU O 208 85.02 42.07 25.37
CA GLU O 208 84.83 43.40 24.74
C GLU O 208 84.86 43.29 23.21
N TYR O 209 85.80 42.51 22.68
CA TYR O 209 85.89 42.24 21.24
C TYR O 209 84.60 41.64 20.68
N GLN O 210 83.99 40.72 21.42
CA GLN O 210 82.68 40.16 21.08
C GLN O 210 81.57 41.22 21.12
N GLU O 211 81.57 42.03 22.18
CA GLU O 211 80.56 43.08 22.37
C GLU O 211 80.65 44.17 21.29
N ILE O 212 81.87 44.49 20.85
CA ILE O 212 82.09 45.42 19.72
C ILE O 212 81.50 44.85 18.42
N ARG O 213 81.69 43.55 18.20
CA ARG O 213 81.17 42.89 17.00
C ARG O 213 79.64 42.83 17.01
N LEU O 214 79.04 42.55 18.17
CA LEU O 214 77.58 42.55 18.32
C LEU O 214 76.97 43.94 18.14
N MET O 215 77.68 44.99 18.61
CA MET O 215 77.21 46.37 18.43
C MET O 215 77.14 46.79 16.96
N VAL O 216 78.15 46.41 16.17
CA VAL O 216 78.16 46.71 14.74
C VAL O 216 77.00 46.00 14.04
N MET O 217 76.69 44.77 14.46
CA MET O 217 75.50 44.05 14.02
C MET O 217 74.22 44.78 14.44
N GLU O 218 74.14 45.15 15.72
CA GLU O 218 72.96 45.82 16.27
C GLU O 218 72.69 47.19 15.61
N ILE O 219 73.76 47.95 15.34
CA ILE O 219 73.64 49.25 14.67
C ILE O 219 73.27 49.07 13.19
N ARG O 220 73.82 48.04 12.54
CA ARG O 220 73.43 47.68 11.17
C ARG O 220 71.96 47.27 11.12
N ASN O 221 71.55 46.41 12.06
CA ASN O 221 70.17 45.91 12.13
C ASN O 221 69.17 47.00 12.53
N ALA O 222 69.63 47.99 13.30
CA ALA O 222 68.80 49.14 13.66
C ALA O 222 68.44 49.98 12.44
N TYR O 223 69.43 50.29 11.59
CA TYR O 223 69.18 51.00 10.34
C TYR O 223 68.29 50.21 9.38
N ALA O 224 68.57 48.92 9.23
CA ALA O 224 67.85 48.05 8.30
C ALA O 224 66.36 47.93 8.60
N VAL O 225 66.03 47.78 9.89
CA VAL O 225 64.65 47.63 10.33
C VAL O 225 63.91 48.97 10.25
N LEU O 226 64.53 50.04 10.74
CA LEU O 226 63.97 51.41 10.65
C LEU O 226 63.74 51.84 9.20
N TYR O 227 64.64 51.46 8.30
CA TYR O 227 64.43 51.67 6.88
C TYR O 227 63.22 50.87 6.41
N ASP O 228 63.21 49.57 6.70
CA ASP O 228 62.16 48.67 6.22
C ASP O 228 60.76 49.00 6.76
N ILE O 229 60.66 49.24 8.06
CA ILE O 229 59.37 49.51 8.71
C ILE O 229 58.75 50.85 8.30
N ILE O 230 59.59 51.85 8.07
CA ILE O 230 59.12 53.18 7.66
C ILE O 230 58.75 53.22 6.17
N LEU O 231 59.53 52.52 5.34
CA LEU O 231 59.27 52.46 3.89
C LEU O 231 57.93 51.79 3.55
N LYS O 232 57.60 50.72 4.28
CA LYS O 232 56.33 50.01 4.12
C LYS O 232 55.13 50.84 4.59
N ASN O 233 55.28 51.49 5.74
CA ASN O 233 54.20 52.26 6.37
C ASN O 233 54.19 53.76 6.05
N PHE O 234 55.04 54.21 5.13
CA PHE O 234 55.25 55.66 4.88
C PHE O 234 53.97 56.44 4.56
N GLU O 235 53.03 55.79 3.88
CA GLU O 235 51.74 56.43 3.56
C GLU O 235 50.94 56.76 4.81
N LYS O 236 50.75 55.76 5.68
CA LYS O 236 50.02 55.96 6.94
C LYS O 236 50.79 56.78 7.98
N LEU O 237 52.12 56.85 7.88
CA LEU O 237 52.93 57.66 8.79
C LEU O 237 52.82 59.15 8.46
N LYS O 238 53.01 59.49 7.18
CA LYS O 238 52.99 60.89 6.72
C LYS O 238 51.56 61.45 6.72
N LYS O 239 50.61 60.69 6.18
CA LYS O 239 49.20 61.08 6.10
C LYS O 239 48.31 59.95 6.65
N PRO O 240 48.15 59.89 7.99
CA PRO O 240 47.37 58.82 8.62
C PRO O 240 45.85 58.92 8.39
N ARG O 241 45.33 60.14 8.39
CA ARG O 241 43.88 60.36 8.29
C ARG O 241 43.33 60.01 6.91
N GLY O 242 43.80 60.71 5.89
CA GLY O 242 43.32 60.50 4.52
C GLY O 242 44.25 61.07 3.46
N GLU O 243 43.97 60.68 2.21
CA GLU O 243 44.68 61.19 1.02
C GLU O 243 46.17 60.85 1.04
N LEU P 4 59.61 59.68 -0.13
CA LEU P 4 59.54 58.22 -0.43
C LEU P 4 60.62 57.78 -1.43
N ARG P 5 60.79 58.55 -2.50
CA ARG P 5 61.67 58.19 -3.62
C ARG P 5 63.12 57.89 -3.19
N VAL P 6 63.67 56.83 -3.76
CA VAL P 6 65.07 56.44 -3.54
C VAL P 6 65.73 56.21 -4.91
N HIS P 7 67.05 56.42 -4.96
CA HIS P 7 67.84 56.14 -6.17
C HIS P 7 67.91 54.61 -6.32
N PRO P 8 67.69 54.07 -7.55
CA PRO P 8 67.77 52.60 -7.75
C PRO P 8 69.08 51.92 -7.28
N GLU P 9 70.15 52.68 -7.16
CA GLU P 9 71.35 52.24 -6.45
C GLU P 9 71.04 52.00 -4.96
N ALA P 10 70.49 53.02 -4.32
CA ALA P 10 70.18 53.00 -2.87
C ALA P 10 69.23 51.87 -2.46
N GLN P 11 68.25 51.56 -3.31
CA GLN P 11 67.33 50.43 -3.07
C GLN P 11 68.06 49.10 -3.29
N ALA P 12 68.93 49.06 -4.30
CA ALA P 12 69.77 47.88 -4.58
C ALA P 12 70.82 47.59 -3.52
N LYS P 13 71.23 48.61 -2.75
CA LYS P 13 72.10 48.42 -1.58
C LYS P 13 71.35 47.61 -0.50
N VAL P 14 70.08 47.96 -0.29
CA VAL P 14 69.24 47.34 0.74
C VAL P 14 68.70 45.97 0.30
N ASP P 15 68.36 45.84 -0.98
CA ASP P 15 67.88 44.55 -1.52
C ASP P 15 68.96 43.47 -1.44
N VAL P 16 70.18 43.82 -1.86
CA VAL P 16 71.35 42.93 -1.74
C VAL P 16 71.55 42.43 -0.29
N PHE P 17 71.31 43.31 0.68
CA PHE P 17 71.36 42.92 2.10
C PHE P 17 70.24 41.94 2.48
N ARG P 18 69.02 42.18 2.00
CA ARG P 18 67.90 41.26 2.25
C ARG P 18 68.13 39.88 1.63
N GLU P 19 68.65 39.85 0.40
CA GLU P 19 68.92 38.58 -0.28
C GLU P 19 70.02 37.77 0.40
N ASP P 20 71.09 38.45 0.83
CA ASP P 20 72.18 37.79 1.57
C ASP P 20 71.71 37.34 2.97
N LEU P 21 70.92 38.18 3.64
CA LEU P 21 70.36 37.85 4.95
C LEU P 21 69.33 36.71 4.87
N CYS P 22 68.55 36.67 3.79
CA CYS P 22 67.61 35.57 3.53
C CYS P 22 68.33 34.29 3.09
N SER P 23 69.37 34.44 2.26
CA SER P 23 70.17 33.31 1.79
C SER P 23 71.04 32.70 2.89
N LYS P 24 71.55 33.54 3.80
CA LYS P 24 72.28 33.05 4.97
C LYS P 24 71.37 32.28 5.92
N THR P 25 70.18 32.83 6.21
CA THR P 25 69.21 32.22 7.12
C THR P 25 68.73 30.83 6.65
N GLU P 26 68.42 30.70 5.37
CA GLU P 26 67.89 29.43 4.82
C GLU P 26 68.93 28.29 4.85
N ASN P 27 70.17 28.61 4.48
CA ASN P 27 71.27 27.64 4.51
C ASN P 27 71.69 27.31 5.95
N LEU P 28 71.66 28.33 6.81
CA LEU P 28 71.91 28.18 8.24
C LEU P 28 70.85 27.30 8.91
N LEU P 29 69.59 27.65 8.72
CA LEU P 29 68.47 26.92 9.31
C LEU P 29 68.33 25.52 8.72
N GLY P 30 68.81 25.33 7.48
CA GLY P 30 68.89 24.02 6.85
C GLY P 30 69.99 23.13 7.40
N SER P 31 71.22 23.63 7.40
CA SER P 31 72.43 22.83 7.73
C SER P 31 73.09 23.15 9.09
N TYR P 32 73.30 24.44 9.38
CA TYR P 32 74.04 24.89 10.57
C TYR P 32 73.40 24.45 11.89
N PHE P 33 72.07 24.50 11.95
CA PHE P 33 71.32 24.21 13.19
C PHE P 33 71.31 22.71 13.56
N PRO P 34 71.07 21.80 12.59
CA PRO P 34 71.25 20.37 12.84
C PRO P 34 72.66 19.98 13.30
N LYS P 35 73.68 20.55 12.67
CA LYS P 35 75.07 20.33 13.06
C LYS P 35 75.29 20.70 14.53
N LYS P 36 74.87 21.90 14.90
CA LYS P 36 75.04 22.40 16.27
C LYS P 36 74.32 21.54 17.31
N ILE P 37 73.11 21.08 16.99
CA ILE P 37 72.37 20.17 17.88
C ILE P 37 73.11 18.84 18.02
N SER P 38 73.67 18.35 16.92
CA SER P 38 74.47 17.12 16.91
C SER P 38 75.80 17.27 17.65
N GLU P 39 76.51 18.37 17.38
CA GLU P 39 77.79 18.69 18.02
C GLU P 39 77.68 18.85 19.54
N LEU P 40 76.68 19.61 19.98
CA LEU P 40 76.45 19.84 21.41
C LEU P 40 75.90 18.62 22.15
N ASP P 41 75.21 17.73 21.44
CA ASP P 41 74.84 16.41 21.99
C ASP P 41 76.07 15.53 22.23
N ALA P 42 77.02 15.57 21.29
CA ALA P 42 78.30 14.87 21.43
C ALA P 42 79.14 15.47 22.57
N PHE P 43 79.19 16.80 22.64
CA PHE P 43 79.95 17.52 23.67
C PHE P 43 79.44 17.24 25.08
N LEU P 44 78.13 17.09 25.24
CA LEU P 44 77.53 16.69 26.53
C LEU P 44 77.87 15.26 26.95
N LYS P 45 77.97 14.35 25.98
CA LYS P 45 78.29 12.95 26.25
C LYS P 45 79.78 12.66 26.51
N GLU P 46 80.65 13.63 26.25
CA GLU P 46 82.10 13.45 26.48
C GLU P 46 82.44 13.33 27.98
N PRO P 47 83.61 12.74 28.31
CA PRO P 47 84.00 12.65 29.72
C PRO P 47 84.43 13.98 30.35
N ALA P 48 84.69 15.01 29.53
CA ALA P 48 85.04 16.35 30.03
C ALA P 48 83.88 17.03 30.78
N LEU P 49 82.65 16.80 30.32
CA LEU P 49 81.44 17.31 31.00
C LEU P 49 80.62 16.19 31.65
N ASN P 50 81.29 15.12 32.09
CA ASN P 50 80.65 14.01 32.82
C ASN P 50 81.59 13.50 33.91
N GLU P 51 81.98 14.41 34.80
CA GLU P 51 82.81 14.07 35.96
C GLU P 51 81.96 13.31 36.98
N ALA P 52 82.36 12.08 37.28
CA ALA P 52 81.65 11.24 38.24
C ALA P 52 81.78 11.80 39.66
N ASN P 53 83.02 12.09 40.05
CA ASN P 53 83.33 12.70 41.36
C ASN P 53 83.66 14.18 41.17
N LEU P 54 83.13 15.02 42.07
CA LEU P 54 83.38 16.47 42.04
C LEU P 54 84.81 16.85 42.46
N SER P 55 85.45 16.00 43.27
CA SER P 55 86.82 16.23 43.75
C SER P 55 87.92 16.11 42.68
N ASN P 56 87.59 15.56 41.51
CA ASN P 56 88.53 15.51 40.38
C ASN P 56 88.88 16.90 39.83
N LEU P 57 87.91 17.82 39.86
CA LEU P 57 88.10 19.21 39.46
C LEU P 57 88.94 20.02 40.45
N LYS P 58 88.85 19.65 41.73
CA LYS P 58 89.53 20.37 42.83
C LYS P 58 91.00 20.71 42.53
N ALA P 59 91.23 21.98 42.19
CA ALA P 59 92.57 22.46 41.79
C ALA P 59 93.48 22.64 43.00
N PRO P 60 94.82 22.70 42.78
CA PRO P 60 95.74 22.92 43.90
C PRO P 60 95.74 24.38 44.38
N LEU P 61 95.22 24.60 45.59
CA LEU P 61 95.21 25.91 46.24
C LEU P 61 96.34 25.95 47.27
N ASP P 62 97.48 26.50 46.86
CA ASP P 62 98.69 26.51 47.70
C ASP P 62 98.84 27.84 48.44
N ILE P 63 98.42 27.83 49.71
CA ILE P 63 98.63 28.95 50.65
C ILE P 63 99.16 28.36 51.96
N PRO P 64 100.23 28.95 52.55
CA PRO P 64 100.75 28.38 53.80
C PRO P 64 99.83 28.66 55.01
N VAL P 65 99.25 27.60 55.57
CA VAL P 65 98.37 27.71 56.75
C VAL P 65 99.22 27.86 58.03
N PRO P 66 98.96 28.92 58.85
CA PRO P 66 99.63 29.05 60.14
C PRO P 66 98.78 28.48 61.28
N PRO P 100 103.23 36.97 52.84
CA PRO P 100 103.86 36.25 51.73
C PRO P 100 103.05 35.04 51.29
N CYS P 101 103.09 34.74 49.99
CA CYS P 101 102.36 33.61 49.41
C CYS P 101 102.87 33.26 48.02
N GLY P 102 102.79 31.97 47.66
CA GLY P 102 103.20 31.49 46.34
C GLY P 102 102.15 31.73 45.27
N PRO P 103 102.49 31.47 43.99
CA PRO P 103 101.59 31.74 42.88
C PRO P 103 100.49 30.68 42.74
N VAL P 104 99.23 31.11 42.62
CA VAL P 104 98.08 30.21 42.47
C VAL P 104 97.59 30.26 41.03
N ASN P 105 97.59 29.11 40.36
CA ASN P 105 97.10 28.99 38.99
C ASN P 105 95.58 28.89 38.99
N CYS P 106 94.98 29.15 37.83
CA CYS P 106 93.55 28.95 37.63
C CYS P 106 93.24 27.46 37.52
N ASN P 107 91.97 27.10 37.70
CA ASN P 107 91.56 25.69 37.61
C ASN P 107 91.75 25.22 36.17
N GLU P 108 92.68 24.27 35.99
CA GLU P 108 93.11 23.81 34.67
C GLU P 108 91.99 23.10 33.90
N LYS P 109 91.24 22.25 34.61
CA LYS P 109 90.12 21.50 34.02
C LYS P 109 88.93 22.38 33.61
N ILE P 110 88.77 23.53 34.25
CA ILE P 110 87.68 24.47 33.90
C ILE P 110 88.07 25.38 32.73
N VAL P 111 89.30 25.88 32.74
CA VAL P 111 89.76 26.81 31.68
C VAL P 111 89.71 26.13 30.31
N VAL P 112 90.10 24.86 30.22
CA VAL P 112 89.96 24.09 28.97
C VAL P 112 88.51 23.95 28.49
N LEU P 113 87.58 23.77 29.43
CA LEU P 113 86.14 23.75 29.12
C LEU P 113 85.62 25.12 28.69
N LEU P 114 86.08 26.17 29.37
CA LEU P 114 85.75 27.56 29.00
C LEU P 114 86.28 27.95 27.61
N GLN P 115 87.42 27.40 27.22
CA GLN P 115 87.97 27.60 25.87
C GLN P 115 87.11 26.98 24.77
N ARG P 116 86.42 25.88 25.09
CA ARG P 116 85.46 25.26 24.17
C ARG P 116 84.09 25.95 24.19
N LEU P 117 83.69 26.49 25.34
CA LEU P 117 82.40 27.16 25.50
C LEU P 117 82.31 28.53 24.81
N LYS P 118 83.39 29.31 24.88
CA LYS P 118 83.41 30.68 24.33
C LYS P 118 83.10 30.81 22.82
N PRO P 119 83.62 29.89 21.98
CA PRO P 119 83.19 29.91 20.57
C PRO P 119 81.73 29.47 20.34
N GLU P 120 81.16 28.67 21.24
CA GLU P 120 79.74 28.27 21.15
C GLU P 120 78.79 29.42 21.50
N ILE P 121 79.17 30.23 22.48
CA ILE P 121 78.39 31.42 22.87
C ILE P 121 78.41 32.48 21.76
N LYS P 122 79.56 32.64 21.12
CA LYS P 122 79.71 33.53 19.95
C LYS P 122 78.72 33.21 18.84
N ASP P 123 78.57 31.91 18.54
CA ASP P 123 77.75 31.46 17.42
C ASP P 123 76.26 31.68 17.67
N VAL P 124 75.72 31.12 18.75
CA VAL P 124 74.30 31.30 19.12
C VAL P 124 73.82 32.76 19.07
N THR P 125 74.62 33.66 19.63
CA THR P 125 74.24 35.08 19.73
C THR P 125 74.33 35.79 18.37
N GLU P 126 75.23 35.35 17.51
CA GLU P 126 75.30 35.84 16.13
C GLU P 126 74.13 35.34 15.29
N GLN P 127 73.82 34.04 15.40
CA GLN P 127 72.74 33.42 14.60
C GLN P 127 71.35 33.80 15.11
N LEU P 128 71.18 33.91 16.43
CA LEU P 128 69.92 34.38 17.03
C LEU P 128 69.61 35.82 16.61
N ASN P 129 70.62 36.68 16.65
CA ASN P 129 70.49 38.07 16.21
C ASN P 129 70.16 38.16 14.71
N LEU P 130 70.79 37.30 13.91
CA LEU P 130 70.50 37.18 12.47
C LEU P 130 69.05 36.71 12.20
N VAL P 131 68.64 35.66 12.90
CA VAL P 131 67.28 35.10 12.77
C VAL P 131 66.23 36.10 13.27
N THR P 132 66.52 36.81 14.36
CA THR P 132 65.65 37.87 14.89
C THR P 132 65.49 39.01 13.88
N THR P 133 66.59 39.42 13.25
CA THR P 133 66.58 40.49 12.25
C THR P 133 65.81 40.10 10.99
N TRP P 134 66.01 38.87 10.51
CA TRP P 134 65.29 38.37 9.34
C TRP P 134 63.77 38.48 9.51
N LEU P 135 63.29 38.03 10.67
CA LEU P 135 61.84 38.01 10.94
C LEU P 135 61.22 39.39 11.06
N GLN P 136 61.97 40.39 11.55
CA GLN P 136 61.50 41.78 11.57
C GLN P 136 61.32 42.36 10.17
N LEU P 137 62.16 41.95 9.23
CA LEU P 137 62.03 42.35 7.82
C LEU P 137 60.86 41.68 7.12
N GLN P 138 60.49 40.47 7.57
CA GLN P 138 59.30 39.77 7.05
C GLN P 138 57.96 40.34 7.55
N ILE P 139 57.98 41.16 8.61
CA ILE P 139 56.77 41.80 9.11
C ILE P 139 56.20 42.72 8.02
N PRO P 140 54.97 42.45 7.56
CA PRO P 140 54.40 43.24 6.46
C PRO P 140 53.95 44.63 6.91
N ARG P 141 53.50 45.42 5.95
CA ARG P 141 52.90 46.73 6.21
C ARG P 141 51.73 46.59 7.18
N ILE P 142 51.65 47.51 8.14
CA ILE P 142 50.64 47.43 9.20
C ILE P 142 49.29 47.85 8.61
N GLU P 143 48.32 46.94 8.64
CA GLU P 143 47.00 47.15 8.06
C GLU P 143 45.88 46.98 9.07
N ASP P 144 44.71 47.53 8.73
CA ASP P 144 43.51 47.53 9.57
C ASP P 144 43.07 46.11 9.98
N GLY P 145 42.35 46.00 11.09
CA GLY P 145 41.76 44.74 11.53
C GLY P 145 42.73 43.92 12.36
N ASN P 146 42.80 42.61 12.08
CA ASN P 146 43.69 41.70 12.78
C ASN P 146 44.08 40.47 11.94
N ASN P 147 44.90 40.71 10.91
CA ASN P 147 45.47 39.62 10.11
C ASN P 147 46.45 38.84 10.99
N PHE P 148 46.07 37.61 11.33
CA PHE P 148 46.80 36.84 12.36
C PHE P 148 48.10 36.19 11.84
N GLY P 149 48.33 36.25 10.53
CA GLY P 149 49.65 35.95 9.96
C GLY P 149 50.77 36.74 10.62
N VAL P 150 50.47 37.99 10.97
CA VAL P 150 51.39 38.83 11.76
C VAL P 150 51.45 38.31 13.21
N ALA P 151 50.30 37.97 13.78
CA ALA P 151 50.23 37.39 15.13
C ALA P 151 51.05 36.10 15.30
N VAL P 152 51.20 35.33 14.22
CA VAL P 152 52.11 34.17 14.21
C VAL P 152 53.56 34.65 14.31
N GLN P 153 53.92 35.66 13.51
CA GLN P 153 55.27 36.25 13.54
C GLN P 153 55.58 36.84 14.92
N GLU P 154 54.62 37.58 15.47
CA GLU P 154 54.78 38.21 16.80
C GLU P 154 54.88 37.19 17.93
N LYS P 155 54.25 36.03 17.77
CA LYS P 155 54.34 34.94 18.75
C LYS P 155 55.68 34.20 18.69
N VAL P 156 56.17 33.95 17.48
CA VAL P 156 57.51 33.35 17.26
C VAL P 156 58.61 34.34 17.65
N PHE P 157 58.37 35.64 17.43
CA PHE P 157 59.28 36.70 17.90
C PHE P 157 59.38 36.72 19.43
N GLU P 158 58.27 36.49 20.12
CA GLU P 158 58.22 36.46 21.58
C GLU P 158 59.18 35.43 22.19
N LEU P 159 59.32 34.29 21.51
CA LEU P 159 60.29 33.26 21.90
C LEU P 159 61.74 33.73 21.70
N MET P 160 62.01 34.33 20.54
CA MET P 160 63.36 34.80 20.18
C MET P 160 63.93 35.84 21.17
N THR P 161 63.05 36.69 21.70
CA THR P 161 63.42 37.65 22.74
C THR P 161 63.68 36.97 24.09
N ASN P 162 62.89 35.95 24.43
CA ASN P 162 63.08 35.18 25.67
C ASN P 162 64.38 34.37 25.67
N LEU P 163 64.77 33.85 24.50
CA LEU P 163 66.06 33.18 24.35
C LEU P 163 67.21 34.18 24.55
N HIS P 164 67.09 35.34 23.90
CA HIS P 164 68.09 36.42 24.02
C HIS P 164 68.35 36.85 25.48
N THR P 165 67.31 36.86 26.31
CA THR P 165 67.43 37.16 27.74
C THR P 165 68.42 36.24 28.45
N LYS P 166 68.36 34.95 28.14
CA LYS P 166 69.24 33.95 28.76
C LYS P 166 70.65 33.97 28.18
N LEU P 167 70.76 34.21 26.87
CA LEU P 167 72.06 34.24 26.19
C LEU P 167 72.82 35.57 26.35
N GLU P 168 72.10 36.66 26.63
CA GLU P 168 72.73 37.93 27.03
C GLU P 168 73.47 37.75 28.38
N GLY P 169 72.83 37.03 29.30
CA GLY P 169 73.41 36.78 30.63
C GLY P 169 74.64 35.88 30.69
N PHE P 170 74.78 34.97 29.71
CA PHE P 170 75.92 34.03 29.68
C PHE P 170 77.26 34.68 29.36
N HIS P 171 77.24 35.75 28.56
CA HIS P 171 78.49 36.33 28.04
C HIS P 171 79.40 36.88 29.15
N THR P 172 78.80 37.61 30.09
CA THR P 172 79.53 38.22 31.21
C THR P 172 79.84 37.27 32.38
N GLN P 173 79.26 36.06 32.38
CA GLN P 173 79.46 35.12 33.50
C GLN P 173 80.89 34.56 33.56
N ILE P 174 81.55 34.44 32.42
CA ILE P 174 82.94 33.96 32.37
C ILE P 174 83.87 34.97 33.03
N SER P 175 83.67 36.25 32.73
CA SER P 175 84.39 37.34 33.40
C SER P 175 84.02 37.46 34.89
N LYS P 176 82.77 37.19 35.23
CA LYS P 176 82.31 37.15 36.63
C LYS P 176 82.96 36.00 37.43
N TYR P 177 83.16 34.86 36.78
CA TYR P 177 83.77 33.69 37.44
C TYR P 177 85.19 33.96 37.93
N PHE P 178 86.03 34.47 37.03
CA PHE P 178 87.43 34.80 37.37
C PHE P 178 87.54 35.96 38.36
N SER P 179 86.64 36.93 38.27
CA SER P 179 86.61 38.06 39.19
C SER P 179 86.24 37.64 40.62
N GLU P 180 85.24 36.76 40.74
CA GLU P 180 84.84 36.20 42.05
C GLU P 180 85.88 35.24 42.61
N ARG P 181 86.49 34.43 41.74
CA ARG P 181 87.57 33.50 42.15
C ARG P 181 88.84 34.27 42.54
N GLY P 182 89.13 35.36 41.82
CA GLY P 182 90.25 36.24 42.15
C GLY P 182 90.11 36.91 43.52
N ASP P 183 88.90 37.36 43.82
CA ASP P 183 88.58 37.91 45.14
C ASP P 183 88.61 36.84 46.23
N ALA P 184 88.12 35.63 45.89
CA ALA P 184 88.10 34.51 46.83
C ALA P 184 89.50 33.99 47.17
N VAL P 185 90.37 33.87 46.17
CA VAL P 185 91.76 33.45 46.38
C VAL P 185 92.54 34.52 47.15
N ALA P 186 92.32 35.79 46.81
CA ALA P 186 92.97 36.92 47.49
C ALA P 186 92.55 37.03 48.96
N LYS P 187 91.26 36.84 49.24
CA LYS P 187 90.74 36.79 50.62
C LYS P 187 91.32 35.59 51.41
N ALA P 188 91.49 34.45 50.73
CA ALA P 188 92.10 33.27 51.34
C ALA P 188 93.58 33.49 51.65
N ALA P 189 94.30 34.18 50.76
CA ALA P 189 95.72 34.49 50.95
C ALA P 189 95.97 35.51 52.06
N LYS P 190 95.18 36.59 52.07
CA LYS P 190 95.27 37.61 53.13
C LYS P 190 94.96 37.06 54.52
N GLN P 191 93.95 36.19 54.60
CA GLN P 191 93.50 35.62 55.87
C GLN P 191 93.39 34.09 55.75
N PRO P 192 94.54 33.38 55.85
CA PRO P 192 94.57 31.91 55.72
C PRO P 192 93.90 31.16 56.89
N HIS P 193 93.94 31.76 58.08
CA HIS P 193 93.25 31.21 59.26
C HIS P 193 91.74 30.97 59.06
N VAL P 194 91.11 31.77 58.19
CA VAL P 194 89.70 31.56 57.82
C VAL P 194 89.62 30.39 56.83
N GLY P 195 89.12 29.26 57.29
CA GLY P 195 89.00 28.05 56.45
C GLY P 195 87.89 28.08 55.41
N ASP P 196 86.92 28.98 55.57
CA ASP P 196 85.80 29.10 54.64
C ASP P 196 86.22 29.61 53.26
N TYR P 197 87.12 30.59 53.22
CA TYR P 197 87.64 31.14 51.96
C TYR P 197 88.38 30.11 51.12
N ARG P 198 88.98 29.11 51.76
CA ARG P 198 89.61 27.99 51.06
C ARG P 198 88.55 27.13 50.38
N GLN P 199 87.52 26.77 51.14
CA GLN P 199 86.38 25.99 50.63
C GLN P 199 85.56 26.75 49.58
N LEU P 200 85.50 28.08 49.71
CA LEU P 200 84.82 28.96 48.73
C LEU P 200 85.41 28.82 47.33
N VAL P 201 86.74 28.93 47.22
CA VAL P 201 87.44 28.84 45.93
C VAL P 201 87.20 27.49 45.25
N HIS P 202 87.20 26.41 46.06
CA HIS P 202 86.86 25.07 45.56
C HIS P 202 85.40 25.01 45.11
N GLU P 203 84.51 25.59 45.91
CA GLU P 203 83.08 25.66 45.59
C GLU P 203 82.75 26.40 44.29
N LEU P 204 83.45 27.50 44.04
CA LEU P 204 83.27 28.25 42.78
C LEU P 204 83.66 27.41 41.56
N ASP P 205 84.73 26.62 41.69
CA ASP P 205 85.15 25.68 40.64
C ASP P 205 84.12 24.57 40.43
N GLU P 206 83.56 24.05 41.53
CA GLU P 206 82.51 23.04 41.45
C GLU P 206 81.18 23.62 40.92
N ALA P 207 80.91 24.88 41.26
CA ALA P 207 79.72 25.58 40.76
C ALA P 207 79.84 25.99 39.29
N GLU P 208 81.04 26.44 38.89
CA GLU P 208 81.30 26.86 37.50
C GLU P 208 81.22 25.70 36.51
N TYR P 209 81.68 24.53 36.95
CA TYR P 209 81.55 23.29 36.16
C TYR P 209 80.08 22.96 35.86
N GLN P 210 79.23 23.09 36.87
CA GLN P 210 77.78 22.91 36.70
C GLN P 210 77.17 23.99 35.81
N GLU P 211 77.64 25.23 35.96
CA GLU P 211 77.16 26.36 35.15
C GLU P 211 77.52 26.23 33.67
N ILE P 212 78.73 25.77 33.37
CA ILE P 212 79.15 25.48 31.98
C ILE P 212 78.30 24.36 31.37
N ARG P 213 78.01 23.33 32.16
CA ARG P 213 77.21 22.20 31.69
C ARG P 213 75.77 22.59 31.37
N LEU P 214 75.19 23.47 32.17
CA LEU P 214 73.85 24.02 31.88
C LEU P 214 73.87 24.94 30.67
N MET P 215 74.92 25.77 30.55
CA MET P 215 75.07 26.68 29.41
C MET P 215 75.16 25.94 28.07
N VAL P 216 75.83 24.78 28.04
CA VAL P 216 75.88 23.93 26.85
C VAL P 216 74.49 23.36 26.54
N MET P 217 73.76 22.95 27.58
CA MET P 217 72.38 22.47 27.43
C MET P 217 71.45 23.58 26.92
N GLU P 218 71.55 24.77 27.51
CA GLU P 218 70.73 25.92 27.10
C GLU P 218 71.03 26.36 25.66
N ILE P 219 72.31 26.31 25.28
CA ILE P 219 72.76 26.59 23.90
C ILE P 219 72.28 25.53 22.91
N ARG P 220 72.31 24.26 23.31
CA ARG P 220 71.75 23.17 22.50
C ARG P 220 70.25 23.36 22.29
N ASN P 221 69.53 23.55 23.40
CA ASN P 221 68.07 23.66 23.37
C ASN P 221 67.57 24.93 22.67
N ALA P 222 68.36 26.01 22.74
CA ALA P 222 68.06 27.25 21.99
C ALA P 222 68.02 27.00 20.48
N TYR P 223 69.00 26.25 19.97
CA TYR P 223 69.00 25.83 18.56
C TYR P 223 67.84 24.88 18.25
N ALA P 224 67.62 23.91 19.12
CA ALA P 224 66.59 22.89 18.93
C ALA P 224 65.17 23.46 18.90
N VAL P 225 64.91 24.44 19.78
CA VAL P 225 63.61 25.09 19.85
C VAL P 225 63.40 26.06 18.68
N LEU P 226 64.43 26.85 18.34
CA LEU P 226 64.38 27.76 17.18
C LEU P 226 64.12 27.07 15.84
N TYR P 227 64.80 25.95 15.62
CA TYR P 227 64.60 25.14 14.43
C TYR P 227 63.15 24.65 14.36
N ASP P 228 62.67 24.07 15.46
CA ASP P 228 61.36 23.44 15.50
C ASP P 228 60.21 24.43 15.34
N ILE P 229 60.28 25.56 16.04
CA ILE P 229 59.24 26.61 15.95
C ILE P 229 59.18 27.25 14.55
N ILE P 230 60.34 27.49 13.94
CA ILE P 230 60.41 28.14 12.62
C ILE P 230 60.01 27.17 11.51
N LEU P 231 60.46 25.92 11.60
CA LEU P 231 60.19 24.90 10.56
C LEU P 231 58.68 24.60 10.45
N LYS P 232 58.00 24.53 11.58
CA LYS P 232 56.55 24.34 11.62
C LYS P 232 55.80 25.54 11.03
N ASN P 233 56.14 26.73 11.52
CA ASN P 233 55.42 27.97 11.16
C ASN P 233 55.99 28.71 9.93
N PHE P 234 56.94 28.11 9.21
CA PHE P 234 57.67 28.79 8.12
C PHE P 234 56.75 29.43 7.06
N GLU P 235 55.62 28.81 6.79
CA GLU P 235 54.63 29.34 5.83
C GLU P 235 54.15 30.73 6.25
N LYS P 236 53.65 30.84 7.48
CA LYS P 236 53.13 32.11 8.00
C LYS P 236 54.22 33.15 8.35
N LEU P 237 55.45 32.71 8.58
CA LEU P 237 56.54 33.63 8.90
C LEU P 237 57.00 34.43 7.67
N LYS P 238 57.26 33.73 6.56
CA LYS P 238 57.76 34.37 5.34
C LYS P 238 56.65 35.07 4.57
N LYS P 239 55.57 34.35 4.32
CA LYS P 239 54.38 34.88 3.63
C LYS P 239 53.16 34.83 4.56
N PRO P 240 52.98 35.88 5.40
CA PRO P 240 51.88 35.87 6.37
C PRO P 240 50.48 36.00 5.75
N ARG P 241 50.37 36.80 4.69
CA ARG P 241 49.06 37.09 4.05
C ARG P 241 48.82 36.31 2.74
N GLY P 242 49.66 35.31 2.45
CA GLY P 242 49.48 34.44 1.29
C GLY P 242 50.02 34.96 -0.06
N GLU P 243 50.82 36.02 -0.01
CA GLU P 243 51.41 36.67 -1.19
C GLU P 243 50.35 37.18 -2.19
N THR P 244 50.03 36.39 -3.24
CA THR P 244 49.10 36.77 -4.33
C THR P 244 48.82 38.26 -4.50
N VAL Q 6 65.53 21.98 3.20
CA VAL Q 6 66.12 21.05 4.21
C VAL Q 6 66.63 19.77 3.53
N HIS Q 7 67.92 19.47 3.71
CA HIS Q 7 68.53 18.24 3.19
C HIS Q 7 68.16 17.06 4.11
N PRO Q 8 67.96 15.85 3.55
CA PRO Q 8 67.64 14.65 4.35
C PRO Q 8 68.48 14.39 5.62
N GLU Q 9 69.79 14.62 5.53
CA GLU Q 9 70.69 14.46 6.68
C GLU Q 9 70.41 15.45 7.83
N ALA Q 10 69.94 16.65 7.49
CA ALA Q 10 69.53 17.64 8.48
C ALA Q 10 68.35 17.15 9.31
N GLN Q 11 67.32 16.66 8.62
CA GLN Q 11 66.14 16.07 9.27
C GLN Q 11 66.52 14.81 10.07
N ALA Q 12 67.43 14.00 9.52
CA ALA Q 12 67.93 12.80 10.19
C ALA Q 12 68.73 13.10 11.47
N LYS Q 13 69.55 14.16 11.44
CA LYS Q 13 70.32 14.59 12.61
C LYS Q 13 69.44 15.21 13.71
N VAL Q 14 68.44 16.00 13.31
CA VAL Q 14 67.53 16.65 14.26
C VAL Q 14 66.53 15.67 14.89
N ASP Q 15 65.97 14.78 14.08
CA ASP Q 15 64.96 13.83 14.57
C ASP Q 15 65.54 12.75 15.49
N VAL Q 16 66.80 12.35 15.27
CA VAL Q 16 67.48 11.40 16.19
C VAL Q 16 67.60 11.99 17.59
N PHE Q 17 67.89 13.28 17.69
CA PHE Q 17 67.85 14.01 18.97
C PHE Q 17 66.45 14.00 19.57
N ARG Q 18 65.44 14.27 18.73
CA ARG Q 18 64.04 14.31 19.17
C ARG Q 18 63.50 12.93 19.60
N GLU Q 19 63.91 11.87 18.91
CA GLU Q 19 63.55 10.50 19.27
C GLU Q 19 64.21 10.08 20.60
N ASP Q 20 65.48 10.43 20.77
CA ASP Q 20 66.19 10.21 22.04
C ASP Q 20 65.67 11.08 23.19
N LEU Q 21 65.20 12.28 22.88
CA LEU Q 21 64.60 13.17 23.89
C LEU Q 21 63.25 12.64 24.36
N CYS Q 22 62.44 12.11 23.43
CA CYS Q 22 61.18 11.43 23.77
C CYS Q 22 61.42 10.11 24.49
N SER Q 23 62.45 9.37 24.05
CA SER Q 23 62.85 8.12 24.70
C SER Q 23 63.44 8.35 26.10
N LYS Q 24 64.17 9.45 26.26
CA LYS Q 24 64.66 9.88 27.58
C LYS Q 24 63.50 10.25 28.48
N THR Q 25 62.65 11.17 28.01
CA THR Q 25 61.51 11.68 28.79
C THR Q 25 60.56 10.59 29.31
N GLU Q 26 60.23 9.63 28.45
CA GLU Q 26 59.31 8.53 28.85
C GLU Q 26 59.94 7.60 29.89
N ASN Q 27 61.19 7.19 29.64
CA ASN Q 27 61.96 6.38 30.61
C ASN Q 27 62.24 7.16 31.89
N LEU Q 28 62.52 8.45 31.75
CA LEU Q 28 62.69 9.38 32.87
C LEU Q 28 61.40 9.51 33.69
N LEU Q 29 60.26 9.64 33.01
CA LEU Q 29 58.97 9.83 33.70
C LEU Q 29 58.54 8.57 34.45
N GLY Q 30 58.73 7.41 33.84
CA GLY Q 30 58.29 6.13 34.40
C GLY Q 30 59.06 5.66 35.62
N SER Q 31 60.39 5.60 35.50
CA SER Q 31 61.26 5.00 36.54
C SER Q 31 61.98 6.02 37.44
N TYR Q 32 62.47 7.12 36.85
CA TYR Q 32 63.39 8.04 37.55
C TYR Q 32 62.72 8.88 38.64
N PHE Q 33 61.57 9.47 38.34
CA PHE Q 33 60.90 10.39 39.27
C PHE Q 33 60.35 9.69 40.53
N PRO Q 34 59.65 8.55 40.37
CA PRO Q 34 59.32 7.70 41.53
C PRO Q 34 60.51 7.30 42.41
N LYS Q 35 61.65 7.01 41.78
CA LYS Q 35 62.88 6.67 42.49
C LYS Q 35 63.37 7.84 43.36
N LYS Q 36 63.51 9.02 42.74
CA LYS Q 36 64.00 10.21 43.46
C LYS Q 36 63.09 10.66 44.60
N ILE Q 37 61.77 10.52 44.44
CA ILE Q 37 60.82 10.86 45.50
C ILE Q 37 61.03 9.96 46.72
N SER Q 38 61.14 8.65 46.49
CA SER Q 38 61.39 7.67 47.56
C SER Q 38 62.81 7.81 48.16
N GLU Q 39 63.79 8.11 47.31
CA GLU Q 39 65.17 8.38 47.77
C GLU Q 39 65.24 9.62 48.67
N LEU Q 40 64.57 10.70 48.26
CA LEU Q 40 64.54 11.95 49.03
C LEU Q 40 63.66 11.86 50.27
N ASP Q 41 62.57 11.10 50.20
CA ASP Q 41 61.71 10.84 51.38
C ASP Q 41 62.50 10.05 52.43
N ALA Q 42 63.31 9.09 51.99
CA ALA Q 42 64.24 8.36 52.87
C ALA Q 42 65.30 9.29 53.46
N PHE Q 43 65.85 10.17 52.63
CA PHE Q 43 66.86 11.16 53.06
C PHE Q 43 66.31 12.13 54.12
N LEU Q 44 65.05 12.52 53.98
CA LEU Q 44 64.37 13.39 54.97
C LEU Q 44 64.13 12.69 56.32
N LYS Q 45 63.98 11.37 56.31
CA LYS Q 45 63.76 10.59 57.55
C LYS Q 45 65.05 10.22 58.31
N GLU Q 46 66.23 10.41 57.71
CA GLU Q 46 67.50 10.05 58.35
C GLU Q 46 67.82 10.93 59.56
N PRO Q 47 68.70 10.46 60.46
CA PRO Q 47 69.09 11.30 61.60
C PRO Q 47 70.03 12.47 61.27
N ALA Q 48 70.57 12.51 60.04
CA ALA Q 48 71.40 13.63 59.59
C ALA Q 48 70.60 14.93 59.45
N LEU Q 49 69.43 14.85 58.83
CA LEU Q 49 68.52 16.00 58.64
C LEU Q 49 67.43 16.13 59.71
N ASN Q 50 67.48 15.32 60.77
CA ASN Q 50 66.55 15.41 61.90
C ASN Q 50 67.34 15.54 63.21
N GLU Q 51 68.05 16.66 63.33
CA GLU Q 51 68.79 16.98 64.55
C GLU Q 51 67.80 17.44 65.63
N ALA Q 52 67.75 16.69 66.74
CA ALA Q 52 66.83 17.00 67.85
C ALA Q 52 67.19 18.29 68.57
N ASN Q 53 68.50 18.56 68.70
CA ASN Q 53 69.00 19.77 69.34
C ASN Q 53 69.84 20.57 68.32
N LEU Q 54 69.62 21.89 68.28
CA LEU Q 54 70.33 22.79 67.36
C LEU Q 54 71.82 22.97 67.71
N SER Q 55 72.13 22.87 69.00
CA SER Q 55 73.52 22.97 69.48
C SER Q 55 74.42 21.80 69.07
N ASN Q 56 73.83 20.68 68.64
CA ASN Q 56 74.60 19.54 68.11
C ASN Q 56 75.39 19.90 66.84
N LEU Q 57 74.86 20.83 66.04
CA LEU Q 57 75.57 21.37 64.87
C LEU Q 57 76.75 22.27 65.24
N LYS Q 58 76.53 23.13 66.24
CA LYS Q 58 77.49 24.18 66.68
C LYS Q 58 78.98 23.75 66.61
N ALA Q 59 79.68 24.28 65.61
CA ALA Q 59 81.09 23.91 65.36
C ALA Q 59 82.04 24.59 66.33
N PRO Q 60 83.30 24.10 66.45
CA PRO Q 60 84.27 24.78 67.32
C PRO Q 60 84.84 26.05 66.65
N LEU Q 61 84.71 27.18 67.34
CA LEU Q 61 85.19 28.48 66.86
C LEU Q 61 86.28 28.99 67.82
N ASP Q 62 87.53 28.63 67.53
CA ASP Q 62 88.69 28.97 68.38
C ASP Q 62 89.27 30.34 68.01
N ILE Q 63 89.04 31.32 68.88
CA ILE Q 63 89.53 32.71 68.71
C ILE Q 63 89.97 33.22 70.10
N PRO Q 64 91.06 34.04 70.16
CA PRO Q 64 91.50 34.59 71.45
C PRO Q 64 90.51 35.58 72.09
N VAL Q 65 90.60 35.74 73.41
CA VAL Q 65 89.66 36.59 74.16
C VAL Q 65 90.24 36.96 75.53
N CYS Q 101 95.74 34.45 64.97
CA CYS Q 101 94.59 33.59 65.22
C CYS Q 101 94.78 32.21 64.57
N GLY Q 102 94.33 31.17 65.26
CA GLY Q 102 94.45 29.79 64.77
C GLY Q 102 93.45 29.46 63.67
N PRO Q 103 93.59 28.27 63.05
CA PRO Q 103 92.77 27.88 61.90
C PRO Q 103 91.30 27.59 62.26
N VAL Q 104 90.38 28.34 61.65
CA VAL Q 104 88.94 28.15 61.85
C VAL Q 104 88.37 27.34 60.68
N ASN Q 105 88.09 26.07 60.94
CA ASN Q 105 87.56 25.17 59.91
C ASN Q 105 86.06 25.42 59.67
N CYS Q 106 85.55 24.82 58.60
CA CYS Q 106 84.12 24.88 58.29
C CYS Q 106 83.33 23.96 59.22
N ASN Q 107 82.00 24.13 59.21
CA ASN Q 107 81.11 23.27 60.00
C ASN Q 107 81.06 21.87 59.37
N GLU Q 108 81.81 20.95 59.96
CA GLU Q 108 81.84 19.52 59.56
C GLU Q 108 80.47 18.97 59.18
N LYS Q 109 79.50 19.15 60.09
CA LYS Q 109 78.16 18.57 59.93
C LYS Q 109 77.31 19.16 58.81
N ILE Q 110 77.63 20.39 58.38
CA ILE Q 110 76.96 21.03 57.24
C ILE Q 110 77.62 20.64 55.91
N VAL Q 111 78.95 20.63 55.87
CA VAL Q 111 79.71 20.33 54.64
C VAL Q 111 79.39 18.91 54.12
N VAL Q 112 79.19 17.95 55.02
CA VAL Q 112 78.83 16.58 54.65
C VAL Q 112 77.41 16.47 54.07
N LEU Q 113 76.49 17.31 54.57
CA LEU Q 113 75.14 17.42 53.99
C LEU Q 113 75.16 18.11 52.61
N LEU Q 114 75.99 19.14 52.47
CA LEU Q 114 76.17 19.83 51.18
C LEU Q 114 76.76 18.93 50.10
N GLN Q 115 77.64 18.00 50.49
CA GLN Q 115 78.18 16.99 49.56
C GLN Q 115 77.09 16.04 49.02
N ARG Q 116 76.09 15.75 49.85
CA ARG Q 116 74.91 14.99 49.42
C ARG Q 116 73.90 15.82 48.64
N LEU Q 117 73.79 17.11 48.98
CA LEU Q 117 72.83 18.03 48.33
C LEU Q 117 73.21 18.42 46.89
N LYS Q 118 74.49 18.67 46.64
CA LYS Q 118 74.96 19.16 45.33
C LYS Q 118 74.68 18.25 44.10
N PRO Q 119 74.85 16.92 44.24
CA PRO Q 119 74.42 16.04 43.13
C PRO Q 119 72.91 16.02 42.88
N GLU Q 120 72.10 16.28 43.91
CA GLU Q 120 70.64 16.35 43.78
C GLU Q 120 70.18 17.62 43.03
N ILE Q 121 70.88 18.73 43.24
CA ILE Q 121 70.60 19.99 42.53
C ILE Q 121 71.00 19.87 41.06
N LYS Q 122 72.12 19.20 40.79
CA LYS Q 122 72.54 18.84 39.43
C LYS Q 122 71.46 18.01 38.71
N ASP Q 123 70.89 17.03 39.40
CA ASP Q 123 69.91 16.12 38.81
C ASP Q 123 68.61 16.82 38.40
N VAL Q 124 67.96 17.53 39.33
CA VAL Q 124 66.73 18.28 38.99
C VAL Q 124 66.90 19.29 37.87
N THR Q 125 67.94 20.12 37.95
CA THR Q 125 68.13 21.22 37.01
C THR Q 125 68.40 20.73 35.58
N GLU Q 126 69.05 19.57 35.45
CA GLU Q 126 69.23 18.92 34.14
C GLU Q 126 67.92 18.31 33.63
N GLN Q 127 67.27 17.50 34.48
CA GLN Q 127 66.08 16.73 34.08
C GLN Q 127 64.83 17.60 33.91
N LEU Q 128 64.72 18.68 34.68
CA LEU Q 128 63.68 19.69 34.48
C LEU Q 128 63.88 20.38 33.13
N ASN Q 129 65.10 20.88 32.91
CA ASN Q 129 65.49 21.52 31.65
C ASN Q 129 65.31 20.59 30.43
N LEU Q 130 65.57 19.30 30.63
CA LEU Q 130 65.29 18.27 29.62
C LEU Q 130 63.79 18.17 29.32
N VAL Q 131 62.98 18.02 30.37
CA VAL Q 131 61.52 17.91 30.25
C VAL Q 131 60.88 19.19 29.68
N THR Q 132 61.41 20.34 30.07
CA THR Q 132 60.96 21.64 29.54
C THR Q 132 61.15 21.72 28.02
N THR Q 133 62.32 21.31 27.55
CA THR Q 133 62.64 21.30 26.12
C THR Q 133 61.75 20.35 25.33
N TRP Q 134 61.51 19.16 25.87
CA TRP Q 134 60.61 18.18 25.26
C TRP Q 134 59.23 18.78 24.99
N LEU Q 135 58.65 19.40 26.03
CA LEU Q 135 57.33 20.00 25.93
C LEU Q 135 57.27 21.20 24.97
N GLN Q 136 58.38 21.94 24.84
CA GLN Q 136 58.48 23.01 23.83
C GLN Q 136 58.41 22.46 22.41
N LEU Q 137 59.02 21.31 22.18
CA LEU Q 137 58.98 20.65 20.86
C LEU Q 137 57.63 20.00 20.56
N GLN Q 138 56.86 19.64 21.59
CA GLN Q 138 55.47 19.14 21.41
C GLN Q 138 54.47 20.22 20.98
N ILE Q 139 54.82 21.50 21.17
CA ILE Q 139 53.95 22.61 20.76
C ILE Q 139 53.75 22.56 19.24
N PRO Q 140 52.49 22.42 18.79
CA PRO Q 140 52.24 22.25 17.36
C PRO Q 140 52.33 23.57 16.59
N ARG Q 141 52.02 23.51 15.30
CA ARG Q 141 51.96 24.72 14.45
C ARG Q 141 50.92 25.70 15.00
N ILE Q 142 51.22 27.00 14.91
CA ILE Q 142 50.32 28.04 15.40
C ILE Q 142 49.14 28.20 14.43
N GLU Q 143 47.98 27.71 14.85
CA GLU Q 143 46.75 27.74 14.07
C GLU Q 143 45.72 28.61 14.77
N ASP Q 144 44.70 29.01 14.01
CA ASP Q 144 43.58 29.79 14.55
C ASP Q 144 42.63 28.89 15.36
N GLY Q 145 42.28 27.74 14.79
CA GLY Q 145 41.35 26.79 15.40
C GLY Q 145 42.02 25.58 16.03
N ASN Q 146 41.35 25.03 17.05
CA ASN Q 146 41.73 23.78 17.75
C ASN Q 146 43.00 23.99 18.58
N ASN Q 147 42.86 24.82 19.61
CA ASN Q 147 43.99 25.26 20.43
C ASN Q 147 43.77 25.10 21.93
N PHE Q 148 42.84 24.25 22.36
CA PHE Q 148 42.69 23.95 23.79
C PHE Q 148 43.84 23.08 24.27
N GLY Q 149 44.20 22.07 23.49
CA GLY Q 149 45.39 21.26 23.74
C GLY Q 149 46.67 22.08 23.88
N VAL Q 150 46.76 23.17 23.12
CA VAL Q 150 47.87 24.12 23.22
C VAL Q 150 47.81 24.89 24.54
N ALA Q 151 46.60 25.29 24.94
CA ALA Q 151 46.39 25.96 26.23
C ALA Q 151 46.73 25.08 27.45
N VAL Q 152 46.57 23.75 27.31
CA VAL Q 152 46.98 22.80 28.35
C VAL Q 152 48.49 22.76 28.47
N GLN Q 153 49.18 22.65 27.33
CA GLN Q 153 50.64 22.66 27.27
C GLN Q 153 51.24 23.92 27.89
N GLU Q 154 50.65 25.07 27.58
CA GLU Q 154 51.11 26.36 28.12
C GLU Q 154 50.85 26.54 29.63
N LYS Q 155 49.86 25.84 30.17
CA LYS Q 155 49.60 25.83 31.62
C LYS Q 155 50.61 24.95 32.38
N VAL Q 156 51.02 23.83 31.79
CA VAL Q 156 52.07 22.98 32.38
C VAL Q 156 53.44 23.64 32.21
N PHE Q 157 53.64 24.29 31.06
CA PHE Q 157 54.86 25.07 30.77
C PHE Q 157 55.01 26.30 31.68
N GLU Q 158 53.88 26.84 32.15
CA GLU Q 158 53.86 27.90 33.19
C GLU Q 158 54.43 27.41 34.52
N LEU Q 159 54.05 26.19 34.92
CA LEU Q 159 54.56 25.57 36.15
C LEU Q 159 56.07 25.29 36.09
N MET Q 160 56.52 24.74 34.96
CA MET Q 160 57.95 24.44 34.74
C MET Q 160 58.82 25.69 34.78
N THR Q 161 58.29 26.80 34.28
CA THR Q 161 58.93 28.12 34.40
C THR Q 161 59.06 28.54 35.87
N ASN Q 162 57.98 28.36 36.64
CA ASN Q 162 57.94 28.71 38.06
C ASN Q 162 58.84 27.83 38.93
N LEU Q 163 58.93 26.55 38.60
CA LEU Q 163 59.90 25.65 39.24
C LEU Q 163 61.32 26.04 38.88
N HIS Q 164 61.57 26.33 37.60
CA HIS Q 164 62.89 26.79 37.15
C HIS Q 164 63.35 28.08 37.84
N THR Q 165 62.40 28.95 38.21
CA THR Q 165 62.69 30.18 38.96
C THR Q 165 63.19 29.91 40.39
N LYS Q 166 62.52 29.00 41.11
CA LYS Q 166 62.87 28.70 42.50
C LYS Q 166 64.17 27.89 42.63
N LEU Q 167 64.43 26.98 41.68
CA LEU Q 167 65.65 26.17 41.67
C LEU Q 167 66.88 26.90 41.08
N GLU Q 168 66.67 28.08 40.51
CA GLU Q 168 67.79 28.93 40.05
C GLU Q 168 68.65 29.40 41.23
N GLY Q 169 67.98 29.81 42.31
CA GLY Q 169 68.66 30.31 43.51
C GLY Q 169 69.33 29.28 44.40
N PHE Q 170 69.11 27.98 44.14
CA PHE Q 170 69.63 26.90 44.99
C PHE Q 170 71.15 26.72 44.91
N HIS Q 171 71.71 26.75 43.69
CA HIS Q 171 73.13 26.45 43.50
C HIS Q 171 74.07 27.61 43.85
N THR Q 172 73.60 28.85 43.69
CA THR Q 172 74.34 30.04 44.13
C THR Q 172 74.29 30.27 45.65
N GLN Q 173 73.32 29.65 46.32
CA GLN Q 173 73.17 29.74 47.79
C GLN Q 173 74.31 29.07 48.56
N ILE Q 174 74.92 28.03 47.98
CA ILE Q 174 76.00 27.29 48.64
C ILE Q 174 77.28 28.13 48.68
N SER Q 175 77.60 28.80 47.58
CA SER Q 175 78.71 29.77 47.53
C SER Q 175 78.44 30.99 48.42
N LYS Q 176 77.17 31.40 48.48
CA LYS Q 176 76.72 32.50 49.34
C LYS Q 176 76.88 32.17 50.84
N TYR Q 177 76.72 30.90 51.20
CA TYR Q 177 76.92 30.45 52.59
C TYR Q 177 78.38 30.55 53.05
N PHE Q 178 79.29 29.96 52.27
CA PHE Q 178 80.72 30.00 52.58
C PHE Q 178 81.30 31.41 52.51
N SER Q 179 80.78 32.24 51.60
CA SER Q 179 81.17 33.64 51.49
C SER Q 179 80.78 34.43 52.74
N GLU Q 180 79.51 34.33 53.12
CA GLU Q 180 78.99 35.04 54.29
C GLU Q 180 79.50 34.49 55.64
N ARG Q 181 79.81 33.20 55.69
CA ARG Q 181 80.44 32.60 56.88
C ARG Q 181 81.92 33.00 56.99
N GLY Q 182 82.62 33.03 55.85
CA GLY Q 182 84.02 33.49 55.79
C GLY Q 182 84.19 34.95 56.21
N ASP Q 183 83.24 35.79 55.81
CA ASP Q 183 83.21 37.20 56.24
C ASP Q 183 82.89 37.33 57.74
N ALA Q 184 81.99 36.47 58.22
CA ALA Q 184 81.62 36.44 59.64
C ALA Q 184 82.74 35.92 60.54
N VAL Q 185 83.43 34.87 60.08
CA VAL Q 185 84.61 34.33 60.78
C VAL Q 185 85.76 35.35 60.80
N ALA Q 186 85.96 36.03 59.67
CA ALA Q 186 87.00 37.07 59.56
C ALA Q 186 86.74 38.25 60.48
N LYS Q 187 85.50 38.75 60.47
CA LYS Q 187 85.07 39.85 61.35
C LYS Q 187 85.18 39.49 62.85
N ALA Q 188 84.88 38.23 63.18
CA ALA Q 188 85.00 37.73 64.56
C ALA Q 188 86.45 37.68 65.04
N ALA Q 189 87.36 37.29 64.15
CA ALA Q 189 88.79 37.26 64.46
C ALA Q 189 89.42 38.66 64.51
N LYS Q 190 88.97 39.55 63.61
CA LYS Q 190 89.51 40.91 63.49
C LYS Q 190 89.11 41.78 64.69
N GLN Q 191 87.84 41.65 65.10
CA GLN Q 191 87.35 42.20 66.37
C GLN Q 191 86.90 41.04 67.28
N PRO Q 192 87.79 40.54 68.16
CA PRO Q 192 87.41 39.46 69.09
C PRO Q 192 86.36 39.88 70.13
N HIS Q 193 86.57 41.06 70.72
CA HIS Q 193 85.65 41.65 71.72
C HIS Q 193 84.16 41.61 71.36
N VAL Q 194 83.83 41.80 70.08
CA VAL Q 194 82.44 41.81 69.62
C VAL Q 194 81.88 40.37 69.60
N GLY Q 195 81.05 40.05 70.59
CA GLY Q 195 80.44 38.74 70.71
C GLY Q 195 79.34 38.42 69.71
N ASP Q 196 78.81 39.44 69.04
CA ASP Q 196 77.79 39.26 68.01
C ASP Q 196 78.30 38.48 66.79
N TYR Q 197 79.55 38.74 66.40
CA TYR Q 197 80.18 38.03 65.28
C TYR Q 197 80.41 36.54 65.57
N ARG Q 198 80.60 36.20 66.84
CA ARG Q 198 80.72 34.79 67.26
C ARG Q 198 79.37 34.07 67.11
N GLN Q 199 78.31 34.73 67.58
CA GLN Q 199 76.95 34.20 67.44
C GLN Q 199 76.47 34.20 65.98
N LEU Q 200 76.89 35.21 65.21
CA LEU Q 200 76.58 35.31 63.77
C LEU Q 200 76.96 34.03 63.02
N VAL Q 201 78.18 33.55 63.24
CA VAL Q 201 78.70 32.35 62.59
C VAL Q 201 77.89 31.09 62.97
N HIS Q 202 77.50 31.00 64.25
CA HIS Q 202 76.66 29.90 64.72
C HIS Q 202 75.23 29.99 64.17
N GLU Q 203 74.73 31.21 63.98
CA GLU Q 203 73.40 31.44 63.39
C GLU Q 203 73.33 31.13 61.89
N LEU Q 204 74.42 31.40 61.16
CA LEU Q 204 74.51 31.03 59.74
C LEU Q 204 74.51 29.51 59.57
N ASP Q 205 75.18 28.82 60.49
CA ASP Q 205 75.19 27.35 60.53
C ASP Q 205 73.80 26.77 60.80
N GLU Q 206 73.08 27.36 61.74
CA GLU Q 206 71.69 26.97 62.03
C GLU Q 206 70.74 27.32 60.88
N ALA Q 207 70.96 28.48 60.25
CA ALA Q 207 70.18 28.91 59.08
C ALA Q 207 70.44 28.02 57.86
N GLU Q 208 71.69 27.64 57.65
CA GLU Q 208 72.09 26.80 56.51
C GLU Q 208 71.54 25.37 56.63
N TYR Q 209 71.58 24.82 57.84
CA TYR Q 209 71.01 23.49 58.13
C TYR Q 209 69.53 23.43 57.81
N GLN Q 210 68.80 24.48 58.20
CA GLN Q 210 67.38 24.63 57.87
C GLN Q 210 67.15 24.78 56.37
N GLU Q 211 67.98 25.57 55.72
CA GLU Q 211 67.87 25.83 54.27
C GLU Q 211 68.15 24.58 53.44
N ILE Q 212 69.14 23.78 53.86
CA ILE Q 212 69.44 22.50 53.21
C ILE Q 212 68.25 21.55 53.31
N ARG Q 213 67.57 21.53 54.47
CA ARG Q 213 66.39 20.70 54.68
C ARG Q 213 65.21 21.13 53.79
N LEU Q 214 65.02 22.44 53.63
CA LEU Q 214 63.99 22.97 52.74
C LEU Q 214 64.31 22.71 51.26
N MET Q 215 65.57 22.87 50.87
CA MET Q 215 66.01 22.56 49.50
C MET Q 215 65.82 21.08 49.12
N VAL Q 216 66.00 20.19 50.09
CA VAL Q 216 65.68 18.76 49.90
C VAL Q 216 64.17 18.56 49.74
N MET Q 217 63.37 19.24 50.56
CA MET Q 217 61.91 19.20 50.46
C MET Q 217 61.40 19.79 49.14
N GLU Q 218 61.94 20.95 48.77
CA GLU Q 218 61.58 21.63 47.50
C GLU Q 218 61.90 20.77 46.27
N ILE Q 219 63.06 20.11 46.29
CA ILE Q 219 63.49 19.22 45.21
C ILE Q 219 62.61 17.96 45.12
N ARG Q 220 62.25 17.39 46.27
CA ARG Q 220 61.33 16.24 46.34
C ARG Q 220 59.96 16.60 45.74
N ASN Q 221 59.44 17.76 46.16
CA ASN Q 221 58.12 18.22 45.71
C ASN Q 221 58.12 18.61 44.23
N ALA Q 222 59.24 19.18 43.76
CA ALA Q 222 59.42 19.51 42.35
C ALA Q 222 59.28 18.27 41.46
N TYR Q 223 59.90 17.17 41.87
CA TYR Q 223 59.74 15.88 41.19
C TYR Q 223 58.29 15.37 41.29
N ALA Q 224 57.73 15.43 42.50
CA ALA Q 224 56.38 14.93 42.77
C ALA Q 224 55.29 15.68 42.01
N VAL Q 225 55.42 16.99 41.91
CA VAL Q 225 54.47 17.84 41.18
C VAL Q 225 54.62 17.66 39.66
N LEU Q 226 55.87 17.61 39.17
CA LEU Q 226 56.13 17.35 37.75
C LEU Q 226 55.60 16.01 37.26
N TYR Q 227 55.82 14.97 38.07
CA TYR Q 227 55.29 13.64 37.78
C TYR Q 227 53.77 13.65 37.70
N ASP Q 228 53.14 14.31 38.66
CA ASP Q 228 51.68 14.34 38.78
C ASP Q 228 51.01 15.07 37.61
N ILE Q 229 51.44 16.30 37.37
CA ILE Q 229 50.84 17.15 36.33
C ILE Q 229 51.05 16.60 34.91
N ILE Q 230 52.23 16.04 34.63
CA ILE Q 230 52.53 15.49 33.30
C ILE Q 230 51.75 14.19 33.06
N LEU Q 231 51.63 13.35 34.09
CA LEU Q 231 50.93 12.06 33.97
C LEU Q 231 49.44 12.24 33.70
N LYS Q 232 48.81 13.17 34.40
CA LYS Q 232 47.38 13.48 34.21
C LYS Q 232 47.11 14.04 32.81
N ASN Q 233 47.91 15.02 32.41
CA ASN Q 233 47.71 15.74 31.14
C ASN Q 233 48.47 15.16 29.95
N PHE Q 234 49.11 13.99 30.11
CA PHE Q 234 49.99 13.41 29.07
C PHE Q 234 49.38 13.30 27.67
N GLU Q 235 48.08 13.00 27.62
CA GLU Q 235 47.38 12.81 26.34
C GLU Q 235 47.30 14.11 25.53
N LYS Q 236 46.99 15.23 26.21
CA LYS Q 236 46.97 16.54 25.56
C LYS Q 236 48.37 17.13 25.32
N LEU Q 237 49.33 16.78 26.17
CA LEU Q 237 50.71 17.26 26.02
C LEU Q 237 51.40 16.66 24.78
N LYS Q 238 51.27 15.34 24.63
CA LYS Q 238 51.88 14.62 23.50
C LYS Q 238 51.16 14.92 22.19
N LYS Q 239 49.83 14.87 22.22
CA LYS Q 239 48.98 15.13 21.05
C LYS Q 239 47.85 16.11 21.41
N PRO Q 240 48.10 17.43 21.24
CA PRO Q 240 47.07 18.43 21.58
C PRO Q 240 45.90 18.46 20.60
N ARG Q 241 46.18 18.28 19.31
CA ARG Q 241 45.15 18.33 18.28
C ARG Q 241 44.32 17.04 18.22
N GLY Q 242 44.97 15.89 18.42
CA GLY Q 242 44.30 14.59 18.51
C GLY Q 242 44.85 13.58 17.52
N GLU Q 243 44.01 12.60 17.16
CA GLU Q 243 44.38 11.57 16.19
C GLU Q 243 44.49 12.15 14.78
N PRO R 8 53.47 0.81 36.75
CA PRO R 8 53.03 -0.42 37.42
C PRO R 8 53.52 -0.52 38.87
N GLU R 9 54.84 -0.72 39.06
CA GLU R 9 55.45 -0.72 40.40
C GLU R 9 55.92 0.69 40.79
N ALA R 10 56.41 1.45 39.80
CA ALA R 10 56.82 2.83 40.01
C ALA R 10 55.64 3.78 40.28
N GLN R 11 54.46 3.42 39.77
CA GLN R 11 53.21 4.11 40.13
C GLN R 11 52.89 3.88 41.61
N ALA R 12 53.07 2.65 42.08
CA ALA R 12 52.84 2.30 43.49
C ALA R 12 53.79 3.03 44.45
N LYS R 13 55.04 3.26 44.03
CA LYS R 13 56.01 4.08 44.79
C LYS R 13 55.48 5.49 45.05
N VAL R 14 54.91 6.10 44.01
CA VAL R 14 54.34 7.46 44.09
C VAL R 14 53.03 7.46 44.90
N ASP R 15 52.27 6.37 44.80
CA ASP R 15 51.04 6.21 45.59
C ASP R 15 51.30 6.10 47.10
N VAL R 16 52.46 5.60 47.50
CA VAL R 16 52.88 5.60 48.92
C VAL R 16 53.13 7.03 49.41
N PHE R 17 53.78 7.84 48.58
CA PHE R 17 53.99 9.27 48.88
C PHE R 17 52.66 10.03 48.91
N ARG R 18 51.75 9.70 47.99
CA ARG R 18 50.39 10.28 47.98
C ARG R 18 49.56 9.88 49.21
N GLU R 19 49.74 8.65 49.70
CA GLU R 19 49.10 8.20 50.96
C GLU R 19 49.67 8.90 52.20
N ASP R 20 50.99 9.03 52.24
CA ASP R 20 51.66 9.73 53.35
C ASP R 20 51.35 11.22 53.36
N LEU R 21 51.30 11.83 52.17
CA LEU R 21 50.93 13.25 52.03
C LEU R 21 49.44 13.48 52.32
N CYS R 22 48.60 12.50 51.97
CA CYS R 22 47.19 12.48 52.38
C CYS R 22 47.04 12.36 53.90
N SER R 23 47.81 11.47 54.51
CA SER R 23 47.77 11.23 55.96
C SER R 23 48.26 12.43 56.78
N LYS R 24 49.31 13.09 56.29
CA LYS R 24 49.86 14.28 56.98
C LYS R 24 48.92 15.48 56.95
N THR R 25 48.36 15.79 55.79
CA THR R 25 47.45 16.95 55.64
C THR R 25 46.16 16.77 56.45
N GLU R 26 45.60 15.56 56.44
CA GLU R 26 44.44 15.23 57.28
C GLU R 26 44.78 15.30 58.78
N ASN R 27 46.00 14.88 59.14
CA ASN R 27 46.51 15.01 60.52
C ASN R 27 46.77 16.48 60.89
N LEU R 28 47.32 17.25 59.95
CA LEU R 28 47.55 18.70 60.13
C LEU R 28 46.26 19.47 60.43
N LEU R 29 45.19 19.13 59.71
CA LEU R 29 43.88 19.75 59.92
C LEU R 29 43.25 19.23 61.23
N GLY R 30 43.40 17.94 61.51
CA GLY R 30 42.78 17.30 62.66
C GLY R 30 43.37 17.55 64.04
N SER R 31 44.60 18.08 64.11
CA SER R 31 45.31 18.21 65.41
C SER R 31 46.43 19.25 65.45
N TYR R 32 47.41 19.11 64.57
CA TYR R 32 48.66 19.91 64.59
C TYR R 32 48.44 21.43 64.54
N PHE R 33 47.59 21.87 63.62
CA PHE R 33 47.34 23.31 63.39
C PHE R 33 46.60 24.01 64.55
N PRO R 34 45.54 23.37 65.09
CA PRO R 34 44.91 23.85 66.33
C PRO R 34 45.84 23.96 67.54
N LYS R 35 46.75 22.98 67.69
CA LYS R 35 47.74 22.99 68.78
C LYS R 35 48.66 24.22 68.71
N LYS R 36 49.17 24.50 67.52
CA LYS R 36 50.07 25.64 67.31
C LYS R 36 49.41 27.01 67.56
N ILE R 37 48.11 27.12 67.27
CA ILE R 37 47.38 28.38 67.54
C ILE R 37 47.27 28.63 69.04
N SER R 38 46.87 27.61 69.81
CA SER R 38 46.77 27.70 71.27
C SER R 38 48.13 27.86 71.95
N GLU R 39 49.18 27.29 71.35
CA GLU R 39 50.57 27.50 71.80
C GLU R 39 51.00 28.95 71.60
N LEU R 40 50.88 29.42 70.36
CA LEU R 40 51.38 30.74 69.97
C LEU R 40 50.50 31.90 70.43
N ASP R 41 49.21 31.64 70.67
CA ASP R 41 48.33 32.58 71.37
C ASP R 41 48.75 32.69 72.84
N ALA R 42 49.10 31.55 73.44
CA ALA R 42 49.61 31.52 74.83
C ALA R 42 51.02 32.07 74.96
N PHE R 43 51.84 31.93 73.91
CA PHE R 43 53.19 32.53 73.85
C PHE R 43 53.10 34.05 74.05
N LEU R 44 52.21 34.69 73.29
CA LEU R 44 52.02 36.14 73.33
C LEU R 44 51.56 36.69 74.68
N LYS R 45 50.84 35.89 75.46
CA LYS R 45 50.36 36.29 76.80
C LYS R 45 51.41 36.18 77.93
N GLU R 46 52.54 35.52 77.67
CA GLU R 46 53.60 35.37 78.67
C GLU R 46 54.30 36.70 79.00
N PRO R 47 55.00 36.78 80.15
CA PRO R 47 55.74 38.00 80.46
C PRO R 47 57.02 38.20 79.62
N ALA R 48 57.50 37.13 78.97
CA ALA R 48 58.70 37.20 78.12
C ALA R 48 58.54 38.14 76.92
N LEU R 49 57.37 38.08 76.26
CA LEU R 49 57.05 38.98 75.14
C LEU R 49 56.11 40.15 75.52
N ASN R 50 55.85 40.35 76.82
CA ASN R 50 55.07 41.49 77.31
C ASN R 50 55.86 42.23 78.39
N GLU R 51 57.00 42.80 77.99
CA GLU R 51 57.78 43.67 78.87
C GLU R 51 57.04 45.00 79.01
N ALA R 52 56.74 45.40 80.24
CA ALA R 52 56.00 46.62 80.51
C ALA R 52 56.80 47.85 80.10
N ASN R 53 58.05 47.92 80.56
CA ASN R 53 58.97 49.00 80.21
C ASN R 53 60.01 48.50 79.20
N LEU R 54 60.59 49.44 78.46
CA LEU R 54 61.57 49.14 77.40
C LEU R 54 62.97 48.92 77.99
N SER R 55 63.27 49.57 79.11
CA SER R 55 64.57 49.49 79.77
C SER R 55 64.89 48.15 80.45
N ASN R 56 63.93 47.23 80.50
CA ASN R 56 64.22 45.84 80.90
C ASN R 56 65.18 45.14 79.92
N LEU R 57 65.04 45.43 78.63
CA LEU R 57 65.92 44.86 77.59
C LEU R 57 67.29 45.55 77.43
N LYS R 58 67.52 46.64 78.18
CA LYS R 58 68.80 47.37 78.12
C LYS R 58 69.98 46.48 78.53
N ALA R 59 70.75 46.03 77.54
CA ALA R 59 71.89 45.14 77.78
C ALA R 59 73.09 45.94 78.30
N PRO R 60 74.06 45.26 78.95
CA PRO R 60 75.27 45.97 79.37
C PRO R 60 76.24 46.20 78.21
N LEU R 61 76.27 47.43 77.71
CA LEU R 61 77.21 47.83 76.64
C LEU R 61 78.44 48.45 77.28
N ASP R 62 79.51 47.66 77.40
CA ASP R 62 80.72 48.05 78.14
C ASP R 62 81.85 48.49 77.20
N ILE R 63 81.93 49.80 76.98
CA ILE R 63 83.01 50.44 76.20
C ILE R 63 83.51 51.66 77.01
N PRO R 64 84.84 51.85 77.12
CA PRO R 64 85.33 53.03 77.84
C PRO R 64 85.08 54.34 77.08
N VAL R 65 84.56 55.36 77.79
CA VAL R 65 84.26 56.67 77.19
C VAL R 65 85.34 57.70 77.61
N PRO R 66 86.14 58.19 76.65
CA PRO R 66 87.18 59.17 76.97
C PRO R 66 86.64 60.60 77.03
N CYS R 101 89.54 47.49 74.75
CA CYS R 101 88.12 47.33 75.00
C CYS R 101 87.80 45.91 75.44
N GLY R 102 86.96 45.77 76.46
CA GLY R 102 86.52 44.46 76.96
C GLY R 102 85.44 43.83 76.09
N PRO R 103 85.08 42.57 76.39
CA PRO R 103 84.11 41.83 75.56
C PRO R 103 82.68 42.34 75.71
N VAL R 104 82.02 42.58 74.58
CA VAL R 104 80.62 43.00 74.54
C VAL R 104 79.76 41.83 74.09
N ASN R 105 78.96 41.29 75.01
CA ASN R 105 78.10 40.14 74.73
C ASN R 105 76.82 40.56 74.01
N CYS R 106 76.11 39.57 73.49
CA CYS R 106 74.79 39.78 72.87
C CYS R 106 73.74 40.01 73.95
N ASN R 107 72.60 40.56 73.56
CA ASN R 107 71.50 40.81 74.51
C ASN R 107 70.91 39.47 74.95
N GLU R 108 70.96 39.22 76.26
CA GLU R 108 70.55 37.94 76.85
C GLU R 108 69.05 37.69 76.71
N LYS R 109 68.26 38.71 77.03
CA LYS R 109 66.80 38.63 76.97
C LYS R 109 66.23 38.45 75.55
N ILE R 110 66.98 38.88 74.53
CA ILE R 110 66.58 38.68 73.13
C ILE R 110 66.97 37.27 72.64
N VAL R 111 68.17 36.81 73.00
CA VAL R 111 68.67 35.50 72.53
C VAL R 111 67.80 34.34 73.02
N VAL R 112 67.35 34.39 74.27
CA VAL R 112 66.42 33.37 74.80
C VAL R 112 65.07 33.33 74.06
N LEU R 113 64.59 34.49 73.60
CA LEU R 113 63.39 34.58 72.75
C LEU R 113 63.66 34.03 71.34
N LEU R 114 64.84 34.31 70.80
CA LEU R 114 65.26 33.77 69.50
C LEU R 114 65.43 32.25 69.51
N GLN R 115 65.85 31.70 70.65
CA GLN R 115 65.93 30.23 70.83
C GLN R 115 64.56 29.55 70.81
N ARG R 116 63.53 30.23 71.29
CA ARG R 116 62.15 29.74 71.23
C ARG R 116 61.48 30.03 69.87
N LEU R 117 61.89 31.10 69.20
CA LEU R 117 61.32 31.49 67.91
C LEU R 117 61.77 30.59 66.76
N LYS R 118 63.06 30.25 66.71
CA LYS R 118 63.66 29.46 65.61
C LYS R 118 62.98 28.11 65.32
N PRO R 119 62.62 27.33 66.37
CA PRO R 119 61.84 26.11 66.11
C PRO R 119 60.41 26.37 65.61
N GLU R 120 59.82 27.51 65.94
CA GLU R 120 58.51 27.91 65.41
C GLU R 120 58.58 28.40 63.95
N ILE R 121 59.69 29.01 63.55
CA ILE R 121 59.92 29.41 62.15
C ILE R 121 60.17 28.17 61.27
N LYS R 122 60.79 27.14 61.85
CA LYS R 122 60.99 25.85 61.18
C LYS R 122 59.64 25.23 60.80
N ASP R 123 58.78 25.03 61.80
CA ASP R 123 57.51 24.32 61.62
C ASP R 123 56.63 24.93 60.54
N VAL R 124 56.38 26.24 60.63
CA VAL R 124 55.55 26.94 59.64
C VAL R 124 56.00 26.74 58.20
N THR R 125 57.31 26.83 57.95
CA THR R 125 57.87 26.67 56.61
C THR R 125 57.85 25.22 56.13
N GLU R 126 57.93 24.27 57.07
CA GLU R 126 57.78 22.85 56.73
C GLU R 126 56.32 22.48 56.46
N GLN R 127 55.41 22.92 57.33
CA GLN R 127 53.98 22.61 57.17
C GLN R 127 53.32 23.35 56.00
N LEU R 128 53.69 24.61 55.79
CA LEU R 128 53.18 25.40 54.64
C LEU R 128 53.61 24.76 53.33
N ASN R 129 54.91 24.50 53.20
CA ASN R 129 55.49 23.82 52.03
C ASN R 129 54.85 22.45 51.77
N LEU R 130 54.47 21.76 52.85
CA LEU R 130 53.76 20.48 52.75
C LEU R 130 52.33 20.68 52.23
N VAL R 131 51.60 21.59 52.88
CA VAL R 131 50.20 21.90 52.50
C VAL R 131 50.11 22.50 51.09
N THR R 132 51.10 23.32 50.72
CA THR R 132 51.22 23.82 49.35
C THR R 132 51.37 22.67 48.35
N THR R 133 52.25 21.73 48.67
CA THR R 133 52.49 20.54 47.84
C THR R 133 51.26 19.62 47.75
N TRP R 134 50.51 19.51 48.85
CA TRP R 134 49.29 18.70 48.87
C TRP R 134 48.27 19.23 47.86
N LEU R 135 48.03 20.53 47.88
CA LEU R 135 47.06 21.17 46.98
C LEU R 135 47.45 21.03 45.50
N GLN R 136 48.74 21.12 45.20
CA GLN R 136 49.22 20.96 43.82
C GLN R 136 48.91 19.57 43.23
N LEU R 137 48.94 18.54 44.07
CA LEU R 137 48.61 17.17 43.64
C LEU R 137 47.09 16.92 43.53
N GLN R 138 46.28 17.72 44.21
CA GLN R 138 44.81 17.65 44.07
C GLN R 138 44.27 18.35 42.82
N ILE R 139 45.09 19.19 42.17
CA ILE R 139 44.67 19.88 40.94
C ILE R 139 44.44 18.81 39.86
N PRO R 140 43.21 18.71 39.34
CA PRO R 140 42.87 17.62 38.42
C PRO R 140 43.44 17.84 37.01
N ARG R 141 43.08 16.95 36.09
CA ARG R 141 43.43 17.09 34.68
C ARG R 141 42.83 18.39 34.14
N ILE R 142 43.60 19.12 33.33
CA ILE R 142 43.18 20.42 32.80
C ILE R 142 42.14 20.21 31.70
N GLU R 143 40.88 20.53 32.03
CA GLU R 143 39.74 20.33 31.13
C GLU R 143 38.99 21.63 30.90
N ASP R 144 38.19 21.68 29.83
CA ASP R 144 37.30 22.82 29.54
C ASP R 144 36.10 22.83 30.50
N GLY R 145 35.56 21.66 30.79
CA GLY R 145 34.36 21.52 31.63
C GLY R 145 34.60 21.39 33.11
N ASN R 146 33.57 21.76 33.87
CA ASN R 146 33.52 21.64 35.34
C ASN R 146 34.74 22.26 36.03
N ASN R 147 35.01 23.53 35.70
CA ASN R 147 36.25 24.21 36.12
C ASN R 147 36.16 25.08 37.39
N PHE R 148 34.98 25.15 38.03
CA PHE R 148 34.84 26.00 39.21
C PHE R 148 35.65 25.52 40.42
N GLY R 149 35.67 24.20 40.63
CA GLY R 149 36.50 23.59 41.66
C GLY R 149 37.99 23.88 41.51
N VAL R 150 38.44 23.99 40.27
CA VAL R 150 39.84 24.33 39.97
C VAL R 150 40.12 25.80 40.26
N ALA R 151 39.15 26.68 39.97
CA ALA R 151 39.24 28.11 40.29
C ALA R 151 39.26 28.39 41.81
N VAL R 152 38.61 27.52 42.59
CA VAL R 152 38.69 27.57 44.06
C VAL R 152 40.10 27.20 44.52
N GLN R 153 40.69 26.17 43.91
CA GLN R 153 42.05 25.73 44.23
C GLN R 153 43.09 26.80 43.90
N GLU R 154 42.94 27.48 42.76
CA GLU R 154 43.81 28.61 42.40
C GLU R 154 43.76 29.75 43.42
N LYS R 155 42.57 29.99 43.99
CA LYS R 155 42.37 31.06 44.98
C LYS R 155 43.07 30.76 46.31
N VAL R 156 42.98 29.52 46.78
CA VAL R 156 43.64 29.10 48.03
C VAL R 156 45.16 29.00 47.81
N PHE R 157 45.57 28.50 46.64
CA PHE R 157 46.99 28.46 46.24
C PHE R 157 47.63 29.84 46.19
N GLU R 158 46.84 30.84 45.79
CA GLU R 158 47.29 32.24 45.79
C GLU R 158 47.54 32.78 47.20
N LEU R 159 46.67 32.39 48.14
CA LEU R 159 46.84 32.75 49.57
C LEU R 159 48.04 32.05 50.21
N MET R 160 48.24 30.77 49.89
CA MET R 160 49.42 30.00 50.37
C MET R 160 50.74 30.63 49.91
N THR R 161 50.76 31.12 48.67
CA THR R 161 51.93 31.79 48.11
C THR R 161 52.21 33.16 48.79
N ASN R 162 51.15 33.87 49.17
CA ASN R 162 51.28 35.16 49.85
C ASN R 162 51.84 35.04 51.26
N LEU R 163 51.50 33.94 51.96
CA LEU R 163 52.10 33.64 53.26
C LEU R 163 53.55 33.19 53.09
N HIS R 164 53.80 32.31 52.13
CA HIS R 164 55.17 31.86 51.78
C HIS R 164 56.12 33.05 51.54
N THR R 165 55.61 34.11 50.89
CA THR R 165 56.36 35.35 50.69
C THR R 165 56.74 36.02 52.01
N LYS R 166 55.78 36.08 52.94
CA LYS R 166 56.01 36.69 54.26
C LYS R 166 57.00 35.90 55.13
N LEU R 167 56.87 34.56 55.11
CA LEU R 167 57.72 33.69 55.94
C LEU R 167 59.13 33.45 55.38
N GLU R 168 59.37 33.82 54.12
CA GLU R 168 60.73 33.80 53.54
C GLU R 168 61.65 34.81 54.23
N GLY R 169 61.12 36.01 54.49
CA GLY R 169 61.87 37.08 55.16
C GLY R 169 62.22 36.84 56.63
N PHE R 170 61.46 35.95 57.30
CA PHE R 170 61.70 35.66 58.72
C PHE R 170 62.98 34.87 59.00
N HIS R 171 63.42 34.06 58.04
CA HIS R 171 64.55 33.14 58.27
C HIS R 171 65.90 33.83 58.36
N THR R 172 66.13 34.79 57.47
CA THR R 172 67.37 35.58 57.45
C THR R 172 67.36 36.82 58.37
N GLN R 173 66.21 37.11 58.99
CA GLN R 173 66.09 38.24 59.94
C GLN R 173 66.96 38.07 61.20
N ILE R 174 67.16 36.83 61.64
CA ILE R 174 67.92 36.55 62.86
C ILE R 174 69.42 36.79 62.60
N SER R 175 69.91 36.32 61.45
CA SER R 175 71.29 36.59 61.01
C SER R 175 71.51 38.06 60.65
N LYS R 176 70.47 38.73 60.13
CA LYS R 176 70.50 40.17 59.84
C LYS R 176 70.62 41.01 61.12
N TYR R 177 70.00 40.55 62.21
CA TYR R 177 70.06 41.24 63.50
C TYR R 177 71.46 41.24 64.12
N PHE R 178 72.07 40.06 64.21
CA PHE R 178 73.41 39.93 64.78
C PHE R 178 74.50 40.61 63.94
N SER R 179 74.36 40.54 62.62
CA SER R 179 75.30 41.19 61.71
C SER R 179 75.28 42.71 61.86
N GLU R 180 74.08 43.30 61.89
CA GLU R 180 73.91 44.74 62.06
C GLU R 180 74.23 45.24 63.47
N ARG R 181 73.94 44.42 64.47
CA ARG R 181 74.34 44.71 65.86
C ARG R 181 75.85 44.57 66.04
N GLY R 182 76.45 43.59 65.36
CA GLY R 182 77.89 43.39 65.36
C GLY R 182 78.64 44.55 64.74
N ASP R 183 78.13 45.07 63.62
CA ASP R 183 78.67 46.29 62.99
C ASP R 183 78.45 47.52 63.86
N ALA R 184 77.31 47.57 64.56
CA ALA R 184 76.97 48.68 65.46
C ALA R 184 77.87 48.74 66.71
N VAL R 185 78.11 47.58 67.34
CA VAL R 185 78.96 47.49 68.52
C VAL R 185 80.43 47.78 68.17
N ALA R 186 80.89 47.26 67.02
CA ALA R 186 82.24 47.52 66.52
C ALA R 186 82.47 49.01 66.27
N LYS R 187 81.54 49.63 65.53
CA LYS R 187 81.57 51.09 65.28
C LYS R 187 81.55 51.92 66.57
N ALA R 188 80.82 51.44 67.57
CA ALA R 188 80.77 52.10 68.89
C ALA R 188 82.10 52.01 69.64
N ALA R 189 82.76 50.86 69.56
CA ALA R 189 84.08 50.65 70.19
C ALA R 189 85.21 51.33 69.42
N LYS R 190 85.13 51.29 68.09
CA LYS R 190 86.11 51.92 67.20
C LYS R 190 86.02 53.46 67.28
N GLN R 191 84.81 53.97 67.49
CA GLN R 191 84.53 55.40 67.64
C GLN R 191 83.82 55.63 69.00
N PRO R 192 84.59 55.67 70.12
CA PRO R 192 83.94 55.81 71.44
C PRO R 192 83.30 57.19 71.69
N HIS R 193 83.90 58.23 71.13
CA HIS R 193 83.35 59.61 71.23
C HIS R 193 81.93 59.79 70.65
N VAL R 194 81.55 58.97 69.67
CA VAL R 194 80.21 59.06 69.08
C VAL R 194 79.20 58.35 69.99
N GLY R 195 78.31 59.14 70.60
CA GLY R 195 77.27 58.61 71.50
C GLY R 195 76.08 57.97 70.80
N ASP R 196 75.90 58.23 69.51
CA ASP R 196 74.82 57.63 68.73
C ASP R 196 75.00 56.14 68.47
N TYR R 197 76.24 55.71 68.20
CA TYR R 197 76.55 54.29 67.98
C TYR R 197 76.21 53.41 69.19
N ARG R 198 76.30 53.97 70.40
CA ARG R 198 75.89 53.28 71.63
C ARG R 198 74.36 53.12 71.67
N GLN R 199 73.64 54.19 71.32
CA GLN R 199 72.17 54.18 71.29
C GLN R 199 71.63 53.30 70.17
N LEU R 200 72.32 53.28 69.02
CA LEU R 200 71.99 52.40 67.88
C LEU R 200 71.85 50.93 68.29
N VAL R 201 72.75 50.47 69.16
CA VAL R 201 72.72 49.08 69.65
C VAL R 201 71.48 48.85 70.52
N HIS R 202 71.15 49.83 71.38
CA HIS R 202 69.96 49.73 72.24
C HIS R 202 68.66 49.83 71.45
N GLU R 203 68.63 50.66 70.40
CA GLU R 203 67.48 50.74 69.49
C GLU R 203 67.34 49.50 68.62
N LEU R 204 68.47 48.92 68.21
CA LEU R 204 68.48 47.63 67.50
C LEU R 204 67.93 46.48 68.35
N ASP R 205 68.21 46.52 69.65
CA ASP R 205 67.64 45.55 70.61
C ASP R 205 66.12 45.71 70.75
N GLU R 206 65.66 46.96 70.87
CA GLU R 206 64.22 47.25 70.94
C GLU R 206 63.50 46.90 69.64
N ALA R 207 64.09 47.27 68.51
CA ALA R 207 63.52 46.96 67.19
C ALA R 207 63.43 45.45 66.92
N GLU R 208 64.42 44.70 67.39
CA GLU R 208 64.43 43.24 67.25
C GLU R 208 63.34 42.58 68.11
N TYR R 209 63.11 43.14 69.29
CA TYR R 209 62.02 42.70 70.18
C TYR R 209 60.64 42.91 69.54
N GLN R 210 60.48 44.00 68.80
CA GLN R 210 59.25 44.23 68.01
C GLN R 210 59.14 43.21 66.87
N GLU R 211 60.27 42.96 66.20
CA GLU R 211 60.35 41.96 65.12
C GLU R 211 60.02 40.55 65.59
N ILE R 212 60.62 40.11 66.70
CA ILE R 212 60.36 38.78 67.27
C ILE R 212 58.88 38.63 67.64
N ARG R 213 58.31 39.67 68.24
CA ARG R 213 56.89 39.64 68.65
C ARG R 213 55.95 39.56 67.46
N LEU R 214 56.22 40.36 66.42
CA LEU R 214 55.43 40.34 65.17
C LEU R 214 55.59 39.02 64.41
N MET R 215 56.79 38.44 64.46
CA MET R 215 57.03 37.12 63.87
C MET R 215 56.19 36.01 64.51
N VAL R 216 55.95 36.10 65.81
CA VAL R 216 55.09 35.13 66.50
C VAL R 216 53.64 35.32 66.05
N MET R 217 53.19 36.58 66.04
CA MET R 217 51.84 36.94 65.59
C MET R 217 51.58 36.45 64.16
N GLU R 218 52.47 36.84 63.24
CA GLU R 218 52.39 36.42 61.83
C GLU R 218 52.35 34.90 61.66
N ILE R 219 53.14 34.20 62.47
CA ILE R 219 53.18 32.73 62.49
C ILE R 219 51.88 32.14 63.04
N ARG R 220 51.36 32.70 64.13
CA ARG R 220 50.05 32.31 64.69
C ARG R 220 48.94 32.52 63.67
N ASN R 221 48.96 33.69 63.03
CA ASN R 221 47.94 34.07 62.04
C ASN R 221 48.04 33.23 60.77
N ALA R 222 49.27 32.91 60.35
CA ALA R 222 49.51 32.03 59.20
C ALA R 222 48.80 30.69 59.35
N TYR R 223 48.95 30.08 60.53
CA TYR R 223 48.22 28.85 60.86
C TYR R 223 46.71 29.09 60.88
N ALA R 224 46.29 30.14 61.59
CA ALA R 224 44.87 30.46 61.78
C ALA R 224 44.14 30.71 60.46
N VAL R 225 44.77 31.44 59.55
CA VAL R 225 44.18 31.77 58.25
C VAL R 225 44.08 30.52 57.36
N LEU R 226 45.13 29.70 57.33
CA LEU R 226 45.11 28.46 56.54
C LEU R 226 43.99 27.53 57.01
N TYR R 227 44.04 27.15 58.29
CA TYR R 227 43.01 26.28 58.90
C TYR R 227 41.59 26.67 58.46
N ASP R 228 41.32 27.98 58.48
CA ASP R 228 40.02 28.53 58.06
C ASP R 228 39.73 28.28 56.58
N ILE R 229 40.68 28.65 55.72
CA ILE R 229 40.48 28.56 54.27
C ILE R 229 40.47 27.10 53.76
N ILE R 230 41.29 26.25 54.38
CA ILE R 230 41.33 24.82 54.00
C ILE R 230 40.05 24.10 54.43
N LEU R 231 39.62 24.32 55.67
CA LEU R 231 38.46 23.63 56.25
C LEU R 231 37.12 24.02 55.62
N LYS R 232 36.95 25.30 55.29
CA LYS R 232 35.73 25.77 54.62
C LYS R 232 35.60 25.20 53.21
N ASN R 233 36.69 25.28 52.44
CA ASN R 233 36.71 24.86 51.04
C ASN R 233 37.14 23.40 50.79
N PHE R 234 37.18 22.58 51.84
CA PHE R 234 37.71 21.20 51.75
C PHE R 234 36.95 20.30 50.75
N GLU R 235 35.65 20.56 50.56
CA GLU R 235 34.85 19.85 49.57
C GLU R 235 35.38 20.04 48.15
N LYS R 236 35.59 21.30 47.78
CA LYS R 236 36.11 21.64 46.44
C LYS R 236 37.62 21.45 46.27
N LEU R 237 38.38 21.53 47.37
CA LEU R 237 39.84 21.33 47.31
C LEU R 237 40.20 19.86 47.03
N LYS R 238 39.58 18.95 47.77
CA LYS R 238 39.86 17.51 47.66
C LYS R 238 39.26 16.92 46.39
N LYS R 239 37.97 17.17 46.17
CA LYS R 239 37.24 16.68 45.00
C LYS R 239 36.61 17.85 44.22
N PRO R 240 37.41 18.51 43.36
CA PRO R 240 36.91 19.67 42.61
C PRO R 240 35.90 19.34 41.50
N ARG R 241 35.88 18.08 41.04
CA ARG R 241 34.98 17.63 39.99
C ARG R 241 33.95 16.67 40.57
N PRO S 8 37.01 17.38 66.43
CA PRO S 8 36.08 17.64 67.52
C PRO S 8 36.68 18.49 68.65
N GLU S 9 37.73 17.99 69.30
CA GLU S 9 38.49 18.78 70.27
C GLU S 9 39.39 19.81 69.60
N ALA S 10 39.88 19.48 68.39
CA ALA S 10 40.56 20.45 67.52
C ALA S 10 39.67 21.64 67.17
N GLN S 11 38.41 21.37 66.86
CA GLN S 11 37.41 22.39 66.57
C GLN S 11 37.18 23.33 67.76
N ALA S 12 37.21 22.79 68.97
CA ALA S 12 37.06 23.58 70.21
C ALA S 12 38.22 24.57 70.41
N LYS S 13 39.45 24.12 70.21
CA LYS S 13 40.65 24.96 70.37
C LYS S 13 40.65 26.17 69.42
N VAL S 14 40.28 25.92 68.16
CA VAL S 14 40.22 26.95 67.13
C VAL S 14 39.02 27.90 67.36
N ASP S 15 37.91 27.35 67.86
CA ASP S 15 36.76 28.19 68.23
C ASP S 15 37.06 29.11 69.41
N VAL S 16 37.81 28.63 70.41
CA VAL S 16 38.25 29.46 71.54
C VAL S 16 39.09 30.65 71.04
N PHE S 17 39.89 30.42 70.00
CA PHE S 17 40.67 31.49 69.36
C PHE S 17 39.78 32.51 68.65
N ARG S 18 38.74 32.06 67.93
CA ARG S 18 37.84 32.98 67.21
C ARG S 18 36.93 33.79 68.13
N GLU S 19 36.44 33.17 69.22
CA GLU S 19 35.63 33.88 70.22
C GLU S 19 36.49 34.91 70.97
N ASP S 20 37.75 34.59 71.20
CA ASP S 20 38.74 35.57 71.68
C ASP S 20 38.98 36.67 70.65
N LEU S 21 39.16 36.29 69.39
CA LEU S 21 39.41 37.26 68.30
C LEU S 21 38.21 38.19 68.05
N CYS S 22 37.00 37.65 68.14
CA CYS S 22 35.78 38.43 68.02
C CYS S 22 35.57 39.35 69.22
N SER S 23 35.85 38.83 70.42
CA SER S 23 35.79 39.63 71.66
C SER S 23 36.87 40.72 71.68
N LYS S 24 38.10 40.33 71.34
CA LYS S 24 39.23 41.26 71.21
C LYS S 24 38.89 42.42 70.27
N THR S 25 38.49 42.08 69.05
CA THR S 25 38.25 43.06 67.98
C THR S 25 37.06 43.99 68.27
N GLU S 26 35.89 43.41 68.56
CA GLU S 26 34.66 44.19 68.80
C GLU S 26 34.74 45.09 70.05
N ASN S 27 35.43 44.61 71.08
CA ASN S 27 35.76 45.45 72.25
C ASN S 27 36.75 46.55 71.87
N LEU S 28 37.78 46.18 71.13
CA LEU S 28 38.85 47.10 70.70
C LEU S 28 38.35 48.24 69.82
N LEU S 29 37.50 47.93 68.84
CA LEU S 29 36.87 48.97 68.01
C LEU S 29 36.00 49.90 68.86
N GLY S 30 35.25 49.34 69.79
CA GLY S 30 34.35 50.11 70.66
C GLY S 30 35.03 51.02 71.67
N SER S 31 36.15 50.57 72.24
CA SER S 31 36.85 51.32 73.30
C SER S 31 38.23 51.86 72.91
N TYR S 32 39.08 51.00 72.34
CA TYR S 32 40.51 51.30 72.15
C TYR S 32 40.78 52.34 71.06
N PHE S 33 40.12 52.19 69.91
CA PHE S 33 40.40 53.03 68.72
C PHE S 33 40.05 54.51 68.90
N PRO S 34 38.85 54.82 69.44
CA PRO S 34 38.54 56.22 69.75
C PRO S 34 39.47 56.86 70.78
N LYS S 35 39.89 56.06 71.77
CA LYS S 35 40.82 56.51 72.81
C LYS S 35 42.17 56.94 72.22
N LYS S 36 42.71 56.11 71.31
CA LYS S 36 43.97 56.42 70.63
C LYS S 36 43.91 57.66 69.75
N ILE S 37 42.79 57.87 69.06
CA ILE S 37 42.60 59.05 68.20
C ILE S 37 42.61 60.33 69.04
N SER S 38 41.95 60.30 70.20
CA SER S 38 41.94 61.43 71.13
C SER S 38 43.32 61.69 71.77
N GLU S 39 44.01 60.61 72.16
CA GLU S 39 45.36 60.69 72.74
C GLU S 39 46.38 61.29 71.77
N LEU S 40 46.38 60.79 70.54
CA LEU S 40 47.30 61.26 69.51
C LEU S 40 46.93 62.66 68.97
N ASP S 41 45.66 63.04 69.08
CA ASP S 41 45.24 64.44 68.86
C ASP S 41 45.76 65.35 69.96
N ALA S 42 45.70 64.88 71.21
CA ALA S 42 46.27 65.62 72.34
C ALA S 42 47.79 65.73 72.23
N PHE S 43 48.44 64.62 71.86
CA PHE S 43 49.90 64.56 71.71
C PHE S 43 50.44 65.49 70.62
N LEU S 44 49.69 65.66 69.54
CA LEU S 44 50.04 66.63 68.47
C LEU S 44 49.94 68.08 68.93
N LYS S 45 48.95 68.39 69.78
CA LYS S 45 48.75 69.75 70.31
C LYS S 45 49.76 70.18 71.38
N GLU S 46 50.51 69.24 71.96
CA GLU S 46 51.47 69.55 73.03
C GLU S 46 52.66 70.40 72.52
N PRO S 47 53.35 71.11 73.44
CA PRO S 47 54.51 71.91 73.02
C PRO S 47 55.77 71.09 72.66
N ALA S 48 55.78 69.80 72.99
CA ALA S 48 56.88 68.90 72.61
C ALA S 48 56.99 68.72 71.09
N LEU S 49 55.85 68.55 70.43
CA LEU S 49 55.78 68.39 68.96
C LEU S 49 55.36 69.67 68.21
N ASN S 50 55.37 70.83 68.88
CA ASN S 50 55.10 72.12 68.26
C ASN S 50 56.17 73.14 68.63
N GLU S 51 57.40 72.86 68.19
CA GLU S 51 58.51 73.80 68.34
C GLU S 51 58.35 74.92 67.32
N ALA S 52 58.19 76.15 67.81
CA ALA S 52 57.99 77.32 66.95
C ALA S 52 59.21 77.60 66.08
N ASN S 53 60.39 77.57 66.70
CA ASN S 53 61.67 77.69 66.00
C ASN S 53 62.40 76.35 65.98
N LEU S 54 63.02 76.03 64.84
CA LEU S 54 63.74 74.78 64.64
C LEU S 54 65.06 74.73 65.42
N SER S 55 65.64 75.89 65.69
CA SER S 55 66.92 75.99 66.39
C SER S 55 66.88 75.65 67.89
N ASN S 56 65.69 75.52 68.47
CA ASN S 56 65.53 75.00 69.85
C ASN S 56 66.01 73.55 69.97
N LEU S 57 65.82 72.75 68.92
CA LEU S 57 66.24 71.35 68.89
C LEU S 57 67.75 71.14 68.78
N LYS S 58 68.49 72.14 68.28
CA LYS S 58 69.93 72.03 68.01
C LYS S 58 70.74 71.57 69.24
N ALA S 59 71.20 70.32 69.20
CA ALA S 59 71.98 69.73 70.29
C ALA S 59 73.42 70.25 70.26
N PRO S 60 74.15 70.15 71.41
CA PRO S 60 75.54 70.63 71.43
C PRO S 60 76.50 69.65 70.75
N LEU S 61 76.94 70.00 69.54
CA LEU S 61 77.91 69.20 68.77
C LEU S 61 79.31 69.72 69.08
N ASP S 62 79.94 69.11 70.10
CA ASP S 62 81.24 69.57 70.60
C ASP S 62 82.39 68.83 69.90
N ILE S 63 82.98 69.50 68.90
CA ILE S 63 84.19 69.02 68.21
C ILE S 63 85.16 70.22 68.09
N PRO S 64 86.48 70.02 68.36
CA PRO S 64 87.42 71.14 68.20
C PRO S 64 87.64 71.54 66.75
N CYS S 101 89.25 64.12 70.86
CA CYS S 101 87.87 64.57 70.64
C CYS S 101 86.98 64.11 71.80
N GLY S 102 86.17 65.03 72.32
CA GLY S 102 85.26 64.73 73.44
C GLY S 102 84.01 64.00 72.99
N PRO S 103 83.25 63.43 73.95
CA PRO S 103 82.08 62.60 73.62
C PRO S 103 80.86 63.39 73.19
N VAL S 104 80.32 63.08 72.01
CA VAL S 104 79.13 63.75 71.47
C VAL S 104 77.89 62.89 71.76
N ASN S 105 76.98 63.41 72.57
CA ASN S 105 75.77 62.69 72.97
C ASN S 105 74.67 62.81 71.91
N CYS S 106 73.58 62.06 72.11
CA CYS S 106 72.42 62.12 71.24
C CYS S 106 71.61 63.40 71.50
N ASN S 107 70.72 63.74 70.56
CA ASN S 107 69.83 64.89 70.71
C ASN S 107 68.78 64.55 71.78
N GLU S 108 68.84 65.29 72.90
CA GLU S 108 68.01 65.02 74.07
C GLU S 108 66.52 65.23 73.78
N LYS S 109 66.21 66.31 73.09
CA LYS S 109 64.81 66.65 72.74
C LYS S 109 64.16 65.69 71.75
N ILE S 110 64.95 65.00 70.93
CA ILE S 110 64.44 63.99 70.00
C ILE S 110 64.28 62.63 70.69
N VAL S 111 65.24 62.25 71.54
CA VAL S 111 65.22 60.94 72.21
C VAL S 111 63.99 60.81 73.13
N VAL S 112 63.64 61.87 73.86
CA VAL S 112 62.42 61.88 74.68
C VAL S 112 61.14 61.70 73.86
N LEU S 113 61.09 62.28 72.66
CA LEU S 113 59.97 62.08 71.73
C LEU S 113 59.94 60.65 71.17
N LEU S 114 61.11 60.12 70.82
CA LEU S 114 61.25 58.74 70.35
C LEU S 114 60.79 57.72 71.39
N GLN S 115 61.06 57.99 72.67
CA GLN S 115 60.57 57.16 73.78
C GLN S 115 59.04 57.10 73.88
N ARG S 116 58.37 58.20 73.53
CA ARG S 116 56.90 58.25 73.46
C ARG S 116 56.34 57.63 72.18
N LEU S 117 57.08 57.73 71.08
CA LEU S 117 56.63 57.24 69.77
C LEU S 117 56.67 55.71 69.65
N LYS S 118 57.72 55.09 70.20
CA LYS S 118 57.93 53.63 70.06
C LYS S 118 56.82 52.71 70.61
N PRO S 119 56.22 53.05 71.77
CA PRO S 119 55.03 52.29 72.17
C PRO S 119 53.81 52.53 71.27
N GLU S 120 53.67 53.73 70.71
CA GLU S 120 52.56 54.05 69.78
C GLU S 120 52.70 53.32 68.44
N ILE S 121 53.94 53.14 67.96
CA ILE S 121 54.21 52.35 66.75
C ILE S 121 53.95 50.86 67.03
N LYS S 122 54.35 50.38 68.21
CA LYS S 122 54.09 49.01 68.63
C LYS S 122 52.59 48.67 68.64
N ASP S 123 51.78 49.61 69.11
CA ASP S 123 50.33 49.39 69.26
C ASP S 123 49.62 49.20 67.91
N VAL S 124 49.70 50.21 67.03
CA VAL S 124 49.11 50.10 65.68
C VAL S 124 49.50 48.80 64.96
N THR S 125 50.79 48.47 64.97
CA THR S 125 51.31 47.31 64.21
C THR S 125 50.72 45.98 64.69
N GLU S 126 50.46 45.88 65.99
CA GLU S 126 49.81 44.69 66.55
C GLU S 126 48.30 44.70 66.34
N GLN S 127 47.65 45.83 66.66
CA GLN S 127 46.20 45.94 66.56
C GLN S 127 45.70 45.87 65.11
N LEU S 128 46.42 46.52 64.19
CA LEU S 128 46.16 46.40 62.75
C LEU S 128 46.29 44.95 62.30
N ASN S 129 47.42 44.34 62.62
CA ASN S 129 47.70 42.94 62.29
C ASN S 129 46.67 41.97 62.88
N LEU S 130 46.16 42.30 64.08
CA LEU S 130 45.01 41.58 64.68
C LEU S 130 43.73 41.79 63.87
N VAL S 131 43.44 43.04 63.53
CA VAL S 131 42.25 43.41 62.75
C VAL S 131 42.27 42.80 61.34
N THR S 132 43.45 42.76 60.72
CA THR S 132 43.62 42.12 59.41
C THR S 132 43.31 40.62 59.50
N THR S 133 43.85 39.96 60.53
CA THR S 133 43.62 38.54 60.81
C THR S 133 42.14 38.22 61.01
N TRP S 134 41.46 39.08 61.77
CA TRP S 134 40.02 38.91 62.03
C TRP S 134 39.22 38.86 60.73
N LEU S 135 39.50 39.79 59.81
CA LEU S 135 38.79 39.86 58.54
C LEU S 135 39.01 38.63 57.65
N GLN S 136 40.25 38.11 57.63
CA GLN S 136 40.58 36.91 56.84
C GLN S 136 39.79 35.66 57.27
N LEU S 137 39.43 35.60 58.56
CA LEU S 137 38.60 34.50 59.09
C LEU S 137 37.11 34.68 58.78
N GLN S 138 36.65 35.93 58.68
CA GLN S 138 35.26 36.21 58.30
C GLN S 138 34.96 35.95 56.81
N ILE S 139 36.01 35.82 55.98
CA ILE S 139 35.84 35.50 54.56
C ILE S 139 35.17 34.12 54.44
N PRO S 140 33.97 34.05 53.85
CA PRO S 140 33.20 32.81 53.82
C PRO S 140 33.73 31.79 52.80
N ARG S 141 33.04 30.66 52.69
CA ARG S 141 33.36 29.62 51.72
C ARG S 141 33.32 30.20 50.30
N ILE S 142 34.34 29.91 49.50
CA ILE S 142 34.44 30.47 48.15
C ILE S 142 33.38 29.81 47.28
N GLU S 143 32.40 30.62 46.85
CA GLU S 143 31.24 30.14 46.09
C GLU S 143 31.03 30.95 44.82
N ASP S 144 30.29 30.35 43.88
CA ASP S 144 30.04 30.95 42.58
C ASP S 144 29.04 32.09 42.72
N GLY S 145 27.91 31.79 43.38
CA GLY S 145 26.85 32.77 43.63
C GLY S 145 26.91 33.42 45.01
N ASN S 146 26.36 34.63 45.09
CA ASN S 146 26.26 35.44 46.32
C ASN S 146 27.64 35.86 46.83
N ASN S 147 28.29 36.76 46.07
CA ASN S 147 29.66 37.20 46.34
C ASN S 147 29.86 38.72 46.34
N PHE S 148 28.81 39.50 46.64
CA PHE S 148 28.98 40.96 46.81
C PHE S 148 29.62 41.28 48.15
N GLY S 149 29.15 40.64 49.21
CA GLY S 149 29.74 40.76 50.55
C GLY S 149 31.21 40.36 50.62
N VAL S 150 31.60 39.40 49.78
CA VAL S 150 33.00 38.98 49.67
C VAL S 150 33.84 40.09 49.02
N ALA S 151 33.29 40.76 48.02
CA ALA S 151 33.94 41.90 47.36
C ALA S 151 34.06 43.13 48.28
N VAL S 152 33.10 43.30 49.19
CA VAL S 152 33.17 44.35 50.22
C VAL S 152 34.35 44.09 51.16
N GLN S 153 34.48 42.84 51.62
CA GLN S 153 35.60 42.43 52.48
C GLN S 153 36.96 42.67 51.82
N GLU S 154 37.07 42.32 50.53
CA GLU S 154 38.32 42.49 49.78
C GLU S 154 38.69 43.95 49.53
N LYS S 155 37.70 44.83 49.42
CA LYS S 155 37.92 46.28 49.31
C LYS S 155 38.44 46.87 50.62
N VAL S 156 37.87 46.41 51.74
CA VAL S 156 38.33 46.83 53.07
C VAL S 156 39.69 46.19 53.41
N PHE S 157 39.88 44.94 53.00
CA PHE S 157 41.16 44.23 53.15
C PHE S 157 42.30 44.91 52.36
N GLU S 158 41.98 45.44 51.18
CA GLU S 158 42.92 46.19 50.35
C GLU S 158 43.52 47.39 51.10
N LEU S 159 42.69 48.11 51.84
CA LEU S 159 43.12 49.25 52.66
C LEU S 159 44.02 48.83 53.81
N MET S 160 43.65 47.74 54.49
CA MET S 160 44.45 47.18 55.59
C MET S 160 45.86 46.77 55.16
N THR S 161 46.01 46.38 53.90
CA THR S 161 47.33 46.12 53.31
C THR S 161 48.13 47.42 53.10
N ASN S 162 47.46 48.46 52.60
CA ASN S 162 48.11 49.76 52.34
C ASN S 162 48.58 50.48 53.60
N LEU S 163 47.84 50.33 54.70
CA LEU S 163 48.28 50.82 56.01
C LEU S 163 49.48 50.01 56.50
N HIS S 164 49.40 48.69 56.38
CA HIS S 164 50.50 47.78 56.76
C HIS S 164 51.81 48.10 56.03
N THR S 165 51.72 48.49 54.76
CA THR S 165 52.86 48.97 53.99
C THR S 165 53.45 50.26 54.56
N LYS S 166 52.56 51.19 54.91
CA LYS S 166 52.96 52.50 55.44
C LYS S 166 53.56 52.42 56.85
N LEU S 167 52.93 51.62 57.71
CA LEU S 167 53.38 51.44 59.09
C LEU S 167 54.56 50.47 59.26
N GLU S 168 54.90 49.73 58.21
CA GLU S 168 56.09 48.85 58.23
C GLU S 168 57.42 49.64 58.29
N GLY S 169 57.47 50.77 57.59
CA GLY S 169 58.69 51.57 57.49
C GLY S 169 59.12 52.37 58.72
N PHE S 170 58.22 52.54 59.70
CA PHE S 170 58.48 53.44 60.83
C PHE S 170 59.49 52.91 61.84
N HIS S 171 59.16 51.78 62.48
CA HIS S 171 59.99 51.20 63.55
C HIS S 171 61.43 50.77 63.17
N THR S 172 61.68 50.59 61.88
CA THR S 172 63.05 50.41 61.37
C THR S 172 63.79 51.76 61.20
N GLN S 173 63.04 52.81 60.84
CA GLN S 173 63.58 54.16 60.62
C GLN S 173 64.23 54.80 61.87
N ILE S 174 63.74 54.44 63.07
CA ILE S 174 64.35 54.93 64.32
C ILE S 174 65.80 54.43 64.45
N SER S 175 66.03 53.17 64.11
CA SER S 175 67.38 52.61 64.05
C SER S 175 68.23 53.25 62.97
N LYS S 176 67.63 53.52 61.81
CA LYS S 176 68.30 54.23 60.70
C LYS S 176 68.74 55.65 61.07
N TYR S 177 67.95 56.34 61.88
CA TYR S 177 68.26 57.72 62.31
C TYR S 177 69.58 57.80 63.07
N PHE S 178 69.73 56.94 64.08
CA PHE S 178 70.97 56.88 64.87
C PHE S 178 72.16 56.36 64.06
N SER S 179 71.90 55.50 63.08
CA SER S 179 72.94 55.00 62.17
C SER S 179 73.49 56.12 61.28
N GLU S 180 72.60 56.89 60.66
CA GLU S 180 73.00 58.04 59.83
C GLU S 180 73.62 59.17 60.65
N ARG S 181 73.06 59.44 61.84
CA ARG S 181 73.60 60.47 62.73
C ARG S 181 74.95 60.06 63.31
N GLY S 182 75.13 58.78 63.62
CA GLY S 182 76.40 58.25 64.08
C GLY S 182 77.51 58.36 63.06
N ASP S 183 77.19 58.08 61.80
CA ASP S 183 78.11 58.28 60.68
C ASP S 183 78.40 59.77 60.45
N ALA S 184 77.37 60.60 60.57
CA ALA S 184 77.50 62.05 60.41
C ALA S 184 78.34 62.70 61.52
N VAL S 185 78.14 62.24 62.76
CA VAL S 185 78.96 62.70 63.90
C VAL S 185 80.40 62.20 63.77
N ALA S 186 80.57 60.95 63.35
CA ALA S 186 81.90 60.37 63.15
C ALA S 186 82.67 61.10 62.04
N LYS S 187 82.03 61.26 60.88
CA LYS S 187 82.60 62.01 59.75
C LYS S 187 82.96 63.46 60.10
N ALA S 188 82.15 64.10 60.95
CA ALA S 188 82.40 65.46 61.41
C ALA S 188 83.63 65.54 62.32
N ALA S 189 83.80 64.55 63.20
CA ALA S 189 84.96 64.48 64.09
C ALA S 189 86.23 64.07 63.34
N LYS S 190 86.08 63.06 62.47
CA LYS S 190 87.19 62.55 61.66
C LYS S 190 87.70 63.59 60.65
N GLN S 191 86.78 64.41 60.14
CA GLN S 191 87.07 65.51 59.22
C GLN S 191 86.55 66.83 59.83
N PRO S 192 87.32 67.44 60.76
CA PRO S 192 86.85 68.69 61.39
C PRO S 192 86.76 69.89 60.44
N HIS S 193 87.67 69.96 59.48
CA HIS S 193 87.70 71.01 58.46
C HIS S 193 86.46 71.11 57.55
N VAL S 194 85.71 70.03 57.38
CA VAL S 194 84.51 70.02 56.55
C VAL S 194 83.32 70.55 57.36
N GLY S 195 82.83 71.72 56.99
CA GLY S 195 81.69 72.34 57.67
C GLY S 195 80.34 71.70 57.38
N ASP S 196 80.23 70.99 56.26
CA ASP S 196 78.98 70.35 55.85
C ASP S 196 78.54 69.21 56.78
N TYR S 197 79.50 68.43 57.29
CA TYR S 197 79.21 67.33 58.22
C TYR S 197 78.65 67.82 59.55
N ARG S 198 79.05 69.03 59.98
CA ARG S 198 78.48 69.69 61.16
C ARG S 198 77.04 70.12 60.89
N GLN S 199 76.80 70.66 59.69
CA GLN S 199 75.46 71.05 59.26
C GLN S 199 74.56 69.83 59.03
N LEU S 200 75.13 68.74 58.53
CA LEU S 200 74.41 67.48 58.28
C LEU S 200 73.71 66.93 59.53
N VAL S 201 74.41 66.93 60.66
CA VAL S 201 73.87 66.40 61.93
C VAL S 201 72.66 67.23 62.39
N HIS S 202 72.73 68.55 62.19
CA HIS S 202 71.61 69.44 62.49
C HIS S 202 70.39 69.19 61.59
N GLU S 203 70.63 68.92 60.30
CA GLU S 203 69.53 68.63 59.36
C GLU S 203 68.90 67.26 59.59
N LEU S 204 69.70 66.27 59.99
CA LEU S 204 69.16 64.95 60.38
C LEU S 204 68.28 65.04 61.62
N ASP S 205 68.61 65.94 62.54
CA ASP S 205 67.77 66.22 63.72
C ASP S 205 66.49 66.96 63.37
N GLU S 206 66.60 67.97 62.51
CA GLU S 206 65.43 68.71 62.01
C GLU S 206 64.52 67.85 61.13
N ALA S 207 65.13 66.93 60.37
CA ALA S 207 64.38 65.96 59.57
C ALA S 207 63.69 64.91 60.44
N GLU S 208 64.38 64.43 61.48
CA GLU S 208 63.83 63.41 62.38
C GLU S 208 62.65 63.92 63.18
N TYR S 209 62.77 65.13 63.72
CA TYR S 209 61.67 65.81 64.43
C TYR S 209 60.42 65.92 63.54
N GLN S 210 60.61 66.33 62.29
CA GLN S 210 59.53 66.37 61.31
C GLN S 210 58.97 64.98 60.99
N GLU S 211 59.85 63.99 60.88
CA GLU S 211 59.45 62.61 60.60
C GLU S 211 58.63 62.02 61.76
N ILE S 212 59.05 62.27 63.00
CA ILE S 212 58.31 61.84 64.19
C ILE S 212 56.92 62.48 64.24
N ARG S 213 56.84 63.77 63.90
CA ARG S 213 55.57 64.49 63.87
C ARG S 213 54.59 63.90 62.86
N LEU S 214 55.10 63.55 61.67
CA LEU S 214 54.28 62.91 60.64
C LEU S 214 53.86 61.48 61.00
N MET S 215 54.74 60.74 61.68
CA MET S 215 54.41 59.38 62.14
C MET S 215 53.26 59.37 63.16
N VAL S 216 53.23 60.37 64.04
CA VAL S 216 52.13 60.53 65.00
C VAL S 216 50.82 60.80 64.24
N MET S 217 50.89 61.67 63.24
CA MET S 217 49.74 61.95 62.37
C MET S 217 49.30 60.70 61.60
N GLU S 218 50.25 60.00 60.99
CA GLU S 218 49.96 58.78 60.21
C GLU S 218 49.39 57.65 61.08
N ILE S 219 49.90 57.52 62.31
CA ILE S 219 49.38 56.56 63.29
C ILE S 219 47.97 56.95 63.75
N ARG S 220 47.72 58.25 63.94
CA ARG S 220 46.38 58.76 64.25
C ARG S 220 45.40 58.50 63.11
N ASN S 221 45.81 58.84 61.89
CA ASN S 221 44.97 58.69 60.70
C ASN S 221 44.73 57.22 60.33
N ALA S 222 45.67 56.35 60.67
CA ALA S 222 45.52 54.90 60.48
C ALA S 222 44.38 54.33 61.33
N TYR S 223 44.36 54.69 62.60
CA TYR S 223 43.27 54.32 63.52
C TYR S 223 41.92 54.86 63.04
N ALA S 224 41.88 56.16 62.74
CA ALA S 224 40.65 56.87 62.37
C ALA S 224 39.95 56.28 61.15
N VAL S 225 40.74 55.94 60.13
CA VAL S 225 40.20 55.42 58.87
C VAL S 225 39.78 53.95 59.00
N LEU S 226 40.59 53.14 59.70
CA LEU S 226 40.20 51.76 60.03
C LEU S 226 38.88 51.70 60.79
N TYR S 227 38.75 52.55 61.81
CA TYR S 227 37.51 52.68 62.57
C TYR S 227 36.36 53.01 61.62
N ASP S 228 36.54 54.07 60.83
CA ASP S 228 35.51 54.59 59.94
C ASP S 228 35.04 53.55 58.91
N ILE S 229 35.98 52.91 58.22
CA ILE S 229 35.66 51.96 57.15
C ILE S 229 35.05 50.66 57.66
N ILE S 230 35.50 50.16 58.81
CA ILE S 230 34.95 48.94 59.41
C ILE S 230 33.56 49.20 59.98
N LEU S 231 33.36 50.34 60.63
CA LEU S 231 32.07 50.70 61.23
C LEU S 231 30.95 50.72 60.20
N LYS S 232 31.19 51.39 59.08
CA LYS S 232 30.21 51.52 58.00
C LYS S 232 29.87 50.17 57.37
N ASN S 233 30.90 49.41 57.02
CA ASN S 233 30.74 48.12 56.34
C ASN S 233 30.58 46.90 57.28
N PHE S 234 30.47 47.12 58.59
CA PHE S 234 30.43 46.03 59.58
C PHE S 234 29.34 44.98 59.31
N GLU S 235 28.23 45.40 58.70
CA GLU S 235 27.16 44.47 58.30
C GLU S 235 27.67 43.44 57.29
N LYS S 236 28.32 43.92 56.23
CA LYS S 236 28.84 43.04 55.18
C LYS S 236 30.17 42.36 55.51
N LEU S 237 30.95 42.94 56.42
CA LEU S 237 32.21 42.32 56.86
C LEU S 237 31.96 41.07 57.69
N LYS S 238 31.08 41.19 58.69
CA LYS S 238 30.77 40.10 59.63
C LYS S 238 29.92 39.02 58.98
N LYS S 239 28.81 39.44 58.37
CA LYS S 239 27.87 38.55 57.69
C LYS S 239 27.72 38.95 56.21
N PRO S 240 28.67 38.51 55.35
CA PRO S 240 28.63 38.88 53.93
C PRO S 240 27.48 38.21 53.16
N ARG S 241 27.21 36.94 53.46
CA ARG S 241 26.17 36.18 52.78
C ARG S 241 24.76 36.56 53.24
N GLY S 242 24.61 36.85 54.54
CA GLY S 242 23.34 37.31 55.10
C GLY S 242 22.42 36.16 55.47
N LEU T 4 27.41 46.05 66.14
CA LEU T 4 28.64 46.64 66.76
C LEU T 4 28.22 47.62 67.86
N ARG T 5 28.86 47.51 69.03
CA ARG T 5 28.51 48.30 70.20
C ARG T 5 29.59 49.33 70.53
N VAL T 6 29.19 50.61 70.64
CA VAL T 6 30.09 51.71 71.00
C VAL T 6 29.43 52.57 72.09
N HIS T 7 30.27 53.08 73.00
CA HIS T 7 29.82 53.90 74.14
C HIS T 7 29.45 55.32 73.69
N PRO T 8 28.75 56.10 74.55
CA PRO T 8 28.50 57.51 74.20
C PRO T 8 29.78 58.35 74.20
N GLU T 9 30.57 58.22 75.27
CA GLU T 9 31.91 58.84 75.35
C GLU T 9 32.91 58.35 74.30
N ALA T 10 32.78 57.11 73.83
CA ALA T 10 33.67 56.55 72.81
C ALA T 10 33.33 57.07 71.41
N GLN T 11 32.04 57.00 71.05
CA GLN T 11 31.54 57.55 69.79
C GLN T 11 31.83 59.05 69.69
N ALA T 12 31.67 59.75 70.82
CA ALA T 12 31.93 61.19 70.90
C ALA T 12 33.38 61.57 70.54
N LYS T 13 34.35 60.81 71.05
CA LYS T 13 35.77 61.03 70.72
C LYS T 13 36.07 60.99 69.22
N VAL T 14 35.37 60.11 68.51
CA VAL T 14 35.48 60.03 67.04
C VAL T 14 34.66 61.14 66.37
N ASP T 15 33.47 61.43 66.90
CA ASP T 15 32.64 62.55 66.42
C ASP T 15 33.36 63.90 66.56
N VAL T 16 34.06 64.08 67.68
CA VAL T 16 34.90 65.27 67.93
C VAL T 16 35.98 65.45 66.85
N PHE T 17 36.67 64.37 66.52
CA PHE T 17 37.75 64.41 65.52
C PHE T 17 37.25 64.82 64.13
N ARG T 18 36.11 64.27 63.72
CA ARG T 18 35.51 64.60 62.42
C ARG T 18 34.99 66.05 62.35
N GLU T 19 34.45 66.55 63.47
CA GLU T 19 34.07 67.96 63.59
C GLU T 19 35.28 68.89 63.48
N ASP T 20 36.38 68.52 64.15
CA ASP T 20 37.64 69.27 64.07
C ASP T 20 38.24 69.20 62.66
N LEU T 21 38.23 68.01 62.07
CA LEU T 21 38.82 67.78 60.74
C LEU T 21 38.06 68.49 59.62
N CYS T 22 36.72 68.41 59.66
CA CYS T 22 35.88 69.14 58.70
C CYS T 22 36.02 70.66 58.86
N SER T 23 36.04 71.13 60.10
CA SER T 23 36.23 72.55 60.41
C SER T 23 37.61 73.04 59.98
N LYS T 24 38.64 72.25 60.25
CA LYS T 24 40.01 72.54 59.80
C LYS T 24 40.10 72.57 58.28
N THR T 25 39.58 71.53 57.63
CA THR T 25 39.60 71.41 56.16
C THR T 25 38.87 72.57 55.48
N GLU T 26 37.66 72.86 55.92
CA GLU T 26 36.84 73.94 55.34
C GLU T 26 37.51 75.32 55.45
N ASN T 27 38.05 75.62 56.63
CA ASN T 27 38.82 76.86 56.85
C ASN T 27 40.10 76.88 56.03
N LEU T 28 40.82 75.75 56.04
CA LEU T 28 42.09 75.60 55.32
C LEU T 28 41.92 75.71 53.80
N LEU T 29 41.02 74.90 53.26
CA LEU T 29 40.70 74.90 51.82
C LEU T 29 40.26 76.30 51.37
N GLY T 30 39.42 76.94 52.18
CA GLY T 30 38.94 78.29 51.89
C GLY T 30 39.99 79.39 51.96
N SER T 31 40.67 79.51 53.10
CA SER T 31 41.57 80.65 53.38
C SER T 31 43.08 80.35 53.23
N TYR T 32 43.53 79.22 53.77
CA TYR T 32 44.96 78.90 53.86
C TYR T 32 45.63 78.71 52.50
N PHE T 33 44.97 77.97 51.59
CA PHE T 33 45.55 77.60 50.30
C PHE T 33 45.77 78.77 49.33
N PRO T 34 44.80 79.70 49.22
CA PRO T 34 45.04 80.94 48.45
C PRO T 34 46.22 81.79 48.95
N LYS T 35 46.38 81.91 50.26
CA LYS T 35 47.52 82.65 50.85
C LYS T 35 48.86 82.03 50.43
N LYS T 36 48.96 80.70 50.53
CA LYS T 36 50.16 79.97 50.12
C LYS T 36 50.48 80.07 48.63
N ILE T 37 49.44 80.12 47.79
CA ILE T 37 49.61 80.34 46.34
C ILE T 37 50.17 81.75 46.08
N SER T 38 49.72 82.73 46.86
CA SER T 38 50.20 84.11 46.75
C SER T 38 51.63 84.30 47.29
N GLU T 39 51.94 83.63 48.41
CA GLU T 39 53.29 83.67 49.01
C GLU T 39 54.36 83.12 48.08
N LEU T 40 54.10 81.95 47.49
CA LEU T 40 55.08 81.24 46.67
C LEU T 40 55.30 81.86 45.29
N ASP T 41 54.28 82.56 44.77
CA ASP T 41 54.46 83.42 43.58
C ASP T 41 55.34 84.62 43.90
N ALA T 42 55.13 85.24 45.05
CA ALA T 42 55.99 86.33 45.53
C ALA T 42 57.41 85.83 45.82
N PHE T 43 57.53 84.61 46.35
CA PHE T 43 58.82 83.98 46.64
C PHE T 43 59.61 83.64 45.38
N LEU T 44 58.91 83.20 44.33
CA LEU T 44 59.56 82.92 43.03
C LEU T 44 60.04 84.20 42.32
N LYS T 45 59.28 85.28 42.43
CA LYS T 45 59.63 86.57 41.81
C LYS T 45 60.78 87.32 42.50
N GLU T 46 61.14 86.92 43.73
CA GLU T 46 62.24 87.55 44.47
C GLU T 46 63.60 87.43 43.76
N PRO T 47 64.56 88.34 44.09
CA PRO T 47 65.91 88.20 43.53
C PRO T 47 66.77 87.09 44.17
N ALA T 48 66.32 86.53 45.29
CA ALA T 48 67.00 85.39 45.93
C ALA T 48 66.91 84.13 45.07
N LEU T 49 65.69 83.77 44.67
CA LEU T 49 65.45 82.59 43.81
C LEU T 49 65.48 82.89 42.30
N ASN T 50 65.75 84.14 41.92
CA ASN T 50 65.90 84.52 40.52
C ASN T 50 67.28 85.16 40.33
N GLU T 51 68.25 84.36 39.87
CA GLU T 51 69.64 84.79 39.71
C GLU T 51 69.97 85.07 38.24
N ALA T 52 70.63 86.20 38.00
CA ALA T 52 71.13 86.55 36.67
C ALA T 52 72.35 85.70 36.31
N ASN T 53 73.28 85.59 37.25
CA ASN T 53 74.53 84.86 37.06
C ASN T 53 74.63 83.68 38.04
N LEU T 54 75.13 82.55 37.55
CA LEU T 54 75.29 81.34 38.37
C LEU T 54 76.48 81.43 39.34
N SER T 55 77.57 82.04 38.88
CA SER T 55 78.80 82.18 39.69
C SER T 55 78.71 83.15 40.88
N ASN T 56 77.60 83.87 41.02
CA ASN T 56 77.30 84.62 42.26
C ASN T 56 77.09 83.69 43.46
N LEU T 57 76.52 82.51 43.21
CA LEU T 57 76.35 81.47 44.24
C LEU T 57 77.66 80.82 44.66
N LYS T 58 78.61 80.75 43.72
CA LYS T 58 79.93 80.10 43.93
C LYS T 58 80.62 80.55 45.24
N ALA T 59 80.63 79.65 46.22
CA ALA T 59 81.15 79.93 47.56
C ALA T 59 82.68 79.90 47.59
N PRO T 60 83.30 80.38 48.69
CA PRO T 60 84.76 80.24 48.83
C PRO T 60 85.18 78.83 49.26
N LEU T 61 85.76 78.07 48.33
CA LEU T 61 86.29 76.72 48.61
C LEU T 61 87.80 76.83 48.84
N ASP T 62 88.18 76.99 50.12
CA ASP T 62 89.58 77.25 50.49
C ASP T 62 90.35 75.95 50.75
N ILE T 63 90.97 75.45 49.70
CA ILE T 63 91.95 74.35 49.78
C ILE T 63 93.16 74.78 48.95
N PRO T 64 94.35 74.94 49.59
CA PRO T 64 95.55 75.23 48.80
C PRO T 64 95.96 74.06 47.90
N VAL T 65 96.62 74.38 46.78
CA VAL T 65 97.02 73.36 45.78
C VAL T 65 98.56 73.24 45.75
N PRO T 66 99.12 72.28 46.51
CA PRO T 66 100.58 72.17 46.61
C PRO T 66 101.18 71.41 45.42
N CYS T 101 94.46 71.23 56.66
CA CYS T 101 93.67 72.13 55.81
C CYS T 101 92.79 73.07 56.64
N GLY T 102 92.47 74.23 56.07
CA GLY T 102 91.63 75.22 56.73
C GLY T 102 90.15 74.84 56.70
N PRO T 103 89.32 75.53 57.51
CA PRO T 103 87.90 75.18 57.63
C PRO T 103 87.08 75.61 56.42
N VAL T 104 86.45 74.64 55.76
CA VAL T 104 85.60 74.89 54.59
C VAL T 104 84.13 74.93 55.05
N ASN T 105 83.54 76.13 55.00
CA ASN T 105 82.14 76.33 55.40
C ASN T 105 81.16 75.81 54.35
N CYS T 106 79.89 75.73 54.75
CA CYS T 106 78.79 75.46 53.83
C CYS T 106 78.51 76.70 52.98
N ASN T 107 77.78 76.51 51.88
CA ASN T 107 77.41 77.63 51.01
C ASN T 107 76.39 78.52 51.73
N GLU T 108 76.72 79.80 51.83
CA GLU T 108 75.90 80.76 52.60
C GLU T 108 74.58 81.07 51.88
N LYS T 109 74.68 81.38 50.59
CA LYS T 109 73.50 81.73 49.76
C LYS T 109 72.49 80.59 49.58
N ILE T 110 72.93 79.34 49.71
CA ILE T 110 72.03 78.18 49.66
C ILE T 110 71.39 77.90 51.02
N VAL T 111 72.17 77.98 52.10
CA VAL T 111 71.66 77.68 53.45
C VAL T 111 70.53 78.63 53.86
N VAL T 112 70.65 79.91 53.51
CA VAL T 112 69.56 80.88 53.74
C VAL T 112 68.27 80.53 52.97
N LEU T 113 68.41 80.05 51.73
CA LEU T 113 67.26 79.60 50.93
C LEU T 113 66.63 78.33 51.47
N LEU T 114 67.45 77.40 51.95
CA LEU T 114 66.97 76.17 52.60
C LEU T 114 66.19 76.44 53.89
N GLN T 115 66.57 77.49 54.61
CA GLN T 115 65.85 77.92 55.82
C GLN T 115 64.44 78.49 55.53
N ARG T 116 64.23 78.99 54.32
CA ARG T 116 62.89 79.38 53.84
C ARG T 116 62.09 78.21 53.30
N LEU T 117 62.78 77.27 52.67
CA LEU T 117 62.15 76.10 52.06
C LEU T 117 61.66 75.07 53.09
N LYS T 118 62.42 74.88 54.17
CA LYS T 118 62.09 73.87 55.19
C LYS T 118 60.72 74.04 55.88
N PRO T 119 60.34 75.28 56.26
CA PRO T 119 58.97 75.47 56.76
C PRO T 119 57.88 75.26 55.71
N GLU T 120 58.17 75.55 54.44
CA GLU T 120 57.22 75.31 53.35
C GLU T 120 57.02 73.81 53.04
N ILE T 121 58.10 73.03 53.13
CA ILE T 121 58.01 71.57 52.97
C ILE T 121 57.20 70.95 54.11
N LYS T 122 57.44 71.43 55.33
CA LYS T 122 56.65 71.04 56.51
C LYS T 122 55.14 71.21 56.30
N ASP T 123 54.75 72.36 55.75
CA ASP T 123 53.33 72.73 55.63
C ASP T 123 52.58 71.84 54.65
N VAL T 124 53.04 71.79 53.40
CA VAL T 124 52.39 70.94 52.36
C VAL T 124 52.12 69.50 52.80
N THR T 125 53.11 68.86 53.43
CA THR T 125 52.99 67.47 53.84
C THR T 125 51.93 67.30 54.94
N GLU T 126 51.86 68.26 55.87
CA GLU T 126 50.85 68.25 56.94
C GLU T 126 49.46 68.60 56.43
N GLN T 127 49.35 69.65 55.62
CA GLN T 127 48.05 70.07 55.07
C GLN T 127 47.48 69.03 54.11
N LEU T 128 48.35 68.41 53.31
CA LEU T 128 47.94 67.35 52.39
C LEU T 128 47.50 66.08 53.12
N ASN T 129 48.21 65.71 54.18
CA ASN T 129 47.84 64.57 55.02
C ASN T 129 46.47 64.79 55.68
N LEU T 130 46.22 66.03 56.10
CA LEU T 130 44.91 66.44 56.65
C LEU T 130 43.81 66.34 55.60
N VAL T 131 44.09 66.81 54.40
CA VAL T 131 43.16 66.75 53.26
C VAL T 131 42.91 65.31 52.78
N THR T 132 43.98 64.49 52.75
CA THR T 132 43.88 63.08 52.34
C THR T 132 43.02 62.29 53.33
N THR T 133 43.27 62.49 54.62
CA THR T 133 42.51 61.84 55.69
C THR T 133 41.04 62.30 55.71
N TRP T 134 40.80 63.56 55.39
CA TRP T 134 39.44 64.09 55.28
C TRP T 134 38.62 63.33 54.23
N LEU T 135 39.22 63.08 53.06
CA LEU T 135 38.55 62.36 51.97
C LEU T 135 38.32 60.88 52.28
N GLN T 136 39.27 60.24 52.95
CA GLN T 136 39.13 58.83 53.36
C GLN T 136 37.92 58.59 54.29
N LEU T 137 37.54 59.61 55.06
CA LEU T 137 36.35 59.58 55.91
C LEU T 137 35.05 59.92 55.16
N GLN T 138 35.15 60.71 54.09
CA GLN T 138 33.99 60.99 53.23
C GLN T 138 33.56 59.80 52.36
N ILE T 139 34.43 58.79 52.22
CA ILE T 139 34.09 57.58 51.46
C ILE T 139 32.93 56.87 52.16
N PRO T 140 31.76 56.76 51.49
CA PRO T 140 30.58 56.18 52.13
C PRO T 140 30.65 54.66 52.26
N ARG T 141 29.59 54.07 52.80
CA ARG T 141 29.46 52.62 52.93
C ARG T 141 29.58 51.98 51.55
N ILE T 142 30.31 50.87 51.47
CA ILE T 142 30.54 50.19 50.19
C ILE T 142 29.25 49.47 49.80
N GLU T 143 28.56 50.03 48.81
CA GLU T 143 27.27 49.51 48.33
C GLU T 143 27.31 49.22 46.84
N ASP T 144 26.31 48.49 46.38
CA ASP T 144 26.26 47.99 45.00
C ASP T 144 25.85 49.12 44.03
N GLY T 145 24.76 49.81 44.36
CA GLY T 145 24.23 50.90 43.54
C GLY T 145 24.61 52.30 44.00
N ASN T 146 24.59 53.24 43.06
CA ASN T 146 24.86 54.67 43.28
C ASN T 146 26.32 54.91 43.69
N ASN T 147 27.25 54.43 42.87
CA ASN T 147 28.69 54.48 43.15
C ASN T 147 29.50 55.39 42.21
N PHE T 148 28.84 56.37 41.59
CA PHE T 148 29.56 57.36 40.78
C PHE T 148 30.27 58.38 41.68
N GLY T 149 29.54 58.89 42.68
CA GLY T 149 30.11 59.77 43.70
C GLY T 149 31.34 59.19 44.37
N VAL T 150 31.35 57.87 44.56
CA VAL T 150 32.52 57.16 45.08
C VAL T 150 33.64 57.22 44.05
N ALA T 151 33.33 56.91 42.80
CA ALA T 151 34.31 56.94 41.70
C ALA T 151 34.95 58.32 41.45
N VAL T 152 34.23 59.39 41.77
CA VAL T 152 34.77 60.75 41.73
C VAL T 152 35.81 60.94 42.84
N GLN T 153 35.51 60.43 44.04
CA GLN T 153 36.45 60.48 45.17
C GLN T 153 37.76 59.75 44.86
N GLU T 154 37.66 58.60 44.19
CA GLU T 154 38.83 57.77 43.89
C GLU T 154 39.76 58.43 42.87
N LYS T 155 39.21 59.18 41.92
CA LYS T 155 40.00 59.94 40.94
C LYS T 155 40.76 61.11 41.60
N VAL T 156 40.10 61.78 42.54
CA VAL T 156 40.75 62.82 43.35
C VAL T 156 41.78 62.18 44.30
N PHE T 157 41.45 61.00 44.82
CA PHE T 157 42.35 60.24 45.70
C PHE T 157 43.62 59.76 44.97
N GLU T 158 43.52 59.48 43.67
CA GLU T 158 44.69 59.18 42.83
C GLU T 158 45.66 60.37 42.74
N LEU T 159 45.10 61.56 42.55
CA LEU T 159 45.90 62.81 42.46
C LEU T 159 46.58 63.16 43.78
N MET T 160 45.85 63.04 44.90
CA MET T 160 46.41 63.25 46.24
C MET T 160 47.58 62.32 46.55
N THR T 161 47.49 61.08 46.07
CA THR T 161 48.57 60.10 46.20
C THR T 161 49.80 60.47 45.36
N ASN T 162 49.56 60.94 44.14
CA ASN T 162 50.64 61.34 43.23
C ASN T 162 51.43 62.54 43.71
N LEU T 163 50.77 63.47 44.41
CA LEU T 163 51.46 64.56 45.09
C LEU T 163 52.28 64.02 46.25
N HIS T 164 51.66 63.20 47.10
CA HIS T 164 52.34 62.58 48.25
C HIS T 164 53.62 61.82 47.85
N THR T 165 53.56 61.08 46.74
CA THR T 165 54.73 60.38 46.21
C THR T 165 55.83 61.37 45.81
N LYS T 166 55.43 62.45 45.14
CA LYS T 166 56.35 63.49 44.68
C LYS T 166 56.95 64.31 45.83
N LEU T 167 56.11 64.71 46.78
CA LEU T 167 56.53 65.59 47.89
C LEU T 167 57.39 64.91 48.96
N GLU T 168 57.32 63.59 49.09
CA GLU T 168 58.11 62.87 50.12
C GLU T 168 59.61 62.87 49.79
N GLY T 169 59.95 62.85 48.51
CA GLY T 169 61.33 62.95 48.05
C GLY T 169 62.04 64.25 48.43
N PHE T 170 61.29 65.33 48.61
CA PHE T 170 61.83 66.64 48.99
C PHE T 170 62.45 66.67 50.40
N HIS T 171 61.89 65.87 51.31
CA HIS T 171 62.25 65.96 52.73
C HIS T 171 63.68 65.47 53.00
N THR T 172 64.03 64.32 52.42
CA THR T 172 65.34 63.70 52.63
C THR T 172 66.45 64.20 51.68
N GLN T 173 66.10 65.04 50.70
CA GLN T 173 67.09 65.54 49.71
C GLN T 173 68.05 66.59 50.31
N ILE T 174 67.59 67.32 51.34
CA ILE T 174 68.41 68.34 52.02
C ILE T 174 69.54 67.68 52.83
N SER T 175 69.23 66.58 53.50
CA SER T 175 70.24 65.73 54.14
C SER T 175 71.20 65.12 53.12
N LYS T 176 70.65 64.73 51.97
CA LYS T 176 71.41 64.19 50.84
C LYS T 176 72.39 65.21 50.24
N TYR T 177 71.96 66.48 50.19
CA TYR T 177 72.80 67.58 49.68
C TYR T 177 74.04 67.81 50.54
N PHE T 178 73.86 67.96 51.84
CA PHE T 178 74.98 68.17 52.77
C PHE T 178 75.89 66.94 52.89
N SER T 179 75.31 65.75 52.77
CA SER T 179 76.09 64.51 52.80
C SER T 179 76.98 64.36 51.57
N GLU T 180 76.41 64.61 50.38
CA GLU T 180 77.16 64.53 49.12
C GLU T 180 78.16 65.67 48.94
N ARG T 181 77.80 66.87 49.38
CA ARG T 181 78.73 68.01 49.36
C ARG T 181 79.85 67.82 50.39
N GLY T 182 79.53 67.24 51.53
CA GLY T 182 80.53 66.91 52.55
C GLY T 182 81.57 65.91 52.07
N ASP T 183 81.11 64.88 51.37
CA ASP T 183 82.00 63.90 50.73
C ASP T 183 82.80 64.54 49.59
N ALA T 184 82.17 65.45 48.86
CA ALA T 184 82.83 66.19 47.77
C ALA T 184 83.95 67.11 48.27
N VAL T 185 83.71 67.80 49.37
CA VAL T 185 84.72 68.68 49.99
C VAL T 185 85.88 67.85 50.57
N ALA T 186 85.55 66.77 51.27
CA ALA T 186 86.57 65.90 51.88
C ALA T 186 87.45 65.23 50.84
N LYS T 187 86.86 64.77 49.73
CA LYS T 187 87.61 64.23 48.59
C LYS T 187 88.51 65.28 47.94
N ALA T 188 88.02 66.52 47.85
CA ALA T 188 88.81 67.64 47.30
C ALA T 188 90.01 68.00 48.18
N ALA T 189 89.86 67.84 49.50
CA ALA T 189 90.95 68.11 50.45
C ALA T 189 92.02 67.02 50.44
N LYS T 190 91.60 65.75 50.45
CA LYS T 190 92.53 64.61 50.45
C LYS T 190 93.34 64.50 49.15
N GLN T 191 92.70 64.82 48.02
CA GLN T 191 93.38 64.93 46.72
C GLN T 191 93.17 66.33 46.14
N PRO T 192 94.03 67.30 46.52
CA PRO T 192 93.95 68.65 45.93
C PRO T 192 94.31 68.68 44.43
N HIS T 193 95.25 67.82 44.03
CA HIS T 193 95.65 67.69 42.61
C HIS T 193 94.51 67.40 41.63
N VAL T 194 93.45 66.73 42.11
CA VAL T 194 92.28 66.45 41.27
C VAL T 194 91.44 67.72 41.16
N GLY T 195 91.39 68.28 39.94
CA GLY T 195 90.62 69.50 39.67
C GLY T 195 89.12 69.32 39.61
N ASP T 196 88.65 68.09 39.36
CA ASP T 196 87.22 67.81 39.21
C ASP T 196 86.42 67.89 40.52
N TYR T 197 87.03 67.46 41.63
CA TYR T 197 86.38 67.51 42.94
C TYR T 197 86.11 68.95 43.40
N ARG T 198 86.96 69.89 42.97
CA ARG T 198 86.72 71.31 43.21
C ARG T 198 85.51 71.78 42.39
N GLN T 199 85.45 71.37 41.13
CA GLN T 199 84.32 71.68 40.24
C GLN T 199 83.03 70.97 40.67
N LEU T 200 83.15 69.77 41.25
CA LEU T 200 82.01 69.02 41.79
C LEU T 200 81.29 69.80 42.87
N VAL T 201 82.05 70.31 43.83
CA VAL T 201 81.50 71.08 44.96
C VAL T 201 80.73 72.32 44.46
N HIS T 202 81.30 73.01 43.48
CA HIS T 202 80.64 74.17 42.87
C HIS T 202 79.44 73.78 42.00
N GLU T 203 79.49 72.60 41.38
CA GLU T 203 78.35 72.09 40.58
C GLU T 203 77.15 71.65 41.44
N LEU T 204 77.42 71.02 42.59
CA LEU T 204 76.35 70.64 43.53
C LEU T 204 75.61 71.86 44.08
N ASP T 205 76.33 72.98 44.22
CA ASP T 205 75.72 74.26 44.64
C ASP T 205 74.76 74.80 43.57
N GLU T 206 75.17 74.73 42.30
CA GLU T 206 74.31 75.14 41.18
C GLU T 206 73.13 74.19 41.00
N ALA T 207 73.36 72.90 41.19
CA ALA T 207 72.29 71.88 41.12
C ALA T 207 71.27 72.05 42.25
N GLU T 208 71.76 72.28 43.47
CA GLU T 208 70.90 72.47 44.64
C GLU T 208 70.06 73.75 44.56
N TYR T 209 70.64 74.81 43.98
CA TYR T 209 69.91 76.06 43.75
C TYR T 209 68.74 75.87 42.79
N GLN T 210 68.98 75.15 41.70
CA GLN T 210 67.94 74.82 40.72
C GLN T 210 66.88 73.88 41.29
N GLU T 211 67.31 72.93 42.13
CA GLU T 211 66.40 71.96 42.76
C GLU T 211 65.50 72.66 43.79
N ILE T 212 66.09 73.53 44.60
CA ILE T 212 65.34 74.41 45.51
C ILE T 212 64.32 75.27 44.75
N ARG T 213 64.69 75.74 43.56
CA ARG T 213 63.78 76.51 42.70
C ARG T 213 62.62 75.67 42.17
N LEU T 214 62.88 74.41 41.80
CA LEU T 214 61.80 73.49 41.39
C LEU T 214 60.91 73.09 42.57
N MET T 215 61.50 72.88 43.74
CA MET T 215 60.75 72.51 44.95
C MET T 215 59.72 73.57 45.37
N VAL T 216 60.07 74.85 45.22
CA VAL T 216 59.13 75.94 45.47
C VAL T 216 58.01 75.93 44.44
N MET T 217 58.36 75.70 43.17
CA MET T 217 57.35 75.58 42.10
C MET T 217 56.41 74.40 42.30
N GLU T 218 56.97 73.23 42.63
CA GLU T 218 56.16 72.02 42.87
C GLU T 218 55.25 72.13 44.09
N ILE T 219 55.74 72.78 45.14
CA ILE T 219 54.95 73.06 46.35
C ILE T 219 53.80 74.04 46.04
N ARG T 220 54.07 75.05 45.21
CA ARG T 220 53.03 75.97 44.73
C ARG T 220 51.99 75.22 43.89
N ASN T 221 52.48 74.46 42.92
CA ASN T 221 51.59 73.74 41.99
C ASN T 221 50.83 72.59 42.66
N ALA T 222 51.37 72.08 43.76
CA ALA T 222 50.63 71.12 44.60
C ALA T 222 49.41 71.79 45.23
N TYR T 223 49.63 72.94 45.87
CA TYR T 223 48.54 73.73 46.47
C TYR T 223 47.51 74.17 45.42
N ALA T 224 47.99 74.68 44.29
CA ALA T 224 47.11 75.19 43.23
C ALA T 224 46.20 74.13 42.65
N VAL T 225 46.77 72.96 42.34
CA VAL T 225 46.03 71.84 41.75
C VAL T 225 45.02 71.24 42.74
N LEU T 226 45.43 71.07 43.99
CA LEU T 226 44.53 70.57 45.06
C LEU T 226 43.33 71.48 45.28
N TYR T 227 43.58 72.77 45.38
CA TYR T 227 42.52 73.77 45.52
C TYR T 227 41.53 73.68 44.36
N ASP T 228 42.05 73.57 43.14
CA ASP T 228 41.24 73.55 41.93
C ASP T 228 40.33 72.32 41.85
N ILE T 229 40.91 71.14 42.00
CA ILE T 229 40.15 69.88 41.86
C ILE T 229 39.11 69.66 42.97
N ILE T 230 39.40 70.13 44.19
CA ILE T 230 38.47 69.99 45.31
C ILE T 230 37.29 70.97 45.18
N LEU T 231 37.55 72.21 44.75
CA LEU T 231 36.48 73.21 44.54
C LEU T 231 35.46 72.79 43.47
N LYS T 232 35.96 72.29 42.35
CA LYS T 232 35.10 71.84 41.26
C LYS T 232 34.23 70.64 41.67
N ASN T 233 34.87 69.65 42.29
CA ASN T 233 34.20 68.40 42.68
C ASN T 233 33.61 68.37 44.10
N PHE T 234 33.60 69.51 44.81
CA PHE T 234 33.23 69.55 46.24
C PHE T 234 31.87 68.93 46.58
N GLU T 235 30.91 69.02 45.66
CA GLU T 235 29.58 68.44 45.87
C GLU T 235 29.64 66.92 45.98
N LYS T 236 30.28 66.27 45.01
CA LYS T 236 30.42 64.81 45.00
C LYS T 236 31.41 64.26 46.04
N LEU T 237 32.39 65.07 46.45
CA LEU T 237 33.35 64.65 47.48
C LEU T 237 32.70 64.58 48.86
N LYS T 238 31.96 65.64 49.21
CA LYS T 238 31.31 65.74 50.53
C LYS T 238 30.10 64.81 50.62
N LYS T 239 29.21 64.90 49.64
CA LYS T 239 27.98 64.10 49.57
C LYS T 239 27.95 63.29 48.26
N PRO T 240 28.59 62.10 48.25
CA PRO T 240 28.71 61.31 47.00
C PRO T 240 27.41 60.63 46.56
N ARG T 241 26.68 60.05 47.51
CA ARG T 241 25.39 59.42 47.22
C ARG T 241 24.31 60.44 46.84
N GLY T 242 24.49 61.69 47.26
CA GLY T 242 23.57 62.79 46.92
C GLY T 242 22.74 63.29 48.09
N GLU T 243 22.65 62.49 49.16
CA GLU T 243 21.88 62.87 50.34
C GLU T 243 22.26 62.00 51.54
N HIS U 7 34.95 81.37 49.54
CA HIS U 7 35.03 82.77 50.05
C HIS U 7 35.44 83.74 48.90
N PRO U 8 34.87 84.97 48.87
CA PRO U 8 35.16 85.91 47.76
C PRO U 8 36.63 86.32 47.59
N GLU U 9 37.25 86.87 48.64
CA GLU U 9 38.66 87.32 48.57
C GLU U 9 39.65 86.18 48.30
N ALA U 10 39.32 84.98 48.78
CA ALA U 10 40.10 83.77 48.50
C ALA U 10 40.08 83.42 47.02
N GLN U 11 38.88 83.30 46.46
CA GLN U 11 38.70 83.03 45.02
C GLN U 11 39.20 84.19 44.15
N ALA U 12 39.11 85.41 44.66
CA ALA U 12 39.66 86.60 43.98
C ALA U 12 41.19 86.52 43.84
N LYS U 13 41.86 85.96 44.84
CA LYS U 13 43.32 85.83 44.85
C LYS U 13 43.82 84.67 43.98
N VAL U 14 43.06 83.57 43.94
CA VAL U 14 43.41 82.39 43.13
C VAL U 14 43.18 82.66 41.63
N ASP U 15 42.13 83.40 41.29
CA ASP U 15 41.85 83.76 39.89
C ASP U 15 42.92 84.70 39.27
N VAL U 16 43.66 85.41 40.11
CA VAL U 16 44.84 86.18 39.66
C VAL U 16 45.97 85.24 39.21
N PHE U 17 46.14 84.13 39.93
CA PHE U 17 47.11 83.09 39.54
C PHE U 17 46.74 82.41 38.21
N ARG U 18 45.45 82.11 38.02
CA ARG U 18 44.95 81.56 36.76
C ARG U 18 45.13 82.53 35.58
N GLU U 19 44.93 83.82 35.84
CA GLU U 19 45.14 84.87 34.83
C GLU U 19 46.60 84.95 34.41
N ASP U 20 47.50 85.01 35.39
CA ASP U 20 48.96 85.03 35.13
C ASP U 20 49.44 83.75 34.46
N LEU U 21 48.95 82.59 34.92
CA LEU U 21 49.34 81.29 34.36
C LEU U 21 48.81 81.08 32.93
N CYS U 22 47.61 81.58 32.65
CA CYS U 22 47.05 81.58 31.29
C CYS U 22 47.77 82.58 30.37
N SER U 23 47.98 83.80 30.87
CA SER U 23 48.65 84.86 30.12
C SER U 23 50.13 84.55 29.88
N LYS U 24 50.78 83.88 30.84
CA LYS U 24 52.13 83.34 30.63
C LYS U 24 52.10 82.30 29.52
N THR U 25 51.32 81.25 29.72
CA THR U 25 51.25 80.10 28.80
C THR U 25 50.90 80.47 27.35
N GLU U 26 49.91 81.35 27.17
CA GLU U 26 49.48 81.77 25.82
C GLU U 26 50.54 82.60 25.09
N ASN U 27 51.15 83.55 25.81
CA ASN U 27 52.26 84.35 25.26
C ASN U 27 53.52 83.51 25.06
N LEU U 28 53.88 82.75 26.09
CA LEU U 28 55.01 81.80 26.06
C LEU U 28 54.94 80.85 24.86
N LEU U 29 53.82 80.15 24.72
CA LEU U 29 53.63 79.23 23.60
C LEU U 29 53.60 79.95 22.25
N GLY U 30 53.10 81.19 22.24
CA GLY U 30 53.09 82.01 21.03
C GLY U 30 54.46 82.49 20.57
N SER U 31 55.25 83.03 21.50
CA SER U 31 56.54 83.69 21.17
C SER U 31 57.80 82.99 21.73
N TYR U 32 57.76 82.55 22.98
CA TYR U 32 58.93 81.96 23.67
C TYR U 32 59.37 80.62 23.08
N PHE U 33 58.40 79.74 22.80
CA PHE U 33 58.68 78.38 22.30
C PHE U 33 59.30 78.35 20.90
N PRO U 34 58.74 79.10 19.93
CA PRO U 34 59.39 79.22 18.61
C PRO U 34 60.82 79.77 18.64
N LYS U 35 61.12 80.68 19.57
CA LYS U 35 62.47 81.23 19.74
C LYS U 35 63.44 80.15 20.20
N LYS U 36 63.08 79.45 21.28
CA LYS U 36 63.93 78.40 21.85
C LYS U 36 64.18 77.25 20.87
N ILE U 37 63.19 76.88 20.07
CA ILE U 37 63.36 75.88 19.02
C ILE U 37 64.40 76.37 18.00
N SER U 38 64.29 77.64 17.61
CA SER U 38 65.20 78.24 16.62
C SER U 38 66.63 78.46 17.17
N GLU U 39 66.74 78.83 18.44
CA GLU U 39 68.05 79.01 19.09
C GLU U 39 68.85 77.71 19.19
N LEU U 40 68.18 76.63 19.56
CA LEU U 40 68.82 75.31 19.72
C LEU U 40 69.18 74.66 18.38
N ASP U 41 68.49 75.04 17.30
CA ASP U 41 68.91 74.67 15.93
C ASP U 41 70.22 75.34 15.55
N ALA U 42 70.35 76.63 15.88
CA ALA U 42 71.59 77.37 15.67
C ALA U 42 72.73 76.82 16.52
N PHE U 43 72.42 76.45 17.77
CA PHE U 43 73.40 75.90 18.72
C PHE U 43 73.98 74.56 18.26
N LEU U 44 73.13 73.70 17.68
CA LEU U 44 73.57 72.43 17.09
C LEU U 44 74.44 72.59 15.84
N LYS U 45 74.18 73.65 15.05
CA LYS U 45 74.97 73.93 13.84
C LYS U 45 76.32 74.61 14.08
N GLU U 46 76.59 75.07 15.31
CA GLU U 46 77.87 75.72 15.63
C GLU U 46 79.04 74.74 15.60
N PRO U 47 80.29 75.25 15.40
CA PRO U 47 81.45 74.36 15.40
C PRO U 47 81.84 73.80 16.79
N ALA U 48 81.33 74.41 17.86
CA ALA U 48 81.56 73.90 19.23
C ALA U 48 80.98 72.49 19.42
N LEU U 49 79.75 72.28 18.96
CA LEU U 49 79.06 70.98 19.06
C LEU U 49 79.28 70.04 17.86
N ASN U 50 79.81 70.55 16.75
CA ASN U 50 80.12 69.73 15.57
C ASN U 50 81.64 69.53 15.40
N GLU U 51 82.26 68.86 16.37
CA GLU U 51 83.68 68.53 16.27
C GLU U 51 83.87 67.38 15.29
N ALA U 52 84.74 67.58 14.30
CA ALA U 52 85.03 66.57 13.28
C ALA U 52 85.81 65.40 13.90
N ASN U 53 86.93 65.72 14.55
CA ASN U 53 87.76 64.74 15.25
C ASN U 53 87.45 64.77 16.74
N LEU U 54 87.42 63.59 17.34
CA LEU U 54 87.15 63.43 18.78
C LEU U 54 88.36 63.81 19.66
N SER U 55 89.57 63.62 19.11
CA SER U 55 90.81 63.91 19.83
C SER U 55 91.11 65.40 20.04
N ASN U 56 90.37 66.29 19.39
CA ASN U 56 90.45 67.74 19.66
C ASN U 56 90.02 68.08 21.09
N LEU U 57 89.07 67.31 21.62
CA LEU U 57 88.61 67.45 23.00
C LEU U 57 89.65 67.00 24.02
N LYS U 58 90.34 65.90 23.71
CA LYS U 58 91.35 65.27 24.58
C LYS U 58 92.19 66.28 25.38
N ALA U 59 91.89 66.38 26.67
CA ALA U 59 92.52 67.37 27.56
C ALA U 59 93.92 66.93 28.00
N PRO U 60 94.71 67.84 28.60
CA PRO U 60 95.98 67.42 29.18
C PRO U 60 95.80 66.68 30.50
N LEU U 61 96.15 65.40 30.53
CA LEU U 61 96.15 64.58 31.74
C LEU U 61 97.59 64.43 32.22
N ASP U 62 97.99 65.29 33.16
CA ASP U 62 99.40 65.44 33.57
C ASP U 62 99.71 64.66 34.86
N ILE U 63 100.12 63.40 34.69
CA ILE U 63 100.55 62.52 35.80
C ILE U 63 101.90 61.90 35.40
N PRO U 64 102.85 61.77 36.36
CA PRO U 64 104.12 61.13 36.00
C PRO U 64 104.01 59.61 35.85
N VAL U 65 104.31 59.09 34.66
CA VAL U 65 104.32 57.65 34.40
C VAL U 65 105.71 57.08 34.71
N PRO U 66 105.84 56.26 35.79
CA PRO U 66 107.16 55.73 36.12
C PRO U 66 107.53 54.50 35.30
N ASP U 67 108.77 54.04 35.49
CA ASP U 67 109.28 52.81 34.87
C ASP U 67 110.11 52.03 35.90
N PRO U 68 110.05 50.68 35.86
CA PRO U 68 110.57 49.86 36.97
C PRO U 68 112.09 49.85 37.14
N VAL U 69 112.84 50.13 36.07
CA VAL U 69 114.31 50.04 36.10
C VAL U 69 115.02 51.19 36.85
N LYS U 70 114.47 52.39 36.76
CA LYS U 70 115.13 53.59 37.33
C LYS U 70 115.19 53.64 38.86
N GLU U 71 114.13 53.15 39.53
CA GLU U 71 114.06 53.18 41.01
C GLU U 71 115.18 52.37 41.67
N LYS U 72 115.44 51.17 41.13
CA LYS U 72 116.58 50.35 41.58
C LYS U 72 117.94 50.91 41.16
N GLU U 73 118.00 51.51 39.96
CA GLU U 73 119.24 52.13 39.45
C GLU U 73 119.67 53.37 40.24
N LYS U 74 118.71 54.22 40.63
CA LYS U 74 118.97 55.39 41.47
C LYS U 74 119.59 55.02 42.82
N GLU U 75 119.11 53.94 43.42
CA GLU U 75 119.66 53.41 44.68
C GLU U 75 121.09 52.91 44.46
N GLU U 76 121.26 52.04 43.47
CA GLU U 76 122.58 51.48 43.12
C GLU U 76 123.35 52.47 42.24
N CYS U 101 102.85 64.78 42.33
CA CYS U 101 101.87 64.84 41.25
C CYS U 101 101.16 66.19 41.23
N GLY U 102 101.36 66.96 40.16
CA GLY U 102 100.79 68.31 40.04
C GLY U 102 99.30 68.32 39.72
N PRO U 103 98.70 69.53 39.62
CA PRO U 103 97.26 69.68 39.43
C PRO U 103 96.76 69.27 38.03
N VAL U 104 95.77 68.38 38.00
CA VAL U 104 95.09 67.97 36.76
C VAL U 104 93.77 68.73 36.68
N ASN U 105 93.65 69.58 35.66
CA ASN U 105 92.47 70.43 35.47
C ASN U 105 91.33 69.67 34.79
N CYS U 106 90.15 70.27 34.83
CA CYS U 106 88.98 69.76 34.12
C CYS U 106 89.12 70.04 32.62
N ASN U 107 88.32 69.35 31.81
CA ASN U 107 88.32 69.54 30.36
C ASN U 107 87.76 70.92 30.04
N GLU U 108 88.61 71.78 29.47
CA GLU U 108 88.26 73.17 29.16
C GLU U 108 87.18 73.27 28.09
N LYS U 109 87.30 72.44 27.06
CA LYS U 109 86.34 72.41 25.95
C LYS U 109 84.95 71.86 26.31
N ILE U 110 84.85 71.11 27.40
CA ILE U 110 83.55 70.61 27.90
C ILE U 110 82.90 71.62 28.85
N VAL U 111 83.67 72.19 29.76
CA VAL U 111 83.14 73.10 30.80
C VAL U 111 82.49 74.36 30.18
N VAL U 112 83.01 74.83 29.05
CA VAL U 112 82.36 75.92 28.29
C VAL U 112 81.00 75.50 27.71
N LEU U 113 80.88 74.25 27.25
CA LEU U 113 79.61 73.71 26.75
C LEU U 113 78.58 73.50 27.87
N LEU U 114 79.04 73.04 29.04
CA LEU U 114 78.17 72.85 30.20
C LEU U 114 77.60 74.17 30.73
N GLN U 115 78.40 75.25 30.63
CA GLN U 115 77.93 76.60 30.98
C GLN U 115 76.86 77.15 30.04
N ARG U 116 76.85 76.68 28.78
CA ARG U 116 75.78 76.99 27.83
C ARG U 116 74.59 76.02 27.91
N LEU U 117 74.85 74.78 28.33
CA LEU U 117 73.80 73.77 28.48
C LEU U 117 72.93 73.98 29.73
N LYS U 118 73.55 74.33 30.85
CA LYS U 118 72.85 74.49 32.14
C LYS U 118 71.68 75.51 32.15
N PRO U 119 71.85 76.69 31.52
CA PRO U 119 70.70 77.60 31.41
C PRO U 119 69.54 77.10 30.54
N GLU U 120 69.83 76.24 29.57
CA GLU U 120 68.80 75.62 28.72
C GLU U 120 68.03 74.51 29.44
N ILE U 121 68.73 73.74 30.29
CA ILE U 121 68.09 72.70 31.12
C ILE U 121 67.17 73.35 32.16
N LYS U 122 67.59 74.49 32.71
CA LYS U 122 66.76 75.31 33.61
C LYS U 122 65.42 75.71 32.98
N ASP U 123 65.45 76.12 31.71
CA ASP U 123 64.25 76.61 31.03
C ASP U 123 63.23 75.51 30.75
N VAL U 124 63.67 74.42 30.10
CA VAL U 124 62.76 73.29 29.80
C VAL U 124 62.03 72.78 31.04
N THR U 125 62.75 72.62 32.15
CA THR U 125 62.17 72.11 33.39
C THR U 125 61.16 73.10 33.98
N GLU U 126 61.43 74.40 33.84
CA GLU U 126 60.50 75.43 34.33
C GLU U 126 59.29 75.62 33.42
N GLN U 127 59.51 75.79 32.12
CA GLN U 127 58.41 76.04 31.17
C GLN U 127 57.50 74.82 30.98
N LEU U 128 58.07 73.61 31.02
CA LEU U 128 57.27 72.39 30.96
C LEU U 128 56.41 72.22 32.22
N ASN U 129 57.00 72.48 33.38
CA ASN U 129 56.29 72.39 34.67
C ASN U 129 55.14 73.42 34.76
N LEU U 130 55.35 74.58 34.15
CA LEU U 130 54.29 75.61 34.01
C LEU U 130 53.12 75.09 33.18
N VAL U 131 53.42 74.52 32.01
CA VAL U 131 52.39 73.98 31.10
C VAL U 131 51.71 72.74 31.71
N THR U 132 52.48 71.89 32.39
CA THR U 132 51.93 70.76 33.14
C THR U 132 50.86 71.25 34.12
N THR U 133 51.20 72.26 34.91
CA THR U 133 50.29 72.86 35.88
C THR U 133 49.12 73.59 35.24
N TRP U 134 49.35 74.22 34.08
CA TRP U 134 48.29 74.88 33.33
C TRP U 134 47.21 73.89 32.91
N LEU U 135 47.61 72.74 32.38
CA LEU U 135 46.66 71.71 31.94
C LEU U 135 45.83 71.13 33.08
N GLN U 136 46.46 70.91 34.23
CA GLN U 136 45.76 70.37 35.41
C GLN U 136 44.61 71.28 35.89
N LEU U 137 44.78 72.59 35.74
CA LEU U 137 43.71 73.56 36.03
C LEU U 137 42.60 73.57 34.97
N GLN U 138 42.95 73.29 33.71
CA GLN U 138 41.95 73.18 32.64
C GLN U 138 41.05 71.93 32.74
N ILE U 139 41.51 70.89 33.46
CA ILE U 139 40.73 69.66 33.64
C ILE U 139 39.40 70.00 34.31
N PRO U 140 38.26 69.71 33.64
CA PRO U 140 36.96 70.15 34.16
C PRO U 140 36.47 69.28 35.31
N ARG U 141 35.26 69.58 35.80
CA ARG U 141 34.58 68.80 36.82
C ARG U 141 34.34 67.37 36.30
N ILE U 142 34.49 66.39 37.18
CA ILE U 142 34.32 64.98 36.80
C ILE U 142 32.82 64.70 36.67
N GLU U 143 32.40 64.33 35.45
CA GLU U 143 31.01 63.97 35.16
C GLU U 143 30.94 62.64 34.42
N ASP U 144 29.77 62.00 34.50
CA ASP U 144 29.55 60.69 33.89
C ASP U 144 29.45 60.81 32.37
N GLY U 145 28.70 61.82 31.92
CA GLY U 145 28.55 62.13 30.49
C GLY U 145 29.46 63.25 30.02
N ASN U 146 29.86 63.15 28.75
CA ASN U 146 30.63 64.16 28.00
C ASN U 146 32.07 64.25 28.48
N ASN U 147 32.84 63.20 28.17
CA ASN U 147 34.21 63.04 28.67
C ASN U 147 35.24 62.72 27.58
N PHE U 148 34.99 63.16 26.34
CA PHE U 148 35.96 62.99 25.27
C PHE U 148 37.04 64.09 25.32
N GLY U 149 36.62 65.32 25.57
CA GLY U 149 37.54 66.43 25.80
C GLY U 149 38.49 66.22 26.98
N VAL U 150 38.02 65.48 27.98
CA VAL U 150 38.85 65.10 29.14
C VAL U 150 39.91 64.06 28.73
N ALA U 151 39.51 63.12 27.87
CA ALA U 151 40.43 62.10 27.35
C ALA U 151 41.55 62.68 26.47
N VAL U 152 41.27 63.77 25.76
CA VAL U 152 42.26 64.48 24.95
C VAL U 152 43.33 65.13 25.85
N GLN U 153 42.89 65.73 26.95
CA GLN U 153 43.79 66.32 27.95
C GLN U 153 44.71 65.27 28.58
N GLU U 154 44.11 64.15 29.00
CA GLU U 154 44.85 63.06 29.64
C GLU U 154 45.89 62.38 28.71
N LYS U 155 45.64 62.40 27.41
CA LYS U 155 46.61 61.91 26.42
C LYS U 155 47.79 62.89 26.26
N VAL U 156 47.49 64.19 26.30
CA VAL U 156 48.53 65.24 26.30
C VAL U 156 49.33 65.22 27.61
N PHE U 157 48.65 64.92 28.73
CA PHE U 157 49.31 64.86 30.04
C PHE U 157 50.28 63.67 30.17
N GLU U 158 50.02 62.58 29.45
CA GLU U 158 50.95 61.45 29.34
C GLU U 158 52.28 61.88 28.72
N LEU U 159 52.20 62.66 27.65
CA LEU U 159 53.38 63.16 26.93
C LEU U 159 54.27 64.07 27.79
N MET U 160 53.63 64.97 28.53
CA MET U 160 54.35 65.87 29.46
C MET U 160 55.04 65.12 30.61
N THR U 161 54.42 64.02 31.06
CA THR U 161 55.03 63.13 32.04
C THR U 161 56.25 62.42 31.44
N ASN U 162 56.13 61.97 30.20
CA ASN U 162 57.23 61.28 29.49
C ASN U 162 58.43 62.21 29.23
N LEU U 163 58.16 63.47 28.90
CA LEU U 163 59.22 64.48 28.75
C LEU U 163 59.84 64.80 30.11
N HIS U 164 59.00 65.07 31.11
CA HIS U 164 59.45 65.33 32.49
C HIS U 164 60.32 64.20 33.06
N THR U 165 59.95 62.95 32.76
CA THR U 165 60.69 61.78 33.23
C THR U 165 62.12 61.74 32.70
N LYS U 166 62.30 61.98 31.40
CA LYS U 166 63.63 62.00 30.78
C LYS U 166 64.42 63.28 31.07
N LEU U 167 63.73 64.43 31.11
CA LEU U 167 64.37 65.73 31.34
C LEU U 167 64.90 65.93 32.77
N GLU U 168 64.37 65.18 33.74
CA GLU U 168 64.89 65.22 35.12
C GLU U 168 66.25 64.55 35.24
N GLY U 169 66.49 63.50 34.45
CA GLY U 169 67.79 62.81 34.40
C GLY U 169 68.96 63.65 33.92
N PHE U 170 68.69 64.69 33.13
CA PHE U 170 69.74 65.60 32.62
C PHE U 170 70.39 66.45 33.72
N HIS U 171 69.64 66.74 34.78
CA HIS U 171 70.06 67.70 35.79
C HIS U 171 71.24 67.19 36.63
N THR U 172 71.09 65.97 37.15
CA THR U 172 72.10 65.37 38.03
C THR U 172 73.23 64.63 37.29
N GLN U 173 73.15 64.51 35.96
CA GLN U 173 74.20 63.86 35.18
C GLN U 173 75.47 64.70 35.07
N ILE U 174 75.32 66.03 35.13
CA ILE U 174 76.47 66.95 35.14
C ILE U 174 77.32 66.77 36.41
N SER U 175 76.65 66.59 37.56
CA SER U 175 77.34 66.27 38.81
C SER U 175 77.95 64.86 38.80
N LYS U 176 77.26 63.91 38.16
CA LYS U 176 77.79 62.56 37.93
C LYS U 176 79.08 62.55 37.09
N TYR U 177 79.13 63.41 36.08
CA TYR U 177 80.30 63.53 35.19
C TYR U 177 81.56 63.90 35.97
N PHE U 178 81.49 64.99 36.72
CA PHE U 178 82.62 65.45 37.54
C PHE U 178 82.98 64.49 38.68
N SER U 179 81.99 63.79 39.22
CA SER U 179 82.22 62.78 40.25
C SER U 179 82.98 61.57 39.69
N GLU U 180 82.53 61.05 38.55
CA GLU U 180 83.19 59.91 37.90
C GLU U 180 84.55 60.25 37.30
N ARG U 181 84.68 61.46 36.73
CA ARG U 181 85.97 61.94 36.21
C ARG U 181 86.95 62.22 37.35
N GLY U 182 86.44 62.71 38.48
CA GLY U 182 87.24 62.88 39.70
C GLY U 182 87.76 61.56 40.24
N ASP U 183 86.89 60.55 40.29
CA ASP U 183 87.28 59.20 40.70
C ASP U 183 88.26 58.57 39.70
N ALA U 184 88.06 58.84 38.41
CA ALA U 184 88.93 58.31 37.35
C ALA U 184 90.32 58.96 37.36
N VAL U 185 90.37 60.27 37.51
CA VAL U 185 91.64 61.00 37.62
C VAL U 185 92.37 60.62 38.92
N ALA U 186 91.62 60.44 40.00
CA ALA U 186 92.19 60.03 41.29
C ALA U 186 92.82 58.64 41.22
N LYS U 187 92.09 57.68 40.63
CA LYS U 187 92.62 56.32 40.43
C LYS U 187 93.83 56.28 39.48
N ALA U 188 93.84 57.16 38.48
CA ALA U 188 94.95 57.26 37.52
C ALA U 188 96.22 57.77 38.18
N ALA U 189 96.08 58.76 39.07
CA ALA U 189 97.22 59.31 39.83
C ALA U 189 97.69 58.35 40.92
N LYS U 190 96.74 57.71 41.59
CA LYS U 190 97.03 56.74 42.67
C LYS U 190 97.63 55.44 42.12
N GLN U 191 97.27 55.09 40.89
CA GLN U 191 97.80 53.92 40.18
C GLN U 191 98.36 54.36 38.80
N PRO U 192 99.57 54.94 38.77
CA PRO U 192 100.15 55.44 37.51
C PRO U 192 100.49 54.35 36.50
N HIS U 193 100.98 53.22 36.99
CA HIS U 193 101.31 52.04 36.15
C HIS U 193 100.13 51.47 35.34
N VAL U 194 98.90 51.70 35.81
CA VAL U 194 97.70 51.22 35.10
C VAL U 194 97.39 52.19 33.95
N GLY U 195 97.49 51.70 32.72
CA GLY U 195 97.27 52.52 31.52
C GLY U 195 95.82 52.78 31.15
N ASP U 196 94.91 51.97 31.68
CA ASP U 196 93.47 52.08 31.35
C ASP U 196 92.78 53.26 32.01
N TYR U 197 93.15 53.57 33.26
CA TYR U 197 92.59 54.73 33.98
C TYR U 197 92.88 56.05 33.25
N ARG U 198 93.99 56.11 32.53
CA ARG U 198 94.33 57.28 31.70
C ARG U 198 93.38 57.41 30.52
N GLN U 199 93.05 56.29 29.88
CA GLN U 199 92.06 56.26 28.80
C GLN U 199 90.65 56.50 29.33
N LEU U 200 90.33 55.96 30.51
CA LEU U 200 89.02 56.17 31.17
C LEU U 200 88.65 57.65 31.32
N VAL U 201 89.64 58.49 31.63
CA VAL U 201 89.43 59.94 31.74
C VAL U 201 89.11 60.54 30.36
N HIS U 202 89.84 60.11 29.33
CA HIS U 202 89.61 60.59 27.96
C HIS U 202 88.30 60.08 27.36
N GLU U 203 87.87 58.87 27.77
CA GLU U 203 86.59 58.31 27.31
C GLU U 203 85.38 58.95 27.98
N LEU U 204 85.51 59.30 29.26
CA LEU U 204 84.47 60.06 29.97
C LEU U 204 84.24 61.45 29.35
N ASP U 205 85.31 62.06 28.83
CA ASP U 205 85.20 63.34 28.10
C ASP U 205 84.48 63.18 26.76
N GLU U 206 84.89 62.18 25.99
CA GLU U 206 84.22 61.86 24.71
C GLU U 206 82.78 61.39 24.91
N ALA U 207 82.52 60.68 26.01
CA ALA U 207 81.16 60.27 26.38
C ALA U 207 80.29 61.45 26.78
N GLU U 208 80.87 62.38 27.55
CA GLU U 208 80.15 63.57 28.03
C GLU U 208 79.82 64.54 26.89
N TYR U 209 80.78 64.77 26.00
CA TYR U 209 80.58 65.60 24.81
C TYR U 209 79.40 65.12 23.96
N GLN U 210 79.34 63.81 23.74
CA GLN U 210 78.21 63.18 23.03
C GLN U 210 76.91 63.32 23.81
N GLU U 211 76.99 63.18 25.13
CA GLU U 211 75.82 63.32 26.02
C GLU U 211 75.30 64.76 26.05
N ILE U 212 76.20 65.75 26.04
CA ILE U 212 75.81 67.17 25.91
C ILE U 212 75.04 67.39 24.61
N ARG U 213 75.56 66.80 23.53
CA ARG U 213 74.98 66.97 22.20
C ARG U 213 73.54 66.44 22.13
N LEU U 214 73.32 65.25 22.68
CA LEU U 214 71.98 64.65 22.74
C LEU U 214 71.04 65.39 23.70
N MET U 215 71.60 65.93 24.79
CA MET U 215 70.82 66.76 25.74
C MET U 215 70.34 68.07 25.12
N VAL U 216 71.10 68.62 24.17
CA VAL U 216 70.65 69.78 23.39
C VAL U 216 69.56 69.35 22.41
N MET U 217 69.78 68.24 21.72
CA MET U 217 68.79 67.67 20.80
C MET U 217 67.46 67.38 21.48
N GLU U 218 67.52 66.74 22.65
CA GLU U 218 66.32 66.39 23.42
C GLU U 218 65.54 67.62 23.90
N ILE U 219 66.28 68.65 24.32
CA ILE U 219 65.70 69.94 24.73
C ILE U 219 65.05 70.67 23.54
N ARG U 220 65.69 70.61 22.37
CA ARG U 220 65.11 71.13 21.12
C ARG U 220 63.82 70.38 20.78
N ASN U 221 63.90 69.05 20.80
CA ASN U 221 62.77 68.20 20.43
C ASN U 221 61.62 68.26 21.44
N ALA U 222 61.95 68.47 22.72
CA ALA U 222 60.95 68.62 23.77
C ALA U 222 60.06 69.86 23.56
N TYR U 223 60.68 70.97 23.17
CA TYR U 223 59.95 72.19 22.81
C TYR U 223 59.09 71.99 21.55
N ALA U 224 59.70 71.43 20.51
CA ALA U 224 59.05 71.24 19.21
C ALA U 224 57.79 70.38 19.27
N VAL U 225 57.84 69.31 20.07
CA VAL U 225 56.72 68.37 20.23
C VAL U 225 55.61 68.98 21.10
N LEU U 226 55.99 69.66 22.18
CA LEU U 226 55.03 70.34 23.05
C LEU U 226 54.25 71.43 22.32
N TYR U 227 54.95 72.22 21.51
CA TYR U 227 54.31 73.23 20.67
C TYR U 227 53.32 72.58 19.71
N ASP U 228 53.77 71.52 19.03
CA ASP U 228 52.97 70.85 18.02
C ASP U 228 51.68 70.22 18.59
N ILE U 229 51.82 69.46 19.67
CA ILE U 229 50.68 68.76 20.28
C ILE U 229 49.67 69.71 20.93
N ILE U 230 50.15 70.79 21.55
CA ILE U 230 49.25 71.78 22.18
C ILE U 230 48.54 72.62 21.11
N LEU U 231 49.26 73.06 20.09
CA LEU U 231 48.69 73.93 19.05
C LEU U 231 47.59 73.24 18.24
N LYS U 232 47.79 71.96 17.93
CA LYS U 232 46.78 71.16 17.24
C LYS U 232 45.53 70.95 18.10
N ASN U 233 45.74 70.55 19.35
CA ASN U 233 44.65 70.19 20.26
C ASN U 233 44.15 71.34 21.16
N PHE U 234 44.56 72.58 20.90
CA PHE U 234 44.31 73.71 21.82
C PHE U 234 42.84 73.94 22.18
N GLU U 235 41.93 73.70 21.23
CA GLU U 235 40.50 73.88 21.47
C GLU U 235 39.94 72.87 22.48
N LYS U 236 40.26 71.59 22.28
CA LYS U 236 39.84 70.53 23.19
C LYS U 236 40.52 70.61 24.57
N LEU U 237 41.75 71.12 24.62
CA LEU U 237 42.47 71.28 25.90
C LEU U 237 41.86 72.37 26.77
N LYS U 238 41.64 73.55 26.17
CA LYS U 238 41.10 74.70 26.90
C LYS U 238 39.59 74.59 27.16
N LYS U 239 38.85 74.20 26.13
CA LYS U 239 37.39 74.04 26.20
C LYS U 239 36.99 72.58 25.92
N PRO U 240 37.12 71.70 26.94
CA PRO U 240 36.86 70.27 26.72
C PRO U 240 35.38 69.92 26.52
N ARG U 241 34.51 70.51 27.35
CA ARG U 241 33.08 70.21 27.31
C ARG U 241 32.37 71.01 26.20
N GLY U 242 32.64 72.31 26.16
CA GLY U 242 32.05 73.19 25.15
C GLY U 242 32.37 74.65 25.37
N PRO V 8 -11.37 -2.72 -41.69
CA PRO V 8 -10.87 -1.94 -42.82
C PRO V 8 -9.37 -2.18 -43.12
N GLU V 9 -8.47 -1.58 -42.33
CA GLU V 9 -7.04 -1.90 -42.37
C GLU V 9 -6.73 -3.13 -41.52
N ALA V 10 -7.60 -3.39 -40.53
CA ALA V 10 -7.48 -4.55 -39.64
C ALA V 10 -7.75 -5.87 -40.36
N GLN V 11 -8.85 -5.91 -41.10
CA GLN V 11 -9.22 -7.08 -41.91
C GLN V 11 -8.17 -7.38 -42.98
N ALA V 12 -7.49 -6.34 -43.47
CA ALA V 12 -6.38 -6.50 -44.43
C ALA V 12 -5.20 -7.29 -43.85
N LYS V 13 -4.84 -7.04 -42.60
CA LYS V 13 -3.74 -7.76 -41.93
C LYS V 13 -4.05 -9.24 -41.69
N VAL V 14 -5.30 -9.54 -41.32
CA VAL V 14 -5.75 -10.92 -41.10
C VAL V 14 -5.93 -11.65 -42.44
N ASP V 15 -6.29 -10.90 -43.49
CA ASP V 15 -6.35 -11.45 -44.87
C ASP V 15 -4.96 -11.90 -45.36
N VAL V 16 -3.91 -11.16 -45.00
CA VAL V 16 -2.52 -11.54 -45.31
C VAL V 16 -2.15 -12.84 -44.58
N PHE V 17 -2.46 -12.93 -43.29
CA PHE V 17 -2.17 -14.12 -42.49
C PHE V 17 -2.97 -15.37 -42.92
N ARG V 18 -4.23 -15.17 -43.28
CA ARG V 18 -5.11 -16.29 -43.71
C ARG V 18 -4.58 -17.01 -44.95
N GLU V 19 -4.06 -16.24 -45.91
CA GLU V 19 -3.49 -16.80 -47.14
C GLU V 19 -2.11 -17.42 -46.86
N ASP V 20 -1.30 -16.76 -46.04
CA ASP V 20 0.02 -17.28 -45.64
C ASP V 20 -0.05 -18.66 -44.97
N LEU V 21 -1.08 -18.89 -44.16
CA LEU V 21 -1.29 -20.19 -43.50
C LEU V 21 -1.79 -21.24 -44.50
N CYS V 22 -2.69 -20.84 -45.40
CA CYS V 22 -3.18 -21.71 -46.47
C CYS V 22 -2.10 -22.06 -47.50
N SER V 23 -1.30 -21.06 -47.89
CA SER V 23 -0.20 -21.25 -48.84
C SER V 23 0.92 -22.10 -48.25
N LYS V 24 1.20 -21.93 -46.96
CA LYS V 24 2.13 -22.81 -46.24
C LYS V 24 1.59 -24.24 -46.20
N THR V 25 0.38 -24.41 -45.65
CA THR V 25 -0.23 -25.72 -45.45
C THR V 25 -0.33 -26.57 -46.74
N GLU V 26 -0.80 -25.96 -47.82
CA GLU V 26 -0.94 -26.66 -49.11
C GLU V 26 0.41 -27.05 -49.73
N ASN V 27 1.36 -26.12 -49.72
CA ASN V 27 2.73 -26.38 -50.19
C ASN V 27 3.46 -27.39 -49.30
N LEU V 28 3.34 -27.21 -47.98
CA LEU V 28 3.92 -28.11 -46.98
C LEU V 28 3.38 -29.54 -47.11
N LEU V 29 2.06 -29.67 -47.06
CA LEU V 29 1.39 -30.97 -47.23
C LEU V 29 1.68 -31.60 -48.59
N GLY V 30 1.80 -30.75 -49.62
CA GLY V 30 2.12 -31.21 -50.98
C GLY V 30 3.51 -31.76 -51.21
N SER V 31 4.48 -31.39 -50.38
CA SER V 31 5.89 -31.80 -50.54
C SER V 31 6.58 -32.22 -49.24
N TYR V 32 6.58 -31.32 -48.25
CA TYR V 32 7.28 -31.50 -46.96
C TYR V 32 6.99 -32.83 -46.25
N PHE V 33 5.71 -33.24 -46.24
CA PHE V 33 5.28 -34.46 -45.55
C PHE V 33 5.76 -35.76 -46.22
N PRO V 34 5.62 -35.88 -47.56
CA PRO V 34 6.28 -36.97 -48.26
C PRO V 34 7.79 -37.02 -48.02
N LYS V 35 8.46 -35.88 -48.16
CA LYS V 35 9.91 -35.75 -47.97
C LYS V 35 10.38 -36.24 -46.61
N LYS V 36 9.65 -35.86 -45.56
CA LYS V 36 9.97 -36.27 -44.19
C LYS V 36 9.83 -37.78 -43.96
N ILE V 37 8.86 -38.41 -44.64
CA ILE V 37 8.64 -39.85 -44.52
C ILE V 37 9.80 -40.65 -45.15
N SER V 38 10.31 -40.18 -46.30
CA SER V 38 11.48 -40.80 -46.94
C SER V 38 12.76 -40.57 -46.13
N GLU V 39 12.94 -39.35 -45.62
CA GLU V 39 14.09 -39.00 -44.76
C GLU V 39 14.12 -39.83 -43.47
N LEU V 40 12.99 -39.88 -42.76
CA LEU V 40 12.90 -40.54 -41.46
C LEU V 40 12.95 -42.08 -41.55
N ASP V 41 12.37 -42.66 -42.59
CA ASP V 41 12.43 -44.11 -42.80
C ASP V 41 13.86 -44.52 -43.13
N ALA V 42 14.47 -43.81 -44.10
CA ALA V 42 15.88 -44.02 -44.46
C ALA V 42 16.84 -43.80 -43.28
N PHE V 43 16.52 -42.83 -42.42
CA PHE V 43 17.25 -42.61 -41.15
C PHE V 43 17.08 -43.82 -40.21
N LEU V 44 15.87 -44.36 -40.13
CA LEU V 44 15.60 -45.57 -39.34
C LEU V 44 16.39 -46.78 -39.89
N LYS V 45 16.48 -46.90 -41.21
CA LYS V 45 17.20 -47.99 -41.86
C LYS V 45 18.74 -47.90 -41.83
N GLU V 46 19.30 -46.80 -41.29
CA GLU V 46 20.76 -46.67 -41.14
C GLU V 46 21.34 -47.69 -40.13
N PRO V 47 22.66 -47.96 -40.19
CA PRO V 47 23.29 -48.79 -39.17
C PRO V 47 23.45 -48.11 -37.79
N ALA V 48 23.31 -46.78 -37.72
CA ALA V 48 23.33 -46.04 -36.46
C ALA V 48 22.18 -46.42 -35.52
N LEU V 49 20.96 -46.47 -36.08
CA LEU V 49 19.76 -46.88 -35.34
C LEU V 49 19.43 -48.39 -35.45
N ASN V 50 20.31 -49.16 -36.10
CA ASN V 50 20.20 -50.61 -36.15
C ASN V 50 21.53 -51.24 -35.70
N GLU V 51 21.90 -50.97 -34.45
CA GLU V 51 23.08 -51.58 -33.83
C GLU V 51 22.81 -53.07 -33.63
N ALA V 52 23.71 -53.90 -34.15
CA ALA V 52 23.54 -55.36 -34.14
C ALA V 52 23.46 -55.92 -32.72
N ASN V 53 24.36 -55.46 -31.87
CA ASN V 53 24.44 -55.89 -30.48
C ASN V 53 24.30 -54.70 -29.54
N LEU V 54 23.72 -54.94 -28.37
CA LEU V 54 23.52 -53.92 -27.34
C LEU V 54 24.84 -53.48 -26.68
N SER V 55 25.85 -54.34 -26.73
CA SER V 55 27.18 -54.04 -26.16
C SER V 55 28.00 -52.99 -26.92
N ASN V 56 27.62 -52.67 -28.15
CA ASN V 56 28.28 -51.60 -28.93
C ASN V 56 28.10 -50.21 -28.27
N LEU V 57 26.91 -49.96 -27.75
CA LEU V 57 26.58 -48.68 -27.10
C LEU V 57 27.22 -48.49 -25.72
N LYS V 58 27.63 -49.59 -25.08
CA LYS V 58 28.23 -49.56 -23.73
C LYS V 58 29.45 -48.63 -23.66
N ALA V 59 29.29 -47.52 -22.94
CA ALA V 59 30.32 -46.48 -22.84
C ALA V 59 31.33 -46.82 -21.72
N PRO V 60 32.46 -46.08 -21.64
CA PRO V 60 33.45 -46.35 -20.60
C PRO V 60 33.12 -45.62 -19.28
N LEU V 61 33.20 -46.35 -18.17
CA LEU V 61 32.89 -45.80 -16.85
C LEU V 61 34.15 -45.79 -15.97
N ASP V 62 34.88 -44.67 -16.00
CA ASP V 62 36.13 -44.52 -15.26
C ASP V 62 35.89 -44.24 -13.78
N ILE V 63 35.61 -45.30 -13.02
CA ILE V 63 35.41 -45.22 -11.56
C ILE V 63 36.31 -46.26 -10.89
N PRO V 64 37.11 -45.85 -9.88
CA PRO V 64 37.90 -46.85 -9.12
C PRO V 64 37.03 -47.78 -8.28
N VAL V 65 37.43 -49.05 -8.18
CA VAL V 65 36.68 -50.09 -7.46
C VAL V 65 37.51 -50.59 -6.27
N PRO V 66 37.13 -50.19 -5.03
CA PRO V 66 37.90 -50.61 -3.85
C PRO V 66 37.57 -52.04 -3.42
N CYS V 101 38.00 -37.69 -8.45
CA CYS V 101 37.58 -38.75 -9.35
C CYS V 101 37.78 -38.35 -10.82
N GLY V 102 38.07 -39.34 -11.67
CA GLY V 102 38.31 -39.10 -13.10
C GLY V 102 37.03 -38.76 -13.84
N PRO V 103 37.15 -38.10 -15.01
CA PRO V 103 35.98 -37.61 -15.74
C PRO V 103 35.21 -38.71 -16.46
N VAL V 104 33.94 -38.88 -16.10
CA VAL V 104 33.04 -39.82 -16.76
C VAL V 104 32.38 -39.12 -17.95
N ASN V 105 32.78 -39.53 -19.16
CA ASN V 105 32.22 -38.96 -20.39
C ASN V 105 30.81 -39.48 -20.61
N CYS V 106 29.91 -38.59 -21.05
CA CYS V 106 28.57 -38.97 -21.48
C CYS V 106 28.66 -39.79 -22.78
N ASN V 107 27.67 -40.66 -23.00
CA ASN V 107 27.72 -41.63 -24.10
C ASN V 107 27.79 -40.93 -25.46
N GLU V 108 28.94 -41.07 -26.12
CA GLU V 108 29.22 -40.40 -27.40
C GLU V 108 28.36 -40.94 -28.54
N LYS V 109 28.06 -42.24 -28.50
CA LYS V 109 27.22 -42.88 -29.52
C LYS V 109 25.75 -42.42 -29.47
N ILE V 110 25.23 -42.21 -28.27
CA ILE V 110 23.86 -41.70 -28.09
C ILE V 110 23.78 -40.20 -28.41
N VAL V 111 24.80 -39.43 -28.01
CA VAL V 111 24.82 -37.98 -28.26
C VAL V 111 24.72 -37.67 -29.76
N VAL V 112 25.48 -38.37 -30.60
CA VAL V 112 25.42 -38.17 -32.06
C VAL V 112 24.05 -38.48 -32.67
N LEU V 113 23.33 -39.44 -32.08
CA LEU V 113 21.93 -39.71 -32.44
C LEU V 113 20.99 -38.59 -31.97
N LEU V 114 21.20 -38.11 -30.75
CA LEU V 114 20.37 -37.03 -30.18
C LEU V 114 20.49 -35.70 -30.94
N GLN V 115 21.67 -35.40 -31.50
CA GLN V 115 21.84 -34.20 -32.35
C GLN V 115 21.07 -34.31 -33.67
N ARG V 116 20.85 -35.54 -34.13
CA ARG V 116 20.07 -35.82 -35.36
C ARG V 116 18.56 -35.96 -35.09
N LEU V 117 18.19 -36.30 -33.86
CA LEU V 117 16.79 -36.41 -33.44
C LEU V 117 16.15 -35.04 -33.10
N LYS V 118 16.88 -34.20 -32.38
CA LYS V 118 16.35 -32.90 -31.90
C LYS V 118 15.75 -31.97 -32.97
N PRO V 119 16.42 -31.78 -34.12
CA PRO V 119 15.80 -30.99 -35.20
C PRO V 119 14.56 -31.63 -35.83
N GLU V 120 14.47 -32.96 -35.80
CA GLU V 120 13.28 -33.67 -36.29
C GLU V 120 12.07 -33.54 -35.35
N ILE V 121 12.33 -33.50 -34.03
CA ILE V 121 11.30 -33.23 -33.02
C ILE V 121 10.81 -31.77 -33.13
N LYS V 122 11.75 -30.85 -33.38
CA LYS V 122 11.42 -29.43 -33.63
C LYS V 122 10.40 -29.26 -34.75
N ASP V 123 10.68 -29.89 -35.90
CA ASP V 123 9.90 -29.66 -37.12
C ASP V 123 8.46 -30.17 -36.98
N VAL V 124 8.31 -31.46 -36.68
CA VAL V 124 6.98 -32.10 -36.59
C VAL V 124 5.99 -31.39 -35.65
N THR V 125 6.47 -30.92 -34.50
CA THR V 125 5.62 -30.19 -33.53
C THR V 125 5.23 -28.80 -34.05
N GLU V 126 6.17 -28.14 -34.72
CA GLU V 126 5.94 -26.82 -35.33
C GLU V 126 4.94 -26.92 -36.48
N GLN V 127 5.10 -27.94 -37.33
CA GLN V 127 4.19 -28.15 -38.46
C GLN V 127 2.83 -28.69 -38.01
N LEU V 128 2.81 -29.55 -36.99
CA LEU V 128 1.55 -30.04 -36.40
C LEU V 128 0.74 -28.88 -35.81
N ASN V 129 1.40 -28.02 -35.05
CA ASN V 129 0.79 -26.79 -34.51
C ASN V 129 0.25 -25.88 -35.63
N LEU V 130 0.99 -25.78 -36.73
CA LEU V 130 0.56 -25.04 -37.91
C LEU V 130 -0.66 -25.67 -38.59
N VAL V 131 -0.63 -26.99 -38.80
CA VAL V 131 -1.74 -27.72 -39.43
C VAL V 131 -2.99 -27.75 -38.54
N THR V 132 -2.79 -27.83 -37.22
CA THR V 132 -3.89 -27.76 -36.25
C THR V 132 -4.61 -26.41 -36.34
N THR V 133 -3.85 -25.32 -36.39
CA THR V 133 -4.39 -23.97 -36.48
C THR V 133 -5.13 -23.71 -37.79
N TRP V 134 -4.60 -24.25 -38.89
CA TRP V 134 -5.27 -24.18 -40.19
C TRP V 134 -6.70 -24.74 -40.09
N LEU V 135 -6.81 -25.96 -39.56
CA LEU V 135 -8.09 -26.65 -39.42
C LEU V 135 -9.08 -25.94 -38.48
N GLN V 136 -8.56 -25.30 -37.43
CA GLN V 136 -9.42 -24.50 -36.53
C GLN V 136 -10.02 -23.29 -37.24
N LEU V 137 -9.24 -22.64 -38.11
CA LEU V 137 -9.73 -21.52 -38.90
C LEU V 137 -10.69 -21.93 -40.04
N GLN V 138 -10.63 -23.20 -40.47
CA GLN V 138 -11.59 -23.75 -41.43
C GLN V 138 -12.98 -24.01 -40.84
N ILE V 139 -13.10 -24.06 -39.51
CA ILE V 139 -14.39 -24.31 -38.84
C ILE V 139 -15.36 -23.18 -39.19
N PRO V 140 -16.50 -23.49 -39.82
CA PRO V 140 -17.43 -22.45 -40.24
C PRO V 140 -18.23 -21.89 -39.06
N ARG V 141 -19.18 -21.01 -39.37
CA ARG V 141 -20.10 -20.48 -38.36
C ARG V 141 -20.91 -21.61 -37.74
N ILE V 142 -21.15 -21.50 -36.43
CA ILE V 142 -21.89 -22.53 -35.69
C ILE V 142 -23.38 -22.41 -36.02
N GLU V 143 -23.87 -23.34 -36.85
CA GLU V 143 -25.28 -23.40 -37.23
C GLU V 143 -25.94 -24.68 -36.69
N ASP V 144 -27.27 -24.63 -36.60
CA ASP V 144 -28.07 -25.62 -35.86
C ASP V 144 -28.04 -27.01 -36.51
N GLY V 145 -28.33 -28.05 -35.72
CA GLY V 145 -28.44 -29.42 -36.21
C GLY V 145 -27.17 -30.21 -35.97
N ASN V 146 -26.83 -31.09 -36.92
CA ASN V 146 -25.57 -31.84 -36.90
C ASN V 146 -24.97 -31.88 -38.30
N ASN V 147 -24.47 -30.73 -38.74
CA ASN V 147 -23.86 -30.61 -40.05
C ASN V 147 -22.74 -31.61 -40.06
N PHE V 148 -22.57 -32.29 -41.17
CA PHE V 148 -21.57 -33.35 -41.24
C PHE V 148 -20.17 -32.86 -41.60
N GLY V 149 -20.09 -31.83 -42.43
CA GLY V 149 -18.81 -31.18 -42.75
C GLY V 149 -18.05 -30.69 -41.53
N VAL V 150 -18.78 -30.20 -40.54
CA VAL V 150 -18.19 -29.80 -39.25
C VAL V 150 -17.83 -31.03 -38.43
N ALA V 151 -18.69 -32.04 -38.44
CA ALA V 151 -18.43 -33.32 -37.75
C ALA V 151 -17.17 -34.04 -38.26
N VAL V 152 -16.90 -33.92 -39.57
CA VAL V 152 -15.65 -34.44 -40.16
C VAL V 152 -14.44 -33.67 -39.62
N GLN V 153 -14.53 -32.34 -39.61
CA GLN V 153 -13.46 -31.48 -39.08
C GLN V 153 -13.10 -31.79 -37.63
N GLU V 154 -14.12 -32.05 -36.81
CA GLU V 154 -13.93 -32.38 -35.39
C GLU V 154 -13.30 -33.76 -35.17
N LYS V 155 -13.57 -34.71 -36.07
CA LYS V 155 -12.96 -36.05 -36.02
C LYS V 155 -11.48 -36.02 -36.40
N VAL V 156 -11.14 -35.23 -37.41
CA VAL V 156 -9.75 -35.03 -37.82
C VAL V 156 -9.00 -34.19 -36.78
N PHE V 157 -9.68 -33.21 -36.18
CA PHE V 157 -9.13 -32.41 -35.08
C PHE V 157 -8.89 -33.24 -33.81
N GLU V 158 -9.71 -34.26 -33.60
CA GLU V 158 -9.54 -35.21 -32.48
C GLU V 158 -8.19 -35.95 -32.56
N LEU V 159 -7.83 -36.37 -33.78
CA LEU V 159 -6.53 -37.03 -34.03
C LEU V 159 -5.34 -36.11 -33.74
N MET V 160 -5.43 -34.85 -34.16
CA MET V 160 -4.34 -33.89 -33.97
C MET V 160 -4.11 -33.56 -32.49
N THR V 161 -5.16 -33.65 -31.68
CA THR V 161 -5.06 -33.54 -30.22
C THR V 161 -4.29 -34.72 -29.62
N ASN V 162 -4.59 -35.92 -30.10
CA ASN V 162 -3.97 -37.16 -29.60
C ASN V 162 -2.51 -37.31 -30.01
N LEU V 163 -2.19 -36.91 -31.24
CA LEU V 163 -0.79 -36.87 -31.70
C LEU V 163 0.02 -35.84 -30.93
N HIS V 164 -0.60 -34.68 -30.64
CA HIS V 164 0.06 -33.63 -29.86
C HIS V 164 0.49 -34.10 -28.47
N THR V 165 -0.33 -34.92 -27.82
CA THR V 165 0.00 -35.46 -26.48
C THR V 165 1.19 -36.44 -26.49
N LYS V 166 1.41 -37.14 -27.61
CA LYS V 166 2.62 -37.97 -27.77
C LYS V 166 3.86 -37.11 -27.93
N LEU V 167 3.80 -36.16 -28.86
CA LEU V 167 4.97 -35.35 -29.24
C LEU V 167 5.33 -34.23 -28.24
N GLU V 168 4.46 -33.94 -27.28
CA GLU V 168 4.79 -32.98 -26.20
C GLU V 168 5.77 -33.59 -25.19
N GLY V 169 5.62 -34.88 -24.89
CA GLY V 169 6.50 -35.58 -23.97
C GLY V 169 7.89 -35.90 -24.50
N PHE V 170 8.09 -35.78 -25.82
CA PHE V 170 9.37 -36.13 -26.46
C PHE V 170 10.49 -35.17 -26.13
N HIS V 171 10.24 -33.86 -26.27
CA HIS V 171 11.30 -32.85 -26.06
C HIS V 171 11.72 -32.63 -24.59
N THR V 172 10.89 -33.07 -23.65
CA THR V 172 11.25 -33.07 -22.22
C THR V 172 12.10 -34.29 -21.82
N GLN V 173 11.90 -35.42 -22.48
CA GLN V 173 12.56 -36.68 -22.08
C GLN V 173 14.09 -36.68 -22.32
N ILE V 174 14.55 -35.89 -23.29
CA ILE V 174 15.98 -35.72 -23.54
C ILE V 174 16.67 -35.06 -22.34
N SER V 175 16.01 -34.06 -21.76
CA SER V 175 16.47 -33.45 -20.49
C SER V 175 16.44 -34.44 -19.33
N LYS V 176 15.37 -35.23 -19.27
CA LYS V 176 15.20 -36.28 -18.25
C LYS V 176 16.28 -37.38 -18.32
N TYR V 177 16.75 -37.69 -19.53
CA TYR V 177 17.80 -38.71 -19.72
C TYR V 177 19.13 -38.31 -19.10
N PHE V 178 19.62 -37.12 -19.47
CA PHE V 178 20.87 -36.58 -18.92
C PHE V 178 20.76 -36.26 -17.42
N SER V 179 19.55 -35.94 -16.97
CA SER V 179 19.28 -35.76 -15.54
C SER V 179 19.37 -37.08 -14.78
N GLU V 180 18.72 -38.12 -15.31
CA GLU V 180 18.74 -39.46 -14.68
C GLU V 180 20.08 -40.18 -14.82
N ARG V 181 20.79 -39.96 -15.93
CA ARG V 181 22.13 -40.53 -16.12
C ARG V 181 23.17 -39.81 -15.25
N GLY V 182 23.02 -38.49 -15.11
CA GLY V 182 23.86 -37.70 -14.21
C GLY V 182 23.74 -38.13 -12.75
N ASP V 183 22.50 -38.41 -12.32
CA ASP V 183 22.24 -38.93 -10.98
C ASP V 183 22.80 -40.35 -10.79
N ALA V 184 22.64 -41.19 -11.82
CA ALA V 184 23.13 -42.57 -11.79
C ALA V 184 24.66 -42.67 -11.71
N VAL V 185 25.34 -41.83 -12.50
CA VAL V 185 26.80 -41.75 -12.48
C VAL V 185 27.30 -41.15 -11.16
N ALA V 186 26.59 -40.14 -10.67
CA ALA V 186 26.90 -39.52 -9.37
C ALA V 186 26.80 -40.50 -8.21
N LYS V 187 25.73 -41.32 -8.19
CA LYS V 187 25.55 -42.37 -7.19
C LYS V 187 26.58 -43.50 -7.33
N ALA V 188 26.93 -43.84 -8.57
CA ALA V 188 27.95 -44.87 -8.84
C ALA V 188 29.34 -44.46 -8.35
N ALA V 189 29.70 -43.20 -8.55
CA ALA V 189 30.98 -42.65 -8.09
C ALA V 189 31.01 -42.43 -6.57
N LYS V 190 29.91 -41.90 -6.02
CA LYS V 190 29.79 -41.67 -4.58
C LYS V 190 29.83 -42.97 -3.77
N GLN V 191 29.17 -44.01 -4.29
CA GLN V 191 29.13 -45.33 -3.64
C GLN V 191 29.56 -46.41 -4.65
N PRO V 192 30.89 -46.61 -4.80
CA PRO V 192 31.41 -47.59 -5.78
C PRO V 192 31.19 -49.06 -5.41
N HIS V 193 31.06 -49.35 -4.11
CA HIS V 193 30.81 -50.73 -3.65
C HIS V 193 29.49 -51.37 -4.12
N VAL V 194 28.52 -50.54 -4.52
CA VAL V 194 27.27 -51.02 -5.10
C VAL V 194 27.45 -51.19 -6.61
N GLY V 195 27.31 -52.43 -7.10
CA GLY V 195 27.46 -52.75 -8.52
C GLY V 195 26.25 -52.44 -9.39
N ASP V 196 25.08 -52.28 -8.76
CA ASP V 196 23.83 -51.99 -9.49
C ASP V 196 23.77 -50.60 -10.09
N TYR V 197 24.35 -49.61 -9.41
CA TYR V 197 24.49 -48.25 -9.97
C TYR V 197 25.37 -48.24 -11.23
N ARG V 198 26.35 -49.13 -11.28
CA ARG V 198 27.20 -49.31 -12.46
C ARG V 198 26.38 -49.83 -13.66
N GLN V 199 25.54 -50.84 -13.39
CA GLN V 199 24.64 -51.40 -14.40
C GLN V 199 23.54 -50.41 -14.83
N LEU V 200 23.08 -49.59 -13.88
CA LEU V 200 22.04 -48.57 -14.15
C LEU V 200 22.45 -47.57 -15.24
N VAL V 201 23.72 -47.20 -15.28
CA VAL V 201 24.23 -46.27 -16.30
C VAL V 201 24.19 -46.91 -17.69
N HIS V 202 24.52 -48.20 -17.78
CA HIS V 202 24.48 -48.94 -19.06
C HIS V 202 23.05 -49.24 -19.51
N GLU V 203 22.15 -49.50 -18.56
CA GLU V 203 20.74 -49.76 -18.87
C GLU V 203 19.98 -48.50 -19.30
N LEU V 204 20.31 -47.35 -18.68
CA LEU V 204 19.80 -46.05 -19.13
C LEU V 204 20.25 -45.70 -20.55
N ASP V 205 21.45 -46.13 -20.94
CA ASP V 205 21.93 -45.99 -22.31
C ASP V 205 21.18 -46.89 -23.29
N GLU V 206 21.00 -48.16 -22.91
CA GLU V 206 20.25 -49.11 -23.74
C GLU V 206 18.76 -48.72 -23.86
N ALA V 207 18.20 -48.20 -22.77
CA ALA V 207 16.81 -47.71 -22.77
C ALA V 207 16.64 -46.46 -23.63
N GLU V 208 17.58 -45.53 -23.51
CA GLU V 208 17.56 -44.28 -24.29
C GLU V 208 17.76 -44.53 -25.79
N TYR V 209 18.56 -45.54 -26.12
CA TYR V 209 18.74 -45.96 -27.52
C TYR V 209 17.44 -46.46 -28.14
N GLN V 210 16.71 -47.29 -27.39
CA GLN V 210 15.39 -47.77 -27.82
C GLN V 210 14.34 -46.66 -27.86
N GLU V 211 14.43 -45.71 -26.94
CA GLU V 211 13.50 -44.58 -26.90
C GLU V 211 13.70 -43.65 -28.11
N ILE V 212 14.97 -43.41 -28.49
CA ILE V 212 15.30 -42.62 -29.69
C ILE V 212 14.81 -43.32 -30.97
N ARG V 213 14.90 -44.65 -31.00
CA ARG V 213 14.46 -45.44 -32.16
C ARG V 213 12.95 -45.36 -32.35
N LEU V 214 12.20 -45.48 -31.25
CA LEU V 214 10.72 -45.35 -31.27
C LEU V 214 10.27 -43.91 -31.55
N MET V 215 10.99 -42.93 -31.02
CA MET V 215 10.69 -41.51 -31.27
C MET V 215 10.81 -41.14 -32.75
N VAL V 216 11.75 -41.76 -33.45
CA VAL V 216 11.85 -41.61 -34.91
C VAL V 216 10.63 -42.25 -35.59
N MET V 217 10.28 -43.47 -35.15
CA MET V 217 9.10 -44.18 -35.66
C MET V 217 7.82 -43.37 -35.48
N GLU V 218 7.60 -42.88 -34.26
CA GLU V 218 6.40 -42.12 -33.91
C GLU V 218 6.26 -40.84 -34.75
N ILE V 219 7.37 -40.16 -35.00
CA ILE V 219 7.38 -38.94 -35.81
C ILE V 219 7.10 -39.24 -37.28
N ARG V 220 7.67 -40.33 -37.80
CA ARG V 220 7.35 -40.81 -39.15
C ARG V 220 5.87 -41.20 -39.25
N ASN V 221 5.39 -41.94 -38.25
CA ASN V 221 3.98 -42.36 -38.22
C ASN V 221 3.02 -41.17 -38.05
N ALA V 222 3.48 -40.13 -37.37
CA ALA V 222 2.70 -38.89 -37.23
C ALA V 222 2.50 -38.19 -38.58
N TYR V 223 3.59 -38.01 -39.34
CA TYR V 223 3.52 -37.41 -40.68
C TYR V 223 2.64 -38.23 -41.63
N ALA V 224 2.82 -39.55 -41.62
CA ALA V 224 2.09 -40.46 -42.51
C ALA V 224 0.60 -40.49 -42.22
N VAL V 225 0.24 -40.55 -40.94
CA VAL V 225 -1.18 -40.58 -40.51
C VAL V 225 -1.87 -39.22 -40.79
N LEU V 226 -1.18 -38.12 -40.52
CA LEU V 226 -1.70 -36.77 -40.84
C LEU V 226 -1.90 -36.56 -42.33
N TYR V 227 -0.90 -36.95 -43.12
CA TYR V 227 -0.97 -36.88 -44.58
C TYR V 227 -2.16 -37.70 -45.11
N ASP V 228 -2.30 -38.92 -44.59
CA ASP V 228 -3.35 -39.86 -45.03
C ASP V 228 -4.76 -39.31 -44.79
N ILE V 229 -5.05 -38.95 -43.54
CA ILE V 229 -6.38 -38.51 -43.14
C ILE V 229 -6.80 -37.17 -43.78
N ILE V 230 -5.85 -36.26 -43.94
CA ILE V 230 -6.14 -34.93 -44.51
C ILE V 230 -6.42 -35.03 -46.00
N LEU V 231 -5.57 -35.75 -46.75
CA LEU V 231 -5.77 -35.93 -48.19
C LEU V 231 -7.08 -36.63 -48.54
N LYS V 232 -7.45 -37.64 -47.75
CA LYS V 232 -8.72 -38.35 -47.93
C LYS V 232 -9.93 -37.44 -47.69
N ASN V 233 -9.89 -36.72 -46.57
CA ASN V 233 -11.01 -35.86 -46.13
C ASN V 233 -10.91 -34.39 -46.60
N PHE V 234 -9.93 -34.05 -47.45
CA PHE V 234 -9.63 -32.65 -47.79
C PHE V 234 -10.83 -31.81 -48.25
N GLU V 235 -11.71 -32.43 -49.05
CA GLU V 235 -12.93 -31.78 -49.54
C GLU V 235 -13.82 -31.25 -48.40
N LYS V 236 -14.09 -32.12 -47.43
CA LYS V 236 -14.92 -31.76 -46.28
C LYS V 236 -14.20 -30.84 -45.28
N LEU V 237 -12.88 -30.95 -45.18
CA LEU V 237 -12.11 -30.12 -44.26
C LEU V 237 -12.06 -28.66 -44.70
N LYS V 238 -11.75 -28.43 -45.97
CA LYS V 238 -11.65 -27.08 -46.52
C LYS V 238 -13.02 -26.46 -46.82
N LYS V 239 -13.91 -27.25 -47.39
CA LYS V 239 -15.29 -26.83 -47.68
C LYS V 239 -16.29 -27.80 -47.03
N PRO V 240 -16.60 -27.58 -45.73
CA PRO V 240 -17.55 -28.46 -45.03
C PRO V 240 -19.00 -28.32 -45.50
N ARG V 241 -19.44 -27.10 -45.78
CA ARG V 241 -20.80 -26.85 -46.26
C ARG V 241 -20.98 -27.26 -47.71
N GLY V 242 -20.00 -26.94 -48.56
CA GLY V 242 -20.00 -27.34 -49.97
C GLY V 242 -20.41 -26.26 -50.96
N GLU V 243 -21.30 -25.36 -50.53
CA GLU V 243 -21.80 -24.22 -51.33
C GLU V 243 -22.07 -24.53 -52.81
N ARG W 5 -4.10 -30.60 -54.02
CA ARG W 5 -3.44 -31.65 -54.85
C ARG W 5 -1.93 -31.71 -54.59
N VAL W 6 -1.27 -32.69 -55.22
CA VAL W 6 0.13 -32.99 -55.01
C VAL W 6 0.87 -33.14 -56.33
N HIS W 7 2.20 -33.29 -56.24
CA HIS W 7 3.05 -33.56 -57.40
C HIS W 7 3.01 -35.08 -57.63
N PRO W 8 3.29 -35.54 -58.87
CA PRO W 8 3.22 -37.00 -59.13
C PRO W 8 4.23 -37.83 -58.31
N GLU W 9 5.35 -37.23 -57.92
CA GLU W 9 6.35 -37.89 -57.07
C GLU W 9 5.94 -37.91 -55.59
N ALA W 10 5.28 -36.85 -55.12
CA ALA W 10 4.85 -36.74 -53.72
C ALA W 10 3.84 -37.83 -53.33
N GLN W 11 2.89 -38.11 -54.20
CA GLN W 11 1.91 -39.18 -54.00
C GLN W 11 2.58 -40.56 -54.17
N ALA W 12 3.53 -40.64 -55.10
CA ALA W 12 4.31 -41.86 -55.33
C ALA W 12 5.21 -42.22 -54.13
N LYS W 13 5.87 -41.22 -53.55
CA LYS W 13 6.73 -41.40 -52.37
C LYS W 13 5.96 -41.93 -51.15
N VAL W 14 4.72 -41.46 -50.98
CA VAL W 14 3.82 -41.96 -49.94
C VAL W 14 3.36 -43.39 -50.25
N ASP W 15 3.11 -43.67 -51.53
CA ASP W 15 2.73 -45.02 -51.98
C ASP W 15 3.87 -46.05 -51.86
N VAL W 16 5.12 -45.62 -52.00
CA VAL W 16 6.29 -46.48 -51.76
C VAL W 16 6.37 -46.88 -50.27
N PHE W 17 6.07 -45.93 -49.39
CA PHE W 17 5.95 -46.20 -47.95
C PHE W 17 4.76 -47.12 -47.63
N ARG W 18 3.63 -46.89 -48.29
CA ARG W 18 2.43 -47.74 -48.13
C ARG W 18 2.62 -49.17 -48.63
N GLU W 19 3.26 -49.31 -49.79
CA GLU W 19 3.58 -50.63 -50.36
C GLU W 19 4.51 -51.43 -49.44
N ASP W 20 5.50 -50.74 -48.87
CA ASP W 20 6.41 -51.35 -47.87
C ASP W 20 5.66 -51.77 -46.60
N LEU W 21 4.77 -50.91 -46.12
CA LEU W 21 3.98 -51.19 -44.90
C LEU W 21 2.94 -52.30 -45.12
N CYS W 22 2.35 -52.35 -46.31
CA CYS W 22 1.44 -53.44 -46.70
C CYS W 22 2.20 -54.76 -46.87
N SER W 23 3.38 -54.70 -47.48
CA SER W 23 4.23 -55.87 -47.67
C SER W 23 4.82 -56.38 -46.35
N LYS W 24 5.25 -55.45 -45.48
CA LYS W 24 5.77 -55.80 -44.16
C LYS W 24 4.69 -56.46 -43.30
N THR W 25 3.58 -55.76 -43.10
CA THR W 25 2.48 -56.21 -42.22
C THR W 25 1.93 -57.59 -42.58
N GLU W 26 1.77 -57.85 -43.88
CA GLU W 26 1.24 -59.14 -44.36
C GLU W 26 2.24 -60.28 -44.20
N ASN W 27 3.49 -60.05 -44.60
CA ASN W 27 4.58 -61.01 -44.40
C ASN W 27 4.86 -61.26 -42.91
N LEU W 28 4.83 -60.18 -42.13
CA LEU W 28 5.03 -60.23 -40.68
C LEU W 28 3.91 -61.00 -39.97
N LEU W 29 2.66 -60.65 -40.28
CA LEU W 29 1.48 -61.33 -39.71
C LEU W 29 1.50 -62.84 -39.95
N GLY W 30 1.76 -63.23 -41.20
CA GLY W 30 1.74 -64.65 -41.59
C GLY W 30 2.88 -65.51 -41.05
N SER W 31 4.06 -64.91 -40.85
CA SER W 31 5.26 -65.66 -40.46
C SER W 31 5.84 -65.26 -39.09
N TYR W 32 6.03 -63.97 -38.86
CA TYR W 32 6.69 -63.46 -37.65
C TYR W 32 5.90 -63.76 -36.36
N PHE W 33 4.58 -63.58 -36.42
CA PHE W 33 3.71 -63.71 -35.25
C PHE W 33 3.56 -65.16 -34.75
N PRO W 34 3.30 -66.12 -35.66
CA PRO W 34 3.37 -67.54 -35.27
C PRO W 34 4.71 -67.98 -34.69
N LYS W 35 5.81 -67.51 -35.28
CA LYS W 35 7.16 -67.84 -34.81
C LYS W 35 7.38 -67.37 -33.38
N LYS W 36 7.08 -66.11 -33.13
CA LYS W 36 7.22 -65.52 -31.79
C LYS W 36 6.43 -66.26 -30.71
N ILE W 37 5.23 -66.73 -31.06
CA ILE W 37 4.40 -67.52 -30.13
C ILE W 37 5.08 -68.86 -29.83
N SER W 38 5.65 -69.50 -30.84
CA SER W 38 6.42 -70.75 -30.65
C SER W 38 7.75 -70.53 -29.93
N GLU W 39 8.38 -69.37 -30.16
CA GLU W 39 9.61 -69.00 -29.43
C GLU W 39 9.34 -68.70 -27.96
N LEU W 40 8.29 -67.92 -27.69
CA LEU W 40 8.03 -67.40 -26.34
C LEU W 40 7.41 -68.42 -25.37
N ASP W 41 6.51 -69.27 -25.88
CA ASP W 41 5.92 -70.32 -25.03
C ASP W 41 6.96 -71.40 -24.67
N ALA W 42 7.93 -71.62 -25.55
CA ALA W 42 9.07 -72.49 -25.28
C ALA W 42 10.00 -71.89 -24.22
N PHE W 43 10.20 -70.57 -24.28
CA PHE W 43 11.00 -69.83 -23.29
C PHE W 43 10.37 -69.86 -21.89
N LEU W 44 9.03 -69.85 -21.81
CA LEU W 44 8.33 -70.03 -20.53
C LEU W 44 8.53 -71.43 -19.95
N LYS W 45 8.53 -72.44 -20.81
CA LYS W 45 8.75 -73.84 -20.39
C LYS W 45 10.19 -74.15 -19.95
N GLU W 46 11.16 -73.33 -20.38
CA GLU W 46 12.57 -73.55 -20.00
C GLU W 46 12.80 -73.42 -18.49
N PRO W 47 13.87 -74.09 -17.98
CA PRO W 47 14.13 -74.06 -16.53
C PRO W 47 14.66 -72.72 -16.01
N ALA W 48 15.10 -71.82 -16.90
CA ALA W 48 15.47 -70.45 -16.53
C ALA W 48 14.28 -69.64 -16.02
N LEU W 49 13.09 -69.86 -16.59
CA LEU W 49 11.83 -69.25 -16.13
C LEU W 49 10.90 -70.24 -15.42
N ASN W 50 11.46 -71.34 -14.90
CA ASN W 50 10.73 -72.29 -14.06
C ASN W 50 11.63 -72.73 -12.90
N GLU W 51 11.97 -71.75 -12.06
CA GLU W 51 12.71 -72.01 -10.82
C GLU W 51 11.76 -72.70 -9.84
N ALA W 52 12.19 -73.84 -9.30
CA ALA W 52 11.37 -74.63 -8.38
C ALA W 52 11.15 -73.92 -7.05
N ASN W 53 12.22 -73.32 -6.53
CA ASN W 53 12.18 -72.50 -5.30
C ASN W 53 12.67 -71.09 -5.58
N LEU W 54 12.09 -70.12 -4.87
CA LEU W 54 12.46 -68.71 -4.99
C LEU W 54 13.80 -68.40 -4.32
N SER W 55 14.14 -69.19 -3.29
CA SER W 55 15.39 -69.00 -2.52
C SER W 55 16.69 -69.33 -3.29
N ASN W 56 16.58 -69.92 -4.47
CA ASN W 56 17.73 -70.08 -5.37
C ASN W 56 18.26 -68.70 -5.75
N LEU W 57 17.34 -67.83 -6.17
CA LEU W 57 17.65 -66.47 -6.65
C LEU W 57 18.42 -65.59 -5.66
N LYS W 58 18.32 -65.93 -4.37
CA LYS W 58 19.13 -65.32 -3.32
C LYS W 58 20.61 -65.22 -3.70
N ALA W 59 21.05 -64.01 -4.03
CA ALA W 59 22.44 -63.74 -4.41
C ALA W 59 23.29 -63.50 -3.16
N PRO W 60 24.63 -63.65 -3.27
CA PRO W 60 25.49 -63.42 -2.10
C PRO W 60 25.67 -61.92 -1.84
N LEU W 61 25.56 -61.53 -0.56
CA LEU W 61 25.61 -60.11 -0.17
C LEU W 61 26.82 -59.88 0.74
N ASP W 62 27.85 -59.21 0.19
CA ASP W 62 29.09 -58.93 0.94
C ASP W 62 28.93 -57.69 1.81
N ILE W 63 28.42 -57.89 3.02
CA ILE W 63 28.29 -56.83 4.04
C ILE W 63 28.68 -57.41 5.41
N PRO W 64 29.60 -56.74 6.14
CA PRO W 64 29.84 -57.14 7.53
C PRO W 64 28.69 -56.74 8.45
N VAL W 65 28.34 -57.61 9.40
CA VAL W 65 27.23 -57.37 10.35
C VAL W 65 27.80 -57.15 11.77
N PRO W 66 27.90 -55.88 12.22
CA PRO W 66 28.44 -55.60 13.55
C PRO W 66 27.39 -55.74 14.65
N GLY W 102 33.06 -54.54 1.08
CA GLY W 102 33.45 -55.06 -0.22
C GLY W 102 32.40 -54.81 -1.29
N PRO W 103 32.71 -55.16 -2.55
CA PRO W 103 31.81 -54.89 -3.68
C PRO W 103 30.62 -55.84 -3.73
N VAL W 104 29.41 -55.27 -3.86
CA VAL W 104 28.17 -56.03 -4.00
C VAL W 104 27.73 -55.97 -5.47
N ASN W 105 27.81 -57.12 -6.15
CA ASN W 105 27.53 -57.20 -7.59
C ASN W 105 26.04 -57.40 -7.86
N CYS W 106 25.66 -57.30 -9.13
CA CYS W 106 24.29 -57.56 -9.57
C CYS W 106 23.96 -59.04 -9.51
N ASN W 107 22.68 -59.36 -9.42
CA ASN W 107 22.20 -60.75 -9.45
C ASN W 107 22.40 -61.31 -10.86
N GLU W 108 23.22 -62.36 -10.96
CA GLU W 108 23.56 -62.95 -12.27
C GLU W 108 22.37 -63.66 -12.92
N LYS W 109 21.57 -64.35 -12.11
CA LYS W 109 20.42 -65.11 -12.60
C LYS W 109 19.35 -64.23 -13.23
N ILE W 110 19.12 -63.06 -12.64
CA ILE W 110 18.16 -62.08 -13.17
C ILE W 110 18.74 -61.37 -14.40
N VAL W 111 20.01 -60.98 -14.35
CA VAL W 111 20.64 -60.26 -15.46
C VAL W 111 20.65 -61.08 -16.76
N VAL W 112 20.99 -62.37 -16.68
CA VAL W 112 20.95 -63.25 -17.87
C VAL W 112 19.54 -63.38 -18.45
N LEU W 113 18.52 -63.40 -17.60
CA LEU W 113 17.13 -63.39 -18.03
C LEU W 113 16.74 -62.04 -18.68
N LEU W 114 17.24 -60.94 -18.12
CA LEU W 114 16.99 -59.60 -18.66
C LEU W 114 17.64 -59.37 -20.04
N GLN W 115 18.81 -59.96 -20.28
CA GLN W 115 19.46 -59.90 -21.61
C GLN W 115 18.63 -60.60 -22.69
N ARG W 116 17.85 -61.61 -22.31
CA ARG W 116 16.91 -62.28 -23.21
C ARG W 116 15.58 -61.53 -23.37
N LEU W 117 15.13 -60.87 -22.30
CA LEU W 117 13.85 -60.14 -22.31
C LEU W 117 13.90 -58.84 -23.11
N LYS W 118 15.02 -58.10 -23.02
CA LYS W 118 15.15 -56.79 -23.68
C LYS W 118 14.96 -56.76 -25.21
N PRO W 119 15.55 -57.74 -25.94
CA PRO W 119 15.24 -57.82 -27.39
C PRO W 119 13.80 -58.23 -27.71
N GLU W 120 13.17 -59.03 -26.83
CA GLU W 120 11.76 -59.41 -26.99
C GLU W 120 10.80 -58.24 -26.74
N ILE W 121 11.14 -57.35 -25.81
CA ILE W 121 10.37 -56.11 -25.57
C ILE W 121 10.52 -55.15 -26.76
N LYS W 122 11.74 -55.02 -27.29
CA LYS W 122 12.01 -54.23 -28.51
C LYS W 122 11.12 -54.65 -29.68
N ASP W 123 11.02 -55.96 -29.93
CA ASP W 123 10.34 -56.48 -31.10
C ASP W 123 8.84 -56.21 -31.12
N VAL W 124 8.17 -56.42 -29.98
CA VAL W 124 6.71 -56.19 -29.91
C VAL W 124 6.39 -54.70 -30.05
N THR W 125 7.08 -53.87 -29.26
CA THR W 125 6.87 -52.42 -29.28
C THR W 125 7.13 -51.79 -30.66
N GLU W 126 7.98 -52.43 -31.47
CA GLU W 126 8.16 -52.04 -32.87
C GLU W 126 7.05 -52.60 -33.77
N GLN W 127 6.76 -53.90 -33.66
CA GLN W 127 5.77 -54.57 -34.53
C GLN W 127 4.32 -54.14 -34.23
N LEU W 128 4.02 -53.86 -32.96
CA LEU W 128 2.72 -53.28 -32.57
C LEU W 128 2.55 -51.88 -33.15
N ASN W 129 3.62 -51.07 -33.09
CA ASN W 129 3.63 -49.72 -33.68
C ASN W 129 3.46 -49.78 -35.20
N LEU W 130 4.09 -50.78 -35.84
CA LEU W 130 3.94 -51.00 -37.28
C LEU W 130 2.51 -51.41 -37.65
N VAL W 131 1.94 -52.34 -36.88
CA VAL W 131 0.56 -52.79 -37.07
C VAL W 131 -0.46 -51.70 -36.76
N THR W 132 -0.20 -50.92 -35.70
CA THR W 132 -1.05 -49.78 -35.34
C THR W 132 -1.11 -48.74 -36.46
N THR W 133 0.05 -48.43 -37.05
CA THR W 133 0.15 -47.49 -38.16
C THR W 133 -0.55 -48.01 -39.42
N TRP W 134 -0.39 -49.30 -39.70
CA TRP W 134 -1.04 -49.94 -40.84
C TRP W 134 -2.56 -49.75 -40.82
N LEU W 135 -3.16 -50.00 -39.66
CA LEU W 135 -4.62 -49.92 -39.49
C LEU W 135 -5.18 -48.49 -39.60
N GLN W 136 -4.41 -47.50 -39.13
CA GLN W 136 -4.80 -46.09 -39.29
C GLN W 136 -4.83 -45.65 -40.76
N LEU W 137 -3.93 -46.20 -41.58
CA LEU W 137 -3.91 -45.92 -43.02
C LEU W 137 -5.02 -46.64 -43.80
N GLN W 138 -5.59 -47.70 -43.24
CA GLN W 138 -6.78 -48.37 -43.82
C GLN W 138 -8.09 -47.59 -43.61
N ILE W 139 -8.12 -46.68 -42.63
CA ILE W 139 -9.34 -45.94 -42.31
C ILE W 139 -9.71 -45.07 -43.52
N PRO W 140 -10.90 -45.28 -44.12
CA PRO W 140 -11.28 -44.56 -45.32
C PRO W 140 -11.72 -43.13 -45.03
N ARG W 141 -12.19 -42.44 -46.07
CA ARG W 141 -12.77 -41.09 -45.93
C ARG W 141 -13.97 -41.14 -44.99
N ILE W 142 -14.10 -40.10 -44.16
CA ILE W 142 -15.19 -40.02 -43.17
C ILE W 142 -16.49 -39.68 -43.92
N GLU W 143 -17.30 -40.71 -44.18
CA GLU W 143 -18.57 -40.57 -44.89
C GLU W 143 -19.76 -40.76 -43.94
N ASP W 144 -20.93 -40.30 -44.40
CA ASP W 144 -22.15 -40.29 -43.59
C ASP W 144 -22.67 -41.71 -43.36
N GLY W 145 -22.82 -42.47 -44.44
CA GLY W 145 -23.34 -43.84 -44.40
C GLY W 145 -22.30 -44.91 -44.67
N ASN W 146 -22.65 -46.13 -44.28
CA ASN W 146 -21.84 -47.34 -44.47
C ASN W 146 -20.54 -47.27 -43.66
N ASN W 147 -20.70 -47.24 -42.33
CA ASN W 147 -19.58 -47.13 -41.40
C ASN W 147 -19.59 -48.26 -40.35
N PHE W 148 -20.03 -49.46 -40.74
CA PHE W 148 -19.86 -50.64 -39.89
C PHE W 148 -18.42 -51.15 -40.01
N GLY W 149 -17.93 -51.24 -41.25
CA GLY W 149 -16.52 -51.57 -41.50
C GLY W 149 -15.55 -50.62 -40.83
N VAL W 150 -15.93 -49.35 -40.74
CA VAL W 150 -15.16 -48.36 -39.98
C VAL W 150 -15.26 -48.66 -38.48
N ALA W 151 -16.46 -49.01 -38.02
CA ALA W 151 -16.69 -49.39 -36.61
C ALA W 151 -15.96 -50.68 -36.19
N VAL W 152 -15.71 -51.58 -37.14
CA VAL W 152 -14.88 -52.78 -36.90
C VAL W 152 -13.42 -52.35 -36.69
N GLN W 153 -12.91 -51.52 -37.60
CA GLN W 153 -11.54 -50.99 -37.52
C GLN W 153 -11.26 -50.33 -36.17
N GLU W 154 -12.17 -49.46 -35.74
CA GLU W 154 -12.03 -48.73 -34.48
C GLU W 154 -12.09 -49.63 -33.25
N LYS W 155 -12.84 -50.74 -33.33
CA LYS W 155 -12.89 -51.73 -32.25
C LYS W 155 -11.59 -52.54 -32.15
N VAL W 156 -10.99 -52.86 -33.29
CA VAL W 156 -9.68 -53.53 -33.33
C VAL W 156 -8.57 -52.52 -32.96
N PHE W 157 -8.73 -51.27 -33.36
CA PHE W 157 -7.83 -50.18 -32.98
C PHE W 157 -7.88 -49.87 -31.48
N GLU W 158 -9.05 -50.07 -30.87
CA GLU W 158 -9.23 -49.93 -29.41
C GLU W 158 -8.36 -50.92 -28.64
N LEU W 159 -8.28 -52.15 -29.12
CA LEU W 159 -7.42 -53.19 -28.52
C LEU W 159 -5.94 -52.85 -28.62
N MET W 160 -5.51 -52.34 -29.77
CA MET W 160 -4.10 -51.99 -30.01
C MET W 160 -3.62 -50.87 -29.09
N THR W 161 -4.51 -49.94 -28.73
CA THR W 161 -4.23 -48.91 -27.74
C THR W 161 -4.06 -49.50 -26.34
N ASN W 162 -4.91 -50.47 -25.98
CA ASN W 162 -4.87 -51.13 -24.67
C ASN W 162 -3.60 -51.97 -24.48
N LEU W 163 -3.17 -52.65 -25.54
CA LEU W 163 -1.88 -53.37 -25.52
C LEU W 163 -0.71 -52.39 -25.40
N HIS W 164 -0.78 -51.29 -26.16
CA HIS W 164 0.24 -50.24 -26.10
C HIS W 164 0.37 -49.59 -24.71
N THR W 165 -0.75 -49.52 -23.97
CA THR W 165 -0.76 -49.03 -22.58
C THR W 165 -0.05 -50.00 -21.62
N LYS W 166 -0.25 -51.30 -21.82
CA LYS W 166 0.43 -52.33 -21.02
C LYS W 166 1.94 -52.35 -21.26
N LEU W 167 2.35 -52.39 -22.52
CA LEU W 167 3.75 -52.58 -22.89
C LEU W 167 4.62 -51.31 -22.89
N GLU W 168 4.00 -50.13 -22.71
CA GLU W 168 4.75 -48.87 -22.53
C GLU W 168 5.49 -48.88 -21.18
N GLY W 169 4.86 -49.44 -20.15
CA GLY W 169 5.47 -49.59 -18.83
C GLY W 169 6.63 -50.58 -18.74
N PHE W 170 6.73 -51.49 -19.71
CA PHE W 170 7.79 -52.52 -19.73
C PHE W 170 9.20 -51.94 -19.96
N HIS W 171 9.29 -50.85 -20.72
CA HIS W 171 10.55 -50.14 -20.95
C HIS W 171 11.25 -49.74 -19.66
N THR W 172 10.53 -48.97 -18.83
CA THR W 172 11.08 -48.38 -17.61
C THR W 172 11.17 -49.32 -16.41
N GLN W 173 10.57 -50.51 -16.50
CA GLN W 173 10.59 -51.49 -15.40
C GLN W 173 12.00 -52.01 -15.08
N ILE W 174 12.81 -52.24 -16.11
CA ILE W 174 14.16 -52.80 -15.95
C ILE W 174 15.09 -51.77 -15.30
N SER W 175 15.00 -50.52 -15.75
CA SER W 175 15.74 -49.41 -15.15
C SER W 175 15.29 -49.12 -13.71
N LYS W 176 14.01 -49.33 -13.43
CA LYS W 176 13.45 -49.18 -12.09
C LYS W 176 13.94 -50.27 -11.11
N TYR W 177 14.20 -51.46 -11.64
CA TYR W 177 14.73 -52.58 -10.83
C TYR W 177 16.13 -52.28 -10.30
N PHE W 178 17.03 -51.90 -11.19
CA PHE W 178 18.41 -51.57 -10.80
C PHE W 178 18.51 -50.32 -9.93
N SER W 179 17.61 -49.37 -10.14
CA SER W 179 17.55 -48.15 -9.33
C SER W 179 17.05 -48.42 -7.91
N GLU W 180 16.01 -49.25 -7.78
CA GLU W 180 15.47 -49.64 -6.46
C GLU W 180 16.40 -50.60 -5.71
N ARG W 181 17.04 -51.52 -6.44
CA ARG W 181 17.99 -52.46 -5.84
C ARG W 181 19.28 -51.76 -5.39
N GLY W 182 19.76 -50.83 -6.21
CA GLY W 182 20.91 -49.99 -5.86
C GLY W 182 20.70 -49.16 -4.61
N ASP W 183 19.50 -48.58 -4.47
CA ASP W 183 19.12 -47.85 -3.27
C ASP W 183 18.98 -48.78 -2.04
N ALA W 184 18.44 -49.97 -2.27
CA ALA W 184 18.27 -50.98 -1.21
C ALA W 184 19.60 -51.53 -0.70
N VAL W 185 20.51 -51.83 -1.63
CA VAL W 185 21.87 -52.27 -1.30
C VAL W 185 22.66 -51.14 -0.61
N ALA W 186 22.46 -49.90 -1.07
CA ALA W 186 23.09 -48.72 -0.45
C ALA W 186 22.61 -48.50 0.98
N LYS W 187 21.30 -48.60 1.20
CA LYS W 187 20.72 -48.50 2.56
C LYS W 187 21.16 -49.65 3.47
N ALA W 188 21.24 -50.86 2.91
CA ALA W 188 21.67 -52.04 3.66
C ALA W 188 23.14 -51.95 4.10
N ALA W 189 23.99 -51.42 3.22
CA ALA W 189 25.41 -51.21 3.54
C ALA W 189 25.62 -50.02 4.48
N LYS W 190 24.90 -48.93 4.24
CA LYS W 190 24.95 -47.74 5.10
C LYS W 190 24.50 -48.07 6.53
N GLN W 191 23.46 -48.89 6.65
CA GLN W 191 22.93 -49.33 7.95
C GLN W 191 22.87 -50.87 8.01
N PRO W 192 23.99 -51.53 8.38
CA PRO W 192 24.02 -53.00 8.46
C PRO W 192 23.20 -53.60 9.61
N HIS W 193 23.02 -52.84 10.68
CA HIS W 193 22.24 -53.30 11.85
C HIS W 193 20.75 -53.58 11.56
N VAL W 194 20.20 -52.92 10.54
CA VAL W 194 18.81 -53.15 10.14
C VAL W 194 18.73 -54.39 9.27
N GLY W 195 18.09 -55.44 9.79
CA GLY W 195 17.95 -56.71 9.06
C GLY W 195 17.00 -56.69 7.89
N ASP W 196 16.05 -55.75 7.89
CA ASP W 196 15.02 -55.66 6.85
C ASP W 196 15.54 -55.22 5.48
N TYR W 197 16.49 -54.29 5.46
CA TYR W 197 17.11 -53.84 4.21
C TYR W 197 17.84 -54.97 3.47
N ARG W 198 18.38 -55.93 4.21
CA ARG W 198 19.02 -57.11 3.61
C ARG W 198 17.99 -58.00 2.92
N GLN W 199 16.86 -58.20 3.59
CA GLN W 199 15.73 -58.95 3.03
C GLN W 199 15.11 -58.23 1.81
N LEU W 200 15.06 -56.90 1.87
CA LEU W 200 14.52 -56.07 0.77
C LEU W 200 15.24 -56.31 -0.57
N VAL W 201 16.55 -56.54 -0.52
CA VAL W 201 17.34 -56.84 -1.72
C VAL W 201 16.95 -58.21 -2.31
N HIS W 202 16.70 -59.19 -1.43
CA HIS W 202 16.27 -60.53 -1.86
C HIS W 202 14.83 -60.55 -2.38
N GLU W 203 13.95 -59.77 -1.75
CA GLU W 203 12.55 -59.67 -2.18
C GLU W 203 12.38 -58.88 -3.48
N LEU W 204 13.25 -57.89 -3.71
CA LEU W 204 13.33 -57.20 -5.01
C LEU W 204 13.78 -58.15 -6.13
N ASP W 205 14.67 -59.09 -5.82
CA ASP W 205 15.08 -60.13 -6.77
C ASP W 205 13.95 -61.12 -7.08
N GLU W 206 13.28 -61.59 -6.04
CA GLU W 206 12.15 -62.53 -6.19
C GLU W 206 10.94 -61.90 -6.90
N ALA W 207 10.67 -60.63 -6.60
CA ALA W 207 9.61 -59.88 -7.28
C ALA W 207 9.96 -59.61 -8.75
N GLU W 208 11.24 -59.34 -9.03
CA GLU W 208 11.72 -59.07 -10.39
C GLU W 208 11.62 -60.31 -11.29
N TYR W 209 11.99 -61.47 -10.73
CA TYR W 209 11.89 -62.75 -11.45
C TYR W 209 10.46 -63.06 -11.90
N GLN W 210 9.51 -62.91 -10.97
CA GLN W 210 8.10 -63.14 -11.26
C GLN W 210 7.53 -62.08 -12.21
N GLU W 211 8.05 -60.86 -12.14
CA GLU W 211 7.69 -59.78 -13.07
C GLU W 211 8.23 -60.08 -14.48
N ILE W 212 9.46 -60.57 -14.58
CA ILE W 212 10.04 -61.02 -15.85
C ILE W 212 9.25 -62.19 -16.43
N ARG W 213 8.78 -63.10 -15.55
CA ARG W 213 7.98 -64.24 -15.99
C ARG W 213 6.64 -63.83 -16.58
N LEU W 214 5.98 -62.83 -15.97
CA LEU W 214 4.71 -62.30 -16.47
C LEU W 214 4.88 -61.47 -17.75
N MET W 215 5.93 -60.66 -17.82
CA MET W 215 6.21 -59.84 -19.02
C MET W 215 6.44 -60.68 -20.28
N VAL W 216 6.97 -61.89 -20.13
CA VAL W 216 7.09 -62.82 -21.26
C VAL W 216 5.70 -63.36 -21.65
N MET W 217 4.89 -63.70 -20.65
CA MET W 217 3.51 -64.15 -20.86
C MET W 217 2.66 -63.07 -21.54
N GLU W 218 2.77 -61.83 -21.05
CA GLU W 218 2.05 -60.69 -21.64
C GLU W 218 2.48 -60.43 -23.09
N ILE W 219 3.78 -60.54 -23.34
CA ILE W 219 4.35 -60.40 -24.69
C ILE W 219 3.87 -61.52 -25.64
N ARG W 220 3.76 -62.75 -25.13
CA ARG W 220 3.19 -63.86 -25.90
C ARG W 220 1.70 -63.64 -26.16
N ASN W 221 0.97 -63.27 -25.10
CA ASN W 221 -0.48 -63.05 -25.19
C ASN W 221 -0.83 -61.86 -26.09
N ALA W 222 0.03 -60.85 -26.12
CA ALA W 222 -0.13 -59.69 -27.02
C ALA W 222 -0.04 -60.10 -28.50
N TYR W 223 0.93 -60.97 -28.83
CA TYR W 223 1.05 -61.53 -30.18
C TYR W 223 -0.17 -62.36 -30.55
N ALA W 224 -0.53 -63.30 -29.67
CA ALA W 224 -1.64 -64.23 -29.92
C ALA W 224 -2.98 -63.53 -30.09
N VAL W 225 -3.23 -62.52 -29.26
CA VAL W 225 -4.46 -61.72 -29.34
C VAL W 225 -4.50 -60.86 -30.62
N LEU W 226 -3.37 -60.24 -30.97
CA LEU W 226 -3.28 -59.44 -32.21
C LEU W 226 -3.48 -60.27 -33.47
N TYR W 227 -2.84 -61.43 -33.53
CA TYR W 227 -2.99 -62.36 -34.66
C TYR W 227 -4.44 -62.79 -34.81
N ASP W 228 -5.03 -63.28 -33.72
CA ASP W 228 -6.41 -63.79 -33.69
C ASP W 228 -7.43 -62.79 -34.22
N ILE W 229 -7.44 -61.60 -33.65
CA ILE W 229 -8.43 -60.57 -34.00
C ILE W 229 -8.26 -60.00 -35.42
N ILE W 230 -7.01 -59.82 -35.85
CA ILE W 230 -6.73 -59.27 -37.18
C ILE W 230 -7.06 -60.31 -38.26
N LEU W 231 -6.71 -61.57 -38.01
CA LEU W 231 -6.96 -62.66 -38.97
C LEU W 231 -8.46 -62.95 -39.15
N LYS W 232 -9.21 -62.93 -38.04
CA LYS W 232 -10.67 -63.09 -38.08
C LYS W 232 -11.37 -61.97 -38.83
N ASN W 233 -11.00 -60.73 -38.53
CA ASN W 233 -11.65 -59.53 -39.08
C ASN W 233 -10.98 -58.94 -40.35
N PHE W 234 -9.99 -59.65 -40.92
CA PHE W 234 -9.14 -59.08 -41.99
C PHE W 234 -9.89 -58.51 -43.20
N GLU W 235 -11.03 -59.11 -43.55
CA GLU W 235 -11.86 -58.61 -44.64
C GLU W 235 -12.28 -57.16 -44.43
N LYS W 236 -12.86 -56.88 -43.28
CA LYS W 236 -13.34 -55.54 -42.95
C LYS W 236 -12.24 -54.54 -42.57
N LEU W 237 -11.09 -55.03 -42.11
CA LEU W 237 -9.96 -54.15 -41.76
C LEU W 237 -9.26 -53.61 -43.01
N LYS W 238 -8.99 -54.50 -43.96
CA LYS W 238 -8.37 -54.12 -45.24
C LYS W 238 -9.36 -53.34 -46.11
N LYS W 239 -10.52 -53.96 -46.37
CA LYS W 239 -11.57 -53.37 -47.21
C LYS W 239 -12.84 -53.13 -46.38
N PRO W 240 -12.95 -51.93 -45.75
CA PRO W 240 -14.10 -51.66 -44.88
C PRO W 240 -15.43 -51.39 -45.60
N ARG W 241 -15.38 -51.04 -46.90
CA ARG W 241 -16.59 -50.75 -47.66
C ARG W 241 -16.88 -51.74 -48.81
N GLY W 242 -16.09 -52.80 -48.93
CA GLY W 242 -16.36 -53.90 -49.87
C GLY W 242 -15.52 -53.93 -51.13
N GLU W 243 -15.15 -52.76 -51.65
CA GLU W 243 -14.39 -52.65 -52.90
C GLU W 243 -13.67 -51.31 -53.02
N PRO X 8 0.81 -70.85 -44.49
CA PRO X 8 0.26 -72.21 -44.60
C PRO X 8 0.75 -73.19 -43.52
N GLU X 9 2.07 -73.35 -43.40
CA GLU X 9 2.67 -74.19 -42.35
C GLU X 9 2.69 -73.47 -40.99
N ALA X 10 2.87 -72.15 -41.01
CA ALA X 10 2.92 -71.35 -39.78
C ALA X 10 1.58 -71.22 -39.05
N GLN X 11 0.47 -71.42 -39.76
CA GLN X 11 -0.87 -71.46 -39.14
C GLN X 11 -1.00 -72.61 -38.13
N ALA X 12 -0.29 -73.72 -38.38
CA ALA X 12 -0.25 -74.86 -37.46
C ALA X 12 0.38 -74.55 -36.10
N LYS X 13 1.30 -73.58 -36.06
CA LYS X 13 1.94 -73.14 -34.81
C LYS X 13 0.96 -72.44 -33.86
N VAL X 14 0.03 -71.68 -34.43
CA VAL X 14 -1.05 -71.05 -33.65
C VAL X 14 -2.08 -72.11 -33.20
N ASP X 15 -2.31 -73.10 -34.07
CA ASP X 15 -3.22 -74.22 -33.77
C ASP X 15 -2.76 -75.08 -32.58
N VAL X 16 -1.45 -75.33 -32.48
CA VAL X 16 -0.88 -76.13 -31.39
C VAL X 16 -0.96 -75.34 -30.07
N PHE X 17 -0.61 -74.06 -30.12
CA PHE X 17 -0.74 -73.16 -28.96
C PHE X 17 -2.19 -72.97 -28.50
N ARG X 18 -3.11 -72.86 -29.45
CA ARG X 18 -4.55 -72.75 -29.15
C ARG X 18 -5.09 -73.99 -28.46
N GLU X 19 -4.78 -75.15 -29.03
CA GLU X 19 -5.18 -76.45 -28.46
C GLU X 19 -4.47 -76.76 -27.13
N ASP X 20 -3.23 -76.29 -26.97
CA ASP X 20 -2.54 -76.35 -25.68
C ASP X 20 -3.23 -75.47 -24.64
N LEU X 21 -3.65 -74.26 -25.05
CA LEU X 21 -4.36 -73.33 -24.18
C LEU X 21 -5.76 -73.83 -23.82
N CYS X 22 -6.45 -74.41 -24.80
CA CYS X 22 -7.77 -75.03 -24.57
C CYS X 22 -7.68 -76.23 -23.63
N SER X 23 -6.69 -77.10 -23.88
CA SER X 23 -6.44 -78.26 -23.02
C SER X 23 -5.99 -77.87 -21.61
N LYS X 24 -5.20 -76.79 -21.51
CA LYS X 24 -4.82 -76.23 -20.21
C LYS X 24 -6.02 -75.66 -19.45
N THR X 25 -6.85 -74.87 -20.14
CA THR X 25 -8.00 -74.20 -19.51
C THR X 25 -9.08 -75.18 -19.06
N GLU X 26 -9.41 -76.16 -19.90
CA GLU X 26 -10.43 -77.17 -19.57
C GLU X 26 -9.99 -78.13 -18.46
N ASN X 27 -8.70 -78.45 -18.42
CA ASN X 27 -8.11 -79.22 -17.31
C ASN X 27 -8.04 -78.38 -16.02
N LEU X 28 -7.68 -77.10 -16.17
CA LEU X 28 -7.58 -76.16 -15.05
C LEU X 28 -8.94 -75.83 -14.44
N LEU X 29 -9.97 -75.73 -15.27
CA LEU X 29 -11.36 -75.62 -14.81
C LEU X 29 -11.79 -76.90 -14.07
N GLY X 30 -11.48 -78.06 -14.66
CA GLY X 30 -11.92 -79.35 -14.12
C GLY X 30 -11.29 -79.83 -12.83
N SER X 31 -10.08 -79.35 -12.51
CA SER X 31 -9.30 -79.89 -11.37
C SER X 31 -8.60 -78.82 -10.51
N TYR X 32 -7.75 -78.01 -11.15
CA TYR X 32 -6.86 -77.07 -10.44
C TYR X 32 -7.56 -76.04 -9.53
N PHE X 33 -8.72 -75.56 -9.95
CA PHE X 33 -9.49 -74.55 -9.18
C PHE X 33 -10.18 -75.14 -7.93
N PRO X 34 -10.88 -76.28 -8.05
CA PRO X 34 -11.38 -77.00 -6.87
C PRO X 34 -10.31 -77.41 -5.86
N LYS X 35 -9.14 -77.83 -6.37
CA LYS X 35 -7.98 -78.16 -5.54
C LYS X 35 -7.50 -76.96 -4.74
N LYS X 36 -7.29 -75.85 -5.43
CA LYS X 36 -6.80 -74.60 -4.81
C LYS X 36 -7.72 -74.04 -3.72
N ILE X 37 -9.03 -74.13 -3.91
CA ILE X 37 -10.01 -73.64 -2.94
C ILE X 37 -9.97 -74.47 -1.65
N SER X 38 -9.87 -75.79 -1.79
CA SER X 38 -9.73 -76.69 -0.63
C SER X 38 -8.39 -76.50 0.11
N GLU X 39 -7.32 -76.25 -0.63
CA GLU X 39 -6.00 -75.95 -0.05
C GLU X 39 -5.99 -74.63 0.73
N LEU X 40 -6.61 -73.60 0.16
CA LEU X 40 -6.70 -72.28 0.81
C LEU X 40 -7.74 -72.24 1.94
N ASP X 41 -8.76 -73.10 1.88
CA ASP X 41 -9.69 -73.29 3.01
C ASP X 41 -8.98 -73.92 4.21
N ALA X 42 -8.14 -74.92 3.95
CA ALA X 42 -7.33 -75.57 4.99
C ALA X 42 -6.29 -74.61 5.58
N PHE X 43 -5.61 -73.87 4.70
CA PHE X 43 -4.59 -72.88 5.09
C PHE X 43 -5.18 -71.76 5.95
N LEU X 44 -6.38 -71.29 5.60
CA LEU X 44 -7.09 -70.26 6.39
C LEU X 44 -7.51 -70.74 7.79
N LYS X 45 -7.78 -72.03 7.95
CA LYS X 45 -8.19 -72.61 9.24
C LYS X 45 -7.03 -73.12 10.11
N GLU X 46 -5.80 -73.06 9.60
CA GLU X 46 -4.61 -73.45 10.38
C GLU X 46 -4.31 -72.42 11.50
N PRO X 47 -3.56 -72.83 12.55
CA PRO X 47 -3.25 -71.89 13.64
C PRO X 47 -2.21 -70.81 13.29
N ALA X 48 -1.48 -70.96 12.17
CA ALA X 48 -0.51 -69.97 11.73
C ALA X 48 -1.18 -68.64 11.36
N LEU X 49 -2.20 -68.72 10.50
CA LEU X 49 -2.98 -67.54 10.10
C LEU X 49 -4.02 -67.11 11.14
N ASN X 50 -4.31 -67.95 12.13
CA ASN X 50 -5.26 -67.63 13.20
C ASN X 50 -4.55 -67.57 14.56
N GLU X 51 -3.80 -66.50 14.78
CA GLU X 51 -3.19 -66.25 16.11
C GLU X 51 -4.26 -65.70 17.05
N ALA X 52 -4.34 -66.29 18.25
CA ALA X 52 -5.36 -65.91 19.24
C ALA X 52 -5.17 -64.49 19.77
N ASN X 53 -3.91 -64.08 19.91
CA ASN X 53 -3.55 -62.74 20.40
C ASN X 53 -2.55 -62.07 19.45
N LEU X 54 -2.66 -60.74 19.33
CA LEU X 54 -1.79 -59.94 18.45
C LEU X 54 -0.34 -59.87 18.95
N SER X 55 -0.15 -59.92 20.27
CA SER X 55 1.20 -59.83 20.87
C SER X 55 2.09 -61.07 20.67
N ASN X 56 1.54 -62.17 20.15
CA ASN X 56 2.34 -63.35 19.77
C ASN X 56 3.29 -63.03 18.60
N LEU X 57 2.82 -62.21 17.66
CA LEU X 57 3.64 -61.77 16.52
C LEU X 57 4.74 -60.77 16.89
N LYS X 58 4.54 -60.03 17.98
CA LYS X 58 5.49 -59.01 18.47
C LYS X 58 6.90 -59.58 18.64
N ALA X 59 7.77 -59.27 17.67
CA ALA X 59 9.15 -59.76 17.66
C ALA X 59 10.05 -58.92 18.57
N PRO X 60 11.25 -59.44 18.93
CA PRO X 60 12.19 -58.64 19.73
C PRO X 60 12.82 -57.48 18.93
N LEU X 61 12.53 -56.25 19.36
CA LEU X 61 13.13 -55.04 18.79
C LEU X 61 14.10 -54.48 19.82
N ASP X 62 15.37 -54.89 19.72
CA ASP X 62 16.38 -54.60 20.74
C ASP X 62 17.27 -53.42 20.34
N ILE X 63 16.94 -52.24 20.89
CA ILE X 63 17.75 -51.02 20.73
C ILE X 63 17.96 -50.42 22.13
N PRO X 64 19.19 -49.94 22.45
CA PRO X 64 19.40 -49.28 23.75
C PRO X 64 18.64 -47.96 23.92
N VAL X 65 17.84 -47.87 24.98
CA VAL X 65 16.98 -46.69 25.23
C VAL X 65 17.69 -45.64 26.09
N GLY X 102 23.01 -52.83 17.81
CA GLY X 102 23.07 -54.25 17.48
C GLY X 102 22.06 -54.65 16.43
N PRO X 103 22.12 -55.92 15.96
CA PRO X 103 21.26 -56.40 14.87
C PRO X 103 19.79 -56.56 15.26
N VAL X 104 18.89 -56.18 14.35
CA VAL X 104 17.44 -56.35 14.52
C VAL X 104 16.92 -57.17 13.34
N ASN X 105 16.52 -58.41 13.62
CA ASN X 105 16.06 -59.34 12.59
C ASN X 105 14.65 -59.00 12.11
N CYS X 106 14.29 -59.57 10.96
CA CYS X 106 12.92 -59.50 10.45
C CYS X 106 12.01 -60.40 11.29
N ASN X 107 10.72 -60.10 11.29
CA ASN X 107 9.75 -60.88 12.06
C ASN X 107 9.64 -62.29 11.47
N GLU X 108 10.08 -63.28 12.25
CA GLU X 108 10.17 -64.67 11.78
C GLU X 108 8.79 -65.25 11.49
N LYS X 109 7.84 -64.97 12.39
CA LYS X 109 6.45 -65.42 12.23
C LYS X 109 5.75 -64.86 10.99
N ILE X 110 6.14 -63.65 10.57
CA ILE X 110 5.66 -63.07 9.30
C ILE X 110 6.38 -63.69 8.11
N VAL X 111 7.70 -63.82 8.20
CA VAL X 111 8.52 -64.32 7.09
C VAL X 111 8.08 -65.73 6.65
N VAL X 112 7.88 -66.64 7.60
CA VAL X 112 7.40 -68.00 7.28
C VAL X 112 6.06 -68.02 6.55
N LEU X 113 5.15 -67.10 6.92
CA LEU X 113 3.88 -66.93 6.22
C LEU X 113 4.05 -66.39 4.80
N LEU X 114 4.99 -65.46 4.63
CA LEU X 114 5.31 -64.89 3.30
C LEU X 114 5.95 -65.90 2.34
N GLN X 115 6.68 -66.89 2.86
CA GLN X 115 7.22 -67.98 2.03
C GLN X 115 6.13 -68.90 1.49
N ARG X 116 5.02 -69.03 2.23
CA ARG X 116 3.86 -69.79 1.76
C ARG X 116 2.94 -68.98 0.84
N LEU X 117 2.87 -67.66 1.06
CA LEU X 117 2.02 -66.76 0.26
C LEU X 117 2.56 -66.49 -1.15
N LYS X 118 3.87 -66.29 -1.25
CA LYS X 118 4.51 -65.94 -2.55
C LYS X 118 4.26 -66.92 -3.71
N PRO X 119 4.36 -68.25 -3.46
CA PRO X 119 3.96 -69.20 -4.50
C PRO X 119 2.47 -69.22 -4.82
N GLU X 120 1.62 -68.87 -3.85
CA GLU X 120 0.16 -68.76 -4.07
C GLU X 120 -0.21 -67.53 -4.92
N ILE X 121 0.49 -66.42 -4.70
CA ILE X 121 0.32 -65.21 -5.53
C ILE X 121 0.81 -65.44 -6.96
N LYS X 122 1.96 -66.12 -7.10
CA LYS X 122 2.52 -66.51 -8.40
C LYS X 122 1.52 -67.32 -9.24
N ASP X 123 0.89 -68.30 -8.62
CA ASP X 123 0.00 -69.23 -9.33
C ASP X 123 -1.27 -68.54 -9.86
N VAL X 124 -2.04 -67.94 -8.96
CA VAL X 124 -3.29 -67.27 -9.35
C VAL X 124 -3.13 -66.21 -10.46
N THR X 125 -2.02 -65.47 -10.43
CA THR X 125 -1.71 -64.49 -11.47
C THR X 125 -1.39 -65.15 -12.81
N GLU X 126 -0.69 -66.28 -12.77
CA GLU X 126 -0.38 -67.06 -13.97
C GLU X 126 -1.65 -67.66 -14.58
N GLN X 127 -2.48 -68.28 -13.74
CA GLN X 127 -3.69 -68.97 -14.21
C GLN X 127 -4.83 -68.01 -14.60
N LEU X 128 -4.92 -66.86 -13.94
CA LEU X 128 -5.86 -65.80 -14.35
C LEU X 128 -5.47 -65.25 -15.73
N ASN X 129 -4.18 -64.94 -15.89
CA ASN X 129 -3.63 -64.42 -17.16
C ASN X 129 -3.78 -65.42 -18.31
N LEU X 130 -3.67 -66.72 -18.01
CA LEU X 130 -3.93 -67.79 -18.97
C LEU X 130 -5.40 -67.81 -19.38
N VAL X 131 -6.28 -67.87 -18.37
CA VAL X 131 -7.73 -67.92 -18.56
C VAL X 131 -8.28 -66.66 -19.26
N THR X 132 -7.70 -65.50 -18.96
CA THR X 132 -8.06 -64.26 -19.65
C THR X 132 -7.77 -64.38 -21.15
N THR X 133 -6.58 -64.86 -21.49
CA THR X 133 -6.17 -65.04 -22.87
C THR X 133 -7.01 -66.08 -23.61
N TRP X 134 -7.41 -67.14 -22.92
CA TRP X 134 -8.32 -68.14 -23.48
C TRP X 134 -9.62 -67.50 -23.95
N LEU X 135 -10.24 -66.70 -23.08
CA LEU X 135 -11.49 -66.01 -23.41
C LEU X 135 -11.36 -64.99 -24.54
N GLN X 136 -10.19 -64.34 -24.65
CA GLN X 136 -9.95 -63.39 -25.75
C GLN X 136 -9.92 -64.09 -27.12
N LEU X 137 -9.34 -65.28 -27.19
CA LEU X 137 -9.29 -66.05 -28.44
C LEU X 137 -10.64 -66.66 -28.84
N GLN X 138 -11.57 -66.78 -27.88
CA GLN X 138 -12.95 -67.21 -28.19
C GLN X 138 -13.83 -66.11 -28.78
N ILE X 139 -13.42 -64.85 -28.66
CA ILE X 139 -14.20 -63.73 -29.20
C ILE X 139 -14.24 -63.89 -30.73
N PRO X 140 -15.46 -64.01 -31.31
CA PRO X 140 -15.57 -64.31 -32.74
C PRO X 140 -15.32 -63.08 -33.61
N ARG X 141 -15.50 -63.24 -34.92
CA ARG X 141 -15.47 -62.13 -35.87
C ARG X 141 -16.53 -61.10 -35.50
N ILE X 142 -16.19 -59.81 -35.67
CA ILE X 142 -17.11 -58.73 -35.31
C ILE X 142 -18.20 -58.62 -36.37
N GLU X 143 -19.45 -58.85 -35.95
CA GLU X 143 -20.62 -58.80 -36.83
C GLU X 143 -21.75 -58.06 -36.12
N ASP X 144 -22.47 -57.21 -36.85
CA ASP X 144 -23.60 -56.46 -36.30
C ASP X 144 -24.77 -57.38 -35.93
N GLY X 145 -24.94 -58.45 -36.69
CA GLY X 145 -25.93 -59.50 -36.42
C GLY X 145 -25.40 -60.59 -35.51
N ASN X 146 -26.02 -60.71 -34.33
CA ASN X 146 -25.78 -61.76 -33.32
C ASN X 146 -24.73 -61.27 -32.30
N ASN X 147 -25.21 -60.45 -31.37
CA ASN X 147 -24.36 -59.69 -30.44
C ASN X 147 -24.31 -60.26 -29.01
N PHE X 148 -25.24 -61.14 -28.66
CA PHE X 148 -25.39 -61.57 -27.26
C PHE X 148 -24.29 -62.52 -26.76
N GLY X 149 -23.87 -63.45 -27.61
CA GLY X 149 -22.74 -64.33 -27.30
C GLY X 149 -21.47 -63.56 -26.95
N VAL X 150 -21.26 -62.43 -27.61
CA VAL X 150 -20.16 -61.53 -27.34
C VAL X 150 -20.40 -60.74 -26.04
N ALA X 151 -21.65 -60.32 -25.83
CA ALA X 151 -22.04 -59.60 -24.61
C ALA X 151 -21.82 -60.39 -23.31
N VAL X 152 -21.98 -61.72 -23.37
CA VAL X 152 -21.68 -62.60 -22.23
C VAL X 152 -20.17 -62.66 -22.02
N GLN X 153 -19.42 -62.89 -23.10
CA GLN X 153 -17.95 -62.92 -23.08
C GLN X 153 -17.37 -61.64 -22.49
N GLU X 154 -17.87 -60.49 -22.94
CA GLU X 154 -17.41 -59.18 -22.47
C GLU X 154 -17.80 -58.89 -21.01
N LYS X 155 -18.94 -59.41 -20.57
CA LYS X 155 -19.36 -59.30 -19.16
C LYS X 155 -18.48 -60.15 -18.24
N VAL X 156 -18.12 -61.34 -18.69
CA VAL X 156 -17.17 -62.21 -17.97
C VAL X 156 -15.74 -61.66 -18.04
N PHE X 157 -15.39 -61.06 -19.19
CA PHE X 157 -14.08 -60.39 -19.36
C PHE X 157 -13.93 -59.14 -18.47
N GLU X 158 -15.05 -58.51 -18.13
CA GLU X 158 -15.06 -57.37 -17.19
C GLU X 158 -14.61 -57.80 -15.80
N LEU X 159 -15.12 -58.94 -15.32
CA LEU X 159 -14.73 -59.51 -14.03
C LEU X 159 -13.24 -59.89 -13.95
N MET X 160 -12.73 -60.49 -15.04
CA MET X 160 -11.32 -60.88 -15.11
C MET X 160 -10.38 -59.69 -15.05
N THR X 161 -10.80 -58.57 -15.64
CA THR X 161 -10.09 -57.29 -15.53
C THR X 161 -10.08 -56.76 -14.09
N ASN X 162 -11.23 -56.87 -13.42
CA ASN X 162 -11.39 -56.41 -12.03
C ASN X 162 -10.57 -57.25 -11.05
N LEU X 163 -10.51 -58.57 -11.28
CA LEU X 163 -9.63 -59.45 -10.50
C LEU X 163 -8.17 -59.10 -10.72
N HIS X 164 -7.78 -58.94 -12.00
CA HIS X 164 -6.41 -58.60 -12.37
C HIS X 164 -5.92 -57.32 -11.69
N THR X 165 -6.79 -56.31 -11.62
CA THR X 165 -6.48 -55.05 -10.92
C THR X 165 -6.23 -55.28 -9.43
N LYS X 166 -7.00 -56.17 -8.82
CA LYS X 166 -6.87 -56.50 -7.39
C LYS X 166 -5.60 -57.29 -7.07
N LEU X 167 -5.27 -58.27 -7.90
CA LEU X 167 -4.08 -59.11 -7.69
C LEU X 167 -2.77 -58.48 -8.16
N GLU X 168 -2.84 -57.41 -8.98
CA GLU X 168 -1.65 -56.68 -9.42
C GLU X 168 -0.95 -55.99 -8.24
N GLY X 169 -1.74 -55.40 -7.34
CA GLY X 169 -1.22 -54.73 -6.14
C GLY X 169 -0.63 -55.64 -5.07
N PHE X 170 -1.02 -56.91 -5.05
CA PHE X 170 -0.50 -57.91 -4.10
C PHE X 170 1.00 -58.16 -4.26
N HIS X 171 1.48 -58.08 -5.50
CA HIS X 171 2.86 -58.39 -5.87
C HIS X 171 3.87 -57.44 -5.20
N THR X 172 3.61 -56.14 -5.33
CA THR X 172 4.53 -55.10 -4.85
C THR X 172 4.46 -54.84 -3.33
N GLN X 173 3.41 -55.32 -2.66
CA GLN X 173 3.20 -55.00 -1.24
C GLN X 173 4.20 -55.68 -0.30
N ILE X 174 4.68 -56.87 -0.68
CA ILE X 174 5.67 -57.61 0.12
C ILE X 174 7.00 -56.84 0.18
N SER X 175 7.42 -56.30 -0.95
CA SER X 175 8.60 -55.42 -1.03
C SER X 175 8.38 -54.09 -0.27
N LYS X 176 7.18 -53.55 -0.40
CA LYS X 176 6.77 -52.31 0.32
C LYS X 176 6.76 -52.48 1.85
N TYR X 177 6.47 -53.69 2.32
CA TYR X 177 6.46 -54.00 3.77
C TYR X 177 7.86 -53.96 4.37
N PHE X 178 8.80 -54.71 3.78
CA PHE X 178 10.19 -54.73 4.23
C PHE X 178 10.88 -53.37 4.06
N SER X 179 10.47 -52.63 3.03
CA SER X 179 10.95 -51.26 2.83
C SER X 179 10.46 -50.30 3.92
N GLU X 180 9.16 -50.35 4.22
CA GLU X 180 8.57 -49.53 5.29
C GLU X 180 9.01 -49.94 6.70
N ARG X 181 9.23 -51.23 6.91
CA ARG X 181 9.74 -51.75 8.18
C ARG X 181 11.21 -51.37 8.38
N GLY X 182 12.01 -51.52 7.33
CA GLY X 182 13.42 -51.12 7.35
C GLY X 182 13.65 -49.65 7.64
N ASP X 183 12.79 -48.79 7.07
CA ASP X 183 12.81 -47.35 7.36
C ASP X 183 12.40 -47.06 8.81
N ALA X 184 11.41 -47.82 9.30
CA ALA X 184 10.92 -47.68 10.67
C ALA X 184 11.94 -48.14 11.72
N VAL X 185 12.59 -49.29 11.46
CA VAL X 185 13.65 -49.80 12.33
C VAL X 185 14.88 -48.89 12.31
N ALA X 186 15.22 -48.39 11.11
CA ALA X 186 16.35 -47.45 10.95
C ALA X 186 16.15 -46.16 11.75
N LYS X 187 14.98 -45.55 11.60
CA LYS X 187 14.64 -44.32 12.34
C LYS X 187 14.47 -44.57 13.85
N ALA X 188 14.01 -45.77 14.22
CA ALA X 188 13.95 -46.17 15.64
C ALA X 188 15.34 -46.25 16.26
N ALA X 189 16.29 -46.82 15.52
CA ALA X 189 17.69 -46.91 15.95
C ALA X 189 18.40 -45.56 15.92
N LYS X 190 18.17 -44.79 14.85
CA LYS X 190 18.75 -43.45 14.70
C LYS X 190 18.32 -42.50 15.82
N GLN X 191 17.05 -42.60 16.23
CA GLN X 191 16.49 -41.78 17.31
C GLN X 191 15.76 -42.67 18.34
N PRO X 192 16.51 -43.26 19.30
CA PRO X 192 15.92 -44.16 20.30
C PRO X 192 14.94 -43.50 21.29
N HIS X 193 15.16 -42.22 21.60
CA HIS X 193 14.29 -41.48 22.54
C HIS X 193 12.81 -41.42 22.14
N VAL X 194 12.52 -41.45 20.84
CA VAL X 194 11.14 -41.39 20.34
C VAL X 194 10.49 -42.78 20.45
N GLY X 195 9.48 -42.88 21.30
CA GLY X 195 8.76 -44.14 21.53
C GLY X 195 7.84 -44.59 20.40
N ASP X 196 7.44 -43.65 19.54
CA ASP X 196 6.51 -43.93 18.44
C ASP X 196 7.11 -44.82 17.34
N TYR X 197 8.38 -44.59 17.01
CA TYR X 197 9.10 -45.42 16.02
C TYR X 197 9.23 -46.88 16.46
N ARG X 198 9.28 -47.12 17.77
CA ARG X 198 9.35 -48.48 18.33
C ARG X 198 8.02 -49.21 18.15
N GLN X 199 6.93 -48.51 18.41
CA GLN X 199 5.57 -49.04 18.20
C GLN X 199 5.27 -49.25 16.71
N LEU X 200 5.76 -48.32 15.87
CA LEU X 200 5.56 -48.38 14.41
C LEU X 200 6.01 -49.71 13.78
N VAL X 201 7.10 -50.29 14.30
CA VAL X 201 7.60 -51.58 13.81
C VAL X 201 6.64 -52.71 14.20
N HIS X 202 6.09 -52.65 15.42
CA HIS X 202 5.13 -53.65 15.90
C HIS X 202 3.76 -53.53 15.21
N GLU X 203 3.36 -52.30 14.91
CA GLU X 203 2.10 -52.04 14.16
C GLU X 203 2.21 -52.45 12.69
N LEU X 204 3.37 -52.23 12.08
CA LEU X 204 3.65 -52.75 10.73
C LEU X 204 3.64 -54.28 10.66
N ASP X 205 4.08 -54.93 11.74
CA ASP X 205 3.99 -56.39 11.87
C ASP X 205 2.55 -56.88 12.02
N GLU X 206 1.77 -56.19 12.84
CA GLU X 206 0.34 -56.53 13.02
C GLU X 206 -0.48 -56.27 11.75
N ALA X 207 -0.18 -55.19 11.05
CA ALA X 207 -0.86 -54.85 9.80
C ALA X 207 -0.53 -55.81 8.67
N GLU X 208 0.76 -56.17 8.54
CA GLU X 208 1.22 -57.11 7.51
C GLU X 208 0.66 -58.51 7.73
N TYR X 209 0.52 -58.91 9.00
CA TYR X 209 -0.16 -60.17 9.35
C TYR X 209 -1.61 -60.16 8.87
N GLN X 210 -2.30 -59.06 9.13
CA GLN X 210 -3.69 -58.87 8.68
C GLN X 210 -3.81 -58.78 7.15
N GLU X 211 -2.81 -58.16 6.52
CA GLU X 211 -2.75 -58.04 5.05
C GLU X 211 -2.53 -59.40 4.39
N ILE X 212 -1.66 -60.22 4.97
CA ILE X 212 -1.44 -61.60 4.52
C ILE X 212 -2.72 -62.44 4.66
N ARG X 213 -3.45 -62.26 5.76
CA ARG X 213 -4.67 -63.03 6.00
C ARG X 213 -5.79 -62.68 5.01
N LEU X 214 -5.88 -61.41 4.61
CA LEU X 214 -6.82 -60.98 3.57
C LEU X 214 -6.40 -61.43 2.16
N MET X 215 -5.10 -61.30 1.85
CA MET X 215 -4.57 -61.74 0.55
C MET X 215 -4.82 -63.22 0.27
N VAL X 216 -4.79 -64.06 1.31
CA VAL X 216 -5.13 -65.48 1.18
C VAL X 216 -6.62 -65.64 0.88
N MET X 217 -7.48 -64.88 1.58
CA MET X 217 -8.92 -64.89 1.32
C MET X 217 -9.25 -64.43 -0.09
N GLU X 218 -8.64 -63.32 -0.52
CA GLU X 218 -8.89 -62.73 -1.85
C GLU X 218 -8.48 -63.65 -2.99
N ILE X 219 -7.40 -64.42 -2.80
CA ILE X 219 -6.93 -65.40 -3.80
C ILE X 219 -7.88 -66.61 -3.88
N ARG X 220 -8.36 -67.07 -2.73
CA ARG X 220 -9.38 -68.14 -2.69
C ARG X 220 -10.68 -67.70 -3.35
N ASN X 221 -11.13 -66.49 -3.01
CA ASN X 221 -12.36 -65.92 -3.57
C ASN X 221 -12.23 -65.63 -5.07
N ALA X 222 -11.03 -65.27 -5.51
CA ALA X 222 -10.75 -65.10 -6.95
C ALA X 222 -10.95 -66.41 -7.71
N TYR X 223 -10.39 -67.50 -7.19
CA TYR X 223 -10.61 -68.84 -7.75
C TYR X 223 -12.08 -69.24 -7.70
N ALA X 224 -12.72 -69.02 -6.54
CA ALA X 224 -14.12 -69.38 -6.35
C ALA X 224 -15.07 -68.64 -7.28
N VAL X 225 -14.82 -67.35 -7.48
CA VAL X 225 -15.63 -66.50 -8.36
C VAL X 225 -15.39 -66.83 -9.86
N LEU X 226 -14.14 -67.09 -10.23
CA LEU X 226 -13.80 -67.51 -11.61
C LEU X 226 -14.36 -68.88 -11.98
N TYR X 227 -14.26 -69.84 -11.06
CA TYR X 227 -14.79 -71.19 -11.28
C TYR X 227 -16.29 -71.14 -11.54
N ASP X 228 -17.01 -70.45 -10.66
CA ASP X 228 -18.46 -70.36 -10.71
C ASP X 228 -18.99 -69.65 -11.97
N ILE X 229 -18.37 -68.52 -12.32
CA ILE X 229 -18.82 -67.72 -13.47
C ILE X 229 -18.53 -68.37 -14.82
N ILE X 230 -17.38 -69.02 -14.96
CA ILE X 230 -17.02 -69.69 -16.23
C ILE X 230 -17.82 -70.98 -16.41
N LEU X 231 -18.01 -71.74 -15.33
CA LEU X 231 -18.78 -72.97 -15.35
C LEU X 231 -20.27 -72.74 -15.65
N LYS X 232 -20.83 -71.65 -15.13
CA LYS X 232 -22.22 -71.28 -15.41
C LYS X 232 -22.43 -70.85 -16.87
N ASN X 233 -21.54 -70.00 -17.37
CA ASN X 233 -21.65 -69.41 -18.71
C ASN X 233 -20.87 -70.13 -19.82
N PHE X 234 -20.35 -71.33 -19.55
CA PHE X 234 -19.42 -72.01 -20.48
C PHE X 234 -19.95 -72.21 -21.90
N GLU X 235 -21.25 -72.48 -22.02
CA GLU X 235 -21.89 -72.63 -23.35
C GLU X 235 -21.72 -71.39 -24.21
N LYS X 236 -22.06 -70.23 -23.66
CA LYS X 236 -21.93 -68.95 -24.37
C LYS X 236 -20.47 -68.47 -24.54
N LEU X 237 -19.57 -68.88 -23.63
CA LEU X 237 -18.17 -68.45 -23.69
C LEU X 237 -17.36 -69.21 -24.76
N LYS X 238 -17.49 -70.54 -24.76
CA LYS X 238 -16.78 -71.40 -25.71
C LYS X 238 -17.33 -71.19 -27.12
N LYS X 239 -18.64 -71.41 -27.27
CA LYS X 239 -19.36 -71.25 -28.54
C LYS X 239 -20.33 -70.08 -28.44
N PRO X 240 -19.88 -68.85 -28.79
CA PRO X 240 -20.73 -67.67 -28.62
C PRO X 240 -21.94 -67.62 -29.56
N ARG X 241 -21.73 -67.93 -30.84
CA ARG X 241 -22.79 -67.88 -31.84
C ARG X 241 -23.48 -69.24 -32.08
N GLY X 242 -22.93 -70.32 -31.52
CA GLY X 242 -23.53 -71.66 -31.66
C GLY X 242 -23.25 -72.30 -33.01
N GLU X 243 -23.52 -73.61 -33.10
CA GLU X 243 -23.30 -74.37 -34.33
C GLU X 243 -24.09 -75.67 -34.33
N VAL Y 6 -15.75 -81.12 -16.63
CA VAL Y 6 -15.42 -81.12 -15.16
C VAL Y 6 -15.36 -82.55 -14.61
N HIS Y 7 -14.52 -82.76 -13.59
CA HIS Y 7 -14.49 -84.02 -12.85
C HIS Y 7 -15.78 -84.21 -12.03
N PRO Y 8 -16.16 -85.47 -11.74
CA PRO Y 8 -17.35 -85.72 -10.91
C PRO Y 8 -17.16 -85.35 -9.44
N GLU Y 9 -15.97 -85.62 -8.90
CA GLU Y 9 -15.64 -85.34 -7.50
C GLU Y 9 -15.29 -83.85 -7.29
N ALA Y 10 -14.62 -83.25 -8.28
CA ALA Y 10 -14.15 -81.85 -8.20
C ALA Y 10 -15.28 -80.83 -8.01
N GLN Y 11 -16.41 -81.05 -8.69
CA GLN Y 11 -17.58 -80.16 -8.57
C GLN Y 11 -18.25 -80.31 -7.19
N ALA Y 12 -18.20 -81.52 -6.62
CA ALA Y 12 -18.67 -81.76 -5.25
C ALA Y 12 -17.75 -81.13 -4.19
N LYS Y 13 -16.46 -81.04 -4.49
CA LYS Y 13 -15.48 -80.38 -3.60
C LYS Y 13 -15.72 -78.87 -3.47
N VAL Y 14 -16.21 -78.24 -4.54
CA VAL Y 14 -16.61 -76.82 -4.51
C VAL Y 14 -17.98 -76.65 -3.83
N ASP Y 15 -18.87 -77.63 -4.01
CA ASP Y 15 -20.17 -77.66 -3.30
C ASP Y 15 -20.03 -77.74 -1.77
N VAL Y 16 -18.90 -78.24 -1.28
CA VAL Y 16 -18.56 -78.18 0.16
C VAL Y 16 -18.31 -76.73 0.57
N PHE Y 17 -17.55 -76.00 -0.25
CA PHE Y 17 -17.27 -74.57 -0.01
C PHE Y 17 -18.52 -73.69 -0.13
N ARG Y 18 -19.35 -73.94 -1.15
CA ARG Y 18 -20.59 -73.16 -1.36
C ARG Y 18 -21.58 -73.31 -0.21
N GLU Y 19 -21.78 -74.54 0.26
CA GLU Y 19 -22.63 -74.80 1.44
C GLU Y 19 -22.01 -74.27 2.74
N ASP Y 20 -20.68 -74.30 2.83
CA ASP Y 20 -19.96 -73.68 3.94
C ASP Y 20 -20.08 -72.15 3.91
N LEU Y 21 -20.10 -71.57 2.72
CA LEU Y 21 -20.30 -70.12 2.54
C LEU Y 21 -21.76 -69.73 2.77
N CYS Y 22 -22.69 -70.56 2.29
CA CYS Y 22 -24.13 -70.37 2.53
C CYS Y 22 -24.50 -70.49 4.01
N SER Y 23 -23.86 -71.44 4.71
CA SER Y 23 -24.05 -71.61 6.14
C SER Y 23 -23.44 -70.44 6.93
N LYS Y 24 -22.22 -70.05 6.58
CA LYS Y 24 -21.54 -68.90 7.22
C LYS Y 24 -22.30 -67.58 7.03
N THR Y 25 -22.75 -67.32 5.80
CA THR Y 25 -23.46 -66.08 5.50
C THR Y 25 -24.79 -65.97 6.25
N GLU Y 26 -25.59 -67.04 6.19
CA GLU Y 26 -26.93 -67.03 6.80
C GLU Y 26 -26.92 -66.95 8.33
N ASN Y 27 -26.08 -67.76 8.98
CA ASN Y 27 -26.05 -67.82 10.45
C ASN Y 27 -25.40 -66.59 11.08
N LEU Y 28 -24.35 -66.06 10.44
CA LEU Y 28 -23.65 -64.86 10.94
C LEU Y 28 -24.45 -63.59 10.66
N LEU Y 29 -25.10 -63.50 9.49
CA LEU Y 29 -26.06 -62.41 9.23
C LEU Y 29 -27.22 -62.47 10.23
N GLY Y 30 -27.64 -63.68 10.60
CA GLY Y 30 -28.65 -63.89 11.62
C GLY Y 30 -28.25 -63.46 13.03
N SER Y 31 -27.02 -63.75 13.43
CA SER Y 31 -26.53 -63.48 14.81
C SER Y 31 -25.43 -62.40 14.88
N TYR Y 32 -24.33 -62.64 14.17
CA TYR Y 32 -23.10 -61.80 14.21
C TYR Y 32 -23.34 -60.31 13.93
N PHE Y 33 -24.23 -60.02 12.99
CA PHE Y 33 -24.49 -58.64 12.54
C PHE Y 33 -25.28 -57.81 13.58
N PRO Y 34 -26.39 -58.36 14.11
CA PRO Y 34 -27.03 -57.74 15.28
C PRO Y 34 -26.10 -57.62 16.50
N LYS Y 35 -25.31 -58.66 16.76
CA LYS Y 35 -24.37 -58.70 17.88
C LYS Y 35 -23.35 -57.55 17.80
N LYS Y 36 -22.73 -57.38 16.64
CA LYS Y 36 -21.74 -56.32 16.43
C LYS Y 36 -22.31 -54.90 16.61
N ILE Y 37 -23.56 -54.69 16.18
CA ILE Y 37 -24.20 -53.37 16.26
C ILE Y 37 -24.42 -52.94 17.72
N SER Y 38 -24.86 -53.87 18.57
CA SER Y 38 -25.06 -53.60 20.00
C SER Y 38 -23.74 -53.35 20.74
N GLU Y 39 -22.70 -54.10 20.38
CA GLU Y 39 -21.37 -53.96 21.00
C GLU Y 39 -20.70 -52.63 20.65
N LEU Y 40 -20.78 -52.23 19.38
CA LEU Y 40 -20.22 -50.95 18.92
C LEU Y 40 -21.04 -49.73 19.35
N ASP Y 41 -22.35 -49.93 19.59
CA ASP Y 41 -23.20 -48.87 20.17
C ASP Y 41 -22.87 -48.65 21.66
N ALA Y 42 -22.61 -49.75 22.37
CA ALA Y 42 -22.16 -49.71 23.77
C ALA Y 42 -20.74 -49.16 23.90
N PHE Y 43 -19.87 -49.53 22.96
CA PHE Y 43 -18.49 -49.02 22.89
C PHE Y 43 -18.45 -47.51 22.62
N LEU Y 44 -19.38 -47.01 21.81
CA LEU Y 44 -19.52 -45.57 21.59
C LEU Y 44 -19.97 -44.79 22.83
N LYS Y 45 -20.87 -45.39 23.61
CA LYS Y 45 -21.40 -44.75 24.83
C LYS Y 45 -20.51 -44.88 26.07
N GLU Y 46 -19.40 -45.64 25.97
CA GLU Y 46 -18.42 -45.73 27.07
C GLU Y 46 -17.67 -44.40 27.29
N PRO Y 47 -17.10 -44.19 28.51
CA PRO Y 47 -16.33 -42.98 28.75
C PRO Y 47 -14.94 -42.95 28.08
N ALA Y 48 -14.47 -44.09 27.56
CA ALA Y 48 -13.24 -44.16 26.79
C ALA Y 48 -13.31 -43.39 25.46
N LEU Y 49 -14.48 -43.47 24.79
CA LEU Y 49 -14.75 -42.70 23.57
C LEU Y 49 -15.76 -41.56 23.80
N ASN Y 50 -15.81 -41.03 25.03
CA ASN Y 50 -16.61 -39.85 25.38
C ASN Y 50 -15.83 -39.01 26.39
N GLU Y 51 -14.62 -38.60 25.99
CA GLU Y 51 -13.79 -37.74 26.82
C GLU Y 51 -14.44 -36.35 26.88
N ALA Y 52 -14.87 -35.95 28.07
CA ALA Y 52 -15.57 -34.68 28.28
C ALA Y 52 -14.73 -33.48 27.85
N ASN Y 53 -13.44 -33.50 28.16
CA ASN Y 53 -12.50 -32.44 27.80
C ASN Y 53 -11.36 -33.02 26.96
N LEU Y 54 -10.94 -32.26 25.94
CA LEU Y 54 -9.85 -32.67 25.03
C LEU Y 54 -8.47 -32.69 25.73
N SER Y 55 -8.31 -31.90 26.78
CA SER Y 55 -7.05 -31.82 27.54
C SER Y 55 -6.69 -33.08 28.34
N ASN Y 56 -7.66 -33.97 28.54
CA ASN Y 56 -7.40 -35.27 29.20
C ASN Y 56 -6.43 -36.14 28.39
N LEU Y 57 -6.60 -36.15 27.07
CA LEU Y 57 -5.77 -36.95 26.16
C LEU Y 57 -4.33 -36.42 25.99
N LYS Y 58 -4.06 -35.19 26.41
CA LYS Y 58 -2.73 -34.57 26.32
C LYS Y 58 -1.68 -35.38 27.09
N ALA Y 59 -0.84 -36.10 26.34
CA ALA Y 59 0.18 -36.99 26.91
C ALA Y 59 1.41 -36.18 27.36
N PRO Y 60 2.27 -36.76 28.22
CA PRO Y 60 3.42 -36.01 28.72
C PRO Y 60 4.60 -35.98 27.73
N LEU Y 61 4.92 -34.78 27.26
CA LEU Y 61 6.04 -34.52 26.36
C LEU Y 61 6.99 -33.54 27.07
N ASP Y 62 8.08 -34.06 27.64
CA ASP Y 62 9.03 -33.24 28.40
C ASP Y 62 10.35 -33.09 27.62
N ILE Y 63 10.64 -31.86 27.20
CA ILE Y 63 11.87 -31.51 26.47
C ILE Y 63 12.35 -30.14 26.97
N PRO Y 64 13.69 -29.92 27.04
CA PRO Y 64 14.23 -28.59 27.38
C PRO Y 64 13.78 -27.49 26.40
N GLY Y 102 15.59 -37.25 27.11
CA GLY Y 102 14.88 -38.35 27.78
C GLY Y 102 13.85 -39.03 26.89
N PRO Y 103 13.31 -40.17 27.33
CA PRO Y 103 12.36 -40.96 26.53
C PRO Y 103 10.96 -40.36 26.51
N VAL Y 104 10.42 -40.15 25.31
CA VAL Y 104 9.04 -39.71 25.11
C VAL Y 104 8.21 -40.90 24.64
N ASN Y 105 7.36 -41.41 25.54
CA ASN Y 105 6.50 -42.56 25.23
C ASN Y 105 5.33 -42.15 24.34
N CYS Y 106 4.66 -43.15 23.79
CA CYS Y 106 3.44 -42.95 23.01
C CYS Y 106 2.28 -42.60 23.93
N ASN Y 107 1.20 -42.04 23.36
CA ASN Y 107 0.01 -41.69 24.12
C ASN Y 107 -0.70 -42.98 24.56
N GLU Y 108 -0.78 -43.17 25.88
CA GLU Y 108 -1.35 -44.39 26.46
C GLU Y 108 -2.87 -44.46 26.26
N LYS Y 109 -3.54 -43.32 26.44
CA LYS Y 109 -5.00 -43.22 26.25
C LYS Y 109 -5.47 -43.53 24.83
N ILE Y 110 -4.61 -43.28 23.83
CA ILE Y 110 -4.88 -43.64 22.43
C ILE Y 110 -4.58 -45.12 22.17
N VAL Y 111 -3.41 -45.60 22.63
CA VAL Y 111 -2.97 -46.99 22.38
C VAL Y 111 -3.98 -48.01 22.92
N VAL Y 112 -4.50 -47.79 24.13
CA VAL Y 112 -5.55 -48.65 24.69
C VAL Y 112 -6.83 -48.69 23.83
N LEU Y 113 -7.19 -47.56 23.23
CA LEU Y 113 -8.32 -47.49 22.28
C LEU Y 113 -8.01 -48.21 20.96
N LEU Y 114 -6.77 -48.14 20.49
CA LEU Y 114 -6.35 -48.85 19.27
C LEU Y 114 -6.31 -50.37 19.45
N GLN Y 115 -5.99 -50.85 20.65
CA GLN Y 115 -6.06 -52.28 20.98
C GLN Y 115 -7.48 -52.85 20.91
N ARG Y 116 -8.48 -51.99 21.19
CA ARG Y 116 -9.89 -52.34 21.00
C ARG Y 116 -10.34 -52.21 19.54
N LEU Y 117 -9.83 -51.18 18.85
CA LEU Y 117 -10.24 -50.89 17.46
C LEU Y 117 -9.69 -51.88 16.43
N LYS Y 118 -8.44 -52.30 16.59
CA LYS Y 118 -7.78 -53.21 15.63
C LYS Y 118 -8.52 -54.54 15.35
N PRO Y 119 -8.96 -55.27 16.41
CA PRO Y 119 -9.77 -56.46 16.16
C PRO Y 119 -11.16 -56.19 15.56
N GLU Y 120 -11.72 -55.01 15.79
CA GLU Y 120 -13.00 -54.60 15.16
C GLU Y 120 -12.85 -54.26 13.67
N ILE Y 121 -11.72 -53.66 13.28
CA ILE Y 121 -11.42 -53.41 11.87
C ILE Y 121 -11.13 -54.72 11.12
N LYS Y 122 -10.46 -55.66 11.79
CA LYS Y 122 -10.21 -57.01 11.26
C LYS Y 122 -11.50 -57.74 10.88
N ASP Y 123 -12.44 -57.76 11.81
CA ASP Y 123 -13.67 -58.55 11.67
C ASP Y 123 -14.53 -58.07 10.51
N VAL Y 124 -14.87 -56.78 10.51
CA VAL Y 124 -15.72 -56.18 9.46
C VAL Y 124 -15.17 -56.38 8.04
N THR Y 125 -13.84 -56.26 7.87
CA THR Y 125 -13.21 -56.44 6.56
C THR Y 125 -13.24 -57.91 6.09
N GLU Y 126 -13.20 -58.85 7.02
CA GLU Y 126 -13.38 -60.27 6.71
C GLU Y 126 -14.83 -60.60 6.38
N GLN Y 127 -15.77 -60.12 7.20
CA GLN Y 127 -17.20 -60.36 6.99
C GLN Y 127 -17.77 -59.66 5.74
N LEU Y 128 -17.14 -58.55 5.34
CA LEU Y 128 -17.48 -57.90 4.06
C LEU Y 128 -17.02 -58.79 2.90
N ASN Y 129 -15.79 -59.27 2.97
CA ASN Y 129 -15.23 -60.20 1.98
C ASN Y 129 -15.99 -61.53 1.94
N LEU Y 130 -16.48 -61.96 3.10
CA LEU Y 130 -17.31 -63.17 3.22
C LEU Y 130 -18.65 -62.97 2.49
N VAL Y 131 -19.31 -61.85 2.77
CA VAL Y 131 -20.61 -61.51 2.19
C VAL Y 131 -20.51 -61.10 0.71
N THR Y 132 -19.48 -60.34 0.37
CA THR Y 132 -19.19 -59.95 -1.03
C THR Y 132 -19.09 -61.17 -1.93
N THR Y 133 -18.27 -62.14 -1.52
CA THR Y 133 -18.06 -63.36 -2.28
C THR Y 133 -19.33 -64.22 -2.35
N TRP Y 134 -20.14 -64.23 -1.29
CA TRP Y 134 -21.43 -64.93 -1.31
C TRP Y 134 -22.34 -64.37 -2.41
N LEU Y 135 -22.43 -63.04 -2.48
CA LEU Y 135 -23.28 -62.38 -3.48
C LEU Y 135 -22.81 -62.64 -4.92
N GLN Y 136 -21.49 -62.71 -5.13
CA GLN Y 136 -20.94 -63.00 -6.46
C GLN Y 136 -21.26 -64.43 -6.93
N LEU Y 137 -21.26 -65.39 -6.01
CA LEU Y 137 -21.61 -66.78 -6.33
C LEU Y 137 -23.10 -67.00 -6.54
N GLN Y 138 -23.95 -66.07 -6.08
CA GLN Y 138 -25.40 -66.11 -6.35
C GLN Y 138 -25.82 -65.44 -7.67
N ILE Y 139 -24.87 -64.81 -8.40
CA ILE Y 139 -25.15 -64.24 -9.71
C ILE Y 139 -25.36 -65.39 -10.68
N PRO Y 140 -26.53 -65.45 -11.35
CA PRO Y 140 -26.82 -66.59 -12.23
C PRO Y 140 -26.13 -66.49 -13.58
N ARG Y 141 -26.43 -67.42 -14.48
CA ARG Y 141 -25.98 -67.38 -15.86
C ARG Y 141 -26.48 -66.09 -16.51
N ILE Y 142 -25.63 -65.48 -17.34
CA ILE Y 142 -25.96 -64.22 -18.01
C ILE Y 142 -26.97 -64.55 -19.11
N GLU Y 143 -28.25 -64.24 -18.84
CA GLU Y 143 -29.35 -64.50 -19.78
C GLU Y 143 -29.65 -63.29 -20.64
N ASP Y 144 -30.29 -63.54 -21.78
CA ASP Y 144 -30.68 -62.50 -22.74
C ASP Y 144 -31.71 -61.56 -22.09
N GLY Y 145 -31.90 -60.37 -22.66
CA GLY Y 145 -32.85 -59.39 -22.11
C GLY Y 145 -32.23 -58.62 -20.96
N ASN Y 146 -33.03 -57.74 -20.35
CA ASN Y 146 -32.52 -56.83 -19.31
C ASN Y 146 -32.25 -57.47 -17.94
N ASN Y 147 -33.14 -58.38 -17.50
CA ASN Y 147 -33.14 -58.99 -16.14
C ASN Y 147 -33.30 -57.98 -15.00
N PHE Y 148 -33.93 -58.41 -13.91
CA PHE Y 148 -34.13 -57.53 -12.75
C PHE Y 148 -33.48 -58.03 -11.46
N GLY Y 149 -33.73 -59.29 -11.11
CA GLY Y 149 -33.08 -59.91 -9.95
C GLY Y 149 -31.56 -59.82 -9.99
N VAL Y 150 -31.00 -59.85 -11.21
CA VAL Y 150 -29.58 -59.60 -11.42
C VAL Y 150 -29.25 -58.11 -11.20
N ALA Y 151 -30.10 -57.22 -11.71
CA ALA Y 151 -29.96 -55.78 -11.48
C ALA Y 151 -30.04 -55.37 -9.99
N VAL Y 152 -30.85 -56.10 -9.22
CA VAL Y 152 -30.91 -55.93 -7.77
C VAL Y 152 -29.61 -56.38 -7.11
N GLN Y 153 -29.11 -57.55 -7.52
CA GLN Y 153 -27.82 -58.07 -7.04
C GLN Y 153 -26.67 -57.09 -7.31
N GLU Y 154 -26.65 -56.51 -8.50
CA GLU Y 154 -25.64 -55.51 -8.88
C GLU Y 154 -25.74 -54.20 -8.09
N LYS Y 155 -26.97 -53.77 -7.78
CA LYS Y 155 -27.20 -52.57 -6.96
C LYS Y 155 -26.79 -52.79 -5.50
N VAL Y 156 -27.03 -54.00 -4.99
CA VAL Y 156 -26.56 -54.39 -3.64
C VAL Y 156 -25.04 -54.60 -3.64
N PHE Y 157 -24.51 -55.18 -4.71
CA PHE Y 157 -23.06 -55.34 -4.89
C PHE Y 157 -22.34 -53.99 -5.02
N GLU Y 158 -23.00 -53.01 -5.63
CA GLU Y 158 -22.47 -51.63 -5.73
C GLU Y 158 -22.17 -51.03 -4.35
N LEU Y 159 -23.09 -51.24 -3.41
CA LEU Y 159 -22.90 -50.79 -2.02
C LEU Y 159 -21.73 -51.49 -1.32
N MET Y 160 -21.56 -52.78 -1.57
CA MET Y 160 -20.49 -53.56 -0.95
C MET Y 160 -19.09 -53.10 -1.37
N THR Y 161 -18.94 -52.72 -2.63
CA THR Y 161 -17.69 -52.16 -3.13
C THR Y 161 -17.41 -50.74 -2.57
N ASN Y 162 -18.47 -49.97 -2.32
CA ASN Y 162 -18.33 -48.63 -1.72
C ASN Y 162 -17.88 -48.69 -0.26
N LEU Y 163 -18.39 -49.67 0.49
CA LEU Y 163 -17.94 -49.89 1.88
C LEU Y 163 -16.49 -50.37 1.93
N HIS Y 164 -16.15 -51.34 1.06
CA HIS Y 164 -14.77 -51.83 0.93
C HIS Y 164 -13.75 -50.71 0.68
N THR Y 165 -14.16 -49.73 -0.12
CA THR Y 165 -13.33 -48.54 -0.41
C THR Y 165 -13.04 -47.71 0.86
N LYS Y 166 -14.04 -47.53 1.71
CA LYS Y 166 -13.86 -46.78 2.97
C LYS Y 166 -13.03 -47.58 3.98
N LEU Y 167 -13.39 -48.84 4.18
CA LEU Y 167 -12.74 -49.70 5.19
C LEU Y 167 -11.32 -50.16 4.80
N GLU Y 168 -10.94 -50.04 3.53
CA GLU Y 168 -9.55 -50.27 3.10
C GLU Y 168 -8.60 -49.19 3.65
N GLY Y 169 -9.04 -47.94 3.64
CA GLY Y 169 -8.26 -46.83 4.20
C GLY Y 169 -8.07 -46.85 5.71
N PHE Y 170 -8.97 -47.54 6.42
CA PHE Y 170 -8.90 -47.66 7.89
C PHE Y 170 -7.66 -48.42 8.38
N HIS Y 171 -7.19 -49.38 7.59
CA HIS Y 171 -6.12 -50.29 8.03
C HIS Y 171 -4.75 -49.61 8.15
N THR Y 172 -4.39 -48.82 7.14
CA THR Y 172 -3.10 -48.10 7.12
C THR Y 172 -3.10 -46.77 7.91
N GLN Y 173 -4.27 -46.38 8.46
CA GLN Y 173 -4.39 -45.14 9.25
C GLN Y 173 -3.61 -45.21 10.56
N ILE Y 174 -3.66 -46.37 11.23
CA ILE Y 174 -2.96 -46.58 12.49
C ILE Y 174 -1.43 -46.53 12.31
N SER Y 175 -0.93 -47.16 11.26
CA SER Y 175 0.50 -47.11 10.91
C SER Y 175 0.96 -45.70 10.50
N LYS Y 176 0.06 -44.96 9.83
CA LYS Y 176 0.31 -43.55 9.48
C LYS Y 176 0.42 -42.68 10.74
N TYR Y 177 -0.47 -42.90 11.71
CA TYR Y 177 -0.51 -42.11 12.95
C TYR Y 177 0.81 -42.14 13.72
N PHE Y 178 1.32 -43.33 14.00
CA PHE Y 178 2.60 -43.50 14.71
C PHE Y 178 3.79 -42.97 13.89
N SER Y 179 3.72 -43.10 12.57
CA SER Y 179 4.75 -42.58 11.67
C SER Y 179 4.77 -41.05 11.66
N GLU Y 180 3.59 -40.44 11.57
CA GLU Y 180 3.47 -38.96 11.62
C GLU Y 180 3.76 -38.39 13.02
N ARG Y 181 3.41 -39.13 14.06
CA ARG Y 181 3.73 -38.73 15.44
C ARG Y 181 5.22 -38.90 15.73
N GLY Y 182 5.81 -39.97 15.22
CA GLY Y 182 7.25 -40.21 15.33
C GLY Y 182 8.09 -39.14 14.65
N ASP Y 183 7.66 -38.69 13.47
CA ASP Y 183 8.29 -37.56 12.78
C ASP Y 183 8.13 -36.26 13.57
N ALA Y 184 6.94 -36.05 14.15
CA ALA Y 184 6.63 -34.85 14.94
C ALA Y 184 7.43 -34.77 16.24
N VAL Y 185 7.53 -35.90 16.96
CA VAL Y 185 8.31 -35.97 18.20
C VAL Y 185 9.81 -35.84 17.91
N ALA Y 186 10.26 -36.41 16.80
CA ALA Y 186 11.65 -36.30 16.35
C ALA Y 186 12.02 -34.85 15.99
N LYS Y 187 11.16 -34.21 15.20
CA LYS Y 187 11.34 -32.78 14.83
C LYS Y 187 11.29 -31.85 16.05
N ALA Y 188 10.42 -32.16 17.01
CA ALA Y 188 10.30 -31.38 18.25
C ALA Y 188 11.54 -31.50 19.13
N ALA Y 189 12.09 -32.70 19.24
CA ALA Y 189 13.32 -32.95 20.01
C ALA Y 189 14.57 -32.41 19.30
N LYS Y 190 14.64 -32.62 17.99
CA LYS Y 190 15.75 -32.09 17.16
C LYS Y 190 15.82 -30.57 17.20
N GLN Y 191 14.65 -29.92 17.23
CA GLN Y 191 14.54 -28.45 17.28
C GLN Y 191 13.57 -28.03 18.39
N PRO Y 192 14.05 -27.94 19.65
CA PRO Y 192 13.21 -27.52 20.78
C PRO Y 192 12.73 -26.06 20.72
N HIS Y 193 13.51 -25.18 20.09
CA HIS Y 193 13.18 -23.75 19.98
C HIS Y 193 11.89 -23.42 19.21
N VAL Y 194 11.36 -24.38 18.43
CA VAL Y 194 10.08 -24.22 17.74
C VAL Y 194 8.97 -24.75 18.64
N GLY Y 195 8.08 -23.86 19.08
CA GLY Y 195 6.93 -24.23 19.91
C GLY Y 195 5.81 -24.97 19.17
N ASP Y 196 5.77 -24.81 17.85
CA ASP Y 196 4.75 -25.45 17.01
C ASP Y 196 4.85 -26.97 16.94
N TYR Y 197 6.07 -27.50 16.88
CA TYR Y 197 6.30 -28.96 16.85
C TYR Y 197 5.79 -29.67 18.11
N ARG Y 198 5.81 -28.99 19.25
CA ARG Y 198 5.23 -29.52 20.50
C ARG Y 198 3.72 -29.62 20.40
N GLN Y 199 3.09 -28.59 19.83
CA GLN Y 199 1.64 -28.57 19.59
C GLN Y 199 1.21 -29.62 18.56
N LEU Y 200 2.05 -29.85 17.55
CA LEU Y 200 1.78 -30.87 16.52
C LEU Y 200 1.60 -32.28 17.10
N VAL Y 201 2.32 -32.60 18.17
CA VAL Y 201 2.18 -33.90 18.85
C VAL Y 201 0.84 -34.01 19.58
N HIS Y 202 0.42 -32.92 20.22
CA HIS Y 202 -0.87 -32.89 20.93
C HIS Y 202 -2.07 -32.85 19.97
N GLU Y 203 -1.91 -32.16 18.84
CA GLU Y 203 -2.96 -32.09 17.81
C GLU Y 203 -3.13 -33.42 17.06
N LEU Y 204 -2.01 -34.11 16.80
CA LEU Y 204 -2.06 -35.48 16.25
C LEU Y 204 -2.76 -36.47 17.18
N ASP Y 205 -2.64 -36.27 18.49
CA ASP Y 205 -3.34 -37.08 19.49
C ASP Y 205 -4.85 -36.79 19.50
N GLU Y 206 -5.20 -35.51 19.50
CA GLU Y 206 -6.61 -35.07 19.43
C GLU Y 206 -7.27 -35.46 18.11
N ALA Y 207 -6.51 -35.38 17.01
CA ALA Y 207 -6.98 -35.79 15.69
C ALA Y 207 -7.18 -37.31 15.60
N GLU Y 208 -6.25 -38.07 16.18
CA GLU Y 208 -6.34 -39.54 16.19
C GLU Y 208 -7.48 -40.06 17.08
N TYR Y 209 -7.73 -39.38 18.19
CA TYR Y 209 -8.87 -39.71 19.06
C TYR Y 209 -10.21 -39.60 18.30
N GLN Y 210 -10.39 -38.50 17.59
CA GLN Y 210 -11.58 -38.25 16.77
C GLN Y 210 -11.69 -39.21 15.58
N GLU Y 211 -10.55 -39.59 15.01
CA GLU Y 211 -10.49 -40.54 13.90
C GLU Y 211 -10.92 -41.94 14.35
N ILE Y 212 -10.47 -42.35 15.54
CA ILE Y 212 -10.87 -43.62 16.16
C ILE Y 212 -12.39 -43.65 16.36
N ARG Y 213 -12.93 -42.55 16.91
CA ARG Y 213 -14.35 -42.46 17.22
C ARG Y 213 -15.22 -42.56 15.96
N LEU Y 214 -14.80 -41.89 14.89
CA LEU Y 214 -15.47 -42.00 13.58
C LEU Y 214 -15.32 -43.41 12.98
N MET Y 215 -14.16 -44.02 13.14
CA MET Y 215 -13.92 -45.38 12.64
C MET Y 215 -14.80 -46.42 13.34
N VAL Y 216 -15.11 -46.22 14.62
CA VAL Y 216 -16.06 -47.09 15.34
C VAL Y 216 -17.49 -46.87 14.82
N MET Y 217 -17.85 -45.61 14.56
CA MET Y 217 -19.14 -45.28 13.96
C MET Y 217 -19.32 -45.91 12.58
N GLU Y 218 -18.32 -45.73 11.72
CA GLU Y 218 -18.36 -46.21 10.34
C GLU Y 218 -18.51 -47.74 10.22
N ILE Y 219 -17.86 -48.47 11.13
CA ILE Y 219 -17.94 -49.93 11.15
C ILE Y 219 -19.32 -50.41 11.62
N ARG Y 220 -19.86 -49.76 12.66
CA ARG Y 220 -21.23 -50.02 13.12
C ARG Y 220 -22.24 -49.75 12.01
N ASN Y 221 -22.07 -48.63 11.31
CA ASN Y 221 -22.96 -48.25 10.21
C ASN Y 221 -22.82 -49.19 9.02
N ALA Y 222 -21.58 -49.62 8.74
CA ALA Y 222 -21.31 -50.59 7.68
C ALA Y 222 -22.02 -51.94 7.91
N TYR Y 223 -22.03 -52.39 9.18
CA TYR Y 223 -22.81 -53.58 9.57
C TYR Y 223 -24.31 -53.32 9.41
N ALA Y 224 -24.78 -52.25 10.04
CA ALA Y 224 -26.21 -51.90 10.04
C ALA Y 224 -26.79 -51.71 8.65
N VAL Y 225 -26.04 -51.05 7.77
CA VAL Y 225 -26.45 -50.83 6.38
C VAL Y 225 -26.49 -52.14 5.59
N LEU Y 226 -25.50 -53.01 5.79
CA LEU Y 226 -25.47 -54.33 5.13
C LEU Y 226 -26.59 -55.26 5.59
N TYR Y 227 -26.87 -55.26 6.90
CA TYR Y 227 -27.97 -56.05 7.46
C TYR Y 227 -29.32 -55.58 6.92
N ASP Y 228 -29.49 -54.26 6.82
CA ASP Y 228 -30.71 -53.65 6.33
C ASP Y 228 -31.00 -54.03 4.87
N ILE Y 229 -30.02 -53.80 4.00
CA ILE Y 229 -30.19 -53.99 2.56
C ILE Y 229 -30.30 -55.47 2.13
N ILE Y 230 -29.54 -56.36 2.78
CA ILE Y 230 -29.56 -57.79 2.43
C ILE Y 230 -30.87 -58.45 2.91
N LEU Y 231 -31.31 -58.12 4.12
CA LEU Y 231 -32.57 -58.66 4.68
C LEU Y 231 -33.79 -58.20 3.88
N LYS Y 232 -33.81 -56.93 3.49
CA LYS Y 232 -34.90 -56.38 2.68
C LYS Y 232 -34.99 -57.04 1.30
N ASN Y 233 -33.85 -57.23 0.65
CA ASN Y 233 -33.80 -57.76 -0.73
C ASN Y 233 -33.46 -59.27 -0.82
N PHE Y 234 -33.53 -60.00 0.30
CA PHE Y 234 -33.01 -61.39 0.33
C PHE Y 234 -33.67 -62.36 -0.66
N GLU Y 235 -34.96 -62.15 -0.96
CA GLU Y 235 -35.66 -62.96 -1.95
C GLU Y 235 -34.99 -62.86 -3.33
N LYS Y 236 -34.73 -61.65 -3.78
CA LYS Y 236 -34.09 -61.41 -5.09
C LYS Y 236 -32.59 -61.73 -5.10
N LEU Y 237 -31.91 -61.62 -3.96
CA LEU Y 237 -30.47 -61.89 -3.90
C LEU Y 237 -30.16 -63.39 -3.95
N LYS Y 238 -30.88 -64.16 -3.14
CA LYS Y 238 -30.74 -65.63 -3.12
C LYS Y 238 -31.28 -66.24 -4.41
N LYS Y 239 -32.54 -65.94 -4.71
CA LYS Y 239 -33.24 -66.48 -5.89
C LYS Y 239 -33.63 -65.34 -6.85
N PRO Y 240 -32.71 -64.96 -7.77
CA PRO Y 240 -32.97 -63.81 -8.64
C PRO Y 240 -34.02 -64.04 -9.73
N ARG Y 241 -34.26 -65.30 -10.11
CA ARG Y 241 -35.19 -65.63 -11.19
C ARG Y 241 -36.51 -66.28 -10.73
N GLY Y 242 -36.66 -66.48 -9.41
CA GLY Y 242 -37.87 -67.09 -8.83
C GLY Y 242 -37.66 -68.50 -8.32
N GLU Y 243 -37.02 -69.33 -9.14
CA GLU Y 243 -36.75 -70.74 -8.79
C GLU Y 243 -35.61 -71.29 -9.63
N LEU Z 4 -35.42 -65.84 4.56
CA LEU Z 4 -34.31 -65.82 5.55
C LEU Z 4 -34.79 -66.21 6.96
N ARG Z 5 -33.88 -66.78 7.75
CA ARG Z 5 -34.12 -67.06 9.17
C ARG Z 5 -33.31 -66.09 10.03
N VAL Z 6 -34.02 -65.22 10.75
CA VAL Z 6 -33.45 -64.43 11.84
C VAL Z 6 -34.19 -64.79 13.12
N HIS Z 7 -33.44 -64.88 14.22
CA HIS Z 7 -34.01 -65.24 15.52
C HIS Z 7 -34.78 -64.01 16.04
N PRO Z 8 -35.89 -64.22 16.79
CA PRO Z 8 -36.65 -63.07 17.31
C PRO Z 8 -35.84 -62.12 18.21
N GLU Z 9 -34.95 -62.70 19.03
CA GLU Z 9 -34.00 -61.91 19.84
C GLU Z 9 -32.98 -61.11 19.02
N ALA Z 10 -32.59 -61.64 17.86
CA ALA Z 10 -31.58 -61.01 17.00
C ALA Z 10 -32.13 -59.78 16.28
N GLN Z 11 -33.27 -59.92 15.63
CA GLN Z 11 -33.92 -58.80 14.92
C GLN Z 11 -34.45 -57.73 15.87
N ALA Z 12 -34.83 -58.14 17.09
CA ALA Z 12 -35.20 -57.20 18.17
C ALA Z 12 -34.01 -56.34 18.61
N LYS Z 13 -32.81 -56.93 18.60
CA LYS Z 13 -31.57 -56.22 18.93
C LYS Z 13 -31.20 -55.15 17.87
N VAL Z 14 -31.54 -55.41 16.61
CA VAL Z 14 -31.34 -54.43 15.53
C VAL Z 14 -32.41 -53.34 15.58
N ASP Z 15 -33.65 -53.73 15.87
CA ASP Z 15 -34.76 -52.76 16.03
C ASP Z 15 -34.50 -51.76 17.16
N VAL Z 16 -33.92 -52.24 18.27
CA VAL Z 16 -33.49 -51.36 19.38
C VAL Z 16 -32.57 -50.23 18.90
N PHE Z 17 -31.64 -50.56 17.99
CA PHE Z 17 -30.78 -49.57 17.34
C PHE Z 17 -31.56 -48.63 16.40
N ARG Z 18 -32.52 -49.18 15.66
CA ARG Z 18 -33.39 -48.39 14.76
C ARG Z 18 -34.29 -47.40 15.52
N GLU Z 19 -34.82 -47.84 16.65
CA GLU Z 19 -35.62 -46.96 17.52
C GLU Z 19 -34.76 -45.85 18.10
N ASP Z 20 -33.54 -46.19 18.50
CA ASP Z 20 -32.55 -45.21 18.98
C ASP Z 20 -32.13 -44.22 17.89
N LEU Z 21 -31.89 -44.71 16.68
CA LEU Z 21 -31.47 -43.86 15.57
C LEU Z 21 -32.62 -42.98 15.05
N CYS Z 22 -33.85 -43.50 15.08
CA CYS Z 22 -35.04 -42.70 14.77
C CYS Z 22 -35.30 -41.64 15.84
N SER Z 23 -35.22 -42.04 17.10
CA SER Z 23 -35.41 -41.12 18.24
C SER Z 23 -34.27 -40.09 18.35
N LYS Z 24 -33.05 -40.48 17.98
CA LYS Z 24 -31.93 -39.53 17.89
C LYS Z 24 -32.16 -38.53 16.78
N THR Z 25 -32.34 -39.03 15.55
CA THR Z 25 -32.47 -38.18 14.36
C THR Z 25 -33.61 -37.16 14.42
N GLU Z 26 -34.79 -37.60 14.87
CA GLU Z 26 -35.96 -36.71 14.96
C GLU Z 26 -35.82 -35.63 16.03
N ASN Z 27 -35.33 -36.02 17.21
CA ASN Z 27 -35.05 -35.07 18.30
C ASN Z 27 -33.85 -34.17 18.00
N LEU Z 28 -32.83 -34.73 17.35
CA LEU Z 28 -31.65 -33.99 16.88
C LEU Z 28 -32.00 -32.94 15.83
N LEU Z 29 -32.75 -33.36 14.81
CA LEU Z 29 -33.22 -32.45 13.76
C LEU Z 29 -34.07 -31.30 14.32
N GLY Z 30 -34.91 -31.62 15.31
CA GLY Z 30 -35.76 -30.63 15.96
C GLY Z 30 -35.01 -29.60 16.80
N SER Z 31 -34.17 -30.06 17.72
CA SER Z 31 -33.50 -29.18 18.70
C SER Z 31 -32.08 -28.78 18.28
N TYR Z 32 -31.25 -29.78 18.01
CA TYR Z 32 -29.79 -29.59 17.81
C TYR Z 32 -29.42 -28.67 16.65
N PHE Z 33 -30.14 -28.81 15.53
CA PHE Z 33 -29.79 -28.12 14.28
C PHE Z 33 -30.12 -26.62 14.30
N PRO Z 34 -31.33 -26.24 14.75
CA PRO Z 34 -31.60 -24.82 15.02
C PRO Z 34 -30.70 -24.19 16.08
N LYS Z 35 -30.35 -24.95 17.12
CA LYS Z 35 -29.47 -24.48 18.19
C LYS Z 35 -28.07 -24.21 17.67
N LYS Z 36 -27.51 -25.15 16.92
CA LYS Z 36 -26.17 -25.02 16.34
C LYS Z 36 -26.04 -23.82 15.37
N ILE Z 37 -27.08 -23.57 14.58
CA ILE Z 37 -27.04 -22.48 13.59
C ILE Z 37 -26.92 -21.11 14.27
N SER Z 38 -27.70 -20.87 15.31
CA SER Z 38 -27.65 -19.59 16.07
C SER Z 38 -26.35 -19.43 16.84
N GLU Z 39 -25.94 -20.49 17.54
CA GLU Z 39 -24.67 -20.51 18.30
C GLU Z 39 -23.47 -20.12 17.43
N LEU Z 40 -23.43 -20.65 16.21
CA LEU Z 40 -22.35 -20.34 15.26
C LEU Z 40 -22.51 -18.99 14.55
N ASP Z 41 -23.77 -18.57 14.30
CA ASP Z 41 -24.05 -17.24 13.74
C ASP Z 41 -23.69 -16.14 14.75
N ALA Z 42 -23.87 -16.44 16.05
CA ALA Z 42 -23.36 -15.59 17.13
C ALA Z 42 -21.83 -15.61 17.16
N PHE Z 43 -21.25 -16.81 17.09
CA PHE Z 43 -19.79 -17.01 17.09
C PHE Z 43 -19.09 -16.29 15.93
N LEU Z 44 -19.73 -16.26 14.75
CA LEU Z 44 -19.24 -15.48 13.61
C LEU Z 44 -19.26 -13.97 13.87
N LYS Z 45 -20.32 -13.49 14.52
CA LYS Z 45 -20.46 -12.07 14.83
C LYS Z 45 -19.60 -11.57 16.00
N GLU Z 46 -19.00 -12.49 16.77
CA GLU Z 46 -18.09 -12.11 17.87
C GLU Z 46 -16.81 -11.42 17.38
N PRO Z 47 -16.18 -10.59 18.24
CA PRO Z 47 -14.98 -9.86 17.80
C PRO Z 47 -13.71 -10.71 17.67
N ALA Z 48 -13.72 -11.94 18.18
CA ALA Z 48 -12.62 -12.89 17.99
C ALA Z 48 -12.43 -13.25 16.51
N LEU Z 49 -13.54 -13.53 15.83
CA LEU Z 49 -13.54 -13.87 14.39
C LEU Z 49 -13.80 -12.66 13.46
N ASN Z 50 -14.13 -11.51 14.01
CA ASN Z 50 -14.23 -10.26 13.25
C ASN Z 50 -13.14 -9.27 13.66
N GLU Z 51 -11.89 -9.67 13.43
CA GLU Z 51 -10.75 -8.78 13.68
C GLU Z 51 -10.77 -7.64 12.68
N ALA Z 52 -10.65 -6.41 13.18
CA ALA Z 52 -10.69 -5.20 12.35
C ALA Z 52 -9.53 -5.14 11.34
N ASN Z 53 -8.38 -5.71 11.72
CA ASN Z 53 -7.23 -5.83 10.83
C ASN Z 53 -6.57 -7.21 10.94
N LEU Z 54 -5.88 -7.59 9.87
CA LEU Z 54 -5.06 -8.80 9.84
C LEU Z 54 -3.73 -8.53 10.58
N SER Z 55 -3.35 -7.25 10.63
CA SER Z 55 -2.28 -6.74 11.51
C SER Z 55 -2.39 -7.27 12.94
N ASN Z 56 -3.60 -7.22 13.50
CA ASN Z 56 -3.88 -7.63 14.90
C ASN Z 56 -3.44 -9.06 15.21
N LEU Z 57 -3.57 -9.95 14.23
CA LEU Z 57 -3.29 -11.38 14.41
C LEU Z 57 -1.79 -11.73 14.48
N LYS Z 58 -0.93 -10.82 14.01
CA LYS Z 58 0.53 -11.01 14.07
C LYS Z 58 1.00 -11.32 15.49
N ALA Z 59 1.80 -12.38 15.62
CA ALA Z 59 2.41 -12.77 16.90
C ALA Z 59 3.87 -12.35 16.94
N PRO Z 60 4.50 -12.35 18.13
CA PRO Z 60 5.94 -12.05 18.18
C PRO Z 60 6.81 -13.20 17.67
N LEU Z 61 7.48 -12.97 16.53
CA LEU Z 61 8.49 -13.89 16.00
C LEU Z 61 9.86 -13.38 16.44
N ASP Z 62 10.60 -14.21 17.16
CA ASP Z 62 11.84 -13.78 17.84
C ASP Z 62 13.07 -14.58 17.39
N ILE Z 63 13.70 -14.11 16.31
CA ILE Z 63 14.93 -14.69 15.77
C ILE Z 63 15.90 -13.54 15.45
N PRO Z 64 16.98 -13.38 16.25
CA PRO Z 64 17.99 -12.37 15.92
C PRO Z 64 18.81 -12.72 14.68
N VAL Z 65 18.99 -11.76 13.77
CA VAL Z 65 19.81 -11.97 12.56
C VAL Z 65 21.32 -11.97 12.90
N PRO Z 66 22.05 -13.05 12.52
CA PRO Z 66 23.51 -13.06 12.68
C PRO Z 66 24.24 -12.69 11.39
N PRO Z 103 12.83 -19.51 22.34
CA PRO Z 103 11.64 -20.34 22.11
C PRO Z 103 10.50 -19.55 21.46
N VAL Z 104 10.18 -19.89 20.21
CA VAL Z 104 9.10 -19.24 19.45
C VAL Z 104 7.79 -19.98 19.71
N ASN Z 105 6.87 -19.33 20.42
CA ASN Z 105 5.57 -19.92 20.74
C ASN Z 105 4.62 -19.87 19.56
N CYS Z 106 3.52 -20.62 19.68
CA CYS Z 106 2.46 -20.60 18.68
C CYS Z 106 1.66 -19.31 18.77
N ASN Z 107 0.93 -18.99 17.70
CA ASN Z 107 0.06 -17.82 17.65
C ASN Z 107 -1.09 -18.03 18.63
N GLU Z 108 -1.06 -17.32 19.75
CA GLU Z 108 -2.06 -17.47 20.83
C GLU Z 108 -3.48 -17.09 20.39
N LYS Z 109 -3.59 -16.06 19.57
CA LYS Z 109 -4.89 -15.62 19.04
C LYS Z 109 -5.55 -16.64 18.10
N ILE Z 110 -4.74 -17.43 17.41
CA ILE Z 110 -5.23 -18.53 16.56
C ILE Z 110 -5.53 -19.79 17.38
N VAL Z 111 -4.66 -20.12 18.35
CA VAL Z 111 -4.83 -21.32 19.17
C VAL Z 111 -6.14 -21.29 19.98
N VAL Z 112 -6.46 -20.13 20.58
CA VAL Z 112 -7.74 -19.96 21.29
C VAL Z 112 -8.97 -20.16 20.40
N LEU Z 113 -8.88 -19.74 19.14
CA LEU Z 113 -9.94 -19.99 18.14
C LEU Z 113 -10.05 -21.47 17.77
N LEU Z 114 -8.90 -22.14 17.62
CA LEU Z 114 -8.87 -23.58 17.30
C LEU Z 114 -9.41 -24.47 18.42
N GLN Z 115 -9.29 -24.04 19.68
CA GLN Z 115 -9.91 -24.74 20.81
C GLN Z 115 -11.44 -24.69 20.78
N ARG Z 116 -12.00 -23.63 20.17
CA ARG Z 116 -13.44 -23.50 19.95
C ARG Z 116 -13.92 -24.20 18.68
N LEU Z 117 -13.05 -24.27 17.66
CA LEU Z 117 -13.37 -24.89 16.38
C LEU Z 117 -13.42 -26.42 16.44
N LYS Z 118 -12.39 -27.03 17.04
CA LYS Z 118 -12.26 -28.50 17.12
C LYS Z 118 -13.50 -29.26 17.66
N PRO Z 119 -14.08 -28.79 18.78
CA PRO Z 119 -15.33 -29.41 19.23
C PRO Z 119 -16.53 -29.17 18.29
N GLU Z 120 -16.54 -28.02 17.60
CA GLU Z 120 -17.56 -27.75 16.58
C GLU Z 120 -17.42 -28.65 15.35
N ILE Z 121 -16.18 -28.94 14.93
CA ILE Z 121 -15.91 -29.87 13.83
C ILE Z 121 -16.33 -31.30 14.21
N LYS Z 122 -16.03 -31.70 15.44
CA LYS Z 122 -16.45 -33.00 16.00
C LYS Z 122 -17.95 -33.25 15.84
N ASP Z 123 -18.76 -32.24 16.19
CA ASP Z 123 -20.21 -32.38 16.17
C ASP Z 123 -20.80 -32.60 14.78
N VAL Z 124 -20.27 -31.93 13.77
CA VAL Z 124 -20.86 -31.98 12.43
C VAL Z 124 -20.60 -33.34 11.79
N THR Z 125 -19.34 -33.79 11.86
CA THR Z 125 -18.95 -35.09 11.31
C THR Z 125 -19.71 -36.25 11.95
N GLU Z 126 -19.97 -36.16 13.25
CA GLU Z 126 -20.73 -37.19 13.97
C GLU Z 126 -22.23 -37.16 13.64
N GLN Z 127 -22.84 -35.97 13.68
CA GLN Z 127 -24.28 -35.85 13.39
C GLN Z 127 -24.61 -36.07 11.91
N LEU Z 128 -23.73 -35.62 11.02
CA LEU Z 128 -23.85 -35.92 9.58
C LEU Z 128 -23.81 -37.43 9.35
N ASN Z 129 -22.78 -38.07 9.90
CA ASN Z 129 -22.58 -39.52 9.77
C ASN Z 129 -23.76 -40.32 10.39
N LEU Z 130 -24.33 -39.80 11.47
CA LEU Z 130 -25.55 -40.36 12.06
C LEU Z 130 -26.77 -40.22 11.13
N VAL Z 131 -26.95 -39.03 10.58
CA VAL Z 131 -28.08 -38.73 9.67
C VAL Z 131 -27.93 -39.46 8.33
N THR Z 132 -26.70 -39.56 7.82
CA THR Z 132 -26.39 -40.34 6.61
C THR Z 132 -26.77 -41.81 6.78
N THR Z 133 -26.54 -42.36 7.98
CA THR Z 133 -26.92 -43.73 8.30
C THR Z 133 -28.44 -43.91 8.32
N TRP Z 134 -29.15 -42.97 8.94
CA TRP Z 134 -30.62 -43.01 9.03
C TRP Z 134 -31.25 -43.12 7.65
N LEU Z 135 -30.85 -42.24 6.74
CA LEU Z 135 -31.38 -42.22 5.37
C LEU Z 135 -31.13 -43.53 4.62
N GLN Z 136 -29.94 -44.12 4.79
CA GLN Z 136 -29.63 -45.41 4.17
C GLN Z 136 -30.52 -46.55 4.69
N LEU Z 137 -30.91 -46.48 5.96
CA LEU Z 137 -31.84 -47.46 6.56
C LEU Z 137 -33.30 -47.27 6.12
N GLN Z 138 -33.67 -46.04 5.74
CA GLN Z 138 -35.02 -45.77 5.20
C GLN Z 138 -35.20 -46.25 3.75
N ILE Z 139 -34.10 -46.54 3.04
CA ILE Z 139 -34.16 -47.03 1.66
C ILE Z 139 -34.91 -48.38 1.66
N PRO Z 140 -36.05 -48.46 0.95
CA PRO Z 140 -36.86 -49.67 0.94
C PRO Z 140 -36.29 -50.76 0.02
N ARG Z 141 -37.01 -51.87 -0.09
CA ARG Z 141 -36.67 -52.96 -1.02
C ARG Z 141 -36.65 -52.44 -2.46
N ILE Z 142 -35.71 -52.95 -3.26
CA ILE Z 142 -35.56 -52.51 -4.64
C ILE Z 142 -36.65 -53.20 -5.47
N GLU Z 143 -37.50 -52.40 -6.10
CA GLU Z 143 -38.62 -52.89 -6.91
C GLU Z 143 -38.52 -52.36 -8.35
N ASP Z 144 -39.16 -53.09 -9.27
CA ASP Z 144 -39.10 -52.82 -10.72
C ASP Z 144 -39.56 -51.40 -11.06
N GLY Z 145 -39.00 -50.83 -12.12
CA GLY Z 145 -39.38 -49.49 -12.59
C GLY Z 145 -38.81 -48.37 -11.74
N ASN Z 146 -38.79 -47.17 -12.32
CA ASN Z 146 -38.21 -45.98 -11.65
C ASN Z 146 -39.13 -45.35 -10.59
N ASN Z 147 -39.05 -45.87 -9.36
CA ASN Z 147 -39.81 -45.30 -8.22
C ASN Z 147 -39.21 -43.97 -7.79
N PHE Z 148 -40.08 -42.98 -7.61
CA PHE Z 148 -39.63 -41.61 -7.34
C PHE Z 148 -39.25 -41.38 -5.87
N GLY Z 149 -39.96 -42.02 -4.96
CA GLY Z 149 -39.63 -41.96 -3.52
C GLY Z 149 -38.20 -42.37 -3.21
N VAL Z 150 -37.71 -43.40 -3.90
CA VAL Z 150 -36.32 -43.85 -3.80
C VAL Z 150 -35.38 -42.84 -4.48
N ALA Z 151 -35.81 -42.28 -5.61
CA ALA Z 151 -35.04 -41.24 -6.31
C ALA Z 151 -34.91 -39.93 -5.52
N VAL Z 152 -35.91 -39.62 -4.69
CA VAL Z 152 -35.83 -38.49 -3.75
C VAL Z 152 -34.76 -38.75 -2.70
N GLN Z 153 -34.78 -39.94 -2.12
CA GLN Z 153 -33.79 -40.35 -1.10
C GLN Z 153 -32.36 -40.25 -1.61
N GLU Z 154 -32.12 -40.75 -2.82
CA GLU Z 154 -30.79 -40.72 -3.43
C GLU Z 154 -30.31 -39.31 -3.77
N LYS Z 155 -31.23 -38.42 -4.15
CA LYS Z 155 -30.91 -37.01 -4.41
C LYS Z 155 -30.49 -36.29 -3.13
N VAL Z 156 -31.20 -36.55 -2.04
CA VAL Z 156 -30.85 -36.02 -0.71
C VAL Z 156 -29.57 -36.67 -0.19
N PHE Z 157 -29.39 -37.96 -0.48
CA PHE Z 157 -28.15 -38.69 -0.14
C PHE Z 157 -26.93 -38.18 -0.91
N GLU Z 158 -27.14 -37.71 -2.13
CA GLU Z 158 -26.07 -37.11 -2.95
C GLU Z 158 -25.45 -35.88 -2.29
N LEU Z 159 -26.31 -35.03 -1.71
CA LEU Z 159 -25.87 -33.85 -0.96
C LEU Z 159 -25.05 -34.22 0.29
N MET Z 160 -25.53 -35.21 1.04
CA MET Z 160 -24.86 -35.67 2.27
C MET Z 160 -23.45 -36.22 2.00
N THR Z 161 -23.25 -36.83 0.83
CA THR Z 161 -21.93 -37.27 0.38
C THR Z 161 -21.00 -36.07 0.10
N ASN Z 162 -21.54 -35.05 -0.57
CA ASN Z 162 -20.77 -33.85 -0.93
C ASN Z 162 -20.37 -33.00 0.28
N LEU Z 163 -21.23 -32.95 1.30
CA LEU Z 163 -20.87 -32.30 2.57
C LEU Z 163 -19.74 -33.06 3.27
N HIS Z 164 -19.90 -34.39 3.38
CA HIS Z 164 -18.88 -35.27 3.99
C HIS Z 164 -17.51 -35.18 3.30
N THR Z 165 -17.50 -34.98 1.99
CA THR Z 165 -16.26 -34.83 1.22
C THR Z 165 -15.47 -33.58 1.65
N LYS Z 166 -16.16 -32.45 1.77
CA LYS Z 166 -15.52 -31.18 2.17
C LYS Z 166 -15.27 -31.06 3.68
N LEU Z 167 -16.10 -31.71 4.51
CA LEU Z 167 -15.95 -31.65 5.98
C LEU Z 167 -14.79 -32.50 6.52
N GLU Z 168 -14.48 -33.63 5.89
CA GLU Z 168 -13.37 -34.49 6.36
C GLU Z 168 -11.98 -33.88 6.10
N GLY Z 169 -11.89 -32.95 5.15
CA GLY Z 169 -10.68 -32.17 4.92
C GLY Z 169 -10.37 -31.13 5.99
N PHE Z 170 -11.40 -30.69 6.72
CA PHE Z 170 -11.25 -29.71 7.80
C PHE Z 170 -10.50 -30.30 9.00
N HIS Z 171 -10.87 -31.52 9.36
CA HIS Z 171 -10.27 -32.25 10.48
C HIS Z 171 -8.75 -32.39 10.36
N THR Z 172 -8.28 -32.74 9.16
CA THR Z 172 -6.86 -32.98 8.91
C THR Z 172 -6.02 -31.69 8.87
N GLN Z 173 -6.61 -30.58 8.41
CA GLN Z 173 -5.85 -29.37 8.09
C GLN Z 173 -5.30 -28.60 9.31
N ILE Z 174 -5.90 -28.81 10.49
CA ILE Z 174 -5.38 -28.20 11.73
C ILE Z 174 -3.98 -28.74 12.06
N SER Z 175 -3.76 -30.04 11.86
CA SER Z 175 -2.44 -30.64 11.96
C SER Z 175 -1.48 -30.14 10.87
N LYS Z 176 -2.01 -29.97 9.66
CA LYS Z 176 -1.26 -29.39 8.53
C LYS Z 176 -0.78 -27.95 8.79
N TYR Z 177 -1.57 -27.17 9.52
CA TYR Z 177 -1.20 -25.79 9.86
C TYR Z 177 0.04 -25.73 10.76
N PHE Z 178 -0.01 -26.44 11.87
CA PHE Z 178 1.12 -26.48 12.82
C PHE Z 178 2.37 -27.14 12.23
N SER Z 179 2.17 -28.09 11.31
CA SER Z 179 3.28 -28.73 10.60
C SER Z 179 3.97 -27.77 9.64
N GLU Z 180 3.18 -27.04 8.84
CA GLU Z 180 3.72 -26.03 7.90
C GLU Z 180 4.35 -24.83 8.62
N ARG Z 181 3.73 -24.40 9.72
CA ARG Z 181 4.25 -23.30 10.53
C ARG Z 181 5.54 -23.72 11.26
N GLY Z 182 5.54 -24.94 11.78
CA GLY Z 182 6.74 -25.52 12.42
C GLY Z 182 7.93 -25.61 11.48
N ASP Z 183 7.67 -26.00 10.23
CA ASP Z 183 8.70 -26.02 9.18
C ASP Z 183 9.15 -24.61 8.78
N ALA Z 184 8.19 -23.68 8.72
CA ALA Z 184 8.48 -22.28 8.36
C ALA Z 184 9.30 -21.56 9.43
N VAL Z 185 8.95 -21.79 10.70
CA VAL Z 185 9.71 -21.24 11.84
C VAL Z 185 11.10 -21.89 11.92
N ALA Z 186 11.19 -23.19 11.61
CA ALA Z 186 12.47 -23.91 11.58
C ALA Z 186 13.42 -23.37 10.51
N LYS Z 187 12.90 -23.16 9.29
CA LYS Z 187 13.66 -22.58 8.18
C LYS Z 187 14.08 -21.13 8.47
N ALA Z 188 13.18 -20.37 9.07
CA ALA Z 188 13.47 -18.98 9.47
C ALA Z 188 14.60 -18.91 10.50
N ALA Z 189 14.61 -19.85 11.45
CA ALA Z 189 15.65 -19.93 12.47
C ALA Z 189 16.96 -20.49 11.92
N LYS Z 190 16.87 -21.49 11.04
CA LYS Z 190 18.04 -22.10 10.39
C LYS Z 190 18.75 -21.11 9.46
N GLN Z 191 17.98 -20.31 8.74
CA GLN Z 191 18.51 -19.31 7.80
C GLN Z 191 17.88 -17.94 8.06
N PRO Z 192 18.38 -17.21 9.09
CA PRO Z 192 17.81 -15.91 9.45
C PRO Z 192 18.09 -14.77 8.45
N HIS Z 193 19.10 -14.94 7.59
CA HIS Z 193 19.38 -13.97 6.51
C HIS Z 193 18.28 -13.88 5.43
N VAL Z 194 17.42 -14.89 5.34
CA VAL Z 194 16.29 -14.89 4.41
C VAL Z 194 15.07 -14.25 5.08
N GLY Z 195 14.66 -13.09 4.57
CA GLY Z 195 13.51 -12.35 5.10
C GLY Z 195 12.14 -12.92 4.73
N ASP Z 196 12.11 -13.74 3.68
CA ASP Z 196 10.85 -14.35 3.21
C ASP Z 196 10.28 -15.36 4.20
N TYR Z 197 11.14 -16.14 4.84
CA TYR Z 197 10.71 -17.12 5.85
C TYR Z 197 10.06 -16.45 7.08
N ARG Z 198 10.52 -15.25 7.43
CA ARG Z 198 9.90 -14.47 8.52
C ARG Z 198 8.49 -14.03 8.16
N GLN Z 199 8.31 -13.61 6.90
CA GLN Z 199 7.00 -13.22 6.38
C GLN Z 199 6.07 -14.44 6.24
N LEU Z 200 6.63 -15.57 5.81
CA LEU Z 200 5.87 -16.82 5.65
C LEU Z 200 5.10 -17.25 6.90
N VAL Z 201 5.72 -17.08 8.07
CA VAL Z 201 5.07 -17.44 9.35
C VAL Z 201 3.88 -16.51 9.63
N HIS Z 202 4.02 -15.23 9.32
CA HIS Z 202 2.91 -14.26 9.48
C HIS Z 202 1.78 -14.48 8.46
N GLU Z 203 2.14 -14.88 7.25
CA GLU Z 203 1.15 -15.19 6.20
C GLU Z 203 0.39 -16.49 6.48
N LEU Z 204 1.08 -17.49 7.01
CA LEU Z 204 0.42 -18.74 7.48
C LEU Z 204 -0.57 -18.49 8.62
N ASP Z 205 -0.30 -17.50 9.46
CA ASP Z 205 -1.22 -17.10 10.53
C ASP Z 205 -2.44 -16.35 9.99
N GLU Z 206 -2.22 -15.39 9.09
CA GLU Z 206 -3.31 -14.65 8.44
C GLU Z 206 -4.16 -15.55 7.54
N ALA Z 207 -3.53 -16.52 6.89
CA ALA Z 207 -4.24 -17.51 6.06
C ALA Z 207 -5.06 -18.49 6.90
N GLU Z 208 -4.50 -18.93 8.03
CA GLU Z 208 -5.17 -19.88 8.92
C GLU Z 208 -6.38 -19.25 9.63
N TYR Z 209 -6.26 -17.97 9.99
CA TYR Z 209 -7.39 -17.21 10.56
C TYR Z 209 -8.56 -17.12 9.58
N GLN Z 210 -8.25 -16.81 8.32
CA GLN Z 210 -9.24 -16.82 7.24
C GLN Z 210 -9.84 -18.22 7.03
N GLU Z 211 -9.00 -19.25 7.15
CA GLU Z 211 -9.43 -20.65 7.02
C GLU Z 211 -10.37 -21.06 8.16
N ILE Z 212 -10.04 -20.66 9.39
CA ILE Z 212 -10.92 -20.88 10.55
C ILE Z 212 -12.26 -20.17 10.39
N ARG Z 213 -12.23 -18.95 9.84
CA ARG Z 213 -13.46 -18.17 9.65
C ARG Z 213 -14.40 -18.82 8.63
N LEU Z 214 -13.84 -19.34 7.53
CA LEU Z 214 -14.62 -20.06 6.51
C LEU Z 214 -15.10 -21.43 6.99
N MET Z 215 -14.28 -22.14 7.79
CA MET Z 215 -14.67 -23.43 8.36
C MET Z 215 -15.86 -23.34 9.32
N VAL Z 216 -15.98 -22.22 10.04
CA VAL Z 216 -17.17 -21.96 10.86
C VAL Z 216 -18.39 -21.73 9.98
N MET Z 217 -18.23 -20.93 8.92
CA MET Z 217 -19.31 -20.66 7.96
C MET Z 217 -19.80 -21.95 7.29
N GLU Z 218 -18.86 -22.74 6.77
CA GLU Z 218 -19.17 -24.01 6.09
C GLU Z 218 -19.95 -24.99 6.99
N ILE Z 219 -19.56 -25.04 8.27
CA ILE Z 219 -20.24 -25.87 9.27
C ILE Z 219 -21.68 -25.39 9.53
N ARG Z 220 -21.84 -24.08 9.72
CA ARG Z 220 -23.17 -23.46 9.89
C ARG Z 220 -24.06 -23.71 8.67
N ASN Z 221 -23.49 -23.53 7.48
CA ASN Z 221 -24.22 -23.73 6.22
C ASN Z 221 -24.53 -25.22 5.97
N ALA Z 222 -23.67 -26.11 6.44
CA ALA Z 222 -23.91 -27.56 6.37
C ALA Z 222 -25.14 -27.98 7.19
N TYR Z 223 -25.25 -27.45 8.42
CA TYR Z 223 -26.41 -27.70 9.27
C TYR Z 223 -27.70 -27.13 8.66
N ALA Z 224 -27.63 -25.89 8.17
CA ALA Z 224 -28.79 -25.20 7.60
C ALA Z 224 -29.32 -25.88 6.34
N VAL Z 225 -28.40 -26.22 5.43
CA VAL Z 225 -28.74 -26.92 4.19
C VAL Z 225 -29.33 -28.32 4.48
N LEU Z 226 -28.78 -29.01 5.48
CA LEU Z 226 -29.32 -30.31 5.92
C LEU Z 226 -30.72 -30.19 6.52
N TYR Z 227 -30.91 -29.22 7.42
CA TYR Z 227 -32.22 -28.98 8.04
C TYR Z 227 -33.26 -28.65 6.97
N ASP Z 228 -32.89 -27.76 6.06
CA ASP Z 228 -33.77 -27.32 4.98
C ASP Z 228 -34.24 -28.49 4.11
N ILE Z 229 -33.30 -29.27 3.60
CA ILE Z 229 -33.60 -30.34 2.65
C ILE Z 229 -34.33 -31.54 3.27
N ILE Z 230 -33.95 -31.95 4.48
CA ILE Z 230 -34.56 -33.10 5.15
C ILE Z 230 -35.98 -32.76 5.60
N LEU Z 231 -36.15 -31.57 6.18
CA LEU Z 231 -37.48 -31.09 6.60
C LEU Z 231 -38.45 -30.98 5.42
N LYS Z 232 -37.98 -30.38 4.33
CA LYS Z 232 -38.79 -30.19 3.12
C LYS Z 232 -39.27 -31.51 2.51
N ASN Z 233 -38.36 -32.48 2.42
CA ASN Z 233 -38.64 -33.76 1.76
C ASN Z 233 -38.98 -34.92 2.73
N PHE Z 234 -39.31 -34.59 3.98
CA PHE Z 234 -39.42 -35.61 5.05
C PHE Z 234 -40.44 -36.71 4.78
N GLU Z 235 -41.56 -36.36 4.14
CA GLU Z 235 -42.59 -37.34 3.78
C GLU Z 235 -42.04 -38.47 2.89
N LYS Z 236 -41.34 -38.09 1.83
CA LYS Z 236 -40.76 -39.05 0.89
C LYS Z 236 -39.51 -39.76 1.42
N LEU Z 237 -38.77 -39.11 2.33
CA LEU Z 237 -37.58 -39.72 2.93
C LEU Z 237 -37.93 -40.82 3.93
N LYS Z 238 -38.90 -40.54 4.80
CA LYS Z 238 -39.38 -41.49 5.80
C LYS Z 238 -40.20 -42.60 5.14
N LYS Z 239 -41.26 -42.20 4.43
CA LYS Z 239 -42.17 -43.13 3.76
C LYS Z 239 -42.16 -42.89 2.24
N PRO Z 240 -41.22 -43.52 1.52
CA PRO Z 240 -41.09 -43.30 0.08
C PRO Z 240 -42.21 -43.93 -0.77
N ARG Z 241 -42.72 -45.09 -0.34
CA ARG Z 241 -43.75 -45.82 -1.08
C ARG Z 241 -45.20 -45.44 -0.73
N GLY Z 242 -45.40 -44.49 0.19
CA GLY Z 242 -46.72 -43.97 0.52
C GLY Z 242 -47.23 -44.38 1.90
N GLU Z 243 -46.97 -45.63 2.28
CA GLU Z 243 -47.39 -46.16 3.59
C GLU Z 243 -46.36 -47.16 4.13
N LEU AA 4 -40.01 -34.97 12.14
CA LEU AA 4 -41.28 -34.18 12.24
C LEU AA 4 -41.25 -33.32 13.52
N ARG AA 5 -42.41 -33.02 14.12
CA ARG AA 5 -42.54 -32.09 15.26
C ARG AA 5 -41.95 -30.69 14.94
N VAL AA 6 -40.85 -30.30 15.60
CA VAL AA 6 -40.22 -28.97 15.46
C VAL AA 6 -41.20 -27.78 15.34
N HIS AA 7 -42.17 -27.74 16.25
CA HIS AA 7 -43.12 -26.61 16.35
C HIS AA 7 -42.59 -25.38 17.13
N PRO AA 8 -41.85 -25.59 18.25
CA PRO AA 8 -41.42 -24.45 19.09
C PRO AA 8 -40.42 -23.48 18.44
N GLU AA 9 -39.78 -22.65 19.28
CA GLU AA 9 -38.77 -21.66 18.84
C GLU AA 9 -37.73 -22.21 17.86
N ALA AA 10 -37.40 -23.50 17.99
CA ALA AA 10 -36.60 -24.25 17.01
C ALA AA 10 -36.92 -23.91 15.54
N GLN AA 11 -38.21 -23.85 15.20
CA GLN AA 11 -38.66 -23.44 13.87
C GLN AA 11 -38.33 -21.97 13.60
N ALA AA 12 -38.61 -21.11 14.59
CA ALA AA 12 -38.32 -19.68 14.50
C ALA AA 12 -36.82 -19.38 14.37
N LYS AA 13 -35.99 -20.13 15.08
CA LYS AA 13 -34.53 -19.92 15.08
C LYS AA 13 -33.90 -20.07 13.70
N VAL AA 14 -34.38 -21.03 12.91
CA VAL AA 14 -33.93 -21.24 11.54
C VAL AA 14 -34.46 -20.12 10.63
N ASP AA 15 -35.73 -19.74 10.81
CA ASP AA 15 -36.33 -18.64 10.04
C ASP AA 15 -35.73 -17.26 10.31
N VAL AA 16 -35.09 -17.06 11.47
CA VAL AA 16 -34.32 -15.84 11.73
C VAL AA 16 -33.08 -15.81 10.84
N PHE AA 17 -32.41 -16.96 10.73
CA PHE AA 17 -31.24 -17.11 9.84
C PHE AA 17 -31.61 -16.96 8.36
N ARG AA 18 -32.75 -17.51 7.95
CA ARG AA 18 -33.20 -17.41 6.55
C ARG AA 18 -33.47 -15.97 6.13
N GLU AA 19 -34.18 -15.23 6.98
CA GLU AA 19 -34.50 -13.82 6.72
C GLU AA 19 -33.28 -12.91 6.89
N ASP AA 20 -32.36 -13.27 7.80
CA ASP AA 20 -31.05 -12.61 7.88
C ASP AA 20 -30.24 -12.84 6.61
N LEU AA 21 -30.29 -14.07 6.09
CA LEU AA 21 -29.60 -14.42 4.85
C LEU AA 21 -30.27 -13.81 3.62
N CYS AA 22 -31.61 -13.71 3.65
CA CYS AA 22 -32.37 -13.03 2.59
C CYS AA 22 -32.11 -11.52 2.60
N SER AA 23 -32.11 -10.92 3.79
CA SER AA 23 -31.87 -9.49 3.95
C SER AA 23 -30.42 -9.10 3.64
N LYS AA 24 -29.47 -9.96 3.99
CA LYS AA 24 -28.06 -9.75 3.61
C LYS AA 24 -27.88 -9.86 2.10
N THR AA 25 -28.33 -10.97 1.52
CA THR AA 25 -28.22 -11.22 0.07
C THR AA 25 -28.85 -10.11 -0.79
N GLU AA 26 -30.02 -9.61 -0.35
CA GLU AA 26 -30.73 -8.52 -1.04
C GLU AA 26 -29.90 -7.23 -1.03
N ASN AA 27 -29.47 -6.83 0.16
CA ASN AA 27 -28.61 -5.66 0.36
C ASN AA 27 -27.23 -5.85 -0.30
N LEU AA 28 -26.74 -7.08 -0.27
CA LEU AA 28 -25.44 -7.45 -0.86
C LEU AA 28 -25.46 -7.40 -2.39
N LEU AA 29 -26.51 -7.97 -2.99
CA LEU AA 29 -26.65 -7.96 -4.45
C LEU AA 29 -26.89 -6.54 -4.98
N GLY AA 30 -27.81 -5.82 -4.34
CA GLY AA 30 -28.22 -4.49 -4.79
C GLY AA 30 -27.17 -3.38 -4.69
N SER AA 31 -26.36 -3.41 -3.62
CA SER AA 31 -25.40 -2.33 -3.32
C SER AA 31 -23.93 -2.77 -3.34
N TYR AA 32 -23.61 -3.83 -2.61
CA TYR AA 32 -22.21 -4.27 -2.39
C TYR AA 32 -21.47 -4.71 -3.67
N PHE AA 33 -22.18 -5.40 -4.56
CA PHE AA 33 -21.59 -5.93 -5.80
C PHE AA 33 -21.27 -4.84 -6.84
N PRO AA 34 -22.18 -3.86 -7.04
CA PRO AA 34 -21.81 -2.65 -7.79
C PRO AA 34 -20.61 -1.89 -7.19
N LYS AA 35 -20.57 -1.78 -5.86
CA LYS AA 35 -19.48 -1.08 -5.15
C LYS AA 35 -18.14 -1.79 -5.32
N LYS AA 36 -18.14 -3.11 -5.21
CA LYS AA 36 -16.91 -3.92 -5.40
C LYS AA 36 -16.35 -3.86 -6.81
N ILE AA 37 -17.22 -3.74 -7.81
CA ILE AA 37 -16.80 -3.58 -9.21
C ILE AA 37 -16.13 -2.22 -9.42
N SER AA 38 -16.73 -1.16 -8.90
CA SER AA 38 -16.14 0.19 -8.99
C SER AA 38 -14.85 0.36 -8.18
N GLU AA 39 -14.72 -0.38 -7.08
CA GLU AA 39 -13.47 -0.42 -6.29
C GLU AA 39 -12.34 -1.10 -7.07
N LEU AA 40 -12.62 -2.29 -7.58
CA LEU AA 40 -11.62 -3.10 -8.30
C LEU AA 40 -11.29 -2.58 -9.71
N ASP AA 41 -12.25 -1.93 -10.37
CA ASP AA 41 -12.02 -1.31 -11.69
C ASP AA 41 -11.05 -0.12 -11.55
N ALA AA 42 -11.20 0.64 -10.47
CA ALA AA 42 -10.25 1.71 -10.12
C ALA AA 42 -8.88 1.16 -9.73
N PHE AA 43 -8.88 0.09 -8.93
CA PHE AA 43 -7.64 -0.55 -8.44
C PHE AA 43 -6.78 -1.11 -9.58
N LEU AA 44 -7.41 -1.66 -10.62
CA LEU AA 44 -6.69 -2.11 -11.82
C LEU AA 44 -6.04 -0.95 -12.58
N LYS AA 45 -6.75 0.18 -12.67
CA LYS AA 45 -6.26 1.35 -13.40
C LYS AA 45 -5.26 2.23 -12.64
N GLU AA 46 -5.01 1.94 -11.35
CA GLU AA 46 -4.00 2.68 -10.58
C GLU AA 46 -2.57 2.31 -11.02
N PRO AA 47 -1.59 3.22 -10.76
CA PRO AA 47 -0.21 2.96 -11.21
C PRO AA 47 0.56 1.89 -10.42
N ALA AA 48 0.00 1.42 -9.30
CA ALA AA 48 0.57 0.29 -8.55
C ALA AA 48 0.51 -1.00 -9.38
N LEU AA 49 -0.65 -1.27 -10.00
CA LEU AA 49 -0.84 -2.43 -10.87
C LEU AA 49 -0.72 -2.12 -12.37
N ASN AA 50 -0.11 -0.98 -12.72
CA ASN AA 50 0.22 -0.63 -14.10
C ASN AA 50 1.68 -0.17 -14.17
N GLU AA 51 2.59 -1.05 -13.75
CA GLU AA 51 4.03 -0.78 -13.83
C GLU AA 51 4.47 -0.77 -15.29
N ALA AA 52 4.92 0.40 -15.75
CA ALA AA 52 5.30 0.61 -17.17
C ALA AA 52 6.46 -0.26 -17.63
N ASN AA 53 7.35 -0.64 -16.71
CA ASN AA 53 8.48 -1.52 -17.00
C ASN AA 53 8.63 -2.59 -15.91
N LEU AA 54 9.04 -3.79 -16.33
CA LEU AA 54 9.21 -4.93 -15.42
C LEU AA 54 10.39 -4.75 -14.45
N SER AA 55 11.40 -3.98 -14.86
CA SER AA 55 12.60 -3.75 -14.04
C SER AA 55 12.37 -2.85 -12.80
N ASN AA 56 11.25 -2.14 -12.75
CA ASN AA 56 10.87 -1.34 -11.58
C ASN AA 56 10.69 -2.20 -10.32
N LEU AA 57 10.08 -3.37 -10.48
CA LEU AA 57 9.83 -4.31 -9.37
C LEU AA 57 11.10 -4.97 -8.82
N LYS AA 58 12.17 -5.03 -9.62
CA LYS AA 58 13.43 -5.69 -9.25
C LYS AA 58 14.02 -5.11 -7.96
N ALA AA 59 13.85 -5.86 -6.86
CA ALA AA 59 14.35 -5.44 -5.55
C ALA AA 59 15.87 -5.67 -5.44
N PRO AA 60 16.53 -5.02 -4.44
CA PRO AA 60 17.96 -5.29 -4.25
C PRO AA 60 18.20 -6.68 -3.64
N LEU AA 61 18.96 -7.52 -4.35
CA LEU AA 61 19.32 -8.86 -3.87
C LEU AA 61 20.83 -8.86 -3.54
N ASP AA 62 21.14 -8.62 -2.26
CA ASP AA 62 22.52 -8.45 -1.80
C ASP AA 62 23.15 -9.76 -1.32
N ILE AA 63 23.97 -10.37 -2.18
CA ILE AA 63 24.77 -11.55 -1.82
C ILE AA 63 26.17 -11.37 -2.42
N PRO AA 64 27.25 -11.66 -1.65
CA PRO AA 64 28.60 -11.54 -2.22
C PRO AA 64 28.95 -12.68 -3.19
N VAL AA 65 29.69 -12.34 -4.25
CA VAL AA 65 30.28 -13.34 -5.17
C VAL AA 65 31.45 -14.06 -4.48
N PRO AA 66 31.82 -15.28 -4.95
CA PRO AA 66 32.96 -15.99 -4.34
C PRO AA 66 34.31 -15.32 -4.60
N ASP AA 67 35.21 -15.41 -3.62
CA ASP AA 67 36.52 -14.74 -3.67
C ASP AA 67 37.65 -15.68 -3.22
N PRO AA 68 38.80 -15.69 -3.94
CA PRO AA 68 39.91 -16.57 -3.56
C PRO AA 68 40.86 -15.92 -2.54
N VAL AA 69 41.21 -16.67 -1.49
CA VAL AA 69 42.18 -16.22 -0.48
C VAL AA 69 43.58 -16.04 -1.09
N CYS AA 101 26.42 -13.95 5.16
CA CYS AA 101 25.54 -13.32 4.20
C CYS AA 101 24.60 -12.33 4.88
N GLY AA 102 24.39 -11.18 4.24
CA GLY AA 102 23.54 -10.11 4.80
C GLY AA 102 22.06 -10.39 4.66
N PRO AA 103 21.22 -9.56 5.33
CA PRO AA 103 19.76 -9.80 5.36
C PRO AA 103 19.04 -9.46 4.04
N VAL AA 104 18.53 -10.49 3.37
CA VAL AA 104 17.74 -10.33 2.14
C VAL AA 104 16.26 -10.22 2.51
N ASN AA 105 15.70 -9.02 2.35
CA ASN AA 105 14.30 -8.76 2.70
C ASN AA 105 13.37 -9.18 1.56
N CYS AA 106 12.06 -9.13 1.86
CA CYS AA 106 11.02 -9.40 0.87
C CYS AA 106 10.90 -8.23 -0.11
N ASN AA 107 10.32 -8.50 -1.29
CA ASN AA 107 10.09 -7.43 -2.28
C ASN AA 107 9.00 -6.51 -1.76
N GLU AA 108 9.37 -5.26 -1.51
CA GLU AA 108 8.47 -4.26 -0.90
C GLU AA 108 7.32 -3.87 -1.83
N LYS AA 109 7.61 -3.73 -3.13
CA LYS AA 109 6.59 -3.40 -4.13
C LYS AA 109 5.52 -4.48 -4.33
N ILE AA 110 5.87 -5.73 -4.05
CA ILE AA 110 4.90 -6.85 -4.08
C ILE AA 110 4.13 -6.94 -2.75
N VAL AA 111 4.85 -6.82 -1.62
CA VAL AA 111 4.22 -6.94 -0.30
C VAL AA 111 3.10 -5.90 -0.10
N VAL AA 112 3.34 -4.66 -0.51
CA VAL AA 112 2.28 -3.63 -0.47
C VAL AA 112 1.04 -4.01 -1.29
N LEU AA 113 1.25 -4.59 -2.48
CA LEU AA 113 0.14 -5.06 -3.32
C LEU AA 113 -0.62 -6.23 -2.69
N LEU AA 114 0.09 -7.15 -2.06
CA LEU AA 114 -0.52 -8.30 -1.38
C LEU AA 114 -1.41 -7.91 -0.19
N GLN AA 115 -1.05 -6.83 0.50
CA GLN AA 115 -1.83 -6.33 1.64
C GLN AA 115 -3.12 -5.63 1.21
N ARG AA 116 -3.22 -5.22 -0.06
CA ARG AA 116 -4.48 -4.79 -0.66
C ARG AA 116 -5.29 -5.98 -1.18
N LEU AA 117 -4.60 -7.00 -1.70
CA LEU AA 117 -5.23 -8.20 -2.24
C LEU AA 117 -5.88 -9.10 -1.18
N LYS AA 118 -5.22 -9.26 -0.04
CA LYS AA 118 -5.70 -10.17 1.03
C LYS AA 118 -7.10 -9.85 1.58
N PRO AA 119 -7.40 -8.56 1.86
CA PRO AA 119 -8.79 -8.23 2.23
C PRO AA 119 -9.80 -8.37 1.07
N GLU AA 120 -9.34 -8.21 -0.17
CA GLU AA 120 -10.21 -8.43 -1.35
C GLU AA 120 -10.51 -9.92 -1.59
N ILE AA 121 -9.55 -10.80 -1.32
CA ILE AA 121 -9.76 -12.26 -1.40
C ILE AA 121 -10.73 -12.74 -0.29
N LYS AA 122 -10.55 -12.22 0.92
CA LYS AA 122 -11.46 -12.48 2.04
C LYS AA 122 -12.93 -12.21 1.70
N ASP AA 123 -13.21 -11.03 1.16
CA ASP AA 123 -14.59 -10.57 0.93
C ASP AA 123 -15.34 -11.42 -0.09
N VAL AA 124 -14.73 -11.60 -1.27
CA VAL AA 124 -15.37 -12.36 -2.36
C VAL AA 124 -15.69 -13.81 -1.99
N THR AA 125 -14.81 -14.45 -1.21
CA THR AA 125 -15.02 -15.83 -0.75
C THR AA 125 -16.16 -15.91 0.30
N GLU AA 126 -16.25 -14.90 1.16
CA GLU AA 126 -17.38 -14.77 2.09
C GLU AA 126 -18.70 -14.57 1.35
N GLN AA 127 -18.70 -13.62 0.41
CA GLN AA 127 -19.93 -13.25 -0.31
C GLN AA 127 -20.38 -14.33 -1.30
N LEU AA 128 -19.43 -15.06 -1.88
CA LEU AA 128 -19.74 -16.23 -2.71
C LEU AA 128 -20.40 -17.33 -1.87
N ASN AA 129 -19.81 -17.63 -0.71
CA ASN AA 129 -20.36 -18.60 0.24
C ASN AA 129 -21.75 -18.22 0.73
N LEU AA 130 -21.92 -16.95 1.08
CA LEU AA 130 -23.21 -16.41 1.55
C LEU AA 130 -24.30 -16.57 0.48
N VAL AA 131 -23.96 -16.21 -0.75
CA VAL AA 131 -24.86 -16.33 -1.90
C VAL AA 131 -25.11 -17.80 -2.28
N THR AA 132 -24.07 -18.65 -2.18
CA THR AA 132 -24.19 -20.08 -2.47
C THR AA 132 -25.20 -20.75 -1.53
N THR AA 133 -25.05 -20.49 -0.24
CA THR AA 133 -25.95 -21.04 0.79
C THR AA 133 -27.39 -20.56 0.62
N TRP AA 134 -27.56 -19.28 0.24
CA TRP AA 134 -28.89 -18.72 -0.02
C TRP AA 134 -29.63 -19.53 -1.09
N LEU AA 135 -28.95 -19.79 -2.20
CA LEU AA 135 -29.53 -20.53 -3.32
C LEU AA 135 -29.88 -21.98 -2.96
N GLN AA 136 -29.11 -22.60 -2.07
CA GLN AA 136 -29.42 -23.95 -1.58
C GLN AA 136 -30.72 -23.99 -0.76
N LEU AA 137 -30.98 -22.95 0.01
CA LEU AA 137 -32.22 -22.84 0.79
C LEU AA 137 -33.46 -22.55 -0.08
N GLN AA 138 -33.26 -21.95 -1.25
CA GLN AA 138 -34.37 -21.72 -2.19
C GLN AA 138 -34.75 -22.95 -3.02
N ILE AA 139 -33.91 -24.00 -3.01
CA ILE AA 139 -34.25 -25.26 -3.69
C ILE AA 139 -35.47 -25.87 -3.00
N PRO AA 140 -36.60 -25.99 -3.72
CA PRO AA 140 -37.83 -26.48 -3.10
C PRO AA 140 -37.83 -28.00 -2.96
N ARG AA 141 -38.94 -28.54 -2.48
CA ARG AA 141 -39.12 -29.99 -2.31
C ARG AA 141 -38.90 -30.70 -3.65
N ILE AA 142 -38.31 -31.90 -3.58
CA ILE AA 142 -38.03 -32.70 -4.76
C ILE AA 142 -39.35 -33.32 -5.22
N GLU AA 143 -39.96 -32.69 -6.23
CA GLU AA 143 -41.21 -33.19 -6.83
C GLU AA 143 -40.97 -33.69 -8.25
N ASP AA 144 -41.92 -34.49 -8.74
CA ASP AA 144 -41.79 -35.19 -10.02
C ASP AA 144 -41.87 -34.22 -11.20
N GLY AA 145 -42.89 -33.35 -11.18
CA GLY AA 145 -43.15 -32.39 -12.26
C GLY AA 145 -42.99 -30.94 -11.83
N ASN AA 146 -42.78 -30.08 -12.82
CA ASN AA 146 -42.60 -28.63 -12.68
C ASN AA 146 -41.24 -28.30 -12.04
N ASN AA 147 -40.19 -28.90 -12.60
CA ASN AA 147 -38.82 -28.73 -12.11
C ASN AA 147 -37.93 -27.97 -13.09
N PHE AA 148 -38.51 -27.02 -13.84
CA PHE AA 148 -37.70 -26.14 -14.70
C PHE AA 148 -37.02 -25.05 -13.86
N GLY AA 149 -37.78 -24.45 -12.96
CA GLY AA 149 -37.22 -23.52 -11.97
C GLY AA 149 -36.13 -24.13 -11.11
N VAL AA 150 -36.26 -25.43 -10.85
CA VAL AA 150 -35.22 -26.21 -10.16
C VAL AA 150 -33.98 -26.37 -11.06
N ALA AA 151 -34.21 -26.61 -12.35
CA ALA AA 151 -33.12 -26.69 -13.35
C ALA AA 151 -32.41 -25.36 -13.56
N VAL AA 152 -33.13 -24.24 -13.43
CA VAL AA 152 -32.53 -22.90 -13.49
C VAL AA 152 -31.59 -22.68 -12.31
N GLN AA 153 -32.07 -23.02 -11.10
CA GLN AA 153 -31.25 -22.94 -9.89
C GLN AA 153 -29.96 -23.76 -9.99
N GLU AA 154 -30.10 -25.00 -10.45
CA GLU AA 154 -28.96 -25.91 -10.62
C GLU AA 154 -27.96 -25.45 -11.69
N LYS AA 155 -28.45 -24.74 -12.72
CA LYS AA 155 -27.58 -24.15 -13.74
C LYS AA 155 -26.75 -22.99 -13.17
N VAL AA 156 -27.39 -22.15 -12.36
CA VAL AA 156 -26.70 -21.04 -11.68
C VAL AA 156 -25.81 -21.57 -10.54
N PHE AA 157 -26.27 -22.63 -9.86
CA PHE AA 157 -25.47 -23.29 -8.81
C PHE AA 157 -24.20 -23.98 -9.35
N GLU AA 158 -24.24 -24.39 -10.61
CA GLU AA 158 -23.07 -24.96 -11.30
C GLU AA 158 -21.95 -23.92 -11.46
N LEU AA 159 -22.33 -22.70 -11.85
CA LEU AA 159 -21.39 -21.58 -11.98
C LEU AA 159 -20.72 -21.23 -10.65
N MET AA 160 -21.53 -21.13 -9.59
CA MET AA 160 -21.06 -20.78 -8.25
C MET AA 160 -20.02 -21.77 -7.70
N THR AA 161 -20.18 -23.05 -8.03
CA THR AA 161 -19.20 -24.08 -7.67
C THR AA 161 -17.89 -23.92 -8.44
N ASN AA 162 -17.96 -23.55 -9.71
CA ASN AA 162 -16.77 -23.34 -10.55
C ASN AA 162 -15.96 -22.11 -10.13
N LEU AA 163 -16.64 -21.06 -9.67
CA LEU AA 163 -15.96 -19.88 -9.11
C LEU AA 163 -15.33 -20.22 -7.76
N HIS AA 164 -16.02 -21.01 -6.94
CA HIS AA 164 -15.48 -21.52 -5.67
C HIS AA 164 -14.18 -22.31 -5.88
N THR AA 165 -14.10 -23.06 -6.99
CA THR AA 165 -12.88 -23.79 -7.35
C THR AA 165 -11.71 -22.85 -7.66
N LYS AA 166 -11.98 -21.77 -8.39
CA LYS AA 166 -10.94 -20.77 -8.72
C LYS AA 166 -10.40 -20.05 -7.48
N LEU AA 167 -11.32 -19.48 -6.69
CA LEU AA 167 -10.94 -18.60 -5.57
C LEU AA 167 -10.40 -19.32 -4.34
N GLU AA 168 -10.54 -20.64 -4.27
CA GLU AA 168 -9.94 -21.44 -3.19
C GLU AA 168 -8.42 -21.55 -3.37
N GLY AA 169 -7.97 -21.68 -4.63
CA GLY AA 169 -6.54 -21.70 -4.96
C GLY AA 169 -5.82 -20.37 -4.74
N PHE AA 170 -6.55 -19.26 -4.81
CA PHE AA 170 -6.02 -17.90 -4.53
C PHE AA 170 -5.51 -17.77 -3.09
N HIS AA 171 -6.20 -18.45 -2.17
CA HIS AA 171 -5.90 -18.42 -0.74
C HIS AA 171 -4.48 -18.90 -0.43
N THR AA 172 -4.14 -20.08 -0.93
CA THR AA 172 -2.87 -20.74 -0.61
C THR AA 172 -1.65 -20.22 -1.39
N GLN AA 173 -1.87 -19.53 -2.52
CA GLN AA 173 -0.77 -19.14 -3.40
C GLN AA 173 0.14 -18.05 -2.83
N ILE AA 174 -0.40 -17.20 -1.94
CA ILE AA 174 0.39 -16.17 -1.26
C ILE AA 174 1.43 -16.82 -0.33
N SER AA 175 1.01 -17.85 0.40
CA SER AA 175 1.92 -18.65 1.22
C SER AA 175 2.95 -19.40 0.37
N LYS AA 176 2.50 -19.92 -0.77
CA LYS AA 176 3.38 -20.61 -1.74
C LYS AA 176 4.44 -19.68 -2.35
N TYR AA 177 4.09 -18.41 -2.57
CA TYR AA 177 5.01 -17.41 -3.12
C TYR AA 177 6.20 -17.15 -2.21
N PHE AA 178 5.91 -16.82 -0.95
CA PHE AA 178 6.96 -16.59 0.05
C PHE AA 178 7.76 -17.87 0.35
N SER AA 179 7.10 -19.03 0.27
CA SER AA 179 7.76 -20.32 0.47
C SER AA 179 8.76 -20.62 -0.65
N GLU AA 180 8.35 -20.41 -1.91
CA GLU AA 180 9.24 -20.60 -3.06
C GLU AA 180 10.34 -19.54 -3.15
N ARG AA 181 10.01 -18.29 -2.80
CA ARG AA 181 10.98 -17.20 -2.82
C ARG AA 181 12.06 -17.36 -1.74
N GLY AA 182 11.64 -17.80 -0.55
CA GLY AA 182 12.57 -18.09 0.55
C GLY AA 182 13.54 -19.22 0.21
N ASP AA 183 13.03 -20.27 -0.41
CA ASP AA 183 13.86 -21.38 -0.91
C ASP AA 183 14.78 -20.93 -2.05
N ALA AA 184 14.30 -20.02 -2.88
CA ALA AA 184 15.11 -19.44 -3.96
C ALA AA 184 16.24 -18.54 -3.43
N VAL AA 185 15.92 -17.70 -2.43
CA VAL AA 185 16.92 -16.85 -1.78
C VAL AA 185 17.91 -17.69 -0.96
N ALA AA 186 17.42 -18.76 -0.34
CA ALA AA 186 18.27 -19.67 0.44
C ALA AA 186 19.28 -20.42 -0.43
N LYS AA 187 18.81 -20.97 -1.55
CA LYS AA 187 19.69 -21.64 -2.53
C LYS AA 187 20.70 -20.68 -3.18
N ALA AA 188 20.29 -19.44 -3.43
CA ALA AA 188 21.16 -18.41 -3.98
C ALA AA 188 22.30 -18.04 -3.03
N ALA AA 189 21.97 -17.86 -1.76
CA ALA AA 189 22.96 -17.55 -0.72
C ALA AA 189 23.85 -18.74 -0.38
N LYS AA 190 23.27 -19.94 -0.37
CA LYS AA 190 24.02 -21.18 -0.12
C LYS AA 190 25.04 -21.46 -1.23
N GLN AA 191 24.65 -21.21 -2.48
CA GLN AA 191 25.49 -21.44 -3.65
C GLN AA 191 25.51 -20.19 -4.55
N PRO AA 192 26.33 -19.18 -4.20
CA PRO AA 192 26.37 -17.89 -4.94
C PRO AA 192 26.91 -17.98 -6.37
N HIS AA 193 27.85 -18.89 -6.62
CA HIS AA 193 28.45 -19.08 -7.96
C HIS AA 193 27.44 -19.36 -9.08
N VAL AA 194 26.28 -19.94 -8.72
CA VAL AA 194 25.21 -20.18 -9.69
C VAL AA 194 24.45 -18.87 -9.94
N GLY AA 195 24.43 -18.44 -11.20
CA GLY AA 195 23.75 -17.21 -11.59
C GLY AA 195 22.23 -17.33 -11.73
N ASP AA 196 21.76 -18.53 -12.03
CA ASP AA 196 20.32 -18.78 -12.25
C ASP AA 196 19.45 -18.58 -11.01
N TYR AA 197 19.97 -18.95 -9.84
CA TYR AA 197 19.25 -18.76 -8.57
C TYR AA 197 18.97 -17.28 -8.28
N ARG AA 198 19.87 -16.39 -8.69
CA ARG AA 198 19.67 -14.94 -8.57
C ARG AA 198 18.54 -14.47 -9.49
N GLN AA 199 18.54 -14.98 -10.72
CA GLN AA 199 17.47 -14.69 -11.69
C GLN AA 199 16.13 -15.29 -11.24
N LEU AA 200 16.16 -16.46 -10.62
CA LEU AA 200 14.96 -17.12 -10.09
C LEU AA 200 14.20 -16.25 -9.08
N VAL AA 201 14.91 -15.49 -8.26
CA VAL AA 201 14.30 -14.58 -7.29
C VAL AA 201 13.58 -13.41 -8.00
N HIS AA 202 14.19 -12.90 -9.07
CA HIS AA 202 13.58 -11.80 -9.85
C HIS AA 202 12.42 -12.25 -10.73
N GLU AA 203 12.48 -13.49 -11.22
CA GLU AA 203 11.38 -14.06 -12.04
C GLU AA 203 10.14 -14.41 -11.22
N LEU AA 204 10.36 -14.93 -10.01
CA LEU AA 204 9.26 -15.14 -9.05
C LEU AA 204 8.55 -13.83 -8.68
N ASP AA 205 9.31 -12.74 -8.59
CA ASP AA 205 8.75 -11.41 -8.33
C ASP AA 205 7.92 -10.89 -9.51
N GLU AA 206 8.47 -10.99 -10.71
CA GLU AA 206 7.75 -10.60 -11.93
C GLU AA 206 6.51 -11.47 -12.17
N ALA AA 207 6.63 -12.77 -11.89
CA ALA AA 207 5.50 -13.70 -11.98
C ALA AA 207 4.42 -13.38 -10.94
N GLU AA 208 4.84 -13.14 -9.70
CA GLU AA 208 3.91 -12.83 -8.60
C GLU AA 208 3.17 -11.51 -8.82
N TYR AA 209 3.85 -10.53 -9.41
CA TYR AA 209 3.22 -9.27 -9.80
C TYR AA 209 2.10 -9.49 -10.82
N GLN AA 210 2.40 -10.29 -11.84
CA GLN AA 210 1.42 -10.64 -12.87
C GLN AA 210 0.29 -11.53 -12.31
N GLU AA 211 0.61 -12.39 -11.35
CA GLU AA 211 -0.38 -13.25 -10.70
C GLU AA 211 -1.36 -12.45 -9.82
N ILE AA 212 -0.84 -11.43 -9.12
CA ILE AA 212 -1.67 -10.49 -8.36
C ILE AA 212 -2.58 -9.68 -9.29
N ARG AA 213 -2.06 -9.29 -10.45
CA ARG AA 213 -2.84 -8.51 -11.43
C ARG AA 213 -4.01 -9.31 -12.01
N LEU AA 214 -3.79 -10.61 -12.25
CA LEU AA 214 -4.86 -11.51 -12.70
C LEU AA 214 -5.86 -11.81 -11.59
N MET AA 215 -5.38 -12.01 -10.37
CA MET AA 215 -6.26 -12.28 -9.21
C MET AA 215 -7.25 -11.13 -8.92
N VAL AA 216 -6.82 -9.89 -9.16
CA VAL AA 216 -7.72 -8.74 -9.04
C VAL AA 216 -8.79 -8.76 -10.13
N MET AA 217 -8.39 -9.06 -11.36
CA MET AA 217 -9.34 -9.20 -12.49
C MET AA 217 -10.34 -10.33 -12.24
N GLU AA 218 -9.84 -11.50 -11.83
CA GLU AA 218 -10.68 -12.68 -11.56
C GLU AA 218 -11.73 -12.43 -10.46
N ILE AA 219 -11.36 -11.67 -9.43
CA ILE AA 219 -12.28 -11.29 -8.35
C ILE AA 219 -13.31 -10.25 -8.83
N ARG AA 220 -12.88 -9.28 -9.64
CA ARG AA 220 -13.80 -8.33 -10.27
C ARG AA 220 -14.77 -9.05 -11.20
N ASN AA 221 -14.25 -9.96 -12.03
CA ASN AA 221 -15.07 -10.74 -12.95
C ASN AA 221 -16.04 -11.66 -12.21
N ALA AA 222 -15.61 -12.21 -11.07
CA ALA AA 222 -16.46 -13.07 -10.24
C ALA AA 222 -17.70 -12.33 -9.70
N TYR AA 223 -17.54 -11.06 -9.31
CA TYR AA 223 -18.68 -10.23 -8.90
C TYR AA 223 -19.60 -9.92 -10.07
N ALA AA 224 -19.01 -9.42 -11.16
CA ALA AA 224 -19.75 -9.04 -12.36
C ALA AA 224 -20.58 -10.18 -12.94
N VAL AA 225 -19.99 -11.37 -13.00
CA VAL AA 225 -20.66 -12.57 -13.49
C VAL AA 225 -21.79 -13.01 -12.54
N LEU AA 226 -21.51 -13.03 -11.24
CA LEU AA 226 -22.53 -13.36 -10.22
C LEU AA 226 -23.69 -12.36 -10.25
N TYR AA 227 -23.37 -11.07 -10.30
CA TYR AA 227 -24.37 -10.01 -10.39
C TYR AA 227 -25.23 -10.18 -11.63
N ASP AA 228 -24.58 -10.40 -12.77
CA ASP AA 228 -25.25 -10.60 -14.06
C ASP AA 228 -26.28 -11.72 -14.01
N ILE AA 229 -25.81 -12.92 -13.66
CA ILE AA 229 -26.64 -14.13 -13.73
C ILE AA 229 -27.77 -14.18 -12.69
N ILE AA 230 -27.52 -13.69 -11.46
CA ILE AA 230 -28.54 -13.72 -10.40
C ILE AA 230 -29.62 -12.66 -10.65
N LEU AA 231 -29.21 -11.50 -11.16
CA LEU AA 231 -30.16 -10.41 -11.48
C LEU AA 231 -31.09 -10.78 -12.63
N LYS AA 232 -30.54 -11.40 -13.68
CA LYS AA 232 -31.33 -11.87 -14.81
C LYS AA 232 -32.33 -12.96 -14.44
N ASN AA 233 -31.86 -13.96 -13.70
CA ASN AA 233 -32.67 -15.14 -13.35
C ASN AA 233 -33.45 -15.04 -12.02
N PHE AA 234 -33.46 -13.87 -11.39
CA PHE AA 234 -33.96 -13.72 -10.01
C PHE AA 234 -35.38 -14.28 -9.78
N GLU AA 235 -36.26 -14.12 -10.77
CA GLU AA 235 -37.62 -14.66 -10.69
C GLU AA 235 -37.62 -16.17 -10.45
N LYS AA 236 -36.90 -16.90 -11.29
CA LYS AA 236 -36.82 -18.37 -11.20
C LYS AA 236 -35.97 -18.86 -10.01
N LEU AA 237 -35.02 -18.05 -9.54
CA LEU AA 237 -34.16 -18.44 -8.41
C LEU AA 237 -34.89 -18.35 -7.07
N LYS AA 238 -35.53 -17.21 -6.81
CA LYS AA 238 -36.28 -16.99 -5.57
C LYS AA 238 -37.51 -17.89 -5.53
N LYS AA 239 -38.36 -17.76 -6.54
CA LYS AA 239 -39.62 -18.50 -6.65
C LYS AA 239 -39.58 -19.43 -7.89
N PRO AA 240 -39.06 -20.65 -7.72
CA PRO AA 240 -38.92 -21.56 -8.88
C PRO AA 240 -40.26 -22.06 -9.44
N ARG AA 241 -41.25 -22.25 -8.57
CA ARG AA 241 -42.60 -22.65 -8.97
C ARG AA 241 -43.61 -21.49 -8.99
N GLY AA 242 -43.34 -20.43 -8.22
CA GLY AA 242 -44.18 -19.22 -8.22
C GLY AA 242 -45.43 -19.28 -7.35
N GLU AA 243 -45.43 -20.15 -6.34
CA GLU AA 243 -46.59 -20.33 -5.46
C GLU AA 243 -46.61 -19.27 -4.35
N LEU BA 4 -35.27 -7.55 -4.65
CA LEU BA 4 -33.96 -7.12 -5.26
C LEU BA 4 -34.02 -5.68 -5.75
N ARG BA 5 -34.57 -4.80 -4.91
CA ARG BA 5 -34.94 -3.42 -5.33
C ARG BA 5 -33.74 -2.67 -5.92
N VAL BA 6 -33.75 -2.51 -7.25
CA VAL BA 6 -32.67 -1.80 -7.95
C VAL BA 6 -32.72 -0.29 -7.69
N HIS BA 7 -31.59 0.36 -7.99
CA HIS BA 7 -31.43 1.79 -7.76
C HIS BA 7 -31.09 2.46 -9.11
N PRO BA 8 -31.40 3.76 -9.26
CA PRO BA 8 -30.99 4.47 -10.47
C PRO BA 8 -29.47 4.73 -10.54
N GLU BA 9 -28.83 4.85 -9.37
CA GLU BA 9 -27.38 5.06 -9.29
C GLU BA 9 -26.61 3.74 -9.46
N ALA BA 10 -26.97 2.75 -8.65
CA ALA BA 10 -26.31 1.43 -8.64
C ALA BA 10 -26.38 0.67 -9.97
N GLN BA 11 -27.54 0.69 -10.63
CA GLN BA 11 -27.73 0.02 -11.93
C GLN BA 11 -26.93 0.71 -13.04
N ALA BA 12 -26.80 2.04 -12.95
CA ALA BA 12 -25.96 2.81 -13.87
C ALA BA 12 -24.45 2.56 -13.65
N LYS BA 13 -24.06 2.38 -12.39
CA LYS BA 13 -22.65 2.09 -12.02
C LYS BA 13 -22.14 0.78 -12.64
N VAL BA 14 -22.98 -0.26 -12.63
CA VAL BA 14 -22.64 -1.54 -13.24
C VAL BA 14 -22.73 -1.46 -14.77
N ASP BA 15 -23.65 -0.63 -15.28
CA ASP BA 15 -23.77 -0.37 -16.72
C ASP BA 15 -22.57 0.38 -17.29
N VAL BA 16 -21.95 1.25 -16.49
CA VAL BA 16 -20.70 1.93 -16.87
C VAL BA 16 -19.58 0.91 -17.13
N PHE BA 17 -19.48 -0.11 -16.27
CA PHE BA 17 -18.54 -1.22 -16.47
C PHE BA 17 -18.85 -2.02 -17.75
N ARG BA 18 -20.13 -2.27 -18.01
CA ARG BA 18 -20.57 -3.00 -19.23
C ARG BA 18 -20.26 -2.25 -20.52
N GLU BA 19 -20.55 -0.94 -20.54
CA GLU BA 19 -20.25 -0.10 -21.70
C GLU BA 19 -18.74 0.08 -21.90
N ASP BA 20 -17.97 0.06 -20.81
CA ASP BA 20 -16.50 0.03 -20.88
C ASP BA 20 -16.00 -1.30 -21.46
N LEU BA 21 -16.59 -2.40 -21.01
CA LEU BA 21 -16.21 -3.74 -21.50
C LEU BA 21 -16.66 -3.99 -22.95
N CYS BA 22 -17.84 -3.47 -23.32
CA CYS BA 22 -18.33 -3.55 -24.70
C CYS BA 22 -17.51 -2.67 -25.65
N SER BA 23 -17.17 -1.47 -25.21
CA SER BA 23 -16.31 -0.56 -25.98
C SER BA 23 -14.87 -1.06 -26.07
N LYS BA 24 -14.37 -1.69 -25.00
CA LYS BA 24 -13.07 -2.35 -25.03
C LYS BA 24 -13.06 -3.52 -26.01
N THR BA 25 -13.96 -4.48 -25.80
CA THR BA 25 -14.00 -5.72 -26.61
C THR BA 25 -14.10 -5.47 -28.12
N GLU BA 26 -15.00 -4.57 -28.52
CA GLU BA 26 -15.20 -4.26 -29.94
C GLU BA 26 -14.01 -3.52 -30.57
N ASN BA 27 -13.47 -2.54 -29.85
CA ASN BA 27 -12.25 -1.83 -30.25
C ASN BA 27 -11.02 -2.75 -30.20
N LEU BA 28 -10.98 -3.62 -29.19
CA LEU BA 28 -9.90 -4.60 -29.01
C LEU BA 28 -9.82 -5.58 -30.18
N LEU BA 29 -10.91 -6.30 -30.44
CA LEU BA 29 -10.94 -7.26 -31.55
C LEU BA 29 -10.79 -6.58 -32.92
N GLY BA 30 -11.23 -5.32 -33.01
CA GLY BA 30 -11.02 -4.53 -34.22
C GLY BA 30 -9.56 -4.24 -34.51
N SER BA 31 -8.89 -3.55 -33.59
CA SER BA 31 -7.52 -3.07 -33.81
C SER BA 31 -6.41 -3.98 -33.26
N TYR BA 32 -6.61 -4.49 -32.04
CA TYR BA 32 -5.54 -5.15 -31.27
C TYR BA 32 -5.11 -6.50 -31.84
N PHE BA 33 -6.09 -7.34 -32.18
CA PHE BA 33 -5.84 -8.75 -32.57
C PHE BA 33 -5.13 -8.88 -33.92
N PRO BA 34 -5.62 -8.17 -34.97
CA PRO BA 34 -4.86 -8.06 -36.22
C PRO BA 34 -3.44 -7.51 -36.06
N LYS BA 35 -3.27 -6.54 -35.16
CA LYS BA 35 -1.95 -5.95 -34.88
C LYS BA 35 -1.03 -6.99 -34.21
N LYS BA 36 -1.53 -7.62 -33.16
CA LYS BA 36 -0.77 -8.65 -32.42
C LYS BA 36 -0.38 -9.86 -33.28
N ILE BA 37 -1.25 -10.25 -34.21
CA ILE BA 37 -0.96 -11.36 -35.13
C ILE BA 37 0.16 -10.97 -36.11
N SER BA 38 0.10 -9.76 -36.66
CA SER BA 38 1.15 -9.25 -37.57
C SER BA 38 2.51 -9.10 -36.88
N GLU BA 39 2.51 -8.63 -35.64
CA GLU BA 39 3.75 -8.48 -34.86
C GLU BA 39 4.40 -9.82 -34.48
N LEU BA 40 3.56 -10.79 -34.09
CA LEU BA 40 4.05 -12.14 -33.74
C LEU BA 40 4.48 -12.95 -34.98
N ASP BA 41 3.88 -12.69 -36.13
CA ASP BA 41 4.36 -13.25 -37.40
C ASP BA 41 5.73 -12.70 -37.78
N ALA BA 42 5.94 -11.40 -37.55
CA ALA BA 42 7.25 -10.77 -37.73
C ALA BA 42 8.27 -11.30 -36.73
N PHE BA 43 7.85 -11.45 -35.48
CA PHE BA 43 8.71 -11.96 -34.41
C PHE BA 43 9.15 -13.41 -34.63
N LEU BA 44 8.26 -14.24 -35.18
CA LEU BA 44 8.61 -15.61 -35.56
C LEU BA 44 9.62 -15.66 -36.71
N LYS BA 45 9.40 -14.82 -37.72
CA LYS BA 45 10.30 -14.74 -38.89
C LYS BA 45 11.62 -14.02 -38.63
N GLU BA 46 11.74 -13.32 -37.49
CA GLU BA 46 13.03 -12.73 -37.09
C GLU BA 46 14.06 -13.83 -36.79
N PRO BA 47 15.37 -13.51 -36.96
CA PRO BA 47 16.39 -14.54 -36.77
C PRO BA 47 16.71 -14.89 -35.31
N ALA BA 48 16.21 -14.10 -34.37
CA ALA BA 48 16.31 -14.44 -32.94
C ALA BA 48 15.58 -15.73 -32.60
N LEU BA 49 14.47 -16.01 -33.29
CA LEU BA 49 13.72 -17.27 -33.15
C LEU BA 49 13.79 -18.17 -34.40
N ASN BA 50 14.88 -18.05 -35.16
CA ASN BA 50 15.15 -18.91 -36.33
C ASN BA 50 16.65 -19.23 -36.39
N GLU BA 51 17.16 -19.82 -35.31
CA GLU BA 51 18.58 -20.20 -35.25
C GLU BA 51 18.84 -21.40 -36.16
N ALA BA 52 20.00 -21.37 -36.83
CA ALA BA 52 20.40 -22.41 -37.77
C ALA BA 52 20.51 -23.79 -37.12
N ASN BA 53 21.17 -23.82 -35.97
CA ASN BA 53 21.39 -25.05 -35.22
C ASN BA 53 21.34 -24.83 -33.71
N LEU BA 54 21.36 -25.92 -32.97
CA LEU BA 54 21.32 -25.89 -31.50
C LEU BA 54 22.65 -25.39 -30.92
N SER BA 55 23.76 -25.62 -31.65
CA SER BA 55 25.09 -25.12 -31.26
C SER BA 55 25.26 -23.60 -31.36
N ASN BA 56 24.28 -22.90 -31.95
CA ASN BA 56 24.25 -21.43 -31.94
C ASN BA 56 23.93 -20.88 -30.55
N LEU BA 57 23.12 -21.61 -29.79
CA LEU BA 57 22.64 -21.16 -28.47
C LEU BA 57 23.67 -21.33 -27.35
N LYS BA 58 24.36 -22.47 -27.33
CA LYS BA 58 25.23 -22.87 -26.21
C LYS BA 58 26.08 -21.74 -25.59
N ALA BA 59 25.90 -21.52 -24.29
CA ALA BA 59 26.61 -20.47 -23.56
C ALA BA 59 27.85 -21.06 -22.88
N PRO BA 60 28.78 -20.19 -22.41
CA PRO BA 60 29.95 -20.71 -21.71
C PRO BA 60 29.60 -21.27 -20.32
N LEU BA 61 30.04 -22.51 -20.06
CA LEU BA 61 29.89 -23.16 -18.76
C LEU BA 61 31.29 -23.38 -18.15
N ASP BA 62 31.74 -22.38 -17.39
CA ASP BA 62 33.11 -22.37 -16.83
C ASP BA 62 33.21 -23.14 -15.50
N ILE BA 63 33.68 -24.39 -15.57
CA ILE BA 63 33.91 -25.23 -14.39
C ILE BA 63 35.21 -26.01 -14.59
N PRO BA 64 36.11 -26.01 -13.58
CA PRO BA 64 37.35 -26.80 -13.71
C PRO BA 64 37.16 -28.26 -13.30
N VAL BA 65 37.95 -29.16 -13.90
CA VAL BA 65 37.87 -30.60 -13.60
C VAL BA 65 38.48 -30.91 -12.24
N PRO BA 99 33.29 -28.18 -4.24
CA PRO BA 99 34.50 -27.66 -4.88
C PRO BA 99 34.42 -26.16 -5.19
N PRO BA 100 35.58 -25.46 -5.25
CA PRO BA 100 35.58 -24.02 -5.55
C PRO BA 100 35.27 -23.75 -7.03
N CYS BA 101 34.40 -22.75 -7.28
CA CYS BA 101 33.91 -22.46 -8.62
C CYS BA 101 33.60 -20.97 -8.81
N GLY BA 102 33.92 -20.44 -10.00
CA GLY BA 102 33.66 -19.04 -10.33
C GLY BA 102 32.22 -18.81 -10.78
N PRO BA 103 31.86 -17.55 -11.09
CA PRO BA 103 30.48 -17.20 -11.43
C PRO BA 103 30.00 -17.76 -12.77
N VAL BA 104 28.89 -18.50 -12.74
CA VAL BA 104 28.26 -19.08 -13.93
C VAL BA 104 26.98 -18.28 -14.25
N ASN BA 105 27.07 -17.42 -15.26
CA ASN BA 105 25.92 -16.58 -15.67
C ASN BA 105 24.89 -17.38 -16.46
N CYS BA 106 23.69 -16.81 -16.57
CA CYS BA 106 22.60 -17.41 -17.34
C CYS BA 106 22.85 -17.27 -18.84
N ASN BA 107 22.09 -18.01 -19.64
CA ASN BA 107 22.21 -17.96 -21.09
C ASN BA 107 21.68 -16.60 -21.59
N GLU BA 108 22.59 -15.79 -22.12
CA GLU BA 108 22.26 -14.42 -22.56
C GLU BA 108 21.34 -14.40 -23.79
N LYS BA 109 21.49 -15.40 -24.66
CA LYS BA 109 20.68 -15.50 -25.89
C LYS BA 109 19.23 -15.90 -25.58
N ILE BA 110 19.01 -16.64 -24.49
CA ILE BA 110 17.66 -17.02 -24.04
C ILE BA 110 17.01 -15.90 -23.23
N VAL BA 111 17.78 -15.25 -22.35
CA VAL BA 111 17.26 -14.18 -21.50
C VAL BA 111 16.68 -13.03 -22.34
N VAL BA 112 17.40 -12.60 -23.38
CA VAL BA 112 16.90 -11.55 -24.30
C VAL BA 112 15.59 -11.94 -25.00
N LEU BA 113 15.43 -13.22 -25.33
CA LEU BA 113 14.16 -13.75 -25.87
C LEU BA 113 13.03 -13.76 -24.83
N LEU BA 114 13.37 -14.13 -23.60
CA LEU BA 114 12.40 -14.15 -22.49
C LEU BA 114 11.87 -12.77 -22.12
N GLN BA 115 12.72 -11.74 -22.22
CA GLN BA 115 12.30 -10.36 -21.97
C GLN BA 115 11.30 -9.86 -23.02
N ARG BA 116 11.39 -10.40 -24.24
CA ARG BA 116 10.40 -10.13 -25.30
C ARG BA 116 9.13 -10.97 -25.13
N LEU BA 117 9.27 -12.20 -24.65
CA LEU BA 117 8.13 -13.13 -24.46
C LEU BA 117 7.19 -12.72 -23.33
N LYS BA 118 7.75 -12.37 -22.17
CA LYS BA 118 6.97 -12.05 -20.96
C LYS BA 118 5.85 -11.00 -21.11
N PRO BA 119 6.13 -9.85 -21.76
CA PRO BA 119 5.06 -8.88 -22.02
C PRO BA 119 3.98 -9.35 -23.03
N GLU BA 120 4.31 -10.33 -23.88
CA GLU BA 120 3.34 -10.91 -24.81
C GLU BA 120 2.43 -11.93 -24.12
N ILE BA 121 2.95 -12.64 -23.12
CA ILE BA 121 2.14 -13.56 -22.28
C ILE BA 121 1.15 -12.75 -21.44
N LYS BA 122 1.62 -11.64 -20.88
CA LYS BA 122 0.78 -10.70 -20.12
C LYS BA 122 -0.47 -10.27 -20.90
N ASP BA 123 -0.27 -9.85 -22.15
CA ASP BA 123 -1.35 -9.32 -22.97
C ASP BA 123 -2.40 -10.38 -23.29
N VAL BA 124 -1.97 -11.54 -23.78
CA VAL BA 124 -2.91 -12.59 -24.20
C VAL BA 124 -3.80 -13.10 -23.05
N THR BA 125 -3.24 -13.26 -21.85
CA THR BA 125 -4.01 -13.70 -20.68
C THR BA 125 -5.01 -12.63 -20.24
N GLU BA 126 -4.57 -11.37 -20.24
CA GLU BA 126 -5.44 -10.24 -19.91
C GLU BA 126 -6.56 -10.05 -20.94
N GLN BA 127 -6.21 -10.05 -22.23
CA GLN BA 127 -7.20 -9.87 -23.30
C GLN BA 127 -8.14 -11.09 -23.45
N LEU BA 128 -7.64 -12.29 -23.15
CA LEU BA 128 -8.49 -13.49 -23.11
C LEU BA 128 -9.50 -13.40 -21.96
N ASN BA 129 -9.03 -13.01 -20.77
CA ASN BA 129 -9.91 -12.80 -19.60
C ASN BA 129 -10.96 -11.71 -19.85
N LEU BA 130 -10.57 -10.66 -20.57
CA LEU BA 130 -11.49 -9.57 -20.93
C LEU BA 130 -12.61 -10.08 -21.84
N VAL BA 131 -12.23 -10.83 -22.88
CA VAL BA 131 -13.18 -11.40 -23.83
C VAL BA 131 -14.02 -12.52 -23.21
N THR BA 132 -13.42 -13.34 -22.33
CA THR BA 132 -14.16 -14.37 -21.59
C THR BA 132 -15.26 -13.76 -20.72
N THR BA 133 -14.92 -12.69 -20.01
CA THR BA 133 -15.89 -11.96 -19.17
C THR BA 133 -17.01 -11.34 -19.99
N TRP BA 134 -16.66 -10.76 -21.13
CA TRP BA 134 -17.65 -10.18 -22.05
C TRP BA 134 -18.70 -11.20 -22.49
N LEU BA 135 -18.23 -12.38 -22.88
CA LEU BA 135 -19.11 -13.46 -23.34
C LEU BA 135 -20.06 -13.97 -22.25
N GLN BA 136 -19.57 -14.05 -21.01
CA GLN BA 136 -20.39 -14.45 -19.87
C GLN BA 136 -21.52 -13.46 -19.56
N LEU BA 137 -21.27 -12.16 -19.77
CA LEU BA 137 -22.30 -11.14 -19.62
C LEU BA 137 -23.35 -11.13 -20.75
N GLN BA 138 -22.98 -11.61 -21.93
CA GLN BA 138 -23.94 -11.78 -23.04
C GLN BA 138 -24.89 -12.98 -22.87
N ILE BA 139 -24.56 -13.91 -21.96
CA ILE BA 139 -25.45 -15.06 -21.69
C ILE BA 139 -26.77 -14.54 -21.14
N PRO BA 140 -27.88 -14.75 -21.87
CA PRO BA 140 -29.17 -14.21 -21.46
C PRO BA 140 -29.82 -15.01 -20.34
N ARG BA 141 -31.03 -14.63 -19.96
CA ARG BA 141 -31.82 -15.34 -18.95
C ARG BA 141 -32.01 -16.81 -19.37
N ILE BA 142 -31.97 -17.71 -18.40
CA ILE BA 142 -32.13 -19.14 -18.65
C ILE BA 142 -33.61 -19.43 -18.92
N GLU BA 143 -33.94 -19.59 -20.19
CA GLU BA 143 -35.32 -19.83 -20.63
C GLU BA 143 -35.48 -21.25 -21.17
N ASP BA 144 -36.73 -21.72 -21.20
CA ASP BA 144 -37.05 -23.10 -21.57
C ASP BA 144 -36.89 -23.34 -23.08
N GLY BA 145 -37.35 -22.39 -23.89
CA GLY BA 145 -37.19 -22.43 -25.34
C GLY BA 145 -36.43 -21.23 -25.90
N ASN BA 146 -35.81 -21.45 -27.06
CA ASN BA 146 -35.03 -20.46 -27.81
C ASN BA 146 -33.63 -20.37 -27.20
N ASN BA 147 -32.96 -21.52 -27.18
CA ASN BA 147 -31.65 -21.68 -26.54
C ASN BA 147 -30.54 -22.15 -27.50
N PHE BA 148 -30.74 -21.95 -28.81
CA PHE BA 148 -29.70 -22.26 -29.79
C PHE BA 148 -28.59 -21.21 -29.75
N GLY BA 149 -28.98 -19.94 -29.74
CA GLY BA 149 -28.05 -18.82 -29.56
C GLY BA 149 -27.25 -18.93 -28.26
N VAL BA 150 -27.85 -19.51 -27.24
CA VAL BA 150 -27.16 -19.82 -25.98
C VAL BA 150 -26.17 -20.98 -26.19
N ALA BA 151 -26.57 -22.00 -26.94
CA ALA BA 151 -25.69 -23.12 -27.29
C ALA BA 151 -24.48 -22.73 -28.15
N VAL BA 152 -24.62 -21.67 -28.95
CA VAL BA 152 -23.50 -21.10 -29.71
C VAL BA 152 -22.50 -20.45 -28.75
N GLN BA 153 -23.01 -19.65 -27.81
CA GLN BA 153 -22.17 -18.99 -26.79
C GLN BA 153 -21.36 -20.00 -25.99
N GLU BA 154 -22.01 -21.07 -25.56
CA GLU BA 154 -21.36 -22.14 -24.78
C GLU BA 154 -20.29 -22.89 -25.57
N LYS BA 155 -20.50 -23.07 -26.87
CA LYS BA 155 -19.52 -23.68 -27.78
C LYS BA 155 -18.28 -22.80 -27.96
N VAL BA 156 -18.49 -21.50 -28.12
CA VAL BA 156 -17.42 -20.52 -28.20
C VAL BA 156 -16.73 -20.32 -26.83
N PHE BA 157 -17.52 -20.39 -25.75
CA PHE BA 157 -17.00 -20.33 -24.38
C PHE BA 157 -16.13 -21.56 -24.03
N GLU BA 158 -16.48 -22.71 -24.60
CA GLU BA 158 -15.70 -23.96 -24.45
C GLU BA 158 -14.27 -23.82 -24.97
N LEU BA 159 -14.12 -23.15 -26.11
CA LEU BA 159 -12.79 -22.84 -26.68
C LEU BA 159 -11.97 -21.93 -25.77
N MET BA 160 -12.61 -20.89 -25.24
CA MET BA 160 -11.94 -19.92 -24.36
C MET BA 160 -11.43 -20.52 -23.05
N THR BA 161 -12.08 -21.58 -22.58
CA THR BA 161 -11.61 -22.35 -21.42
C THR BA 161 -10.35 -23.16 -21.77
N ASN BA 162 -10.34 -23.75 -22.96
CA ASN BA 162 -9.18 -24.54 -23.43
C ASN BA 162 -7.94 -23.70 -23.70
N LEU BA 163 -8.13 -22.47 -24.20
CA LEU BA 163 -7.02 -21.52 -24.38
C LEU BA 163 -6.45 -21.07 -23.04
N HIS BA 164 -7.34 -20.76 -22.10
CA HIS BA 164 -6.96 -20.41 -20.72
C HIS BA 164 -6.14 -21.52 -20.04
N THR BA 165 -6.51 -22.77 -20.32
CA THR BA 165 -5.79 -23.94 -19.79
C THR BA 165 -4.35 -24.02 -20.33
N LYS BA 166 -4.17 -23.75 -21.62
CA LYS BA 166 -2.84 -23.74 -22.23
C LYS BA 166 -1.97 -22.59 -21.72
N LEU BA 167 -2.54 -21.38 -21.70
CA LEU BA 167 -1.80 -20.17 -21.34
C LEU BA 167 -1.50 -20.00 -19.84
N GLU BA 168 -2.14 -20.79 -18.98
CA GLU BA 168 -1.84 -20.80 -17.55
C GLU BA 168 -0.46 -21.44 -17.26
N GLY BA 169 -0.14 -22.51 -17.99
CA GLY BA 169 1.16 -23.17 -17.90
C GLY BA 169 2.34 -22.37 -18.43
N PHE BA 170 2.07 -21.42 -19.33
CA PHE BA 170 3.10 -20.52 -19.88
C PHE BA 170 3.69 -19.57 -18.83
N HIS BA 171 2.91 -19.26 -17.80
CA HIS BA 171 3.29 -18.33 -16.75
C HIS BA 171 4.42 -18.90 -15.87
N THR BA 172 4.16 -20.09 -15.32
CA THR BA 172 5.12 -20.78 -14.44
C THR BA 172 6.28 -21.47 -15.18
N GLN BA 173 6.17 -21.60 -16.50
CA GLN BA 173 7.22 -22.16 -17.36
C GLN BA 173 8.58 -21.47 -17.18
N ILE BA 174 8.58 -20.15 -17.17
CA ILE BA 174 9.81 -19.36 -17.13
C ILE BA 174 10.52 -19.51 -15.77
N SER BA 175 9.74 -19.47 -14.69
CA SER BA 175 10.27 -19.71 -13.33
C SER BA 175 10.80 -21.13 -13.14
N LYS BA 176 10.13 -22.11 -13.76
CA LYS BA 176 10.56 -23.52 -13.73
C LYS BA 176 11.90 -23.74 -14.44
N TYR BA 177 12.13 -23.01 -15.53
CA TYR BA 177 13.37 -23.12 -16.32
C TYR BA 177 14.61 -22.73 -15.51
N PHE BA 178 14.60 -21.53 -14.95
CA PHE BA 178 15.72 -21.02 -14.16
C PHE BA 178 15.97 -21.85 -12.89
N SER BA 179 14.91 -22.38 -12.30
CA SER BA 179 15.02 -23.26 -11.14
C SER BA 179 15.68 -24.59 -11.49
N GLU BA 180 15.26 -25.21 -12.60
CA GLU BA 180 15.87 -26.46 -13.07
C GLU BA 180 17.31 -26.28 -13.58
N ARG BA 181 17.58 -25.16 -14.24
CA ARG BA 181 18.93 -24.84 -14.71
C ARG BA 181 19.87 -24.55 -13.53
N GLY BA 182 19.36 -23.82 -12.53
CA GLY BA 182 20.12 -23.54 -11.30
C GLY BA 182 20.50 -24.78 -10.52
N ASP BA 183 19.57 -25.73 -10.43
CA ASP BA 183 19.85 -27.04 -9.84
C ASP BA 183 20.87 -27.82 -10.67
N ALA BA 184 20.72 -27.77 -12.00
CA ALA BA 184 21.62 -28.46 -12.93
C ALA BA 184 23.05 -27.89 -12.88
N VAL BA 185 23.17 -26.57 -12.90
CA VAL BA 185 24.47 -25.89 -12.79
C VAL BA 185 25.11 -26.17 -11.42
N ALA BA 186 24.29 -26.21 -10.36
CA ALA BA 186 24.75 -26.53 -9.01
C ALA BA 186 25.31 -27.95 -8.91
N LYS BA 187 24.55 -28.92 -9.42
CA LYS BA 187 24.99 -30.33 -9.46
C LYS BA 187 26.25 -30.54 -10.33
N ALA BA 188 26.36 -29.77 -11.41
CA ALA BA 188 27.55 -29.81 -12.27
C ALA BA 188 28.80 -29.30 -11.55
N ALA BA 189 28.65 -28.25 -10.75
CA ALA BA 189 29.75 -27.68 -9.97
C ALA BA 189 30.08 -28.50 -8.71
N LYS BA 190 29.03 -29.01 -8.05
CA LYS BA 190 29.19 -29.85 -6.85
C LYS BA 190 29.96 -31.14 -7.16
N GLN BA 191 29.61 -31.77 -8.27
CA GLN BA 191 30.27 -32.99 -8.75
C GLN BA 191 30.78 -32.77 -10.19
N PRO BA 192 32.01 -32.20 -10.34
CA PRO BA 192 32.55 -31.92 -11.67
C PRO BA 192 32.88 -33.15 -12.52
N HIS BA 193 33.26 -34.25 -11.88
CA HIS BA 193 33.60 -35.50 -12.57
C HIS BA 193 32.49 -36.12 -13.44
N VAL BA 194 31.23 -35.78 -13.15
CA VAL BA 194 30.10 -36.22 -13.97
C VAL BA 194 29.92 -35.29 -15.17
N GLY BA 195 30.00 -35.84 -16.37
CA GLY BA 195 29.89 -35.07 -17.63
C GLY BA 195 28.48 -34.87 -18.14
N ASP BA 196 27.52 -35.65 -17.62
CA ASP BA 196 26.11 -35.54 -18.04
C ASP BA 196 25.45 -34.24 -17.56
N TYR BA 197 25.75 -33.83 -16.33
CA TYR BA 197 25.27 -32.56 -15.78
C TYR BA 197 25.71 -31.35 -16.62
N ARG BA 198 26.89 -31.43 -17.23
CA ARG BA 198 27.37 -30.38 -18.14
C ARG BA 198 26.52 -30.30 -19.40
N GLN BA 199 26.19 -31.45 -19.97
CA GLN BA 199 25.28 -31.54 -21.12
C GLN BA 199 23.85 -31.13 -20.74
N LEU BA 200 23.42 -31.47 -19.53
CA LEU BA 200 22.08 -31.12 -19.02
C LEU BA 200 21.79 -29.62 -19.05
N VAL BA 201 22.79 -28.80 -18.72
CA VAL BA 201 22.64 -27.34 -18.75
C VAL BA 201 22.50 -26.84 -20.20
N HIS BA 202 23.22 -27.47 -21.12
CA HIS BA 202 23.10 -27.15 -22.56
C HIS BA 202 21.77 -27.62 -23.15
N GLU BA 203 21.33 -28.82 -22.75
CA GLU BA 203 20.05 -29.38 -23.22
C GLU BA 203 18.82 -28.60 -22.70
N LEU BA 204 18.90 -28.15 -21.45
CA LEU BA 204 17.87 -27.26 -20.89
C LEU BA 204 17.75 -25.93 -21.65
N ASP BA 205 18.90 -25.40 -22.10
CA ASP BA 205 18.91 -24.19 -22.94
C ASP BA 205 18.32 -24.44 -24.33
N GLU BA 206 18.65 -25.57 -24.94
CA GLU BA 206 18.11 -25.96 -26.24
C GLU BA 206 16.61 -26.25 -26.17
N ALA BA 207 16.18 -26.90 -25.09
CA ALA BA 207 14.76 -27.17 -24.84
C ALA BA 207 13.98 -25.89 -24.58
N GLU BA 208 14.58 -24.96 -23.83
CA GLU BA 208 13.94 -23.68 -23.50
C GLU BA 208 13.79 -22.77 -24.72
N TYR BA 209 14.76 -22.83 -25.63
CA TYR BA 209 14.66 -22.13 -26.91
C TYR BA 209 13.50 -22.69 -27.74
N GLN BA 210 13.40 -24.02 -27.79
CA GLN BA 210 12.28 -24.72 -28.45
C GLN BA 210 10.93 -24.41 -27.81
N GLU BA 211 10.91 -24.29 -26.47
CA GLU BA 211 9.70 -23.97 -25.73
C GLU BA 211 9.24 -22.53 -25.98
N ILE BA 212 10.18 -21.59 -25.99
CA ILE BA 212 9.90 -20.18 -26.30
C ILE BA 212 9.37 -20.01 -27.73
N ARG BA 213 9.90 -20.80 -28.67
CA ARG BA 213 9.47 -20.72 -30.07
C ARG BA 213 8.03 -21.23 -30.26
N LEU BA 214 7.66 -22.28 -29.52
CA LEU BA 214 6.28 -22.79 -29.52
C LEU BA 214 5.31 -21.84 -28.81
N MET BA 215 5.73 -21.30 -27.67
CA MET BA 215 4.90 -20.35 -26.89
C MET BA 215 4.55 -19.09 -27.67
N VAL BA 216 5.45 -18.63 -28.54
CA VAL BA 216 5.17 -17.49 -29.44
C VAL BA 216 4.12 -17.89 -30.49
N MET BA 217 4.28 -19.08 -31.07
CA MET BA 217 3.29 -19.61 -32.02
C MET BA 217 1.92 -19.82 -31.37
N GLU BA 218 1.91 -20.41 -30.18
CA GLU BA 218 0.68 -20.66 -29.42
C GLU BA 218 -0.11 -19.39 -29.10
N ILE BA 219 0.60 -18.30 -28.78
CA ILE BA 219 -0.02 -17.00 -28.51
C ILE BA 219 -0.59 -16.39 -29.80
N ARG BA 220 0.16 -16.48 -30.89
CA ARG BA 220 -0.33 -16.04 -32.21
C ARG BA 220 -1.58 -16.81 -32.61
N ASN BA 221 -1.51 -18.13 -32.51
CA ASN BA 221 -2.62 -19.01 -32.88
C ASN BA 221 -3.84 -18.81 -31.97
N ALA BA 222 -3.60 -18.46 -30.72
CA ALA BA 222 -4.68 -18.11 -29.78
C ALA BA 222 -5.42 -16.85 -30.21
N TYR BA 223 -4.67 -15.83 -30.66
CA TYR BA 223 -5.28 -14.60 -31.18
C TYR BA 223 -6.06 -14.85 -32.47
N ALA BA 224 -5.46 -15.59 -33.40
CA ALA BA 224 -6.06 -15.87 -34.70
C ALA BA 224 -7.35 -16.70 -34.59
N VAL BA 225 -7.32 -17.73 -33.75
CA VAL BA 225 -8.48 -18.60 -33.52
C VAL BA 225 -9.64 -17.83 -32.84
N LEU BA 226 -9.32 -16.98 -31.86
CA LEU BA 226 -10.32 -16.12 -31.20
C LEU BA 226 -10.94 -15.08 -32.15
N TYR BA 227 -10.09 -14.44 -32.95
CA TYR BA 227 -10.56 -13.45 -33.93
C TYR BA 227 -11.50 -14.07 -34.95
N ASP BA 228 -11.14 -15.24 -35.47
CA ASP BA 228 -11.92 -15.92 -36.49
C ASP BA 228 -13.27 -16.42 -35.99
N ILE BA 229 -13.27 -17.06 -34.82
CA ILE BA 229 -14.50 -17.66 -34.27
C ILE BA 229 -15.52 -16.62 -33.79
N ILE BA 230 -15.05 -15.49 -33.27
CA ILE BA 230 -15.93 -14.40 -32.81
C ILE BA 230 -16.58 -13.69 -34.00
N LEU BA 231 -15.78 -13.26 -34.98
CA LEU BA 231 -16.29 -12.57 -36.16
C LEU BA 231 -17.30 -13.39 -36.98
N LYS BA 232 -17.07 -14.70 -37.07
CA LYS BA 232 -18.01 -15.61 -37.71
C LYS BA 232 -19.34 -15.67 -36.94
N ASN BA 233 -19.24 -15.86 -35.63
CA ASN BA 233 -20.41 -16.07 -34.76
C ASN BA 233 -20.91 -14.79 -34.02
N PHE BA 234 -20.46 -13.61 -34.44
CA PHE BA 234 -20.75 -12.36 -33.70
C PHE BA 234 -22.24 -12.05 -33.55
N GLU BA 235 -23.06 -12.41 -34.54
CA GLU BA 235 -24.51 -12.24 -34.47
C GLU BA 235 -25.13 -13.02 -33.30
N LYS BA 236 -24.83 -14.31 -33.22
CA LYS BA 236 -25.36 -15.18 -32.18
C LYS BA 236 -24.73 -14.98 -30.79
N LEU BA 237 -23.51 -14.45 -30.73
CA LEU BA 237 -22.83 -14.18 -29.45
C LEU BA 237 -23.39 -12.94 -28.77
N LYS BA 238 -23.45 -11.84 -29.52
CA LYS BA 238 -23.97 -10.55 -29.01
C LYS BA 238 -25.47 -10.64 -28.75
N LYS BA 239 -26.21 -11.02 -29.80
CA LYS BA 239 -27.67 -11.11 -29.74
C LYS BA 239 -28.12 -12.56 -29.99
N PRO BA 240 -28.17 -13.38 -28.92
CA PRO BA 240 -28.49 -14.81 -29.09
C PRO BA 240 -29.96 -15.08 -29.43
N ARG BA 241 -30.88 -14.30 -28.86
CA ARG BA 241 -32.32 -14.45 -29.13
C ARG BA 241 -32.86 -13.50 -30.21
N GLY BA 242 -32.04 -12.54 -30.65
CA GLY BA 242 -32.43 -11.62 -31.72
C GLY BA 242 -33.34 -10.51 -31.24
#